data_6RES
#
_entry.id   6RES
#
_cell.length_a   1.0
_cell.length_b   1.0
_cell.length_c   1.0
_cell.angle_alpha   90.00
_cell.angle_beta   90.00
_cell.angle_gamma   90.00
#
_symmetry.space_group_name_H-M   'P 1'
#
loop_
_entity.id
_entity.type
_entity.pdbx_description
1 polymer 'ASA-10: Polytomella F-ATP synthase associated subunit 10'
2 polymer 'ATP synthase associated protein ASA1'
3 polymer 'ASA-2: Polytomella F-ATP synthase associated subunit 2'
4 polymer 'Mitochondrial F1F0 ATP synthase associated 32 kDa protein'
5 polymer 'Mitochondrial ATP synthase associated protein ASA4'
6 polymer 'Mitochondrial F1F0 ATP synthase associated 14 kDa protein'
7 polymer 'Mitochondrial ATP synthase subunit ASA6'
8 polymer 'Mitochondrial ATP synthase associated protein ASA7'
9 polymer 'Mitochondrial ATP synthase subunit ASA8'
10 polymer 'ASA-9: Polytomella F-ATP synthase associated subunit 9'
11 polymer 'Mitochondrial ATP synthase subunit c'
12 polymer 'Mitochondrial ATP synthase subunit 6'
13 polymer 'Mitochondrial ATP synthase subunit OSCP'
14 polymer 'epsilon: Polytomella F-ATP synthase epsilon subunit'
15 polymer 'Mitochondrial ATP synthase subunit delta'
16 polymer 'ATP synthase gamma chain, mitochondrial'
17 polymer 'ATP synthase subunit alpha'
18 polymer 'ATP synthase subunit beta'
19 non-polymer 'ZINC ION'
20 non-polymer "ADENOSINE-5'-TRIPHOSPHATE"
21 non-polymer 'MAGNESIUM ION'
22 non-polymer "ADENOSINE-5'-DIPHOSPHATE"
#
loop_
_entity_poly.entity_id
_entity_poly.type
_entity_poly.pdbx_seq_one_letter_code
_entity_poly.pdbx_strand_id
1 'polypeptide(L)'
;MSYSAYFAKAGFQFPAGLSALVAGIVALNVCTGRPTKGTKEISNAEYNATPIGYLQSPDQHPTAFPKVPGMKDVHGSPHH
HH
;
0
2 'polypeptide(L)'
;MMRAAQKAKQELPATVLTQTRSYLAPLRSDFTEEITAPKVASASNLVNEWNNKKQATENLMKLLQAYKDIGDAKSEPLLK
NHNPRTFEDRDYPVPDFRTQNLKAGDVPKFFDTVISTRASAAIASKDKFWAGRKTEAEAASAKASAAFPRVAVPEWKKGK
TVSIENLNTVTDKYAAALVPKRKLALPVLPEGVKKAVEDFAASVGQAKNASEVSELLAKSLAEKAVVTEGGKVVEGFSYV
SKAVAAKVIATRRAEVHERLLKLWAKRLLVSPELAIVPLNEFDAQLASKFEGISPKYQELLSAVAQGNKTFAQRLNSSPA
FSSFLLKREKAESEVPPSELELEAAQKAAELEDPEVALRTLLGPQMEALGASDLLLSEQIRVITEHRYTPDRLQYKEGMK
LADKIAAQEAALKEELKVIYGDNVDVKHFQASPRTPVQQLFDSLKNAAANKERAAKEAAAAASPYLAYAVTKKQEVQADP
SNIPFDEVLYPQLSEELLELELSDIREDEIALEKAEEEELWLLTLTQQFKHIQKHFGIDLPHSVVAHMDPLLIKKIDWET
TNALEDFDITLDDMGAEDAKEQWGAENLSHHFLPLIRYRRDLARKNGDRYGPDLVNGN
;
1
3 'polypeptide(L)'
;ENDVPAILKEIDSLVSREAVSAKEVSDAAVALTYLQVKANRRLWGKVLEKAGAAQDYDAASLTNLLWAINTGGVEHFKTV
AELAGPAVSLLPSLSPVQLSIVVEALGGAGVKNYELYNKASAVVVSKIGEFKPAEIARVLYGVAFGGVNDVALAKAAGKV
FASTEVDSRTAAQALYALAKLGRADKATVDALLKSFKKGTESASDAAAASFALGSLSFKAEKAIVDALKASAGDLAPAQA
VEAAYGLALSGATDAEAFKALFGVVAPAIEKAPDALEVSSLAQLHVASTISGAKLPAAVGSFVAKAFGLAADAARLKRSS
AESALVADVAAATAVAFGAQYRPEVASAVASYVKTAPDGSVLDIAITKGDAKVLVQAVPSSLLTSTTPAKPLGHVAAYSK
VREAQGYAVAVVPANEFEALPDQKAKAQYVLAAIKKVAPSF
;
2
4 'polypeptide(L)'
;MRQASRLALSIRQAGNVEAASAVPAMTRQFSAPGSHEHHETPLSKVMPTVVSIPRKVACLALGATKKVVCGLASSGPSQN
LVSTFANKVIVEENLVNVAEIDVPFWSYWLSSAGFTSKDAFVKFAEAVKPKVAALSTSDITNLTVAFKRANYYDKDLFTG
IEANVSANFTKFETEQLLQIVATFDAFNHSSVAFLDDVADSITYCNHYLAPVRAGADELATLLTYYAKNGHERADLLATV
ARGFSEVSLGKLSAAQRKDTVLSALKAFQTFGFYPESIEAVIGAALVSPAEYSAEELKEVEAVKVAAENALGGEFVLIQE
GAHGH
;
3
5 'polypeptide(L)'
;ATEPAVSKKEVLYFLSSKDAESSTAVKSYLKSLYAGAQVEATETDASELIAQLEKKYLSAQVVEPGVHNIALPLGESGSA
PVKRYAAELFNLGAQAGFECPFIEVSKKFGQETATSETVKDVLNKTKSYVSADYNAALNEVLSSVEAEINGPVLFDGKTE
GFKKFAAKAKAVAVSRGLPADTILAYCAGSANEDAADKVSKEFFTWFESAYTADAAAEVKAIEAEAASILDRHLAKPVAQ
IRKEQASAYASLLKRAETAKGAKWAEKYLEDVKAVQWFDASVAEAPASGPKVAA
;
4
6 'polypeptide(L)'
;MKLLPESLQQEAATAAVVASWVLWHLDTQLLPTIMREHKLHACWAAAAKRYNEKLFKLNPSYDRVLSLPAVSKNQVLENV
FHTAPKAPVEHLEKMVSANSKVYDALNLQSKRVLIWQVKPALF
;
5
7 'polypeptide(L)'
;MMLRTLTRSSAVAGQAVRLFKTSAAAAEGNSVAGIIKSVNETSGANLLSSLKTIKAQAAPIYPAAASSTGYSTQAKIALF
GALSWILYRADGQSKAHEWIVDLNLNVLQAAWLISFSSLIPFRAVYFAFRGMAPATASTLNGLKTFSSISL
;
6
8 'polypeptide(L)'
;MSSVRAGVEAGRRDLTTFTFSGLQDAPVAALSGSIKLNVAAKAGKAEVTVAAGAAKAATQVSAAALRKLSGSKISLAEVA
RISVLHSSIQNYLLSLSNERYQLLSQWPDFTTMYGKDFYYRAHPEDLKKFYDAADEYYKLYETVTEFDSLSALASQVVPN
YAARRRSTVHPAIGSTVADGAFTNFLLSKQ
;
7
9 'polypeptide(L)'
;MVLGEVYLKDILRTPPTGAIPANVPHPFQTSFYTYATKKLIPRHWYLLGGFTFTITLYGILDGLRDSGKKKAYDEAIHAG
KTPYTAGGH
;
8
10 'polypeptide(L)'
;MAVTSFLGKAFEKYFYDFSAYEQFGLNRFLSSKGQYVALRHVGFVMVGVNVLLAANFPFNPPFPTIGMCPAGWEGTWVCQ
ADKAKALEMYKEWKKSN
;
9
11 'polypeptide(L)'
;MSVQRLSLGAARCLSAGVARVQASQALVAQKAVAVAPTRAQAAPAEVAQVRSMSVLAASKMVGAGCATIALAGVGAGLGV
MFGSLINGAARNPNIAKQLVGYALLGFALTESIALFSLLVVFLILFA
;
A,B,C,D,E,F,G,H,I,J
12 'polypeptide(L)'
;MSVLSSVSMGSRIGSSLLGRSSAYLAQCGFSTRSNLNGSIDTSSSVFQALSSDNENKPAASPLNVKLPGMSCSSILLPKT
SRIAVPFGNQTMAMSSVRDVKTGSLPTNFLTGVYRFWRSQNPAEKPHDPVNDRLLPAVVDASDKRASIGTWATTFFCTII
SCNLLGLMPFNEAPTSGLGFATGLGVSVWATATILGLSKTGFKFPGHFIPGGTPWPMAFIFVPLETISYTFRAVSLGVRL
WVNMLAGHTLLHILTGMALALPFSLGFFSMVPATFGVCCLLSALVGLEYLVAVLQSGVFSILSTVYVGEFNHDKFIGPAA
KIVKKIH
;
M
13 'polypeptide(L)'
;MLARVASVALRRAEGKIMPQMVRALSVSAASAAQAELKLPTAPLQLSGTSAQIATLLWQVAAKENQLDKVQDELYQFIEL
FKQHSELRRLATDPFVPTLVRTKIISSVLKDSGASEITKKLFEALADEGALSALLEVTVNYEELMLAHKKEVYCTVITAE
PLDKLERVELTKKAEKFVDAGFKLVMQEKIDKKLLGGFVIEFSDRRVDMSTAKKVEEFNNFVNKLVLSI
;
P
14 'polypeptide(L)' MCAPSGPFYRVAGMSYLRYSNICADLLRNVLKEPFKAKAQARQAIHFRQAPYVDGKAGASKVYELENGIPKTAN Q
15 'polypeptide(L)'
;MFGLKRAVTVGRRFISTSAARMEAAAPAGPKEFTEVWNKKAPSTLIVPEFPSNYTAVKAVGEGQVHGDAFPVNFYTPHSI
LSQAQKDTVVLPGVDGYFGVKASHVPTIAQLKPGVVELHSGAESEKFFVSGGFAFVHPNGVTDICVLEAATLDQVDPAAV
KSALAAASAAQPTDEFEQAANRAAIELYSALESAVEAKA
;
R
16 'polypeptide(L)'
;MALRKAVLSLGLSQGVAAEAVLGSGMFNAVQHESVRYASNQAVKQRIRAIKNIGKITKAMKMVAASKMKNAQIAVEQSRG
LVDPFVRLFGDFPAVNSNKSVVVAVTSDKGLCGGLNSNITKYTRATLATTESEGKDVVVVSIGDKGRSQLTRIESQRYQL
AIADTYKVRVTFGQASLIVEELIKHNPQSYQILFNKFRSAISFKPTVATILSPDLLEKQLEDVTGNSLDAYDIEASHERS
DVLRDLTEFHLGVTLYNAMLENNCSEHASRMSAMENSTKSAGEMLGKLTLDYNRKRQATITTELIEIIAGASALMDE
;
S
17 'polypeptide(L)'
;MRSPAAFVARSGLFKASLGQSNWAQKAEQMMASVTRTFAADAKALDELRKPKFSSKYLIQHVSQKLIPAVKEWEKSYQPP
VIHLGRVLSVGDGIARVYGLKSVQAGELVCFDSGVKGMALNLQADHVGVVVFGNDSVIHQGDLVYRTGQIVNVPIGPGTL
GRVTDGLGQPIDGKGPLTNVRSSLVEVKAPGIIARQSVREPLFTGVKAVDALVPIGRGQRELIIGDRQTGKTAVAIDAII
HQKNCNEQVPKAQRVYCVYVAVGQKRSTVAQLVKLFTQTGAMRYTIMVSATASDAAPLQFLAPYSGCAMAEYFRDTGKHG
LIIYDDLSKQSVAYRQMSLLLRRPPGREAFPGDVFYLHSRLLERAAKLSKELGGGSLTAFPVIETQAGDVSAYIATNVIS
ITDGQIFLETELFYKGIRPALNVGLSVSRVGSAAQFPGMKQVAGTLKLELAQYREVAAFAQFGSDLDAATQYVLERGARL
TEMLKQKQFAPIPIERQTVAVYAATKGFLDKVRVQDIVAAEEAVISQVNPAVFKILKANGKITPALDAHLKAELRKVKLP
GA
;
T,U,V
18 'polypeptide(L)'
;MALRYAAGLAKNVVQRQGASLNIARAFAAEPAPAIDAGYVSQVIGPVVDVRFDGELPSILSSLEVEGHSVRLVLEVAQHM
GDNTVRCIAMDSTDGLVRGQKVVDTGSPIKVPVGRGTLGRIMNVIGEPVDEQGPIDAADIWSIHREAPEFTEQSTEQEIL
VTGIKVVDLLAPYQRGGKIGLFGGAGVGKTVLIMELINNVAKAHGGFSVFAGVGERTREGNDLYREMIESGVIKLGAERG
NSKCTLVYGQMNEPPGARARVALTGLTVAEYFRDIEGQDVLLFVDNIFRFTQANSEVSALLGRIPSAVGYQPTLATDLGG
LQERITTTTKGSITSVQAVYVPADDLTDPAPATTFAHLDATTVLSRSIAELGIYPAVDPLDSTSRMLNPNVIGAEHYNVA
RGVQKVLQDYKNLQDIIAILGMDELSEEDKLTVARARKIQRFLSQPFQVAEVFTGTPGKYVDLADTISGFQGVLTGKYDD
LPEMAFYMVGDIKEVKEKADKMAKDIASRKEADNKKVSEELKDIPSLDKLVSEIKEVVIEEDDGLEEDFKAEALSSETVV
LNEEGKSVPLPKKN
;
X,Y,Z
#
loop_
_chem_comp.id
_chem_comp.type
_chem_comp.name
_chem_comp.formula
ADP non-polymer ADENOSINE-5'-DIPHOSPHATE 'C10 H15 N5 O10 P2'
ATP non-polymer ADENOSINE-5'-TRIPHOSPHATE 'C10 H16 N5 O13 P3'
MG non-polymer 'MAGNESIUM ION' 'Mg 2'
ZN non-polymer 'ZINC ION' 'Zn 2'
#
# COMPACT_ATOMS: atom_id res chain seq x y z
N SER A 2 57.00 -47.53 -15.27
CA SER A 2 56.65 -48.09 -13.96
C SER A 2 55.97 -49.43 -14.13
N TYR A 3 56.49 -50.44 -13.41
CA TYR A 3 55.96 -51.81 -13.36
C TYR A 3 55.94 -52.50 -14.71
N SER A 4 56.69 -52.01 -15.69
CA SER A 4 56.61 -52.58 -17.01
C SER A 4 57.55 -53.77 -17.16
N ALA A 5 58.84 -53.54 -16.94
CA ALA A 5 59.86 -54.53 -17.27
C ALA A 5 59.93 -55.66 -16.28
N TYR A 6 59.13 -55.64 -15.20
CA TYR A 6 59.11 -56.77 -14.30
C TYR A 6 58.45 -57.98 -14.95
N PHE A 7 57.59 -57.77 -15.93
CA PHE A 7 57.01 -58.87 -16.68
C PHE A 7 57.83 -59.25 -17.90
N ALA A 8 59.02 -58.68 -18.03
CA ALA A 8 60.03 -59.21 -18.96
C ALA A 8 61.13 -59.97 -18.22
N LYS A 9 61.23 -59.81 -16.91
CA LYS A 9 62.13 -60.65 -16.13
C LYS A 9 61.61 -62.08 -16.06
N ALA A 10 60.32 -62.23 -15.80
CA ALA A 10 59.69 -63.54 -15.95
C ALA A 10 59.60 -63.86 -17.43
N GLY A 11 60.27 -64.92 -17.85
CA GLY A 11 60.33 -65.25 -19.26
C GLY A 11 59.09 -65.96 -19.75
N PHE A 12 59.28 -67.01 -20.54
CA PHE A 12 58.16 -67.79 -21.03
C PHE A 12 57.92 -68.98 -20.10
N GLN A 13 56.68 -69.13 -19.68
CA GLN A 13 56.27 -70.21 -18.81
C GLN A 13 54.93 -70.72 -19.29
N PHE A 14 54.78 -72.04 -19.32
CA PHE A 14 53.60 -72.68 -19.84
C PHE A 14 52.40 -72.43 -18.91
N PRO A 15 51.18 -72.66 -19.40
CA PRO A 15 50.07 -72.87 -18.47
C PRO A 15 50.37 -74.06 -17.59
N ALA A 16 50.11 -73.90 -16.29
CA ALA A 16 50.82 -74.66 -15.26
C ALA A 16 50.49 -76.15 -15.29
N GLY A 17 49.33 -76.51 -15.79
CA GLY A 17 48.96 -77.90 -15.78
C GLY A 17 49.13 -78.60 -17.11
N LEU A 18 49.91 -78.02 -18.02
CA LEU A 18 50.06 -78.63 -19.33
C LEU A 18 50.92 -79.88 -19.28
N SER A 19 51.73 -80.05 -18.24
CA SER A 19 52.49 -81.28 -18.10
C SER A 19 51.59 -82.46 -17.82
N ALA A 20 50.49 -82.24 -17.09
CA ALA A 20 49.59 -83.35 -16.81
C ALA A 20 48.70 -83.68 -18.00
N LEU A 21 48.43 -82.70 -18.86
CA LEU A 21 47.59 -82.96 -20.03
C LEU A 21 48.32 -83.79 -21.07
N VAL A 22 49.61 -83.49 -21.31
CA VAL A 22 50.40 -84.34 -22.18
C VAL A 22 50.68 -85.67 -21.52
N ALA A 23 50.59 -85.75 -20.19
CA ALA A 23 50.60 -87.05 -19.54
C ALA A 23 49.27 -87.77 -19.74
N GLY A 24 48.22 -87.03 -20.05
CA GLY A 24 46.95 -87.68 -20.34
C GLY A 24 46.88 -88.22 -21.75
N ILE A 25 47.29 -87.43 -22.75
CA ILE A 25 47.09 -87.83 -24.14
C ILE A 25 48.11 -88.87 -24.57
N VAL A 26 49.37 -88.71 -24.15
CA VAL A 26 50.42 -89.65 -24.54
C VAL A 26 50.20 -91.00 -23.88
N ALA A 27 49.70 -91.02 -22.64
CA ALA A 27 49.30 -92.28 -22.04
C ALA A 27 48.09 -92.88 -22.76
N LEU A 28 47.20 -92.04 -23.29
CA LEU A 28 46.10 -92.56 -24.08
C LEU A 28 46.48 -92.90 -25.50
N ASN A 29 47.76 -92.76 -25.86
CA ASN A 29 48.27 -93.26 -27.14
C ASN A 29 49.36 -94.32 -26.96
N VAL A 30 49.70 -94.70 -25.73
CA VAL A 30 50.70 -95.74 -25.54
C VAL A 30 50.11 -96.84 -24.68
N CYS A 31 49.11 -96.53 -23.86
CA CYS A 31 48.35 -97.57 -23.18
C CYS A 31 47.08 -97.90 -23.96
N THR A 32 47.27 -98.18 -25.25
CA THR A 32 46.16 -98.55 -26.11
C THR A 32 45.64 -99.94 -25.76
N GLY A 33 46.56 -100.87 -25.46
CA GLY A 33 46.14 -102.19 -25.05
C GLY A 33 45.84 -103.14 -26.19
N ARG A 34 46.44 -102.90 -27.35
CA ARG A 34 46.22 -103.76 -28.52
C ARG A 34 47.40 -103.56 -29.45
N PRO A 35 47.54 -104.40 -30.48
CA PRO A 35 48.47 -104.06 -31.56
C PRO A 35 48.06 -102.77 -32.24
N THR A 36 49.06 -102.04 -32.73
CA THR A 36 48.90 -100.62 -33.03
C THR A 36 49.04 -100.36 -34.53
N LYS A 37 47.92 -100.01 -35.16
CA LYS A 37 47.85 -99.35 -36.47
C LYS A 37 48.49 -100.18 -37.58
N GLY A 38 47.87 -101.32 -37.85
CA GLY A 38 48.33 -102.18 -38.91
C GLY A 38 49.35 -103.22 -38.49
N THR A 39 49.30 -103.66 -37.25
CA THR A 39 50.23 -104.63 -36.72
C THR A 39 49.48 -105.88 -36.28
N LYS A 40 50.23 -106.93 -35.99
CA LYS A 40 49.65 -108.20 -35.60
C LYS A 40 50.60 -108.88 -34.63
N GLU A 41 50.06 -109.43 -33.54
CA GLU A 41 50.87 -110.21 -32.63
C GLU A 41 51.00 -111.63 -33.16
N ILE A 42 52.18 -112.21 -32.95
CA ILE A 42 52.47 -113.60 -33.30
C ILE A 42 53.31 -114.20 -32.19
N SER A 43 53.60 -115.48 -32.30
CA SER A 43 54.57 -116.09 -31.41
C SER A 43 55.96 -115.60 -31.77
N ASN A 44 56.81 -115.45 -30.75
CA ASN A 44 58.11 -114.83 -30.94
C ASN A 44 59.09 -115.71 -31.72
N ALA A 45 58.78 -116.99 -31.90
CA ALA A 45 59.60 -117.85 -32.74
C ALA A 45 59.56 -117.39 -34.19
N GLU A 46 58.37 -117.05 -34.68
CA GLU A 46 58.24 -116.47 -36.02
C GLU A 46 58.92 -115.12 -36.09
N TYR A 47 58.88 -114.36 -34.98
CA TYR A 47 59.54 -113.07 -34.91
C TYR A 47 61.06 -113.21 -34.98
N ASN A 48 61.59 -114.29 -34.42
CA ASN A 48 63.04 -114.51 -34.48
C ASN A 48 63.47 -115.23 -35.74
N ALA A 49 62.64 -116.14 -36.26
CA ALA A 49 63.00 -116.92 -37.44
C ALA A 49 62.57 -116.26 -38.75
N THR A 50 62.49 -114.94 -38.78
CA THR A 50 62.22 -114.23 -40.02
C THR A 50 63.09 -112.98 -40.09
N PRO A 51 63.73 -112.71 -41.21
CA PRO A 51 64.44 -111.44 -41.37
C PRO A 51 63.47 -110.28 -41.52
N ILE A 52 63.97 -109.09 -41.19
CA ILE A 52 63.13 -107.89 -41.20
C ILE A 52 62.76 -107.41 -42.59
N GLY A 53 63.45 -107.89 -43.62
CA GLY A 53 63.01 -107.59 -44.97
C GLY A 53 61.74 -108.32 -45.33
N TYR A 54 61.54 -109.52 -44.78
CA TYR A 54 60.35 -110.32 -45.01
C TYR A 54 59.40 -110.28 -43.83
N LEU A 55 59.61 -109.35 -42.89
CA LEU A 55 58.75 -109.18 -41.74
C LEU A 55 57.71 -108.09 -41.94
N GLN A 56 58.06 -107.01 -42.62
CA GLN A 56 57.24 -105.81 -42.63
C GLN A 56 56.09 -105.94 -43.63
N SER A 57 55.26 -104.91 -43.71
CA SER A 57 54.03 -104.93 -44.49
C SER A 57 53.97 -103.73 -45.42
N PRO A 58 53.48 -103.91 -46.65
CA PRO A 58 53.48 -102.81 -47.62
C PRO A 58 52.44 -101.75 -47.36
N ASP A 59 51.43 -102.04 -46.55
CA ASP A 59 50.42 -101.03 -46.23
C ASP A 59 50.94 -99.99 -45.26
N GLN A 60 52.02 -100.29 -44.53
CA GLN A 60 52.49 -99.42 -43.48
C GLN A 60 53.69 -98.56 -43.88
N HIS A 61 54.15 -98.67 -45.12
CA HIS A 61 55.23 -97.83 -45.63
C HIS A 61 54.82 -97.16 -46.95
N PRO A 62 53.90 -96.20 -46.93
CA PRO A 62 53.63 -95.46 -48.17
C PRO A 62 54.71 -94.43 -48.42
N THR A 63 54.85 -94.06 -49.69
CA THR A 63 55.98 -93.22 -50.10
C THR A 63 55.77 -91.79 -49.64
N ALA A 64 56.87 -91.17 -49.18
CA ALA A 64 56.79 -89.88 -48.51
C ALA A 64 56.42 -88.75 -49.47
N PHE A 65 56.65 -88.93 -50.76
CA PHE A 65 56.23 -87.96 -51.78
C PHE A 65 55.91 -88.73 -53.05
N PRO A 66 54.68 -89.18 -53.18
CA PRO A 66 54.36 -90.12 -54.25
C PRO A 66 54.21 -89.44 -55.59
N LYS A 67 54.50 -90.20 -56.65
CA LYS A 67 54.18 -89.79 -58.00
C LYS A 67 52.98 -90.52 -58.58
N VAL A 68 52.76 -91.77 -58.19
CA VAL A 68 51.56 -92.52 -58.52
C VAL A 68 50.81 -92.80 -57.23
N PRO A 69 49.52 -92.50 -57.14
CA PRO A 69 48.81 -92.61 -55.86
C PRO A 69 48.60 -94.05 -55.42
N GLY A 70 49.36 -94.49 -54.43
CA GLY A 70 49.25 -95.84 -53.94
C GLY A 70 50.59 -96.54 -53.90
N MET A 71 51.65 -95.80 -54.18
CA MET A 71 53.00 -96.35 -54.10
C MET A 71 53.38 -96.62 -52.66
N LYS A 72 54.12 -97.71 -52.45
CA LYS A 72 54.66 -98.07 -51.14
C LYS A 72 56.18 -98.18 -51.22
N ASP A 73 56.81 -98.60 -50.11
CA ASP A 73 58.26 -98.73 -50.07
C ASP A 73 58.76 -100.15 -49.85
N VAL A 74 58.06 -100.97 -49.05
CA VAL A 74 58.39 -102.37 -48.91
C VAL A 74 57.31 -103.15 -49.65
N HIS A 75 57.65 -104.37 -50.06
CA HIS A 75 56.78 -105.16 -50.93
C HIS A 75 56.34 -106.48 -50.30
N GLY A 76 56.62 -106.70 -49.02
CA GLY A 76 56.16 -107.88 -48.33
C GLY A 76 56.97 -109.10 -48.70
N SER A 77 56.66 -110.21 -48.03
CA SER A 77 57.25 -111.51 -48.34
C SER A 77 56.62 -112.03 -49.63
N PRO A 78 57.34 -112.00 -50.75
CA PRO A 78 56.70 -112.33 -52.04
C PRO A 78 56.48 -113.80 -52.26
N HIS A 79 56.97 -114.67 -51.37
CA HIS A 79 56.71 -116.10 -51.50
C HIS A 79 55.27 -116.37 -51.09
N HIS A 80 54.36 -116.25 -52.05
CA HIS A 80 52.94 -116.21 -51.74
C HIS A 80 52.38 -117.61 -51.57
N HIS A 81 51.50 -117.74 -50.56
CA HIS A 81 50.88 -119.00 -50.18
C HIS A 81 49.57 -119.27 -50.91
N HIS A 82 49.25 -118.47 -51.93
CA HIS A 82 47.97 -118.58 -52.62
C HIS A 82 47.94 -119.78 -53.56
N TYR B 23 37.25 41.77 29.77
CA TYR B 23 37.21 42.52 31.02
C TYR B 23 36.31 43.74 30.92
N LEU B 24 35.60 43.89 29.81
CA LEU B 24 34.74 45.04 29.58
C LEU B 24 33.29 44.61 29.36
N ALA B 25 32.40 45.36 29.95
CA ALA B 25 30.95 45.32 29.98
C ALA B 25 30.38 46.26 28.93
N PRO B 26 29.20 45.93 28.39
CA PRO B 26 28.52 46.88 27.50
C PRO B 26 28.07 48.10 28.28
N LEU B 27 28.45 49.28 27.79
CA LEU B 27 28.04 50.51 28.47
C LEU B 27 26.57 50.76 28.20
N ARG B 28 25.85 51.13 29.26
CA ARG B 28 24.40 51.25 29.17
C ARG B 28 23.96 52.59 29.73
N SER B 29 23.06 53.25 29.01
CA SER B 29 22.51 54.53 29.43
C SER B 29 21.02 54.32 29.64
N ASP B 30 20.67 53.81 30.81
CA ASP B 30 19.30 53.65 31.22
C ASP B 30 19.18 54.12 32.66
N PHE B 31 17.96 54.13 33.18
CA PHE B 31 17.76 54.58 34.54
C PHE B 31 16.89 53.59 35.28
N THR B 32 16.92 53.70 36.60
CA THR B 32 16.10 52.87 37.48
C THR B 32 15.22 53.79 38.30
N GLU B 33 13.91 53.58 38.21
CA GLU B 33 12.95 54.42 38.91
C GLU B 33 12.16 53.69 39.97
N GLU B 34 12.08 52.37 39.90
CA GLU B 34 11.45 51.58 40.93
C GLU B 34 12.48 51.23 42.01
N ILE B 35 11.98 51.00 43.21
CA ILE B 35 12.82 50.69 44.37
C ILE B 35 12.35 49.36 44.90
N THR B 36 13.19 48.34 44.79
CA THR B 36 12.84 47.00 45.18
C THR B 36 13.95 46.39 46.04
N ALA B 37 13.62 45.23 46.61
CA ALA B 37 14.63 44.38 47.20
C ALA B 37 15.58 43.91 46.10
N PRO B 38 16.87 43.73 46.38
CA PRO B 38 17.85 43.67 45.29
C PRO B 38 17.93 42.35 44.54
N LYS B 39 16.89 41.51 44.63
CA LYS B 39 16.74 40.26 43.87
C LYS B 39 17.88 39.27 44.15
N VAL B 40 17.99 38.90 45.42
CA VAL B 40 18.93 37.87 45.82
C VAL B 40 18.42 36.53 45.30
N ALA B 41 19.25 35.83 44.52
CA ALA B 41 18.88 34.55 43.96
C ALA B 41 19.23 33.44 44.95
N SER B 42 19.04 32.19 44.54
CA SER B 42 19.35 31.07 45.42
C SER B 42 20.84 30.81 45.45
N ALA B 43 21.32 30.40 46.62
CA ALA B 43 22.70 29.93 46.74
C ALA B 43 22.84 28.62 45.98
N SER B 44 23.77 28.57 45.04
CA SER B 44 23.84 27.43 44.14
C SER B 44 24.45 26.21 44.85
N ASN B 45 24.27 25.05 44.22
CA ASN B 45 24.55 23.76 44.84
C ASN B 45 25.90 23.19 44.43
N LEU B 46 26.88 24.04 44.10
CA LEU B 46 28.15 23.53 43.61
C LEU B 46 29.02 22.99 44.72
N VAL B 47 28.93 23.54 45.92
CA VAL B 47 29.66 22.99 47.06
C VAL B 47 29.09 21.63 47.43
N ASN B 48 27.79 21.44 47.24
CA ASN B 48 27.20 20.13 47.46
C ASN B 48 27.51 19.16 46.32
N GLU B 49 27.74 19.67 45.11
CA GLU B 49 28.15 18.76 44.04
C GLU B 49 29.59 18.29 44.23
N TRP B 50 30.46 19.19 44.69
CA TRP B 50 31.87 18.82 44.75
C TRP B 50 32.17 18.00 46.00
N ASN B 51 31.32 18.07 47.02
CA ASN B 51 31.47 17.13 48.11
C ASN B 51 30.80 15.81 47.80
N ASN B 52 29.86 15.78 46.84
CA ASN B 52 29.38 14.50 46.33
C ASN B 52 30.44 13.79 45.52
N LYS B 53 31.13 14.53 44.64
CA LYS B 53 32.15 13.90 43.81
C LYS B 53 33.40 13.62 44.61
N LYS B 54 33.62 14.35 45.71
CA LYS B 54 34.64 13.91 46.65
C LYS B 54 34.21 12.63 47.37
N GLN B 55 32.92 12.55 47.72
CA GLN B 55 32.38 11.32 48.29
C GLN B 55 32.42 10.18 47.28
N ALA B 56 32.25 10.51 46.00
CA ALA B 56 32.34 9.50 44.96
C ALA B 56 33.75 8.97 44.81
N THR B 57 34.73 9.86 44.70
CA THR B 57 36.09 9.42 44.48
C THR B 57 36.71 8.82 45.74
N GLU B 58 36.22 9.18 46.91
CA GLU B 58 36.69 8.53 48.14
C GLU B 58 36.16 7.11 48.23
N ASN B 59 34.89 6.91 47.85
CA ASN B 59 34.32 5.56 47.87
C ASN B 59 34.99 4.66 46.83
N LEU B 60 35.24 5.20 45.64
CA LEU B 60 35.93 4.42 44.61
C LEU B 60 37.37 4.13 45.00
N MET B 61 38.00 5.04 45.74
CA MET B 61 39.31 4.73 46.29
C MET B 61 39.21 3.64 47.36
N LYS B 62 38.13 3.65 48.14
CA LYS B 62 37.91 2.58 49.09
C LYS B 62 37.56 1.28 48.39
N LEU B 63 36.83 1.37 47.27
CA LEU B 63 36.39 0.18 46.57
C LEU B 63 37.55 -0.57 45.94
N LEU B 64 38.49 0.15 45.34
CA LEU B 64 39.64 -0.49 44.71
C LEU B 64 40.55 -1.14 45.75
N GLN B 65 40.67 -0.50 46.91
CA GLN B 65 41.44 -1.13 47.99
C GLN B 65 40.71 -2.35 48.51
N ALA B 66 39.37 -2.29 48.56
CA ALA B 66 38.61 -3.49 48.90
C ALA B 66 38.65 -4.51 47.78
N TYR B 67 38.82 -4.06 46.54
CA TYR B 67 39.03 -5.00 45.45
C TYR B 67 40.42 -5.64 45.52
N LYS B 68 41.37 -4.97 46.16
CA LYS B 68 42.63 -5.65 46.43
C LYS B 68 42.52 -6.54 47.66
N ASP B 69 41.71 -6.13 48.63
CA ASP B 69 41.68 -6.86 49.90
C ASP B 69 40.88 -8.15 49.81
N ILE B 70 40.03 -8.30 48.78
CA ILE B 70 39.49 -9.61 48.47
C ILE B 70 40.17 -10.24 47.27
N GLY B 71 41.21 -9.60 46.75
CA GLY B 71 42.04 -10.22 45.75
C GLY B 71 43.18 -11.01 46.39
N ASP B 72 43.98 -10.33 47.20
CA ASP B 72 45.15 -10.94 47.82
C ASP B 72 44.82 -11.68 49.10
N ALA B 73 43.54 -11.88 49.42
CA ALA B 73 43.19 -12.80 50.48
C ALA B 73 42.92 -14.20 49.95
N LYS B 74 42.57 -14.32 48.68
CA LYS B 74 42.40 -15.61 48.02
C LYS B 74 43.53 -15.93 47.08
N SER B 75 44.48 -15.01 46.91
CA SER B 75 45.78 -15.20 46.23
C SER B 75 45.64 -15.63 44.78
N GLU B 76 44.51 -15.36 44.15
CA GLU B 76 44.36 -15.67 42.74
C GLU B 76 45.21 -14.70 41.93
N PRO B 77 45.72 -15.14 40.79
CA PRO B 77 46.58 -14.27 39.98
C PRO B 77 45.78 -13.13 39.35
N LEU B 78 46.54 -12.20 38.77
CA LEU B 78 45.96 -10.93 38.35
C LEU B 78 45.13 -11.08 37.09
N LEU B 79 45.70 -11.71 36.06
CA LEU B 79 44.98 -11.85 34.80
C LEU B 79 44.02 -13.03 34.79
N LYS B 80 43.87 -13.73 35.91
CA LYS B 80 43.12 -14.99 35.92
C LYS B 80 41.63 -14.75 35.72
N ASN B 81 41.10 -13.67 36.27
CA ASN B 81 39.69 -13.39 36.11
C ASN B 81 39.40 -12.44 34.96
N HIS B 82 40.42 -11.83 34.37
CA HIS B 82 40.23 -10.99 33.20
C HIS B 82 40.47 -11.76 31.91
N ASN B 83 40.74 -13.05 31.99
CA ASN B 83 41.01 -13.86 30.82
C ASN B 83 39.82 -14.75 30.51
N PRO B 84 39.07 -14.50 29.44
CA PRO B 84 37.93 -15.34 29.12
C PRO B 84 38.28 -16.70 28.52
N ARG B 85 39.55 -17.11 28.52
CA ARG B 85 39.85 -18.52 28.28
C ARG B 85 39.52 -19.38 29.49
N THR B 86 39.43 -18.77 30.68
CA THR B 86 39.17 -19.53 31.89
C THR B 86 37.71 -19.90 32.03
N PHE B 87 36.81 -18.99 31.66
CA PHE B 87 35.39 -19.25 31.74
C PHE B 87 34.84 -19.95 30.51
N GLU B 88 35.70 -20.41 29.61
CA GLU B 88 35.26 -21.18 28.47
C GLU B 88 35.09 -22.64 28.88
N ASP B 89 33.87 -23.13 28.82
CA ASP B 89 33.58 -24.51 29.20
C ASP B 89 34.10 -25.47 28.14
N ARG B 90 35.33 -25.95 28.31
CA ARG B 90 35.96 -26.75 27.27
C ARG B 90 35.42 -28.16 27.19
N ASP B 91 34.70 -28.63 28.20
CA ASP B 91 34.12 -29.97 28.21
C ASP B 91 32.65 -29.95 27.82
N TYR B 92 32.33 -29.09 26.86
CA TYR B 92 30.96 -28.89 26.40
C TYR B 92 30.52 -30.11 25.60
N PRO B 93 29.20 -30.25 25.36
CA PRO B 93 28.70 -31.23 24.38
C PRO B 93 29.31 -31.14 22.98
N VAL B 94 29.72 -29.95 22.53
CA VAL B 94 30.36 -29.61 21.25
C VAL B 94 29.67 -30.30 20.07
N PRO B 95 28.53 -29.77 19.62
CA PRO B 95 27.61 -30.53 18.77
C PRO B 95 28.18 -30.87 17.40
N ASP B 96 28.13 -32.16 17.09
CA ASP B 96 28.74 -32.71 15.89
C ASP B 96 27.96 -32.34 14.64
N PHE B 97 28.68 -31.87 13.62
CA PHE B 97 28.06 -31.31 12.43
C PHE B 97 27.54 -32.37 11.46
N ARG B 98 27.71 -33.65 11.75
CA ARG B 98 27.25 -34.67 10.83
C ARG B 98 25.82 -35.09 11.09
N THR B 99 25.15 -34.49 12.07
CA THR B 99 23.72 -34.71 12.28
C THR B 99 22.98 -33.40 12.15
N GLN B 100 23.28 -32.63 11.09
CA GLN B 100 22.66 -31.33 10.90
C GLN B 100 21.97 -31.15 9.56
N ASN B 101 22.17 -32.05 8.60
CA ASN B 101 21.55 -32.01 7.26
C ASN B 101 21.88 -30.72 6.51
N LEU B 102 23.16 -30.34 6.51
CA LEU B 102 23.60 -29.08 5.96
C LEU B 102 24.04 -29.23 4.51
N LYS B 103 24.11 -28.09 3.83
CA LYS B 103 24.38 -28.04 2.40
C LYS B 103 25.89 -27.99 2.16
N ALA B 104 26.26 -27.65 0.93
CA ALA B 104 27.66 -27.71 0.52
C ALA B 104 28.49 -26.61 1.16
N GLY B 105 28.07 -25.36 1.01
CA GLY B 105 28.85 -24.26 1.53
C GLY B 105 28.24 -23.59 2.73
N ASP B 106 27.65 -24.37 3.63
CA ASP B 106 26.97 -23.80 4.78
C ASP B 106 27.59 -24.19 6.12
N VAL B 107 28.50 -25.16 6.14
CA VAL B 107 29.19 -25.50 7.40
C VAL B 107 30.14 -24.43 7.92
N PRO B 108 30.60 -23.43 7.13
CA PRO B 108 31.01 -22.17 7.79
C PRO B 108 29.99 -21.59 8.73
N LYS B 109 28.71 -21.56 8.34
CA LYS B 109 27.70 -20.94 9.19
C LYS B 109 27.44 -21.77 10.45
N PHE B 110 27.60 -23.09 10.36
CA PHE B 110 27.49 -23.88 11.57
C PHE B 110 28.75 -23.75 12.41
N PHE B 111 29.90 -23.56 11.78
CA PHE B 111 31.12 -23.39 12.56
C PHE B 111 31.19 -22.01 13.19
N ASP B 112 30.70 -20.99 12.48
CA ASP B 112 30.72 -19.65 13.04
C ASP B 112 29.70 -19.49 14.16
N THR B 113 28.64 -20.28 14.14
CA THR B 113 27.61 -20.17 15.17
C THR B 113 28.11 -20.69 16.51
N VAL B 114 28.70 -21.89 16.51
CA VAL B 114 29.03 -22.55 17.77
C VAL B 114 30.24 -21.88 18.41
N ILE B 115 31.19 -21.41 17.61
CA ILE B 115 32.33 -20.68 18.18
C ILE B 115 31.89 -19.34 18.73
N SER B 116 30.88 -18.71 18.14
CA SER B 116 30.36 -17.46 18.70
C SER B 116 29.46 -17.73 19.89
N THR B 117 28.75 -18.86 19.89
CA THR B 117 27.91 -19.19 21.04
C THR B 117 28.76 -19.56 22.24
N ARG B 118 29.83 -20.32 22.02
CA ARG B 118 30.68 -20.68 23.15
C ARG B 118 31.57 -19.52 23.58
N ALA B 119 31.74 -18.50 22.72
CA ALA B 119 32.44 -17.30 23.16
C ALA B 119 31.62 -16.52 24.17
N SER B 120 30.32 -16.34 23.90
CA SER B 120 29.44 -15.67 24.86
C SER B 120 29.19 -16.52 26.09
N ALA B 121 29.46 -17.82 26.01
CA ALA B 121 29.42 -18.66 27.20
C ALA B 121 30.54 -18.28 28.16
N ALA B 122 31.66 -17.82 27.63
CA ALA B 122 32.76 -17.40 28.50
C ALA B 122 32.65 -15.93 28.88
N ILE B 123 32.06 -15.11 28.00
CA ILE B 123 31.90 -13.69 28.32
C ILE B 123 30.89 -13.52 29.45
N ALA B 124 29.73 -14.15 29.31
CA ALA B 124 28.66 -13.96 30.29
C ALA B 124 28.99 -14.64 31.60
N SER B 125 29.79 -15.70 31.57
CA SER B 125 30.24 -16.29 32.81
C SER B 125 31.25 -15.40 33.51
N LYS B 126 31.94 -14.53 32.76
CA LYS B 126 32.87 -13.59 33.37
C LYS B 126 32.12 -12.44 34.04
N ASP B 127 31.18 -11.83 33.32
CA ASP B 127 30.45 -10.69 33.86
C ASP B 127 29.53 -11.10 35.01
N LYS B 128 29.01 -12.33 34.96
CA LYS B 128 28.25 -12.83 36.09
C LYS B 128 29.16 -13.12 37.27
N PHE B 129 30.44 -13.38 37.00
CA PHE B 129 31.37 -13.51 38.12
C PHE B 129 31.71 -12.15 38.71
N TRP B 130 31.84 -11.12 37.86
CA TRP B 130 32.20 -9.81 38.38
C TRP B 130 31.04 -9.17 39.11
N ALA B 131 29.81 -9.40 38.66
CA ALA B 131 28.66 -9.02 39.46
C ALA B 131 28.55 -9.88 40.71
N GLY B 132 29.06 -11.11 40.65
CA GLY B 132 29.20 -11.90 41.86
C GLY B 132 30.30 -11.42 42.78
N ARG B 133 31.26 -10.66 42.26
CA ARG B 133 32.35 -10.13 43.07
C ARG B 133 32.08 -8.71 43.54
N LYS B 134 31.29 -7.95 42.77
CA LYS B 134 31.00 -6.56 43.13
C LYS B 134 30.18 -6.47 44.41
N THR B 135 29.14 -7.29 44.53
CA THR B 135 28.38 -7.34 45.76
C THR B 135 29.18 -7.97 46.90
N GLU B 136 30.19 -8.75 46.56
CA GLU B 136 31.05 -9.31 47.60
C GLU B 136 31.95 -8.25 48.21
N ALA B 137 32.27 -7.19 47.46
CA ALA B 137 33.06 -6.09 47.98
C ALA B 137 32.23 -4.85 48.28
N GLU B 138 31.02 -4.75 47.74
CA GLU B 138 30.14 -3.66 48.13
C GLU B 138 29.66 -3.78 49.56
N ALA B 139 29.64 -4.99 50.11
CA ALA B 139 29.39 -5.14 51.54
C ALA B 139 30.58 -4.67 52.36
N ALA B 140 31.78 -4.68 51.78
CA ALA B 140 32.98 -4.28 52.49
C ALA B 140 33.50 -2.91 52.06
N SER B 141 32.92 -2.30 51.03
CA SER B 141 33.33 -0.94 50.68
C SER B 141 32.76 0.07 51.66
N ALA B 142 31.60 -0.22 52.25
CA ALA B 142 31.06 0.67 53.26
C ALA B 142 31.79 0.49 54.59
N LYS B 143 32.22 -0.73 54.90
CA LYS B 143 32.95 -1.00 56.14
C LYS B 143 34.44 -0.99 55.81
N ALA B 144 35.03 0.19 55.90
CA ALA B 144 36.45 0.37 55.64
C ALA B 144 36.95 1.57 56.44
N SER B 145 38.13 2.07 56.08
CA SER B 145 38.82 3.11 56.83
C SER B 145 38.53 4.52 56.32
N ALA B 146 38.75 4.75 55.01
CA ALA B 146 38.65 6.06 54.35
C ALA B 146 39.59 7.09 54.98
N ALA B 147 40.89 6.80 54.88
CA ALA B 147 41.94 7.74 55.28
C ALA B 147 43.07 7.60 54.28
N PHE B 148 43.01 8.37 53.20
CA PHE B 148 44.00 8.36 52.15
C PHE B 148 44.92 9.55 52.30
N PRO B 149 46.07 9.54 51.63
CA PRO B 149 46.84 10.78 51.48
C PRO B 149 46.09 11.78 50.62
N ARG B 150 46.47 13.05 50.78
CA ARG B 150 45.79 14.15 50.13
C ARG B 150 46.53 14.56 48.87
N VAL B 151 45.81 15.25 47.98
CA VAL B 151 46.41 15.73 46.74
C VAL B 151 47.36 16.88 47.06
N ALA B 152 48.50 16.90 46.39
CA ALA B 152 49.52 17.91 46.64
C ALA B 152 49.24 19.13 45.78
N VAL B 153 48.58 20.13 46.34
CA VAL B 153 48.36 21.41 45.66
C VAL B 153 48.95 22.51 46.54
N PRO B 154 49.30 23.68 46.02
CA PRO B 154 49.85 24.74 46.87
C PRO B 154 48.82 25.26 47.85
N GLU B 155 49.11 25.08 49.13
CA GLU B 155 48.21 25.53 50.20
C GLU B 155 48.26 27.05 50.26
N TRP B 156 47.14 27.68 49.92
CA TRP B 156 47.06 29.12 49.69
C TRP B 156 45.85 29.66 50.43
N LYS B 157 46.10 30.41 51.50
CA LYS B 157 45.00 30.92 52.29
C LYS B 157 44.47 32.22 51.70
N LYS B 158 43.35 32.69 52.29
CA LYS B 158 42.38 33.53 51.58
C LYS B 158 42.96 34.87 51.16
N GLY B 159 43.72 35.52 52.03
CA GLY B 159 44.24 36.81 51.67
C GLY B 159 45.67 36.71 51.19
N LYS B 160 46.28 35.55 51.40
CA LYS B 160 47.71 35.46 51.30
C LYS B 160 48.15 35.30 49.85
N THR B 161 49.44 35.46 49.62
CA THR B 161 50.08 35.06 48.38
C THR B 161 50.97 33.88 48.68
N VAL B 162 50.87 32.83 47.86
CA VAL B 162 51.61 31.60 48.11
C VAL B 162 53.03 31.77 47.58
N SER B 163 54.01 31.39 48.40
CA SER B 163 55.42 31.64 48.11
C SER B 163 56.01 30.55 47.23
N ILE B 164 57.20 30.83 46.69
CA ILE B 164 57.82 29.88 45.79
C ILE B 164 58.44 28.73 46.56
N GLU B 165 58.63 28.87 47.88
CA GLU B 165 59.09 27.75 48.68
C GLU B 165 58.02 26.67 48.78
N ASN B 166 56.77 27.08 49.02
CA ASN B 166 55.68 26.11 49.08
C ASN B 166 55.38 25.54 47.70
N LEU B 167 55.67 26.30 46.65
CA LEU B 167 55.47 25.80 45.30
C LEU B 167 56.51 24.74 44.92
N ASN B 168 57.72 24.83 45.48
CA ASN B 168 58.72 23.86 45.09
C ASN B 168 58.65 22.59 45.93
N THR B 169 58.24 22.69 47.20
CA THR B 169 58.04 21.48 47.98
C THR B 169 56.75 20.75 47.61
N VAL B 170 55.85 21.40 46.89
CA VAL B 170 54.68 20.69 46.41
C VAL B 170 54.98 20.04 45.06
N THR B 171 55.96 20.57 44.34
CA THR B 171 56.36 19.95 43.08
C THR B 171 57.29 18.76 43.33
N ASP B 172 58.00 18.76 44.45
CA ASP B 172 58.82 17.60 44.79
C ASP B 172 57.97 16.42 45.19
N LYS B 173 56.78 16.66 45.75
CA LYS B 173 55.87 15.57 46.04
C LYS B 173 55.32 14.95 44.76
N TYR B 174 55.32 15.71 43.66
CA TYR B 174 54.93 15.15 42.38
C TYR B 174 56.02 14.23 41.83
N ALA B 175 57.23 14.77 41.64
CA ALA B 175 58.28 14.06 40.91
C ALA B 175 58.83 12.87 41.68
N ALA B 176 58.70 12.85 43.01
CA ALA B 176 59.10 11.67 43.76
C ALA B 176 58.12 10.52 43.58
N ALA B 177 56.89 10.81 43.15
CA ALA B 177 55.99 9.75 42.76
C ALA B 177 56.37 9.15 41.41
N LEU B 178 57.10 9.89 40.57
CA LEU B 178 57.54 9.36 39.29
C LEU B 178 58.62 8.29 39.44
N VAL B 179 59.34 8.29 40.56
CA VAL B 179 60.21 7.16 40.87
C VAL B 179 59.33 5.92 41.03
N PRO B 180 59.58 4.85 40.30
CA PRO B 180 58.76 3.66 40.43
C PRO B 180 58.97 3.00 41.79
N LYS B 181 57.92 2.29 42.23
CA LYS B 181 57.84 1.78 43.58
C LYS B 181 58.91 0.74 43.86
N ARG B 182 59.29 -0.04 42.85
CA ARG B 182 60.32 -1.06 43.03
C ARG B 182 61.16 -1.06 41.75
N LYS B 183 62.23 -0.28 41.76
CA LYS B 183 63.03 -0.09 40.56
C LYS B 183 64.24 -1.00 40.57
N LEU B 184 64.73 -1.32 39.37
CA LEU B 184 66.04 -1.92 39.25
C LEU B 184 67.10 -0.92 39.67
N ALA B 185 68.22 -1.43 40.20
CA ALA B 185 69.37 -0.58 40.47
C ALA B 185 70.29 -0.59 39.25
N LEU B 186 69.76 -0.09 38.15
CA LEU B 186 70.53 0.01 36.92
C LEU B 186 71.57 1.11 37.10
N PRO B 187 72.86 0.78 37.12
CA PRO B 187 73.87 1.74 37.58
C PRO B 187 74.44 2.59 36.46
N VAL B 188 74.81 3.81 36.84
CA VAL B 188 75.59 4.69 36.00
C VAL B 188 76.92 4.93 36.68
N LEU B 189 77.99 4.69 35.96
CA LEU B 189 79.32 4.79 36.54
C LEU B 189 79.65 6.26 36.77
N PRO B 190 80.12 6.64 37.95
CA PRO B 190 80.47 8.03 38.21
C PRO B 190 81.67 8.48 37.39
N GLU B 191 81.69 9.77 37.06
CA GLU B 191 82.68 10.29 36.13
C GLU B 191 84.09 10.24 36.72
N GLY B 192 84.21 10.48 38.03
CA GLY B 192 85.51 10.46 38.67
C GLY B 192 86.12 9.07 38.73
N VAL B 193 85.29 8.04 38.83
CA VAL B 193 85.82 6.68 38.80
C VAL B 193 86.18 6.27 37.39
N LYS B 194 85.43 6.74 36.39
CA LYS B 194 85.58 6.17 35.06
C LYS B 194 86.83 6.70 34.35
N LYS B 195 87.21 7.96 34.59
CA LYS B 195 88.44 8.45 33.98
C LYS B 195 89.68 7.95 34.72
N ALA B 196 89.53 7.63 36.00
CA ALA B 196 90.67 7.28 36.84
C ALA B 196 91.21 5.90 36.51
N VAL B 197 90.35 5.01 36.02
CA VAL B 197 90.87 3.77 35.45
C VAL B 197 91.25 3.99 33.99
N GLU B 198 90.65 4.98 33.32
CA GLU B 198 90.88 5.14 31.89
C GLU B 198 92.23 5.79 31.59
N ASP B 199 92.71 6.68 32.46
CA ASP B 199 94.07 7.16 32.27
C ASP B 199 95.11 6.17 32.77
N PHE B 200 94.72 5.26 33.67
CA PHE B 200 95.62 4.18 34.10
C PHE B 200 95.97 3.27 32.94
N ALA B 201 94.98 2.94 32.11
CA ALA B 201 95.25 2.16 30.92
C ALA B 201 95.86 3.03 29.82
N ALA B 202 95.64 4.34 29.87
CA ALA B 202 96.23 5.21 28.87
C ALA B 202 97.72 5.43 29.11
N SER B 203 98.17 5.32 30.36
CA SER B 203 99.58 5.47 30.68
C SER B 203 100.40 4.29 30.20
N VAL B 204 99.80 3.11 30.15
CA VAL B 204 100.51 1.87 29.96
C VAL B 204 100.45 1.37 28.51
N GLY B 205 99.91 2.18 27.59
CA GLY B 205 99.93 1.85 26.18
C GLY B 205 98.61 1.41 25.60
N GLN B 206 97.61 1.07 26.42
CA GLN B 206 96.31 0.61 25.93
C GLN B 206 95.27 1.73 26.00
N ALA B 207 95.69 2.94 25.65
CA ALA B 207 94.78 4.08 25.57
C ALA B 207 93.69 3.89 24.52
N LYS B 208 93.97 3.13 23.46
CA LYS B 208 93.01 2.95 22.38
C LYS B 208 91.83 2.09 22.82
N ASN B 209 92.04 1.18 23.76
CA ASN B 209 90.96 0.36 24.31
C ASN B 209 90.60 0.79 25.72
N ALA B 210 90.99 2.00 26.13
CA ALA B 210 90.64 2.48 27.46
C ALA B 210 89.14 2.74 27.59
N SER B 211 88.53 3.27 26.53
CA SER B 211 87.09 3.54 26.57
C SER B 211 86.29 2.25 26.53
N GLU B 212 86.82 1.22 25.88
CA GLU B 212 86.09 -0.04 25.77
C GLU B 212 86.15 -0.85 27.07
N VAL B 213 87.24 -0.71 27.83
CA VAL B 213 87.34 -1.38 29.12
C VAL B 213 86.31 -0.82 30.09
N SER B 214 86.05 0.48 30.01
CA SER B 214 85.00 1.08 30.83
C SER B 214 83.62 0.59 30.43
N GLU B 215 83.43 0.24 29.15
CA GLU B 215 82.17 -0.35 28.73
C GLU B 215 81.94 -1.71 29.36
N LEU B 216 82.99 -2.55 29.35
CA LEU B 216 82.90 -3.85 30.02
C LEU B 216 82.79 -3.68 31.52
N LEU B 217 83.38 -2.61 32.06
CA LEU B 217 83.12 -2.24 33.45
C LEU B 217 81.67 -1.84 33.63
N ALA B 218 81.10 -1.13 32.65
CA ALA B 218 79.73 -0.67 32.78
C ALA B 218 78.74 -1.82 32.60
N LYS B 219 79.02 -2.75 31.69
CA LYS B 219 78.10 -3.86 31.45
C LYS B 219 78.05 -4.80 32.65
N SER B 220 79.19 -5.07 33.27
CA SER B 220 79.23 -6.07 34.33
C SER B 220 78.55 -5.56 35.59
N LEU B 221 78.60 -4.25 35.85
CA LEU B 221 77.80 -3.71 36.93
C LEU B 221 76.32 -3.74 36.58
N ALA B 222 75.99 -3.56 35.31
CA ALA B 222 74.59 -3.53 34.87
C ALA B 222 74.02 -4.91 34.60
N GLU B 223 74.87 -5.90 34.33
CA GLU B 223 74.36 -7.26 34.11
C GLU B 223 73.88 -7.87 35.42
N LYS B 224 74.71 -7.83 36.46
CA LYS B 224 74.29 -8.33 37.77
C LYS B 224 73.69 -7.21 38.63
N ALA B 225 72.86 -6.36 38.03
CA ALA B 225 72.27 -5.26 38.76
C ALA B 225 71.21 -5.77 39.72
N VAL B 226 71.13 -5.16 40.89
CA VAL B 226 70.30 -5.69 41.97
C VAL B 226 68.94 -5.02 41.92
N VAL B 227 67.98 -5.58 42.64
CA VAL B 227 66.59 -5.13 42.61
C VAL B 227 66.32 -4.33 43.87
N THR B 228 65.82 -3.10 43.70
CA THR B 228 65.67 -2.15 44.79
C THR B 228 64.19 -1.88 45.07
N GLU B 229 63.84 -1.84 46.35
CA GLU B 229 62.49 -1.50 46.81
C GLU B 229 62.43 -0.08 47.34
N GLY B 230 63.34 0.27 48.24
CA GLY B 230 63.51 1.64 48.67
C GLY B 230 64.97 2.01 48.61
N GLY B 231 65.70 1.33 47.72
CA GLY B 231 67.14 1.38 47.65
C GLY B 231 67.81 0.17 48.27
N LYS B 232 67.18 -0.44 49.26
CA LYS B 232 67.69 -1.68 49.82
C LYS B 232 67.50 -2.81 48.81
N VAL B 233 68.35 -3.82 48.94
CA VAL B 233 68.30 -4.94 48.01
C VAL B 233 67.11 -5.82 48.36
N VAL B 234 66.42 -6.30 47.33
CA VAL B 234 65.39 -7.32 47.49
C VAL B 234 66.06 -8.66 47.20
N GLU B 235 66.31 -9.43 48.24
CA GLU B 235 67.08 -10.66 48.13
C GLU B 235 66.16 -11.84 47.78
N GLY B 236 66.75 -12.82 47.10
CA GLY B 236 66.00 -13.95 46.60
C GLY B 236 65.04 -13.63 45.47
N PHE B 237 65.17 -12.45 44.87
CA PHE B 237 64.17 -11.94 43.95
C PHE B 237 64.40 -12.51 42.56
N SER B 238 63.36 -13.11 41.99
CA SER B 238 63.42 -13.70 40.66
C SER B 238 62.58 -12.85 39.72
N TYR B 239 63.24 -12.20 38.76
CA TYR B 239 62.53 -11.43 37.74
C TYR B 239 63.02 -11.84 36.37
N VAL B 240 62.08 -11.95 35.44
CA VAL B 240 62.34 -12.34 34.06
C VAL B 240 61.88 -11.17 33.20
N SER B 241 62.83 -10.44 32.64
CA SER B 241 62.47 -9.22 31.92
C SER B 241 62.01 -9.55 30.50
N LYS B 242 61.78 -8.48 29.72
CA LYS B 242 61.23 -8.63 28.38
C LYS B 242 62.23 -9.22 27.40
N ALA B 243 63.53 -9.22 27.75
CA ALA B 243 64.52 -9.84 26.90
C ALA B 243 64.35 -11.36 26.85
N VAL B 244 64.21 -11.99 28.01
CA VAL B 244 63.99 -13.43 28.06
C VAL B 244 62.56 -13.75 27.66
N ALA B 245 61.65 -12.78 27.81
CA ALA B 245 60.22 -13.01 27.60
C ALA B 245 59.92 -13.30 26.13
N ALA B 246 60.63 -12.63 25.22
CA ALA B 246 60.46 -13.03 23.84
C ALA B 246 61.35 -14.20 23.46
N LYS B 247 62.42 -14.44 24.21
CA LYS B 247 63.35 -15.50 23.82
C LYS B 247 62.78 -16.88 24.14
N VAL B 248 62.00 -16.99 25.21
CA VAL B 248 61.25 -18.23 25.44
C VAL B 248 60.17 -18.39 24.38
N ILE B 249 59.48 -17.30 24.04
CA ILE B 249 58.35 -17.37 23.13
C ILE B 249 58.81 -17.62 21.70
N ALA B 250 59.88 -16.96 21.26
CA ALA B 250 60.33 -17.12 19.87
C ALA B 250 60.98 -18.48 19.65
N THR B 251 61.28 -19.22 20.72
CA THR B 251 61.56 -20.63 20.55
C THR B 251 60.28 -21.42 20.36
N ARG B 252 59.26 -21.15 21.17
CA ARG B 252 58.00 -21.90 21.08
C ARG B 252 57.24 -21.56 19.81
N ARG B 253 57.36 -20.32 19.34
CA ARG B 253 56.84 -19.99 18.03
C ARG B 253 57.67 -20.62 16.93
N ALA B 254 58.94 -20.94 17.21
CA ALA B 254 59.73 -21.67 16.24
C ALA B 254 59.49 -23.17 16.34
N GLU B 255 59.34 -23.68 17.57
CA GLU B 255 59.26 -25.12 17.75
C GLU B 255 57.89 -25.67 17.39
N VAL B 256 56.82 -24.92 17.64
CA VAL B 256 55.50 -25.44 17.32
C VAL B 256 55.17 -25.22 15.86
N HIS B 257 55.56 -24.08 15.29
CA HIS B 257 55.26 -23.82 13.89
C HIS B 257 56.07 -24.71 12.97
N GLU B 258 57.27 -25.11 13.38
CA GLU B 258 57.97 -26.12 12.61
C GLU B 258 57.36 -27.50 12.80
N ARG B 259 56.59 -27.70 13.86
CA ARG B 259 55.83 -28.95 13.96
C ARG B 259 54.58 -28.91 13.10
N LEU B 260 53.99 -27.73 12.92
CA LEU B 260 52.95 -27.56 11.91
C LEU B 260 53.54 -27.71 10.52
N LEU B 261 54.79 -27.28 10.35
CA LEU B 261 55.48 -27.47 9.07
C LEU B 261 55.71 -28.95 8.80
N LYS B 262 55.99 -29.73 9.83
CA LYS B 262 56.20 -31.16 9.62
C LYS B 262 54.88 -31.88 9.36
N LEU B 263 53.81 -31.47 10.04
CA LEU B 263 52.54 -32.17 9.93
C LEU B 263 51.93 -32.02 8.54
N TRP B 264 52.06 -30.85 7.92
CA TRP B 264 51.65 -30.76 6.54
C TRP B 264 52.67 -31.37 5.60
N ALA B 265 53.91 -31.59 6.05
CA ALA B 265 54.90 -32.18 5.16
C ALA B 265 54.67 -33.68 4.99
N LYS B 266 54.18 -34.34 6.03
CA LYS B 266 53.93 -35.77 5.93
C LYS B 266 52.72 -36.06 5.05
N ARG B 267 51.74 -35.16 5.05
CA ARG B 267 50.54 -35.38 4.25
C ARG B 267 50.83 -35.16 2.77
N LEU B 268 51.64 -34.16 2.45
CA LEU B 268 51.87 -33.83 1.05
C LEU B 268 52.82 -34.78 0.35
N LEU B 269 53.66 -35.48 1.11
CA LEU B 269 54.54 -36.47 0.50
C LEU B 269 53.78 -37.70 0.06
N VAL B 270 52.96 -38.24 0.96
CA VAL B 270 52.32 -39.52 0.71
C VAL B 270 51.15 -39.38 -0.25
N SER B 271 50.62 -38.17 -0.42
CA SER B 271 49.47 -37.93 -1.27
C SER B 271 49.43 -36.46 -1.65
N PRO B 272 50.16 -36.07 -2.68
CA PRO B 272 50.26 -34.65 -3.05
C PRO B 272 49.04 -34.08 -3.74
N GLU B 273 47.93 -34.83 -3.81
CA GLU B 273 46.69 -34.27 -4.32
C GLU B 273 46.04 -33.30 -3.35
N LEU B 274 46.55 -33.20 -2.12
CA LEU B 274 46.00 -32.27 -1.15
C LEU B 274 46.39 -30.83 -1.40
N ALA B 275 47.35 -30.57 -2.29
CA ALA B 275 47.85 -29.23 -2.47
C ALA B 275 46.91 -28.34 -3.27
N ILE B 276 46.05 -28.93 -4.11
CA ILE B 276 45.26 -28.11 -5.01
C ILE B 276 44.03 -27.51 -4.37
N VAL B 277 43.68 -27.92 -3.15
CA VAL B 277 42.57 -27.32 -2.42
C VAL B 277 43.15 -26.30 -1.45
N PRO B 278 42.90 -25.00 -1.64
CA PRO B 278 43.45 -24.01 -0.71
C PRO B 278 42.70 -24.05 0.61
N LEU B 279 43.44 -23.77 1.68
CA LEU B 279 42.95 -24.03 3.04
C LEU B 279 41.81 -23.12 3.44
N ASN B 280 41.68 -21.96 2.81
CA ASN B 280 40.55 -21.09 3.09
C ASN B 280 39.23 -21.68 2.58
N GLU B 281 39.29 -22.55 1.58
CA GLU B 281 38.08 -23.15 1.03
C GLU B 281 37.99 -24.65 1.32
N PHE B 282 38.59 -25.09 2.42
CA PHE B 282 38.45 -26.48 2.82
C PHE B 282 37.30 -26.68 3.80
N ASP B 283 37.01 -25.69 4.64
CA ASP B 283 35.85 -25.77 5.50
C ASP B 283 34.56 -25.50 4.75
N ALA B 284 34.62 -24.81 3.62
CA ALA B 284 33.42 -24.49 2.86
C ALA B 284 33.01 -25.59 1.91
N GLN B 285 33.74 -26.70 1.87
CA GLN B 285 33.37 -27.81 1.01
C GLN B 285 32.76 -28.97 1.77
N LEU B 286 32.66 -28.87 3.09
CA LEU B 286 32.18 -30.01 3.87
C LEU B 286 30.66 -30.04 3.88
N ALA B 287 30.12 -31.15 4.37
CA ALA B 287 28.67 -31.33 4.40
C ALA B 287 28.32 -32.28 5.53
N SER B 288 27.03 -32.45 5.76
CA SER B 288 26.61 -33.33 6.84
C SER B 288 26.64 -34.78 6.39
N LYS B 289 25.84 -35.12 5.38
CA LYS B 289 26.04 -36.40 4.70
C LYS B 289 27.24 -36.29 3.79
N PHE B 290 27.71 -37.43 3.29
CA PHE B 290 28.91 -37.39 2.46
C PHE B 290 28.60 -36.86 1.07
N GLU B 291 27.52 -37.34 0.44
CA GLU B 291 27.27 -37.00 -0.96
C GLU B 291 26.84 -35.56 -1.17
N GLY B 292 26.61 -34.80 -0.09
CA GLY B 292 26.38 -33.38 -0.20
C GLY B 292 27.62 -32.55 -0.36
N ILE B 293 28.81 -33.18 -0.34
CA ILE B 293 30.05 -32.47 -0.62
C ILE B 293 30.04 -32.00 -2.07
N SER B 294 30.27 -30.72 -2.28
CA SER B 294 30.11 -30.12 -3.60
C SER B 294 31.14 -30.67 -4.59
N PRO B 295 30.76 -30.86 -5.84
CA PRO B 295 31.72 -31.38 -6.83
C PRO B 295 32.65 -30.32 -7.41
N LYS B 296 32.79 -29.19 -6.71
CA LYS B 296 33.75 -28.17 -7.11
C LYS B 296 35.18 -28.70 -7.02
N TYR B 297 35.45 -29.63 -6.10
CA TYR B 297 36.76 -30.25 -6.03
C TYR B 297 36.63 -31.75 -5.81
N GLN B 298 35.60 -32.36 -6.39
CA GLN B 298 35.48 -33.81 -6.33
C GLN B 298 36.27 -34.48 -7.45
N GLU B 299 35.95 -34.14 -8.69
CA GLU B 299 36.66 -34.74 -9.80
C GLU B 299 38.04 -34.11 -9.99
N LEU B 300 38.24 -32.89 -9.49
CA LEU B 300 39.50 -32.22 -9.75
C LEU B 300 40.59 -32.75 -8.83
N LEU B 301 40.21 -33.19 -7.63
CA LEU B 301 41.21 -33.65 -6.69
C LEU B 301 41.61 -35.10 -6.97
N SER B 302 40.67 -35.92 -7.41
CA SER B 302 41.00 -37.31 -7.69
C SER B 302 41.78 -37.45 -8.99
N ALA B 303 41.63 -36.50 -9.91
CA ALA B 303 42.31 -36.57 -11.19
C ALA B 303 43.73 -36.03 -11.13
N VAL B 304 44.04 -35.16 -10.18
CA VAL B 304 45.45 -34.81 -9.97
C VAL B 304 46.14 -35.91 -9.17
N ALA B 305 45.36 -36.76 -8.50
CA ALA B 305 45.92 -37.83 -7.69
C ALA B 305 46.52 -38.95 -8.52
N GLN B 306 46.22 -39.02 -9.81
CA GLN B 306 46.64 -40.15 -10.63
C GLN B 306 48.10 -40.10 -11.04
N GLY B 307 48.84 -39.06 -10.68
CA GLY B 307 50.24 -38.96 -11.04
C GLY B 307 50.44 -38.09 -12.27
N ASN B 308 51.70 -37.99 -12.69
CA ASN B 308 52.01 -37.11 -13.81
C ASN B 308 51.60 -37.66 -15.15
N LYS B 309 51.11 -38.90 -15.22
CA LYS B 309 50.72 -39.53 -16.46
C LYS B 309 49.24 -39.87 -16.41
N THR B 310 48.52 -39.50 -17.46
CA THR B 310 47.08 -39.74 -17.51
C THR B 310 46.78 -41.20 -17.86
N PHE B 311 45.52 -41.49 -18.19
CA PHE B 311 45.12 -42.88 -18.38
C PHE B 311 45.69 -43.46 -19.66
N ALA B 312 45.72 -42.67 -20.72
CA ALA B 312 46.32 -43.16 -21.97
C ALA B 312 47.83 -43.31 -21.85
N GLN B 313 48.45 -42.50 -21.00
CA GLN B 313 49.89 -42.47 -20.93
C GLN B 313 50.46 -43.71 -20.25
N ARG B 314 49.71 -44.32 -19.35
CA ARG B 314 50.23 -45.50 -18.67
C ARG B 314 50.12 -46.73 -19.55
N LEU B 315 49.07 -46.78 -20.39
CA LEU B 315 48.88 -47.95 -21.24
C LEU B 315 49.92 -48.01 -22.36
N ASN B 316 50.41 -46.87 -22.81
CA ASN B 316 51.54 -46.88 -23.74
C ASN B 316 52.81 -47.34 -23.06
N SER B 317 52.97 -47.07 -21.77
CA SER B 317 54.11 -47.62 -21.05
C SER B 317 53.81 -48.99 -20.49
N SER B 318 52.59 -49.49 -20.63
CA SER B 318 52.24 -50.78 -20.11
C SER B 318 52.89 -51.89 -20.93
N PRO B 319 53.11 -53.06 -20.33
CA PRO B 319 53.56 -54.22 -21.10
C PRO B 319 52.60 -54.69 -22.18
N ALA B 320 51.34 -54.27 -22.15
CA ALA B 320 50.39 -54.69 -23.18
C ALA B 320 50.77 -54.14 -24.55
N PHE B 321 50.90 -52.82 -24.66
CA PHE B 321 51.21 -52.22 -25.94
C PHE B 321 52.65 -52.39 -26.38
N SER B 322 53.53 -52.95 -25.54
CA SER B 322 54.87 -53.28 -25.98
C SER B 322 54.98 -54.72 -26.46
N SER B 323 53.89 -55.29 -26.94
CA SER B 323 53.93 -56.58 -27.62
C SER B 323 54.16 -56.36 -29.12
N PHE B 324 53.94 -57.41 -29.91
CA PHE B 324 54.23 -57.33 -31.33
C PHE B 324 53.16 -56.55 -32.08
N LEU B 325 51.89 -56.86 -31.83
CA LEU B 325 50.84 -56.37 -32.70
C LEU B 325 50.45 -54.94 -32.40
N LEU B 326 50.69 -54.46 -31.19
CA LEU B 326 50.20 -53.16 -30.74
C LEU B 326 51.32 -52.17 -30.51
N LYS B 327 52.44 -52.32 -31.20
CA LYS B 327 53.58 -51.45 -30.98
C LYS B 327 53.36 -50.08 -31.59
N ARG B 328 52.95 -50.03 -32.85
CA ARG B 328 52.81 -48.79 -33.61
C ARG B 328 51.52 -48.05 -33.34
N GLU B 329 50.79 -48.37 -32.28
CA GLU B 329 49.57 -47.67 -31.96
C GLU B 329 49.73 -46.93 -30.65
N LYS B 330 48.86 -45.96 -30.42
CA LYS B 330 48.84 -45.18 -29.19
C LYS B 330 47.50 -45.32 -28.52
N ALA B 331 47.50 -45.16 -27.20
CA ALA B 331 46.27 -45.30 -26.42
C ALA B 331 45.32 -44.14 -26.60
N GLU B 332 45.80 -43.00 -27.10
CA GLU B 332 44.91 -41.88 -27.38
C GLU B 332 43.99 -42.17 -28.55
N SER B 333 44.43 -43.05 -29.47
CA SER B 333 43.67 -43.33 -30.68
C SER B 333 42.37 -44.08 -30.38
N GLU B 334 42.25 -44.70 -29.22
CA GLU B 334 40.94 -45.20 -28.78
C GLU B 334 40.24 -44.19 -27.87
N VAL B 335 40.86 -43.85 -26.75
CA VAL B 335 40.27 -42.96 -25.76
C VAL B 335 41.05 -41.65 -25.78
N PRO B 336 40.48 -40.55 -26.28
CA PRO B 336 41.11 -39.25 -26.11
C PRO B 336 40.77 -38.68 -24.74
N PRO B 337 41.78 -38.34 -23.93
CA PRO B 337 41.48 -37.80 -22.60
C PRO B 337 40.93 -36.39 -22.69
N SER B 338 39.92 -36.11 -21.87
CA SER B 338 39.27 -34.81 -21.88
C SER B 338 40.21 -33.73 -21.36
N GLU B 339 39.85 -32.48 -21.65
CA GLU B 339 40.75 -31.36 -21.40
C GLU B 339 40.93 -31.07 -19.92
N LEU B 340 40.04 -31.58 -19.07
CA LEU B 340 40.27 -31.50 -17.64
C LEU B 340 41.47 -32.35 -17.22
N GLU B 341 41.55 -33.58 -17.75
CA GLU B 341 42.56 -34.52 -17.27
C GLU B 341 43.97 -34.13 -17.70
N LEU B 342 44.10 -33.45 -18.84
CA LEU B 342 45.41 -32.97 -19.24
C LEU B 342 45.88 -31.86 -18.32
N GLU B 343 44.96 -30.98 -17.91
CA GLU B 343 45.32 -29.97 -16.92
C GLU B 343 45.45 -30.58 -15.53
N ALA B 344 44.90 -31.77 -15.32
CA ALA B 344 45.04 -32.41 -14.02
C ALA B 344 46.45 -32.95 -13.83
N ALA B 345 46.95 -33.74 -14.79
CA ALA B 345 48.31 -34.27 -14.66
C ALA B 345 49.36 -33.20 -14.85
N GLN B 346 48.98 -32.09 -15.48
CA GLN B 346 49.87 -30.93 -15.55
C GLN B 346 50.14 -30.39 -14.15
N LYS B 347 49.09 -30.25 -13.34
CA LYS B 347 49.30 -29.84 -11.97
C LYS B 347 49.90 -30.95 -11.12
N ALA B 348 49.80 -32.21 -11.55
CA ALA B 348 50.48 -33.27 -10.83
C ALA B 348 51.99 -33.21 -11.05
N ALA B 349 52.41 -32.91 -12.29
CA ALA B 349 53.83 -32.72 -12.57
C ALA B 349 54.36 -31.47 -11.92
N GLU B 350 53.52 -30.44 -11.78
CA GLU B 350 53.93 -29.24 -11.07
C GLU B 350 54.02 -29.47 -9.57
N LEU B 351 53.38 -30.51 -9.06
CA LEU B 351 53.39 -30.81 -7.64
C LEU B 351 54.15 -32.08 -7.31
N GLU B 352 55.07 -32.50 -8.18
CA GLU B 352 55.89 -33.66 -7.87
C GLU B 352 56.88 -33.33 -6.75
N ASP B 353 57.41 -32.15 -6.75
CA ASP B 353 58.31 -31.79 -5.67
C ASP B 353 57.51 -31.45 -4.42
N PRO B 354 57.98 -31.84 -3.24
CA PRO B 354 57.28 -31.44 -2.02
C PRO B 354 57.51 -30.00 -1.64
N GLU B 355 58.64 -29.41 -2.06
CA GLU B 355 58.93 -28.03 -1.69
C GLU B 355 57.98 -27.06 -2.37
N VAL B 356 57.73 -27.26 -3.66
CA VAL B 356 56.78 -26.40 -4.36
C VAL B 356 55.36 -26.75 -3.94
N ALA B 357 55.15 -27.97 -3.43
CA ALA B 357 53.83 -28.34 -2.93
C ALA B 357 53.52 -27.61 -1.64
N LEU B 358 54.51 -27.50 -0.75
CA LEU B 358 54.28 -26.86 0.53
C LEU B 358 54.07 -25.35 0.38
N ARG B 359 54.86 -24.70 -0.47
CA ARG B 359 54.73 -23.26 -0.64
C ARG B 359 53.47 -22.87 -1.39
N THR B 360 52.85 -23.79 -2.12
CA THR B 360 51.55 -23.52 -2.72
C THR B 360 50.40 -23.76 -1.75
N LEU B 361 50.61 -24.55 -0.71
CA LEU B 361 49.53 -24.85 0.21
C LEU B 361 49.67 -24.11 1.53
N LEU B 362 50.89 -23.99 2.04
CA LEU B 362 51.11 -23.21 3.24
C LEU B 362 51.37 -21.75 2.89
N GLY B 363 52.37 -21.49 2.04
CA GLY B 363 52.67 -20.16 1.60
C GLY B 363 53.25 -19.31 2.71
N PRO B 364 52.56 -18.23 3.06
CA PRO B 364 52.99 -17.42 4.20
C PRO B 364 52.79 -18.09 5.55
N GLN B 365 52.13 -19.25 5.62
CA GLN B 365 52.17 -20.08 6.81
C GLN B 365 53.38 -21.00 6.86
N MET B 366 54.40 -20.74 6.06
CA MET B 366 55.64 -21.49 6.20
C MET B 366 56.62 -20.80 7.12
N GLU B 367 56.68 -19.47 7.05
CA GLU B 367 57.50 -18.68 7.95
C GLU B 367 56.88 -18.69 9.35
N ALA B 368 57.61 -18.15 10.31
CA ALA B 368 57.23 -18.25 11.71
C ALA B 368 56.07 -17.30 12.03
N LEU B 369 55.68 -17.24 13.31
CA LEU B 369 54.59 -16.36 13.71
C LEU B 369 55.04 -14.90 13.75
N GLY B 370 56.30 -14.64 14.08
CA GLY B 370 56.79 -13.28 14.13
C GLY B 370 58.13 -13.09 13.47
N ALA B 371 58.78 -14.18 13.09
CA ALA B 371 60.12 -14.11 12.52
C ALA B 371 60.09 -14.09 11.00
N SER B 372 59.08 -13.46 10.42
CA SER B 372 58.97 -13.35 8.98
C SER B 372 59.78 -12.17 8.49
N ASP B 373 59.60 -11.81 7.23
CA ASP B 373 60.24 -10.64 6.68
C ASP B 373 59.47 -9.36 6.98
N LEU B 374 58.14 -9.41 6.89
CA LEU B 374 57.32 -8.23 7.07
C LEU B 374 57.16 -7.91 8.56
N LEU B 375 56.41 -6.84 8.83
CA LEU B 375 56.14 -6.47 10.21
C LEU B 375 55.14 -7.44 10.82
N LEU B 376 55.07 -7.43 12.15
CA LEU B 376 54.20 -8.36 12.87
C LEU B 376 52.73 -8.05 12.64
N SER B 377 52.40 -6.79 12.39
CA SER B 377 51.02 -6.43 12.14
C SER B 377 50.57 -6.87 10.75
N GLU B 378 51.43 -6.68 9.74
CA GLU B 378 51.07 -7.15 8.40
C GLU B 378 51.17 -8.65 8.28
N GLN B 379 51.90 -9.31 9.18
CA GLN B 379 51.96 -10.78 9.11
C GLN B 379 50.64 -11.40 9.53
N ILE B 380 49.98 -10.84 10.55
CA ILE B 380 48.68 -11.33 10.97
C ILE B 380 47.63 -11.04 9.90
N ARG B 381 47.82 -9.98 9.11
CA ARG B 381 46.97 -9.76 7.96
C ARG B 381 47.15 -10.83 6.90
N VAL B 382 48.39 -11.25 6.65
CA VAL B 382 48.61 -12.23 5.58
C VAL B 382 48.54 -13.66 6.09
N ILE B 383 48.58 -13.87 7.41
CA ILE B 383 48.26 -15.19 7.95
C ILE B 383 46.76 -15.43 7.84
N THR B 384 45.96 -14.48 8.29
CA THR B 384 44.53 -14.71 8.41
C THR B 384 43.84 -14.62 7.05
N GLU B 385 44.38 -13.83 6.12
CA GLU B 385 43.84 -13.81 4.77
C GLU B 385 44.10 -15.14 4.07
N HIS B 386 45.18 -15.83 4.42
CA HIS B 386 45.43 -17.14 3.85
C HIS B 386 44.54 -18.21 4.46
N ARG B 387 44.24 -18.12 5.74
CA ARG B 387 43.58 -19.21 6.42
C ARG B 387 42.08 -19.21 6.19
N TYR B 388 41.46 -18.04 6.05
CA TYR B 388 40.01 -17.96 6.12
C TYR B 388 39.45 -17.12 4.98
N THR B 389 38.21 -17.42 4.62
CA THR B 389 37.45 -16.58 3.71
C THR B 389 36.93 -15.36 4.45
N PRO B 390 36.55 -14.30 3.73
CA PRO B 390 36.03 -13.11 4.42
C PRO B 390 34.61 -13.21 4.99
N ASP B 391 34.04 -14.41 5.13
CA ASP B 391 32.80 -14.55 5.89
C ASP B 391 32.94 -15.53 7.06
N ARG B 392 34.16 -15.96 7.37
CA ARG B 392 34.40 -16.73 8.58
C ARG B 392 34.62 -15.78 9.74
N LEU B 393 34.21 -16.22 10.94
CA LEU B 393 34.31 -15.38 12.12
C LEU B 393 35.76 -15.17 12.53
N GLN B 394 36.57 -16.22 12.40
CA GLN B 394 37.97 -16.09 12.76
C GLN B 394 38.77 -15.25 11.76
N TYR B 395 38.19 -14.89 10.63
CA TYR B 395 38.83 -13.87 9.79
C TYR B 395 38.61 -12.47 10.37
N LYS B 396 37.39 -12.19 10.81
CA LYS B 396 37.09 -10.86 11.31
C LYS B 396 37.72 -10.61 12.67
N GLU B 397 38.01 -11.67 13.41
CA GLU B 397 38.87 -11.49 14.58
C GLU B 397 40.32 -11.30 14.16
N GLY B 398 40.73 -11.94 13.05
CA GLY B 398 42.09 -11.78 12.58
C GLY B 398 42.38 -10.38 12.06
N MET B 399 41.39 -9.77 11.41
CA MET B 399 41.56 -8.39 10.99
C MET B 399 41.48 -7.45 12.17
N LYS B 400 40.72 -7.81 13.20
CA LYS B 400 40.61 -6.94 14.36
C LYS B 400 41.82 -7.12 15.28
N LEU B 401 42.43 -8.31 15.28
CA LEU B 401 43.63 -8.53 16.08
C LEU B 401 44.81 -7.75 15.53
N ALA B 402 44.98 -7.77 14.20
CA ALA B 402 46.11 -7.11 13.57
C ALA B 402 46.02 -5.59 13.69
N ASP B 403 44.81 -5.07 13.89
CA ASP B 403 44.70 -3.67 14.27
C ASP B 403 45.23 -3.45 15.68
N LYS B 404 44.99 -4.40 16.58
CA LYS B 404 45.42 -4.24 17.97
C LYS B 404 46.93 -4.41 18.09
N ILE B 405 47.54 -5.26 17.26
CA ILE B 405 48.99 -5.35 17.23
C ILE B 405 49.58 -4.07 16.65
N ALA B 406 48.91 -3.49 15.66
CA ALA B 406 49.33 -2.20 15.13
C ALA B 406 49.18 -1.10 16.16
N ALA B 407 48.24 -1.24 17.10
CA ALA B 407 48.12 -0.29 18.19
C ALA B 407 49.32 -0.35 19.11
N GLN B 408 49.68 -1.54 19.56
CA GLN B 408 50.81 -1.67 20.48
C GLN B 408 52.14 -1.50 19.77
N GLU B 409 52.17 -1.70 18.45
CA GLU B 409 53.38 -1.32 17.72
C GLU B 409 53.45 0.18 17.54
N ALA B 410 52.30 0.86 17.50
CA ALA B 410 52.31 2.31 17.46
C ALA B 410 52.76 2.89 18.79
N ALA B 411 52.37 2.24 19.90
CA ALA B 411 52.90 2.64 21.19
C ALA B 411 54.38 2.29 21.31
N LEU B 412 54.84 1.27 20.59
CA LEU B 412 56.27 1.03 20.50
C LEU B 412 56.92 2.11 19.64
N LYS B 413 56.18 2.63 18.66
CA LYS B 413 56.74 3.62 17.75
C LYS B 413 56.89 4.96 18.45
N GLU B 414 55.83 5.46 19.05
CA GLU B 414 55.83 6.81 19.60
C GLU B 414 56.50 6.92 20.96
N GLU B 415 57.02 5.83 21.50
CA GLU B 415 57.85 5.90 22.70
C GLU B 415 59.30 5.57 22.42
N LEU B 416 59.62 5.10 21.21
CA LEU B 416 60.99 4.96 20.76
C LEU B 416 61.38 5.99 19.71
N LYS B 417 60.50 6.92 19.36
CA LYS B 417 60.88 7.98 18.44
C LYS B 417 61.85 8.96 19.08
N VAL B 418 61.95 8.97 20.41
CA VAL B 418 62.80 9.91 21.11
C VAL B 418 64.27 9.57 20.90
N ILE B 419 64.59 8.29 20.77
CA ILE B 419 65.96 7.82 20.79
C ILE B 419 66.48 7.50 19.39
N TYR B 420 65.81 6.57 18.70
CA TYR B 420 66.36 5.98 17.48
C TYR B 420 66.02 6.75 16.22
N GLY B 421 65.73 8.03 16.32
CA GLY B 421 65.57 8.85 15.12
C GLY B 421 64.22 8.66 14.48
N ASP B 422 64.22 8.39 13.18
CA ASP B 422 62.99 8.26 12.40
C ASP B 422 62.82 6.86 11.82
N ASN B 423 63.83 6.34 11.13
CA ASN B 423 63.82 4.95 10.66
C ASN B 423 64.29 4.07 11.81
N VAL B 424 63.35 3.77 12.70
CA VAL B 424 63.65 3.07 13.94
C VAL B 424 63.93 1.59 13.69
N ASP B 425 63.46 1.05 12.57
CA ASP B 425 63.40 -0.38 12.29
C ASP B 425 62.67 -1.11 13.42
N VAL B 426 61.37 -0.82 13.51
CA VAL B 426 60.56 -1.21 14.65
C VAL B 426 60.37 -2.73 14.72
N LYS B 427 60.41 -3.42 13.57
CA LYS B 427 60.21 -4.87 13.56
C LYS B 427 61.36 -5.58 14.24
N HIS B 428 62.58 -5.07 14.08
CA HIS B 428 63.72 -5.63 14.79
C HIS B 428 63.59 -5.41 16.30
N PHE B 429 62.89 -4.35 16.71
CA PHE B 429 62.68 -4.12 18.13
C PHE B 429 61.50 -4.88 18.70
N GLN B 430 60.63 -5.44 17.85
CA GLN B 430 59.53 -6.22 18.41
C GLN B 430 59.86 -7.70 18.47
N ALA B 431 60.55 -8.24 17.47
CA ALA B 431 60.98 -9.64 17.54
C ALA B 431 62.08 -9.81 18.56
N SER B 432 62.93 -8.80 18.70
CA SER B 432 63.92 -8.74 19.77
C SER B 432 63.68 -7.48 20.58
N PRO B 433 63.09 -7.58 21.76
CA PRO B 433 62.85 -6.39 22.57
C PRO B 433 64.16 -5.87 23.13
N ARG B 434 64.13 -4.60 23.53
CA ARG B 434 65.33 -3.98 24.05
C ARG B 434 65.64 -4.52 25.44
N THR B 435 66.88 -4.94 25.62
CA THR B 435 67.35 -5.46 26.88
C THR B 435 67.34 -4.33 27.92
N PRO B 436 67.13 -4.64 29.21
CA PRO B 436 67.34 -3.61 30.24
C PRO B 436 68.74 -3.04 30.26
N VAL B 437 69.74 -3.86 29.94
CA VAL B 437 71.08 -3.34 29.69
C VAL B 437 71.08 -2.40 28.48
N GLN B 438 70.26 -2.73 27.47
CA GLN B 438 70.29 -1.96 26.22
C GLN B 438 69.63 -0.59 26.39
N GLN B 439 68.63 -0.48 27.27
CA GLN B 439 68.03 0.81 27.53
C GLN B 439 68.98 1.74 28.26
N LEU B 440 69.76 1.18 29.19
CA LEU B 440 70.57 1.99 30.09
C LEU B 440 71.73 2.65 29.35
N PHE B 441 72.36 1.92 28.43
CA PHE B 441 73.45 2.51 27.66
C PHE B 441 72.97 3.55 26.66
N ASP B 442 71.76 3.38 26.13
CA ASP B 442 71.26 4.34 25.15
C ASP B 442 70.76 5.61 25.80
N SER B 443 70.23 5.52 27.03
CA SER B 443 69.91 6.74 27.77
C SER B 443 71.17 7.46 28.21
N LEU B 444 72.30 6.78 28.29
CA LEU B 444 73.60 7.41 28.48
C LEU B 444 74.27 7.77 27.17
N LYS B 445 73.53 7.74 26.06
CA LYS B 445 74.01 8.30 24.81
C LYS B 445 73.33 9.61 24.47
N ASN B 446 72.21 9.93 25.10
CA ASN B 446 71.58 11.23 24.97
C ASN B 446 71.56 11.97 26.29
N ALA B 447 72.37 11.52 27.27
CA ALA B 447 72.38 12.14 28.59
C ALA B 447 72.89 13.56 28.53
N ALA B 448 74.04 13.77 27.89
CA ALA B 448 74.49 15.13 27.62
C ALA B 448 73.59 15.82 26.61
N ALA B 449 72.95 15.06 25.71
CA ALA B 449 72.01 15.65 24.79
C ALA B 449 70.70 16.04 25.47
N ASN B 450 70.38 15.44 26.61
CA ASN B 450 69.22 15.87 27.37
C ASN B 450 69.57 16.71 28.58
N LYS B 451 70.85 16.81 28.93
CA LYS B 451 71.23 17.74 29.99
C LYS B 451 71.27 19.17 29.47
N GLU B 452 71.80 19.37 28.26
CA GLU B 452 71.83 20.71 27.70
C GLU B 452 70.45 21.12 27.18
N ARG B 453 69.63 20.15 26.77
CA ARG B 453 68.33 20.48 26.19
C ARG B 453 67.36 20.97 27.26
N ALA B 454 67.47 20.40 28.46
CA ALA B 454 66.73 20.94 29.59
C ALA B 454 67.24 22.33 29.96
N ALA B 455 68.55 22.56 29.79
CA ALA B 455 69.12 23.87 30.06
C ALA B 455 68.68 24.89 29.02
N LYS B 456 68.31 24.44 27.83
CA LYS B 456 67.62 25.33 26.90
C LYS B 456 66.16 25.47 27.27
N GLU B 457 65.50 24.36 27.63
CA GLU B 457 64.07 24.39 27.89
C GLU B 457 63.74 25.11 29.19
N ALA B 458 64.65 25.12 30.15
CA ALA B 458 64.45 25.91 31.37
C ALA B 458 64.80 27.37 31.15
N ALA B 459 65.60 27.69 30.14
CA ALA B 459 65.94 29.06 29.83
C ALA B 459 65.00 29.68 28.80
N ALA B 460 63.92 28.99 28.46
CA ALA B 460 62.91 29.53 27.56
C ALA B 460 61.53 29.59 28.19
N ALA B 461 61.44 29.35 29.49
CA ALA B 461 60.14 29.31 30.16
C ALA B 461 59.68 30.71 30.53
N ALA B 462 58.37 30.85 30.71
CA ALA B 462 57.76 32.13 30.99
C ALA B 462 57.77 32.50 32.46
N SER B 463 58.34 31.65 33.32
CA SER B 463 58.35 31.91 34.75
C SER B 463 59.48 31.12 35.37
N PRO B 464 60.02 31.56 36.50
CA PRO B 464 61.03 30.75 37.20
C PRO B 464 60.46 29.53 37.89
N TYR B 465 59.14 29.41 38.04
CA TYR B 465 58.59 28.16 38.54
C TYR B 465 58.67 27.07 37.49
N LEU B 466 58.41 27.42 36.23
CA LEU B 466 58.55 26.42 35.17
C LEU B 466 60.01 26.08 34.93
N ALA B 467 60.93 26.99 35.26
CA ALA B 467 62.35 26.66 35.19
C ALA B 467 62.73 25.63 36.24
N TYR B 468 62.12 25.69 37.42
CA TYR B 468 62.33 24.60 38.37
C TYR B 468 61.53 23.37 37.99
N ALA B 469 60.41 23.56 37.29
CA ALA B 469 59.53 22.44 36.99
C ALA B 469 60.16 21.51 35.97
N VAL B 470 60.66 22.06 34.85
CA VAL B 470 61.11 21.22 33.76
C VAL B 470 62.48 20.60 34.09
N THR B 471 63.22 21.18 35.03
CA THR B 471 64.47 20.55 35.43
C THR B 471 64.23 19.43 36.44
N LYS B 472 63.33 19.63 37.39
CA LYS B 472 63.01 18.58 38.34
C LYS B 472 62.29 17.43 37.65
N LYS B 473 61.53 17.73 36.59
CA LYS B 473 61.00 16.68 35.74
C LYS B 473 62.11 15.95 35.03
N GLN B 474 63.07 16.69 34.47
CA GLN B 474 64.14 16.07 33.69
C GLN B 474 65.17 15.40 34.59
N GLU B 475 65.36 15.88 35.83
CA GLU B 475 66.32 15.24 36.72
C GLU B 475 65.86 13.84 37.10
N VAL B 476 64.56 13.66 37.31
CA VAL B 476 64.04 12.33 37.60
C VAL B 476 64.04 11.47 36.34
N GLN B 477 63.77 12.08 35.19
CA GLN B 477 63.70 11.34 33.94
C GLN B 477 65.00 11.33 33.16
N ALA B 478 66.12 11.71 33.80
CA ALA B 478 67.44 11.41 33.27
C ALA B 478 68.24 10.47 34.16
N ASP B 479 67.87 10.32 35.41
CA ASP B 479 68.44 9.26 36.24
C ASP B 479 67.84 7.95 35.74
N PRO B 480 68.62 7.07 35.11
CA PRO B 480 68.03 6.02 34.28
C PRO B 480 67.50 4.83 35.03
N SER B 481 67.76 4.71 36.34
CA SER B 481 67.13 3.65 37.11
C SER B 481 65.67 3.93 37.40
N ASN B 482 65.19 5.15 37.16
CA ASN B 482 63.80 5.51 37.36
C ASN B 482 62.92 5.18 36.16
N ILE B 483 63.47 4.62 35.10
CA ILE B 483 62.63 4.16 33.99
C ILE B 483 61.83 2.94 34.45
N PRO B 484 60.51 2.94 34.29
CA PRO B 484 59.71 1.86 34.87
C PRO B 484 59.81 0.56 34.09
N PHE B 485 59.62 -0.54 34.80
CA PHE B 485 59.59 -1.87 34.20
C PHE B 485 58.52 -2.69 34.90
N ASP B 486 57.43 -2.98 34.19
CA ASP B 486 56.29 -3.71 34.77
C ASP B 486 56.64 -5.13 35.17
N GLU B 487 57.71 -5.69 34.62
CA GLU B 487 58.24 -6.95 35.14
C GLU B 487 58.86 -6.76 36.51
N VAL B 488 59.54 -5.64 36.73
CA VAL B 488 60.23 -5.41 38.00
C VAL B 488 59.30 -4.74 39.02
N LEU B 489 58.34 -3.94 38.57
CA LEU B 489 57.27 -3.49 39.46
C LEU B 489 56.45 -4.64 39.99
N TYR B 490 56.11 -5.60 39.12
CA TYR B 490 55.28 -6.75 39.48
C TYR B 490 55.85 -8.01 38.84
N PRO B 491 56.36 -8.95 39.62
CA PRO B 491 56.96 -10.14 39.02
C PRO B 491 55.95 -11.11 38.47
N GLN B 492 54.88 -11.39 39.22
CA GLN B 492 53.93 -12.40 38.79
C GLN B 492 53.06 -11.90 37.65
N LEU B 493 52.99 -10.59 37.44
CA LEU B 493 52.23 -10.08 36.30
C LEU B 493 52.96 -10.35 35.00
N SER B 494 54.27 -10.14 34.97
CA SER B 494 55.04 -10.54 33.79
C SER B 494 55.17 -12.05 33.71
N GLU B 495 55.06 -12.75 34.84
CA GLU B 495 54.95 -14.20 34.81
C GLU B 495 53.63 -14.62 34.20
N GLU B 496 52.54 -13.89 34.47
CA GLU B 496 51.26 -14.26 33.89
C GLU B 496 51.17 -13.90 32.42
N LEU B 497 51.64 -12.71 32.04
CA LEU B 497 51.55 -12.28 30.65
C LEU B 497 52.48 -13.08 29.75
N LEU B 498 53.54 -13.63 30.32
CA LEU B 498 54.32 -14.61 29.58
C LEU B 498 53.51 -15.87 29.32
N GLU B 499 52.71 -16.29 30.30
CA GLU B 499 51.95 -17.53 30.13
C GLU B 499 50.74 -17.34 29.24
N LEU B 500 50.16 -16.13 29.20
CA LEU B 500 48.98 -15.92 28.38
C LEU B 500 49.31 -15.81 26.89
N GLU B 501 50.58 -15.74 26.53
CA GLU B 501 50.94 -16.03 25.15
C GLU B 501 51.24 -17.51 24.99
N LEU B 502 51.83 -18.13 26.02
CA LEU B 502 52.14 -19.55 25.96
C LEU B 502 50.89 -20.41 26.11
N SER B 503 49.79 -19.83 26.57
CA SER B 503 48.55 -20.60 26.67
C SER B 503 47.99 -20.91 25.30
N ASP B 504 48.07 -19.95 24.38
CA ASP B 504 47.46 -20.17 23.07
C ASP B 504 48.32 -21.08 22.20
N ILE B 505 49.64 -20.94 22.31
CA ILE B 505 50.51 -21.74 21.45
C ILE B 505 50.64 -23.16 21.99
N ARG B 506 50.42 -23.35 23.29
CA ARG B 506 50.17 -24.70 23.79
C ARG B 506 48.84 -25.23 23.26
N GLU B 507 47.83 -24.36 23.17
CA GLU B 507 46.53 -24.78 22.65
C GLU B 507 46.60 -25.08 21.16
N ASP B 508 47.55 -24.49 20.45
CA ASP B 508 47.80 -24.91 19.08
C ASP B 508 48.51 -26.25 19.07
N GLU B 509 49.40 -26.48 20.04
CA GLU B 509 50.18 -27.72 20.04
C GLU B 509 49.34 -28.91 20.48
N ILE B 510 48.40 -28.70 21.40
CA ILE B 510 47.50 -29.79 21.80
C ILE B 510 46.56 -30.14 20.65
N ALA B 511 46.14 -29.13 19.89
CA ALA B 511 45.36 -29.40 18.69
C ALA B 511 46.19 -30.10 17.63
N LEU B 512 47.50 -29.84 17.61
CA LEU B 512 48.36 -30.50 16.64
C LEU B 512 48.69 -31.92 17.07
N GLU B 513 48.90 -32.14 18.37
CA GLU B 513 49.19 -33.48 18.87
C GLU B 513 48.00 -34.40 18.70
N LYS B 514 46.79 -33.89 18.95
CA LYS B 514 45.57 -34.64 18.73
C LYS B 514 45.23 -34.81 17.26
N ALA B 515 45.92 -34.09 16.37
CA ALA B 515 45.65 -34.23 14.94
C ALA B 515 46.44 -35.36 14.31
N GLU B 516 47.60 -35.71 14.86
CA GLU B 516 48.40 -36.80 14.35
C GLU B 516 48.29 -38.05 15.21
N GLU B 517 47.12 -38.29 15.79
CA GLU B 517 46.91 -39.52 16.54
C GLU B 517 46.83 -40.71 15.61
N GLU B 518 45.92 -40.67 14.64
CA GLU B 518 45.78 -41.74 13.66
C GLU B 518 46.48 -41.39 12.36
N GLU B 519 47.67 -40.77 12.44
CA GLU B 519 48.36 -40.33 11.24
C GLU B 519 48.87 -41.49 10.42
N LEU B 520 49.09 -42.64 11.04
CA LEU B 520 49.61 -43.77 10.29
C LEU B 520 48.50 -44.51 9.57
N TRP B 521 47.36 -44.67 10.23
CA TRP B 521 46.28 -45.44 9.63
C TRP B 521 45.55 -44.64 8.57
N LEU B 522 45.37 -43.34 8.79
CA LEU B 522 44.65 -42.54 7.82
C LEU B 522 45.52 -42.19 6.62
N LEU B 523 46.81 -42.50 6.67
CA LEU B 523 47.66 -42.23 5.53
C LEU B 523 48.07 -43.48 4.77
N THR B 524 48.27 -44.61 5.45
CA THR B 524 48.58 -45.84 4.73
C THR B 524 47.36 -46.31 3.96
N LEU B 525 46.18 -46.01 4.49
CA LEU B 525 44.94 -46.30 3.78
C LEU B 525 44.81 -45.46 2.52
N THR B 526 45.31 -44.22 2.56
CA THR B 526 45.15 -43.37 1.39
C THR B 526 46.36 -43.43 0.47
N GLN B 527 47.45 -44.08 0.87
CA GLN B 527 48.48 -44.38 -0.11
C GLN B 527 48.17 -45.68 -0.85
N GLN B 528 47.56 -46.64 -0.15
CA GLN B 528 47.31 -47.95 -0.72
C GLN B 528 46.30 -47.88 -1.85
N PHE B 529 45.25 -47.08 -1.69
CA PHE B 529 44.33 -46.90 -2.81
C PHE B 529 44.95 -46.02 -3.89
N LYS B 530 45.80 -45.08 -3.50
CA LYS B 530 46.42 -44.18 -4.47
C LYS B 530 47.34 -44.94 -5.42
N HIS B 531 47.96 -46.02 -4.92
CA HIS B 531 48.83 -46.79 -5.77
C HIS B 531 48.05 -47.80 -6.61
N ILE B 532 46.90 -48.26 -6.12
CA ILE B 532 46.12 -49.23 -6.90
C ILE B 532 45.49 -48.55 -8.10
N GLN B 533 44.75 -47.46 -7.86
CA GLN B 533 44.07 -46.73 -8.93
C GLN B 533 45.05 -46.16 -9.94
N LYS B 534 46.27 -45.84 -9.50
CA LYS B 534 47.32 -45.46 -10.43
C LYS B 534 47.78 -46.63 -11.29
N HIS B 535 47.51 -47.87 -10.89
CA HIS B 535 48.04 -48.98 -11.66
C HIS B 535 47.11 -50.17 -11.84
N PHE B 536 45.83 -50.07 -11.48
CA PHE B 536 44.98 -51.24 -11.65
C PHE B 536 44.49 -51.35 -13.07
N GLY B 537 44.30 -52.60 -13.50
CA GLY B 537 43.94 -52.90 -14.87
C GLY B 537 45.01 -52.63 -15.89
N ILE B 538 46.20 -52.20 -15.47
CA ILE B 538 47.26 -51.77 -16.38
C ILE B 538 48.51 -52.56 -16.10
N ASP B 539 49.05 -52.42 -14.88
CA ASP B 539 50.40 -52.87 -14.59
C ASP B 539 50.56 -53.68 -13.31
N LEU B 540 49.53 -53.84 -12.50
CA LEU B 540 49.71 -54.46 -11.18
C LEU B 540 49.89 -55.97 -11.28
N PRO B 541 50.95 -56.52 -10.72
CA PRO B 541 50.98 -57.97 -10.48
C PRO B 541 50.20 -58.28 -9.22
N HIS B 542 49.47 -59.40 -9.26
CA HIS B 542 48.55 -59.79 -8.19
C HIS B 542 49.24 -60.02 -6.87
N SER B 543 50.55 -60.29 -6.90
CA SER B 543 51.36 -60.30 -5.69
C SER B 543 51.27 -58.96 -4.97
N VAL B 544 51.46 -57.87 -5.70
CA VAL B 544 51.49 -56.54 -5.11
C VAL B 544 50.11 -56.16 -4.58
N VAL B 545 49.06 -56.56 -5.30
CA VAL B 545 47.70 -56.40 -4.80
C VAL B 545 47.48 -57.28 -3.57
N ALA B 546 48.12 -58.44 -3.52
CA ALA B 546 48.05 -59.25 -2.31
C ALA B 546 48.95 -58.68 -1.21
N HIS B 547 50.13 -58.20 -1.59
CA HIS B 547 51.06 -57.71 -0.57
C HIS B 547 50.60 -56.40 0.04
N MET B 548 49.89 -55.57 -0.72
CA MET B 548 49.33 -54.36 -0.12
C MET B 548 48.17 -54.68 0.80
N ASP B 549 47.32 -55.62 0.41
CA ASP B 549 46.06 -55.85 1.11
C ASP B 549 45.82 -57.35 1.15
N PRO B 550 46.29 -58.01 2.21
CA PRO B 550 46.17 -59.47 2.25
C PRO B 550 44.80 -59.98 2.65
N LEU B 551 43.99 -59.18 3.33
CA LEU B 551 42.71 -59.71 3.77
C LEU B 551 41.68 -59.74 2.65
N LEU B 552 41.73 -58.75 1.75
CA LEU B 552 40.85 -58.78 0.58
C LEU B 552 41.24 -59.89 -0.37
N ILE B 553 42.50 -60.28 -0.37
CA ILE B 553 42.91 -61.45 -1.13
C ILE B 553 42.62 -62.71 -0.33
N LYS B 554 42.40 -62.59 0.97
CA LYS B 554 41.97 -63.78 1.71
C LYS B 554 40.46 -63.94 1.66
N LYS B 555 39.72 -62.84 1.60
CA LYS B 555 38.27 -62.95 1.60
C LYS B 555 37.74 -63.34 0.23
N ILE B 556 38.33 -62.80 -0.84
CA ILE B 556 37.92 -63.18 -2.19
C ILE B 556 38.32 -64.61 -2.49
N ASP B 557 39.46 -65.07 -1.96
CA ASP B 557 39.82 -66.47 -2.08
C ASP B 557 38.86 -67.38 -1.34
N TRP B 558 38.16 -66.88 -0.33
CA TRP B 558 37.15 -67.70 0.31
C TRP B 558 35.95 -67.91 -0.60
N GLU B 559 35.59 -66.90 -1.39
CA GLU B 559 34.41 -67.05 -2.24
C GLU B 559 34.69 -67.94 -3.43
N THR B 560 35.94 -68.10 -3.84
CA THR B 560 36.28 -69.09 -4.83
C THR B 560 36.63 -70.43 -4.19
N THR B 561 36.78 -70.46 -2.87
CA THR B 561 37.02 -71.73 -2.19
C THR B 561 35.76 -72.57 -2.15
N ASN B 562 34.67 -72.01 -1.64
CA ASN B 562 33.48 -72.79 -1.36
C ASN B 562 32.42 -72.63 -2.43
N ALA B 563 32.85 -72.48 -3.69
CA ALA B 563 32.01 -72.50 -4.89
C ALA B 563 30.95 -71.40 -4.90
N LEU B 564 31.27 -70.25 -4.31
CA LEU B 564 30.38 -69.10 -4.35
C LEU B 564 30.97 -67.98 -5.18
N GLU B 565 31.65 -68.35 -6.28
CA GLU B 565 32.38 -67.36 -7.05
C GLU B 565 31.49 -66.46 -7.87
N ASP B 566 30.23 -66.84 -8.07
CA ASP B 566 29.31 -66.03 -8.85
C ASP B 566 28.53 -65.04 -8.01
N PHE B 567 29.02 -64.72 -6.81
CA PHE B 567 28.14 -64.16 -5.80
C PHE B 567 27.80 -62.70 -6.05
N ASP B 568 28.67 -61.96 -6.73
CA ASP B 568 28.28 -60.59 -7.07
C ASP B 568 27.27 -60.59 -8.21
N ILE B 569 27.36 -61.56 -9.11
CA ILE B 569 26.40 -61.65 -10.19
C ILE B 569 25.09 -62.22 -9.67
N THR B 570 25.16 -63.15 -8.72
CA THR B 570 23.96 -63.72 -8.13
C THR B 570 23.21 -62.69 -7.31
N LEU B 571 23.92 -61.76 -6.68
CA LEU B 571 23.25 -60.63 -6.06
C LEU B 571 22.77 -59.60 -7.07
N ASP B 572 23.22 -59.70 -8.33
CA ASP B 572 22.68 -58.81 -9.34
C ASP B 572 21.54 -59.48 -10.11
N ASP B 573 21.44 -60.80 -10.06
CA ASP B 573 20.37 -61.48 -10.79
C ASP B 573 19.03 -61.27 -10.10
N MET B 574 18.98 -61.43 -8.77
CA MET B 574 17.77 -61.05 -8.06
C MET B 574 17.64 -59.56 -7.88
N GLY B 575 18.71 -58.81 -8.11
CA GLY B 575 18.65 -57.37 -8.19
C GLY B 575 18.73 -56.63 -6.87
N ALA B 576 18.89 -57.33 -5.75
CA ALA B 576 18.91 -56.69 -4.43
C ALA B 576 20.24 -55.98 -4.25
N GLU B 577 20.29 -54.74 -4.73
CA GLU B 577 21.53 -53.96 -4.72
C GLU B 577 21.93 -53.57 -3.31
N ASP B 578 20.97 -53.49 -2.38
CA ASP B 578 21.28 -53.12 -1.01
C ASP B 578 22.13 -54.19 -0.33
N ALA B 579 21.83 -55.47 -0.59
CA ALA B 579 22.70 -56.52 -0.11
C ALA B 579 24.06 -56.49 -0.80
N LYS B 580 24.09 -56.07 -2.07
CA LYS B 580 25.36 -55.88 -2.75
C LYS B 580 26.11 -54.69 -2.18
N GLU B 581 25.38 -53.67 -1.76
CA GLU B 581 25.98 -52.60 -0.97
C GLU B 581 26.38 -53.11 0.41
N GLN B 582 25.64 -54.08 0.94
CA GLN B 582 26.07 -54.73 2.17
C GLN B 582 27.21 -55.70 1.91
N TRP B 583 27.28 -56.24 0.68
CA TRP B 583 28.39 -57.11 0.33
C TRP B 583 29.70 -56.35 0.31
N GLY B 584 29.70 -55.17 -0.31
CA GLY B 584 30.90 -54.38 -0.39
C GLY B 584 31.31 -53.79 0.94
N ALA B 585 30.38 -53.71 1.89
CA ALA B 585 30.72 -53.18 3.20
C ALA B 585 31.62 -54.13 3.97
N GLU B 586 31.09 -55.30 4.30
CA GLU B 586 31.80 -56.20 5.19
C GLU B 586 32.87 -57.00 4.50
N ASN B 587 32.87 -57.07 3.17
CA ASN B 587 34.03 -57.65 2.50
C ASN B 587 35.22 -56.71 2.53
N LEU B 588 34.98 -55.42 2.68
CA LEU B 588 36.05 -54.43 2.78
C LEU B 588 36.08 -53.74 4.14
N SER B 589 35.38 -54.28 5.12
CA SER B 589 35.30 -53.62 6.41
C SER B 589 36.53 -53.85 7.26
N HIS B 590 37.51 -54.63 6.80
CA HIS B 590 38.69 -54.80 7.63
C HIS B 590 39.61 -53.60 7.57
N HIS B 591 39.33 -52.61 6.74
CA HIS B 591 40.09 -51.37 6.79
C HIS B 591 39.81 -50.61 8.07
N PHE B 592 38.59 -50.67 8.57
CA PHE B 592 38.26 -50.00 9.82
C PHE B 592 38.80 -50.72 11.03
N LEU B 593 39.22 -51.97 10.89
CA LEU B 593 39.62 -52.79 12.03
C LEU B 593 40.88 -52.30 12.75
N PRO B 594 41.95 -51.82 12.09
CA PRO B 594 43.05 -51.23 12.87
C PRO B 594 42.67 -49.97 13.62
N LEU B 595 41.66 -49.23 13.17
CA LEU B 595 41.19 -48.10 13.95
C LEU B 595 40.47 -48.57 15.21
N ILE B 596 39.52 -49.50 15.06
CA ILE B 596 38.80 -49.95 16.23
C ILE B 596 39.58 -50.96 17.05
N ARG B 597 40.72 -51.42 16.57
CA ARG B 597 41.62 -52.11 17.48
C ARG B 597 42.42 -51.11 18.30
N TYR B 598 42.67 -49.92 17.74
CA TYR B 598 43.32 -48.87 18.51
C TYR B 598 42.39 -48.31 19.57
N ARG B 599 41.25 -47.77 19.14
CA ARG B 599 40.39 -47.00 20.03
C ARG B 599 39.76 -47.86 21.11
N ARG B 600 39.59 -49.16 20.86
CA ARG B 600 39.19 -50.04 21.95
C ARG B 600 40.32 -50.20 22.94
N ASP B 601 41.55 -50.37 22.45
CA ASP B 601 42.67 -50.53 23.36
C ASP B 601 43.10 -49.22 24.00
N LEU B 602 42.65 -48.09 23.46
CA LEU B 602 42.82 -46.85 24.20
C LEU B 602 41.75 -46.70 25.26
N ALA B 603 40.50 -47.02 24.92
CA ALA B 603 39.43 -46.90 25.90
C ALA B 603 39.51 -47.97 26.96
N ARG B 604 40.09 -49.13 26.65
CA ARG B 604 40.35 -50.12 27.69
C ARG B 604 41.41 -49.63 28.66
N LYS B 605 42.33 -48.79 28.20
CA LYS B 605 43.28 -48.12 29.08
C LYS B 605 42.76 -46.80 29.60
N ASN B 606 41.45 -46.63 29.69
CA ASN B 606 40.88 -45.47 30.38
C ASN B 606 39.69 -45.85 31.24
N GLY B 607 39.47 -47.15 31.49
CA GLY B 607 38.36 -47.57 32.32
C GLY B 607 37.03 -47.65 31.61
N ASP B 608 36.99 -47.39 30.32
CA ASP B 608 35.76 -47.38 29.55
C ASP B 608 35.62 -48.66 28.74
N ARG B 609 34.38 -49.03 28.46
CA ARG B 609 34.11 -49.98 27.40
C ARG B 609 34.02 -49.21 26.10
N TYR B 610 34.32 -49.88 25.00
CA TYR B 610 34.30 -49.22 23.71
C TYR B 610 32.86 -48.94 23.29
N GLY B 611 32.68 -47.86 22.54
CA GLY B 611 31.37 -47.29 22.28
C GLY B 611 30.46 -48.17 21.45
N PRO B 612 30.79 -48.35 20.17
CA PRO B 612 30.00 -49.28 19.33
C PRO B 612 30.15 -50.74 19.69
N ASP B 613 31.10 -51.11 20.56
CA ASP B 613 31.27 -52.50 20.97
C ASP B 613 30.10 -53.04 21.79
N LEU B 614 29.38 -52.18 22.48
CA LEU B 614 28.22 -52.63 23.24
C LEU B 614 27.02 -52.73 22.31
N VAL B 615 25.96 -53.38 22.80
CA VAL B 615 24.76 -53.59 21.98
C VAL B 615 24.01 -52.28 21.78
N ASN B 616 23.96 -51.43 22.80
CA ASN B 616 23.29 -50.15 22.72
C ASN B 616 24.23 -48.98 22.99
N GLY B 617 25.53 -49.23 23.05
CA GLY B 617 26.48 -48.18 23.34
C GLY B 617 26.67 -47.18 22.20
N GLU C 1 75.00 60.14 60.27
CA GLU C 1 74.59 59.29 61.38
C GLU C 1 73.08 59.36 61.55
N ASN C 2 72.50 60.53 61.26
CA ASN C 2 71.05 60.72 61.29
C ASN C 2 70.54 60.40 59.89
N ASP C 3 69.93 59.23 59.74
CA ASP C 3 69.52 58.71 58.43
C ASP C 3 68.00 58.74 58.34
N VAL C 4 67.47 59.81 57.77
CA VAL C 4 66.03 59.88 57.48
C VAL C 4 65.67 59.17 56.18
N PRO C 5 66.32 59.38 55.00
CA PRO C 5 65.87 58.61 53.83
C PRO C 5 66.29 57.16 53.85
N ALA C 6 67.31 56.81 54.65
CA ALA C 6 67.68 55.41 54.77
C ALA C 6 66.72 54.67 55.69
N ILE C 7 66.09 55.38 56.63
CA ILE C 7 65.08 54.71 57.45
C ILE C 7 63.73 54.71 56.74
N LEU C 8 63.52 55.59 55.77
CA LEU C 8 62.37 55.45 54.87
C LEU C 8 62.51 54.19 54.02
N LYS C 9 63.74 53.84 53.65
CA LYS C 9 63.99 52.52 53.09
C LYS C 9 63.68 51.44 54.12
N GLU C 10 64.02 51.68 55.38
CA GLU C 10 63.72 50.71 56.42
C GLU C 10 62.23 50.63 56.71
N ILE C 11 61.53 51.77 56.70
CA ILE C 11 60.11 51.80 57.03
C ILE C 11 59.29 51.10 55.94
N ASP C 12 59.66 51.34 54.68
CA ASP C 12 58.95 50.74 53.54
C ASP C 12 59.06 49.22 53.56
N SER C 13 60.26 48.70 53.80
CA SER C 13 60.42 47.26 53.95
C SER C 13 59.91 46.75 55.28
N LEU C 14 59.66 47.62 56.25
CA LEU C 14 59.06 47.17 57.50
C LEU C 14 57.57 46.92 57.34
N VAL C 15 56.95 47.47 56.31
CA VAL C 15 55.56 47.17 55.99
C VAL C 15 55.43 46.56 54.60
N SER C 16 56.50 45.94 54.09
CA SER C 16 56.44 45.24 52.82
C SER C 16 55.93 43.82 52.93
N ARG C 17 55.67 43.34 54.14
CA ARG C 17 55.23 41.97 54.37
C ARG C 17 53.71 41.90 54.32
N GLU C 18 53.14 40.76 54.70
CA GLU C 18 51.74 40.48 54.46
C GLU C 18 50.87 40.58 55.70
N ALA C 19 51.35 40.12 56.85
CA ALA C 19 50.52 39.97 58.04
C ALA C 19 51.00 40.85 59.18
N VAL C 20 51.26 42.13 58.91
CA VAL C 20 51.73 43.05 59.93
C VAL C 20 50.65 43.28 60.98
N SER C 21 51.05 43.24 62.25
CA SER C 21 50.12 43.33 63.36
C SER C 21 49.65 44.78 63.55
N ALA C 22 48.78 44.97 64.55
CA ALA C 22 48.23 46.29 64.81
C ALA C 22 49.29 47.23 65.39
N LYS C 23 50.13 46.72 66.29
CA LYS C 23 51.13 47.58 66.91
C LYS C 23 52.26 47.91 65.96
N GLU C 24 52.42 47.14 64.89
CA GLU C 24 53.39 47.52 63.87
C GLU C 24 52.88 48.66 63.00
N VAL C 25 51.64 48.54 62.52
CA VAL C 25 51.13 49.51 61.54
C VAL C 25 50.85 50.85 62.20
N SER C 26 50.44 50.82 63.47
CA SER C 26 50.15 52.05 64.18
C SER C 26 51.43 52.83 64.46
N ASP C 27 52.51 52.11 64.78
CA ASP C 27 53.77 52.78 65.03
C ASP C 27 54.36 53.37 63.76
N ALA C 28 54.06 52.76 62.62
CA ALA C 28 54.70 53.18 61.36
C ALA C 28 54.15 54.52 60.89
N ALA C 29 52.84 54.72 61.00
CA ALA C 29 52.26 55.98 60.55
C ALA C 29 52.61 57.12 61.49
N VAL C 30 52.71 56.84 62.79
CA VAL C 30 53.01 57.92 63.71
C VAL C 30 54.49 58.27 63.68
N ALA C 31 55.35 57.32 63.30
CA ALA C 31 56.75 57.68 63.09
C ALA C 31 56.94 58.43 61.78
N LEU C 32 56.01 58.25 60.84
CA LEU C 32 56.11 58.96 59.58
C LEU C 32 55.68 60.41 59.72
N THR C 33 54.62 60.67 60.50
CA THR C 33 54.21 62.05 60.69
C THR C 33 55.09 62.80 61.67
N TYR C 34 55.95 62.10 62.41
CA TYR C 34 57.05 62.78 63.09
C TYR C 34 58.16 63.14 62.12
N LEU C 35 58.22 62.47 60.97
CA LEU C 35 59.27 62.69 60.00
C LEU C 35 58.87 63.65 58.88
N GLN C 36 57.61 64.08 58.86
CA GLN C 36 57.10 65.12 57.95
C GLN C 36 57.30 64.72 56.49
N VAL C 37 56.57 63.69 56.09
CA VAL C 37 56.95 62.86 54.95
C VAL C 37 55.96 63.07 53.80
N LYS C 38 55.49 64.30 53.64
CA LYS C 38 54.63 64.64 52.51
C LYS C 38 55.30 64.55 51.14
N ALA C 39 56.60 64.23 51.07
CA ALA C 39 57.27 64.07 49.79
C ALA C 39 56.77 62.83 49.06
N ASN C 40 56.96 61.66 49.65
CA ASN C 40 56.59 60.40 49.05
C ASN C 40 55.28 59.94 49.70
N ARG C 41 54.17 60.17 49.00
CA ARG C 41 52.86 59.76 49.48
C ARG C 41 52.70 58.24 49.48
N ARG C 42 53.51 57.53 48.69
CA ARG C 42 53.41 56.07 48.60
C ARG C 42 53.76 55.41 49.92
N LEU C 43 54.66 56.02 50.70
CA LEU C 43 54.97 55.51 52.03
C LEU C 43 53.75 55.59 52.93
N TRP C 44 52.98 56.67 52.82
CA TRP C 44 51.67 56.72 53.45
C TRP C 44 50.74 55.68 52.84
N GLY C 45 50.92 55.41 51.54
CA GLY C 45 50.02 54.50 50.86
C GLY C 45 50.15 53.06 51.30
N LYS C 46 51.39 52.63 51.59
CA LYS C 46 51.58 51.27 52.07
C LYS C 46 51.04 51.10 53.48
N VAL C 47 51.25 52.09 54.35
CA VAL C 47 50.85 51.93 55.74
C VAL C 47 49.34 52.08 55.90
N LEU C 48 48.68 52.82 55.01
CA LEU C 48 47.22 52.88 55.08
C LEU C 48 46.57 51.63 54.53
N GLU C 49 47.18 50.99 53.53
CA GLU C 49 46.62 49.74 53.05
C GLU C 49 46.81 48.63 54.08
N LYS C 50 47.93 48.68 54.82
CA LYS C 50 48.07 47.76 55.94
C LYS C 50 47.18 48.17 57.11
N ALA C 51 46.72 49.42 57.14
CA ALA C 51 45.81 49.83 58.21
C ALA C 51 44.46 49.15 58.08
N GLY C 52 44.07 48.79 56.85
CA GLY C 52 42.88 47.98 56.68
C GLY C 52 43.11 46.50 56.88
N ALA C 53 44.35 46.08 57.11
CA ALA C 53 44.68 44.67 57.10
C ALA C 53 44.55 43.99 58.45
N ALA C 54 44.50 44.74 59.54
CA ALA C 54 44.45 44.14 60.86
C ALA C 54 43.00 43.85 61.26
N GLN C 55 42.83 42.83 62.11
CA GLN C 55 41.53 42.45 62.59
C GLN C 55 41.41 42.47 64.10
N ASP C 56 42.48 42.83 64.82
CA ASP C 56 42.44 43.05 66.26
C ASP C 56 43.10 44.39 66.56
N TYR C 57 42.31 45.34 67.04
CA TYR C 57 42.79 46.67 67.40
C TYR C 57 42.59 46.88 68.88
N ASP C 58 43.60 47.43 69.55
CA ASP C 58 43.44 47.85 70.93
C ASP C 58 43.38 49.38 70.98
N ALA C 59 43.40 49.92 72.19
CA ALA C 59 43.09 51.33 72.41
C ALA C 59 44.16 52.25 71.82
N ALA C 60 45.43 51.98 72.13
CA ALA C 60 46.50 52.90 71.74
C ALA C 60 46.78 52.84 70.24
N SER C 61 46.59 51.67 69.62
CA SER C 61 46.89 51.54 68.20
C SER C 61 45.87 52.27 67.34
N LEU C 62 44.61 52.28 67.79
CA LEU C 62 43.59 53.02 67.08
C LEU C 62 43.83 54.52 67.18
N THR C 63 44.32 54.97 68.34
CA THR C 63 44.45 56.39 68.58
C THR C 63 45.74 56.95 67.99
N ASN C 64 46.80 56.15 67.97
CA ASN C 64 48.05 56.63 67.41
C ASN C 64 47.96 56.72 65.89
N LEU C 65 47.26 55.78 65.26
CA LEU C 65 47.09 55.83 63.82
C LEU C 65 46.19 57.00 63.41
N LEU C 66 45.08 57.18 64.13
CA LEU C 66 44.17 58.27 63.78
C LEU C 66 44.76 59.63 64.11
N TRP C 67 45.66 59.70 65.08
CA TRP C 67 46.40 60.94 65.26
C TRP C 67 47.36 61.15 64.10
N ALA C 68 47.91 60.07 63.57
CA ALA C 68 48.84 60.19 62.46
C ALA C 68 48.13 60.57 61.17
N ILE C 69 46.94 60.00 60.93
CA ILE C 69 46.23 60.30 59.70
C ILE C 69 45.65 61.70 59.73
N ASN C 70 45.41 62.24 60.93
CA ASN C 70 44.80 63.56 61.02
C ASN C 70 45.87 64.65 60.95
N THR C 71 46.85 64.59 61.85
CA THR C 71 47.87 65.63 61.90
C THR C 71 48.85 65.55 60.74
N GLY C 72 48.97 64.38 60.11
CA GLY C 72 49.78 64.29 58.90
C GLY C 72 49.16 64.98 57.71
N GLY C 73 47.86 65.23 57.76
CA GLY C 73 47.16 65.89 56.67
C GLY C 73 46.74 64.97 55.56
N VAL C 74 46.94 63.66 55.70
CA VAL C 74 46.55 62.71 54.68
C VAL C 74 45.08 62.37 54.87
N GLU C 75 44.28 62.55 53.82
CA GLU C 75 42.90 62.12 53.83
C GLU C 75 42.72 60.98 52.84
N HIS C 76 41.97 59.96 53.25
CA HIS C 76 41.56 58.88 52.37
C HIS C 76 40.35 58.24 53.04
N PHE C 77 39.17 58.46 52.48
CA PHE C 77 37.93 58.22 53.23
C PHE C 77 37.67 56.74 53.48
N LYS C 78 38.20 55.86 52.63
CA LYS C 78 37.91 54.44 52.76
C LYS C 78 38.56 53.85 54.00
N THR C 79 39.85 54.10 54.19
CA THR C 79 40.55 53.54 55.35
C THR C 79 40.09 54.20 56.64
N VAL C 80 39.89 55.53 56.63
CA VAL C 80 39.54 56.22 57.86
C VAL C 80 38.08 56.05 58.26
N ALA C 81 37.27 55.41 57.43
CA ALA C 81 35.95 55.00 57.86
C ALA C 81 35.89 53.55 58.27
N GLU C 82 36.87 52.75 57.83
CA GLU C 82 36.90 51.34 58.22
C GLU C 82 37.26 51.17 59.70
N LEU C 83 37.95 52.16 60.29
CA LEU C 83 38.35 52.07 61.68
C LEU C 83 37.22 52.36 62.65
N ALA C 84 36.04 52.75 62.15
CA ALA C 84 34.92 53.07 63.01
C ALA C 84 34.39 51.86 63.75
N GLY C 85 34.56 50.66 63.20
CA GLY C 85 34.25 49.43 63.89
C GLY C 85 35.07 49.24 65.14
N PRO C 86 36.39 49.34 65.04
CA PRO C 86 37.22 49.45 66.24
C PRO C 86 36.94 50.68 67.08
N ALA C 87 36.36 51.74 66.53
CA ALA C 87 35.97 52.86 67.37
C ALA C 87 34.71 52.53 68.17
N VAL C 88 33.75 51.85 67.54
CA VAL C 88 32.48 51.60 68.22
C VAL C 88 32.51 50.32 69.06
N SER C 89 33.51 49.45 68.86
CA SER C 89 33.58 48.25 69.69
C SER C 89 34.41 48.49 70.94
N LEU C 90 35.34 49.45 70.89
CA LEU C 90 36.23 49.72 72.01
C LEU C 90 35.79 50.93 72.83
N LEU C 91 34.55 51.35 72.69
CA LEU C 91 34.08 52.58 73.31
C LEU C 91 34.03 52.56 74.85
N PRO C 92 33.62 51.47 75.53
CA PRO C 92 33.85 51.46 76.98
C PRO C 92 35.33 51.36 77.34
N SER C 93 36.14 50.71 76.52
CA SER C 93 37.55 50.50 76.82
C SER C 93 38.44 51.63 76.33
N LEU C 94 37.91 52.83 76.13
CA LEU C 94 38.72 53.97 75.71
C LEU C 94 38.97 54.91 76.88
N SER C 95 40.20 55.38 77.00
CA SER C 95 40.50 56.40 77.98
C SER C 95 39.95 57.74 77.50
N PRO C 96 39.51 58.61 78.44
CA PRO C 96 38.84 59.86 78.03
C PRO C 96 39.71 60.83 77.25
N VAL C 97 41.02 60.82 77.43
CA VAL C 97 41.88 61.60 76.54
C VAL C 97 41.87 60.98 75.14
N GLN C 98 42.05 59.68 75.06
CA GLN C 98 42.21 59.03 73.76
C GLN C 98 40.87 58.78 73.07
N LEU C 99 39.78 58.78 73.83
CA LEU C 99 38.46 58.81 73.21
C LEU C 99 38.22 60.15 72.54
N SER C 100 38.82 61.21 73.07
CA SER C 100 38.66 62.52 72.46
C SER C 100 39.53 62.67 71.22
N ILE C 101 40.50 61.79 71.03
CA ILE C 101 41.32 61.86 69.82
C ILE C 101 40.62 61.16 68.66
N VAL C 102 40.03 59.99 68.92
CA VAL C 102 39.37 59.23 67.86
C VAL C 102 38.13 59.95 67.35
N VAL C 103 37.39 60.62 68.22
CA VAL C 103 36.20 61.33 67.77
C VAL C 103 36.60 62.60 67.02
N GLU C 104 37.77 63.15 67.32
CA GLU C 104 38.28 64.27 66.55
C GLU C 104 38.63 63.87 65.13
N ALA C 105 39.37 62.76 64.98
CA ALA C 105 39.89 62.40 63.67
C ALA C 105 38.80 61.86 62.75
N LEU C 106 37.89 61.04 63.29
CA LEU C 106 36.79 60.55 62.47
C LEU C 106 35.79 61.65 62.17
N GLY C 107 35.68 62.65 63.03
CA GLY C 107 34.90 63.82 62.69
C GLY C 107 35.64 64.77 61.80
N GLY C 108 36.96 64.72 61.83
CA GLY C 108 37.75 65.58 60.97
C GLY C 108 37.71 65.14 59.52
N ALA C 109 37.77 63.83 59.29
CA ALA C 109 37.75 63.30 57.93
C ALA C 109 36.34 63.15 57.38
N GLY C 110 35.32 63.58 58.11
CA GLY C 110 33.98 63.60 57.57
C GLY C 110 33.28 62.27 57.53
N VAL C 111 33.62 61.36 58.43
CA VAL C 111 32.97 60.06 58.48
C VAL C 111 31.54 60.24 59.01
N LYS C 112 30.56 59.92 58.17
CA LYS C 112 29.16 60.07 58.53
C LYS C 112 28.70 58.78 59.21
N ASN C 113 28.98 58.71 60.51
CA ASN C 113 28.59 57.58 61.33
C ASN C 113 27.73 58.11 62.48
N TYR C 114 26.81 57.29 62.96
CA TYR C 114 25.86 57.76 63.96
C TYR C 114 25.88 56.99 65.26
N GLU C 115 25.98 55.65 65.22
CA GLU C 115 26.02 54.87 66.46
C GLU C 115 27.30 55.13 67.23
N LEU C 116 28.36 55.53 66.52
CA LEU C 116 29.53 56.06 67.18
C LEU C 116 29.21 57.34 67.95
N TYR C 117 28.69 58.35 67.26
CA TYR C 117 28.57 59.67 67.86
C TYR C 117 27.44 59.76 68.87
N ASN C 118 26.36 59.02 68.66
CA ASN C 118 25.28 58.97 69.65
C ASN C 118 25.78 58.36 70.95
N LYS C 119 26.55 57.28 70.85
CA LYS C 119 27.13 56.67 72.03
C LYS C 119 28.40 57.38 72.49
N ALA C 120 28.98 58.25 71.68
CA ALA C 120 30.10 59.06 72.18
C ALA C 120 29.62 60.29 72.93
N SER C 121 28.56 60.93 72.44
CA SER C 121 28.04 62.13 73.07
C SER C 121 27.46 61.83 74.45
N ALA C 122 26.80 60.68 74.59
CA ALA C 122 26.20 60.32 75.87
C ALA C 122 27.26 60.09 76.94
N VAL C 123 28.45 59.65 76.54
CA VAL C 123 29.53 59.48 77.50
C VAL C 123 30.10 60.83 77.91
N VAL C 124 30.30 61.73 76.95
CA VAL C 124 30.88 63.04 77.26
C VAL C 124 29.88 63.90 78.01
N VAL C 125 28.58 63.68 77.80
CA VAL C 125 27.57 64.37 78.62
C VAL C 125 27.61 63.85 80.05
N SER C 126 27.93 62.57 80.24
CA SER C 126 27.90 61.98 81.58
C SER C 126 29.04 62.52 82.45
N LYS C 127 30.28 62.21 82.10
CA LYS C 127 31.43 62.69 82.87
C LYS C 127 32.05 63.85 82.10
N ILE C 128 31.44 65.03 82.25
CA ILE C 128 31.86 66.16 81.44
C ILE C 128 33.16 66.77 81.99
N GLY C 129 33.33 66.79 83.31
CA GLY C 129 34.49 67.37 83.93
C GLY C 129 35.69 66.47 84.06
N GLU C 130 35.54 65.18 83.73
CA GLU C 130 36.67 64.27 83.81
C GLU C 130 37.68 64.50 82.70
N PHE C 131 37.25 65.08 81.59
CA PHE C 131 38.17 65.43 80.53
C PHE C 131 38.97 66.67 80.91
N LYS C 132 40.16 66.79 80.34
CA LYS C 132 40.74 68.10 80.19
C LYS C 132 39.87 68.89 79.21
N PRO C 133 39.65 70.19 79.46
CA PRO C 133 38.80 70.97 78.54
C PRO C 133 39.38 71.13 77.14
N ALA C 134 40.68 70.89 76.93
CA ALA C 134 41.20 70.78 75.57
C ALA C 134 40.59 69.58 74.86
N GLU C 135 40.38 68.49 75.58
CA GLU C 135 39.77 67.31 75.01
C GLU C 135 38.26 67.49 74.83
N ILE C 136 37.67 68.47 75.52
CA ILE C 136 36.28 68.83 75.28
C ILE C 136 36.12 69.48 73.91
N ALA C 137 37.07 70.34 73.53
CA ALA C 137 36.98 71.03 72.26
C ALA C 137 37.19 70.08 71.08
N ARG C 138 37.84 68.95 71.29
CA ARG C 138 38.00 67.98 70.22
C ARG C 138 36.72 67.20 69.96
N VAL C 139 35.97 66.88 71.02
CA VAL C 139 34.76 66.08 70.87
C VAL C 139 33.68 66.88 70.15
N LEU C 140 33.54 68.15 70.49
CA LEU C 140 32.54 68.99 69.84
C LEU C 140 32.91 69.26 68.40
N TYR C 141 34.21 69.35 68.11
CA TYR C 141 34.65 69.58 66.73
C TYR C 141 34.44 68.34 65.89
N GLY C 142 34.52 67.16 66.50
CA GLY C 142 34.28 65.94 65.76
C GLY C 142 32.82 65.76 65.41
N VAL C 143 31.92 66.00 66.37
CA VAL C 143 30.52 65.73 66.11
C VAL C 143 29.90 66.78 65.21
N ALA C 144 30.46 67.99 65.18
CA ALA C 144 29.93 69.02 64.29
C ALA C 144 30.26 68.69 62.84
N PHE C 145 31.54 68.57 62.52
CA PHE C 145 31.96 68.30 61.15
C PHE C 145 31.85 66.83 60.77
N GLY C 146 31.37 65.98 61.66
CA GLY C 146 31.11 64.60 61.30
C GLY C 146 29.73 64.44 60.73
N GLY C 147 28.80 65.24 61.19
CA GLY C 147 27.46 65.24 60.66
C GLY C 147 26.35 64.93 61.63
N VAL C 148 26.52 65.20 62.91
CA VAL C 148 25.41 65.16 63.86
C VAL C 148 25.30 66.54 64.51
N ASN C 149 24.19 67.21 64.23
CA ASN C 149 23.95 68.54 64.76
C ASN C 149 23.43 68.38 66.19
N ASP C 150 24.37 68.14 67.10
CA ASP C 150 24.06 67.77 68.47
C ASP C 150 24.12 69.01 69.35
N VAL C 151 22.98 69.36 69.96
CA VAL C 151 22.97 70.43 70.95
C VAL C 151 22.85 69.88 72.37
N ALA C 152 22.56 68.59 72.54
CA ALA C 152 22.63 67.99 73.87
C ALA C 152 24.07 67.90 74.35
N LEU C 153 25.01 67.80 73.41
CA LEU C 153 26.41 67.95 73.75
C LEU C 153 26.82 69.42 73.79
N ALA C 154 26.29 70.23 72.87
CA ALA C 154 26.77 71.60 72.72
C ALA C 154 26.32 72.48 73.89
N LYS C 155 25.18 72.16 74.50
CA LYS C 155 24.76 72.93 75.68
C LYS C 155 25.62 72.61 76.88
N ALA C 156 25.93 71.33 77.09
CA ALA C 156 26.80 70.95 78.20
C ALA C 156 28.27 71.19 77.90
N ALA C 157 28.63 71.62 76.68
CA ALA C 157 30.00 72.01 76.38
C ALA C 157 30.23 73.50 76.56
N GLY C 158 29.18 74.31 76.44
CA GLY C 158 29.30 75.72 76.77
C GLY C 158 29.42 75.96 78.26
N LYS C 159 28.96 75.01 79.07
CA LYS C 159 29.05 75.14 80.52
C LYS C 159 30.49 75.06 81.00
N VAL C 160 31.35 74.37 80.25
CA VAL C 160 32.76 74.28 80.61
C VAL C 160 33.45 75.63 80.41
N PHE C 161 33.23 76.26 79.25
CA PHE C 161 33.94 77.50 78.92
C PHE C 161 33.43 78.67 79.75
N ALA C 162 32.16 78.62 80.15
CA ALA C 162 31.62 79.62 81.06
C ALA C 162 32.05 79.39 82.50
N SER C 163 32.63 78.22 82.80
CA SER C 163 33.14 77.92 84.13
C SER C 163 34.67 78.05 84.21
N THR C 164 35.37 77.65 83.15
CA THR C 164 36.81 77.53 83.20
C THR C 164 37.50 78.44 82.20
N GLU C 165 38.81 78.50 82.33
CA GLU C 165 39.73 79.11 81.38
C GLU C 165 40.40 78.00 80.57
N VAL C 166 40.65 78.28 79.29
CA VAL C 166 41.16 77.27 78.37
C VAL C 166 42.36 77.81 77.59
N ASP C 167 43.02 76.90 76.89
CA ASP C 167 44.17 77.19 76.05
C ASP C 167 43.72 77.97 74.81
N SER C 168 44.70 78.54 74.10
CA SER C 168 44.41 79.23 72.84
C SER C 168 43.98 78.23 71.77
N ARG C 169 44.61 77.06 71.72
CA ARG C 169 44.21 76.05 70.76
C ARG C 169 42.86 75.45 71.12
N THR C 170 42.54 75.36 72.42
CA THR C 170 41.23 74.90 72.83
C THR C 170 40.16 75.90 72.41
N ALA C 171 40.47 77.19 72.52
CA ALA C 171 39.53 78.21 72.08
C ALA C 171 39.36 78.18 70.57
N ALA C 172 40.43 77.88 69.84
CA ALA C 172 40.37 77.92 68.38
C ALA C 172 39.54 76.78 67.83
N GLN C 173 39.65 75.60 68.42
CA GLN C 173 38.94 74.44 67.93
C GLN C 173 37.45 74.51 68.28
N ALA C 174 37.13 74.84 69.52
CA ALA C 174 35.74 74.88 69.95
C ALA C 174 34.99 76.03 69.31
N LEU C 175 35.70 77.09 68.91
CA LEU C 175 35.05 78.13 68.13
C LEU C 175 34.74 77.66 66.73
N TYR C 176 35.67 76.91 66.12
CA TYR C 176 35.50 76.43 64.76
C TYR C 176 34.42 75.37 64.67
N ALA C 177 34.15 74.67 65.76
CA ALA C 177 33.02 73.75 65.81
C ALA C 177 31.70 74.50 65.71
N LEU C 178 31.65 75.73 66.21
CA LEU C 178 30.43 76.52 66.15
C LEU C 178 30.17 77.05 64.75
N ALA C 179 31.20 77.03 63.88
CA ALA C 179 31.04 77.55 62.53
C ALA C 179 30.13 76.67 61.68
N LYS C 180 30.21 75.35 61.85
CA LYS C 180 29.29 74.47 61.15
C LYS C 180 27.98 74.34 61.91
N LEU C 181 28.03 74.43 63.24
CA LEU C 181 26.82 74.19 64.04
C LEU C 181 25.82 75.33 63.91
N GLY C 182 26.30 76.57 63.83
CA GLY C 182 25.41 77.72 63.70
C GLY C 182 24.61 77.96 64.97
N ARG C 183 25.30 78.37 66.03
CA ARG C 183 24.65 78.55 67.32
C ARG C 183 24.73 79.99 67.82
N ALA C 184 25.89 80.63 67.68
CA ALA C 184 26.15 82.01 68.13
C ALA C 184 25.86 82.20 69.62
N ASP C 185 26.42 81.31 70.43
CA ASP C 185 26.37 81.45 71.89
C ASP C 185 27.18 82.68 72.24
N LYS C 186 26.48 83.78 72.57
CA LYS C 186 27.12 85.10 72.59
C LYS C 186 28.08 85.24 73.77
N ALA C 187 27.68 84.76 74.95
CA ALA C 187 28.58 84.81 76.10
C ALA C 187 29.69 83.79 75.96
N THR C 188 29.38 82.62 75.40
CA THR C 188 30.32 81.50 75.42
C THR C 188 31.46 81.70 74.42
N VAL C 189 31.19 82.38 73.30
CA VAL C 189 32.28 82.70 72.38
C VAL C 189 33.21 83.73 73.00
N ASP C 190 32.66 84.65 73.80
CA ASP C 190 33.50 85.62 74.48
C ASP C 190 34.27 84.98 75.63
N ALA C 191 33.72 83.91 76.19
CA ALA C 191 34.49 83.09 77.11
C ALA C 191 35.65 82.43 76.39
N LEU C 192 35.45 82.05 75.13
CA LEU C 192 36.55 81.57 74.31
C LEU C 192 37.37 82.70 73.71
N LEU C 193 36.78 83.89 73.54
CA LEU C 193 37.54 85.01 73.00
C LEU C 193 38.44 85.64 74.04
N LYS C 194 38.22 85.39 75.33
CA LYS C 194 39.13 85.93 76.32
C LYS C 194 40.44 85.15 76.42
N SER C 195 40.49 83.93 75.87
CA SER C 195 41.72 83.16 75.87
C SER C 195 42.65 83.52 74.73
N PHE C 196 42.29 84.47 73.89
CA PHE C 196 43.21 85.04 72.92
C PHE C 196 43.88 86.30 73.47
N LYS C 197 44.40 86.23 74.68
CA LYS C 197 45.16 87.35 75.22
C LYS C 197 46.63 87.03 75.40
N LYS C 198 46.99 85.75 75.42
CA LYS C 198 48.38 85.33 75.34
C LYS C 198 48.83 85.14 73.91
N GLY C 199 47.97 85.43 72.93
CA GLY C 199 48.28 85.17 71.54
C GLY C 199 48.16 83.70 71.21
N THR C 200 48.42 83.39 69.94
CA THR C 200 48.44 82.02 69.47
C THR C 200 49.85 81.67 68.97
N GLU C 201 50.31 80.47 69.31
CA GLU C 201 51.66 80.09 68.95
C GLU C 201 51.80 79.71 67.49
N SER C 202 50.69 79.48 66.78
CA SER C 202 50.72 79.28 65.34
C SER C 202 49.47 79.87 64.72
N ALA C 203 49.57 80.20 63.44
CA ALA C 203 48.46 80.83 62.74
C ALA C 203 47.34 79.86 62.39
N SER C 204 47.55 78.55 62.57
CA SER C 204 46.47 77.60 62.36
C SER C 204 45.38 77.77 63.42
N ASP C 205 45.75 78.21 64.61
CA ASP C 205 44.76 78.50 65.63
C ASP C 205 44.05 79.82 65.34
N ALA C 206 44.81 80.84 64.93
CA ALA C 206 44.26 82.18 64.81
C ALA C 206 43.48 82.38 63.52
N ALA C 207 43.77 81.58 62.49
CA ALA C 207 43.00 81.70 61.25
C ALA C 207 41.59 81.19 61.42
N ALA C 208 41.45 79.97 61.96
CA ALA C 208 40.15 79.33 62.08
C ALA C 208 39.26 80.04 63.09
N ALA C 209 39.86 80.67 64.09
CA ALA C 209 39.08 81.48 65.00
C ALA C 209 38.47 82.68 64.30
N SER C 210 39.18 83.26 63.34
CA SER C 210 38.61 84.34 62.54
C SER C 210 37.60 83.81 61.53
N PHE C 211 37.85 82.61 61.00
CA PHE C 211 36.93 82.03 60.02
C PHE C 211 35.62 81.60 60.67
N ALA C 212 35.67 81.17 61.92
CA ALA C 212 34.43 80.82 62.61
C ALA C 212 33.65 82.06 63.00
N LEU C 213 34.35 83.12 63.43
CA LEU C 213 33.68 84.33 63.87
C LEU C 213 33.08 85.12 62.71
N GLY C 214 33.71 85.07 61.54
CA GLY C 214 33.15 85.75 60.38
C GLY C 214 31.87 85.11 59.91
N SER C 215 31.80 83.78 59.97
CA SER C 215 30.57 83.07 59.63
C SER C 215 29.47 83.37 60.63
N LEU C 216 29.80 83.39 61.92
CA LEU C 216 28.84 83.77 62.94
C LEU C 216 28.76 85.27 63.15
N SER C 217 29.52 86.04 62.35
CA SER C 217 29.30 87.47 62.09
C SER C 217 29.42 88.36 63.33
N PHE C 218 30.54 88.34 64.03
CA PHE C 218 30.55 89.17 65.23
C PHE C 218 31.18 90.53 65.03
N LYS C 219 32.52 90.58 64.93
CA LYS C 219 33.27 91.82 65.08
C LYS C 219 34.75 91.51 64.93
N ALA C 220 35.56 92.57 64.96
CA ALA C 220 37.01 92.42 65.12
C ALA C 220 37.36 92.22 66.59
N GLU C 221 38.51 91.56 66.83
CA GLU C 221 38.91 91.20 68.17
C GLU C 221 40.19 91.90 68.64
N LYS C 222 40.95 92.48 67.70
CA LYS C 222 42.13 93.34 67.86
C LYS C 222 43.37 92.57 68.33
N ALA C 223 43.23 91.32 68.74
CA ALA C 223 44.39 90.56 69.19
C ALA C 223 44.67 89.34 68.32
N ILE C 224 43.63 88.62 67.89
CA ILE C 224 43.81 87.57 66.91
C ILE C 224 44.29 88.15 65.59
N VAL C 225 43.80 89.35 65.25
CA VAL C 225 44.23 89.99 64.02
C VAL C 225 45.67 90.48 64.13
N ASP C 226 46.18 90.66 65.35
CA ASP C 226 47.61 90.85 65.52
C ASP C 226 48.37 89.54 65.38
N ALA C 227 47.80 88.44 65.89
CA ALA C 227 48.48 87.15 65.79
C ALA C 227 48.47 86.63 64.36
N LEU C 228 47.41 86.93 63.61
CA LEU C 228 47.39 86.53 62.21
C LEU C 228 48.32 87.39 61.37
N LYS C 229 48.48 88.67 61.73
CA LYS C 229 49.39 89.53 60.99
C LYS C 229 50.84 89.24 61.29
N ALA C 230 51.13 88.59 62.42
CA ALA C 230 52.51 88.29 62.80
C ALA C 230 52.94 86.88 62.41
N SER C 231 51.99 85.97 62.19
CA SER C 231 52.29 84.58 61.89
C SER C 231 51.81 84.19 60.49
N ALA C 232 51.68 85.16 59.59
CA ALA C 232 51.29 84.88 58.22
C ALA C 232 52.50 84.51 57.36
N GLY C 233 53.27 83.54 57.82
CA GLY C 233 54.35 82.94 57.05
C GLY C 233 54.29 81.45 57.25
N ASP C 234 53.22 81.01 57.92
CA ASP C 234 53.05 79.64 58.36
C ASP C 234 51.93 78.91 57.63
N LEU C 235 50.99 79.62 57.03
CA LEU C 235 49.75 79.03 56.57
C LEU C 235 49.88 78.51 55.14
N ALA C 236 49.38 77.30 54.91
CA ALA C 236 49.08 76.86 53.56
C ALA C 236 47.92 77.68 53.00
N PRO C 237 47.92 77.96 51.70
CA PRO C 237 46.92 78.90 51.15
C PRO C 237 45.49 78.43 51.21
N ALA C 238 45.23 77.13 51.38
CA ALA C 238 43.87 76.65 51.53
C ALA C 238 43.26 76.97 52.89
N GLN C 239 44.04 77.51 53.82
CA GLN C 239 43.52 78.02 55.07
C GLN C 239 43.52 79.54 55.14
N ALA C 240 44.52 80.19 54.51
CA ALA C 240 44.72 81.62 54.72
C ALA C 240 43.69 82.46 53.99
N VAL C 241 43.00 81.89 53.00
CA VAL C 241 41.86 82.58 52.40
C VAL C 241 40.74 82.70 53.42
N GLU C 242 40.46 81.63 54.15
CA GLU C 242 39.32 81.58 55.06
C GLU C 242 39.55 82.44 56.29
N ALA C 243 40.81 82.68 56.65
CA ALA C 243 41.10 83.74 57.60
C ALA C 243 40.74 85.09 57.03
N ALA C 244 41.17 85.38 55.80
CA ALA C 244 40.85 86.64 55.15
C ALA C 244 39.37 86.73 54.85
N TYR C 245 38.75 85.62 54.46
CA TYR C 245 37.30 85.58 54.33
C TYR C 245 36.63 85.73 55.69
N GLY C 246 37.29 85.27 56.76
CA GLY C 246 36.73 85.40 58.08
C GLY C 246 36.80 86.81 58.63
N LEU C 247 37.86 87.54 58.29
CA LEU C 247 38.00 88.90 58.80
C LEU C 247 37.06 89.86 58.07
N ALA C 248 36.78 89.59 56.80
CA ALA C 248 35.94 90.50 56.02
C ALA C 248 34.48 90.42 56.45
N LEU C 249 34.03 89.22 56.82
CA LEU C 249 32.64 89.01 57.19
C LEU C 249 32.32 89.64 58.54
N SER C 250 33.29 89.67 59.46
CA SER C 250 33.14 90.40 60.71
C SER C 250 33.52 91.86 60.57
N GLY C 251 33.99 92.27 59.39
CA GLY C 251 34.22 93.66 59.07
C GLY C 251 35.33 94.33 59.85
N ALA C 252 36.55 93.81 59.77
CA ALA C 252 37.68 94.43 60.41
C ALA C 252 38.32 95.41 59.44
N THR C 253 38.54 96.65 59.89
CA THR C 253 39.19 97.68 59.10
C THR C 253 40.72 97.67 59.27
N ASP C 254 41.28 96.53 59.69
CA ASP C 254 42.72 96.37 59.81
C ASP C 254 43.25 95.81 58.49
N ALA C 255 43.52 96.73 57.56
CA ALA C 255 43.97 96.35 56.22
C ALA C 255 45.40 95.82 56.20
N GLU C 256 46.15 95.98 57.29
CA GLU C 256 47.43 95.28 57.42
C GLU C 256 47.24 93.78 57.48
N ALA C 257 46.15 93.31 58.09
CA ALA C 257 45.93 91.88 58.25
C ALA C 257 45.67 91.21 56.91
N PHE C 258 44.89 91.86 56.05
CA PHE C 258 44.65 91.32 54.71
C PHE C 258 45.91 91.36 53.86
N LYS C 259 46.76 92.36 54.09
CA LYS C 259 48.02 92.48 53.36
C LYS C 259 48.95 91.33 53.68
N ALA C 260 48.98 90.90 54.95
CA ALA C 260 49.84 89.79 55.34
C ALA C 260 49.27 88.45 54.92
N LEU C 261 47.94 88.29 54.97
CA LEU C 261 47.35 87.01 54.64
C LEU C 261 47.28 86.78 53.13
N PHE C 262 47.08 87.84 52.35
CA PHE C 262 47.20 87.69 50.91
C PHE C 262 48.65 87.56 50.47
N GLY C 263 49.61 87.97 51.30
CA GLY C 263 51.02 87.82 51.00
C GLY C 263 51.50 86.37 50.95
N VAL C 264 50.67 85.41 51.34
CA VAL C 264 50.94 84.00 51.12
C VAL C 264 50.12 83.46 49.96
N VAL C 265 48.87 83.87 49.85
CA VAL C 265 47.97 83.28 48.86
C VAL C 265 48.25 83.83 47.47
N ALA C 266 48.50 85.14 47.36
CA ALA C 266 48.82 85.72 46.05
C ALA C 266 50.13 85.21 45.44
N PRO C 267 51.20 84.88 46.19
CA PRO C 267 52.25 84.08 45.56
C PRO C 267 51.84 82.66 45.27
N ALA C 268 50.87 82.11 46.00
CA ALA C 268 50.50 80.71 45.79
C ALA C 268 49.62 80.53 44.56
N ILE C 269 48.65 81.42 44.35
CA ILE C 269 47.76 81.30 43.20
C ILE C 269 48.49 81.65 41.92
N GLU C 270 49.42 82.62 41.99
CA GLU C 270 50.27 82.95 40.86
C GLU C 270 51.16 81.78 40.44
N LYS C 271 51.53 80.92 41.39
CA LYS C 271 52.23 79.69 41.04
C LYS C 271 51.30 78.74 40.28
N ALA C 272 50.23 78.32 40.92
CA ALA C 272 49.30 77.35 40.33
C ALA C 272 47.89 77.93 40.36
N PRO C 273 47.33 78.29 39.21
CA PRO C 273 45.99 78.90 39.21
C PRO C 273 44.89 77.90 39.49
N ASP C 274 45.11 76.64 39.14
CA ASP C 274 44.10 75.60 39.25
C ASP C 274 44.20 74.80 40.54
N ALA C 275 45.06 75.22 41.48
CA ALA C 275 45.39 74.36 42.61
C ALA C 275 44.27 74.33 43.64
N LEU C 276 43.71 75.47 43.99
CA LEU C 276 42.80 75.51 45.12
C LEU C 276 41.36 75.25 44.68
N GLU C 277 40.51 75.00 45.68
CA GLU C 277 39.10 74.78 45.45
C GLU C 277 38.42 76.06 44.99
N VAL C 278 37.38 75.90 44.17
CA VAL C 278 36.68 77.07 43.65
C VAL C 278 35.82 77.74 44.71
N SER C 279 35.51 77.05 45.80
CA SER C 279 34.92 77.73 46.95
C SER C 279 35.93 78.69 47.56
N SER C 280 37.19 78.27 47.68
CA SER C 280 38.23 79.14 48.20
C SER C 280 38.55 80.26 47.22
N LEU C 281 38.57 79.96 45.92
CA LEU C 281 38.89 80.98 44.92
C LEU C 281 37.79 82.03 44.80
N ALA C 282 36.57 81.71 45.23
CA ALA C 282 35.54 82.72 45.34
C ALA C 282 35.54 83.39 46.71
N GLN C 283 35.93 82.66 47.76
CA GLN C 283 36.03 83.26 49.08
C GLN C 283 37.12 84.32 49.13
N LEU C 284 38.16 84.17 48.31
CA LEU C 284 39.16 85.22 48.18
C LEU C 284 38.57 86.48 47.56
N HIS C 285 37.67 86.30 46.59
CA HIS C 285 37.04 87.45 45.96
C HIS C 285 36.07 88.15 46.90
N VAL C 286 35.52 87.43 47.87
CA VAL C 286 34.70 88.07 48.89
C VAL C 286 35.57 88.96 49.78
N ALA C 287 36.72 88.44 50.20
CA ALA C 287 37.61 89.21 51.06
C ALA C 287 38.32 90.31 50.29
N SER C 288 38.45 90.16 48.97
CA SER C 288 38.98 91.22 48.16
C SER C 288 37.97 92.34 47.96
N THR C 289 36.70 92.08 48.23
CA THR C 289 35.64 93.04 47.95
C THR C 289 35.18 93.80 49.20
N ILE C 290 35.06 93.10 50.33
CA ILE C 290 34.50 93.73 51.53
C ILE C 290 35.48 94.73 52.13
N SER C 291 36.66 94.26 52.51
CA SER C 291 37.66 95.17 53.04
C SER C 291 38.30 96.02 51.96
N GLY C 292 38.27 95.57 50.71
CA GLY C 292 38.82 96.35 49.63
C GLY C 292 40.33 96.26 49.49
N ALA C 293 40.98 95.35 50.20
CA ALA C 293 42.40 95.11 49.96
C ALA C 293 42.57 94.42 48.62
N LYS C 294 43.45 94.94 47.79
CA LYS C 294 43.49 94.59 46.38
C LYS C 294 44.53 93.51 46.08
N LEU C 295 44.52 93.07 44.84
CA LEU C 295 45.35 91.98 44.31
C LEU C 295 45.99 92.47 43.02
N PRO C 296 46.88 91.67 42.42
CA PRO C 296 47.28 91.95 41.02
C PRO C 296 46.10 91.92 40.06
N ALA C 297 46.28 92.62 38.93
CA ALA C 297 45.18 92.86 38.01
C ALA C 297 44.80 91.61 37.23
N ALA C 298 45.74 90.68 37.02
CA ALA C 298 45.41 89.45 36.32
C ALA C 298 44.69 88.46 37.21
N VAL C 299 44.94 88.49 38.53
CA VAL C 299 44.27 87.58 39.44
C VAL C 299 43.01 88.19 40.05
N GLY C 300 42.89 89.52 40.05
CA GLY C 300 41.70 90.15 40.58
C GLY C 300 40.51 89.97 39.66
N SER C 301 40.73 90.12 38.36
CA SER C 301 39.69 89.81 37.39
C SER C 301 39.47 88.31 37.28
N PHE C 302 40.45 87.51 37.70
CA PHE C 302 40.30 86.06 37.64
C PHE C 302 39.35 85.55 38.71
N VAL C 303 39.55 85.95 39.95
CA VAL C 303 38.69 85.46 41.02
C VAL C 303 37.31 86.12 40.99
N ALA C 304 37.16 87.23 40.27
CA ALA C 304 35.82 87.78 40.04
C ALA C 304 35.00 86.85 39.16
N LYS C 305 35.62 86.26 38.14
CA LYS C 305 34.95 85.23 37.38
C LYS C 305 34.77 83.96 38.20
N ALA C 306 35.65 83.72 39.17
CA ALA C 306 35.49 82.56 40.03
C ALA C 306 34.29 82.72 40.94
N PHE C 307 33.97 83.95 41.33
CA PHE C 307 32.73 84.17 42.05
C PHE C 307 31.52 84.02 41.13
N GLY C 308 31.72 84.19 39.83
CA GLY C 308 30.67 83.85 38.88
C GLY C 308 30.30 82.39 38.90
N LEU C 309 31.29 81.51 39.08
CA LEU C 309 30.99 80.09 39.12
C LEU C 309 30.35 79.68 40.43
N ALA C 310 30.87 80.17 41.56
CA ALA C 310 30.34 79.75 42.85
C ALA C 310 29.00 80.40 43.15
N ALA C 311 28.62 81.41 42.37
CA ALA C 311 27.24 81.89 42.44
C ALA C 311 26.30 80.90 41.75
N ASP C 312 26.63 80.49 40.54
CA ASP C 312 25.73 79.63 39.77
C ASP C 312 25.75 78.20 40.29
N ALA C 313 26.88 77.75 40.84
CA ALA C 313 26.95 76.39 41.36
C ALA C 313 26.09 76.24 42.60
N ALA C 314 25.96 77.29 43.39
CA ALA C 314 24.98 77.28 44.47
C ALA C 314 23.56 77.39 43.93
N ARG C 315 23.39 77.90 42.71
CA ARG C 315 22.04 77.99 42.15
C ARG C 315 21.54 76.65 41.64
N LEU C 316 22.37 75.94 40.88
CA LEU C 316 21.91 74.69 40.27
C LEU C 316 21.95 73.51 41.23
N LYS C 317 22.77 73.58 42.27
CA LYS C 317 22.73 72.59 43.34
C LYS C 317 21.78 73.00 44.46
N ARG C 318 20.76 73.76 44.15
CA ARG C 318 19.78 74.17 45.14
C ARG C 318 18.96 72.99 45.61
N SER C 319 18.71 72.92 46.91
CA SER C 319 18.05 71.76 47.50
C SER C 319 16.54 71.75 47.31
N SER C 320 15.98 72.69 46.55
CA SER C 320 14.58 72.77 46.11
C SER C 320 13.57 72.96 47.23
N ALA C 321 14.03 72.99 48.48
CA ALA C 321 13.33 73.63 49.56
C ALA C 321 13.69 75.11 49.64
N GLU C 322 14.68 75.52 48.85
CA GLU C 322 14.99 76.92 48.63
C GLU C 322 14.38 77.45 47.34
N SER C 323 14.29 76.62 46.30
CA SER C 323 13.64 77.06 45.08
C SER C 323 12.13 77.20 45.26
N ALA C 324 11.56 76.46 46.21
CA ALA C 324 10.17 76.71 46.59
C ALA C 324 10.05 78.04 47.33
N LEU C 325 11.08 78.42 48.07
CA LEU C 325 11.08 79.71 48.75
C LEU C 325 11.32 80.84 47.75
N VAL C 326 12.15 80.60 46.74
CA VAL C 326 12.51 81.65 45.79
C VAL C 326 11.31 82.06 44.95
N ALA C 327 10.57 81.08 44.42
CA ALA C 327 9.42 81.39 43.58
C ALA C 327 8.30 82.04 44.40
N ASP C 328 8.17 81.66 45.68
CA ASP C 328 7.16 82.27 46.52
C ASP C 328 7.54 83.69 46.92
N VAL C 329 8.82 83.93 47.19
CA VAL C 329 9.26 85.27 47.52
C VAL C 329 9.18 86.17 46.31
N ALA C 330 9.59 85.68 45.15
CA ALA C 330 9.56 86.49 43.94
C ALA C 330 8.14 86.73 43.45
N ALA C 331 7.21 85.82 43.75
CA ALA C 331 5.81 86.12 43.51
C ALA C 331 5.30 87.15 44.51
N ALA C 332 5.84 87.16 45.72
CA ALA C 332 5.44 88.18 46.68
C ALA C 332 5.97 89.56 46.30
N THR C 333 7.07 89.62 45.55
CA THR C 333 7.59 90.92 45.10
C THR C 333 6.73 91.48 43.97
N ALA C 334 6.30 90.62 43.05
CA ALA C 334 5.52 91.10 41.90
C ALA C 334 4.12 91.55 42.32
N VAL C 335 3.59 91.01 43.41
CA VAL C 335 2.34 91.56 43.95
C VAL C 335 2.64 92.75 44.85
N ALA C 336 3.87 92.88 45.35
CA ALA C 336 4.26 94.08 46.06
C ALA C 336 4.56 95.24 45.10
N PHE C 337 4.66 94.97 43.80
CA PHE C 337 4.77 96.01 42.81
C PHE C 337 3.48 96.22 42.04
N GLY C 338 2.49 95.35 42.25
CA GLY C 338 1.15 95.48 41.73
C GLY C 338 0.87 94.59 40.54
N ALA C 339 0.33 93.40 40.85
CA ALA C 339 -0.23 92.49 39.85
C ALA C 339 -1.13 91.54 40.64
N GLN C 340 -2.43 91.80 40.63
CA GLN C 340 -3.32 91.05 41.49
C GLN C 340 -3.82 89.76 40.85
N TYR C 341 -3.48 89.50 39.60
CA TYR C 341 -3.95 88.32 38.90
C TYR C 341 -2.80 87.35 38.63
N ARG C 342 -3.10 86.06 38.77
CA ARG C 342 -2.09 85.03 38.60
C ARG C 342 -1.46 84.91 37.21
N PRO C 343 -2.11 85.31 36.09
CA PRO C 343 -1.32 85.50 34.87
C PRO C 343 -0.27 86.59 34.98
N GLU C 344 -0.60 87.71 35.64
CA GLU C 344 0.33 88.83 35.65
C GLU C 344 1.47 88.64 36.63
N VAL C 345 1.27 87.84 37.68
CA VAL C 345 2.38 87.46 38.55
C VAL C 345 3.34 86.57 37.79
N ALA C 346 2.80 85.63 37.01
CA ALA C 346 3.62 84.68 36.27
C ALA C 346 4.43 85.38 35.18
N SER C 347 3.82 86.35 34.50
CA SER C 347 4.55 87.09 33.48
C SER C 347 5.49 88.12 34.07
N ALA C 348 5.40 88.39 35.37
CA ALA C 348 6.37 89.26 36.02
C ALA C 348 7.50 88.47 36.66
N VAL C 349 7.21 87.29 37.21
CA VAL C 349 8.24 86.50 37.87
C VAL C 349 9.19 85.88 36.86
N ALA C 350 8.77 85.73 35.61
CA ALA C 350 9.67 85.30 34.56
C ALA C 350 10.53 86.42 34.01
N SER C 351 10.34 87.64 34.49
CA SER C 351 11.07 88.80 34.01
C SER C 351 12.02 89.38 35.04
N TYR C 352 11.90 89.01 36.31
CA TYR C 352 12.77 89.52 37.36
C TYR C 352 14.00 88.66 37.58
N VAL C 353 14.31 87.75 36.66
CA VAL C 353 15.41 86.80 36.84
C VAL C 353 16.45 87.19 35.79
N LYS C 354 16.61 88.50 35.61
CA LYS C 354 17.62 89.05 34.73
C LYS C 354 19.03 88.67 35.18
N THR C 355 19.96 88.69 34.23
CA THR C 355 21.33 88.26 34.46
C THR C 355 22.09 89.27 35.31
N ALA C 356 23.27 88.89 35.68
CA ALA C 356 24.31 89.55 36.46
C ALA C 356 25.41 90.08 35.55
N PRO C 357 26.10 91.17 35.94
CA PRO C 357 27.21 91.67 35.12
C PRO C 357 28.39 90.72 35.07
N ASP C 358 28.60 89.92 36.10
CA ASP C 358 29.62 88.89 36.08
C ASP C 358 29.08 87.55 35.60
N GLY C 359 27.88 87.52 35.01
CA GLY C 359 27.40 86.40 34.25
C GLY C 359 26.49 85.44 34.98
N SER C 360 26.33 85.57 36.29
CA SER C 360 25.53 84.61 37.02
C SER C 360 24.04 84.90 36.83
N VAL C 361 23.21 84.12 37.50
CA VAL C 361 21.76 84.29 37.44
C VAL C 361 21.29 84.88 38.76
N LEU C 362 20.78 86.10 38.70
CA LEU C 362 20.13 86.72 39.83
C LEU C 362 18.68 86.28 39.87
N ASP C 363 18.22 85.89 41.06
CA ASP C 363 16.85 85.42 41.19
C ASP C 363 15.85 86.56 41.07
N ILE C 364 16.09 87.66 41.78
CA ILE C 364 15.18 88.80 41.81
C ILE C 364 16.02 90.03 41.48
N ALA C 365 15.82 90.60 40.30
CA ALA C 365 16.56 91.78 39.85
C ALA C 365 15.56 92.85 39.39
N ILE C 366 15.12 93.69 40.31
CA ILE C 366 14.17 94.75 40.03
C ILE C 366 14.93 96.00 39.62
N THR C 367 14.39 96.73 38.64
CA THR C 367 15.06 97.93 38.13
C THR C 367 14.04 99.04 37.88
N LYS C 368 14.45 100.27 38.20
CA LYS C 368 13.68 101.48 37.91
C LYS C 368 14.69 102.60 37.72
N GLY C 369 15.03 102.89 36.48
CA GLY C 369 16.12 103.82 36.24
C GLY C 369 17.44 103.12 36.51
N ASP C 370 18.26 103.71 37.37
CA ASP C 370 19.58 103.15 37.67
C ASP C 370 19.72 102.82 39.15
N ALA C 371 18.72 102.16 39.71
CA ALA C 371 18.85 101.43 40.96
C ALA C 371 18.38 100.00 40.70
N LYS C 372 19.25 99.03 40.96
CA LYS C 372 18.94 97.63 40.72
C LYS C 372 18.92 96.90 42.05
N VAL C 373 17.73 96.64 42.57
CA VAL C 373 17.55 96.05 43.89
C VAL C 373 17.51 94.54 43.73
N LEU C 374 18.55 93.88 44.19
CA LEU C 374 18.56 92.42 44.29
C LEU C 374 17.89 92.02 45.60
N VAL C 375 17.23 90.88 45.59
CA VAL C 375 16.69 90.26 46.80
C VAL C 375 17.27 88.86 46.91
N GLN C 376 17.81 88.52 48.07
CA GLN C 376 18.36 87.21 48.32
C GLN C 376 17.58 86.55 49.46
N ALA C 377 17.40 85.24 49.35
CA ALA C 377 16.59 84.48 50.29
C ALA C 377 17.45 83.47 51.02
N VAL C 378 17.15 83.24 52.30
CA VAL C 378 17.95 82.42 53.19
C VAL C 378 17.02 81.37 53.81
N PRO C 379 16.96 80.16 53.25
CA PRO C 379 15.91 79.21 53.66
C PRO C 379 15.96 78.64 55.08
N SER C 380 16.84 77.69 55.34
CA SER C 380 17.05 77.23 56.71
C SER C 380 18.51 76.83 56.89
N SER C 381 19.14 76.45 55.78
CA SER C 381 20.49 75.94 55.84
C SER C 381 21.49 77.04 56.13
N LEU C 382 21.16 78.28 55.78
CA LEU C 382 22.05 79.40 56.04
C LEU C 382 21.54 80.27 57.19
N LEU C 383 20.73 79.71 58.07
CA LEU C 383 20.32 80.35 59.31
C LEU C 383 20.90 79.57 60.48
N THR C 384 20.81 80.15 61.67
CA THR C 384 21.30 79.53 62.89
C THR C 384 20.25 78.59 63.48
N SER C 385 20.70 77.75 64.41
CA SER C 385 19.85 76.75 65.03
C SER C 385 19.23 77.22 66.34
N THR C 386 19.56 78.42 66.80
CA THR C 386 19.06 78.90 68.09
C THR C 386 17.71 79.59 67.91
N THR C 387 17.26 80.29 68.96
CA THR C 387 15.92 80.88 68.98
C THR C 387 15.73 82.17 68.18
N PRO C 388 16.64 83.15 68.12
CA PRO C 388 16.35 84.32 67.26
C PRO C 388 16.45 84.02 65.77
N ALA C 389 17.26 83.03 65.40
CA ALA C 389 17.50 82.61 64.01
C ALA C 389 18.00 83.78 63.15
N LYS C 390 19.13 84.32 63.55
CA LYS C 390 19.76 85.40 62.82
C LYS C 390 20.44 84.84 61.57
N PRO C 391 20.71 85.69 60.58
CA PRO C 391 21.42 85.23 59.39
C PRO C 391 22.86 84.87 59.65
N LEU C 392 23.47 84.22 58.65
CA LEU C 392 24.85 83.79 58.69
C LEU C 392 25.77 84.83 58.05
N GLY C 393 27.07 84.52 58.05
CA GLY C 393 28.02 85.41 57.41
C GLY C 393 27.96 85.39 55.90
N HIS C 394 27.52 84.26 55.33
CA HIS C 394 27.31 84.18 53.88
C HIS C 394 26.21 85.11 53.40
N VAL C 395 25.26 85.44 54.28
CA VAL C 395 24.18 86.35 53.94
C VAL C 395 24.73 87.75 53.71
N ALA C 396 25.47 88.25 54.69
CA ALA C 396 26.06 89.59 54.54
C ALA C 396 27.21 89.59 53.54
N ALA C 397 27.78 88.42 53.24
CA ALA C 397 28.83 88.35 52.24
C ALA C 397 28.26 88.61 50.85
N TYR C 398 27.17 87.91 50.50
CA TYR C 398 26.56 88.11 49.19
C TYR C 398 25.91 89.49 49.08
N SER C 399 25.53 90.07 50.22
CA SER C 399 25.05 91.45 50.23
C SER C 399 26.16 92.41 49.85
N LYS C 400 27.32 92.28 50.50
CA LYS C 400 28.38 93.26 50.33
C LYS C 400 29.14 93.08 49.02
N VAL C 401 29.01 91.93 48.35
CA VAL C 401 29.74 91.72 47.12
C VAL C 401 28.91 92.09 45.89
N ARG C 402 27.58 92.11 46.01
CA ARG C 402 26.75 92.54 44.90
C ARG C 402 26.63 94.05 44.83
N GLU C 403 26.82 94.73 45.96
CA GLU C 403 26.78 96.20 45.96
C GLU C 403 27.97 96.78 45.19
N ALA C 404 29.11 96.10 45.20
CA ALA C 404 30.25 96.54 44.42
C ALA C 404 30.03 96.34 42.93
N GLN C 405 29.09 95.48 42.54
CA GLN C 405 28.69 95.34 41.16
C GLN C 405 27.47 96.20 40.82
N GLY C 406 27.20 97.21 41.64
CA GLY C 406 26.19 98.18 41.31
C GLY C 406 24.78 97.81 41.68
N TYR C 407 24.59 97.06 42.76
CA TYR C 407 23.25 96.63 43.16
C TYR C 407 22.92 97.11 44.55
N ALA C 408 21.64 96.95 44.89
CA ALA C 408 21.15 97.09 46.25
C ALA C 408 20.57 95.74 46.65
N VAL C 409 20.74 95.38 47.91
CA VAL C 409 20.43 94.03 48.36
C VAL C 409 19.53 94.07 49.58
N ALA C 410 18.41 93.37 49.49
CA ALA C 410 17.49 93.17 50.60
C ALA C 410 17.47 91.71 50.97
N VAL C 411 17.41 91.42 52.26
CA VAL C 411 17.49 90.05 52.78
C VAL C 411 16.14 89.65 53.33
N VAL C 412 15.61 88.54 52.87
CA VAL C 412 14.33 88.03 53.35
C VAL C 412 14.54 86.70 54.09
N PRO C 413 14.57 86.72 55.42
CA PRO C 413 14.77 85.48 56.18
C PRO C 413 13.52 84.63 56.15
N ALA C 414 13.70 83.33 56.00
CA ALA C 414 12.58 82.45 55.72
C ALA C 414 11.88 81.93 56.96
N ASN C 415 12.54 81.92 58.12
CA ASN C 415 11.78 81.65 59.34
C ASN C 415 10.89 82.82 59.70
N GLU C 416 11.32 84.04 59.33
CA GLU C 416 10.51 85.23 59.49
C GLU C 416 9.61 85.49 58.28
N PHE C 417 9.66 84.62 57.27
CA PHE C 417 8.78 84.72 56.10
C PHE C 417 7.62 83.76 56.18
N GLU C 418 7.89 82.48 56.42
CA GLU C 418 6.88 81.44 56.35
C GLU C 418 5.98 81.35 57.59
N ALA C 419 6.06 82.31 58.50
CA ALA C 419 5.12 82.36 59.60
C ALA C 419 3.88 83.19 59.30
N LEU C 420 3.93 84.04 58.27
CA LEU C 420 2.79 84.88 57.91
C LEU C 420 1.95 84.16 56.88
N PRO C 421 0.69 83.84 57.18
CA PRO C 421 -0.07 82.84 56.40
C PRO C 421 -0.78 83.36 55.16
N ASP C 422 -0.46 84.54 54.65
CA ASP C 422 -1.10 85.01 53.43
C ASP C 422 -0.12 85.81 52.59
N GLN C 423 -0.44 85.92 51.29
CA GLN C 423 0.41 86.63 50.35
C GLN C 423 0.33 88.14 50.53
N LYS C 424 -0.69 88.63 51.24
CA LYS C 424 -0.86 90.07 51.42
C LYS C 424 0.22 90.63 52.34
N ALA C 425 0.37 90.07 53.54
CA ALA C 425 1.36 90.57 54.48
C ALA C 425 2.79 90.25 54.05
N LYS C 426 2.96 89.20 53.25
CA LYS C 426 4.26 88.93 52.65
C LYS C 426 4.63 90.02 51.65
N ALA C 427 3.63 90.57 50.96
CA ALA C 427 3.89 91.69 50.06
C ALA C 427 4.28 92.94 50.83
N GLN C 428 3.65 93.16 51.98
CA GLN C 428 4.06 94.26 52.86
C GLN C 428 5.43 93.99 53.47
N TYR C 429 5.78 92.71 53.64
CA TYR C 429 7.05 92.35 54.24
C TYR C 429 8.21 92.73 53.34
N VAL C 430 8.18 92.30 52.08
CA VAL C 430 9.35 92.44 51.24
C VAL C 430 9.44 93.85 50.64
N LEU C 431 8.30 94.52 50.44
CA LEU C 431 8.34 95.88 49.91
C LEU C 431 8.90 96.85 50.93
N ALA C 432 8.49 96.73 52.19
CA ALA C 432 9.14 97.49 53.25
C ALA C 432 10.60 97.06 53.42
N ALA C 433 10.90 95.79 53.16
CA ALA C 433 12.30 95.35 53.13
C ALA C 433 13.02 95.84 51.89
N ILE C 434 12.28 96.12 50.81
CA ILE C 434 12.89 96.76 49.64
C ILE C 434 13.26 98.20 49.95
N LYS C 435 12.36 98.92 50.63
CA LYS C 435 12.57 100.33 50.92
C LYS C 435 13.73 100.55 51.88
N LYS C 436 14.01 99.56 52.74
CA LYS C 436 15.03 99.74 53.77
C LYS C 436 16.44 99.82 53.18
N VAL C 437 16.70 99.08 52.09
CA VAL C 437 18.00 99.21 51.44
C VAL C 437 18.00 100.36 50.46
N ALA C 438 16.88 100.62 49.78
CA ALA C 438 16.80 101.75 48.89
C ALA C 438 15.35 102.20 48.84
N PRO C 439 15.05 103.46 49.16
CA PRO C 439 13.68 103.96 49.05
C PRO C 439 13.29 104.40 47.65
N SER C 440 14.10 104.10 46.64
CA SER C 440 13.90 104.58 45.27
C SER C 440 12.84 103.81 44.50
N PHE C 441 12.08 102.93 45.15
CA PHE C 441 11.12 102.09 44.45
C PHE C 441 9.71 102.21 45.02
N PRO D 77 60.20 -121.68 16.07
CA PRO D 77 61.07 -120.52 16.03
C PRO D 77 60.61 -119.50 14.97
N SER D 78 59.76 -119.94 14.04
CA SER D 78 59.21 -119.04 13.04
C SER D 78 58.20 -118.08 13.67
N GLN D 79 57.21 -118.62 14.37
CA GLN D 79 56.24 -117.77 15.06
C GLN D 79 56.82 -117.23 16.38
N ASN D 80 57.95 -117.77 16.83
CA ASN D 80 58.56 -117.23 18.03
C ASN D 80 59.29 -115.92 17.78
N LEU D 81 59.89 -115.75 16.59
CA LEU D 81 60.57 -114.49 16.31
C LEU D 81 59.60 -113.37 15.99
N VAL D 82 58.39 -113.69 15.53
CA VAL D 82 57.34 -112.69 15.48
C VAL D 82 56.71 -112.49 16.85
N SER D 83 56.93 -113.42 17.79
CA SER D 83 56.54 -113.19 19.17
C SER D 83 57.57 -112.39 19.93
N THR D 84 58.84 -112.45 19.51
CA THR D 84 59.84 -111.53 20.04
C THR D 84 59.63 -110.13 19.46
N PHE D 85 59.11 -110.06 18.24
CA PHE D 85 58.87 -108.78 17.59
C PHE D 85 57.60 -108.09 18.11
N ALA D 86 56.59 -108.86 18.51
CA ALA D 86 55.32 -108.28 18.92
C ALA D 86 55.37 -107.75 20.35
N ASN D 87 56.20 -108.33 21.21
CA ASN D 87 56.25 -107.91 22.61
C ASN D 87 57.13 -106.70 22.85
N LYS D 88 58.15 -106.48 22.02
CA LYS D 88 59.17 -105.48 22.32
C LYS D 88 59.18 -104.30 21.36
N VAL D 89 58.46 -104.35 20.25
CA VAL D 89 58.48 -103.27 19.26
C VAL D 89 57.14 -102.54 19.21
N ILE D 90 56.07 -103.24 18.83
CA ILE D 90 54.78 -102.59 18.59
C ILE D 90 54.02 -102.60 19.91
N VAL D 91 54.24 -101.55 20.70
CA VAL D 91 53.48 -101.23 21.90
C VAL D 91 53.04 -99.77 21.75
N GLU D 92 52.40 -99.20 22.77
CA GLU D 92 52.09 -97.79 22.70
C GLU D 92 53.32 -96.91 22.86
N GLU D 93 54.33 -97.38 23.62
CA GLU D 93 55.48 -96.54 23.94
C GLU D 93 56.40 -96.31 22.76
N ASN D 94 56.45 -97.25 21.82
CA ASN D 94 57.15 -96.98 20.56
C ASN D 94 56.21 -96.44 19.49
N LEU D 95 54.91 -96.47 19.74
CA LEU D 95 53.96 -95.75 18.90
C LEU D 95 54.01 -94.26 19.18
N VAL D 96 54.45 -93.85 20.37
CA VAL D 96 54.59 -92.45 20.71
C VAL D 96 56.03 -91.96 20.59
N ASN D 97 56.88 -92.72 19.89
CA ASN D 97 58.27 -92.30 19.69
C ASN D 97 58.47 -91.49 18.42
N VAL D 98 57.70 -91.77 17.37
CA VAL D 98 57.86 -91.06 16.11
C VAL D 98 56.99 -89.82 16.03
N ALA D 99 55.96 -89.72 16.87
CA ALA D 99 55.03 -88.59 16.84
C ALA D 99 55.61 -87.34 17.51
N GLU D 100 56.80 -87.46 18.10
CA GLU D 100 57.49 -86.31 18.68
C GLU D 100 57.98 -85.33 17.61
N ILE D 101 58.39 -85.85 16.46
CA ILE D 101 59.05 -85.03 15.46
C ILE D 101 58.06 -84.13 14.76
N ASP D 102 56.86 -84.66 14.49
CA ASP D 102 55.76 -83.87 13.92
C ASP D 102 54.64 -84.01 14.94
N VAL D 103 54.49 -83.01 15.80
CA VAL D 103 53.49 -83.09 16.87
C VAL D 103 52.05 -82.98 16.36
N PRO D 104 51.63 -81.94 15.61
CA PRO D 104 50.19 -81.79 15.38
C PRO D 104 49.61 -82.78 14.39
N PHE D 105 50.42 -83.21 13.42
CA PHE D 105 49.91 -84.09 12.37
C PHE D 105 49.59 -85.48 12.92
N TRP D 106 50.52 -86.06 13.66
CA TRP D 106 50.28 -87.40 14.19
C TRP D 106 49.29 -87.38 15.34
N SER D 107 49.14 -86.24 16.00
CA SER D 107 48.14 -86.15 17.05
C SER D 107 46.74 -86.15 16.48
N TYR D 108 46.57 -85.56 15.30
CA TYR D 108 45.24 -85.34 14.76
C TYR D 108 44.59 -86.64 14.29
N TRP D 109 45.35 -87.46 13.54
CA TRP D 109 44.76 -88.63 12.92
C TRP D 109 44.62 -89.80 13.90
N LEU D 110 45.54 -89.91 14.85
CA LEU D 110 45.43 -91.02 15.79
C LEU D 110 44.40 -90.74 16.88
N SER D 111 44.14 -89.46 17.18
CA SER D 111 42.97 -89.13 17.98
C SER D 111 41.68 -89.39 17.19
N SER D 112 41.74 -89.27 15.87
CA SER D 112 40.63 -89.67 15.02
C SER D 112 40.55 -91.19 14.88
N ALA D 113 41.57 -91.91 15.33
CA ALA D 113 41.58 -93.36 15.33
C ALA D 113 41.06 -93.96 16.63
N GLY D 114 40.57 -93.14 17.55
CA GLY D 114 40.13 -93.61 18.84
C GLY D 114 41.24 -93.83 19.86
N PHE D 115 42.49 -93.56 19.49
CA PHE D 115 43.65 -93.73 20.35
C PHE D 115 43.72 -92.48 21.22
N THR D 116 43.04 -92.51 22.36
CA THR D 116 42.97 -91.32 23.21
C THR D 116 44.20 -91.22 24.09
N SER D 117 44.38 -92.18 25.01
CA SER D 117 45.64 -92.50 25.73
C SER D 117 46.20 -91.27 26.47
N LYS D 118 45.53 -90.92 27.58
CA LYS D 118 45.84 -89.76 28.41
C LYS D 118 47.32 -89.62 28.77
N ASP D 119 48.01 -90.73 28.99
CA ASP D 119 49.44 -90.68 29.26
C ASP D 119 50.23 -90.19 28.05
N ALA D 120 49.79 -90.53 26.84
CA ALA D 120 50.52 -90.13 25.65
C ALA D 120 50.39 -88.64 25.38
N PHE D 121 49.26 -88.03 25.75
CA PHE D 121 49.08 -86.61 25.47
C PHE D 121 49.86 -85.72 26.42
N VAL D 122 50.33 -86.26 27.55
CA VAL D 122 51.30 -85.53 28.35
C VAL D 122 52.65 -85.49 27.63
N LYS D 123 52.98 -86.58 26.93
CA LYS D 123 54.22 -86.60 26.15
C LYS D 123 54.11 -85.69 24.94
N PHE D 124 52.90 -85.44 24.44
CA PHE D 124 52.72 -84.45 23.39
C PHE D 124 52.83 -83.03 23.92
N ALA D 125 52.28 -82.79 25.12
CA ALA D 125 52.11 -81.43 25.63
C ALA D 125 53.46 -80.79 25.98
N GLU D 126 54.38 -81.57 26.53
CA GLU D 126 55.72 -81.09 26.80
C GLU D 126 56.65 -81.20 25.59
N ALA D 127 56.10 -81.49 24.41
CA ALA D 127 56.91 -81.65 23.21
C ALA D 127 56.72 -80.53 22.20
N VAL D 128 55.56 -79.87 22.19
CA VAL D 128 55.24 -78.88 21.19
C VAL D 128 55.49 -77.45 21.69
N LYS D 129 55.64 -77.26 23.00
CA LYS D 129 55.82 -75.92 23.55
C LYS D 129 57.06 -75.15 23.08
N PRO D 130 58.14 -75.74 22.55
CA PRO D 130 59.07 -74.89 21.79
C PRO D 130 58.51 -74.32 20.51
N LYS D 131 57.59 -75.01 19.84
CA LYS D 131 57.23 -74.69 18.47
C LYS D 131 55.79 -74.25 18.31
N VAL D 132 55.16 -73.78 19.38
CA VAL D 132 53.77 -73.33 19.28
C VAL D 132 53.69 -72.00 18.55
N ALA D 133 54.45 -71.01 19.02
CA ALA D 133 54.36 -69.65 18.49
C ALA D 133 54.98 -69.51 17.11
N ALA D 134 55.77 -70.49 16.66
CA ALA D 134 56.35 -70.45 15.33
C ALA D 134 55.62 -71.38 14.37
N LEU D 135 54.39 -71.74 14.68
CA LEU D 135 53.63 -72.70 13.91
C LEU D 135 52.56 -71.99 13.09
N SER D 136 52.26 -72.54 11.93
CA SER D 136 51.23 -71.96 11.06
C SER D 136 49.85 -72.30 11.59
N THR D 137 48.81 -71.81 10.91
CA THR D 137 47.47 -71.84 11.48
C THR D 137 46.81 -73.20 11.36
N SER D 138 46.98 -73.87 10.21
CA SER D 138 46.30 -75.14 9.98
C SER D 138 46.78 -76.23 10.91
N ASP D 139 48.06 -76.19 11.31
CA ASP D 139 48.55 -77.17 12.26
C ASP D 139 47.98 -76.93 13.65
N ILE D 140 47.69 -75.66 14.00
CA ILE D 140 47.16 -75.33 15.31
C ILE D 140 45.79 -75.97 15.51
N THR D 141 44.98 -76.02 14.45
CA THR D 141 43.72 -76.74 14.55
C THR D 141 43.96 -78.23 14.65
N ASN D 142 44.97 -78.74 13.94
CA ASN D 142 45.31 -80.15 14.09
C ASN D 142 45.92 -80.44 15.46
N LEU D 143 46.47 -79.42 16.10
CA LEU D 143 46.93 -79.60 17.47
C LEU D 143 45.76 -79.70 18.44
N THR D 144 44.91 -78.68 18.49
CA THR D 144 43.98 -78.56 19.60
C THR D 144 42.74 -79.42 19.44
N VAL D 145 42.43 -79.91 18.24
CA VAL D 145 41.27 -80.80 18.11
C VAL D 145 41.57 -82.14 18.74
N ALA D 146 42.82 -82.61 18.62
CA ALA D 146 43.25 -83.81 19.31
C ALA D 146 43.22 -83.62 20.82
N PHE D 147 43.57 -82.42 21.28
CA PHE D 147 43.59 -82.15 22.71
C PHE D 147 42.20 -81.93 23.29
N LYS D 148 41.16 -81.96 22.46
CA LYS D 148 39.80 -82.00 22.98
C LYS D 148 39.32 -83.44 23.13
N ARG D 149 39.59 -84.28 22.13
CA ARG D 149 39.16 -85.67 22.15
C ARG D 149 39.86 -86.48 23.23
N ALA D 150 41.08 -86.11 23.61
CA ALA D 150 41.79 -86.79 24.68
C ALA D 150 41.34 -86.35 26.06
N ASN D 151 40.55 -85.26 26.13
CA ASN D 151 40.10 -84.65 27.38
C ASN D 151 41.25 -84.29 28.30
N TYR D 152 42.35 -83.83 27.70
CA TYR D 152 43.55 -83.45 28.43
C TYR D 152 43.79 -81.97 28.23
N TYR D 153 44.07 -81.26 29.32
CA TYR D 153 44.16 -79.80 29.30
C TYR D 153 45.39 -79.35 30.05
N ASP D 154 46.41 -78.92 29.32
CA ASP D 154 47.63 -78.40 29.91
C ASP D 154 47.59 -76.88 29.86
N LYS D 155 47.76 -76.23 31.01
CA LYS D 155 47.69 -74.77 31.03
C LYS D 155 49.01 -74.13 30.67
N ASP D 156 50.12 -74.85 30.81
CA ASP D 156 51.40 -74.32 30.35
C ASP D 156 51.50 -74.30 28.83
N LEU D 157 50.75 -75.16 28.14
CA LEU D 157 50.68 -75.08 26.70
C LEU D 157 49.72 -73.97 26.27
N PHE D 158 48.57 -73.87 26.93
CA PHE D 158 47.48 -73.05 26.42
C PHE D 158 47.74 -71.56 26.58
N THR D 159 48.73 -71.17 27.38
CA THR D 159 49.21 -69.80 27.31
C THR D 159 49.93 -69.55 26.00
N GLY D 160 50.67 -70.55 25.52
CA GLY D 160 51.37 -70.41 24.25
C GLY D 160 50.42 -70.39 23.05
N ILE D 161 49.36 -71.19 23.12
CA ILE D 161 48.51 -71.32 21.93
C ILE D 161 47.60 -70.11 21.77
N GLU D 162 47.32 -69.39 22.85
CA GLU D 162 46.54 -68.17 22.68
C GLU D 162 47.42 -67.04 22.18
N ALA D 163 48.70 -67.02 22.58
CA ALA D 163 49.62 -66.01 22.07
C ALA D 163 49.90 -66.21 20.59
N ASN D 164 49.80 -67.44 20.10
CA ASN D 164 49.81 -67.66 18.66
C ASN D 164 48.54 -67.13 18.02
N VAL D 165 47.39 -67.31 18.69
CA VAL D 165 46.13 -66.81 18.15
C VAL D 165 46.08 -65.28 18.23
N SER D 166 46.58 -64.72 19.34
CA SER D 166 46.52 -63.27 19.51
C SER D 166 47.48 -62.54 18.60
N ALA D 167 48.58 -63.17 18.19
CA ALA D 167 49.52 -62.54 17.29
C ALA D 167 49.29 -62.92 15.83
N ASN D 168 48.45 -63.91 15.56
CA ASN D 168 48.13 -64.32 14.19
C ASN D 168 46.64 -64.51 14.05
N PHE D 169 45.87 -63.52 14.50
CA PHE D 169 44.41 -63.56 14.39
C PHE D 169 43.91 -63.23 12.99
N THR D 170 44.79 -63.12 12.01
CA THR D 170 44.42 -62.75 10.66
C THR D 170 44.56 -63.88 9.66
N LYS D 171 45.41 -64.88 9.92
CA LYS D 171 45.60 -65.98 9.00
C LYS D 171 44.63 -67.13 9.24
N PHE D 172 43.66 -66.95 10.12
CA PHE D 172 42.79 -68.04 10.53
C PHE D 172 41.50 -68.01 9.74
N GLU D 173 41.32 -69.00 8.88
CA GLU D 173 40.02 -69.26 8.29
C GLU D 173 39.05 -69.68 9.38
N THR D 174 37.80 -69.22 9.29
CA THR D 174 36.88 -69.37 10.41
C THR D 174 36.41 -70.81 10.61
N GLU D 175 36.70 -71.71 9.68
CA GLU D 175 36.53 -73.14 9.97
C GLU D 175 37.50 -73.57 11.04
N GLN D 176 38.68 -72.94 11.09
CA GLN D 176 39.66 -73.32 12.09
C GLN D 176 39.30 -72.74 13.46
N LEU D 177 38.70 -71.54 13.49
CA LEU D 177 38.48 -70.89 14.78
C LEU D 177 37.34 -71.51 15.56
N LEU D 178 36.34 -72.05 14.88
CA LEU D 178 35.20 -72.60 15.58
C LEU D 178 35.54 -73.89 16.31
N GLN D 179 36.51 -74.63 15.79
CA GLN D 179 36.97 -75.80 16.53
C GLN D 179 37.81 -75.38 17.74
N ILE D 180 38.60 -74.32 17.60
CA ILE D 180 39.51 -73.89 18.66
C ILE D 180 38.73 -73.35 19.87
N VAL D 181 37.69 -72.57 19.60
CA VAL D 181 36.83 -72.08 20.68
C VAL D 181 36.09 -73.23 21.34
N ALA D 182 35.77 -74.28 20.58
CA ALA D 182 35.08 -75.43 21.14
C ALA D 182 35.96 -76.19 22.13
N THR D 183 37.26 -76.30 21.84
CA THR D 183 38.17 -76.83 22.85
C THR D 183 38.31 -75.88 24.02
N PHE D 184 38.29 -74.58 23.74
CA PHE D 184 38.39 -73.59 24.80
C PHE D 184 37.09 -73.42 25.57
N ASP D 185 35.99 -74.02 25.11
CA ASP D 185 34.77 -74.01 25.89
C ASP D 185 34.55 -75.32 26.64
N ALA D 186 35.12 -76.41 26.16
CA ALA D 186 35.15 -77.64 26.95
C ALA D 186 36.28 -77.62 27.98
N PHE D 187 37.26 -76.74 27.79
CA PHE D 187 38.32 -76.49 28.77
C PHE D 187 38.33 -75.00 29.05
N ASN D 188 37.89 -74.61 30.24
CA ASN D 188 37.64 -73.20 30.53
C ASN D 188 38.97 -72.45 30.68
N HIS D 189 39.37 -71.78 29.61
CA HIS D 189 40.54 -70.91 29.59
C HIS D 189 40.21 -69.70 28.74
N SER D 190 40.38 -68.49 29.29
CA SER D 190 39.88 -67.28 28.66
C SER D 190 40.70 -66.09 29.12
N SER D 191 41.50 -65.52 28.22
CA SER D 191 42.07 -64.20 28.44
C SER D 191 41.26 -63.17 27.67
N VAL D 192 41.33 -61.92 28.13
CA VAL D 192 40.52 -60.88 27.50
C VAL D 192 41.12 -60.43 26.19
N ALA D 193 42.43 -60.56 26.00
CA ALA D 193 43.00 -60.30 24.69
C ALA D 193 42.64 -61.42 23.70
N PHE D 194 42.53 -62.65 24.20
CA PHE D 194 42.08 -63.75 23.36
C PHE D 194 40.62 -63.61 23.00
N LEU D 195 39.82 -63.09 23.94
CA LEU D 195 38.38 -62.98 23.71
C LEU D 195 38.07 -61.99 22.60
N ASP D 196 38.81 -60.89 22.54
CA ASP D 196 38.55 -59.92 21.50
C ASP D 196 39.14 -60.35 20.16
N ASP D 197 40.31 -60.98 20.16
CA ASP D 197 40.97 -61.27 18.89
C ASP D 197 40.27 -62.40 18.13
N VAL D 198 39.64 -63.33 18.82
CA VAL D 198 38.77 -64.28 18.14
C VAL D 198 37.53 -63.57 17.62
N ALA D 199 36.98 -62.65 18.43
CA ALA D 199 35.85 -61.85 17.99
C ALA D 199 36.25 -60.86 16.90
N ASP D 200 37.52 -60.45 16.88
CA ASP D 200 37.98 -59.60 15.79
C ASP D 200 38.04 -60.36 14.48
N SER D 201 38.38 -61.64 14.54
CA SER D 201 38.70 -62.38 13.32
C SER D 201 37.44 -62.72 12.53
N ILE D 202 36.41 -63.22 13.20
CA ILE D 202 35.20 -63.65 12.51
C ILE D 202 34.41 -62.46 11.99
N THR D 203 34.60 -61.29 12.60
CA THR D 203 33.94 -60.09 12.10
C THR D 203 34.57 -59.61 10.81
N TYR D 204 35.87 -59.36 10.82
CA TYR D 204 36.48 -58.64 9.72
C TYR D 204 37.55 -59.42 8.99
N CYS D 205 38.40 -60.17 9.67
CA CYS D 205 39.51 -60.85 9.02
C CYS D 205 39.12 -62.21 8.45
N ASN D 206 37.84 -62.46 8.25
CA ASN D 206 37.35 -63.55 7.42
C ASN D 206 36.21 -63.02 6.59
N HIS D 207 35.68 -63.84 5.71
CA HIS D 207 34.54 -63.41 4.92
C HIS D 207 33.30 -63.34 5.79
N TYR D 208 32.36 -62.50 5.40
CA TYR D 208 31.23 -62.23 6.26
C TYR D 208 30.06 -63.17 6.06
N LEU D 209 30.07 -63.97 5.00
CA LEU D 209 29.08 -65.04 4.90
C LEU D 209 29.49 -66.24 5.71
N ALA D 210 30.78 -66.42 5.91
CA ALA D 210 31.47 -67.63 6.32
C ALA D 210 30.93 -68.37 7.55
N PRO D 211 30.23 -67.74 8.50
CA PRO D 211 29.44 -68.54 9.45
C PRO D 211 28.28 -69.33 8.84
N VAL D 212 27.92 -69.13 7.56
CA VAL D 212 26.89 -69.96 6.96
C VAL D 212 27.39 -71.38 6.77
N ARG D 213 28.57 -71.55 6.19
CA ARG D 213 29.11 -72.87 5.89
C ARG D 213 29.69 -73.57 7.10
N ALA D 214 29.42 -73.08 8.30
CA ALA D 214 30.03 -73.58 9.51
C ALA D 214 29.14 -74.56 10.27
N GLY D 215 27.83 -74.46 10.12
CA GLY D 215 26.95 -75.37 10.82
C GLY D 215 26.51 -74.83 12.17
N ALA D 216 25.28 -75.16 12.55
CA ALA D 216 24.68 -74.59 13.74
C ALA D 216 25.34 -75.07 15.03
N ASP D 217 25.87 -76.31 15.02
CA ASP D 217 26.38 -76.89 16.25
C ASP D 217 27.65 -76.19 16.72
N GLU D 218 28.47 -75.72 15.79
CA GLU D 218 29.69 -75.03 16.18
C GLU D 218 29.41 -73.63 16.66
N LEU D 219 28.41 -72.96 16.08
CA LEU D 219 28.13 -71.57 16.47
C LEU D 219 27.37 -71.48 17.78
N ALA D 220 26.73 -72.56 18.21
CA ALA D 220 26.22 -72.58 19.58
C ALA D 220 27.36 -72.65 20.58
N THR D 221 28.46 -73.32 20.20
CA THR D 221 29.58 -73.46 21.11
C THR D 221 30.34 -72.14 21.26
N LEU D 222 30.53 -71.42 20.14
CA LEU D 222 31.19 -70.12 20.22
C LEU D 222 30.33 -69.11 20.98
N LEU D 223 29.01 -69.20 20.84
CA LEU D 223 28.11 -68.25 21.49
C LEU D 223 28.12 -68.40 23.00
N THR D 224 28.04 -69.63 23.51
CA THR D 224 28.06 -69.81 24.95
C THR D 224 29.44 -69.55 25.53
N TYR D 225 30.48 -69.57 24.72
CA TYR D 225 31.81 -69.23 25.22
C TYR D 225 31.92 -67.74 25.47
N TYR D 226 31.32 -66.92 24.60
CA TYR D 226 31.29 -65.49 24.83
C TYR D 226 30.25 -65.12 25.88
N ALA D 227 29.31 -66.01 26.15
CA ALA D 227 28.27 -65.73 27.14
C ALA D 227 28.69 -66.15 28.54
N LYS D 228 29.41 -67.26 28.68
CA LYS D 228 29.85 -67.69 30.00
C LYS D 228 30.86 -66.73 30.58
N ASN D 229 31.78 -66.24 29.76
CA ASN D 229 32.80 -65.32 30.21
C ASN D 229 32.34 -63.87 30.22
N GLY D 230 31.09 -63.62 29.83
CA GLY D 230 30.48 -62.31 30.00
C GLY D 230 31.09 -61.20 29.18
N HIS D 231 31.73 -61.53 28.06
CA HIS D 231 32.44 -60.56 27.25
C HIS D 231 31.57 -60.18 26.06
N GLU D 232 30.78 -59.13 26.23
CA GLU D 232 29.86 -58.71 25.20
C GLU D 232 30.60 -58.04 24.06
N ARG D 233 30.16 -58.34 22.84
CA ARG D 233 30.78 -57.77 21.65
C ARG D 233 29.74 -57.79 20.55
N ALA D 234 29.13 -56.62 20.27
CA ALA D 234 27.90 -56.58 19.49
C ALA D 234 28.12 -56.89 18.03
N ASP D 235 29.22 -56.41 17.44
CA ASP D 235 29.45 -56.64 16.02
C ASP D 235 29.82 -58.10 15.72
N LEU D 236 30.28 -58.85 16.74
CA LEU D 236 30.47 -60.28 16.55
C LEU D 236 29.14 -61.00 16.42
N LEU D 237 28.18 -60.65 17.27
CA LEU D 237 26.91 -61.36 17.30
C LEU D 237 26.07 -61.04 16.07
N ALA D 238 26.31 -59.90 15.43
CA ALA D 238 25.68 -59.65 14.15
C ALA D 238 26.24 -60.58 13.07
N THR D 239 27.52 -60.94 13.17
CA THR D 239 28.10 -61.88 12.23
C THR D 239 27.67 -63.30 12.53
N VAL D 240 27.64 -63.66 13.82
CA VAL D 240 27.15 -64.96 14.26
C VAL D 240 25.64 -65.12 14.04
N ALA D 241 24.93 -64.00 13.89
CA ALA D 241 23.52 -64.05 13.54
C ALA D 241 23.31 -64.68 12.17
N ARG D 242 24.25 -64.47 11.25
CA ARG D 242 24.12 -65.01 9.91
C ARG D 242 24.40 -66.49 9.82
N GLY D 243 24.83 -67.13 10.90
CA GLY D 243 25.07 -68.55 10.88
C GLY D 243 23.91 -69.34 11.43
N PHE D 244 22.77 -68.68 11.57
CA PHE D 244 21.56 -69.28 12.13
C PHE D 244 20.40 -69.00 11.18
N SER D 245 20.02 -69.99 10.40
CA SER D 245 18.79 -69.92 9.62
C SER D 245 18.24 -71.33 9.46
N GLU D 246 17.31 -71.50 8.52
CA GLU D 246 16.60 -72.76 8.37
C GLU D 246 17.50 -73.84 7.80
N VAL D 247 18.25 -73.53 6.74
CA VAL D 247 19.04 -74.55 6.08
C VAL D 247 20.26 -74.92 6.92
N SER D 248 20.74 -74.00 7.75
CA SER D 248 21.74 -74.36 8.73
C SER D 248 21.17 -75.20 9.85
N LEU D 249 19.86 -75.07 10.10
CA LEU D 249 19.19 -75.90 11.09
C LEU D 249 18.48 -77.09 10.47
N GLY D 250 18.33 -77.14 9.15
CA GLY D 250 17.68 -78.27 8.52
C GLY D 250 18.52 -79.52 8.46
N LYS D 251 19.84 -79.39 8.55
CA LYS D 251 20.75 -80.51 8.43
C LYS D 251 21.00 -81.22 9.74
N LEU D 252 20.09 -81.12 10.70
CA LEU D 252 20.33 -81.66 12.02
C LEU D 252 19.25 -82.65 12.43
N SER D 253 19.59 -83.50 13.39
CA SER D 253 18.58 -84.22 14.14
C SER D 253 17.83 -83.24 15.04
N ALA D 254 16.64 -83.65 15.47
CA ALA D 254 15.89 -82.82 16.41
C ALA D 254 16.52 -82.82 17.80
N ALA D 255 17.35 -83.81 18.10
CA ALA D 255 17.96 -83.89 19.42
C ALA D 255 19.03 -82.83 19.61
N GLN D 256 19.97 -82.72 18.66
CA GLN D 256 20.99 -81.69 18.75
C GLN D 256 20.41 -80.31 18.50
N ARG D 257 19.29 -80.23 17.79
CA ARG D 257 18.67 -78.94 17.49
C ARG D 257 18.15 -78.26 18.75
N LYS D 258 17.70 -79.06 19.73
CA LYS D 258 17.17 -78.51 20.96
C LYS D 258 18.26 -77.82 21.78
N ASP D 259 19.39 -78.49 21.98
CA ASP D 259 20.49 -77.89 22.74
C ASP D 259 21.16 -76.77 21.96
N THR D 260 21.15 -76.84 20.62
CA THR D 260 21.73 -75.77 19.83
C THR D 260 20.93 -74.49 19.94
N VAL D 261 19.60 -74.60 19.90
CA VAL D 261 18.76 -73.42 20.06
C VAL D 261 18.85 -72.89 21.48
N LEU D 262 18.76 -73.78 22.47
CA LEU D 262 18.58 -73.37 23.85
C LEU D 262 19.84 -72.75 24.44
N SER D 263 21.01 -73.29 24.08
CA SER D 263 22.26 -72.67 24.52
C SER D 263 22.45 -71.30 23.89
N ALA D 264 21.95 -71.12 22.67
CA ALA D 264 21.97 -69.80 22.07
C ALA D 264 20.99 -68.86 22.76
N LEU D 265 19.83 -69.36 23.18
CA LEU D 265 18.82 -68.46 23.71
C LEU D 265 19.10 -68.05 25.15
N LYS D 266 19.91 -68.82 25.88
CA LYS D 266 20.49 -68.28 27.10
C LYS D 266 21.56 -67.25 26.76
N ALA D 267 22.31 -67.49 25.69
CA ALA D 267 23.38 -66.59 25.30
C ALA D 267 22.83 -65.31 24.68
N PHE D 268 21.88 -65.44 23.75
CA PHE D 268 21.31 -64.26 23.10
C PHE D 268 20.48 -63.42 24.04
N GLN D 269 19.99 -63.98 25.14
CA GLN D 269 19.30 -63.19 26.15
C GLN D 269 20.22 -62.64 27.21
N THR D 270 21.39 -63.26 27.42
CA THR D 270 22.40 -62.68 28.28
C THR D 270 22.94 -61.39 27.69
N PHE D 271 23.17 -61.38 26.37
CA PHE D 271 23.72 -60.20 25.71
C PHE D 271 22.72 -59.07 25.60
N GLY D 272 21.43 -59.36 25.73
CA GLY D 272 20.43 -58.35 25.44
C GLY D 272 20.38 -57.97 23.98
N PHE D 273 20.73 -58.91 23.09
CA PHE D 273 20.84 -58.65 21.67
C PHE D 273 19.90 -59.59 20.94
N TYR D 274 19.01 -59.02 20.13
CA TYR D 274 17.99 -59.79 19.42
C TYR D 274 17.91 -59.34 17.97
N PRO D 275 18.63 -60.02 17.07
CA PRO D 275 18.58 -59.67 15.66
C PRO D 275 17.37 -60.31 15.00
N GLU D 276 17.28 -60.15 13.67
CA GLU D 276 16.16 -60.72 12.96
C GLU D 276 16.37 -62.17 12.56
N SER D 277 17.60 -62.67 12.61
CA SER D 277 17.82 -64.07 12.28
C SER D 277 17.58 -64.99 13.47
N ILE D 278 17.25 -64.45 14.64
CA ILE D 278 16.88 -65.32 15.76
C ILE D 278 15.48 -65.86 15.59
N GLU D 279 14.69 -65.26 14.68
CA GLU D 279 13.36 -65.77 14.44
C GLU D 279 13.39 -67.10 13.69
N ALA D 280 14.42 -67.33 12.88
CA ALA D 280 14.57 -68.65 12.29
C ALA D 280 15.03 -69.66 13.34
N VAL D 281 15.69 -69.20 14.40
CA VAL D 281 16.07 -70.09 15.49
C VAL D 281 14.83 -70.51 16.27
N ILE D 282 13.96 -69.54 16.57
CA ILE D 282 12.73 -69.85 17.28
C ILE D 282 11.76 -70.60 16.38
N GLY D 283 11.66 -70.19 15.11
CA GLY D 283 10.71 -70.78 14.18
C GLY D 283 11.01 -72.21 13.79
N ALA D 284 12.21 -72.70 14.09
CA ALA D 284 12.51 -74.12 13.97
C ALA D 284 12.42 -74.83 15.31
N ALA D 285 12.56 -74.11 16.41
CA ALA D 285 12.36 -74.73 17.72
C ALA D 285 10.88 -74.89 18.05
N LEU D 286 10.01 -74.09 17.45
CA LEU D 286 8.58 -74.17 17.70
C LEU D 286 7.83 -74.90 16.60
N VAL D 287 8.53 -75.52 15.65
CA VAL D 287 7.85 -76.32 14.63
C VAL D 287 7.67 -77.75 15.08
N SER D 288 8.37 -78.16 16.13
CA SER D 288 8.26 -79.52 16.68
C SER D 288 8.64 -79.46 18.16
N PRO D 289 7.73 -79.00 19.02
CA PRO D 289 8.09 -78.73 20.41
C PRO D 289 8.10 -79.96 21.31
N ALA D 290 8.14 -81.17 20.74
CA ALA D 290 8.00 -82.39 21.50
C ALA D 290 9.18 -82.69 22.41
N GLU D 291 10.31 -81.99 22.23
CA GLU D 291 11.50 -82.26 23.04
C GLU D 291 11.73 -81.22 24.12
N TYR D 292 10.81 -80.27 24.31
CA TYR D 292 10.96 -79.24 25.31
C TYR D 292 9.95 -79.43 26.43
N SER D 293 10.34 -78.99 27.63
CA SER D 293 9.49 -79.08 28.81
C SER D 293 8.61 -77.84 28.91
N ALA D 294 7.99 -77.64 30.07
CA ALA D 294 7.13 -76.47 30.24
C ALA D 294 7.96 -75.21 30.48
N GLU D 295 9.02 -75.30 31.28
CA GLU D 295 9.85 -74.12 31.49
C GLU D 295 10.79 -73.87 30.33
N GLU D 296 11.13 -74.93 29.57
CA GLU D 296 11.84 -74.73 28.31
C GLU D 296 10.96 -74.01 27.31
N LEU D 297 9.69 -74.42 27.21
CA LEU D 297 8.77 -73.70 26.35
C LEU D 297 8.40 -72.34 26.92
N LYS D 298 8.60 -72.14 28.22
CA LYS D 298 8.43 -70.81 28.79
C LYS D 298 9.58 -69.90 28.41
N GLU D 299 10.81 -70.43 28.38
CA GLU D 299 11.98 -69.57 28.18
C GLU D 299 12.24 -69.29 26.71
N VAL D 300 11.84 -70.19 25.80
CA VAL D 300 11.90 -69.84 24.39
C VAL D 300 10.83 -68.80 24.07
N GLU D 301 9.72 -68.84 24.81
CA GLU D 301 8.78 -67.73 24.74
C GLU D 301 9.37 -66.49 25.37
N ALA D 302 10.25 -66.65 26.37
CA ALA D 302 10.87 -65.49 26.99
C ALA D 302 11.82 -64.78 26.05
N VAL D 303 12.43 -65.54 25.12
CA VAL D 303 13.13 -64.91 24.02
C VAL D 303 12.13 -64.36 23.01
N LYS D 304 11.03 -65.09 22.81
CA LYS D 304 10.01 -64.66 21.84
C LYS D 304 9.34 -63.37 22.30
N VAL D 305 9.07 -63.24 23.60
CA VAL D 305 8.56 -61.97 24.08
C VAL D 305 9.67 -60.92 24.14
N ALA D 306 10.94 -61.35 24.15
CA ALA D 306 12.02 -60.37 24.08
C ALA D 306 12.19 -59.83 22.67
N ALA D 307 12.20 -60.72 21.67
CA ALA D 307 12.45 -60.29 20.30
C ALA D 307 11.24 -59.60 19.67
N GLU D 308 10.05 -59.79 20.23
CA GLU D 308 8.88 -59.13 19.67
C GLU D 308 8.87 -57.64 19.97
N ASN D 309 9.29 -57.26 21.18
CA ASN D 309 9.40 -55.84 21.50
C ASN D 309 10.66 -55.23 20.91
N ALA D 310 11.69 -56.05 20.70
CA ALA D 310 12.98 -55.54 20.25
C ALA D 310 12.91 -55.04 18.81
N LEU D 311 12.27 -55.81 17.93
CA LEU D 311 12.15 -55.44 16.53
C LEU D 311 10.74 -55.01 16.13
N GLY D 312 9.80 -55.00 17.07
CA GLY D 312 8.49 -54.44 16.79
C GLY D 312 7.62 -55.26 15.86
N GLY D 313 7.18 -56.43 16.32
CA GLY D 313 6.20 -57.19 15.57
C GLY D 313 5.70 -58.35 16.40
N GLU D 314 4.86 -59.18 15.78
CA GLU D 314 4.36 -60.39 16.40
C GLU D 314 4.88 -61.61 15.64
N PHE D 315 5.39 -62.58 16.38
CA PHE D 315 5.88 -63.81 15.79
C PHE D 315 4.71 -64.61 15.22
N VAL D 316 4.95 -65.21 14.05
CA VAL D 316 3.96 -66.06 13.40
C VAL D 316 4.70 -66.96 12.41
N LEU D 317 4.28 -68.22 12.34
CA LEU D 317 4.81 -69.09 11.32
C LEU D 317 4.28 -68.68 9.95
N ILE D 318 4.98 -69.11 8.91
CA ILE D 318 4.50 -68.95 7.55
C ILE D 318 4.42 -70.32 6.90
N GLN D 319 3.26 -70.63 6.34
CA GLN D 319 3.10 -71.80 5.50
C GLN D 319 3.09 -71.35 4.05
N GLU D 320 3.18 -72.32 3.15
CA GLU D 320 3.28 -72.02 1.73
C GLU D 320 1.94 -71.51 1.22
N GLY D 321 1.69 -70.22 1.42
CA GLY D 321 0.39 -69.64 1.13
C GLY D 321 -0.39 -69.33 2.39
N ALA E 5 35.96 69.66 25.58
CA ALA E 5 35.34 70.97 25.83
C ALA E 5 33.98 70.80 26.47
N VAL E 6 33.63 71.72 27.38
CA VAL E 6 32.40 71.64 28.14
C VAL E 6 31.49 72.80 27.75
N SER E 7 30.18 72.59 27.92
CA SER E 7 29.18 73.59 27.57
C SER E 7 28.70 74.39 28.77
N LYS E 8 29.55 74.55 29.79
CA LYS E 8 29.46 75.46 30.93
C LYS E 8 28.40 75.02 31.96
N LYS E 9 27.52 74.10 31.61
CA LYS E 9 26.56 73.61 32.58
C LYS E 9 26.95 72.24 33.10
N GLU E 10 27.74 71.48 32.35
CA GLU E 10 28.33 70.26 32.89
C GLU E 10 29.41 70.59 33.90
N VAL E 11 30.21 71.63 33.63
CA VAL E 11 31.31 71.96 34.53
C VAL E 11 30.78 72.68 35.76
N LEU E 12 29.57 73.23 35.69
CA LEU E 12 28.96 73.83 36.87
C LEU E 12 28.62 72.79 37.92
N TYR E 13 28.32 71.56 37.49
CA TYR E 13 28.07 70.48 38.44
C TYR E 13 29.33 69.87 39.01
N PHE E 14 30.47 70.02 38.32
CA PHE E 14 31.66 69.31 38.73
C PHE E 14 32.44 70.03 39.83
N LEU E 15 32.02 71.24 40.19
CA LEU E 15 32.82 72.05 41.10
C LEU E 15 32.74 71.58 42.54
N SER E 16 31.81 70.69 42.87
CA SER E 16 31.84 69.99 44.14
C SER E 16 32.33 68.56 44.01
N SER E 17 32.64 68.10 42.80
CA SER E 17 33.01 66.71 42.60
C SER E 17 34.45 66.46 43.05
N LYS E 18 34.73 65.18 43.31
CA LYS E 18 36.08 64.72 43.62
C LYS E 18 36.46 63.52 42.75
N ASP E 19 35.98 63.49 41.52
CA ASP E 19 36.28 62.40 40.60
C ASP E 19 37.57 62.72 39.85
N ALA E 20 37.86 61.98 38.79
CA ALA E 20 39.13 62.10 38.09
C ALA E 20 39.04 62.96 36.82
N GLU E 21 38.22 62.53 35.85
CA GLU E 21 38.24 63.17 34.54
C GLU E 21 37.62 64.55 34.55
N SER E 22 36.57 64.75 35.35
CA SER E 22 36.00 66.08 35.48
C SER E 22 36.96 67.03 36.20
N SER E 23 37.73 66.52 37.16
CA SER E 23 38.58 67.39 37.97
C SER E 23 39.73 67.96 37.15
N THR E 24 40.32 67.16 36.26
CA THR E 24 41.29 67.73 35.33
C THR E 24 40.61 68.53 34.24
N ALA E 25 39.34 68.25 33.94
CA ALA E 25 38.60 69.08 33.01
C ALA E 25 38.24 70.42 33.64
N VAL E 26 37.98 70.43 34.96
CA VAL E 26 37.79 71.68 35.67
C VAL E 26 39.08 72.50 35.67
N LYS E 27 40.21 71.84 35.90
CA LYS E 27 41.49 72.54 35.98
C LYS E 27 41.90 73.08 34.62
N SER E 28 41.48 72.42 33.54
CA SER E 28 41.69 72.98 32.20
C SER E 28 40.82 74.22 31.99
N TYR E 29 39.63 74.24 32.59
CA TYR E 29 38.75 75.38 32.45
C TYR E 29 39.23 76.57 33.26
N LEU E 30 39.82 76.32 34.43
CA LEU E 30 40.20 77.42 35.32
C LEU E 30 41.44 78.14 34.82
N LYS E 31 42.41 77.41 34.25
CA LYS E 31 43.62 78.05 33.77
C LYS E 31 43.36 78.89 32.53
N SER E 32 42.33 78.53 31.75
CA SER E 32 41.92 79.38 30.64
C SER E 32 41.34 80.69 31.15
N LEU E 33 40.56 80.63 32.24
CA LEU E 33 40.05 81.84 32.87
C LEU E 33 41.17 82.67 33.49
N TYR E 34 42.25 82.02 33.92
CA TYR E 34 43.43 82.76 34.36
C TYR E 34 44.11 83.45 33.20
N ALA E 35 44.03 82.86 32.01
CA ALA E 35 44.51 83.52 30.80
C ALA E 35 43.39 84.29 30.10
N GLY E 36 42.69 85.11 30.87
CA GLY E 36 41.82 86.15 30.31
C GLY E 36 40.59 85.68 29.56
N ALA E 37 40.19 84.43 29.68
CA ALA E 37 38.95 84.01 29.05
C ALA E 37 37.77 84.48 29.88
N GLN E 38 36.67 84.77 29.21
CA GLN E 38 35.48 85.29 29.87
C GLN E 38 34.41 84.21 29.94
N VAL E 39 33.70 84.17 31.06
CA VAL E 39 32.71 83.14 31.30
C VAL E 39 31.41 83.51 30.59
N GLU E 40 30.80 82.52 29.94
CA GLU E 40 29.52 82.71 29.29
C GLU E 40 28.41 82.87 30.32
N ALA E 41 27.42 83.70 30.01
CA ALA E 41 26.29 83.86 30.91
C ALA E 41 25.37 82.65 30.82
N THR E 42 24.81 82.27 31.97
CA THR E 42 24.00 81.07 32.09
C THR E 42 22.65 81.26 31.40
N GLU E 43 21.90 80.17 31.25
CA GLU E 43 20.59 80.18 30.62
C GLU E 43 19.54 80.59 31.64
N THR E 44 18.95 81.77 31.44
CA THR E 44 17.78 82.20 32.22
C THR E 44 16.49 81.80 31.51
N ASP E 45 16.41 80.52 31.15
CA ASP E 45 15.41 80.02 30.20
C ASP E 45 15.15 78.58 30.58
N ALA E 46 14.55 77.80 29.66
CA ALA E 46 14.34 76.37 29.77
C ALA E 46 13.49 76.02 30.99
N SER E 47 12.20 76.35 30.87
CA SER E 47 11.18 76.14 31.90
C SER E 47 11.11 74.71 32.42
N GLU E 48 10.44 74.53 33.57
CA GLU E 48 10.77 73.48 34.54
C GLU E 48 10.69 72.05 34.01
N LEU E 49 10.11 71.83 32.83
CA LEU E 49 10.21 70.51 32.23
C LEU E 49 11.64 70.19 31.82
N ILE E 50 12.30 71.15 31.16
CA ILE E 50 13.69 70.97 30.80
C ILE E 50 14.57 70.96 32.04
N ALA E 51 14.17 71.68 33.08
CA ALA E 51 15.00 71.83 34.26
C ALA E 51 15.13 70.52 35.02
N GLN E 52 14.04 69.75 35.11
CA GLN E 52 14.16 68.45 35.76
C GLN E 52 14.75 67.42 34.81
N LEU E 53 14.64 67.65 33.50
CA LEU E 53 15.28 66.75 32.55
C LEU E 53 16.79 66.93 32.56
N GLU E 54 17.24 68.19 32.59
CA GLU E 54 18.68 68.45 32.64
C GLU E 54 19.29 67.98 33.94
N LYS E 55 18.55 68.12 35.04
CA LYS E 55 19.05 67.63 36.32
C LYS E 55 19.07 66.11 36.36
N LYS E 56 18.22 65.45 35.58
CA LYS E 56 18.27 63.99 35.55
C LYS E 56 19.44 63.51 34.71
N TYR E 57 19.70 64.15 33.58
CA TYR E 57 20.72 63.68 32.66
C TYR E 57 22.03 64.42 32.77
N LEU E 58 22.25 65.13 33.87
CA LEU E 58 23.57 65.62 34.22
C LEU E 58 24.02 65.16 35.58
N SER E 59 23.11 64.93 36.52
CA SER E 59 23.50 64.29 37.77
C SER E 59 23.92 62.86 37.55
N ALA E 60 23.40 62.23 36.50
CA ALA E 60 23.92 60.94 36.10
C ALA E 60 25.35 61.06 35.58
N GLN E 61 25.69 62.21 34.99
CA GLN E 61 27.03 62.37 34.45
C GLN E 61 28.09 62.48 35.54
N VAL E 62 27.72 62.85 36.75
CA VAL E 62 28.69 62.91 37.82
C VAL E 62 28.63 61.67 38.70
N VAL E 63 27.43 61.11 38.92
CA VAL E 63 27.30 60.05 39.90
C VAL E 63 27.78 58.71 39.32
N GLU E 64 27.68 58.55 38.00
CA GLU E 64 28.10 57.28 37.39
C GLU E 64 29.61 57.07 37.42
N PRO E 65 30.49 58.05 37.18
CA PRO E 65 31.89 57.83 37.56
C PRO E 65 32.09 57.77 39.05
N GLY E 66 31.24 58.45 39.82
CA GLY E 66 31.36 58.37 41.26
C GLY E 66 30.99 57.03 41.83
N VAL E 67 30.09 56.30 41.17
CA VAL E 67 29.72 54.97 41.65
C VAL E 67 30.89 54.00 41.46
N HIS E 68 31.54 54.04 40.30
CA HIS E 68 32.67 53.15 40.01
C HIS E 68 33.86 53.39 40.92
N ASN E 69 33.98 54.58 41.52
CA ASN E 69 35.07 54.88 42.45
C ASN E 69 34.69 54.62 43.90
N ILE E 70 33.92 53.56 44.16
CA ILE E 70 33.47 53.23 45.50
C ILE E 70 33.80 51.77 45.77
N ALA E 71 34.57 51.53 46.82
CA ALA E 71 34.95 50.16 47.17
C ALA E 71 33.74 49.45 47.77
N LEU E 72 33.31 48.39 47.12
CA LEU E 72 32.21 47.60 47.64
C LEU E 72 32.66 46.73 48.81
N PRO E 73 32.02 46.82 49.98
CA PRO E 73 32.52 46.11 51.15
C PRO E 73 32.17 44.64 51.15
N LEU E 74 32.74 43.89 50.20
CA LEU E 74 32.36 42.49 50.02
C LEU E 74 33.00 41.61 51.08
N GLY E 75 32.17 40.82 51.76
CA GLY E 75 32.65 39.80 52.67
C GLY E 75 33.36 40.30 53.91
N GLU E 76 33.27 41.59 54.20
CA GLU E 76 33.87 42.14 55.41
C GLU E 76 32.83 42.08 56.53
N SER E 77 33.12 41.32 57.56
CA SER E 77 32.19 41.15 58.66
C SER E 77 32.17 42.39 59.54
N GLY E 78 30.97 42.77 59.97
CA GLY E 78 30.78 44.00 60.71
C GLY E 78 30.06 45.02 59.85
N SER E 79 29.22 45.82 60.51
CA SER E 79 28.46 46.83 59.79
C SER E 79 29.28 48.06 59.45
N ALA E 80 30.46 48.22 60.03
CA ALA E 80 31.25 49.42 59.76
C ALA E 80 31.75 49.55 58.31
N PRO E 81 32.14 48.48 57.59
CA PRO E 81 32.36 48.68 56.15
C PRO E 81 31.08 48.89 55.37
N VAL E 82 29.92 48.51 55.89
CA VAL E 82 28.69 48.85 55.21
C VAL E 82 28.41 50.34 55.38
N LYS E 83 28.78 50.89 56.54
CA LYS E 83 28.76 52.34 56.73
C LYS E 83 29.79 53.03 55.85
N ARG E 84 30.88 52.34 55.51
CA ARG E 84 31.85 52.89 54.56
C ARG E 84 31.23 52.99 53.18
N TYR E 85 30.37 52.04 52.84
CA TYR E 85 29.74 52.08 51.53
C TYR E 85 28.66 53.14 51.47
N ALA E 86 27.83 53.22 52.51
CA ALA E 86 26.67 54.11 52.45
C ALA E 86 27.08 55.57 52.56
N ALA E 87 28.00 55.88 53.49
CA ALA E 87 28.41 57.26 53.68
C ALA E 87 29.23 57.77 52.50
N GLU E 88 29.88 56.87 51.77
CA GLU E 88 30.49 57.30 50.51
C GLU E 88 29.42 57.67 49.50
N LEU E 89 28.30 56.95 49.51
CA LEU E 89 27.21 57.29 48.60
C LEU E 89 26.46 58.53 49.07
N PHE E 90 26.46 58.78 50.38
CA PHE E 90 25.83 60.00 50.91
C PHE E 90 26.53 61.25 50.41
N ASN E 91 27.86 61.29 50.54
CA ASN E 91 28.62 62.44 50.07
C ASN E 91 28.67 62.50 48.56
N LEU E 92 28.38 61.40 47.89
CA LEU E 92 28.31 61.41 46.44
C LEU E 92 27.04 62.10 45.97
N GLY E 93 25.91 61.74 46.56
CA GLY E 93 24.63 62.24 46.09
C GLY E 93 24.46 63.73 46.33
N ALA E 94 24.93 64.23 47.48
CA ALA E 94 24.86 65.67 47.75
C ALA E 94 25.81 66.44 46.83
N GLN E 95 26.88 65.79 46.39
CA GLN E 95 27.77 66.39 45.40
C GLN E 95 27.33 66.09 43.98
N ALA E 96 26.07 65.69 43.79
CA ALA E 96 25.51 65.47 42.47
C ALA E 96 24.32 66.38 42.17
N GLY E 97 23.82 67.08 43.16
CA GLY E 97 22.60 67.85 43.02
C GLY E 97 21.41 67.29 43.74
N PHE E 98 21.59 66.25 44.55
CA PHE E 98 20.52 65.66 45.33
C PHE E 98 20.52 66.21 46.75
N GLU E 99 19.44 65.92 47.46
CA GLU E 99 19.25 66.35 48.83
C GLU E 99 19.66 65.23 49.78
N CYS E 100 19.36 65.40 51.06
CA CYS E 100 19.44 64.28 52.00
C CYS E 100 18.39 63.25 51.59
N PRO E 101 18.74 61.96 51.54
CA PRO E 101 17.89 60.98 50.83
C PRO E 101 16.55 60.73 51.47
N PHE E 102 16.35 61.14 52.73
CA PHE E 102 15.01 61.10 53.29
C PHE E 102 14.13 62.16 52.66
N ILE E 103 14.68 63.36 52.47
CA ILE E 103 13.93 64.45 51.88
C ILE E 103 13.71 64.19 50.38
N GLU E 104 14.56 63.36 49.78
CA GLU E 104 14.48 63.11 48.35
C GLU E 104 13.25 62.29 47.99
N VAL E 105 13.04 61.17 48.68
CA VAL E 105 11.93 60.29 48.32
C VAL E 105 10.62 60.89 48.79
N SER E 106 10.63 61.66 49.87
CA SER E 106 9.45 62.36 50.33
C SER E 106 9.00 63.41 49.31
N LYS E 107 9.96 64.08 48.68
CA LYS E 107 9.62 64.98 47.58
C LYS E 107 9.15 64.21 46.36
N LYS E 108 9.66 63.01 46.15
CA LYS E 108 9.23 62.19 45.02
C LYS E 108 7.79 61.72 45.19
N PHE E 109 7.37 61.51 46.44
CA PHE E 109 5.94 61.30 46.70
C PHE E 109 5.16 62.57 46.40
N GLY E 110 5.73 63.72 46.75
CA GLY E 110 5.03 64.98 46.53
C GLY E 110 5.01 65.39 45.08
N GLN E 111 6.07 65.09 44.34
CA GLN E 111 6.12 65.44 42.93
C GLN E 111 5.17 64.58 42.11
N GLU E 112 4.80 63.41 42.62
CA GLU E 112 4.01 62.45 41.84
C GLU E 112 2.55 62.38 42.28
N THR E 113 2.25 62.60 43.56
CA THR E 113 0.88 62.54 44.06
C THR E 113 0.36 63.91 44.45
N ALA E 114 0.65 64.93 43.65
CA ALA E 114 0.00 66.22 43.78
C ALA E 114 -1.28 66.28 42.97
N THR E 115 -1.73 65.15 42.41
CA THR E 115 -2.87 65.10 41.52
C THR E 115 -3.75 63.90 41.84
N SER E 116 -4.00 63.65 43.12
CA SER E 116 -4.83 62.53 43.55
C SER E 116 -5.73 62.95 44.69
N GLU E 117 -7.00 62.56 44.61
CA GLU E 117 -8.03 62.93 45.58
C GLU E 117 -8.36 61.81 46.55
N THR E 118 -8.44 60.57 46.08
CA THR E 118 -8.70 59.43 46.94
C THR E 118 -7.40 58.74 47.31
N VAL E 119 -7.39 58.13 48.50
CA VAL E 119 -6.19 57.49 49.02
C VAL E 119 -5.86 56.23 48.21
N LYS E 120 -6.88 55.58 47.63
CA LYS E 120 -6.65 54.43 46.78
C LYS E 120 -5.86 54.80 45.51
N ASP E 121 -6.00 56.05 45.05
CA ASP E 121 -5.16 56.49 43.95
C ASP E 121 -3.73 56.74 44.40
N VAL E 122 -3.54 57.11 45.68
CA VAL E 122 -2.20 57.34 46.19
C VAL E 122 -1.44 56.03 46.31
N LEU E 123 -2.10 55.00 46.84
CA LEU E 123 -1.48 53.68 46.96
C LEU E 123 -1.29 53.00 45.62
N ASN E 124 -1.95 53.46 44.57
CA ASN E 124 -1.71 52.96 43.23
C ASN E 124 -0.92 53.93 42.37
N LYS E 125 -0.34 54.98 42.97
CA LYS E 125 0.63 55.81 42.28
C LYS E 125 2.00 55.76 42.93
N THR E 126 2.13 55.22 44.14
CA THR E 126 3.41 55.00 44.77
C THR E 126 3.70 53.52 44.97
N LYS E 127 3.16 52.66 44.10
CA LYS E 127 3.35 51.22 44.25
C LYS E 127 4.78 50.82 43.87
N SER E 128 5.35 51.44 42.84
CA SER E 128 6.70 51.10 42.42
C SER E 128 7.75 51.80 43.27
N TYR E 129 7.39 52.90 43.91
CA TYR E 129 8.34 53.68 44.68
C TYR E 129 8.38 53.27 46.14
N VAL E 130 7.76 52.15 46.49
CA VAL E 130 7.81 51.60 47.84
C VAL E 130 7.84 50.09 47.69
N SER E 131 8.14 49.40 48.80
CA SER E 131 8.19 47.94 48.80
C SER E 131 6.82 47.34 48.54
N ALA E 132 6.79 46.27 47.75
CA ALA E 132 5.55 45.54 47.54
C ALA E 132 5.09 44.85 48.82
N ASP E 133 6.03 44.47 49.68
CA ASP E 133 5.68 43.84 50.96
C ASP E 133 5.08 44.83 51.94
N TYR E 134 5.26 46.13 51.71
CA TYR E 134 4.52 47.15 52.46
C TYR E 134 3.36 47.73 51.67
N ASN E 135 3.38 47.59 50.35
CA ASN E 135 2.24 48.01 49.55
C ASN E 135 1.03 47.14 49.81
N ALA E 136 1.23 45.82 49.86
CA ALA E 136 0.12 44.91 50.11
C ALA E 136 -0.30 44.93 51.57
N ALA E 137 0.60 45.31 52.46
CA ALA E 137 0.24 45.41 53.88
C ALA E 137 -0.64 46.62 54.18
N LEU E 138 -0.67 47.61 53.28
CA LEU E 138 -1.57 48.75 53.47
C LEU E 138 -2.93 48.56 52.83
N ASN E 139 -3.00 47.82 51.72
CA ASN E 139 -4.29 47.55 51.09
C ASN E 139 -5.21 46.74 51.99
N GLU E 140 -4.64 45.94 52.88
CA GLU E 140 -5.45 45.26 53.88
C GLU E 140 -6.03 46.26 54.88
N VAL E 141 -5.20 47.19 55.36
CA VAL E 141 -5.71 48.19 56.29
C VAL E 141 -6.51 49.24 55.52
N LEU E 142 -6.26 49.40 54.22
CA LEU E 142 -7.18 50.14 53.39
C LEU E 142 -8.52 49.43 53.29
N SER E 143 -8.50 48.09 53.23
CA SER E 143 -9.75 47.34 53.16
C SER E 143 -10.48 47.34 54.50
N SER E 144 -9.77 47.61 55.60
CA SER E 144 -10.43 47.67 56.90
C SER E 144 -11.29 48.93 57.01
N VAL E 145 -10.75 50.08 56.61
CA VAL E 145 -11.52 51.32 56.71
C VAL E 145 -12.49 51.43 55.54
N GLU E 146 -12.28 50.66 54.48
CA GLU E 146 -13.33 50.49 53.48
C GLU E 146 -14.42 49.53 53.94
N ALA E 147 -14.26 48.92 55.12
CA ALA E 147 -15.30 48.09 55.72
C ALA E 147 -15.98 48.77 56.89
N GLU E 148 -15.30 49.70 57.57
CA GLU E 148 -15.92 50.48 58.64
C GLU E 148 -17.04 51.35 58.11
N ILE E 149 -16.68 52.32 57.27
CA ILE E 149 -17.66 53.29 56.76
C ILE E 149 -18.19 52.88 55.39
N ASN E 150 -17.47 52.02 54.67
CA ASN E 150 -17.79 51.58 53.30
C ASN E 150 -17.91 52.77 52.36
N GLY E 151 -16.85 53.56 52.30
CA GLY E 151 -16.73 54.72 51.43
C GLY E 151 -15.25 54.87 51.08
N PRO E 152 -14.92 55.45 49.94
CA PRO E 152 -13.50 55.68 49.61
C PRO E 152 -12.88 56.69 50.55
N VAL E 153 -11.70 56.32 51.08
CA VAL E 153 -10.95 57.25 51.91
C VAL E 153 -10.31 58.30 51.00
N LEU E 154 -10.59 59.56 51.28
CA LEU E 154 -10.19 60.65 50.40
C LEU E 154 -8.98 61.37 50.98
N PHE E 155 -8.05 61.73 50.11
CA PHE E 155 -6.73 62.25 50.51
C PHE E 155 -6.90 63.69 50.98
N ASP E 156 -7.36 63.83 52.23
CA ASP E 156 -7.57 65.11 52.88
C ASP E 156 -6.76 65.26 54.16
N GLY E 157 -6.82 64.27 55.05
CA GLY E 157 -6.08 64.33 56.29
C GLY E 157 -6.92 64.33 57.55
N LYS E 158 -8.02 65.07 57.57
CA LYS E 158 -8.78 65.30 58.80
C LYS E 158 -10.14 64.60 58.81
N THR E 159 -10.55 63.96 57.73
CA THR E 159 -11.81 63.22 57.74
C THR E 159 -11.68 61.97 58.59
N GLU E 160 -12.83 61.48 59.06
CA GLU E 160 -12.87 60.28 59.89
C GLU E 160 -12.40 59.06 59.10
N GLY E 161 -12.69 59.03 57.79
CA GLY E 161 -12.15 57.97 56.95
C GLY E 161 -10.64 58.03 56.83
N PHE E 162 -10.08 59.25 56.81
CA PHE E 162 -8.63 59.38 56.82
C PHE E 162 -8.07 59.06 58.19
N LYS E 163 -8.77 59.46 59.25
CA LYS E 163 -8.18 59.47 60.59
C LYS E 163 -7.97 58.05 61.12
N LYS E 164 -8.99 57.21 61.07
CA LYS E 164 -8.85 55.83 61.54
C LYS E 164 -8.23 54.91 60.48
N PHE E 165 -7.86 55.45 59.32
CA PHE E 165 -6.91 54.78 58.46
C PHE E 165 -5.49 55.18 58.80
N ALA E 166 -5.26 56.49 59.02
CA ALA E 166 -3.92 56.96 59.34
C ALA E 166 -3.52 56.60 60.76
N ALA E 167 -4.48 56.46 61.67
CA ALA E 167 -4.13 56.01 63.01
C ALA E 167 -3.82 54.52 63.03
N LYS E 168 -4.46 53.75 62.15
CA LYS E 168 -4.23 52.31 62.12
C LYS E 168 -3.03 51.92 61.29
N ALA E 169 -2.71 52.68 60.24
CA ALA E 169 -1.52 52.39 59.45
C ALA E 169 -0.25 52.63 60.24
N LYS E 170 -0.30 53.56 61.20
CA LYS E 170 0.81 53.76 62.13
C LYS E 170 1.09 52.50 62.94
N ALA E 171 0.02 51.82 63.40
CA ALA E 171 0.18 50.65 64.25
C ALA E 171 0.78 49.47 63.48
N VAL E 172 0.43 49.35 62.19
CA VAL E 172 1.05 48.32 61.37
C VAL E 172 2.49 48.71 61.06
N ALA E 173 2.77 50.01 60.95
CA ALA E 173 4.11 50.47 60.56
C ALA E 173 5.15 50.17 61.63
N VAL E 174 4.81 50.42 62.90
CA VAL E 174 5.72 50.13 63.98
C VAL E 174 5.88 48.63 64.15
N SER E 175 4.84 47.86 63.82
CA SER E 175 4.96 46.41 63.78
C SER E 175 5.89 45.95 62.65
N ARG E 176 5.97 46.73 61.56
CA ARG E 176 6.90 46.39 60.49
C ARG E 176 8.35 46.70 60.87
N GLY E 177 8.57 47.50 61.91
CA GLY E 177 9.90 47.72 62.42
C GLY E 177 10.43 49.14 62.32
N LEU E 178 9.66 50.08 61.80
CA LEU E 178 10.13 51.45 61.71
C LEU E 178 9.24 52.35 62.54
N PRO E 179 9.81 53.26 63.33
CA PRO E 179 9.04 53.97 64.37
C PRO E 179 8.23 55.11 63.76
N ALA E 180 6.91 54.97 63.79
CA ALA E 180 6.05 55.96 63.16
C ALA E 180 5.95 57.24 63.97
N ASP E 181 5.94 57.13 65.31
CA ASP E 181 5.73 58.31 66.14
C ASP E 181 6.95 59.21 66.16
N THR E 182 8.12 58.67 65.82
CA THR E 182 9.34 59.47 65.88
C THR E 182 9.58 60.25 64.60
N ILE E 183 9.32 59.63 63.44
CA ILE E 183 9.70 60.25 62.18
C ILE E 183 8.76 61.38 61.82
N LEU E 184 7.49 61.31 62.23
CA LEU E 184 6.64 62.48 62.08
C LEU E 184 7.08 63.58 63.03
N ALA E 185 7.61 63.20 64.20
CA ALA E 185 8.02 64.18 65.18
C ALA E 185 9.25 64.94 64.74
N TYR E 186 10.12 64.33 63.94
CA TYR E 186 11.25 65.09 63.41
C TYR E 186 10.79 66.01 62.28
N CYS E 187 10.01 65.48 61.34
CA CYS E 187 9.63 66.28 60.18
C CYS E 187 8.61 67.36 60.54
N ALA E 188 7.85 67.19 61.60
CA ALA E 188 7.09 68.31 62.15
C ALA E 188 7.93 69.13 63.12
N GLY E 189 9.07 68.61 63.57
CA GLY E 189 9.92 69.34 64.47
C GLY E 189 9.34 69.40 65.88
N SER E 190 9.94 70.29 66.67
CA SER E 190 9.50 70.55 68.03
C SER E 190 9.62 72.04 68.28
N ALA E 191 9.13 72.47 69.46
CA ALA E 191 9.15 73.90 69.77
C ALA E 191 10.56 74.36 70.13
N ASN E 192 11.09 73.84 71.23
CA ASN E 192 12.45 74.16 71.64
C ASN E 192 13.46 73.25 70.94
N GLU E 193 14.72 73.68 70.95
CA GLU E 193 15.77 72.91 70.31
C GLU E 193 16.14 71.66 71.10
N ASP E 194 15.76 71.57 72.37
CA ASP E 194 16.08 70.39 73.15
C ASP E 194 15.22 69.20 72.74
N ALA E 195 13.90 69.39 72.66
CA ALA E 195 13.00 68.29 72.35
C ALA E 195 13.13 67.85 70.90
N ALA E 196 13.53 68.76 70.02
CA ALA E 196 13.89 68.35 68.67
C ALA E 196 15.18 67.54 68.68
N ASP E 197 16.08 67.81 69.62
CA ASP E 197 17.32 67.05 69.71
C ASP E 197 17.11 65.73 70.45
N LYS E 198 16.11 65.67 71.34
CA LYS E 198 15.79 64.42 71.99
C LYS E 198 15.07 63.46 71.06
N VAL E 199 14.52 63.95 69.95
CA VAL E 199 13.94 63.06 68.96
C VAL E 199 14.88 62.84 67.77
N SER E 200 15.76 63.81 67.48
CA SER E 200 16.71 63.63 66.38
C SER E 200 17.76 62.57 66.71
N LYS E 201 18.10 62.43 67.98
CA LYS E 201 18.99 61.36 68.40
C LYS E 201 18.31 60.00 68.30
N GLU E 202 16.98 59.97 68.27
CA GLU E 202 16.25 58.75 67.95
C GLU E 202 15.90 58.68 66.47
N PHE E 203 15.92 59.81 65.77
CA PHE E 203 15.58 59.80 64.35
C PHE E 203 16.76 59.32 63.51
N PHE E 204 17.94 59.90 63.74
CA PHE E 204 19.11 59.47 63.00
C PHE E 204 19.51 58.04 63.34
N THR E 205 19.24 57.61 64.58
CA THR E 205 19.60 56.26 65.01
C THR E 205 18.80 55.21 64.25
N TRP E 206 17.51 55.47 64.03
CA TRP E 206 16.77 54.65 63.07
C TRP E 206 17.33 54.82 61.67
N PHE E 207 17.66 56.06 61.30
CA PHE E 207 18.07 56.36 59.94
C PHE E 207 19.41 55.73 59.60
N GLU E 208 20.29 55.60 60.61
CA GLU E 208 21.58 54.97 60.39
C GLU E 208 21.40 53.49 60.06
N SER E 209 20.57 52.80 60.84
CA SER E 209 20.27 51.40 60.53
C SER E 209 19.33 51.29 59.33
N ALA E 210 18.77 52.43 58.86
CA ALA E 210 17.95 52.39 57.67
C ALA E 210 18.79 52.36 56.41
N TYR E 211 19.83 53.22 56.34
CA TYR E 211 20.72 53.12 55.18
C TYR E 211 21.69 51.96 55.33
N THR E 212 21.85 51.42 56.54
CA THR E 212 22.69 50.23 56.70
C THR E 212 22.00 49.01 56.11
N ALA E 213 20.72 48.80 56.44
CA ALA E 213 20.07 47.53 56.17
C ALA E 213 19.81 47.31 54.69
N ASP E 214 19.53 48.37 53.94
CA ASP E 214 19.34 48.19 52.51
C ASP E 214 20.65 48.11 51.76
N ALA E 215 21.65 48.88 52.17
CA ALA E 215 22.95 48.80 51.50
C ALA E 215 23.66 47.50 51.84
N ALA E 216 23.38 46.92 53.01
CA ALA E 216 23.84 45.56 53.28
C ALA E 216 23.12 44.55 52.40
N ALA E 217 21.88 44.85 52.01
CA ALA E 217 21.19 43.98 51.07
C ALA E 217 21.78 44.13 49.66
N GLU E 218 22.33 45.29 49.35
CA GLU E 218 23.03 45.44 48.08
C GLU E 218 24.34 44.66 48.07
N VAL E 219 24.99 44.53 49.22
CA VAL E 219 26.11 43.61 49.34
C VAL E 219 25.63 42.17 49.19
N LYS E 220 24.46 41.85 49.78
CA LYS E 220 23.86 40.54 49.62
C LYS E 220 23.44 40.27 48.18
N ALA E 221 23.18 41.32 47.41
CA ALA E 221 23.01 41.14 45.97
C ALA E 221 24.32 40.69 45.34
N ILE E 222 25.41 41.41 45.59
CA ILE E 222 26.67 41.09 44.95
C ILE E 222 27.27 39.82 45.55
N GLU E 223 26.93 39.49 46.78
CA GLU E 223 27.32 38.18 47.30
C GLU E 223 26.56 37.07 46.60
N ALA E 224 25.28 37.31 46.28
CA ALA E 224 24.51 36.27 45.62
C ALA E 224 24.76 36.23 44.13
N GLU E 225 24.99 37.39 43.51
CA GLU E 225 25.09 37.41 42.05
C GLU E 225 26.47 36.97 41.59
N ALA E 226 27.52 37.37 42.30
CA ALA E 226 28.87 36.96 41.89
C ALA E 226 29.10 35.48 42.19
N ALA E 227 28.47 34.96 43.23
CA ALA E 227 28.59 33.52 43.49
C ALA E 227 27.88 32.71 42.42
N SER E 228 26.70 33.17 41.99
CA SER E 228 25.92 32.43 41.01
C SER E 228 26.60 32.47 39.65
N ILE E 229 27.36 33.52 39.37
CA ILE E 229 28.13 33.58 38.13
C ILE E 229 29.29 32.59 38.20
N LEU E 230 29.98 32.55 39.34
CA LEU E 230 31.19 31.76 39.46
C LEU E 230 30.89 30.27 39.48
N ASP E 231 29.84 29.86 40.19
CA ASP E 231 29.57 28.43 40.32
C ASP E 231 29.06 27.82 39.02
N ARG E 232 28.48 28.63 38.15
CA ARG E 232 28.25 28.18 36.79
C ARG E 232 29.50 28.31 35.93
N HIS E 233 30.39 29.24 36.27
CA HIS E 233 31.65 29.35 35.54
C HIS E 233 32.57 28.19 35.88
N LEU E 234 32.43 27.63 37.08
CA LEU E 234 33.23 26.48 37.45
C LEU E 234 32.66 25.16 36.96
N ALA E 235 31.50 25.18 36.29
CA ALA E 235 30.93 24.00 35.67
C ALA E 235 31.34 23.86 34.21
N LYS E 236 32.42 24.52 33.80
CA LYS E 236 32.95 24.43 32.46
C LYS E 236 34.43 24.06 32.51
N PRO E 237 34.94 23.40 31.49
CA PRO E 237 36.39 23.21 31.37
C PRO E 237 37.06 24.49 30.90
N VAL E 238 38.36 24.41 30.68
CA VAL E 238 39.12 25.60 30.30
C VAL E 238 38.88 25.94 28.83
N ALA E 239 38.80 24.92 27.98
CA ALA E 239 38.77 25.13 26.54
C ALA E 239 37.49 25.82 26.09
N GLN E 240 36.41 25.65 26.83
CA GLN E 240 35.22 26.42 26.53
C GLN E 240 35.33 27.86 27.00
N ILE E 241 36.00 28.09 28.13
CA ILE E 241 35.92 29.38 28.81
C ILE E 241 36.75 30.43 28.09
N ARG E 242 38.01 30.10 27.80
CA ARG E 242 38.87 31.06 27.10
C ARG E 242 38.50 31.17 25.62
N LYS E 243 37.59 30.33 25.14
CA LYS E 243 36.94 30.60 23.86
C LYS E 243 35.72 31.49 24.06
N GLU E 244 35.03 31.34 25.18
CA GLU E 244 33.76 32.04 25.37
C GLU E 244 33.97 33.53 25.62
N GLN E 245 34.84 33.87 26.57
CA GLN E 245 35.05 35.28 26.86
C GLN E 245 35.85 35.98 25.78
N ALA E 246 36.74 35.26 25.11
CA ALA E 246 37.42 35.84 23.96
C ALA E 246 36.48 36.00 22.79
N SER E 247 35.37 35.25 22.76
CA SER E 247 34.27 35.59 21.87
C SER E 247 33.50 36.77 22.40
N ALA E 248 33.38 36.87 23.73
CA ALA E 248 32.63 37.97 24.32
C ALA E 248 33.43 39.27 24.28
N TYR E 249 34.73 39.22 24.55
CA TYR E 249 35.54 40.43 24.60
C TYR E 249 35.83 40.95 23.20
N ALA E 250 35.94 40.08 22.19
CA ALA E 250 36.24 40.57 20.86
C ALA E 250 35.03 41.21 20.20
N SER E 251 33.84 40.66 20.45
CA SER E 251 32.63 41.22 19.83
C SER E 251 32.28 42.57 20.43
N LEU E 252 32.38 42.70 21.75
CA LEU E 252 32.11 43.98 22.39
C LEU E 252 33.22 44.99 22.18
N LEU E 253 34.40 44.55 21.72
CA LEU E 253 35.40 45.51 21.32
C LEU E 253 35.10 46.08 19.94
N LYS E 254 34.45 45.27 19.10
CA LYS E 254 34.14 45.69 17.73
C LYS E 254 33.11 46.82 17.72
N ARG E 255 32.28 46.89 18.77
CA ARG E 255 31.25 47.92 18.84
C ARG E 255 31.86 49.31 18.96
N ALA E 256 32.98 49.42 19.65
CA ALA E 256 33.70 50.69 19.68
C ALA E 256 34.59 50.88 18.46
N GLU E 257 34.91 49.80 17.75
CA GLU E 257 35.65 49.95 16.50
C GLU E 257 34.79 50.57 15.41
N THR E 258 33.63 49.95 15.13
CA THR E 258 32.81 50.38 14.01
C THR E 258 32.05 51.66 14.30
N ALA E 259 31.75 51.95 15.56
CA ALA E 259 31.19 53.25 15.92
C ALA E 259 32.37 54.18 16.15
N LYS E 260 32.72 54.93 15.12
CA LYS E 260 33.80 55.89 15.21
C LYS E 260 33.24 57.28 14.91
N GLY E 261 33.90 58.29 15.46
CA GLY E 261 33.39 59.64 15.45
C GLY E 261 32.63 59.96 16.71
N ALA E 262 31.93 58.98 17.27
CA ALA E 262 31.28 59.16 18.55
C ALA E 262 32.33 59.25 19.64
N LYS E 263 32.18 60.26 20.52
CA LYS E 263 33.20 60.54 21.52
C LYS E 263 33.27 59.45 22.57
N TRP E 264 32.15 58.78 22.84
CA TRP E 264 32.12 57.78 23.90
C TRP E 264 32.89 56.53 23.50
N ALA E 265 32.85 56.16 22.22
CA ALA E 265 33.62 55.01 21.79
C ALA E 265 35.09 55.34 21.63
N GLU E 266 35.41 56.62 21.42
CA GLU E 266 36.80 57.01 21.28
C GLU E 266 37.51 56.93 22.63
N LYS E 267 36.86 57.43 23.69
CA LYS E 267 37.41 57.27 25.03
C LYS E 267 37.29 55.84 25.52
N TYR E 268 36.42 55.04 24.91
CA TYR E 268 36.33 53.63 25.25
C TYR E 268 37.60 52.89 24.83
N LEU E 269 38.08 53.15 23.60
CA LEU E 269 39.25 52.43 23.14
C LEU E 269 40.55 53.03 23.67
N GLU E 270 40.55 54.30 24.08
CA GLU E 270 41.73 54.81 24.76
C GLU E 270 41.87 54.18 26.14
N ASP E 271 40.75 53.94 26.81
CA ASP E 271 40.79 53.24 28.09
C ASP E 271 41.16 51.78 27.91
N VAL E 272 40.93 51.22 26.72
CA VAL E 272 41.45 49.90 26.41
C VAL E 272 42.98 49.93 26.39
N LYS E 273 43.54 50.93 25.71
CA LYS E 273 44.99 51.02 25.59
C LYS E 273 45.65 51.42 26.90
N ALA E 274 44.92 52.13 27.77
CA ALA E 274 45.47 52.41 29.09
C ALA E 274 45.49 51.17 29.96
N VAL E 275 44.54 50.26 29.76
CA VAL E 275 44.61 48.95 30.41
C VAL E 275 45.79 48.17 29.84
N GLN E 276 46.00 48.27 28.53
CA GLN E 276 47.17 47.65 27.90
C GLN E 276 48.46 48.30 28.37
N TRP E 277 48.40 49.58 28.73
CA TRP E 277 49.53 50.18 29.45
C TRP E 277 49.68 49.55 30.83
N PHE E 278 48.55 49.24 31.48
CA PHE E 278 48.61 48.82 32.88
C PHE E 278 49.18 47.43 33.01
N ASP E 279 48.88 46.54 32.08
CA ASP E 279 49.50 45.22 32.09
C ASP E 279 50.97 45.31 31.74
N ALA E 280 51.36 46.28 30.91
CA ALA E 280 52.76 46.43 30.55
C ALA E 280 53.56 47.10 31.66
N SER E 281 52.96 48.08 32.34
CA SER E 281 53.66 48.79 33.39
C SER E 281 53.78 47.99 34.67
N VAL E 282 52.98 46.95 34.83
CA VAL E 282 53.23 46.02 35.92
C VAL E 282 54.16 44.90 35.46
N ALA E 283 54.31 44.69 34.15
CA ALA E 283 55.15 43.62 33.65
C ALA E 283 56.62 43.92 33.83
N GLU E 284 57.00 45.20 33.84
CA GLU E 284 58.41 45.55 33.97
C GLU E 284 58.90 45.35 35.40
N ALA E 285 58.24 45.99 36.36
CA ALA E 285 58.66 45.95 37.76
C ALA E 285 57.52 45.42 38.62
N PRO E 286 57.25 44.11 38.58
CA PRO E 286 56.07 43.59 39.26
C PRO E 286 56.18 43.51 40.77
N ALA E 287 57.38 43.61 41.31
CA ALA E 287 57.50 43.70 42.75
C ALA E 287 57.07 45.06 43.29
N SER E 288 57.03 46.08 42.42
CA SER E 288 56.67 47.43 42.82
C SER E 288 55.22 47.76 42.52
N GLY E 289 54.75 47.46 41.31
CA GLY E 289 53.41 47.80 40.91
C GLY E 289 53.38 48.72 39.70
N PRO E 290 52.37 49.57 39.62
CA PRO E 290 52.31 50.54 38.52
C PRO E 290 53.27 51.68 38.76
N LYS E 291 53.78 52.23 37.67
CA LYS E 291 54.70 53.34 37.75
C LYS E 291 53.90 54.63 37.81
N VAL E 292 54.05 55.37 38.92
CA VAL E 292 53.40 56.66 39.12
C VAL E 292 54.49 57.68 39.37
N ALA E 293 54.73 58.58 38.42
CA ALA E 293 55.74 59.60 38.59
C ALA E 293 55.29 60.66 39.57
N ALA E 294 56.26 61.28 40.24
CA ALA E 294 55.99 62.34 41.20
C ALA E 294 57.21 63.24 41.31
N MET F 1 35.44 -92.96 -46.09
CA MET F 1 36.62 -92.33 -45.51
C MET F 1 36.78 -92.77 -44.06
N LYS F 2 37.53 -91.97 -43.29
CA LYS F 2 37.76 -92.26 -41.87
C LYS F 2 36.60 -91.72 -41.06
N LEU F 3 35.47 -92.41 -41.15
CA LEU F 3 34.28 -92.09 -40.36
C LEU F 3 34.30 -92.78 -39.02
N LEU F 4 35.15 -93.80 -38.84
CA LEU F 4 35.24 -94.43 -37.55
C LEU F 4 36.70 -94.72 -37.20
N PRO F 5 37.10 -94.47 -35.97
CA PRO F 5 38.50 -94.71 -35.59
C PRO F 5 38.78 -96.18 -35.33
N GLU F 6 39.98 -96.47 -34.80
CA GLU F 6 40.30 -97.83 -34.38
C GLU F 6 39.41 -98.26 -33.22
N SER F 7 39.19 -97.38 -32.25
CA SER F 7 38.29 -97.66 -31.15
C SER F 7 37.60 -96.37 -30.73
N LEU F 8 36.27 -96.44 -30.58
CA LEU F 8 35.52 -95.27 -30.15
C LEU F 8 35.78 -94.95 -28.69
N GLN F 9 36.14 -95.95 -27.88
CA GLN F 9 36.38 -95.71 -26.46
C GLN F 9 37.64 -94.90 -26.24
N GLN F 10 38.68 -95.17 -27.04
CA GLN F 10 39.94 -94.44 -26.89
C GLN F 10 39.81 -93.01 -27.38
N GLU F 11 39.08 -92.79 -28.48
CA GLU F 11 38.85 -91.43 -28.95
C GLU F 11 37.94 -90.67 -28.01
N ALA F 12 36.95 -91.34 -27.42
CA ALA F 12 36.12 -90.68 -26.42
C ALA F 12 36.89 -90.42 -25.15
N ALA F 13 37.87 -91.26 -24.83
CA ALA F 13 38.75 -90.96 -23.71
C ALA F 13 39.67 -89.81 -24.04
N THR F 14 40.02 -89.63 -25.31
CA THR F 14 40.86 -88.52 -25.72
C THR F 14 40.15 -87.19 -25.53
N ALA F 15 38.84 -87.18 -25.71
CA ALA F 15 38.08 -85.99 -25.37
C ALA F 15 37.81 -85.91 -23.87
N ALA F 16 37.80 -87.05 -23.19
CA ALA F 16 37.41 -87.07 -21.78
C ALA F 16 38.47 -86.44 -20.90
N VAL F 17 39.74 -86.73 -21.16
CA VAL F 17 40.78 -86.14 -20.33
C VAL F 17 41.03 -84.70 -20.72
N VAL F 18 40.73 -84.32 -21.96
CA VAL F 18 41.01 -82.95 -22.36
C VAL F 18 39.85 -82.04 -21.99
N ALA F 19 38.67 -82.59 -21.75
CA ALA F 19 37.61 -81.76 -21.17
C ALA F 19 37.62 -81.85 -19.65
N SER F 20 38.40 -82.76 -19.10
CA SER F 20 38.69 -82.70 -17.67
C SER F 20 39.83 -81.74 -17.37
N TRP F 21 40.79 -81.63 -18.28
CA TRP F 21 41.97 -80.83 -17.99
C TRP F 21 41.66 -79.35 -18.05
N VAL F 22 40.81 -78.94 -18.99
CA VAL F 22 40.44 -77.53 -19.04
C VAL F 22 39.53 -77.18 -17.87
N LEU F 23 38.85 -78.19 -17.29
CA LEU F 23 38.06 -77.94 -16.09
C LEU F 23 38.93 -77.54 -14.91
N TRP F 24 39.95 -78.34 -14.62
CA TRP F 24 40.80 -78.03 -13.47
C TRP F 24 41.67 -76.81 -13.74
N HIS F 25 42.16 -76.67 -14.97
CA HIS F 25 42.99 -75.51 -15.29
C HIS F 25 42.20 -74.21 -15.26
N LEU F 26 40.88 -74.27 -15.50
CA LEU F 26 40.08 -73.07 -15.33
C LEU F 26 39.81 -72.78 -13.86
N ASP F 27 39.33 -73.78 -13.12
CA ASP F 27 38.89 -73.53 -11.76
C ASP F 27 40.04 -73.35 -10.77
N THR F 28 41.29 -73.53 -11.18
CA THR F 28 42.41 -73.29 -10.28
C THR F 28 43.39 -72.25 -10.82
N GLN F 29 43.80 -72.37 -12.07
CA GLN F 29 44.80 -71.45 -12.61
C GLN F 29 44.18 -70.20 -13.23
N LEU F 30 42.86 -70.14 -13.40
CA LEU F 30 42.25 -68.95 -13.95
C LEU F 30 41.24 -68.31 -13.02
N LEU F 31 40.25 -69.07 -12.54
CA LEU F 31 39.16 -68.47 -11.77
C LEU F 31 39.57 -67.86 -10.43
N PRO F 32 40.61 -68.31 -9.72
CA PRO F 32 41.16 -67.45 -8.66
C PRO F 32 41.84 -66.19 -9.19
N THR F 33 42.57 -66.31 -10.30
CA THR F 33 43.19 -65.13 -10.91
C THR F 33 42.12 -64.19 -11.47
N ILE F 34 41.02 -64.74 -11.97
CA ILE F 34 39.91 -63.91 -12.43
C ILE F 34 39.28 -63.17 -11.26
N MET F 35 38.89 -63.91 -10.22
CA MET F 35 38.05 -63.32 -9.18
C MET F 35 38.83 -62.33 -8.32
N ARG F 36 40.14 -62.55 -8.14
CA ARG F 36 40.97 -61.54 -7.50
C ARG F 36 41.02 -60.27 -8.33
N GLU F 37 40.97 -60.42 -9.65
CA GLU F 37 40.96 -59.26 -10.53
C GLU F 37 39.58 -58.63 -10.60
N HIS F 38 38.52 -59.42 -10.53
CA HIS F 38 37.20 -58.84 -10.74
C HIS F 38 36.52 -58.42 -9.46
N LYS F 39 36.58 -59.25 -8.41
CA LYS F 39 35.84 -58.91 -7.20
C LYS F 39 36.50 -57.78 -6.42
N LEU F 40 37.74 -57.45 -6.74
CA LEU F 40 38.33 -56.26 -6.15
C LEU F 40 37.71 -55.00 -6.75
N HIS F 41 37.53 -54.98 -8.07
CA HIS F 41 36.79 -53.89 -8.69
C HIS F 41 35.32 -53.93 -8.28
N ALA F 42 34.79 -55.13 -8.07
CA ALA F 42 33.36 -55.25 -7.76
C ALA F 42 33.07 -54.81 -6.34
N CYS F 43 33.97 -55.12 -5.39
CA CYS F 43 33.76 -54.66 -4.03
C CYS F 43 33.97 -53.16 -3.91
N TRP F 44 34.96 -52.62 -4.62
CA TRP F 44 35.30 -51.22 -4.45
C TRP F 44 34.28 -50.30 -5.13
N ALA F 45 33.68 -50.77 -6.23
CA ALA F 45 32.66 -49.95 -6.87
C ALA F 45 31.31 -50.08 -6.19
N ALA F 46 31.08 -51.16 -5.45
CA ALA F 46 29.81 -51.34 -4.76
C ALA F 46 29.87 -50.93 -3.29
N ALA F 47 31.01 -50.46 -2.81
CA ALA F 47 31.10 -49.94 -1.45
C ALA F 47 31.42 -48.46 -1.39
N ALA F 48 31.68 -47.83 -2.53
CA ALA F 48 32.17 -46.45 -2.56
C ALA F 48 31.16 -45.46 -2.00
N LYS F 49 29.89 -45.82 -2.01
CA LYS F 49 28.91 -45.02 -1.30
C LYS F 49 29.11 -45.12 0.21
N ARG F 50 29.15 -46.34 0.74
CA ARG F 50 29.17 -46.49 2.20
C ARG F 50 30.59 -46.36 2.76
N TYR F 51 31.61 -46.82 2.04
CA TYR F 51 32.95 -46.83 2.61
C TYR F 51 33.54 -45.42 2.68
N ASN F 52 33.17 -44.56 1.74
CA ASN F 52 33.43 -43.14 1.94
C ASN F 52 32.67 -42.62 3.14
N GLU F 53 31.46 -43.12 3.35
CA GLU F 53 30.57 -42.55 4.35
C GLU F 53 30.97 -42.96 5.76
N LYS F 54 31.25 -44.25 5.96
CA LYS F 54 31.60 -44.71 7.30
C LYS F 54 32.98 -44.26 7.71
N LEU F 55 33.86 -44.03 6.74
CA LEU F 55 35.14 -43.43 7.07
C LEU F 55 35.00 -41.96 7.40
N PHE F 56 34.01 -41.30 6.80
CA PHE F 56 33.84 -39.86 7.00
C PHE F 56 33.38 -39.55 8.41
N LYS F 57 32.63 -40.46 9.03
CA LYS F 57 32.19 -40.23 10.40
C LYS F 57 33.33 -40.40 11.40
N LEU F 58 34.28 -41.27 11.11
CA LEU F 58 35.24 -41.66 12.13
C LEU F 58 36.41 -40.71 12.28
N ASN F 59 36.77 -39.99 11.22
CA ASN F 59 38.00 -39.24 11.47
C ASN F 59 37.69 -37.87 12.06
N PRO F 60 38.44 -37.46 13.09
CA PRO F 60 38.16 -36.18 13.75
C PRO F 60 38.86 -35.00 13.12
N SER F 61 39.32 -35.16 11.87
CA SER F 61 40.16 -34.17 11.23
C SER F 61 39.36 -33.11 10.48
N TYR F 62 38.17 -32.77 10.94
CA TYR F 62 37.44 -31.68 10.30
C TYR F 62 37.05 -30.56 11.26
N ASP F 63 36.60 -30.89 12.46
CA ASP F 63 36.09 -29.89 13.39
C ASP F 63 37.07 -29.59 14.52
N ARG F 64 38.37 -29.50 14.19
CA ARG F 64 39.37 -29.08 15.16
C ARG F 64 39.11 -27.66 15.65
N VAL F 65 38.53 -26.81 14.80
CA VAL F 65 38.28 -25.42 15.14
C VAL F 65 37.22 -25.31 16.24
N LEU F 66 36.35 -26.31 16.36
CA LEU F 66 35.46 -26.35 17.52
C LEU F 66 36.20 -26.70 18.79
N SER F 67 37.33 -27.41 18.68
CA SER F 67 38.09 -27.77 19.86
C SER F 67 39.30 -26.89 20.09
N LEU F 68 39.69 -26.09 19.10
CA LEU F 68 40.51 -24.92 19.38
C LEU F 68 39.68 -23.96 20.22
N PRO F 69 40.28 -23.24 21.16
CA PRO F 69 39.48 -22.49 22.15
C PRO F 69 38.72 -21.35 21.51
N ALA F 70 37.44 -21.26 21.84
CA ALA F 70 36.51 -20.44 21.08
C ALA F 70 36.79 -18.96 21.25
N VAL F 71 37.19 -18.54 22.44
CA VAL F 71 37.62 -17.16 22.66
C VAL F 71 38.97 -16.99 21.98
N SER F 72 38.99 -16.25 20.87
CA SER F 72 40.20 -16.12 20.09
C SER F 72 41.13 -15.08 20.73
N LYS F 73 42.19 -14.71 20.03
CA LYS F 73 43.21 -13.85 20.60
C LYS F 73 42.74 -12.41 20.77
N ASN F 74 41.82 -11.95 19.92
CA ASN F 74 41.36 -10.58 20.05
C ASN F 74 40.43 -10.41 21.23
N GLN F 75 39.64 -11.42 21.56
CA GLN F 75 38.69 -11.26 22.66
C GLN F 75 39.38 -11.28 24.01
N VAL F 76 40.61 -11.81 24.09
CA VAL F 76 41.36 -11.71 25.32
C VAL F 76 41.86 -10.28 25.52
N LEU F 77 42.31 -9.64 24.44
CA LEU F 77 42.85 -8.29 24.56
C LEU F 77 41.78 -7.27 24.89
N GLU F 78 40.53 -7.50 24.49
CA GLU F 78 39.47 -6.58 24.87
C GLU F 78 38.90 -6.88 26.25
N ASN F 79 39.42 -7.88 26.96
CA ASN F 79 39.06 -8.07 28.35
C ASN F 79 40.26 -8.04 29.28
N VAL F 80 41.45 -7.75 28.77
CA VAL F 80 42.64 -7.59 29.58
C VAL F 80 43.17 -6.17 29.50
N PHE F 81 43.39 -5.66 28.31
CA PHE F 81 43.80 -4.27 28.13
C PHE F 81 42.58 -3.44 27.78
N HIS F 82 41.66 -3.35 28.77
CA HIS F 82 40.35 -2.76 28.49
C HIS F 82 40.43 -1.24 28.37
N THR F 83 41.45 -0.62 28.94
CA THR F 83 41.68 0.80 28.71
C THR F 83 43.18 1.06 28.74
N ALA F 84 43.59 2.10 28.03
CA ALA F 84 44.98 2.50 28.04
C ALA F 84 45.31 3.11 29.38
N PRO F 85 46.22 2.54 30.16
CA PRO F 85 46.48 3.05 31.51
C PRO F 85 47.20 4.39 31.45
N LYS F 86 47.04 5.15 32.52
CA LYS F 86 47.61 6.48 32.62
C LYS F 86 48.93 6.37 33.37
N ALA F 87 50.03 6.63 32.67
CA ALA F 87 51.34 6.70 33.32
C ALA F 87 51.35 7.85 34.31
N PRO F 88 52.09 7.72 35.42
CA PRO F 88 52.10 8.81 36.42
C PRO F 88 52.75 10.10 35.94
N VAL F 89 53.46 10.10 34.80
CA VAL F 89 53.94 11.36 34.24
C VAL F 89 52.77 12.19 33.68
N GLU F 90 51.63 11.55 33.42
CA GLU F 90 50.45 12.29 33.03
C GLU F 90 49.84 13.02 34.22
N HIS F 91 50.08 12.53 35.44
CA HIS F 91 49.63 13.28 36.60
C HIS F 91 50.47 14.52 36.82
N LEU F 92 51.79 14.42 36.65
CA LEU F 92 52.64 15.58 36.83
C LEU F 92 52.43 16.61 35.75
N GLU F 93 52.13 16.15 34.52
CA GLU F 93 52.05 17.08 33.40
C GLU F 93 50.84 17.98 33.50
N LYS F 94 49.70 17.43 33.93
CA LYS F 94 48.52 18.28 34.06
C LYS F 94 48.60 19.16 35.30
N MET F 95 49.12 18.63 36.41
CA MET F 95 49.18 19.43 37.63
C MET F 95 50.33 20.43 37.61
N VAL F 96 51.20 20.37 36.60
CA VAL F 96 52.14 21.49 36.43
C VAL F 96 51.64 22.42 35.33
N SER F 97 50.72 21.96 34.48
CA SER F 97 50.07 22.90 33.56
C SER F 97 49.08 23.78 34.31
N ALA F 98 48.52 23.28 35.41
CA ALA F 98 47.56 24.06 36.17
C ALA F 98 48.26 24.97 37.18
N ASN F 99 49.28 24.47 37.87
CA ASN F 99 49.99 25.29 38.83
C ASN F 99 50.83 26.37 38.19
N SER F 100 51.06 26.27 36.87
CA SER F 100 51.70 27.38 36.17
C SER F 100 50.82 28.62 36.21
N LYS F 101 49.50 28.43 36.20
CA LYS F 101 48.59 29.58 36.28
C LYS F 101 48.55 30.17 37.68
N VAL F 102 48.70 29.33 38.72
CA VAL F 102 48.70 29.85 40.08
C VAL F 102 49.95 30.67 40.34
N TYR F 103 51.10 30.18 39.90
CA TYR F 103 52.34 30.94 40.07
C TYR F 103 52.33 32.22 39.26
N ASP F 104 51.74 32.18 38.07
CA ASP F 104 51.70 33.35 37.22
C ASP F 104 50.73 34.42 37.69
N ALA F 105 50.11 34.25 38.86
CA ALA F 105 49.19 35.25 39.38
C ALA F 105 49.35 35.55 40.86
N LEU F 106 50.14 34.78 41.60
CA LEU F 106 50.05 34.83 43.06
C LEU F 106 51.41 34.71 43.76
N ASN F 107 52.45 35.37 43.26
CA ASN F 107 53.70 35.30 44.01
C ASN F 107 54.56 36.56 44.03
N LEU F 108 54.08 37.69 43.50
CA LEU F 108 54.68 39.02 43.66
C LEU F 108 56.09 39.13 43.05
N GLN F 109 56.54 38.10 42.35
CA GLN F 109 57.81 38.13 41.63
C GLN F 109 57.65 37.78 40.16
N SER F 110 56.60 37.07 39.78
CA SER F 110 56.37 36.74 38.39
C SER F 110 55.84 37.96 37.64
N LYS F 111 55.64 37.80 36.34
CA LYS F 111 55.51 38.96 35.47
C LYS F 111 54.11 39.59 35.54
N ARG F 112 53.08 38.82 35.85
CA ARG F 112 51.72 39.37 35.88
C ARG F 112 51.00 38.98 37.19
N VAL F 113 51.27 39.71 38.22
CA VAL F 113 50.81 39.36 39.55
C VAL F 113 49.52 40.11 39.85
N LEU F 114 48.55 39.42 40.45
CA LEU F 114 47.24 39.97 40.74
C LEU F 114 47.18 40.75 42.04
N ILE F 115 48.31 41.07 42.66
CA ILE F 115 48.23 41.82 43.92
C ILE F 115 47.97 43.30 43.65
N TRP F 116 48.21 43.78 42.44
CA TRP F 116 47.72 45.09 42.03
C TRP F 116 46.43 44.98 41.23
N GLN F 117 45.67 43.91 41.44
CA GLN F 117 44.33 43.77 40.92
C GLN F 117 43.29 43.76 42.02
N VAL F 118 43.59 43.09 43.12
CA VAL F 118 42.63 42.83 44.19
C VAL F 118 42.59 44.00 45.15
N LYS F 119 43.70 44.24 45.85
CA LYS F 119 43.83 45.38 46.76
C LYS F 119 44.76 46.37 46.07
N PRO F 120 44.21 47.34 45.32
CA PRO F 120 44.90 47.88 44.14
C PRO F 120 46.23 48.58 44.39
N ALA F 121 46.19 49.71 45.08
CA ALA F 121 47.33 50.57 45.41
C ALA F 121 46.75 51.73 46.18
N LEU F 122 47.64 52.58 46.69
CA LEU F 122 47.23 53.83 47.31
C LEU F 122 48.25 54.89 46.92
N PHE F 123 47.78 55.94 46.25
CA PHE F 123 48.65 57.02 45.80
C PHE F 123 48.00 58.38 46.01
N GLU G 28 61.26 -54.15 5.16
CA GLU G 28 60.29 -53.60 4.22
C GLU G 28 58.96 -53.38 4.91
N GLY G 29 58.94 -52.51 5.91
CA GLY G 29 57.72 -52.20 6.62
C GLY G 29 56.81 -51.30 5.80
N ASN G 30 55.71 -50.91 6.43
CA ASN G 30 54.82 -49.93 5.82
C ASN G 30 55.48 -48.57 5.76
N SER G 31 55.80 -48.13 4.55
CA SER G 31 56.67 -46.99 4.32
C SER G 31 56.06 -45.66 4.71
N VAL G 32 54.78 -45.63 5.07
CA VAL G 32 54.27 -44.41 5.67
C VAL G 32 54.82 -44.26 7.09
N ALA G 33 54.99 -45.37 7.79
CA ALA G 33 55.80 -45.33 9.02
C ALA G 33 57.27 -45.13 8.68
N GLY G 34 57.68 -45.52 7.48
CA GLY G 34 59.01 -45.16 7.01
C GLY G 34 59.13 -43.66 6.75
N ILE G 35 58.04 -43.01 6.39
CA ILE G 35 58.05 -41.56 6.29
C ILE G 35 58.10 -40.93 7.68
N ILE G 36 57.14 -41.29 8.54
CA ILE G 36 56.87 -40.50 9.74
C ILE G 36 57.97 -40.71 10.78
N LYS G 37 58.49 -41.93 10.91
CA LYS G 37 59.63 -42.16 11.79
C LYS G 37 60.90 -41.53 11.25
N SER G 38 60.96 -41.23 9.94
CA SER G 38 62.10 -40.49 9.43
C SER G 38 61.91 -38.98 9.61
N VAL G 39 60.72 -38.48 9.29
CA VAL G 39 60.46 -37.03 9.33
C VAL G 39 60.48 -36.52 10.76
N ASN G 40 60.09 -37.35 11.73
CA ASN G 40 60.12 -36.95 13.13
C ASN G 40 61.53 -36.66 13.62
N GLU G 41 62.51 -37.42 13.15
CA GLU G 41 63.90 -37.11 13.48
C GLU G 41 64.54 -36.23 12.40
N THR G 42 63.87 -35.14 12.06
CA THR G 42 64.41 -34.15 11.15
C THR G 42 64.22 -32.78 11.77
N SER G 43 65.31 -32.05 11.96
CA SER G 43 65.27 -30.73 12.56
C SER G 43 64.63 -29.73 11.59
N GLY G 44 64.32 -28.54 12.12
CA GLY G 44 63.75 -27.50 11.29
C GLY G 44 64.71 -26.87 10.30
N ALA G 45 66.00 -27.16 10.41
CA ALA G 45 66.99 -26.55 9.52
C ALA G 45 66.89 -27.13 8.12
N ASN G 46 67.11 -28.42 7.97
CA ASN G 46 67.19 -29.08 6.67
C ASN G 46 65.95 -29.89 6.36
N LEU G 47 64.77 -29.39 6.72
CA LEU G 47 63.53 -30.10 6.42
C LEU G 47 63.29 -30.16 4.93
N LEU G 48 63.39 -29.02 4.25
CA LEU G 48 63.08 -28.99 2.82
C LEU G 48 64.24 -29.53 2.00
N SER G 49 65.47 -29.42 2.50
CA SER G 49 66.64 -29.87 1.74
C SER G 49 66.69 -31.38 1.60
N SER G 50 66.23 -32.10 2.61
CA SER G 50 66.21 -33.56 2.59
C SER G 50 64.83 -34.11 2.27
N LEU G 51 63.88 -33.26 1.89
CA LEU G 51 62.52 -33.74 1.68
C LEU G 51 62.38 -34.50 0.37
N LYS G 52 63.22 -34.20 -0.63
CA LYS G 52 63.23 -35.00 -1.84
C LYS G 52 63.79 -36.39 -1.58
N THR G 53 64.68 -36.51 -0.60
CA THR G 53 65.24 -37.81 -0.28
C THR G 53 64.20 -38.71 0.40
N ILE G 54 63.32 -38.11 1.20
CA ILE G 54 62.27 -38.90 1.83
C ILE G 54 61.22 -39.29 0.80
N LYS G 55 61.05 -38.48 -0.24
CA LYS G 55 60.24 -38.87 -1.38
C LYS G 55 60.81 -40.08 -2.09
N ALA G 56 62.13 -40.24 -2.06
CA ALA G 56 62.76 -41.39 -2.71
C ALA G 56 62.54 -42.67 -1.89
N GLN G 57 62.64 -42.58 -0.57
CA GLN G 57 62.54 -43.78 0.25
C GLN G 57 61.12 -44.28 0.37
N ALA G 58 60.13 -43.45 0.05
CA ALA G 58 58.74 -43.88 0.07
C ALA G 58 58.25 -44.31 -1.31
N ALA G 59 59.14 -44.46 -2.26
CA ALA G 59 58.72 -44.78 -3.62
C ALA G 59 58.42 -46.26 -3.73
N PRO G 60 57.26 -46.64 -4.26
CA PRO G 60 57.02 -48.05 -4.61
C PRO G 60 57.95 -48.46 -5.73
N ILE G 61 58.77 -49.49 -5.47
CA ILE G 61 59.90 -49.77 -6.35
C ILE G 61 59.42 -50.41 -7.65
N TYR G 62 59.80 -49.80 -8.76
CA TYR G 62 59.51 -50.35 -10.07
C TYR G 62 60.79 -50.99 -10.58
N PRO G 63 60.90 -52.32 -10.56
CA PRO G 63 62.20 -52.98 -10.81
C PRO G 63 62.66 -52.79 -12.24
N ALA G 64 63.92 -52.36 -12.38
CA ALA G 64 64.47 -52.04 -13.68
C ALA G 64 64.75 -53.31 -14.48
N ALA G 65 64.94 -53.12 -15.79
CA ALA G 65 65.02 -54.23 -16.71
C ALA G 65 66.33 -54.99 -16.54
N ALA G 66 66.24 -56.31 -16.45
CA ALA G 66 67.42 -57.14 -16.39
C ALA G 66 68.00 -57.32 -17.79
N SER G 67 69.09 -58.08 -17.88
CA SER G 67 69.66 -58.39 -19.17
C SER G 67 68.76 -59.38 -19.91
N SER G 68 68.94 -59.41 -21.23
CA SER G 68 68.02 -60.19 -22.06
C SER G 68 68.31 -61.70 -21.96
N THR G 69 69.48 -62.11 -22.47
CA THR G 69 69.93 -63.51 -22.66
C THR G 69 68.79 -64.46 -23.06
N GLY G 70 68.03 -64.02 -24.05
CA GLY G 70 66.64 -64.41 -24.22
C GLY G 70 66.42 -65.82 -24.74
N TYR G 71 65.14 -66.09 -25.04
CA TYR G 71 64.63 -67.40 -25.44
C TYR G 71 64.92 -68.45 -24.38
N SER G 72 64.15 -68.33 -23.30
CA SER G 72 64.22 -69.17 -22.12
C SER G 72 64.04 -70.66 -22.44
N THR G 73 64.29 -71.48 -21.41
CA THR G 73 64.37 -72.93 -21.57
C THR G 73 63.06 -73.53 -22.07
N GLN G 74 61.94 -73.11 -21.49
CA GLN G 74 60.65 -73.61 -21.94
C GLN G 74 60.21 -73.01 -23.25
N ALA G 75 60.71 -71.82 -23.60
CA ALA G 75 60.47 -71.30 -24.94
C ALA G 75 61.22 -72.12 -25.98
N LYS G 76 62.36 -72.68 -25.60
CA LYS G 76 63.05 -73.63 -26.47
C LYS G 76 62.27 -74.95 -26.54
N ILE G 77 61.48 -75.25 -25.51
CA ILE G 77 60.74 -76.51 -25.50
C ILE G 77 59.59 -76.46 -26.51
N ALA G 78 58.84 -75.37 -26.51
CA ALA G 78 57.68 -75.30 -27.40
C ALA G 78 58.08 -75.05 -28.85
N LEU G 79 59.03 -74.13 -29.07
CA LEU G 79 59.38 -73.74 -30.43
C LEU G 79 60.10 -74.84 -31.18
N PHE G 80 61.05 -75.51 -30.53
CA PHE G 80 61.62 -76.71 -31.12
C PHE G 80 60.57 -77.82 -31.16
N GLY G 81 59.70 -77.88 -30.15
CA GLY G 81 58.73 -78.95 -30.09
C GLY G 81 57.62 -78.83 -31.12
N ALA G 82 57.08 -77.62 -31.29
CA ALA G 82 56.01 -77.45 -32.28
C ALA G 82 56.55 -77.52 -33.69
N LEU G 83 57.81 -77.16 -33.89
CA LEU G 83 58.43 -77.39 -35.19
C LEU G 83 58.61 -78.87 -35.44
N SER G 84 58.88 -79.65 -34.38
CA SER G 84 58.82 -81.10 -34.52
C SER G 84 57.39 -81.57 -34.76
N TRP G 85 56.40 -80.85 -34.23
CA TRP G 85 55.01 -81.22 -34.49
C TRP G 85 54.55 -80.76 -35.86
N ILE G 86 55.05 -79.62 -36.33
CA ILE G 86 54.70 -79.14 -37.66
C ILE G 86 55.27 -80.05 -38.73
N LEU G 87 56.54 -80.45 -38.59
CA LEU G 87 57.14 -81.30 -39.61
C LEU G 87 56.62 -82.72 -39.55
N TYR G 88 56.20 -83.18 -38.37
CA TYR G 88 55.63 -84.52 -38.28
C TYR G 88 54.28 -84.60 -38.98
N ARG G 89 53.51 -83.51 -38.93
CA ARG G 89 52.26 -83.51 -39.68
C ARG G 89 52.50 -83.33 -41.16
N ALA G 90 53.56 -82.62 -41.55
CA ALA G 90 53.91 -82.54 -42.95
C ALA G 90 54.35 -83.90 -43.48
N ASP G 91 55.14 -84.62 -42.69
CA ASP G 91 55.45 -86.01 -43.00
C ASP G 91 54.20 -86.87 -42.86
N GLY G 92 53.32 -86.53 -41.92
CA GLY G 92 52.11 -87.31 -41.72
C GLY G 92 51.03 -87.04 -42.73
N GLN G 93 51.05 -85.88 -43.39
CA GLN G 93 50.03 -85.59 -44.39
C GLN G 93 50.37 -86.19 -45.73
N SER G 94 51.65 -86.21 -46.09
CA SER G 94 52.07 -86.50 -47.46
C SER G 94 51.97 -87.97 -47.83
N LYS G 95 51.50 -88.83 -46.94
CA LYS G 95 51.41 -90.25 -47.24
C LYS G 95 50.05 -90.80 -46.84
N ALA G 96 49.00 -90.10 -47.24
CA ALA G 96 47.63 -90.56 -47.02
C ALA G 96 46.78 -90.36 -48.27
N HIS G 97 47.39 -90.61 -49.44
CA HIS G 97 46.75 -90.76 -50.76
C HIS G 97 46.15 -89.47 -51.31
N GLU G 98 46.21 -88.37 -50.57
CA GLU G 98 45.78 -87.06 -51.07
C GLU G 98 46.81 -86.02 -50.70
N TRP G 99 48.07 -86.36 -51.01
CA TRP G 99 49.22 -85.61 -50.50
C TRP G 99 49.26 -84.19 -51.05
N ILE G 100 48.81 -83.99 -52.29
CA ILE G 100 48.91 -82.68 -52.88
C ILE G 100 47.65 -81.86 -52.61
N VAL G 101 46.55 -82.53 -52.24
CA VAL G 101 45.44 -81.81 -51.65
C VAL G 101 45.79 -81.42 -50.22
N ASP G 102 46.45 -82.31 -49.49
CA ASP G 102 46.87 -82.02 -48.12
C ASP G 102 47.91 -80.93 -48.08
N LEU G 103 48.80 -80.90 -49.06
CA LEU G 103 49.77 -79.81 -49.10
C LEU G 103 49.23 -78.55 -49.77
N ASN G 104 48.00 -78.58 -50.28
CA ASN G 104 47.32 -77.33 -50.59
C ASN G 104 46.28 -76.93 -49.56
N LEU G 105 45.82 -77.88 -48.73
CA LEU G 105 45.04 -77.52 -47.56
C LEU G 105 45.86 -76.69 -46.59
N ASN G 106 47.17 -76.95 -46.52
CA ASN G 106 48.03 -76.18 -45.63
C ASN G 106 48.24 -74.77 -46.14
N VAL G 107 48.46 -74.60 -47.44
CA VAL G 107 48.71 -73.27 -47.97
C VAL G 107 47.39 -72.50 -48.07
N LEU G 108 46.27 -73.20 -48.06
CA LEU G 108 44.99 -72.50 -48.04
C LEU G 108 44.66 -71.98 -46.65
N GLN G 109 45.01 -72.72 -45.60
CA GLN G 109 44.77 -72.25 -44.25
C GLN G 109 45.81 -71.24 -43.80
N ALA G 110 47.07 -71.42 -44.21
CA ALA G 110 48.10 -70.45 -43.85
C ALA G 110 47.99 -69.17 -44.66
N ALA G 111 47.15 -69.17 -45.71
CA ALA G 111 46.84 -67.91 -46.37
C ALA G 111 45.83 -67.09 -45.58
N TRP G 112 44.93 -67.75 -44.85
CA TRP G 112 43.94 -66.99 -44.09
C TRP G 112 44.55 -66.34 -42.86
N LEU G 113 45.62 -66.93 -42.31
CA LEU G 113 46.32 -66.28 -41.21
C LEU G 113 47.06 -65.05 -41.68
N ILE G 114 47.39 -64.99 -42.97
CA ILE G 114 47.92 -63.76 -43.54
C ILE G 114 46.83 -62.70 -43.56
N SER G 115 45.62 -63.09 -44.00
CA SER G 115 44.56 -62.10 -44.20
C SER G 115 43.96 -61.63 -42.89
N PHE G 116 44.11 -62.41 -41.81
CA PHE G 116 43.61 -61.96 -40.52
C PHE G 116 44.41 -60.80 -39.97
N SER G 117 45.74 -60.89 -40.05
CA SER G 117 46.57 -59.94 -39.30
C SER G 117 46.64 -58.57 -39.95
N SER G 118 46.18 -58.43 -41.20
CA SER G 118 46.07 -57.13 -41.82
C SER G 118 44.62 -56.72 -42.04
N LEU G 119 43.68 -57.38 -41.36
CA LEU G 119 42.29 -56.97 -41.43
C LEU G 119 41.57 -57.00 -40.08
N ILE G 120 42.22 -57.45 -39.02
CA ILE G 120 41.70 -57.32 -37.67
C ILE G 120 42.18 -55.98 -37.12
N PRO G 121 41.28 -55.09 -36.68
CA PRO G 121 41.75 -53.87 -36.00
C PRO G 121 42.30 -54.19 -34.63
N PHE G 122 43.62 -54.16 -34.52
CA PHE G 122 44.28 -54.63 -33.31
C PHE G 122 44.07 -53.69 -32.15
N ARG G 123 44.06 -52.39 -32.41
CA ARG G 123 43.77 -51.44 -31.35
C ARG G 123 42.33 -51.56 -30.89
N ALA G 124 41.40 -51.75 -31.84
CA ALA G 124 39.99 -51.82 -31.49
C ALA G 124 39.65 -53.14 -30.80
N VAL G 125 40.33 -54.22 -31.15
CA VAL G 125 40.02 -55.50 -30.52
C VAL G 125 40.55 -55.51 -29.09
N TYR G 126 41.56 -54.69 -28.79
CA TYR G 126 42.11 -54.70 -27.44
C TYR G 126 41.20 -53.96 -26.48
N PHE G 127 40.69 -52.81 -26.88
CA PHE G 127 39.88 -52.03 -25.96
C PHE G 127 38.45 -52.53 -25.87
N ALA G 128 38.01 -53.33 -26.82
CA ALA G 128 36.73 -54.01 -26.61
C ALA G 128 36.89 -55.10 -25.56
N PHE G 129 38.04 -55.77 -25.56
CA PHE G 129 38.26 -56.84 -24.59
C PHE G 129 38.49 -56.27 -23.20
N ARG G 130 39.09 -55.09 -23.13
CA ARG G 130 39.11 -54.35 -21.87
C ARG G 130 37.70 -53.95 -21.46
N GLY G 131 36.86 -53.63 -22.43
CA GLY G 131 35.48 -53.28 -22.14
C GLY G 131 34.58 -54.44 -21.83
N MET G 132 35.08 -55.67 -21.89
CA MET G 132 34.26 -56.82 -21.52
C MET G 132 34.11 -56.89 -20.01
N ALA G 133 35.20 -57.06 -19.32
CA ALA G 133 35.12 -57.24 -17.89
C ALA G 133 35.03 -55.89 -17.19
N PRO G 134 34.16 -55.77 -16.17
CA PRO G 134 34.09 -54.53 -15.39
C PRO G 134 35.30 -54.28 -14.51
N ALA G 135 36.26 -55.20 -14.45
CA ALA G 135 37.48 -54.92 -13.71
C ALA G 135 38.31 -53.84 -14.40
N THR G 136 38.21 -53.74 -15.72
CA THR G 136 38.99 -52.78 -16.49
C THR G 136 38.13 -51.84 -17.32
N ALA G 137 36.83 -52.07 -17.44
CA ALA G 137 35.99 -51.23 -18.29
C ALA G 137 35.81 -49.83 -17.72
N SER G 138 35.94 -49.65 -16.42
CA SER G 138 35.91 -48.35 -15.80
C SER G 138 37.16 -48.17 -14.96
N THR G 139 37.19 -47.13 -14.15
CA THR G 139 38.20 -47.01 -13.11
C THR G 139 37.67 -47.69 -11.84
N LEU G 140 38.33 -47.48 -10.72
CA LEU G 140 37.71 -47.73 -9.43
C LEU G 140 36.99 -46.47 -8.97
N ASN G 141 36.30 -46.57 -7.84
CA ASN G 141 35.58 -45.39 -7.37
C ASN G 141 35.59 -45.18 -5.86
N GLY G 142 36.24 -46.02 -5.07
CA GLY G 142 36.26 -45.83 -3.63
C GLY G 142 37.24 -44.77 -3.19
N LEU G 143 37.08 -44.35 -1.93
CA LEU G 143 38.03 -43.53 -1.18
C LEU G 143 38.31 -42.19 -1.86
N LYS G 144 37.28 -41.34 -1.87
CA LYS G 144 37.27 -40.13 -2.68
C LYS G 144 38.11 -38.97 -2.12
N THR G 145 39.02 -39.23 -1.17
CA THR G 145 40.17 -38.42 -0.76
C THR G 145 39.77 -37.14 -0.02
N PHE G 146 38.48 -36.88 0.16
CA PHE G 146 38.08 -35.99 1.24
C PHE G 146 37.76 -36.73 2.52
N SER G 147 37.48 -38.02 2.44
CA SER G 147 37.13 -38.79 3.61
C SER G 147 38.31 -39.58 4.16
N SER G 148 39.54 -39.28 3.72
CA SER G 148 40.68 -40.00 4.26
C SER G 148 41.89 -39.11 4.45
N ILE G 149 41.69 -37.83 4.76
CA ILE G 149 42.79 -36.91 5.02
C ILE G 149 42.80 -36.56 6.50
N SER G 150 43.99 -36.49 7.07
CA SER G 150 44.18 -36.20 8.47
C SER G 150 44.90 -34.86 8.60
N LEU G 151 44.26 -33.91 9.24
CA LEU G 151 44.84 -32.58 9.41
C LEU G 151 45.08 -32.27 10.88
N LEU H 15 39.28 65.61 54.71
CA LEU H 15 39.43 66.47 55.88
C LEU H 15 38.67 67.80 55.78
N THR H 16 38.68 68.52 56.89
CA THR H 16 38.17 69.89 56.92
C THR H 16 39.28 70.81 56.41
N THR H 17 39.07 72.11 56.54
CA THR H 17 40.14 73.03 56.20
C THR H 17 41.18 73.13 57.31
N PHE H 18 40.78 72.96 58.57
CA PHE H 18 41.68 73.18 59.69
C PHE H 18 41.80 71.94 60.57
N THR H 19 43.01 71.71 61.08
CA THR H 19 43.31 70.68 62.05
C THR H 19 43.65 71.31 63.39
N PHE H 20 43.42 70.57 64.46
CA PHE H 20 43.58 71.11 65.80
C PHE H 20 44.28 70.13 66.73
N SER H 21 45.36 69.52 66.27
CA SER H 21 46.16 68.67 67.14
C SER H 21 47.61 68.73 66.68
N GLY H 22 48.47 68.12 67.48
CA GLY H 22 49.88 68.06 67.14
C GLY H 22 50.77 68.41 68.32
N LEU H 23 51.65 67.47 68.68
CA LEU H 23 52.58 67.57 69.82
C LEU H 23 51.84 67.88 71.12
N GLN H 24 50.65 67.30 71.25
CA GLN H 24 49.83 67.47 72.43
C GLN H 24 49.09 66.16 72.63
N ASP H 25 49.35 65.50 73.76
CA ASP H 25 48.87 64.15 74.08
C ASP H 25 49.30 63.13 73.02
N ALA H 26 50.44 63.38 72.38
CA ALA H 26 50.96 62.47 71.37
C ALA H 26 51.51 61.22 72.04
N PRO H 27 51.64 60.12 71.30
CA PRO H 27 52.29 58.93 71.88
C PRO H 27 53.76 59.20 72.15
N VAL H 28 54.21 58.80 73.34
CA VAL H 28 55.56 59.07 73.79
C VAL H 28 56.48 57.86 73.63
N ALA H 29 55.92 56.66 73.53
CA ALA H 29 56.69 55.44 73.33
C ALA H 29 55.95 54.56 72.35
N ALA H 30 56.68 53.63 71.74
CA ALA H 30 56.12 52.78 70.71
C ALA H 30 55.18 51.75 71.32
N LEU H 31 54.54 50.99 70.43
CA LEU H 31 53.66 49.89 70.82
C LEU H 31 54.25 48.52 70.51
N SER H 32 54.83 48.35 69.33
CA SER H 32 55.46 47.11 68.94
C SER H 32 56.93 47.08 69.36
N GLY H 33 57.59 45.98 69.02
CA GLY H 33 59.02 45.86 69.18
C GLY H 33 59.73 46.04 67.86
N SER H 34 58.96 46.21 66.80
CA SER H 34 59.52 46.30 65.47
C SER H 34 60.19 47.64 65.19
N ILE H 35 59.72 48.71 65.83
CA ILE H 35 60.29 50.03 65.64
C ILE H 35 60.12 50.80 66.94
N LYS H 36 61.19 51.44 67.39
CA LYS H 36 61.22 52.11 68.68
C LYS H 36 61.21 53.62 68.48
N LEU H 37 60.26 54.29 69.13
CA LEU H 37 60.18 55.75 69.14
C LEU H 37 60.21 56.21 70.58
N ASN H 38 60.98 57.25 70.85
CA ASN H 38 61.15 57.76 72.21
C ASN H 38 61.26 59.27 72.13
N VAL H 39 60.45 59.97 72.93
CA VAL H 39 60.39 61.41 72.85
C VAL H 39 61.14 61.99 74.03
N ALA H 40 61.48 63.27 73.91
CA ALA H 40 61.85 64.10 75.05
C ALA H 40 60.73 65.13 75.17
N ALA H 41 59.87 64.95 76.15
CA ALA H 41 58.63 65.72 76.23
C ALA H 41 58.86 67.16 76.67
N LYS H 42 59.21 68.03 75.72
CA LYS H 42 59.16 69.46 75.96
C LYS H 42 57.88 70.04 75.37
N ALA H 43 57.46 71.18 75.91
CA ALA H 43 56.25 71.83 75.43
C ALA H 43 56.52 72.82 74.32
N GLY H 44 57.72 73.41 74.29
CA GLY H 44 58.09 74.36 73.26
C GLY H 44 58.63 73.69 72.02
N LYS H 45 59.68 72.91 72.18
CA LYS H 45 60.22 72.10 71.10
C LYS H 45 59.89 70.63 71.37
N ALA H 46 60.43 69.75 70.54
CA ALA H 46 60.24 68.32 70.75
C ALA H 46 61.46 67.59 70.21
N GLU H 47 62.04 66.73 71.05
CA GLU H 47 63.18 65.91 70.66
C GLU H 47 62.71 64.46 70.64
N VAL H 48 62.56 63.89 69.45
CA VAL H 48 62.20 62.49 69.28
C VAL H 48 63.32 61.81 68.51
N THR H 49 63.61 60.57 68.89
CA THR H 49 64.48 59.71 68.10
C THR H 49 63.63 58.74 67.30
N VAL H 50 64.18 58.30 66.17
CA VAL H 50 63.53 57.33 65.29
C VAL H 50 64.57 56.25 64.97
N ALA H 51 64.24 55.00 65.26
CA ALA H 51 65.18 53.91 65.03
C ALA H 51 64.44 52.60 64.82
N ALA H 52 64.80 51.88 63.74
CA ALA H 52 64.21 50.57 63.47
C ALA H 52 65.27 49.73 62.73
N GLY H 53 66.02 48.94 63.49
CA GLY H 53 66.97 48.02 62.90
C GLY H 53 68.34 48.61 62.63
N ALA H 54 68.60 48.96 61.36
CA ALA H 54 69.93 49.35 60.93
C ALA H 54 70.12 50.86 60.81
N ALA H 55 69.05 51.64 60.76
CA ALA H 55 69.15 53.08 60.57
C ALA H 55 68.86 53.82 61.87
N LYS H 56 69.55 54.93 62.07
CA LYS H 56 69.46 55.71 63.28
C LYS H 56 69.10 57.14 62.95
N ALA H 57 68.24 57.75 63.77
CA ALA H 57 67.74 59.09 63.51
C ALA H 57 67.21 59.70 64.80
N ALA H 58 67.42 61.01 64.96
CA ALA H 58 66.79 61.79 66.00
C ALA H 58 66.65 63.21 65.49
N THR H 59 65.43 63.75 65.54
CA THR H 59 65.12 65.01 64.87
C THR H 59 64.39 65.94 65.83
N GLN H 60 64.47 67.23 65.53
CA GLN H 60 63.84 68.29 66.30
C GLN H 60 62.68 68.86 65.51
N VAL H 61 61.49 68.83 66.09
CA VAL H 61 60.32 69.48 65.53
C VAL H 61 59.82 70.51 66.54
N SER H 62 59.50 71.70 66.05
CA SER H 62 58.90 72.70 66.92
C SER H 62 57.39 72.46 67.01
N ALA H 63 56.81 72.95 68.11
CA ALA H 63 55.38 72.71 68.37
C ALA H 63 54.51 73.44 67.36
N ALA H 64 54.99 74.52 66.76
CA ALA H 64 54.27 75.17 65.70
C ALA H 64 54.48 74.52 64.34
N ALA H 65 55.48 73.64 64.21
CA ALA H 65 55.83 73.13 62.89
C ALA H 65 54.79 72.16 62.35
N LEU H 66 54.21 71.33 63.22
CA LEU H 66 53.18 70.39 62.75
C LEU H 66 51.90 71.11 62.40
N ARG H 67 51.64 72.27 62.99
CA ARG H 67 50.51 73.07 62.57
C ARG H 67 50.77 73.79 61.26
N LYS H 68 52.00 73.73 60.75
CA LYS H 68 52.29 74.05 59.35
C LYS H 68 52.25 72.81 58.47
N LEU H 69 52.35 71.62 59.06
CA LEU H 69 52.43 70.41 58.25
C LEU H 69 51.07 70.03 57.68
N SER H 70 50.02 70.11 58.49
CA SER H 70 48.70 69.64 58.09
C SER H 70 47.95 70.63 57.23
N GLY H 71 48.63 71.64 56.67
CA GLY H 71 47.95 72.54 55.76
C GLY H 71 47.72 71.92 54.41
N SER H 72 48.73 71.24 53.88
CA SER H 72 48.64 70.61 52.56
C SER H 72 48.02 69.22 52.71
N LYS H 73 46.81 69.06 52.18
CA LYS H 73 46.15 67.76 52.20
C LYS H 73 46.68 66.92 51.05
N ILE H 74 46.79 65.62 51.30
CA ILE H 74 47.49 64.73 50.39
C ILE H 74 46.53 64.05 49.43
N SER H 75 45.38 63.61 49.94
CA SER H 75 44.32 62.91 49.19
C SER H 75 44.88 61.67 48.49
N LEU H 76 45.27 60.71 49.31
CA LEU H 76 45.68 59.40 48.83
C LEU H 76 44.54 58.75 48.07
N ALA H 77 44.82 58.31 46.85
CA ALA H 77 43.77 57.74 46.01
C ALA H 77 44.24 56.41 45.46
N GLU H 78 43.28 55.65 44.95
CA GLU H 78 43.54 54.30 44.47
C GLU H 78 43.85 54.33 42.98
N VAL H 79 44.65 53.36 42.54
CA VAL H 79 44.97 53.19 41.13
C VAL H 79 44.69 51.74 40.79
N ALA H 80 43.74 51.51 39.87
CA ALA H 80 43.26 50.18 39.58
C ALA H 80 43.36 49.90 38.09
N ARG H 81 43.09 48.65 37.73
CA ARG H 81 43.10 48.27 36.32
C ARG H 81 41.86 48.82 35.62
N ILE H 82 40.71 48.75 36.26
CA ILE H 82 39.49 49.26 35.63
C ILE H 82 38.84 50.27 36.55
N SER H 83 38.61 49.88 37.79
CA SER H 83 37.98 50.73 38.80
C SER H 83 38.24 50.11 40.15
N VAL H 84 37.99 50.88 41.21
CA VAL H 84 38.04 50.28 42.52
C VAL H 84 36.77 49.46 42.77
N LEU H 85 35.70 49.73 42.01
CA LEU H 85 34.53 48.86 42.09
C LEU H 85 34.81 47.55 41.38
N HIS H 86 35.51 47.60 40.25
CA HIS H 86 35.87 46.38 39.55
C HIS H 86 36.94 45.61 40.31
N SER H 87 37.77 46.32 41.07
CA SER H 87 38.75 45.62 41.88
C SER H 87 38.11 44.94 43.08
N SER H 88 37.05 45.51 43.62
CA SER H 88 36.45 44.94 44.81
C SER H 88 35.59 43.72 44.49
N ILE H 89 34.98 43.69 43.31
CA ILE H 89 34.24 42.50 42.92
C ILE H 89 35.21 41.38 42.58
N GLN H 90 36.33 41.71 41.94
CA GLN H 90 37.36 40.72 41.69
C GLN H 90 38.02 40.25 42.98
N ASN H 91 37.98 41.07 44.03
CA ASN H 91 38.42 40.61 45.35
C ASN H 91 37.51 39.51 45.88
N TYR H 92 36.20 39.74 45.84
CA TYR H 92 35.27 38.74 46.33
C TYR H 92 35.25 37.53 45.42
N LEU H 93 35.52 37.72 44.13
CA LEU H 93 35.64 36.55 43.27
C LEU H 93 36.95 35.82 43.49
N LEU H 94 37.96 36.50 44.05
CA LEU H 94 39.18 35.79 44.37
C LEU H 94 38.99 34.94 45.61
N SER H 95 38.37 35.52 46.66
CA SER H 95 38.18 34.78 47.90
C SER H 95 37.15 33.67 47.76
N LEU H 96 36.22 33.82 46.81
CA LEU H 96 35.32 32.72 46.55
C LEU H 96 36.03 31.60 45.81
N SER H 97 36.87 31.94 44.84
CA SER H 97 37.62 30.91 44.14
C SER H 97 38.66 30.28 45.04
N ASN H 98 39.23 31.06 45.96
CA ASN H 98 40.07 30.50 47.01
C ASN H 98 39.28 29.55 47.90
N GLU H 99 38.00 29.86 48.13
CA GLU H 99 37.17 28.97 48.93
C GLU H 99 36.87 27.68 48.20
N ARG H 100 36.74 27.74 46.87
CA ARG H 100 36.62 26.51 46.10
C ARG H 100 37.96 25.79 46.04
N TYR H 101 39.06 26.55 46.08
CA TYR H 101 40.39 25.98 46.01
C TYR H 101 40.73 25.16 47.25
N GLN H 102 40.13 25.50 48.38
CA GLN H 102 40.40 24.75 49.60
C GLN H 102 39.75 23.38 49.56
N LEU H 103 38.61 23.25 48.91
CA LEU H 103 37.92 21.97 48.88
C LEU H 103 38.30 21.12 47.69
N LEU H 104 39.08 21.65 46.75
CA LEU H 104 39.80 20.82 45.80
C LEU H 104 41.19 20.46 46.32
N SER H 105 41.56 20.98 47.48
CA SER H 105 42.82 20.59 48.11
C SER H 105 42.65 19.29 48.89
N GLN H 106 41.53 19.15 49.58
CA GLN H 106 41.29 17.99 50.45
C GLN H 106 40.70 16.82 49.70
N TRP H 107 40.92 16.75 48.39
CA TRP H 107 40.53 15.59 47.61
C TRP H 107 41.42 14.40 47.98
N PRO H 108 40.90 13.19 47.85
CA PRO H 108 41.76 12.03 48.03
C PRO H 108 42.70 11.88 46.86
N ASP H 109 43.97 11.60 47.15
CA ASP H 109 44.96 11.48 46.11
C ASP H 109 44.76 10.16 45.37
N PHE H 110 44.31 10.24 44.12
CA PHE H 110 44.08 9.03 43.36
C PHE H 110 45.35 8.46 42.76
N THR H 111 46.49 9.15 42.89
CA THR H 111 47.71 8.70 42.23
C THR H 111 48.30 7.46 42.90
N THR H 112 47.91 7.17 44.14
CA THR H 112 48.34 5.93 44.77
C THR H 112 47.68 4.72 44.15
N MET H 113 46.57 4.89 43.43
CA MET H 113 45.87 3.80 42.80
C MET H 113 45.94 3.89 41.29
N TYR H 114 47.11 4.29 40.78
CA TYR H 114 47.41 4.23 39.37
C TYR H 114 48.27 3.02 39.04
N GLY H 115 48.68 2.25 40.04
CA GLY H 115 49.49 1.07 39.81
C GLY H 115 48.70 -0.07 39.19
N LYS H 116 49.45 -1.09 38.77
CA LYS H 116 48.82 -2.19 38.06
C LYS H 116 48.12 -3.17 38.99
N ASP H 117 48.55 -3.25 40.25
CA ASP H 117 47.89 -4.17 41.18
C ASP H 117 46.58 -3.63 41.71
N PHE H 118 46.17 -2.44 41.29
CA PHE H 118 44.77 -2.03 41.36
C PHE H 118 44.10 -2.06 39.99
N TYR H 119 44.88 -2.16 38.92
CA TYR H 119 44.32 -2.18 37.58
C TYR H 119 43.56 -3.47 37.35
N TYR H 120 44.26 -4.61 37.36
CA TYR H 120 43.63 -5.87 37.04
C TYR H 120 42.82 -6.44 38.19
N ARG H 121 42.89 -5.86 39.38
CA ARG H 121 42.03 -6.30 40.46
C ARG H 121 40.68 -5.60 40.45
N ALA H 122 40.39 -4.80 39.44
CA ALA H 122 39.23 -3.94 39.44
C ALA H 122 38.13 -4.48 38.54
N HIS H 123 36.89 -4.18 38.91
CA HIS H 123 35.78 -4.39 37.99
C HIS H 123 35.93 -3.44 36.80
N PRO H 124 35.62 -3.88 35.59
CA PRO H 124 35.90 -3.04 34.42
C PRO H 124 35.02 -1.81 34.31
N GLU H 125 33.85 -1.78 34.96
CA GLU H 125 33.07 -0.55 34.94
C GLU H 125 33.44 0.37 36.09
N ASP H 126 33.93 -0.18 37.20
CA ASP H 126 34.37 0.67 38.30
C ASP H 126 35.84 1.03 38.19
N LEU H 127 36.51 0.61 37.12
CA LEU H 127 37.80 1.20 36.80
C LEU H 127 37.65 2.36 35.84
N LYS H 128 36.66 2.30 34.95
CA LYS H 128 36.36 3.44 34.09
C LYS H 128 35.86 4.61 34.91
N LYS H 129 35.01 4.33 35.91
CA LYS H 129 34.48 5.40 36.74
C LYS H 129 35.57 6.02 37.61
N PHE H 130 36.58 5.23 37.97
CA PHE H 130 37.70 5.78 38.74
C PHE H 130 38.58 6.66 37.88
N TYR H 131 38.86 6.25 36.64
CA TYR H 131 39.63 7.09 35.74
C TYR H 131 38.84 8.31 35.30
N ASP H 132 37.51 8.19 35.23
CA ASP H 132 36.69 9.33 34.87
C ASP H 132 36.59 10.33 36.02
N ALA H 133 36.49 9.84 37.25
CA ALA H 133 36.54 10.73 38.40
C ALA H 133 37.96 11.26 38.61
N ALA H 134 38.96 10.58 38.06
CA ALA H 134 40.31 11.12 38.07
C ALA H 134 40.42 12.29 37.09
N ASP H 135 39.94 12.11 35.86
CA ASP H 135 40.01 13.17 34.86
C ASP H 135 39.12 14.35 35.21
N GLU H 136 38.07 14.13 36.00
CA GLU H 136 37.21 15.23 36.39
C GLU H 136 37.87 16.09 37.46
N TYR H 137 38.81 15.53 38.20
CA TYR H 137 39.60 16.36 39.10
C TYR H 137 40.55 17.24 38.32
N TYR H 138 41.14 16.70 37.25
CA TYR H 138 42.05 17.50 36.44
C TYR H 138 41.31 18.61 35.71
N LYS H 139 40.07 18.34 35.30
CA LYS H 139 39.29 19.36 34.61
C LYS H 139 38.83 20.46 35.57
N LEU H 140 38.48 20.10 36.81
CA LEU H 140 38.13 21.12 37.81
C LEU H 140 39.34 21.95 38.19
N TYR H 141 40.45 21.30 38.52
CA TYR H 141 41.60 22.02 39.02
C TYR H 141 42.31 22.81 37.93
N GLU H 142 42.13 22.44 36.66
CA GLU H 142 42.68 23.27 35.62
C GLU H 142 41.81 24.50 35.39
N THR H 143 40.52 24.44 35.74
CA THR H 143 39.64 25.58 35.52
C THR H 143 39.32 26.35 36.78
N VAL H 144 39.64 25.83 37.96
CA VAL H 144 39.51 26.65 39.16
C VAL H 144 40.70 27.58 39.28
N THR H 145 41.74 27.35 38.49
CA THR H 145 42.90 28.23 38.41
C THR H 145 42.92 29.02 37.11
N GLU H 146 41.76 29.39 36.59
CA GLU H 146 41.72 30.26 35.41
C GLU H 146 41.57 31.70 35.87
N PHE H 147 42.65 32.19 36.49
CA PHE H 147 42.57 33.42 37.26
C PHE H 147 42.51 34.65 36.37
N ASP H 148 43.07 34.56 35.16
CA ASP H 148 42.97 35.66 34.22
C ASP H 148 41.58 35.80 33.63
N SER H 149 40.74 34.78 33.77
CA SER H 149 39.34 34.89 33.38
C SER H 149 38.49 35.61 34.40
N LEU H 150 38.97 35.76 35.64
CA LEU H 150 38.18 36.41 36.67
C LEU H 150 37.96 37.88 36.38
N SER H 151 38.93 38.53 35.74
CA SER H 151 38.82 39.95 35.47
C SER H 151 37.78 40.27 34.41
N ALA H 152 37.30 39.28 33.68
CA ALA H 152 36.09 39.47 32.90
C ALA H 152 34.87 38.92 33.60
N LEU H 153 35.04 38.12 34.65
CA LEU H 153 33.89 37.63 35.39
C LEU H 153 33.28 38.74 36.24
N ALA H 154 34.10 39.65 36.75
CA ALA H 154 33.58 40.75 37.53
C ALA H 154 32.85 41.76 36.66
N SER H 155 33.17 41.81 35.38
CA SER H 155 32.54 42.76 34.48
C SER H 155 31.16 42.29 34.00
N GLN H 156 30.60 41.24 34.57
CA GLN H 156 29.22 40.87 34.33
C GLN H 156 28.30 41.27 35.47
N VAL H 157 28.85 41.72 36.59
CA VAL H 157 28.05 42.11 37.75
C VAL H 157 27.91 43.63 37.70
N VAL H 158 28.90 44.28 37.10
CA VAL H 158 28.98 45.75 37.14
C VAL H 158 27.83 46.46 36.43
N PRO H 159 27.53 46.21 35.13
CA PRO H 159 26.49 47.03 34.51
C PRO H 159 25.09 46.67 34.97
N ASN H 160 24.89 45.50 35.57
CA ASN H 160 23.66 45.25 36.29
C ASN H 160 23.61 46.08 37.57
N TYR H 161 24.76 46.23 38.24
CA TYR H 161 24.78 46.99 39.48
C TYR H 161 24.88 48.48 39.21
N ALA H 162 25.64 48.89 38.20
CA ALA H 162 25.76 50.31 37.90
C ALA H 162 24.48 50.89 37.32
N ALA H 163 23.55 50.06 36.86
CA ALA H 163 22.21 50.52 36.56
C ALA H 163 21.29 50.46 37.78
N ARG H 164 21.72 49.82 38.87
CA ARG H 164 20.93 49.88 40.09
C ARG H 164 21.22 51.13 40.89
N ARG H 165 22.40 51.69 40.74
CA ARG H 165 22.75 52.90 41.48
C ARG H 165 22.56 54.16 40.66
N ARG H 166 22.17 54.05 39.40
CA ARG H 166 21.94 55.22 38.57
C ARG H 166 20.48 55.68 38.66
N SER H 167 19.98 55.84 39.88
CA SER H 167 18.55 56.01 40.04
C SER H 167 18.15 57.46 39.82
N THR H 168 16.86 57.65 39.50
CA THR H 168 16.34 59.00 39.39
C THR H 168 15.88 59.55 40.73
N VAL H 169 15.99 58.79 41.81
CA VAL H 169 15.67 59.36 43.11
C VAL H 169 16.95 59.70 43.88
N HIS H 170 17.73 58.70 44.27
CA HIS H 170 18.97 58.89 45.02
C HIS H 170 19.75 57.59 45.03
N PRO H 171 21.05 57.63 44.78
CA PRO H 171 21.82 56.38 44.65
C PRO H 171 22.03 55.66 45.95
N ALA H 172 21.80 56.28 47.10
CA ALA H 172 21.98 55.62 48.38
C ALA H 172 20.67 55.19 48.99
N ILE H 173 19.56 55.34 48.27
CA ILE H 173 18.27 54.99 48.83
C ILE H 173 18.07 53.49 48.71
N GLY H 174 17.21 52.94 49.55
CA GLY H 174 16.85 51.55 49.45
C GLY H 174 15.38 51.38 49.72
N SER H 175 14.98 50.16 50.04
CA SER H 175 13.57 49.91 50.34
C SER H 175 13.19 50.42 51.72
N THR H 176 14.07 50.22 52.69
CA THR H 176 13.72 50.49 54.09
C THR H 176 13.65 51.98 54.38
N VAL H 177 14.49 52.79 53.72
CA VAL H 177 14.43 54.23 53.95
C VAL H 177 13.20 54.83 53.29
N ALA H 178 12.89 54.41 52.06
CA ALA H 178 11.71 54.92 51.38
C ALA H 178 10.44 54.45 52.07
N ASP H 179 10.49 53.27 52.70
CA ASP H 179 9.38 52.83 53.53
C ASP H 179 9.22 53.73 54.76
N GLY H 180 10.33 54.28 55.25
CA GLY H 180 10.24 55.23 56.35
C GLY H 180 9.62 56.54 55.94
N ALA H 181 10.02 57.05 54.77
CA ALA H 181 9.49 58.34 54.34
C ALA H 181 8.06 58.25 53.84
N PHE H 182 7.61 57.08 53.39
CA PHE H 182 6.23 56.95 52.97
C PHE H 182 5.28 57.02 54.15
N THR H 183 5.69 56.45 55.29
CA THR H 183 4.92 56.64 56.51
C THR H 183 4.96 58.09 56.96
N ASN H 184 6.08 58.78 56.74
CA ASN H 184 6.15 60.20 57.05
C ASN H 184 5.34 61.02 56.07
N PHE H 185 5.16 60.52 54.85
CA PHE H 185 4.39 61.27 53.88
C PHE H 185 2.89 61.02 54.04
N LEU H 186 2.50 59.80 54.32
CA LEU H 186 1.08 59.48 54.31
C LEU H 186 0.40 59.90 55.60
N LEU H 187 1.04 59.65 56.75
CA LEU H 187 0.39 59.97 58.01
C LEU H 187 0.34 61.46 58.30
N SER H 188 1.28 62.23 57.76
CA SER H 188 1.09 63.67 57.77
C SER H 188 0.09 64.05 56.69
N LYS H 189 -0.56 65.19 56.90
CA LYS H 189 -1.66 65.58 56.02
C LYS H 189 -1.13 66.10 54.69
N GLN H 190 -1.88 65.80 53.63
CA GLN H 190 -1.59 66.19 52.23
C GLN H 190 -0.20 65.81 51.77
N VAL I 2 49.46 -43.54 19.92
CA VAL I 2 49.13 -43.44 18.52
C VAL I 2 49.25 -44.81 17.87
N LEU I 3 48.73 -44.95 16.66
CA LEU I 3 48.81 -46.22 15.95
C LEU I 3 50.24 -46.43 15.51
N GLY I 4 50.93 -47.34 16.19
CA GLY I 4 52.37 -47.43 16.13
C GLY I 4 52.90 -48.68 15.46
N GLU I 5 52.31 -49.04 14.31
CA GLU I 5 52.79 -50.05 13.37
C GLU I 5 52.60 -51.48 13.87
N VAL I 6 52.16 -51.65 15.11
CA VAL I 6 51.85 -52.99 15.59
C VAL I 6 50.41 -53.36 15.25
N TYR I 7 49.52 -52.38 15.22
CA TYR I 7 48.12 -52.64 14.90
C TYR I 7 47.94 -52.93 13.42
N LEU I 8 48.72 -52.30 12.54
CA LEU I 8 48.56 -52.46 11.10
C LEU I 8 49.20 -53.71 10.55
N LYS I 9 49.94 -54.46 11.35
CA LYS I 9 50.69 -55.60 10.83
C LYS I 9 49.73 -56.70 10.40
N ASP I 10 49.93 -57.16 9.16
CA ASP I 10 49.12 -58.20 8.51
C ASP I 10 47.65 -57.81 8.43
N ILE I 11 47.38 -56.52 8.22
CA ILE I 11 46.07 -56.09 7.76
C ILE I 11 46.25 -55.20 6.55
N LEU I 12 47.09 -54.18 6.67
CA LEU I 12 47.39 -53.27 5.58
C LEU I 12 48.89 -53.17 5.39
N ARG I 13 49.33 -53.08 4.14
CA ARG I 13 50.73 -52.78 3.87
C ARG I 13 50.81 -51.80 2.71
N THR I 14 51.90 -51.05 2.68
CA THR I 14 52.20 -50.14 1.59
C THR I 14 52.59 -50.94 0.33
N PRO I 15 52.57 -50.33 -0.84
CA PRO I 15 53.20 -50.95 -2.00
C PRO I 15 54.68 -51.12 -1.78
N PRO I 16 55.26 -52.20 -2.28
CA PRO I 16 56.55 -52.66 -1.75
C PRO I 16 57.71 -51.77 -2.15
N THR I 17 58.73 -51.74 -1.28
CA THR I 17 59.88 -50.88 -1.47
C THR I 17 61.20 -51.61 -1.60
N GLY I 18 61.30 -52.84 -1.10
CA GLY I 18 62.52 -53.61 -1.30
C GLY I 18 62.49 -54.39 -2.59
N ALA I 19 61.48 -55.25 -2.75
CA ALA I 19 61.28 -56.00 -3.98
C ALA I 19 59.83 -56.48 -4.01
N ILE I 20 59.47 -57.10 -5.11
CA ILE I 20 58.12 -57.64 -5.26
C ILE I 20 58.06 -59.03 -4.63
N PRO I 21 57.12 -59.30 -3.73
CA PRO I 21 57.01 -60.62 -3.13
C PRO I 21 56.43 -61.60 -4.13
N ALA I 22 56.53 -62.89 -3.81
CA ALA I 22 55.81 -63.88 -4.57
C ALA I 22 54.33 -63.78 -4.23
N ASN I 23 53.50 -64.13 -5.19
CA ASN I 23 52.05 -64.07 -4.99
C ASN I 23 51.62 -65.15 -4.02
N VAL I 24 50.81 -64.78 -3.04
CA VAL I 24 50.27 -65.79 -2.13
C VAL I 24 49.24 -66.62 -2.89
N PRO I 25 49.38 -67.94 -2.89
CA PRO I 25 48.53 -68.75 -3.76
C PRO I 25 47.15 -68.96 -3.18
N HIS I 26 46.17 -69.00 -4.07
CA HIS I 26 44.86 -69.52 -3.73
C HIS I 26 44.98 -70.98 -3.32
N PRO I 27 44.20 -71.44 -2.34
CA PRO I 27 44.43 -72.80 -1.81
C PRO I 27 44.15 -73.94 -2.77
N PHE I 28 43.57 -73.69 -3.94
CA PHE I 28 43.54 -74.71 -4.98
C PHE I 28 44.85 -74.83 -5.72
N GLN I 29 45.65 -73.77 -5.77
CA GLN I 29 46.92 -73.82 -6.46
C GLN I 29 48.01 -74.53 -5.66
N THR I 30 47.87 -74.58 -4.34
CA THR I 30 48.92 -75.19 -3.53
C THR I 30 48.80 -76.71 -3.50
N SER I 31 47.62 -77.22 -3.23
CA SER I 31 47.39 -78.65 -3.07
C SER I 31 46.24 -79.08 -3.96
N PHE I 32 46.53 -79.96 -4.91
CA PHE I 32 45.52 -80.42 -5.87
C PHE I 32 44.45 -81.26 -5.18
N TYR I 33 44.79 -81.92 -4.07
CA TYR I 33 43.80 -82.67 -3.32
C TYR I 33 42.74 -81.78 -2.70
N THR I 34 43.10 -80.53 -2.37
CA THR I 34 42.12 -79.60 -1.82
C THR I 34 41.06 -79.24 -2.85
N TYR I 35 41.42 -79.27 -4.13
CA TYR I 35 40.42 -79.07 -5.17
C TYR I 35 39.44 -80.22 -5.23
N ALA I 36 39.90 -81.42 -4.90
CA ALA I 36 39.03 -82.59 -4.95
C ALA I 36 37.97 -82.52 -3.86
N THR I 37 38.37 -82.19 -2.65
CA THR I 37 37.47 -82.32 -1.51
C THR I 37 36.61 -81.10 -1.26
N LYS I 38 36.85 -80.00 -1.95
CA LYS I 38 36.08 -78.78 -1.71
C LYS I 38 35.31 -78.27 -2.90
N LYS I 39 35.77 -78.50 -4.12
CA LYS I 39 35.04 -78.01 -5.28
C LYS I 39 34.91 -79.02 -6.41
N LEU I 40 35.68 -80.11 -6.44
CA LEU I 40 35.48 -81.07 -7.51
C LEU I 40 34.39 -82.07 -7.14
N ILE I 41 34.59 -82.82 -6.07
CA ILE I 41 33.63 -83.86 -5.69
C ILE I 41 32.28 -83.29 -5.26
N PRO I 42 32.15 -82.33 -4.33
CA PRO I 42 30.80 -81.89 -3.99
C PRO I 42 30.19 -80.92 -4.98
N ARG I 43 30.91 -80.50 -6.01
CA ARG I 43 30.36 -79.50 -6.93
C ARG I 43 30.57 -79.80 -8.41
N HIS I 44 31.26 -80.87 -8.77
CA HIS I 44 31.39 -81.19 -10.18
C HIS I 44 31.24 -82.68 -10.45
N TRP I 45 30.66 -83.43 -9.50
CA TRP I 45 30.51 -84.86 -9.70
C TRP I 45 29.43 -85.18 -10.71
N TYR I 46 28.60 -84.21 -11.07
CA TYR I 46 27.73 -84.37 -12.23
C TYR I 46 28.57 -84.52 -13.49
N LEU I 47 29.61 -83.71 -13.64
CA LEU I 47 30.44 -83.75 -14.84
C LEU I 47 31.36 -84.96 -14.86
N LEU I 48 31.79 -85.43 -13.70
CA LEU I 48 32.55 -86.67 -13.67
C LEU I 48 31.65 -87.86 -13.92
N GLY I 49 30.43 -87.83 -13.40
CA GLY I 49 29.48 -88.89 -13.69
C GLY I 49 29.03 -88.87 -15.14
N GLY I 50 29.04 -87.69 -15.76
CA GLY I 50 28.73 -87.61 -17.18
C GLY I 50 29.79 -88.25 -18.03
N PHE I 51 31.04 -88.26 -17.56
CA PHE I 51 32.11 -88.85 -18.34
C PHE I 51 32.16 -90.37 -18.18
N THR I 52 32.15 -90.84 -16.94
CA THR I 52 32.41 -92.26 -16.67
C THR I 52 31.21 -93.12 -17.08
N PHE I 53 30.05 -92.49 -17.26
CA PHE I 53 28.97 -93.14 -17.99
C PHE I 53 29.38 -93.38 -19.44
N THR I 54 30.00 -92.40 -20.08
CA THR I 54 30.19 -92.47 -21.52
C THR I 54 31.36 -93.34 -21.90
N ILE I 55 32.44 -93.29 -21.11
CA ILE I 55 33.60 -94.13 -21.37
C ILE I 55 33.23 -95.61 -21.23
N THR I 56 32.40 -95.93 -20.25
CA THR I 56 31.85 -97.27 -20.17
C THR I 56 30.86 -97.55 -21.30
N LEU I 57 30.10 -96.54 -21.71
CA LEU I 57 29.14 -96.75 -22.80
C LEU I 57 29.85 -96.92 -24.13
N TYR I 58 30.94 -96.20 -24.33
CA TYR I 58 31.66 -96.36 -25.59
C TYR I 58 32.50 -97.64 -25.59
N GLY I 59 32.89 -98.12 -24.42
CA GLY I 59 33.51 -99.44 -24.35
C GLY I 59 32.54 -100.54 -24.76
N ILE I 60 31.27 -100.40 -24.41
CA ILE I 60 30.26 -101.35 -24.84
C ILE I 60 30.00 -101.20 -26.33
N LEU I 61 29.95 -99.96 -26.81
CA LEU I 61 29.74 -99.76 -28.25
C LEU I 61 30.99 -100.09 -29.05
N ASP I 62 32.15 -100.13 -28.41
CA ASP I 62 33.31 -100.71 -29.08
C ASP I 62 33.21 -102.23 -29.10
N GLY I 63 32.70 -102.82 -28.02
CA GLY I 63 32.71 -104.27 -27.89
C GLY I 63 31.77 -104.95 -28.85
N LEU I 64 30.64 -104.31 -29.17
CA LEU I 64 29.76 -104.86 -30.19
C LEU I 64 30.40 -104.76 -31.56
N ARG I 65 31.24 -103.75 -31.78
CA ARG I 65 31.99 -103.68 -33.03
C ARG I 65 33.09 -104.73 -33.07
N ASP I 66 33.65 -105.08 -31.91
CA ASP I 66 34.66 -106.11 -31.89
C ASP I 66 34.04 -107.49 -32.03
N SER I 67 33.00 -107.78 -31.24
CA SER I 67 32.34 -109.09 -31.34
C SER I 67 31.58 -109.24 -32.63
N GLY I 68 31.09 -108.14 -33.20
CA GLY I 68 30.47 -108.20 -34.51
C GLY I 68 31.47 -108.49 -35.61
N LYS I 69 32.68 -107.94 -35.50
CA LYS I 69 33.73 -108.29 -36.43
C LYS I 69 34.20 -109.72 -36.21
N LYS I 70 34.06 -110.22 -34.99
CA LYS I 70 34.46 -111.60 -34.71
C LYS I 70 33.49 -112.60 -35.36
N LYS I 71 32.20 -112.26 -35.38
CA LYS I 71 31.19 -113.16 -35.94
C LYS I 71 31.33 -113.27 -37.44
N ALA I 72 31.52 -112.14 -38.13
CA ALA I 72 31.76 -112.18 -39.57
C ALA I 72 33.12 -112.77 -39.91
N TYR I 73 34.08 -112.72 -38.99
CA TYR I 73 35.34 -113.42 -39.20
C TYR I 73 35.15 -114.92 -39.02
N ASP I 74 34.34 -115.33 -38.05
CA ASP I 74 34.06 -116.75 -37.86
C ASP I 74 33.23 -117.31 -39.00
N GLU I 75 32.47 -116.46 -39.69
CA GLU I 75 31.78 -116.89 -40.90
C GLU I 75 32.76 -117.25 -42.01
N ALA I 76 33.89 -116.54 -42.08
CA ALA I 76 34.88 -116.79 -43.12
C ALA I 76 35.95 -117.79 -42.70
N ILE I 77 35.95 -118.24 -41.45
CA ILE I 77 36.93 -119.27 -41.06
C ILE I 77 36.31 -120.67 -41.03
N HIS I 78 35.02 -120.80 -40.73
CA HIS I 78 34.31 -122.06 -40.96
C HIS I 78 33.61 -122.05 -42.32
N ALA I 79 34.35 -121.65 -43.33
CA ALA I 79 33.88 -121.79 -44.71
C ALA I 79 35.03 -122.10 -45.66
N GLY I 80 36.26 -122.25 -45.17
CA GLY I 80 37.43 -122.44 -46.01
C GLY I 80 37.67 -121.27 -46.95
N LYS I 81 37.65 -120.05 -46.43
CA LYS I 81 37.76 -118.87 -47.28
C LYS I 81 38.66 -117.83 -46.64
N THR I 82 39.11 -116.89 -47.46
CA THR I 82 39.87 -115.76 -46.97
C THR I 82 38.97 -114.83 -46.15
N PRO I 83 39.48 -114.21 -45.08
CA PRO I 83 38.61 -113.40 -44.22
C PRO I 83 38.47 -111.96 -44.66
N TYR I 84 39.45 -111.45 -45.40
CA TYR I 84 39.46 -110.05 -45.82
C TYR I 84 39.98 -110.00 -47.25
N THR I 85 40.41 -108.84 -47.69
CA THR I 85 40.83 -108.62 -49.08
C THR I 85 42.18 -109.22 -49.42
N ALA I 86 42.77 -110.02 -48.52
CA ALA I 86 44.04 -110.73 -48.72
C ALA I 86 45.18 -109.76 -49.04
N GLY I 87 45.25 -108.67 -48.30
CA GLY I 87 46.32 -107.69 -48.42
C GLY I 87 46.16 -106.65 -49.50
N GLY I 88 45.84 -107.08 -50.72
CA GLY I 88 45.76 -106.17 -51.84
C GLY I 88 47.07 -106.10 -52.61
N HIS I 89 48.19 -106.05 -51.89
CA HIS I 89 49.51 -105.96 -52.50
C HIS I 89 50.42 -107.09 -52.04
N MET J 1 76.30 -63.52 -34.58
CA MET J 1 75.24 -62.51 -34.68
C MET J 1 74.42 -62.43 -33.40
N ALA J 2 73.60 -61.39 -33.29
CA ALA J 2 72.49 -61.41 -32.37
C ALA J 2 71.42 -62.33 -32.96
N VAL J 3 71.19 -63.46 -32.29
CA VAL J 3 70.38 -64.53 -32.88
C VAL J 3 68.89 -64.22 -32.86
N THR J 4 68.41 -63.41 -31.90
CA THR J 4 66.99 -63.10 -31.80
C THR J 4 66.66 -61.67 -32.18
N SER J 5 67.40 -60.71 -31.60
CA SER J 5 67.01 -59.30 -31.70
C SER J 5 67.23 -58.73 -33.09
N PHE J 6 68.08 -59.37 -33.90
CA PHE J 6 68.16 -58.99 -35.31
C PHE J 6 66.93 -59.46 -36.07
N LEU J 7 66.46 -60.68 -35.76
CA LEU J 7 65.40 -61.30 -36.56
C LEU J 7 64.05 -60.65 -36.30
N GLY J 8 63.84 -60.14 -35.08
CA GLY J 8 62.57 -59.49 -34.79
C GLY J 8 62.44 -58.14 -35.47
N LYS J 9 63.50 -57.32 -35.40
CA LYS J 9 63.45 -56.01 -36.03
C LYS J 9 63.55 -56.12 -37.54
N ALA J 10 64.10 -57.23 -38.04
CA ALA J 10 63.97 -57.52 -39.45
C ALA J 10 62.54 -57.89 -39.81
N PHE J 11 61.84 -58.54 -38.88
CA PHE J 11 60.46 -58.91 -39.14
C PHE J 11 59.51 -57.76 -38.87
N GLU J 12 59.91 -56.79 -38.06
CA GLU J 12 58.99 -55.70 -37.72
C GLU J 12 58.88 -54.69 -38.86
N LYS J 13 60.00 -54.37 -39.51
CA LYS J 13 59.97 -53.39 -40.59
C LYS J 13 59.26 -53.93 -41.82
N TYR J 14 59.44 -55.22 -42.09
CA TYR J 14 58.70 -55.86 -43.19
C TYR J 14 57.22 -55.96 -42.87
N PHE J 15 56.85 -55.98 -41.59
CA PHE J 15 55.46 -56.07 -41.21
C PHE J 15 54.80 -54.72 -41.04
N TYR J 16 55.54 -53.68 -40.68
CA TYR J 16 54.99 -52.37 -40.40
C TYR J 16 55.47 -51.28 -41.33
N ASP J 17 56.78 -51.15 -41.55
CA ASP J 17 57.31 -49.99 -42.23
C ASP J 17 57.49 -50.23 -43.72
N PHE J 18 57.83 -51.45 -44.13
CA PHE J 18 57.89 -51.78 -45.55
C PHE J 18 56.48 -52.03 -46.04
N SER J 19 55.90 -51.05 -46.73
CA SER J 19 54.59 -51.19 -47.35
C SER J 19 54.78 -51.42 -48.83
N ALA J 20 54.61 -52.67 -49.26
CA ALA J 20 54.64 -52.99 -50.69
C ALA J 20 53.48 -52.37 -51.44
N TYR J 21 52.40 -52.02 -50.74
CA TYR J 21 51.27 -51.36 -51.36
C TYR J 21 51.61 -49.95 -51.84
N GLU J 22 52.63 -49.31 -51.26
CA GLU J 22 53.01 -47.95 -51.65
C GLU J 22 54.38 -47.86 -52.31
N GLN J 23 55.34 -48.71 -51.90
CA GLN J 23 56.65 -48.69 -52.53
C GLN J 23 56.62 -49.24 -53.95
N PHE J 24 55.70 -50.14 -54.25
CA PHE J 24 55.52 -50.65 -55.60
C PHE J 24 54.45 -49.88 -56.37
N GLY J 25 54.17 -48.64 -55.97
CA GLY J 25 53.15 -47.89 -56.65
C GLY J 25 51.77 -48.35 -56.23
N LEU J 26 51.09 -49.07 -57.13
CA LEU J 26 49.93 -49.91 -56.85
C LEU J 26 48.66 -49.17 -56.43
N ASN J 27 48.73 -47.86 -56.25
CA ASN J 27 47.57 -47.07 -55.87
C ASN J 27 46.81 -46.54 -57.08
N ARG J 28 47.40 -46.64 -58.28
CA ARG J 28 46.68 -46.23 -59.50
C ARG J 28 45.56 -47.21 -59.81
N PHE J 29 45.83 -48.51 -59.74
CA PHE J 29 44.80 -49.51 -59.96
C PHE J 29 43.89 -49.63 -58.74
N LEU J 30 44.48 -49.85 -57.58
CA LEU J 30 43.72 -50.19 -56.38
C LEU J 30 43.04 -48.96 -55.81
N SER J 31 41.89 -49.19 -55.20
CA SER J 31 41.17 -48.11 -54.54
C SER J 31 41.66 -47.91 -53.12
N SER J 32 41.60 -48.96 -52.30
CA SER J 32 41.94 -48.84 -50.89
C SER J 32 42.97 -49.87 -50.48
N LYS J 33 43.22 -49.97 -49.18
CA LYS J 33 44.00 -51.09 -48.66
C LYS J 33 43.17 -52.35 -48.60
N GLY J 34 41.84 -52.22 -48.54
CA GLY J 34 40.99 -53.38 -48.47
C GLY J 34 40.93 -54.17 -49.76
N GLN J 35 40.88 -53.47 -50.90
CA GLN J 35 40.88 -54.15 -52.18
C GLN J 35 42.23 -54.72 -52.55
N TYR J 36 43.31 -54.26 -51.90
CA TYR J 36 44.59 -54.90 -52.12
C TYR J 36 44.74 -56.15 -51.27
N VAL J 37 44.32 -56.08 -50.00
CA VAL J 37 44.53 -57.20 -49.10
C VAL J 37 43.53 -58.32 -49.42
N ALA J 38 42.44 -58.00 -50.11
CA ALA J 38 41.60 -59.05 -50.65
C ALA J 38 42.27 -59.76 -51.82
N LEU J 39 43.16 -59.09 -52.53
CA LEU J 39 43.87 -59.71 -53.63
C LEU J 39 45.24 -60.23 -53.21
N ARG J 40 45.82 -59.66 -52.16
CA ARG J 40 47.06 -60.20 -51.59
C ARG J 40 46.85 -61.60 -51.05
N HIS J 41 45.65 -61.89 -50.55
CA HIS J 41 45.34 -63.22 -50.06
C HIS J 41 45.29 -64.23 -51.20
N VAL J 42 44.48 -63.95 -52.22
CA VAL J 42 44.35 -64.88 -53.33
C VAL J 42 45.59 -64.90 -54.20
N GLY J 43 46.41 -63.85 -54.13
CA GLY J 43 47.71 -63.90 -54.78
C GLY J 43 48.64 -64.89 -54.12
N PHE J 44 48.46 -65.11 -52.82
CA PHE J 44 49.25 -66.15 -52.16
C PHE J 44 48.69 -67.53 -52.45
N VAL J 45 47.42 -67.62 -52.85
CA VAL J 45 46.84 -68.93 -53.14
C VAL J 45 47.36 -69.47 -54.46
N MET J 46 47.28 -68.66 -55.52
CA MET J 46 47.66 -69.15 -56.83
C MET J 46 49.17 -69.30 -56.96
N VAL J 47 49.92 -68.50 -56.21
CA VAL J 47 51.35 -68.79 -56.05
C VAL J 47 51.51 -70.07 -55.25
N GLY J 48 50.68 -70.25 -54.23
CA GLY J 48 50.86 -71.36 -53.30
C GLY J 48 50.53 -72.71 -53.90
N VAL J 49 49.59 -72.75 -54.86
CA VAL J 49 49.37 -74.01 -55.55
C VAL J 49 50.45 -74.24 -56.60
N ASN J 50 51.00 -73.16 -57.17
CA ASN J 50 51.93 -73.32 -58.28
C ASN J 50 53.30 -73.76 -57.81
N VAL J 51 53.77 -73.23 -56.67
CA VAL J 51 55.01 -73.74 -56.11
C VAL J 51 54.81 -75.15 -55.59
N LEU J 52 53.60 -75.48 -55.14
CA LEU J 52 53.32 -76.86 -54.76
C LEU J 52 53.10 -77.75 -55.96
N LEU J 53 52.92 -77.18 -57.15
CA LEU J 53 52.91 -78.00 -58.36
C LEU J 53 54.30 -78.08 -58.98
N ALA J 54 54.96 -76.93 -59.16
CA ALA J 54 56.24 -76.89 -59.86
C ALA J 54 57.40 -77.45 -59.05
N ALA J 55 57.19 -77.77 -57.76
CA ALA J 55 58.25 -78.45 -57.02
C ALA J 55 58.41 -79.89 -57.48
N ASN J 56 57.33 -80.48 -58.00
CA ASN J 56 57.39 -81.83 -58.56
C ASN J 56 56.31 -81.92 -59.64
N PHE J 57 56.73 -81.83 -60.89
CA PHE J 57 55.81 -81.93 -62.03
C PHE J 57 55.36 -83.34 -62.39
N PRO J 58 56.25 -84.35 -62.57
CA PRO J 58 55.68 -85.62 -63.08
C PRO J 58 55.07 -86.48 -61.99
N PHE J 59 53.82 -86.18 -61.65
CA PHE J 59 53.07 -86.97 -60.70
C PHE J 59 51.68 -87.24 -61.25
N ASN J 60 51.18 -88.42 -60.99
CA ASN J 60 49.80 -88.69 -61.32
C ASN J 60 48.90 -88.03 -60.28
N PRO J 61 47.82 -87.38 -60.71
CA PRO J 61 46.98 -86.63 -59.77
C PRO J 61 46.09 -87.56 -58.96
N PRO J 62 46.17 -87.51 -57.63
CA PRO J 62 45.15 -88.19 -56.83
C PRO J 62 43.81 -87.50 -56.92
N PHE J 63 43.85 -86.18 -57.01
CA PHE J 63 42.66 -85.41 -57.27
C PHE J 63 42.18 -85.65 -58.70
N PRO J 64 40.88 -85.69 -58.94
CA PRO J 64 40.37 -86.10 -60.27
C PRO J 64 40.59 -85.02 -61.31
N THR J 65 41.34 -85.36 -62.35
CA THR J 65 41.34 -84.53 -63.55
C THR J 65 40.03 -84.75 -64.29
N ILE J 66 39.50 -83.69 -64.89
CA ILE J 66 38.16 -83.71 -65.46
C ILE J 66 38.20 -84.05 -66.95
N GLY J 67 39.28 -84.67 -67.41
CA GLY J 67 39.33 -85.13 -68.79
C GLY J 67 40.42 -84.50 -69.63
N MET J 68 41.54 -84.14 -69.00
CA MET J 68 42.62 -83.48 -69.70
C MET J 68 43.97 -84.11 -69.38
N CYS J 69 45.05 -83.44 -69.77
CA CYS J 69 46.40 -83.93 -69.59
C CYS J 69 47.30 -82.69 -69.54
N PRO J 70 48.37 -82.72 -68.72
CA PRO J 70 49.17 -81.48 -68.51
C PRO J 70 49.87 -80.94 -69.73
N ALA J 71 50.51 -81.79 -70.52
CA ALA J 71 51.29 -81.36 -71.68
C ALA J 71 51.15 -82.46 -72.72
N GLY J 72 52.09 -82.54 -73.66
CA GLY J 72 52.01 -83.59 -74.64
C GLY J 72 52.35 -84.97 -74.09
N TRP J 73 51.52 -85.51 -73.21
CA TRP J 73 51.69 -86.86 -72.70
C TRP J 73 50.58 -87.77 -73.16
N GLU J 74 49.35 -87.52 -72.71
CA GLU J 74 48.09 -87.96 -73.31
C GLU J 74 47.84 -89.47 -73.37
N GLY J 75 48.81 -90.30 -73.02
CA GLY J 75 48.58 -91.73 -73.03
C GLY J 75 49.34 -92.49 -71.97
N THR J 76 50.13 -91.79 -71.19
CA THR J 76 51.05 -92.43 -70.26
C THR J 76 50.38 -92.59 -68.90
N TRP J 77 51.18 -92.86 -67.85
CA TRP J 77 50.66 -93.13 -66.52
C TRP J 77 49.95 -91.93 -65.88
N VAL J 78 50.11 -90.71 -66.41
CA VAL J 78 49.44 -89.56 -65.81
C VAL J 78 47.95 -89.58 -66.11
N CYS J 79 47.51 -90.29 -67.14
CA CYS J 79 46.11 -90.28 -67.55
C CYS J 79 45.37 -91.57 -67.24
N GLN J 80 46.07 -92.62 -66.80
CA GLN J 80 45.41 -93.89 -66.51
C GLN J 80 44.56 -93.74 -65.26
N ALA J 81 43.25 -93.98 -65.41
CA ALA J 81 42.35 -93.85 -64.27
C ALA J 81 42.62 -94.91 -63.22
N ASP J 82 43.06 -96.10 -63.64
CA ASP J 82 43.49 -97.12 -62.71
C ASP J 82 44.90 -96.81 -62.25
N LYS J 83 45.07 -96.62 -60.94
CA LYS J 83 46.38 -96.25 -60.42
C LYS J 83 47.34 -97.43 -60.38
N ALA J 84 46.83 -98.66 -60.35
CA ALA J 84 47.71 -99.82 -60.39
C ALA J 84 48.34 -99.99 -61.77
N LYS J 85 47.58 -99.73 -62.83
CA LYS J 85 48.15 -99.78 -64.17
C LYS J 85 49.12 -98.65 -64.40
N ALA J 86 48.84 -97.47 -63.84
CA ALA J 86 49.78 -96.36 -63.92
C ALA J 86 51.03 -96.62 -63.08
N LEU J 87 50.91 -97.42 -62.02
CA LEU J 87 52.09 -97.84 -61.27
C LEU J 87 52.99 -98.72 -62.12
N GLU J 88 52.39 -99.57 -62.97
CA GLU J 88 53.17 -100.39 -63.88
C GLU J 88 53.88 -99.54 -64.93
N MET J 89 53.15 -98.60 -65.53
CA MET J 89 53.73 -97.78 -66.58
C MET J 89 54.75 -96.79 -66.03
N TYR J 90 54.64 -96.43 -64.75
CA TYR J 90 55.68 -95.61 -64.14
C TYR J 90 56.95 -96.43 -63.92
N LYS J 91 56.79 -97.69 -63.53
CA LYS J 91 57.94 -98.53 -63.23
C LYS J 91 58.73 -98.86 -64.49
N GLU J 92 58.05 -99.00 -65.62
CA GLU J 92 58.75 -99.09 -66.90
C GLU J 92 59.44 -97.76 -67.22
N TRP J 93 58.79 -96.65 -66.89
CA TRP J 93 59.32 -95.33 -67.22
C TRP J 93 60.54 -94.95 -66.39
N LYS J 94 60.75 -95.60 -65.25
CA LYS J 94 61.80 -95.16 -64.33
C LYS J 94 63.19 -95.65 -64.72
N LYS J 95 63.30 -96.72 -65.51
CA LYS J 95 64.61 -97.29 -65.77
C LYS J 95 65.44 -96.43 -66.73
N SER J 96 64.80 -95.72 -67.65
CA SER J 96 65.51 -94.95 -68.66
C SER J 96 65.70 -93.50 -68.23
N ASN J 97 64.60 -92.80 -67.98
CA ASN J 97 64.65 -91.40 -67.62
C ASN J 97 64.78 -91.20 -66.12
N SER K 54 3.74 -111.56 -61.52
CA SER K 54 3.02 -110.68 -60.61
C SER K 54 3.71 -109.33 -60.53
N VAL K 55 4.01 -108.76 -61.70
CA VAL K 55 4.51 -107.39 -61.74
C VAL K 55 3.37 -106.42 -61.47
N LEU K 56 2.14 -106.85 -61.72
CA LEU K 56 0.97 -106.17 -61.18
C LEU K 56 1.03 -106.11 -59.66
N ALA K 57 1.21 -107.26 -59.01
CA ALA K 57 1.24 -107.29 -57.55
C ALA K 57 2.51 -106.68 -56.99
N ALA K 58 3.56 -106.60 -57.81
CA ALA K 58 4.79 -105.91 -57.40
C ALA K 58 4.55 -104.42 -57.28
N SER K 59 4.11 -103.78 -58.36
CA SER K 59 3.91 -102.33 -58.35
C SER K 59 2.61 -101.90 -57.67
N LYS K 60 1.83 -102.84 -57.14
CA LYS K 60 0.66 -102.49 -56.34
C LYS K 60 1.05 -101.73 -55.07
N MET K 61 2.22 -102.03 -54.51
CA MET K 61 2.62 -101.33 -53.29
C MET K 61 3.31 -100.01 -53.61
N VAL K 62 4.22 -100.00 -54.58
CA VAL K 62 4.92 -98.76 -54.88
C VAL K 62 4.04 -97.82 -55.69
N GLY K 63 3.04 -98.36 -56.40
CA GLY K 63 2.03 -97.48 -56.98
C GLY K 63 1.15 -96.86 -55.91
N ALA K 64 0.77 -97.66 -54.91
CA ALA K 64 0.08 -97.12 -53.74
C ALA K 64 1.02 -96.30 -52.88
N GLY K 65 2.30 -96.63 -52.89
CA GLY K 65 3.28 -95.79 -52.23
C GLY K 65 3.39 -94.42 -52.89
N CYS K 66 3.49 -94.41 -54.22
CA CYS K 66 3.52 -93.13 -54.93
C CYS K 66 2.17 -92.44 -54.90
N ALA K 67 1.09 -93.16 -54.62
CA ALA K 67 -0.21 -92.53 -54.47
C ALA K 67 -0.38 -91.87 -53.10
N THR K 68 0.37 -92.32 -52.11
CA THR K 68 0.24 -91.80 -50.76
C THR K 68 1.23 -90.66 -50.49
N ILE K 69 1.82 -90.10 -51.53
CA ILE K 69 2.40 -88.77 -51.37
C ILE K 69 1.27 -87.77 -51.17
N ALA K 70 0.13 -88.00 -51.82
CA ALA K 70 -0.95 -87.03 -52.03
C ALA K 70 -1.62 -86.55 -50.76
N LEU K 71 -1.33 -87.12 -49.60
CA LEU K 71 -1.86 -86.59 -48.36
C LEU K 71 -0.95 -85.53 -47.75
N ALA K 72 0.08 -85.09 -48.48
CA ALA K 72 1.04 -84.14 -47.95
C ALA K 72 0.42 -82.74 -47.85
N GLY K 73 0.06 -82.17 -48.99
CA GLY K 73 -0.45 -80.81 -48.99
C GLY K 73 -1.81 -80.69 -48.34
N VAL K 74 -2.62 -81.75 -48.39
CA VAL K 74 -3.89 -81.70 -47.68
C VAL K 74 -3.64 -81.89 -46.18
N GLY K 75 -2.50 -82.45 -45.80
CA GLY K 75 -2.05 -82.31 -44.43
C GLY K 75 -1.51 -80.92 -44.18
N ALA K 76 -0.86 -80.33 -45.19
CA ALA K 76 -0.29 -78.99 -45.02
C ALA K 76 -1.36 -77.92 -45.06
N GLY K 77 -2.35 -78.06 -45.94
CA GLY K 77 -3.42 -77.08 -46.01
C GLY K 77 -4.28 -77.09 -44.77
N LEU K 78 -4.48 -78.26 -44.18
CA LEU K 78 -5.29 -78.34 -42.96
C LEU K 78 -4.61 -77.66 -41.80
N GLY K 79 -3.28 -77.67 -41.76
CA GLY K 79 -2.58 -76.95 -40.71
C GLY K 79 -2.70 -75.44 -40.84
N VAL K 80 -2.64 -74.92 -42.07
CA VAL K 80 -2.82 -73.48 -42.25
C VAL K 80 -4.29 -73.11 -42.12
N MET K 81 -5.19 -74.08 -42.30
CA MET K 81 -6.59 -73.84 -41.91
C MET K 81 -6.72 -73.84 -40.40
N PHE K 82 -6.11 -74.81 -39.73
CA PHE K 82 -6.20 -74.86 -38.28
C PHE K 82 -5.23 -73.91 -37.60
N GLY K 83 -4.26 -73.36 -38.33
CA GLY K 83 -3.45 -72.29 -37.76
C GLY K 83 -4.18 -70.96 -37.79
N SER K 84 -4.81 -70.64 -38.92
CA SER K 84 -5.59 -69.40 -39.04
C SER K 84 -6.82 -69.41 -38.14
N LEU K 85 -7.22 -70.60 -37.65
CA LEU K 85 -8.16 -70.69 -36.54
C LEU K 85 -7.67 -69.92 -35.33
N ILE K 86 -6.40 -70.09 -34.97
CA ILE K 86 -5.86 -69.38 -33.81
C ILE K 86 -5.70 -67.90 -34.12
N ASN K 87 -5.20 -67.56 -35.32
CA ASN K 87 -4.98 -66.16 -35.67
C ASN K 87 -6.29 -65.44 -35.91
N GLY K 88 -7.31 -66.16 -36.37
CA GLY K 88 -8.65 -65.61 -36.37
C GLY K 88 -9.23 -65.48 -34.98
N ALA K 89 -8.79 -66.32 -34.05
CA ALA K 89 -9.24 -66.21 -32.66
C ALA K 89 -8.48 -65.14 -31.90
N ALA K 90 -7.24 -64.86 -32.31
CA ALA K 90 -6.44 -63.85 -31.63
C ALA K 90 -6.91 -62.44 -31.97
N ARG K 91 -7.01 -62.13 -33.26
CA ARG K 91 -7.44 -60.80 -33.67
C ARG K 91 -8.92 -60.55 -33.45
N ASN K 92 -9.73 -61.58 -33.20
CA ASN K 92 -11.18 -61.41 -33.07
C ASN K 92 -11.73 -62.59 -32.28
N PRO K 93 -11.81 -62.47 -30.95
CA PRO K 93 -12.17 -63.63 -30.13
C PRO K 93 -13.65 -63.87 -29.93
N ASN K 94 -14.52 -62.92 -30.28
CA ASN K 94 -15.93 -63.01 -29.84
C ASN K 94 -16.70 -64.06 -30.63
N ILE K 95 -16.34 -64.28 -31.88
CA ILE K 95 -17.11 -65.13 -32.76
C ILE K 95 -16.39 -66.47 -32.92
N ALA K 96 -15.64 -66.86 -31.88
CA ALA K 96 -14.88 -68.10 -31.93
C ALA K 96 -15.79 -69.33 -31.85
N LYS K 97 -17.03 -69.15 -31.39
CA LYS K 97 -18.05 -70.17 -31.56
C LYS K 97 -18.46 -70.31 -33.02
N GLN K 98 -18.33 -69.24 -33.81
CA GLN K 98 -18.61 -69.32 -35.23
C GLN K 98 -17.40 -69.78 -36.03
N LEU K 99 -16.19 -69.42 -35.57
CA LEU K 99 -14.98 -69.72 -36.33
C LEU K 99 -14.62 -71.20 -36.25
N VAL K 100 -14.79 -71.80 -35.06
CA VAL K 100 -14.46 -73.21 -34.87
C VAL K 100 -15.38 -74.08 -35.70
N GLY K 101 -16.67 -73.74 -35.74
CA GLY K 101 -17.58 -74.42 -36.63
C GLY K 101 -17.26 -74.16 -38.09
N TYR K 102 -16.80 -72.93 -38.40
CA TYR K 102 -16.35 -72.63 -39.76
C TYR K 102 -15.08 -73.40 -40.10
N ALA K 103 -14.21 -73.59 -39.11
CA ALA K 103 -13.02 -74.41 -39.30
C ALA K 103 -13.36 -75.87 -39.50
N LEU K 104 -14.54 -76.30 -39.02
CA LEU K 104 -14.94 -77.68 -39.23
C LEU K 104 -15.62 -77.87 -40.58
N LEU K 105 -16.33 -76.84 -41.07
CA LEU K 105 -16.89 -76.94 -42.43
C LEU K 105 -15.78 -76.93 -43.48
N GLY K 106 -14.68 -76.25 -43.20
CA GLY K 106 -13.49 -76.45 -44.01
C GLY K 106 -12.83 -77.79 -43.76
N PHE K 107 -12.97 -78.31 -42.53
CA PHE K 107 -12.38 -79.61 -42.22
C PHE K 107 -13.09 -80.72 -42.97
N ALA K 108 -14.41 -80.61 -43.12
CA ALA K 108 -15.14 -81.64 -43.85
C ALA K 108 -14.84 -81.58 -45.34
N LEU K 109 -14.66 -80.38 -45.89
CA LEU K 109 -14.35 -80.29 -47.30
C LEU K 109 -12.91 -80.65 -47.61
N THR K 110 -12.02 -80.60 -46.60
CA THR K 110 -10.66 -81.04 -46.81
C THR K 110 -10.44 -82.50 -46.43
N GLU K 111 -11.41 -83.12 -45.75
CA GLU K 111 -11.44 -84.59 -45.67
C GLU K 111 -11.79 -85.21 -47.01
N SER K 112 -12.49 -84.45 -47.87
CA SER K 112 -12.94 -84.98 -49.16
C SER K 112 -11.76 -85.33 -50.05
N ILE K 113 -10.85 -84.37 -50.27
CA ILE K 113 -9.65 -84.63 -51.04
C ILE K 113 -8.68 -85.51 -50.26
N ALA K 114 -8.78 -85.51 -48.93
CA ALA K 114 -8.01 -86.45 -48.11
C ALA K 114 -8.43 -87.88 -48.38
N LEU K 115 -9.73 -88.13 -48.53
CA LEU K 115 -10.20 -89.46 -48.89
C LEU K 115 -10.28 -89.66 -50.40
N PHE K 116 -10.28 -88.59 -51.20
CA PHE K 116 -10.16 -88.75 -52.64
C PHE K 116 -8.74 -89.15 -53.03
N SER K 117 -7.78 -88.94 -52.15
CA SER K 117 -6.50 -89.60 -52.31
C SER K 117 -6.52 -90.98 -51.67
N LEU K 118 -7.17 -91.11 -50.50
CA LEU K 118 -7.05 -92.32 -49.70
C LEU K 118 -7.79 -93.51 -50.30
N LEU K 119 -8.78 -93.29 -51.16
CA LEU K 119 -9.37 -94.46 -51.80
C LEU K 119 -8.45 -95.00 -52.89
N VAL K 120 -7.50 -94.20 -53.38
CA VAL K 120 -6.64 -94.65 -54.47
C VAL K 120 -5.55 -95.58 -53.93
N VAL K 121 -5.30 -95.59 -52.62
CA VAL K 121 -4.23 -96.43 -52.08
C VAL K 121 -4.63 -97.91 -52.13
N PHE K 122 -5.93 -98.21 -52.06
CA PHE K 122 -6.39 -99.58 -52.22
C PHE K 122 -7.23 -99.79 -53.47
N LEU K 123 -7.43 -98.75 -54.28
CA LEU K 123 -7.99 -98.93 -55.61
C LEU K 123 -7.05 -99.72 -56.50
N ILE K 124 -5.75 -99.59 -56.24
CA ILE K 124 -4.74 -100.39 -56.92
C ILE K 124 -4.63 -101.77 -56.28
N LEU K 125 -4.88 -101.88 -54.96
CA LEU K 125 -4.71 -103.15 -54.28
C LEU K 125 -5.93 -104.06 -54.41
N PHE K 126 -7.11 -103.55 -54.06
CA PHE K 126 -8.32 -104.35 -54.05
C PHE K 126 -9.09 -104.28 -55.36
N ALA K 127 -8.41 -104.01 -56.46
CA ALA K 127 -9.04 -104.09 -57.77
C ALA K 127 -7.99 -104.47 -58.82
N SER L 54 11.27 -112.60 -55.74
CA SER L 54 11.14 -111.63 -54.65
C SER L 54 10.84 -110.24 -55.22
N VAL L 55 10.27 -110.22 -56.42
CA VAL L 55 9.84 -108.97 -57.04
C VAL L 55 8.72 -108.35 -56.22
N LEU L 56 7.80 -109.17 -55.73
CA LEU L 56 6.79 -108.69 -54.80
C LEU L 56 7.42 -108.32 -53.46
N ALA L 57 8.47 -109.03 -53.06
CA ALA L 57 9.07 -108.80 -51.75
C ALA L 57 9.86 -107.50 -51.71
N ALA L 58 10.58 -107.19 -52.79
CA ALA L 58 11.43 -105.99 -52.81
C ALA L 58 10.61 -104.71 -52.83
N SER L 59 9.42 -104.74 -53.43
CA SER L 59 8.58 -103.55 -53.53
C SER L 59 7.79 -103.28 -52.27
N LYS L 60 7.94 -104.11 -51.23
CA LYS L 60 7.41 -103.78 -49.91
C LYS L 60 8.03 -102.50 -49.39
N MET L 61 9.36 -102.42 -49.42
CA MET L 61 10.07 -101.34 -48.75
C MET L 61 10.11 -100.07 -49.59
N VAL L 62 10.16 -100.19 -50.92
CA VAL L 62 10.02 -98.99 -51.74
C VAL L 62 8.55 -98.63 -51.86
N GLY L 63 7.65 -99.58 -51.58
CA GLY L 63 6.25 -99.23 -51.47
C GLY L 63 5.96 -98.48 -50.19
N ALA L 64 6.40 -99.01 -49.05
CA ALA L 64 6.17 -98.35 -47.78
C ALA L 64 7.13 -97.19 -47.54
N GLY L 65 8.18 -97.06 -48.34
CA GLY L 65 9.09 -95.94 -48.19
C GLY L 65 8.50 -94.66 -48.72
N CYS L 66 8.24 -94.61 -50.02
CA CYS L 66 7.66 -93.42 -50.64
C CYS L 66 6.17 -93.25 -50.34
N ALA L 67 5.56 -94.14 -49.56
CA ALA L 67 4.19 -93.89 -49.10
C ALA L 67 4.18 -92.82 -48.01
N THR L 68 5.29 -92.68 -47.29
CA THR L 68 5.35 -91.78 -46.16
C THR L 68 5.90 -90.41 -46.51
N ILE L 69 5.84 -90.01 -47.79
CA ILE L 69 6.23 -88.65 -48.13
C ILE L 69 5.18 -87.66 -47.65
N ALA L 70 3.94 -88.10 -47.47
CA ALA L 70 2.88 -87.26 -46.94
C ALA L 70 3.08 -86.89 -45.48
N LEU L 71 3.91 -87.63 -44.74
CA LEU L 71 4.19 -87.27 -43.37
C LEU L 71 5.00 -85.97 -43.27
N ALA L 72 5.72 -85.62 -44.32
CA ALA L 72 6.31 -84.28 -44.40
C ALA L 72 5.23 -83.22 -44.44
N GLY L 73 4.24 -83.40 -45.31
CA GLY L 73 3.25 -82.35 -45.54
C GLY L 73 2.36 -82.13 -44.34
N VAL L 74 1.98 -83.19 -43.64
CA VAL L 74 1.17 -83.00 -42.44
C VAL L 74 2.03 -82.42 -41.33
N GLY L 75 3.35 -82.67 -41.37
CA GLY L 75 4.25 -81.96 -40.47
C GLY L 75 4.47 -80.52 -40.86
N ALA L 76 4.37 -80.22 -42.15
CA ALA L 76 4.34 -78.83 -42.58
C ALA L 76 3.06 -78.17 -42.15
N GLY L 77 1.98 -78.93 -42.07
CA GLY L 77 0.75 -78.40 -41.49
C GLY L 77 0.89 -78.12 -40.00
N LEU L 78 1.62 -78.99 -39.30
CA LEU L 78 1.79 -78.81 -37.85
C LEU L 78 2.62 -77.57 -37.53
N GLY L 79 3.56 -77.22 -38.40
CA GLY L 79 4.39 -76.06 -38.15
C GLY L 79 3.67 -74.75 -38.33
N VAL L 80 2.87 -74.64 -39.40
CA VAL L 80 2.11 -73.41 -39.59
C VAL L 80 0.93 -73.34 -38.64
N MET L 81 0.56 -74.48 -38.04
CA MET L 81 -0.53 -74.46 -37.07
C MET L 81 -0.05 -73.88 -35.75
N PHE L 82 0.97 -74.50 -35.15
CA PHE L 82 1.46 -74.02 -33.87
C PHE L 82 2.32 -72.77 -34.00
N GLY L 83 2.75 -72.43 -35.22
CA GLY L 83 3.35 -71.12 -35.43
C GLY L 83 2.32 -70.01 -35.27
N SER L 84 1.10 -70.27 -35.70
CA SER L 84 0.01 -69.32 -35.51
C SER L 84 -0.51 -69.33 -34.08
N LEU L 85 -0.08 -70.29 -33.25
CA LEU L 85 -0.33 -70.18 -31.82
C LEU L 85 0.54 -69.11 -31.19
N ILE L 86 1.80 -69.02 -31.62
CA ILE L 86 2.75 -68.14 -30.95
C ILE L 86 2.42 -66.67 -31.23
N ASN L 87 2.25 -66.32 -32.50
CA ASN L 87 1.71 -65.00 -32.81
C ASN L 87 0.26 -64.86 -32.35
N GLY L 88 -0.48 -65.96 -32.32
CA GLY L 88 -1.83 -65.92 -31.78
C GLY L 88 -1.87 -65.70 -30.28
N ALA L 89 -0.87 -66.20 -29.56
CA ALA L 89 -0.75 -65.84 -28.15
C ALA L 89 -0.25 -64.41 -27.99
N ALA L 90 0.50 -63.93 -28.99
CA ALA L 90 1.19 -62.65 -28.87
C ALA L 90 0.24 -61.46 -29.00
N ARG L 91 -0.91 -61.64 -29.66
CA ARG L 91 -1.86 -60.54 -29.75
C ARG L 91 -2.57 -60.34 -28.42
N ASN L 92 -3.20 -61.39 -27.89
CA ASN L 92 -4.01 -61.27 -26.69
C ASN L 92 -3.90 -62.55 -25.87
N PRO L 93 -3.00 -62.58 -24.89
CA PRO L 93 -2.82 -63.79 -24.07
C PRO L 93 -3.91 -64.02 -23.03
N ASN L 94 -4.96 -63.21 -23.01
CA ASN L 94 -6.01 -63.34 -21.99
C ASN L 94 -6.84 -64.61 -22.16
N ILE L 95 -6.82 -65.22 -23.34
CA ILE L 95 -7.58 -66.44 -23.60
C ILE L 95 -6.62 -67.53 -24.04
N ALA L 96 -5.40 -67.52 -23.48
CA ALA L 96 -4.33 -68.42 -23.92
C ALA L 96 -4.68 -69.89 -23.71
N LYS L 97 -5.51 -70.20 -22.71
CA LYS L 97 -5.97 -71.57 -22.55
C LYS L 97 -6.99 -71.93 -23.63
N GLN L 98 -7.78 -70.95 -24.09
CA GLN L 98 -8.71 -71.20 -25.18
C GLN L 98 -7.96 -71.42 -26.49
N LEU L 99 -6.79 -70.79 -26.65
CA LEU L 99 -5.99 -70.97 -27.86
C LEU L 99 -5.45 -72.38 -27.98
N VAL L 100 -4.76 -72.86 -26.94
CA VAL L 100 -4.30 -74.25 -26.92
C VAL L 100 -5.50 -75.19 -26.80
N GLY L 101 -6.57 -74.73 -26.14
CA GLY L 101 -7.84 -75.43 -26.25
C GLY L 101 -8.37 -75.48 -27.68
N TYR L 102 -8.12 -74.43 -28.46
CA TYR L 102 -8.43 -74.51 -29.89
C TYR L 102 -7.32 -75.23 -30.64
N ALA L 103 -6.07 -75.11 -30.18
CA ALA L 103 -4.95 -75.70 -30.91
C ALA L 103 -4.94 -77.21 -30.78
N LEU L 104 -5.30 -77.73 -29.60
CA LEU L 104 -5.27 -79.18 -29.41
C LEU L 104 -6.37 -79.84 -30.22
N LEU L 105 -7.51 -79.18 -30.37
CA LEU L 105 -8.51 -79.69 -31.30
C LEU L 105 -8.06 -79.45 -32.74
N GLY L 106 -7.27 -78.40 -32.96
CA GLY L 106 -6.66 -78.22 -34.26
C GLY L 106 -5.57 -79.23 -34.53
N PHE L 107 -4.79 -79.57 -33.49
CA PHE L 107 -3.67 -80.48 -33.69
C PHE L 107 -4.14 -81.92 -33.83
N ALA L 108 -5.09 -82.35 -33.00
CA ALA L 108 -5.50 -83.75 -33.00
C ALA L 108 -6.31 -84.09 -34.26
N LEU L 109 -7.01 -83.11 -34.81
CA LEU L 109 -7.75 -83.38 -36.04
C LEU L 109 -6.85 -83.34 -37.27
N THR L 110 -5.68 -82.71 -37.17
CA THR L 110 -4.64 -82.97 -38.15
C THR L 110 -4.00 -84.33 -37.94
N GLU L 111 -3.99 -84.83 -36.69
CA GLU L 111 -3.45 -86.15 -36.42
C GLU L 111 -4.35 -87.25 -36.94
N SER L 112 -5.62 -86.95 -37.22
CA SER L 112 -6.44 -87.81 -38.07
C SER L 112 -5.78 -88.00 -39.42
N ILE L 113 -5.35 -86.91 -40.04
CA ILE L 113 -4.67 -86.99 -41.32
C ILE L 113 -3.24 -87.47 -41.15
N ALA L 114 -2.60 -87.17 -40.01
CA ALA L 114 -1.25 -87.68 -39.76
C ALA L 114 -1.23 -89.17 -39.46
N LEU L 115 -2.36 -89.78 -39.13
CA LEU L 115 -2.44 -91.22 -38.98
C LEU L 115 -3.04 -91.92 -40.20
N PHE L 116 -3.66 -91.16 -41.11
CA PHE L 116 -4.23 -91.75 -42.31
C PHE L 116 -3.14 -92.20 -43.28
N SER L 117 -1.95 -91.63 -43.18
CA SER L 117 -0.78 -92.22 -43.82
C SER L 117 0.05 -93.07 -42.88
N LEU L 118 -0.21 -93.02 -41.58
CA LEU L 118 0.42 -93.97 -40.68
C LEU L 118 -0.37 -95.27 -40.56
N LEU L 119 -1.51 -95.40 -41.25
CA LEU L 119 -2.14 -96.70 -41.38
C LEU L 119 -1.68 -97.47 -42.61
N VAL L 120 -1.32 -96.77 -43.68
CA VAL L 120 -0.98 -97.47 -44.92
C VAL L 120 0.42 -98.08 -44.87
N VAL L 121 1.23 -97.74 -43.87
CA VAL L 121 2.49 -98.43 -43.70
C VAL L 121 2.25 -99.81 -43.08
N PHE L 122 1.08 -100.02 -42.46
CA PHE L 122 0.66 -101.36 -42.06
C PHE L 122 -0.33 -101.99 -43.03
N LEU L 123 -0.98 -101.19 -43.88
CA LEU L 123 -1.89 -101.71 -44.90
C LEU L 123 -1.15 -102.25 -46.12
N ILE L 124 0.15 -101.99 -46.22
CA ILE L 124 0.98 -102.56 -47.28
C ILE L 124 1.80 -103.73 -46.77
N LEU L 125 2.47 -103.54 -45.63
CA LEU L 125 3.41 -104.55 -45.14
C LEU L 125 2.69 -105.70 -44.44
N PHE L 126 1.96 -105.41 -43.37
CA PHE L 126 1.42 -106.44 -42.49
C PHE L 126 -0.09 -106.61 -42.63
N ALA L 127 -0.62 -106.39 -43.84
CA ALA L 127 -2.03 -106.63 -44.12
C ALA L 127 -2.24 -106.99 -45.59
N SER M 54 20.24 -110.44 -53.04
CA SER M 54 18.82 -110.33 -53.41
C SER M 54 18.45 -108.91 -53.78
N VAL M 55 17.26 -108.74 -54.33
CA VAL M 55 16.76 -107.41 -54.64
C VAL M 55 16.00 -106.83 -53.46
N LEU M 56 15.42 -107.70 -52.61
CA LEU M 56 14.76 -107.25 -51.40
C LEU M 56 15.76 -106.63 -50.42
N ALA M 57 16.92 -107.25 -50.28
CA ALA M 57 17.98 -106.64 -49.49
C ALA M 57 18.61 -105.45 -50.20
N ALA M 58 18.39 -105.31 -51.51
CA ALA M 58 18.86 -104.13 -52.23
C ALA M 58 17.84 -103.01 -52.19
N SER M 59 16.56 -103.33 -52.40
CA SER M 59 15.51 -102.32 -52.37
C SER M 59 15.22 -101.83 -50.97
N LYS M 60 15.79 -102.47 -49.95
CA LYS M 60 15.78 -101.92 -48.59
C LYS M 60 16.45 -100.56 -48.53
N MET M 61 17.56 -100.39 -49.25
CA MET M 61 18.31 -99.15 -49.19
C MET M 61 17.59 -98.02 -49.92
N VAL M 62 17.06 -98.30 -51.12
CA VAL M 62 16.35 -97.24 -51.84
C VAL M 62 14.93 -97.09 -51.29
N GLY M 63 14.40 -98.13 -50.66
CA GLY M 63 13.13 -97.99 -49.96
C GLY M 63 13.25 -97.10 -48.74
N ALA M 64 14.36 -97.22 -48.02
CA ALA M 64 14.61 -96.32 -46.91
C ALA M 64 14.95 -94.91 -47.37
N GLY M 65 15.53 -94.77 -48.57
CA GLY M 65 15.79 -93.45 -49.11
C GLY M 65 14.52 -92.71 -49.48
N CYS M 66 13.53 -93.45 -49.98
CA CYS M 66 12.26 -92.84 -50.35
C CYS M 66 11.38 -92.52 -49.16
N ALA M 67 11.81 -92.84 -47.94
CA ALA M 67 11.00 -92.56 -46.76
C ALA M 67 11.45 -91.30 -46.03
N THR M 68 12.75 -91.06 -45.95
CA THR M 68 13.29 -89.95 -45.16
C THR M 68 13.37 -88.66 -45.96
N ILE M 69 12.56 -88.53 -47.00
CA ILE M 69 12.18 -87.22 -47.51
C ILE M 69 11.23 -86.54 -46.53
N ALA M 70 10.53 -87.34 -45.72
CA ALA M 70 9.48 -86.87 -44.82
C ALA M 70 9.97 -85.94 -43.72
N LEU M 71 11.27 -85.82 -43.51
CA LEU M 71 11.76 -84.87 -42.54
C LEU M 71 11.81 -83.45 -43.08
N ALA M 72 11.66 -83.25 -44.39
CA ALA M 72 11.74 -81.90 -44.93
C ALA M 72 10.53 -81.06 -44.53
N GLY M 73 9.34 -81.65 -44.57
CA GLY M 73 8.15 -80.90 -44.22
C GLY M 73 8.07 -80.57 -42.73
N VAL M 74 8.55 -81.48 -41.89
CA VAL M 74 8.69 -81.11 -40.49
C VAL M 74 9.92 -80.26 -40.28
N GLY M 75 10.81 -80.20 -41.27
CA GLY M 75 11.93 -79.27 -41.20
C GLY M 75 11.50 -77.84 -41.46
N ALA M 76 10.73 -77.62 -42.52
CA ALA M 76 10.20 -76.29 -42.77
C ALA M 76 9.07 -75.96 -41.80
N GLY M 77 8.40 -76.99 -41.28
CA GLY M 77 7.32 -76.75 -40.33
C GLY M 77 7.82 -76.17 -39.02
N LEU M 78 8.78 -76.85 -38.37
CA LEU M 78 9.43 -76.29 -37.19
C LEU M 78 10.21 -75.02 -37.53
N GLY M 79 10.69 -74.89 -38.76
CA GLY M 79 11.35 -73.67 -39.16
C GLY M 79 10.43 -72.46 -39.14
N VAL M 80 9.20 -72.62 -39.66
CA VAL M 80 8.26 -71.52 -39.62
C VAL M 80 7.56 -71.47 -38.27
N MET M 81 7.49 -72.58 -37.54
CA MET M 81 6.90 -72.55 -36.20
C MET M 81 7.83 -71.84 -35.24
N PHE M 82 9.13 -72.08 -35.36
CA PHE M 82 10.07 -71.26 -34.62
C PHE M 82 10.35 -69.93 -35.33
N GLY M 83 9.95 -69.79 -36.58
CA GLY M 83 10.05 -68.51 -37.25
C GLY M 83 9.01 -67.56 -36.71
N SER M 84 7.83 -68.08 -36.46
CA SER M 84 6.76 -67.30 -35.87
C SER M 84 7.01 -67.00 -34.39
N LEU M 85 7.96 -67.70 -33.76
CA LEU M 85 8.29 -67.44 -32.37
C LEU M 85 8.94 -66.08 -32.19
N ILE M 86 9.87 -65.74 -33.08
CA ILE M 86 10.63 -64.50 -32.93
C ILE M 86 9.75 -63.29 -33.18
N ASN M 87 8.94 -63.35 -34.24
CA ASN M 87 8.07 -62.22 -34.54
C ASN M 87 6.93 -62.12 -33.55
N GLY M 88 6.62 -63.22 -32.86
CA GLY M 88 5.66 -63.16 -31.76
C GLY M 88 6.16 -62.39 -30.56
N ALA M 89 7.45 -62.52 -30.24
CA ALA M 89 7.99 -61.75 -29.13
C ALA M 89 8.16 -60.29 -29.51
N ALA M 90 8.21 -59.99 -30.82
CA ALA M 90 8.20 -58.61 -31.28
C ALA M 90 6.82 -57.96 -31.11
N ARG M 91 5.78 -58.77 -30.91
CA ARG M 91 4.46 -58.23 -30.62
C ARG M 91 4.34 -57.82 -29.16
N ASN M 92 4.53 -58.78 -28.25
CA ASN M 92 4.21 -58.57 -26.84
C ASN M 92 5.19 -59.34 -25.96
N PRO M 93 6.34 -58.75 -25.64
CA PRO M 93 7.35 -59.48 -24.87
C PRO M 93 7.08 -59.60 -23.38
N ASN M 94 5.88 -59.29 -22.88
CA ASN M 94 5.63 -59.52 -21.47
C ASN M 94 5.29 -60.96 -21.17
N ILE M 95 4.77 -61.68 -22.16
CA ILE M 95 4.40 -63.08 -22.07
C ILE M 95 5.46 -63.90 -22.77
N ALA M 96 6.69 -63.36 -22.84
CA ALA M 96 7.81 -63.99 -23.53
C ALA M 96 8.24 -65.32 -22.92
N LYS M 97 7.73 -65.67 -21.75
CA LYS M 97 7.93 -67.00 -21.20
C LYS M 97 6.77 -67.94 -21.48
N GLN M 98 5.58 -67.40 -21.81
CA GLN M 98 4.49 -68.28 -22.18
C GLN M 98 4.48 -68.59 -23.68
N LEU M 99 5.20 -67.81 -24.49
CA LEU M 99 5.33 -68.16 -25.91
C LEU M 99 6.17 -69.41 -26.07
N VAL M 100 7.39 -69.40 -25.53
CA VAL M 100 8.19 -70.63 -25.49
C VAL M 100 7.69 -71.59 -24.43
N GLY M 101 6.80 -71.14 -23.54
CA GLY M 101 6.03 -72.08 -22.74
C GLY M 101 5.02 -72.84 -23.59
N TYR M 102 4.51 -72.21 -24.66
CA TYR M 102 3.64 -72.92 -25.58
C TYR M 102 4.41 -73.52 -26.75
N ALA M 103 5.62 -73.02 -27.03
CA ALA M 103 6.34 -73.49 -28.22
C ALA M 103 6.99 -74.85 -28.02
N LEU M 104 7.41 -75.18 -26.79
CA LEU M 104 8.01 -76.48 -26.57
C LEU M 104 6.98 -77.59 -26.62
N LEU M 105 5.70 -77.25 -26.44
CA LEU M 105 4.65 -78.21 -26.76
C LEU M 105 4.54 -78.39 -28.28
N GLY M 106 4.65 -77.29 -29.04
CA GLY M 106 4.49 -77.37 -30.48
C GLY M 106 5.65 -78.07 -31.17
N PHE M 107 6.86 -77.93 -30.62
CA PHE M 107 7.99 -78.71 -31.13
C PHE M 107 7.80 -80.19 -30.83
N ALA M 108 7.34 -80.52 -29.63
CA ALA M 108 7.22 -81.91 -29.22
C ALA M 108 6.09 -82.62 -29.96
N LEU M 109 5.15 -81.86 -30.52
CA LEU M 109 4.09 -82.48 -31.30
C LEU M 109 4.46 -82.62 -32.77
N THR M 110 5.38 -81.80 -33.27
CA THR M 110 5.98 -82.00 -34.58
C THR M 110 7.01 -83.11 -34.55
N GLU M 111 7.75 -83.21 -33.44
CA GLU M 111 8.72 -84.29 -33.27
C GLU M 111 8.03 -85.64 -33.12
N SER M 112 6.72 -85.63 -32.79
CA SER M 112 5.92 -86.83 -32.90
C SER M 112 5.90 -87.34 -34.34
N ILE M 113 5.65 -86.44 -35.30
CA ILE M 113 5.60 -86.85 -36.70
C ILE M 113 7.00 -86.99 -37.28
N ALA M 114 7.98 -86.26 -36.74
CA ALA M 114 9.35 -86.36 -37.24
C ALA M 114 9.97 -87.72 -36.93
N LEU M 115 9.66 -88.27 -35.76
CA LEU M 115 10.19 -89.58 -35.42
C LEU M 115 9.24 -90.71 -35.80
N PHE M 116 7.96 -90.41 -36.05
CA PHE M 116 7.09 -91.36 -36.74
C PHE M 116 7.34 -91.39 -38.23
N SER M 117 8.06 -90.40 -38.75
CA SER M 117 8.71 -90.51 -40.05
C SER M 117 10.01 -91.28 -39.95
N LEU M 118 10.52 -91.48 -38.73
CA LEU M 118 11.71 -92.28 -38.51
C LEU M 118 11.41 -93.69 -38.07
N LEU M 119 10.14 -94.04 -37.79
CA LEU M 119 9.84 -95.44 -37.52
C LEU M 119 9.93 -96.27 -38.77
N VAL M 120 9.58 -95.69 -39.93
CA VAL M 120 9.54 -96.45 -41.17
C VAL M 120 10.95 -96.81 -41.63
N VAL M 121 11.95 -96.00 -41.24
CA VAL M 121 13.31 -96.40 -41.55
C VAL M 121 13.88 -97.26 -40.42
N PHE M 122 13.20 -97.34 -39.27
CA PHE M 122 13.69 -98.22 -38.22
C PHE M 122 13.26 -99.66 -38.44
N LEU M 123 12.01 -99.87 -38.87
CA LEU M 123 11.45 -101.21 -38.91
C LEU M 123 11.85 -102.00 -40.15
N ILE M 124 12.03 -101.34 -41.29
CA ILE M 124 12.33 -102.08 -42.51
C ILE M 124 13.74 -102.64 -42.55
N LEU M 125 14.64 -102.16 -41.70
CA LEU M 125 16.03 -102.62 -41.76
C LEU M 125 16.21 -103.93 -41.02
N PHE M 126 15.87 -103.94 -39.73
CA PHE M 126 16.06 -105.13 -38.91
C PHE M 126 14.80 -105.47 -38.13
N ALA M 127 11.70 -105.76 -39.66
CA ALA M 127 10.31 -106.03 -39.29
C ALA M 127 9.35 -105.23 -40.18
N SER N 54 26.47 -107.43 -56.55
CA SER N 54 26.77 -106.02 -56.32
C SER N 54 25.52 -105.16 -56.44
N VAL N 55 24.35 -105.78 -56.25
CA VAL N 55 23.11 -105.01 -56.34
C VAL N 55 22.83 -104.27 -55.03
N LEU N 56 23.32 -104.78 -53.90
CA LEU N 56 23.13 -104.07 -52.64
C LEU N 56 24.04 -102.87 -52.54
N ALA N 57 25.29 -103.00 -53.01
CA ALA N 57 26.21 -101.88 -53.00
C ALA N 57 25.78 -100.81 -54.00
N ALA N 58 25.22 -101.21 -55.13
CA ALA N 58 24.74 -100.22 -56.09
C ALA N 58 23.47 -99.53 -55.62
N SER N 59 22.70 -100.17 -54.74
CA SER N 59 21.49 -99.54 -54.24
C SER N 59 21.73 -98.70 -53.00
N LYS N 60 22.94 -98.75 -52.44
CA LYS N 60 23.29 -97.80 -51.40
C LYS N 60 23.40 -96.38 -51.95
N MET N 61 23.75 -96.27 -53.24
CA MET N 61 24.02 -94.97 -53.84
C MET N 61 22.75 -94.15 -54.05
N VAL N 62 21.75 -94.73 -54.71
CA VAL N 62 20.51 -94.01 -54.94
C VAL N 62 19.68 -93.96 -53.66
N GLY N 63 19.84 -94.96 -52.79
CA GLY N 63 19.19 -94.91 -51.49
C GLY N 63 19.74 -93.81 -50.60
N ALA N 64 21.01 -93.47 -50.75
CA ALA N 64 21.55 -92.31 -50.05
C ALA N 64 21.09 -91.01 -50.69
N GLY N 65 21.15 -90.94 -52.02
CA GLY N 65 20.82 -89.69 -52.70
C GLY N 65 19.35 -89.32 -52.62
N CYS N 66 18.47 -90.30 -52.45
CA CYS N 66 17.06 -90.00 -52.26
C CYS N 66 16.70 -89.83 -50.80
N ALA N 67 17.57 -90.27 -49.87
CA ALA N 67 17.30 -90.06 -48.45
C ALA N 67 17.55 -88.62 -48.04
N THR N 68 18.59 -88.01 -48.59
CA THR N 68 19.06 -86.70 -48.16
C THR N 68 18.29 -85.54 -48.78
N ILE N 69 17.09 -85.77 -49.34
CA ILE N 69 16.30 -84.66 -49.84
C ILE N 69 15.67 -83.88 -48.69
N ALA N 70 15.66 -84.45 -47.48
CA ALA N 70 15.10 -83.78 -46.30
C ALA N 70 15.87 -82.53 -45.90
N LEU N 71 17.05 -82.28 -46.49
CA LEU N 71 17.75 -81.05 -46.25
C LEU N 71 17.11 -79.85 -46.94
N ALA N 72 16.23 -80.10 -47.92
CA ALA N 72 15.53 -79.00 -48.59
C ALA N 72 14.58 -78.29 -47.64
N GLY N 73 13.96 -79.03 -46.72
CA GLY N 73 13.04 -78.42 -45.79
C GLY N 73 13.73 -77.60 -44.72
N VAL N 74 14.78 -78.15 -44.12
CA VAL N 74 15.54 -77.35 -43.17
C VAL N 74 16.43 -76.34 -43.87
N GLY N 75 16.71 -76.53 -45.17
CA GLY N 75 17.38 -75.50 -45.92
C GLY N 75 16.48 -74.29 -46.14
N ALA N 76 15.17 -74.51 -46.14
CA ALA N 76 14.24 -73.40 -46.20
C ALA N 76 13.76 -73.01 -44.81
N GLY N 77 13.57 -74.00 -43.93
CA GLY N 77 12.96 -73.72 -42.63
C GLY N 77 13.83 -72.87 -41.73
N LEU N 78 15.15 -73.09 -41.77
CA LEU N 78 16.05 -72.19 -41.07
C LEU N 78 16.03 -70.81 -41.68
N GLY N 79 15.84 -70.72 -43.00
CA GLY N 79 15.85 -69.43 -43.66
C GLY N 79 14.61 -68.60 -43.36
N VAL N 80 13.48 -69.27 -43.11
CA VAL N 80 12.30 -68.55 -42.63
C VAL N 80 12.53 -68.06 -41.21
N MET N 81 13.10 -68.92 -40.36
CA MET N 81 13.33 -68.54 -38.96
C MET N 81 14.42 -67.48 -38.84
N PHE N 82 15.49 -67.62 -39.59
CA PHE N 82 16.47 -66.55 -39.67
C PHE N 82 15.95 -65.37 -40.48
N GLY N 83 14.91 -65.58 -41.29
CA GLY N 83 14.27 -64.45 -41.94
C GLY N 83 13.42 -63.62 -41.00
N SER N 84 12.58 -64.29 -40.21
CA SER N 84 11.70 -63.59 -39.28
C SER N 84 12.48 -63.12 -38.06
N LEU N 85 13.68 -63.65 -37.86
CA LEU N 85 14.63 -63.05 -36.93
C LEU N 85 14.90 -61.60 -37.31
N ILE N 86 15.09 -61.34 -38.60
CA ILE N 86 15.38 -59.98 -39.05
C ILE N 86 14.16 -59.10 -38.93
N ASN N 87 12.97 -59.63 -39.28
CA ASN N 87 11.77 -58.82 -39.17
C ASN N 87 11.35 -58.59 -37.72
N GLY N 88 11.49 -59.61 -36.87
CA GLY N 88 11.16 -59.45 -35.47
C GLY N 88 12.08 -58.47 -34.75
N ALA N 89 13.33 -58.39 -35.18
CA ALA N 89 14.24 -57.43 -34.56
C ALA N 89 14.14 -56.06 -35.20
N ALA N 90 13.58 -55.97 -36.42
CA ALA N 90 13.47 -54.67 -37.09
C ALA N 90 12.49 -53.75 -36.37
N ARG N 91 11.38 -54.29 -35.89
CA ARG N 91 10.43 -53.48 -35.14
C ARG N 91 10.93 -53.21 -33.74
N ASN N 92 11.39 -54.26 -33.05
CA ASN N 92 11.69 -54.24 -31.62
C ASN N 92 13.16 -54.60 -31.41
N PRO N 93 14.08 -53.67 -31.61
CA PRO N 93 15.50 -53.96 -31.38
C PRO N 93 15.92 -53.89 -29.93
N ASN N 94 14.98 -53.70 -29.01
CA ASN N 94 15.32 -53.46 -27.61
C ASN N 94 15.25 -54.73 -26.76
N ILE N 95 14.70 -55.81 -27.30
CA ILE N 95 14.77 -57.12 -26.67
C ILE N 95 15.62 -58.03 -27.56
N ALA N 96 16.55 -57.42 -28.31
CA ALA N 96 17.30 -58.12 -29.36
C ALA N 96 18.32 -59.12 -28.82
N LYS N 97 18.42 -59.32 -27.52
CA LYS N 97 19.29 -60.34 -26.97
C LYS N 97 18.56 -61.42 -26.20
N GLN N 98 17.24 -61.28 -26.03
CA GLN N 98 16.42 -62.43 -25.67
C GLN N 98 15.84 -63.11 -26.90
N LEU N 99 15.86 -62.43 -28.05
CA LEU N 99 15.34 -63.05 -29.26
C LEU N 99 16.33 -64.06 -29.82
N VAL N 100 17.61 -63.68 -29.92
CA VAL N 100 18.61 -64.61 -30.40
C VAL N 100 18.85 -65.70 -29.36
N GLY N 101 18.71 -65.37 -28.08
CA GLY N 101 18.67 -66.39 -27.04
C GLY N 101 17.48 -67.32 -27.14
N TYR N 102 16.40 -66.87 -27.80
CA TYR N 102 15.35 -67.78 -28.22
C TYR N 102 15.63 -68.39 -29.59
N ALA N 103 16.43 -67.71 -30.42
CA ALA N 103 16.69 -68.20 -31.76
C ALA N 103 17.74 -69.29 -31.82
N LEU N 104 18.72 -69.25 -30.91
CA LEU N 104 19.69 -70.32 -30.86
C LEU N 104 19.06 -71.59 -30.32
N LEU N 105 18.00 -71.46 -29.52
CA LEU N 105 17.16 -72.60 -29.23
C LEU N 105 16.34 -72.98 -30.45
N GLY N 106 16.05 -72.02 -31.32
CA GLY N 106 15.28 -72.33 -32.52
C GLY N 106 16.11 -72.94 -33.63
N PHE N 107 17.33 -72.41 -33.85
CA PHE N 107 18.18 -72.84 -34.96
C PHE N 107 18.62 -74.29 -34.80
N ALA N 108 19.13 -74.63 -33.62
CA ALA N 108 19.67 -75.98 -33.43
C ALA N 108 18.56 -77.01 -33.34
N LEU N 109 17.40 -76.65 -32.80
CA LEU N 109 16.31 -77.60 -32.72
C LEU N 109 15.70 -77.88 -34.08
N THR N 110 15.88 -76.96 -35.03
CA THR N 110 15.61 -77.23 -36.44
C THR N 110 16.82 -77.79 -37.16
N GLU N 111 18.03 -77.52 -36.67
CA GLU N 111 19.19 -78.25 -37.16
C GLU N 111 19.12 -79.72 -36.77
N SER N 112 18.43 -80.04 -35.67
CA SER N 112 18.23 -81.44 -35.28
C SER N 112 17.47 -82.21 -36.34
N ILE N 113 16.52 -81.56 -37.02
CA ILE N 113 15.77 -82.20 -38.10
C ILE N 113 16.70 -82.51 -39.27
N ALA N 114 17.66 -81.61 -39.55
CA ALA N 114 18.71 -81.93 -40.51
C ALA N 114 19.57 -83.09 -40.05
N LEU N 115 19.80 -83.20 -38.73
CA LEU N 115 20.72 -84.22 -38.23
C LEU N 115 20.06 -85.59 -38.16
N PHE N 116 18.73 -85.67 -38.16
CA PHE N 116 18.09 -86.99 -38.23
C PHE N 116 18.22 -87.58 -39.64
N SER N 117 18.46 -86.73 -40.63
CA SER N 117 18.66 -87.21 -41.99
C SER N 117 19.99 -87.92 -42.14
N LEU N 118 21.09 -87.23 -41.86
CA LEU N 118 22.41 -87.84 -42.04
C LEU N 118 22.76 -88.84 -40.94
N LEU N 119 21.97 -88.94 -39.89
CA LEU N 119 22.09 -90.13 -39.05
C LEU N 119 21.50 -91.34 -39.75
N VAL N 120 20.47 -91.14 -40.58
CA VAL N 120 19.93 -92.24 -41.39
C VAL N 120 20.81 -92.53 -42.59
N VAL N 121 21.37 -91.47 -43.20
CA VAL N 121 22.22 -91.63 -44.37
C VAL N 121 23.49 -92.42 -44.00
N PHE N 122 24.00 -92.21 -42.80
CA PHE N 122 25.07 -93.09 -42.32
C PHE N 122 24.55 -94.43 -41.82
N LEU N 123 23.26 -94.52 -41.46
CA LEU N 123 22.68 -95.79 -41.04
C LEU N 123 22.47 -96.73 -42.22
N ILE N 124 22.23 -96.19 -43.41
CA ILE N 124 22.04 -97.00 -44.60
C ILE N 124 23.36 -97.28 -45.30
N LEU N 125 24.21 -96.26 -45.42
CA LEU N 125 25.45 -96.43 -46.17
C LEU N 125 26.47 -97.25 -45.38
N PHE N 126 26.92 -96.73 -44.25
CA PHE N 126 28.07 -97.28 -43.54
C PHE N 126 27.64 -98.03 -42.29
N ALA N 127 26.52 -98.72 -42.36
CA ALA N 127 26.06 -99.56 -41.26
C ALA N 127 25.28 -100.75 -41.79
N SER O 54 30.33 -101.96 -63.20
CA SER O 54 30.00 -100.76 -63.96
C SER O 54 28.68 -100.15 -63.51
N VAL O 55 27.84 -100.97 -62.88
CA VAL O 55 26.56 -100.47 -62.40
C VAL O 55 26.72 -99.73 -61.08
N LEU O 56 27.70 -100.13 -60.26
CA LEU O 56 28.00 -99.41 -59.04
C LEU O 56 28.49 -98.01 -59.33
N ALA O 57 29.43 -97.89 -60.25
CA ALA O 57 29.93 -96.59 -60.68
C ALA O 57 28.99 -95.87 -61.64
N ALA O 58 27.85 -96.47 -61.98
CA ALA O 58 26.78 -95.75 -62.67
C ALA O 58 25.72 -95.26 -61.68
N SER O 59 25.35 -96.12 -60.72
CA SER O 59 24.33 -95.75 -59.75
C SER O 59 24.82 -94.68 -58.78
N LYS O 60 26.13 -94.62 -58.57
CA LYS O 60 26.70 -93.55 -57.77
C LYS O 60 26.52 -92.20 -58.44
N MET O 61 26.71 -92.16 -59.75
CA MET O 61 26.65 -90.89 -60.46
C MET O 61 25.22 -90.42 -60.64
N VAL O 62 24.24 -91.33 -60.56
CA VAL O 62 22.86 -90.88 -60.53
C VAL O 62 22.41 -90.71 -59.07
N GLY O 63 23.10 -91.34 -58.13
CA GLY O 63 22.73 -91.20 -56.73
C GLY O 63 23.11 -89.86 -56.16
N ALA O 64 24.37 -89.46 -56.34
CA ALA O 64 24.81 -88.15 -55.86
C ALA O 64 24.17 -87.02 -56.64
N GLY O 65 23.84 -87.27 -57.92
CA GLY O 65 23.04 -86.30 -58.66
C GLY O 65 21.61 -86.23 -58.15
N CYS O 66 21.13 -87.31 -57.55
CA CYS O 66 19.85 -87.22 -56.85
C CYS O 66 20.03 -86.58 -55.49
N ALA O 67 21.24 -86.65 -54.93
CA ALA O 67 21.49 -86.10 -53.60
C ALA O 67 21.51 -84.58 -53.58
N THR O 68 21.78 -83.97 -54.73
CA THR O 68 21.86 -82.51 -54.83
C THR O 68 20.54 -81.87 -55.24
N ILE O 69 19.41 -82.47 -54.88
CA ILE O 69 18.14 -81.76 -55.00
C ILE O 69 18.06 -80.64 -53.98
N ALA O 70 18.52 -80.91 -52.76
CA ALA O 70 18.26 -80.08 -51.59
C ALA O 70 18.93 -78.72 -51.62
N LEU O 71 19.76 -78.43 -52.63
CA LEU O 71 20.21 -77.06 -52.83
C LEU O 71 19.08 -76.15 -53.29
N ALA O 72 17.99 -76.72 -53.81
CA ALA O 72 16.79 -75.94 -54.07
C ALA O 72 16.20 -75.40 -52.78
N GLY O 73 16.12 -76.24 -51.75
CA GLY O 73 15.60 -75.79 -50.46
C GLY O 73 16.50 -74.82 -49.76
N VAL O 74 17.82 -75.02 -49.86
CA VAL O 74 18.78 -74.02 -49.42
C VAL O 74 18.68 -72.77 -50.28
N GLY O 75 18.37 -72.94 -51.56
CA GLY O 75 18.21 -71.79 -52.44
C GLY O 75 17.02 -70.92 -52.08
N ALA O 76 15.93 -71.53 -51.60
CA ALA O 76 14.80 -70.74 -51.16
C ALA O 76 15.06 -70.09 -49.82
N GLY O 77 15.67 -70.83 -48.88
CA GLY O 77 15.85 -70.31 -47.53
C GLY O 77 16.83 -69.16 -47.45
N LEU O 78 17.81 -69.11 -48.35
CA LEU O 78 18.63 -67.91 -48.46
C LEU O 78 17.82 -66.76 -49.04
N GLY O 79 16.93 -67.07 -49.98
CA GLY O 79 16.17 -66.00 -50.63
C GLY O 79 15.12 -65.38 -49.73
N VAL O 80 14.45 -66.21 -48.91
CA VAL O 80 13.45 -65.71 -47.99
C VAL O 80 14.08 -64.87 -46.91
N MET O 81 15.24 -65.30 -46.39
CA MET O 81 15.90 -64.55 -45.33
C MET O 81 16.49 -63.26 -45.86
N PHE O 82 17.12 -63.30 -47.02
CA PHE O 82 17.67 -62.08 -47.60
C PHE O 82 16.57 -61.19 -48.18
N GLY O 83 15.38 -61.76 -48.43
CA GLY O 83 14.24 -60.92 -48.72
C GLY O 83 13.75 -60.16 -47.50
N SER O 84 13.76 -60.83 -46.34
CA SER O 84 13.26 -60.21 -45.11
C SER O 84 14.20 -59.14 -44.60
N LEU O 85 15.47 -59.18 -44.99
CA LEU O 85 16.37 -58.08 -44.69
C LEU O 85 15.94 -56.81 -45.40
N ILE O 86 15.44 -56.94 -46.62
CA ILE O 86 15.02 -55.78 -47.40
C ILE O 86 13.77 -55.15 -46.78
N ASN O 87 12.79 -55.99 -46.43
CA ASN O 87 11.58 -55.47 -45.80
C ASN O 87 11.86 -55.02 -44.38
N GLY O 88 12.80 -55.69 -43.70
CA GLY O 88 13.17 -55.25 -42.36
C GLY O 88 13.92 -53.94 -42.33
N ALA O 89 14.64 -53.63 -43.41
CA ALA O 89 15.35 -52.36 -43.48
C ALA O 89 14.45 -51.21 -43.91
N ALA O 90 13.42 -51.49 -44.70
CA ALA O 90 12.44 -50.45 -45.00
C ALA O 90 11.63 -50.09 -43.77
N ARG O 91 11.46 -51.03 -42.84
CA ARG O 91 10.75 -50.78 -41.60
C ARG O 91 11.66 -50.29 -40.48
N ASN O 92 12.98 -50.25 -40.69
CA ASN O 92 13.91 -49.71 -39.72
C ASN O 92 15.21 -49.30 -40.40
N PRO O 93 15.26 -48.16 -41.09
CA PRO O 93 16.47 -47.77 -41.83
C PRO O 93 17.60 -47.23 -40.98
N ASN O 94 17.55 -47.40 -39.66
CA ASN O 94 18.48 -46.77 -38.75
C ASN O 94 19.41 -47.73 -38.03
N ILE O 95 19.10 -49.03 -38.05
CA ILE O 95 19.96 -50.04 -37.44
C ILE O 95 20.38 -51.04 -38.51
N ALA O 96 20.53 -50.54 -39.74
CA ALA O 96 20.79 -51.40 -40.90
C ALA O 96 22.17 -52.06 -40.85
N LYS O 97 23.08 -51.57 -40.00
CA LYS O 97 24.33 -52.27 -39.77
C LYS O 97 24.10 -53.49 -38.88
N GLN O 98 23.10 -53.45 -37.99
CA GLN O 98 22.94 -54.53 -37.03
C GLN O 98 22.20 -55.71 -37.63
N LEU O 99 21.16 -55.47 -38.42
CA LEU O 99 20.38 -56.57 -38.96
C LEU O 99 21.12 -57.30 -40.06
N VAL O 100 21.98 -56.60 -40.80
CA VAL O 100 22.89 -57.27 -41.72
C VAL O 100 23.84 -58.16 -40.93
N GLY O 101 24.25 -57.72 -39.75
CA GLY O 101 25.00 -58.57 -38.84
C GLY O 101 24.20 -59.75 -38.33
N TYR O 102 22.87 -59.64 -38.33
CA TYR O 102 22.05 -60.82 -38.08
C TYR O 102 21.74 -61.58 -39.35
N ALA O 103 21.73 -60.89 -40.49
CA ALA O 103 21.47 -61.56 -41.76
C ALA O 103 22.63 -62.47 -42.16
N LEU O 104 23.86 -62.02 -41.94
CA LEU O 104 25.01 -62.81 -42.32
C LEU O 104 25.36 -63.87 -41.28
N LEU O 105 24.88 -63.70 -40.04
CA LEU O 105 24.85 -64.85 -39.13
C LEU O 105 23.75 -65.82 -39.53
N GLY O 106 22.71 -65.33 -40.17
CA GLY O 106 21.70 -66.21 -40.70
C GLY O 106 22.14 -66.92 -41.97
N PHE O 107 22.93 -66.21 -42.79
CA PHE O 107 23.40 -66.76 -44.06
C PHE O 107 24.44 -67.86 -43.83
N ALA O 108 25.35 -67.65 -42.89
CA ALA O 108 26.45 -68.56 -42.65
C ALA O 108 26.12 -69.66 -41.65
N LEU O 109 24.84 -69.82 -41.30
CA LEU O 109 24.38 -71.00 -40.58
C LEU O 109 23.34 -71.77 -41.35
N THR O 110 22.80 -71.19 -42.42
CA THR O 110 21.96 -71.88 -43.37
C THR O 110 22.76 -72.47 -44.52
N GLU O 111 23.95 -71.92 -44.81
CA GLU O 111 24.81 -72.56 -45.79
C GLU O 111 25.59 -73.70 -45.16
N SER O 112 25.53 -73.85 -43.84
CA SER O 112 25.93 -75.09 -43.20
C SER O 112 25.08 -76.25 -43.70
N ILE O 113 23.80 -76.00 -43.95
CA ILE O 113 22.93 -76.99 -44.57
C ILE O 113 23.35 -77.24 -46.02
N ALA O 114 23.88 -76.23 -46.69
CA ALA O 114 24.47 -76.47 -48.00
C ALA O 114 25.74 -77.30 -47.89
N LEU O 115 26.53 -77.11 -46.83
CA LEU O 115 27.65 -78.02 -46.58
C LEU O 115 27.18 -79.35 -46.04
N PHE O 116 26.00 -79.38 -45.42
CA PHE O 116 25.45 -80.63 -44.91
C PHE O 116 25.06 -81.55 -46.06
N SER O 117 24.42 -80.96 -47.09
CA SER O 117 24.05 -81.72 -48.28
C SER O 117 25.29 -82.11 -49.08
N LEU O 118 26.19 -81.14 -49.30
CA LEU O 118 27.36 -81.38 -50.12
C LEU O 118 28.43 -82.18 -49.42
N LEU O 119 28.18 -82.66 -48.20
CA LEU O 119 28.99 -83.75 -47.67
C LEU O 119 28.76 -85.03 -48.47
N VAL O 120 27.54 -85.58 -48.40
CA VAL O 120 27.28 -86.90 -48.97
C VAL O 120 27.13 -86.82 -50.48
N VAL O 121 26.93 -85.61 -51.01
CA VAL O 121 27.07 -85.38 -52.44
C VAL O 121 28.50 -85.71 -52.87
N PHE O 122 29.48 -85.30 -52.08
CA PHE O 122 30.87 -85.59 -52.41
C PHE O 122 31.46 -86.75 -51.61
N LEU O 123 30.83 -87.15 -50.50
CA LEU O 123 31.29 -88.33 -49.77
C LEU O 123 31.05 -89.60 -50.57
N ILE O 124 29.94 -89.67 -51.31
CA ILE O 124 29.65 -90.85 -52.10
C ILE O 124 30.48 -90.86 -53.39
N LEU O 125 30.70 -89.69 -53.99
CA LEU O 125 31.44 -89.62 -55.26
C LEU O 125 32.89 -90.05 -55.15
N PHE O 126 33.50 -89.97 -53.96
CA PHE O 126 34.92 -90.31 -53.87
C PHE O 126 35.24 -91.18 -52.66
N ALA O 127 34.24 -91.73 -51.97
CA ALA O 127 34.46 -92.67 -50.89
C ALA O 127 33.24 -93.58 -50.73
N SER P 54 26.62 -99.55 -72.24
CA SER P 54 26.99 -98.15 -72.07
C SER P 54 26.10 -97.50 -71.02
N VAL P 55 25.76 -98.28 -70.00
CA VAL P 55 24.82 -97.81 -69.00
C VAL P 55 25.48 -96.74 -68.11
N LEU P 56 26.80 -96.82 -67.95
CA LEU P 56 27.49 -95.83 -67.13
C LEU P 56 27.59 -94.49 -67.86
N ALA P 57 27.59 -94.51 -69.19
CA ALA P 57 27.56 -93.26 -69.94
C ALA P 57 26.19 -92.60 -69.88
N ALA P 58 25.14 -93.39 -69.66
CA ALA P 58 23.80 -92.82 -69.55
C ALA P 58 23.60 -92.10 -68.23
N SER P 59 24.11 -92.68 -67.14
CA SER P 59 23.87 -92.14 -65.81
C SER P 59 24.66 -90.86 -65.56
N LYS P 60 25.73 -90.64 -66.32
CA LYS P 60 26.47 -89.38 -66.23
C LYS P 60 25.63 -88.20 -66.70
N MET P 61 24.63 -88.44 -67.55
CA MET P 61 23.78 -87.39 -68.09
C MET P 61 22.41 -87.31 -67.43
N VAL P 62 21.82 -88.43 -67.03
CA VAL P 62 20.54 -88.37 -66.32
C VAL P 62 20.78 -88.08 -64.84
N GLY P 63 21.92 -88.53 -64.30
CA GLY P 63 22.30 -88.10 -62.97
C GLY P 63 22.57 -86.61 -62.91
N ALA P 64 23.12 -86.04 -63.98
CA ALA P 64 23.25 -84.60 -64.08
C ALA P 64 21.90 -83.95 -64.39
N GLY P 65 21.08 -84.61 -65.21
CA GLY P 65 19.74 -84.10 -65.49
C GLY P 65 18.83 -84.15 -64.27
N CYS P 66 19.12 -85.04 -63.34
CA CYS P 66 18.47 -85.02 -62.04
C CYS P 66 19.17 -84.07 -61.07
N ALA P 67 20.39 -83.65 -61.39
CA ALA P 67 21.14 -82.75 -60.52
C ALA P 67 20.78 -81.29 -60.72
N THR P 68 20.34 -80.92 -61.92
CA THR P 68 20.02 -79.53 -62.24
C THR P 68 18.65 -79.10 -61.71
N ILE P 69 17.91 -79.98 -61.05
CA ILE P 69 16.59 -79.62 -60.53
C ILE P 69 16.69 -78.64 -59.37
N ALA P 70 17.84 -78.59 -58.68
CA ALA P 70 18.05 -77.66 -57.57
C ALA P 70 18.14 -76.20 -58.01
N LEU P 71 18.17 -75.95 -59.32
CA LEU P 71 18.13 -74.59 -59.84
C LEU P 71 16.80 -73.90 -59.53
N ALA P 72 15.73 -74.69 -59.38
CA ALA P 72 14.39 -74.14 -59.24
C ALA P 72 14.22 -73.41 -57.93
N GLY P 73 14.51 -74.08 -56.82
CA GLY P 73 14.37 -73.45 -55.52
C GLY P 73 15.36 -72.34 -55.27
N VAL P 74 16.51 -72.38 -55.95
CA VAL P 74 17.37 -71.22 -56.01
C VAL P 74 16.64 -70.07 -56.70
N GLY P 75 16.01 -70.35 -57.85
CA GLY P 75 15.22 -69.35 -58.53
C GLY P 75 13.95 -68.97 -57.78
N ALA P 76 13.45 -69.87 -56.94
CA ALA P 76 12.40 -69.49 -56.01
C ALA P 76 12.92 -68.51 -54.97
N GLY P 77 14.17 -68.70 -54.54
CA GLY P 77 14.77 -67.75 -53.60
C GLY P 77 15.06 -66.40 -54.24
N LEU P 78 15.33 -66.38 -55.54
CA LEU P 78 15.59 -65.11 -56.22
C LEU P 78 14.33 -64.26 -56.28
N GLY P 79 13.21 -64.86 -56.67
CA GLY P 79 12.00 -64.08 -56.91
C GLY P 79 11.35 -63.58 -55.64
N VAL P 80 11.56 -64.28 -54.53
CA VAL P 80 10.96 -63.81 -53.28
C VAL P 80 11.76 -62.65 -52.71
N MET P 81 13.08 -62.64 -52.92
CA MET P 81 13.88 -61.52 -52.46
C MET P 81 13.71 -60.32 -53.38
N PHE P 82 13.57 -60.59 -54.68
CA PHE P 82 13.33 -59.50 -55.61
C PHE P 82 11.89 -59.02 -55.59
N GLY P 83 10.99 -59.80 -54.96
CA GLY P 83 9.67 -59.27 -54.67
C GLY P 83 9.68 -58.36 -53.47
N SER P 84 10.52 -58.65 -52.49
CA SER P 84 10.60 -57.82 -51.30
C SER P 84 11.30 -56.50 -51.57
N LEU P 85 12.17 -56.48 -52.59
CA LEU P 85 12.80 -55.23 -53.00
C LEU P 85 11.77 -54.26 -53.58
N ILE P 86 10.82 -54.78 -54.36
CA ILE P 86 9.82 -53.92 -55.00
C ILE P 86 8.87 -53.37 -53.96
N ASN P 87 8.33 -54.23 -53.09
CA ASN P 87 7.43 -53.74 -52.04
C ASN P 87 8.19 -52.94 -50.99
N GLY P 88 9.45 -53.28 -50.73
CA GLY P 88 10.25 -52.49 -49.83
C GLY P 88 10.62 -51.13 -50.35
N ALA P 89 10.73 -50.98 -51.67
CA ALA P 89 10.93 -49.65 -52.25
C ALA P 89 9.62 -48.91 -52.41
N ALA P 90 8.50 -49.63 -52.50
CA ALA P 90 7.21 -49.00 -52.62
C ALA P 90 6.72 -48.41 -51.31
N ARG P 91 7.33 -48.74 -50.18
CA ARG P 91 7.03 -48.03 -48.95
C ARG P 91 7.64 -46.64 -48.98
N ASN P 92 8.96 -46.55 -49.00
CA ASN P 92 9.66 -45.28 -49.16
C ASN P 92 10.70 -45.38 -50.27
N PRO P 93 10.51 -44.68 -51.39
CA PRO P 93 11.49 -44.74 -52.49
C PRO P 93 12.79 -44.01 -52.23
N ASN P 94 13.01 -43.46 -51.04
CA ASN P 94 14.24 -42.76 -50.75
C ASN P 94 15.40 -43.73 -50.55
N ILE P 95 15.13 -44.92 -50.02
CA ILE P 95 16.18 -45.89 -49.75
C ILE P 95 16.13 -47.02 -50.76
N ALA P 96 15.52 -46.78 -51.93
CA ALA P 96 15.47 -47.79 -52.98
C ALA P 96 16.85 -48.06 -53.59
N LYS P 97 17.74 -47.08 -53.54
CA LYS P 97 19.11 -47.30 -53.97
C LYS P 97 19.90 -48.08 -52.91
N GLN P 98 19.62 -47.80 -51.63
CA GLN P 98 20.35 -48.48 -50.56
C GLN P 98 19.88 -49.91 -50.38
N LEU P 99 18.58 -50.15 -50.61
CA LEU P 99 18.07 -51.51 -50.49
C LEU P 99 18.58 -52.39 -51.62
N VAL P 100 18.75 -51.83 -52.81
CA VAL P 100 19.44 -52.54 -53.89
C VAL P 100 20.89 -52.80 -53.49
N GLY P 101 21.50 -51.85 -52.77
CA GLY P 101 22.82 -52.09 -52.18
C GLY P 101 22.80 -53.12 -51.07
N TYR P 102 21.61 -53.42 -50.54
CA TYR P 102 21.42 -54.61 -49.71
C TYR P 102 20.87 -55.79 -50.49
N ALA P 103 20.18 -55.55 -51.61
CA ALA P 103 19.63 -56.67 -52.38
C ALA P 103 20.72 -57.40 -53.16
N LEU P 104 21.72 -56.68 -53.65
CA LEU P 104 22.81 -57.33 -54.36
C LEU P 104 23.73 -58.06 -53.41
N LEU P 105 23.61 -57.81 -52.11
CA LEU P 105 24.24 -58.68 -51.13
C LEU P 105 23.58 -60.05 -51.13
N GLY P 106 22.25 -60.09 -51.10
CA GLY P 106 21.56 -61.36 -51.09
C GLY P 106 21.55 -62.07 -52.43
N PHE P 107 21.56 -61.29 -53.52
CA PHE P 107 21.52 -61.87 -54.87
C PHE P 107 22.80 -62.63 -55.17
N ALA P 108 23.95 -62.01 -54.95
CA ALA P 108 25.22 -62.67 -55.22
C ALA P 108 25.61 -63.67 -54.15
N LEU P 109 24.90 -63.70 -53.02
CA LEU P 109 25.11 -64.77 -52.06
C LEU P 109 24.22 -65.96 -52.33
N THR P 110 23.20 -65.79 -53.18
CA THR P 110 22.46 -66.92 -53.73
C THR P 110 23.11 -67.48 -54.99
N GLU P 111 23.87 -66.67 -55.74
CA GLU P 111 24.59 -67.18 -56.90
C GLU P 111 25.79 -68.04 -56.51
N SER P 112 26.21 -68.00 -55.23
CA SER P 112 27.13 -69.01 -54.74
C SER P 112 26.48 -70.39 -54.78
N ILE P 113 25.18 -70.46 -54.52
CA ILE P 113 24.49 -71.73 -54.53
C ILE P 113 24.08 -72.12 -55.94
N ALA P 114 23.89 -71.13 -56.83
CA ALA P 114 23.68 -71.44 -58.24
C ALA P 114 24.96 -71.96 -58.89
N LEU P 115 26.11 -71.55 -58.39
CA LEU P 115 27.38 -72.08 -58.85
C LEU P 115 27.83 -73.31 -58.09
N PHE P 116 27.35 -73.50 -56.85
CA PHE P 116 27.48 -74.82 -56.23
C PHE P 116 26.69 -75.87 -57.00
N SER P 117 25.55 -75.48 -57.56
CA SER P 117 24.72 -76.43 -58.29
C SER P 117 25.39 -76.86 -59.58
N LEU P 118 25.89 -75.90 -60.37
CA LEU P 118 26.50 -76.23 -61.65
C LEU P 118 27.83 -76.96 -61.46
N LEU P 119 28.51 -76.75 -60.34
CA LEU P 119 29.79 -77.42 -60.12
C LEU P 119 29.60 -78.88 -59.73
N VAL P 120 28.59 -79.17 -58.91
CA VAL P 120 28.20 -80.56 -58.66
C VAL P 120 27.69 -81.18 -59.95
N VAL P 121 26.98 -80.40 -60.78
CA VAL P 121 26.61 -80.85 -62.11
C VAL P 121 27.85 -81.10 -62.96
N PHE P 122 28.76 -80.14 -63.03
CA PHE P 122 29.91 -80.31 -63.92
C PHE P 122 31.06 -81.07 -63.28
N LEU P 123 30.85 -81.69 -62.12
CA LEU P 123 31.75 -82.74 -61.67
C LEU P 123 31.23 -84.12 -62.07
N ILE P 124 29.92 -84.28 -62.22
CA ILE P 124 29.34 -85.53 -62.67
C ILE P 124 28.82 -85.44 -64.10
N LEU P 125 29.23 -84.43 -64.85
CA LEU P 125 28.95 -84.34 -66.28
C LEU P 125 30.19 -84.50 -67.11
N PHE P 126 31.27 -83.81 -66.74
CA PHE P 126 32.55 -83.95 -67.41
C PHE P 126 33.49 -84.92 -66.67
N ALA P 127 33.02 -85.54 -65.59
CA ALA P 127 33.80 -86.56 -64.87
C ALA P 127 32.86 -87.50 -64.13
N SER Q 54 21.60 -99.52 -77.12
CA SER Q 54 20.87 -98.33 -77.59
C SER Q 54 20.25 -97.57 -76.42
N VAL Q 55 21.05 -97.36 -75.36
CA VAL Q 55 20.55 -96.71 -74.16
C VAL Q 55 21.06 -95.28 -73.99
N LEU Q 56 22.14 -94.90 -74.69
CA LEU Q 56 22.78 -93.62 -74.44
C LEU Q 56 21.97 -92.47 -75.01
N ALA Q 57 21.54 -92.61 -76.27
CA ALA Q 57 20.70 -91.59 -76.88
C ALA Q 57 19.28 -91.59 -76.31
N ALA Q 58 18.82 -92.73 -75.79
CA ALA Q 58 17.49 -92.78 -75.20
C ALA Q 58 17.46 -92.10 -73.84
N SER Q 59 18.55 -92.19 -73.09
CA SER Q 59 18.60 -91.59 -71.76
C SER Q 59 18.64 -90.07 -71.79
N LYS Q 60 19.00 -89.48 -72.93
CA LYS Q 60 19.00 -88.03 -73.06
C LYS Q 60 17.58 -87.48 -73.06
N MET Q 61 16.60 -88.30 -73.45
CA MET Q 61 15.21 -87.83 -73.49
C MET Q 61 14.65 -87.64 -72.10
N VAL Q 62 14.92 -88.59 -71.19
CA VAL Q 62 14.36 -88.49 -69.85
C VAL Q 62 15.13 -87.47 -69.02
N GLY Q 63 16.46 -87.44 -69.16
CA GLY Q 63 17.27 -86.58 -68.31
C GLY Q 63 17.08 -85.11 -68.61
N ALA Q 64 16.95 -84.76 -69.89
CA ALA Q 64 16.64 -83.37 -70.26
C ALA Q 64 15.21 -83.01 -69.91
N GLY Q 65 14.33 -84.00 -69.81
CA GLY Q 65 13.00 -83.74 -69.29
C GLY Q 65 13.03 -83.37 -67.81
N CYS Q 66 13.81 -84.10 -67.03
CA CYS Q 66 14.01 -83.74 -65.63
C CYS Q 66 14.83 -82.46 -65.47
N ALA Q 67 15.50 -81.99 -66.53
CA ALA Q 67 16.09 -80.66 -66.50
C ALA Q 67 15.04 -79.56 -66.60
N THR Q 68 13.85 -79.86 -67.12
CA THR Q 68 12.82 -78.84 -67.30
C THR Q 68 12.10 -78.54 -65.99
N ILE Q 69 12.28 -79.39 -64.97
CA ILE Q 69 11.69 -79.15 -63.66
C ILE Q 69 12.31 -77.91 -63.02
N ALA Q 70 13.56 -77.60 -63.37
CA ALA Q 70 14.27 -76.45 -62.81
C ALA Q 70 13.64 -75.11 -63.17
N LEU Q 71 12.78 -75.06 -64.20
CA LEU Q 71 12.11 -73.81 -64.52
C LEU Q 71 10.91 -73.54 -63.62
N ALA Q 72 10.49 -74.53 -62.82
CA ALA Q 72 9.28 -74.38 -62.02
C ALA Q 72 9.46 -73.35 -60.91
N GLY Q 73 10.52 -73.51 -60.11
CA GLY Q 73 10.79 -72.55 -59.06
C GLY Q 73 11.20 -71.19 -59.57
N VAL Q 74 11.83 -71.14 -60.74
CA VAL Q 74 12.11 -69.85 -61.35
C VAL Q 74 10.81 -69.25 -61.89
N GLY Q 75 9.89 -70.10 -62.33
CA GLY Q 75 8.53 -69.63 -62.56
C GLY Q 75 7.85 -69.23 -61.28
N ALA Q 76 8.09 -70.01 -60.21
CA ALA Q 76 7.55 -69.64 -58.90
C ALA Q 76 8.22 -68.39 -58.35
N GLY Q 77 9.50 -68.20 -58.69
CA GLY Q 77 10.14 -66.94 -58.34
C GLY Q 77 9.58 -65.77 -59.13
N LEU Q 78 9.30 -65.99 -60.41
CA LEU Q 78 8.73 -64.92 -61.22
C LEU Q 78 7.29 -64.62 -60.83
N GLY Q 79 6.57 -65.61 -60.32
CA GLY Q 79 5.21 -65.37 -59.90
C GLY Q 79 5.11 -64.57 -58.62
N VAL Q 80 6.08 -64.72 -57.72
CA VAL Q 80 6.05 -64.04 -56.43
C VAL Q 80 6.34 -62.55 -56.60
N MET Q 81 7.38 -62.22 -57.36
CA MET Q 81 7.77 -60.81 -57.52
C MET Q 81 6.74 -60.04 -58.33
N PHE Q 82 6.16 -60.67 -59.35
CA PHE Q 82 5.15 -60.01 -60.15
C PHE Q 82 3.83 -59.86 -59.41
N GLY Q 83 3.65 -60.57 -58.29
CA GLY Q 83 2.53 -60.30 -57.41
C GLY Q 83 2.83 -59.12 -56.51
N SER Q 84 4.09 -59.04 -56.05
CA SER Q 84 4.53 -57.88 -55.28
C SER Q 84 4.55 -56.61 -56.10
N LEU Q 85 4.67 -56.73 -57.42
CA LEU Q 85 4.55 -55.57 -58.29
C LEU Q 85 3.11 -55.09 -58.39
N ILE Q 86 2.16 -55.97 -58.10
CA ILE Q 86 0.78 -55.51 -57.94
C ILE Q 86 0.60 -54.85 -56.58
N ASN Q 87 1.13 -55.48 -55.53
CA ASN Q 87 1.01 -54.92 -54.19
C ASN Q 87 1.82 -53.66 -54.04
N GLY Q 88 3.02 -53.62 -54.63
CA GLY Q 88 3.87 -52.45 -54.51
C GLY Q 88 3.33 -51.26 -55.26
N ALA Q 89 2.87 -51.47 -56.49
CA ALA Q 89 2.21 -50.40 -57.23
C ALA Q 89 0.78 -50.15 -56.77
N ALA Q 90 0.25 -50.98 -55.87
CA ALA Q 90 -0.96 -50.57 -55.17
C ALA Q 90 -0.64 -49.50 -54.13
N ARG Q 91 0.53 -49.59 -53.50
CA ARG Q 91 0.86 -48.70 -52.39
C ARG Q 91 1.19 -47.29 -52.88
N ASN Q 92 2.24 -47.16 -53.70
CA ASN Q 92 2.80 -45.87 -54.10
C ASN Q 92 2.68 -45.76 -55.62
N PRO Q 93 1.48 -45.47 -56.13
CA PRO Q 93 1.15 -45.80 -57.52
C PRO Q 93 1.85 -44.95 -58.57
N ASN Q 94 2.38 -43.78 -58.21
CA ASN Q 94 2.90 -42.90 -59.25
C ASN Q 94 4.34 -43.26 -59.62
N ILE Q 95 5.07 -43.89 -58.72
CA ILE Q 95 6.45 -44.29 -58.97
C ILE Q 95 6.44 -45.79 -59.30
N ALA Q 96 5.30 -46.26 -59.81
CA ALA Q 96 5.21 -47.62 -60.33
C ALA Q 96 6.11 -47.85 -61.55
N LYS Q 97 6.47 -46.78 -62.26
CA LYS Q 97 7.42 -46.91 -63.35
C LYS Q 97 8.80 -47.31 -62.85
N GLN Q 98 9.17 -46.86 -61.65
CA GLN Q 98 10.45 -47.24 -61.07
C GLN Q 98 10.38 -48.59 -60.38
N LEU Q 99 9.17 -49.04 -60.03
CA LEU Q 99 9.01 -50.41 -59.53
C LEU Q 99 9.05 -51.41 -60.68
N VAL Q 100 8.44 -51.07 -61.82
CA VAL Q 100 8.65 -51.91 -63.01
C VAL Q 100 10.00 -51.61 -63.64
N GLY Q 101 10.62 -50.48 -63.31
CA GLY Q 101 12.02 -50.29 -63.61
C GLY Q 101 12.93 -51.21 -62.84
N TYR Q 102 12.48 -51.69 -61.68
CA TYR Q 102 13.18 -52.72 -60.93
C TYR Q 102 12.66 -54.12 -61.25
N ALA Q 103 11.50 -54.23 -61.91
CA ALA Q 103 11.01 -55.55 -62.27
C ALA Q 103 11.82 -56.18 -63.38
N LEU Q 104 12.34 -55.36 -64.30
CA LEU Q 104 13.22 -55.88 -65.34
C LEU Q 104 14.56 -56.34 -64.76
N LEU Q 105 14.98 -55.74 -63.64
CA LEU Q 105 16.13 -56.28 -62.90
C LEU Q 105 15.82 -57.67 -62.39
N GLY Q 106 14.65 -57.83 -61.76
CA GLY Q 106 14.26 -59.13 -61.24
C GLY Q 106 13.89 -60.12 -62.32
N PHE Q 107 13.36 -59.63 -63.45
CA PHE Q 107 13.01 -60.53 -64.54
C PHE Q 107 14.24 -61.14 -65.17
N ALA Q 108 15.20 -60.31 -65.57
CA ALA Q 108 16.42 -60.76 -66.19
C ALA Q 108 17.36 -61.47 -65.23
N LEU Q 109 17.12 -61.39 -63.91
CA LEU Q 109 17.95 -62.13 -62.97
C LEU Q 109 17.31 -63.46 -62.57
N THR Q 110 15.98 -63.55 -62.63
CA THR Q 110 15.35 -64.86 -62.68
C THR Q 110 15.74 -65.58 -63.96
N GLU Q 111 15.72 -64.87 -65.08
CA GLU Q 111 16.15 -65.48 -66.33
C GLU Q 111 17.66 -65.58 -66.46
N SER Q 112 18.42 -65.06 -65.50
CA SER Q 112 19.86 -65.26 -65.50
C SER Q 112 20.22 -66.71 -65.31
N ILE Q 113 19.68 -67.35 -64.27
CA ILE Q 113 19.92 -68.78 -64.09
C ILE Q 113 18.94 -69.64 -64.89
N ALA Q 114 17.92 -69.04 -65.49
CA ALA Q 114 17.12 -69.79 -66.45
C ALA Q 114 17.88 -69.97 -67.77
N LEU Q 115 18.88 -69.13 -68.03
CA LEU Q 115 19.80 -69.42 -69.13
C LEU Q 115 20.85 -70.46 -68.73
N PHE Q 116 21.07 -70.66 -67.42
CA PHE Q 116 21.83 -71.83 -66.99
C PHE Q 116 21.03 -73.10 -67.21
N SER Q 117 19.70 -72.99 -67.23
CA SER Q 117 18.86 -74.17 -67.40
C SER Q 117 18.98 -74.75 -68.81
N LEU Q 118 18.70 -73.93 -69.83
CA LEU Q 118 18.70 -74.46 -71.19
C LEU Q 118 20.12 -74.68 -71.71
N LEU Q 119 21.13 -74.17 -71.02
CA LEU Q 119 22.51 -74.54 -71.31
C LEU Q 119 22.74 -76.03 -71.06
N VAL Q 120 22.30 -76.52 -69.91
CA VAL Q 120 22.43 -77.93 -69.59
C VAL Q 120 21.53 -78.77 -70.48
N VAL Q 121 20.41 -78.18 -70.95
CA VAL Q 121 19.52 -78.86 -71.88
C VAL Q 121 20.20 -79.13 -73.22
N PHE Q 122 20.67 -78.07 -73.88
CA PHE Q 122 21.23 -78.24 -75.21
C PHE Q 122 22.68 -78.70 -75.20
N LEU Q 123 23.26 -78.99 -74.03
CA LEU Q 123 24.58 -79.61 -73.99
C LEU Q 123 24.50 -81.12 -73.81
N ILE Q 124 23.37 -81.63 -73.32
CA ILE Q 124 23.19 -83.08 -73.21
C ILE Q 124 22.33 -83.62 -74.33
N LEU Q 125 21.67 -82.77 -75.11
CA LEU Q 125 20.76 -83.20 -76.16
C LEU Q 125 21.45 -83.31 -77.51
N PHE Q 126 22.10 -82.24 -77.96
CA PHE Q 126 22.75 -82.21 -79.26
C PHE Q 126 24.23 -81.90 -79.19
N ALA Q 127 24.79 -81.77 -77.98
CA ALA Q 127 26.20 -81.39 -77.85
C ALA Q 127 26.95 -82.33 -76.93
N SER R 54 11.42 -100.71 -78.74
CA SER R 54 11.85 -99.37 -79.15
C SER R 54 12.10 -98.50 -77.93
N VAL R 55 13.24 -98.71 -77.28
CA VAL R 55 13.56 -98.00 -76.05
C VAL R 55 13.91 -96.54 -76.32
N LEU R 56 14.25 -96.19 -77.55
CA LEU R 56 14.54 -94.80 -77.89
C LEU R 56 13.26 -93.98 -77.91
N ALA R 57 12.29 -94.38 -78.73
CA ALA R 57 11.03 -93.64 -78.85
C ALA R 57 10.12 -93.84 -77.66
N ALA R 58 10.36 -94.85 -76.84
CA ALA R 58 9.62 -94.96 -75.58
C ALA R 58 10.15 -93.96 -74.55
N SER R 59 11.45 -93.70 -74.58
CA SER R 59 12.04 -92.75 -73.65
C SER R 59 11.65 -91.32 -73.96
N LYS R 60 11.21 -91.06 -75.20
CA LYS R 60 10.69 -89.74 -75.58
C LYS R 60 9.45 -89.37 -74.77
N MET R 61 8.64 -90.35 -74.41
CA MET R 61 7.33 -90.06 -73.82
C MET R 61 7.43 -89.55 -72.39
N VAL R 62 8.05 -90.34 -71.51
CA VAL R 62 8.11 -89.93 -70.12
C VAL R 62 9.12 -88.82 -69.91
N GLY R 63 10.09 -88.68 -70.82
CA GLY R 63 10.93 -87.49 -70.81
C GLY R 63 10.15 -86.24 -71.15
N ALA R 64 9.26 -86.34 -72.14
CA ALA R 64 8.28 -85.30 -72.39
C ALA R 64 7.11 -85.37 -71.43
N GLY R 65 7.04 -86.41 -70.61
CA GLY R 65 6.13 -86.40 -69.48
C GLY R 65 6.74 -85.63 -68.33
N CYS R 66 7.96 -86.04 -67.91
CA CYS R 66 8.66 -85.42 -66.79
C CYS R 66 9.25 -84.08 -67.12
N ALA R 67 8.96 -83.46 -68.27
CA ALA R 67 9.35 -82.09 -68.53
C ALA R 67 8.22 -81.11 -68.28
N THR R 68 7.02 -81.59 -68.02
CA THR R 68 5.83 -80.75 -68.00
C THR R 68 5.50 -80.18 -66.63
N ILE R 69 6.21 -80.58 -65.57
CA ILE R 69 5.81 -80.16 -64.23
C ILE R 69 6.27 -78.74 -63.94
N ALA R 70 7.02 -78.11 -64.84
CA ALA R 70 7.34 -76.69 -64.71
C ALA R 70 6.11 -75.81 -64.80
N LEU R 71 5.04 -76.28 -65.46
CA LEU R 71 3.78 -75.55 -65.48
C LEU R 71 3.09 -75.52 -64.12
N ALA R 72 3.43 -76.44 -63.21
CA ALA R 72 3.01 -76.27 -61.83
C ALA R 72 3.72 -75.10 -61.19
N GLY R 73 4.99 -74.89 -61.56
CA GLY R 73 5.74 -73.78 -61.00
C GLY R 73 5.29 -72.43 -61.54
N VAL R 74 4.86 -72.40 -62.80
CA VAL R 74 4.19 -71.20 -63.28
C VAL R 74 2.76 -71.15 -62.74
N GLY R 75 2.11 -72.31 -62.64
CA GLY R 75 0.75 -72.35 -62.12
C GLY R 75 0.65 -72.01 -60.65
N ALA R 76 1.70 -72.33 -59.88
CA ALA R 76 1.79 -71.77 -58.53
C ALA R 76 2.05 -70.27 -58.59
N GLY R 77 2.99 -69.84 -59.43
CA GLY R 77 3.34 -68.44 -59.50
C GLY R 77 2.25 -67.55 -60.09
N LEU R 78 1.44 -68.10 -60.99
CA LEU R 78 0.34 -67.33 -61.53
C LEU R 78 -0.75 -67.11 -60.48
N GLY R 79 -0.98 -68.12 -59.63
CA GLY R 79 -2.04 -68.00 -58.65
C GLY R 79 -1.74 -66.98 -57.57
N VAL R 80 -0.48 -66.87 -57.18
CA VAL R 80 -0.13 -65.87 -56.17
C VAL R 80 -0.15 -64.48 -56.79
N MET R 81 0.09 -64.38 -58.10
CA MET R 81 0.01 -63.08 -58.76
C MET R 81 -1.44 -62.65 -58.92
N PHE R 82 -2.33 -63.61 -59.20
CA PHE R 82 -3.75 -63.29 -59.27
C PHE R 82 -4.34 -63.10 -57.88
N GLY R 83 -3.71 -63.68 -56.87
CA GLY R 83 -4.13 -63.41 -55.51
C GLY R 83 -3.85 -61.98 -55.09
N SER R 84 -2.67 -61.47 -55.47
CA SER R 84 -2.31 -60.11 -55.12
C SER R 84 -3.14 -59.09 -55.88
N LEU R 85 -3.63 -59.45 -57.07
CA LEU R 85 -4.51 -58.55 -57.81
C LEU R 85 -5.83 -58.36 -57.08
N ILE R 86 -6.34 -59.41 -56.44
CA ILE R 86 -7.50 -59.24 -55.57
C ILE R 86 -7.11 -58.43 -54.34
N ASN R 87 -5.91 -58.65 -53.80
CA ASN R 87 -5.45 -57.86 -52.66
C ASN R 87 -5.13 -56.43 -53.08
N GLY R 88 -4.55 -56.25 -54.27
CA GLY R 88 -4.25 -54.90 -54.73
C GLY R 88 -5.48 -54.08 -55.02
N ALA R 89 -6.58 -54.72 -55.38
CA ALA R 89 -7.82 -53.99 -55.62
C ALA R 89 -8.63 -53.83 -54.34
N ALA R 90 -8.43 -54.70 -53.36
CA ALA R 90 -9.18 -54.60 -52.12
C ALA R 90 -8.69 -53.49 -51.20
N ARG R 91 -7.51 -52.92 -51.47
CA ARG R 91 -7.02 -51.83 -50.63
C ARG R 91 -7.39 -50.46 -51.21
N ASN R 92 -7.10 -50.24 -52.49
CA ASN R 92 -7.41 -48.98 -53.15
C ASN R 92 -8.17 -49.27 -54.44
N PRO R 93 -9.51 -49.34 -54.37
CA PRO R 93 -10.31 -49.83 -55.50
C PRO R 93 -10.48 -48.86 -56.65
N ASN R 94 -9.88 -47.67 -56.54
CA ASN R 94 -10.07 -46.62 -57.53
C ASN R 94 -8.92 -46.52 -58.52
N ILE R 95 -7.88 -47.35 -58.37
CA ILE R 95 -6.74 -47.29 -59.26
C ILE R 95 -6.78 -48.58 -60.07
N ALA R 96 -7.99 -49.09 -60.29
CA ALA R 96 -8.19 -50.46 -60.75
C ALA R 96 -7.72 -50.67 -62.18
N LYS R 97 -7.72 -49.62 -63.01
CA LYS R 97 -7.35 -49.80 -64.40
C LYS R 97 -5.85 -49.86 -64.59
N GLN R 98 -5.08 -49.23 -63.70
CA GLN R 98 -3.63 -49.32 -63.83
C GLN R 98 -3.07 -50.60 -63.20
N LEU R 99 -3.67 -51.06 -62.11
CA LEU R 99 -3.10 -52.18 -61.36
C LEU R 99 -3.25 -53.49 -62.11
N VAL R 100 -4.44 -53.75 -62.66
CA VAL R 100 -4.61 -54.88 -63.55
C VAL R 100 -3.84 -54.67 -64.85
N GLY R 101 -3.63 -53.41 -65.24
CA GLY R 101 -2.79 -53.12 -66.39
C GLY R 101 -1.34 -53.52 -66.18
N TYR R 102 -0.87 -53.48 -64.95
CA TYR R 102 0.45 -54.05 -64.66
C TYR R 102 0.37 -55.55 -64.44
N ALA R 103 -0.83 -56.10 -64.25
CA ALA R 103 -0.99 -57.54 -64.12
C ALA R 103 -0.99 -58.25 -65.48
N LEU R 104 -1.34 -57.54 -66.54
CA LEU R 104 -1.36 -58.17 -67.86
C LEU R 104 0.05 -58.37 -68.40
N LEU R 105 0.98 -57.47 -68.07
CA LEU R 105 2.37 -57.72 -68.40
C LEU R 105 2.97 -58.82 -67.52
N GLY R 106 2.44 -58.98 -66.30
CA GLY R 106 2.98 -59.98 -65.40
C GLY R 106 2.66 -61.40 -65.84
N PHE R 107 1.38 -61.66 -66.17
CA PHE R 107 0.97 -63.00 -66.59
C PHE R 107 1.59 -63.38 -67.92
N ALA R 108 1.78 -62.39 -68.80
CA ALA R 108 2.34 -62.68 -70.12
C ALA R 108 3.82 -63.00 -70.02
N LEU R 109 4.59 -62.23 -69.25
CA LEU R 109 6.02 -62.44 -69.18
C LEU R 109 6.40 -63.63 -68.30
N THR R 110 5.52 -64.03 -67.38
CA THR R 110 5.71 -65.29 -66.67
C THR R 110 5.42 -66.48 -67.58
N GLU R 111 4.49 -66.30 -68.54
CA GLU R 111 4.16 -67.32 -69.53
C GLU R 111 5.31 -67.57 -70.51
N SER R 112 6.34 -66.72 -70.51
CA SER R 112 7.57 -67.03 -71.23
C SER R 112 8.22 -68.30 -70.70
N ILE R 113 8.08 -68.58 -69.40
CA ILE R 113 8.56 -69.85 -68.85
C ILE R 113 7.67 -70.99 -69.31
N ALA R 114 6.37 -70.73 -69.51
CA ALA R 114 5.48 -71.78 -69.97
C ALA R 114 5.77 -72.16 -71.43
N LEU R 115 6.17 -71.18 -72.24
CA LEU R 115 6.57 -71.51 -73.61
C LEU R 115 8.00 -72.06 -73.66
N PHE R 116 8.89 -71.56 -72.80
CA PHE R 116 10.26 -72.07 -72.79
C PHE R 116 10.35 -73.45 -72.15
N SER R 117 9.33 -73.88 -71.41
CA SER R 117 9.29 -75.26 -70.97
C SER R 117 8.70 -76.16 -72.04
N LEU R 118 7.56 -75.76 -72.61
CA LEU R 118 6.84 -76.61 -73.55
C LEU R 118 7.53 -76.75 -74.90
N LEU R 119 8.44 -75.85 -75.25
CA LEU R 119 9.25 -76.09 -76.44
C LEU R 119 10.22 -77.23 -76.21
N VAL R 120 10.74 -77.34 -74.99
CA VAL R 120 11.65 -78.44 -74.67
C VAL R 120 10.88 -79.74 -74.52
N VAL R 121 9.60 -79.66 -74.15
CA VAL R 121 8.73 -80.84 -74.19
C VAL R 121 8.57 -81.33 -75.62
N PHE R 122 8.20 -80.42 -76.53
CA PHE R 122 7.96 -80.80 -77.90
C PHE R 122 9.26 -80.98 -78.71
N LEU R 123 10.42 -80.65 -78.13
CA LEU R 123 11.68 -80.96 -78.79
C LEU R 123 12.11 -82.39 -78.50
N ILE R 124 11.78 -82.92 -77.31
CA ILE R 124 12.05 -84.31 -77.02
C ILE R 124 10.81 -85.18 -77.18
N LEU R 125 9.69 -84.61 -77.63
CA LEU R 125 8.57 -85.41 -78.10
C LEU R 125 8.57 -85.52 -79.62
N PHE R 126 8.49 -84.39 -80.31
CA PHE R 126 8.26 -84.38 -81.75
C PHE R 126 9.43 -83.78 -82.51
N ALA R 127 10.65 -84.13 -82.12
CA ALA R 127 11.84 -83.74 -82.87
C ALA R 127 12.96 -84.75 -82.66
N SER S 54 4.06 -102.71 -76.83
CA SER S 54 3.78 -102.65 -75.39
C SER S 54 4.90 -101.95 -74.64
N VAL S 55 6.14 -102.23 -75.05
CA VAL S 55 7.29 -101.61 -74.39
C VAL S 55 7.37 -100.12 -74.69
N LEU S 56 6.87 -99.70 -75.85
CA LEU S 56 6.63 -98.28 -76.05
C LEU S 56 5.47 -97.81 -75.19
N ALA S 57 4.38 -98.57 -75.17
CA ALA S 57 3.16 -98.16 -74.47
C ALA S 57 3.32 -98.22 -72.96
N ALA S 58 4.28 -99.01 -72.47
CA ALA S 58 4.57 -99.02 -71.04
C ALA S 58 5.11 -97.67 -70.58
N SER S 59 6.03 -97.09 -71.36
CA SER S 59 6.57 -95.78 -71.03
C SER S 59 5.55 -94.68 -71.26
N LYS S 60 4.67 -94.87 -72.26
CA LYS S 60 3.63 -93.89 -72.55
C LYS S 60 2.66 -93.75 -71.38
N MET S 61 2.39 -94.85 -70.69
CA MET S 61 1.44 -94.80 -69.59
C MET S 61 2.03 -94.12 -68.36
N VAL S 62 3.33 -94.31 -68.12
CA VAL S 62 3.99 -93.58 -67.05
C VAL S 62 4.45 -92.21 -67.53
N GLY S 63 4.35 -91.96 -68.84
CA GLY S 63 4.62 -90.63 -69.35
C GLY S 63 3.59 -89.62 -68.90
N ALA S 64 2.31 -89.92 -69.09
CA ALA S 64 1.27 -88.97 -68.73
C ALA S 64 1.03 -88.94 -67.23
N GLY S 65 1.27 -90.04 -66.53
CA GLY S 65 1.08 -90.05 -65.09
C GLY S 65 2.07 -89.16 -64.37
N CYS S 66 3.34 -89.23 -64.75
CA CYS S 66 4.35 -88.31 -64.22
C CYS S 66 4.13 -86.91 -64.75
N ALA S 67 3.46 -86.76 -65.89
CA ALA S 67 3.25 -85.43 -66.45
C ALA S 67 2.22 -84.64 -65.65
N THR S 68 1.18 -85.31 -65.16
CA THR S 68 0.08 -84.59 -64.53
C THR S 68 0.32 -84.27 -63.07
N ILE S 69 1.57 -84.28 -62.61
CA ILE S 69 1.90 -83.64 -61.35
C ILE S 69 1.73 -82.13 -61.48
N ALA S 70 1.85 -81.61 -62.71
CA ALA S 70 1.77 -80.17 -63.01
C ALA S 70 0.41 -79.54 -62.68
N LEU S 71 -0.61 -80.33 -62.35
CA LEU S 71 -1.86 -79.77 -61.87
C LEU S 71 -1.79 -79.35 -60.40
N ALA S 72 -0.77 -79.80 -59.67
CA ALA S 72 -0.68 -79.48 -58.24
C ALA S 72 -0.36 -78.01 -58.02
N GLY S 73 0.55 -77.45 -58.80
CA GLY S 73 0.87 -76.03 -58.66
C GLY S 73 -0.28 -75.15 -59.09
N VAL S 74 -1.00 -75.55 -60.14
CA VAL S 74 -2.24 -74.87 -60.48
C VAL S 74 -3.29 -75.19 -59.43
N GLY S 75 -3.25 -76.40 -58.86
CA GLY S 75 -4.09 -76.69 -57.71
C GLY S 75 -3.68 -75.92 -56.47
N ALA S 76 -2.43 -75.48 -56.40
CA ALA S 76 -2.03 -74.55 -55.35
C ALA S 76 -2.30 -73.11 -55.76
N GLY S 77 -2.14 -72.79 -57.04
CA GLY S 77 -2.43 -71.44 -57.51
C GLY S 77 -3.91 -71.11 -57.47
N LEU S 78 -4.77 -72.12 -57.65
CA LEU S 78 -6.21 -71.93 -57.52
C LEU S 78 -6.60 -71.56 -56.10
N GLY S 79 -5.88 -72.10 -55.11
CA GLY S 79 -6.25 -71.82 -53.74
C GLY S 79 -5.84 -70.44 -53.27
N VAL S 80 -4.62 -70.03 -53.60
CA VAL S 80 -4.08 -68.78 -53.05
C VAL S 80 -4.71 -67.58 -53.75
N MET S 81 -5.17 -67.75 -54.98
CA MET S 81 -5.89 -66.66 -55.64
C MET S 81 -7.24 -66.42 -54.97
N PHE S 82 -8.00 -67.48 -54.76
CA PHE S 82 -9.32 -67.33 -54.15
C PHE S 82 -9.26 -67.31 -52.64
N GLY S 83 -8.14 -67.69 -52.04
CA GLY S 83 -7.95 -67.43 -50.63
C GLY S 83 -7.81 -65.95 -50.36
N SER S 84 -7.19 -65.22 -51.30
CA SER S 84 -7.11 -63.77 -51.21
C SER S 84 -8.48 -63.14 -51.39
N LEU S 85 -9.35 -63.78 -52.17
CA LEU S 85 -10.66 -63.20 -52.48
C LEU S 85 -11.53 -63.12 -51.23
N ILE S 86 -11.41 -64.09 -50.33
CA ILE S 86 -12.19 -64.06 -49.09
C ILE S 86 -11.68 -62.95 -48.18
N ASN S 87 -10.38 -62.95 -47.89
CA ASN S 87 -9.83 -62.00 -46.95
C ASN S 87 -9.69 -60.61 -47.56
N GLY S 88 -9.72 -60.53 -48.90
CA GLY S 88 -9.81 -59.23 -49.54
C GLY S 88 -11.20 -58.64 -49.54
N ALA S 89 -12.23 -59.49 -49.63
CA ALA S 89 -13.59 -58.97 -49.62
C ALA S 89 -13.99 -58.45 -48.26
N ALA S 90 -13.45 -59.02 -47.19
CA ALA S 90 -13.68 -58.44 -45.87
C ALA S 90 -12.96 -57.11 -45.72
N ARG S 91 -11.91 -56.88 -46.50
CA ARG S 91 -11.31 -55.56 -46.58
C ARG S 91 -12.12 -54.62 -47.47
N ASN S 92 -12.82 -55.14 -48.49
CA ASN S 92 -13.54 -54.28 -49.43
C ASN S 92 -14.81 -54.95 -49.92
N PRO S 93 -15.91 -54.86 -49.14
CA PRO S 93 -17.10 -55.65 -49.46
C PRO S 93 -17.94 -55.13 -50.61
N ASN S 94 -17.90 -53.83 -50.91
CA ASN S 94 -18.81 -53.29 -51.91
C ASN S 94 -18.39 -53.65 -53.32
N ILE S 95 -17.10 -53.78 -53.56
CA ILE S 95 -16.58 -54.03 -54.91
C ILE S 95 -16.37 -55.53 -55.10
N ALA S 96 -17.00 -56.33 -54.25
CA ALA S 96 -16.83 -57.79 -54.29
C ALA S 96 -17.30 -58.39 -55.61
N LYS S 97 -18.26 -57.74 -56.27
CA LYS S 97 -18.63 -58.14 -57.61
C LYS S 97 -17.58 -57.72 -58.63
N GLN S 98 -16.86 -56.63 -58.37
CA GLN S 98 -15.76 -56.25 -59.25
C GLN S 98 -14.53 -57.12 -59.02
N LEU S 99 -14.29 -57.50 -57.76
CA LEU S 99 -13.18 -58.41 -57.45
C LEU S 99 -13.38 -59.78 -58.05
N VAL S 100 -14.61 -60.32 -57.93
CA VAL S 100 -14.95 -61.60 -58.54
C VAL S 100 -14.85 -61.50 -60.06
N GLY S 101 -15.20 -60.34 -60.63
CA GLY S 101 -14.95 -60.10 -62.03
C GLY S 101 -13.48 -60.04 -62.38
N TYR S 102 -12.63 -59.64 -61.43
CA TYR S 102 -11.19 -59.81 -61.61
C TYR S 102 -10.75 -61.23 -61.28
N ALA S 103 -11.51 -61.93 -60.44
CA ALA S 103 -11.08 -63.25 -59.97
C ALA S 103 -11.31 -64.33 -61.01
N LEU S 104 -12.55 -64.47 -61.47
CA LEU S 104 -12.86 -65.54 -62.42
C LEU S 104 -12.36 -65.24 -63.82
N LEU S 105 -12.00 -63.98 -64.11
CA LEU S 105 -11.17 -63.70 -65.27
C LEU S 105 -9.82 -64.37 -65.11
N GLY S 106 -9.28 -64.36 -63.90
CA GLY S 106 -8.04 -65.06 -63.64
C GLY S 106 -8.21 -66.56 -63.63
N PHE S 107 -9.40 -67.04 -63.22
CA PHE S 107 -9.63 -68.48 -63.14
C PHE S 107 -9.62 -69.13 -64.51
N ALA S 108 -10.28 -68.50 -65.49
CA ALA S 108 -10.14 -68.93 -66.87
C ALA S 108 -8.73 -68.67 -67.39
N LEU S 109 -8.04 -67.65 -66.85
CA LEU S 109 -6.65 -67.43 -67.21
C LEU S 109 -5.74 -68.43 -66.54
N THR S 110 -6.23 -69.17 -65.53
CA THR S 110 -5.50 -70.31 -64.98
C THR S 110 -6.02 -71.65 -65.44
N GLU S 111 -7.24 -71.72 -65.96
CA GLU S 111 -7.71 -72.99 -66.52
C GLU S 111 -7.06 -73.29 -67.86
N SER S 112 -6.76 -72.24 -68.64
CA SER S 112 -6.03 -72.41 -69.89
C SER S 112 -4.59 -72.85 -69.64
N ILE S 113 -4.03 -72.47 -68.49
CA ILE S 113 -2.71 -72.97 -68.12
C ILE S 113 -2.79 -74.42 -67.72
N ALA S 114 -3.86 -74.80 -67.01
CA ALA S 114 -4.07 -76.19 -66.66
C ALA S 114 -4.35 -77.04 -67.89
N LEU S 115 -5.05 -76.47 -68.88
CA LEU S 115 -5.30 -77.19 -70.12
C LEU S 115 -4.04 -77.33 -70.96
N PHE S 116 -3.08 -76.40 -70.81
CA PHE S 116 -1.77 -76.56 -71.44
C PHE S 116 -1.04 -77.77 -70.90
N SER S 117 -1.16 -78.01 -69.59
CA SER S 117 -0.66 -79.26 -69.04
C SER S 117 -1.55 -80.43 -69.46
N LEU S 118 -2.86 -80.21 -69.48
CA LEU S 118 -3.80 -81.27 -69.90
C LEU S 118 -3.69 -81.57 -71.37
N LEU S 119 -3.13 -80.66 -72.17
CA LEU S 119 -2.81 -80.97 -73.56
C LEU S 119 -1.76 -82.07 -73.63
N VAL S 120 -0.75 -82.00 -72.78
CA VAL S 120 0.32 -82.99 -72.84
C VAL S 120 -0.09 -84.26 -72.11
N VAL S 121 -1.16 -84.20 -71.30
CA VAL S 121 -1.71 -85.42 -70.70
C VAL S 121 -2.28 -86.33 -71.78
N PHE S 122 -3.21 -85.80 -72.57
CA PHE S 122 -3.97 -86.66 -73.47
C PHE S 122 -3.22 -86.98 -74.74
N LEU S 123 -2.29 -86.11 -75.15
CA LEU S 123 -1.57 -86.31 -76.40
C LEU S 123 -0.52 -87.41 -76.31
N ILE S 124 0.02 -87.66 -75.12
CA ILE S 124 1.06 -88.68 -75.01
C ILE S 124 0.45 -90.08 -75.03
N LEU S 125 -0.72 -90.26 -74.40
CA LEU S 125 -1.34 -91.58 -74.33
C LEU S 125 -1.88 -92.02 -75.69
N PHE S 126 -2.47 -91.11 -76.46
CA PHE S 126 -3.26 -91.48 -77.62
C PHE S 126 -2.81 -90.82 -78.92
N ALA S 127 -1.66 -90.13 -78.92
CA ALA S 127 -1.16 -89.49 -80.13
C ALA S 127 0.36 -89.36 -80.14
N SER T 54 1.90 -108.94 -68.00
CA SER T 54 1.16 -107.84 -67.41
C SER T 54 2.10 -106.70 -67.04
N VAL T 55 3.18 -106.57 -67.81
CA VAL T 55 4.16 -105.53 -67.56
C VAL T 55 3.58 -104.16 -67.91
N LEU T 56 2.70 -104.09 -68.91
CA LEU T 56 2.03 -102.84 -69.24
C LEU T 56 1.00 -102.47 -68.16
N ALA T 57 0.38 -103.48 -67.55
CA ALA T 57 -0.60 -103.21 -66.50
C ALA T 57 0.07 -102.69 -65.23
N ALA T 58 1.31 -103.08 -64.96
CA ALA T 58 2.06 -102.43 -63.90
C ALA T 58 2.42 -101.00 -64.29
N SER T 59 2.65 -100.76 -65.58
CA SER T 59 2.87 -99.40 -66.04
C SER T 59 1.59 -98.60 -66.07
N LYS T 60 0.44 -99.27 -66.07
CA LYS T 60 -0.83 -98.58 -65.86
C LYS T 60 -0.94 -98.10 -64.42
N MET T 61 -0.36 -98.83 -63.49
CA MET T 61 -0.60 -98.54 -62.09
C MET T 61 0.52 -97.75 -61.44
N VAL T 62 1.75 -97.80 -61.97
CA VAL T 62 2.80 -97.00 -61.36
C VAL T 62 2.82 -95.60 -61.95
N GLY T 63 2.25 -95.40 -63.14
CA GLY T 63 1.97 -94.06 -63.59
C GLY T 63 0.84 -93.43 -62.81
N ALA T 64 -0.06 -94.25 -62.27
CA ALA T 64 -1.20 -93.74 -61.51
C ALA T 64 -0.78 -93.23 -60.14
N GLY T 65 0.26 -93.84 -59.56
CA GLY T 65 0.82 -93.29 -58.33
C GLY T 65 1.42 -91.92 -58.57
N CYS T 66 2.13 -91.76 -59.68
CA CYS T 66 2.66 -90.46 -60.07
C CYS T 66 1.58 -89.49 -60.51
N ALA T 67 0.37 -89.99 -60.80
CA ALA T 67 -0.66 -89.13 -61.35
C ALA T 67 -1.46 -88.41 -60.27
N THR T 68 -1.75 -89.10 -59.17
CA THR T 68 -2.70 -88.62 -58.16
C THR T 68 -2.07 -87.70 -57.13
N ILE T 69 -0.83 -87.27 -57.31
CA ILE T 69 -0.20 -86.38 -56.35
C ILE T 69 -0.43 -84.92 -56.71
N ALA T 70 -1.29 -84.66 -57.70
CA ALA T 70 -1.82 -83.32 -57.85
C ALA T 70 -2.82 -82.99 -56.75
N LEU T 71 -3.37 -84.02 -56.09
CA LEU T 71 -4.33 -83.80 -55.02
C LEU T 71 -3.68 -83.29 -53.73
N ALA T 72 -2.36 -83.44 -53.59
CA ALA T 72 -1.69 -82.77 -52.48
C ALA T 72 -1.65 -81.27 -52.70
N GLY T 73 -1.20 -80.85 -53.89
CA GLY T 73 -1.13 -79.43 -54.19
C GLY T 73 -2.49 -78.76 -54.26
N VAL T 74 -3.52 -79.50 -54.64
CA VAL T 74 -4.88 -79.03 -54.45
C VAL T 74 -5.18 -78.89 -52.96
N GLY T 75 -4.73 -79.86 -52.16
CA GLY T 75 -5.08 -79.89 -50.75
C GLY T 75 -4.46 -78.77 -49.94
N ALA T 76 -3.25 -78.34 -50.30
CA ALA T 76 -2.71 -77.13 -49.70
C ALA T 76 -3.45 -75.90 -50.19
N GLY T 77 -3.86 -75.90 -51.46
CA GLY T 77 -4.67 -74.81 -51.99
C GLY T 77 -6.03 -74.73 -51.31
N LEU T 78 -6.59 -75.87 -50.95
CA LEU T 78 -7.84 -75.87 -50.20
C LEU T 78 -7.65 -75.31 -48.80
N GLY T 79 -6.45 -75.46 -48.25
CA GLY T 79 -6.23 -74.99 -46.89
C GLY T 79 -6.01 -73.49 -46.82
N VAL T 80 -5.27 -72.94 -47.79
CA VAL T 80 -5.08 -71.50 -47.82
C VAL T 80 -6.38 -70.79 -48.19
N MET T 81 -7.23 -71.45 -48.97
CA MET T 81 -8.50 -70.86 -49.34
C MET T 81 -9.56 -71.01 -48.26
N PHE T 82 -9.37 -71.94 -47.33
CA PHE T 82 -10.30 -72.12 -46.23
C PHE T 82 -9.73 -71.75 -44.88
N GLY T 83 -8.45 -71.37 -44.82
CA GLY T 83 -7.92 -70.77 -43.62
C GLY T 83 -8.14 -69.28 -43.66
N SER T 84 -8.09 -68.72 -44.88
CA SER T 84 -8.27 -67.29 -45.06
C SER T 84 -9.72 -66.85 -44.82
N LEU T 85 -10.65 -67.80 -44.81
CA LEU T 85 -11.97 -67.49 -44.27
C LEU T 85 -11.89 -67.14 -42.81
N ILE T 86 -11.05 -67.86 -42.06
CA ILE T 86 -11.02 -67.65 -40.62
C ILE T 86 -10.33 -66.34 -40.29
N ASN T 87 -9.39 -65.91 -41.14
CA ASN T 87 -8.97 -64.51 -41.09
C ASN T 87 -10.07 -63.60 -41.65
N GLY T 88 -10.77 -64.07 -42.69
CA GLY T 88 -11.76 -63.22 -43.34
C GLY T 88 -13.02 -63.00 -42.53
N ALA T 89 -13.39 -63.98 -41.71
CA ALA T 89 -14.51 -63.78 -40.80
C ALA T 89 -14.11 -62.95 -39.59
N ALA T 90 -12.82 -62.95 -39.24
CA ALA T 90 -12.33 -62.13 -38.16
C ALA T 90 -12.37 -60.64 -38.50
N ARG T 91 -12.33 -60.31 -39.78
CA ARG T 91 -12.27 -58.91 -40.22
C ARG T 91 -13.66 -58.28 -40.28
N ASN T 92 -14.54 -58.82 -41.15
CA ASN T 92 -15.88 -58.27 -41.37
C ASN T 92 -16.89 -59.37 -41.06
N PRO T 93 -17.28 -59.54 -39.79
CA PRO T 93 -18.18 -60.66 -39.44
C PRO T 93 -19.62 -60.52 -39.91
N ASN T 94 -19.99 -59.45 -40.62
CA ASN T 94 -21.38 -59.26 -40.98
C ASN T 94 -21.80 -60.04 -42.22
N ILE T 95 -20.89 -60.25 -43.17
CA ILE T 95 -21.25 -60.80 -44.46
C ILE T 95 -20.81 -62.24 -44.54
N ALA T 96 -20.84 -62.94 -43.39
CA ALA T 96 -20.31 -64.30 -43.30
C ALA T 96 -21.04 -65.30 -44.20
N LYS T 97 -22.30 -65.01 -44.57
CA LYS T 97 -22.99 -65.86 -45.53
C LYS T 97 -22.44 -65.68 -46.95
N GLN T 98 -21.94 -64.49 -47.25
CA GLN T 98 -21.27 -64.28 -48.54
C GLN T 98 -19.86 -64.88 -48.52
N LEU T 99 -19.20 -64.89 -47.36
CA LEU T 99 -17.85 -65.43 -47.28
C LEU T 99 -17.84 -66.95 -47.46
N VAL T 100 -18.72 -67.65 -46.73
CA VAL T 100 -18.91 -69.08 -46.97
C VAL T 100 -19.40 -69.32 -48.38
N GLY T 101 -20.26 -68.44 -48.89
CA GLY T 101 -20.66 -68.51 -50.28
C GLY T 101 -19.50 -68.25 -51.24
N TYR T 102 -18.58 -67.38 -50.85
CA TYR T 102 -17.33 -67.27 -51.59
C TYR T 102 -16.44 -68.47 -51.37
N ALA T 103 -16.53 -69.09 -50.19
CA ALA T 103 -15.69 -70.24 -49.89
C ALA T 103 -16.14 -71.48 -50.65
N LEU T 104 -17.46 -71.73 -50.70
CA LEU T 104 -17.96 -72.87 -51.44
C LEU T 104 -17.87 -72.63 -52.94
N LEU T 105 -17.87 -71.37 -53.37
CA LEU T 105 -17.60 -71.05 -54.77
C LEU T 105 -16.18 -71.44 -55.15
N GLY T 106 -15.20 -71.01 -54.34
CA GLY T 106 -13.82 -71.31 -54.65
C GLY T 106 -13.47 -72.78 -54.47
N PHE T 107 -14.21 -73.48 -53.60
CA PHE T 107 -13.99 -74.90 -53.41
C PHE T 107 -14.37 -75.70 -54.66
N ALA T 108 -15.42 -75.26 -55.35
CA ALA T 108 -15.83 -75.94 -56.57
C ALA T 108 -14.86 -75.69 -57.71
N LEU T 109 -14.13 -74.57 -57.67
CA LEU T 109 -13.23 -74.26 -58.75
C LEU T 109 -11.92 -75.04 -58.65
N THR T 110 -11.48 -75.36 -57.43
CA THR T 110 -10.34 -76.26 -57.28
C THR T 110 -10.69 -77.70 -57.61
N GLU T 111 -11.96 -78.08 -57.38
CA GLU T 111 -12.42 -79.42 -57.77
C GLU T 111 -12.50 -79.60 -59.27
N SER T 112 -12.49 -78.50 -60.04
CA SER T 112 -12.53 -78.58 -61.49
C SER T 112 -11.28 -79.27 -62.03
N ILE T 113 -10.10 -78.82 -61.59
CA ILE T 113 -8.87 -79.48 -62.01
C ILE T 113 -8.65 -80.75 -61.19
N ALA T 114 -9.27 -80.86 -60.01
CA ALA T 114 -9.20 -82.12 -59.27
C ALA T 114 -9.99 -83.21 -59.96
N LEU T 115 -11.15 -82.87 -60.53
CA LEU T 115 -11.87 -83.84 -61.33
C LEU T 115 -11.20 -84.06 -62.68
N PHE T 116 -10.41 -83.09 -63.15
CA PHE T 116 -9.52 -83.35 -64.28
C PHE T 116 -8.44 -84.34 -63.88
N SER T 117 -7.93 -84.24 -62.64
CA SER T 117 -6.92 -85.17 -62.18
C SER T 117 -7.52 -86.51 -61.80
N LEU T 118 -8.74 -86.51 -61.24
CA LEU T 118 -9.41 -87.77 -60.92
C LEU T 118 -9.85 -88.52 -62.17
N LEU T 119 -10.06 -87.80 -63.28
CA LEU T 119 -10.32 -88.48 -64.55
C LEU T 119 -9.10 -89.22 -65.05
N VAL T 120 -7.90 -88.65 -64.83
CA VAL T 120 -6.67 -89.26 -65.30
C VAL T 120 -6.38 -90.55 -64.54
N VAL T 121 -6.61 -90.54 -63.22
CA VAL T 121 -6.42 -91.78 -62.47
C VAL T 121 -7.56 -92.75 -62.70
N PHE T 122 -8.67 -92.29 -63.28
CA PHE T 122 -9.71 -93.22 -63.71
C PHE T 122 -9.50 -93.69 -65.14
N LEU T 123 -8.71 -92.98 -65.94
CA LEU T 123 -8.49 -93.34 -67.33
C LEU T 123 -7.23 -94.15 -67.57
N ILE T 124 -6.35 -94.29 -66.56
CA ILE T 124 -5.18 -95.14 -66.76
C ILE T 124 -5.21 -96.31 -65.79
N LEU T 125 -6.14 -96.30 -64.82
CA LEU T 125 -6.34 -97.51 -64.04
C LEU T 125 -7.21 -98.52 -64.78
N PHE T 126 -8.31 -98.08 -65.37
CA PHE T 126 -9.27 -98.99 -65.99
C PHE T 126 -9.48 -98.69 -67.48
N ALA T 127 -8.56 -97.95 -68.10
CA ALA T 127 -8.64 -97.67 -69.53
C ALA T 127 -7.26 -97.41 -70.13
N SER U 95 53.87 -75.34 -6.54
CA SER U 95 53.61 -74.26 -5.58
C SER U 95 54.34 -73.00 -5.98
N SER U 96 55.28 -73.12 -6.91
CA SER U 96 55.98 -71.96 -7.44
C SER U 96 55.04 -71.26 -8.41
N VAL U 97 54.24 -70.33 -7.89
CA VAL U 97 53.19 -69.70 -8.68
C VAL U 97 53.80 -68.60 -9.56
N ARG U 98 53.05 -68.22 -10.58
CA ARG U 98 53.46 -67.12 -11.44
C ARG U 98 52.84 -65.83 -10.96
N ASP U 99 53.40 -64.73 -11.42
CA ASP U 99 53.04 -63.41 -10.94
C ASP U 99 52.34 -62.70 -12.10
N VAL U 100 51.02 -62.78 -12.11
CA VAL U 100 50.23 -62.51 -13.30
C VAL U 100 49.73 -61.08 -13.30
N LYS U 101 49.81 -60.43 -14.47
CA LYS U 101 49.49 -59.02 -14.63
C LYS U 101 47.98 -58.82 -14.75
N THR U 102 47.46 -57.82 -14.03
CA THR U 102 46.06 -57.46 -14.16
C THR U 102 45.80 -56.74 -15.49
N GLY U 103 44.54 -56.73 -15.88
CA GLY U 103 44.14 -56.04 -17.10
C GLY U 103 44.67 -56.63 -18.39
N SER U 104 45.16 -57.87 -18.37
CA SER U 104 45.77 -58.45 -19.55
C SER U 104 44.69 -58.91 -20.53
N LEU U 105 45.10 -59.43 -21.66
CA LEU U 105 44.15 -59.88 -22.68
C LEU U 105 43.47 -61.23 -22.42
N PRO U 106 44.17 -62.34 -22.10
CA PRO U 106 43.41 -63.58 -21.88
C PRO U 106 42.63 -63.56 -20.60
N THR U 107 43.08 -62.81 -19.61
CA THR U 107 42.35 -62.70 -18.35
C THR U 107 41.03 -61.96 -18.54
N ASN U 108 41.05 -60.83 -19.23
CA ASN U 108 39.80 -60.10 -19.44
C ASN U 108 38.89 -60.78 -20.45
N PHE U 109 39.44 -61.62 -21.33
CA PHE U 109 38.55 -62.35 -22.23
C PHE U 109 37.82 -63.45 -21.50
N LEU U 110 38.46 -64.07 -20.51
CA LEU U 110 37.80 -65.13 -19.76
C LEU U 110 36.73 -64.58 -18.85
N THR U 111 36.96 -63.42 -18.22
CA THR U 111 35.94 -62.82 -17.38
C THR U 111 34.74 -62.40 -18.20
N GLY U 112 34.99 -61.94 -19.42
CA GLY U 112 33.89 -61.64 -20.32
C GLY U 112 33.11 -62.87 -20.71
N VAL U 113 33.81 -63.99 -20.95
CA VAL U 113 33.07 -65.16 -21.40
C VAL U 113 32.51 -65.93 -20.22
N TYR U 114 33.11 -65.82 -19.03
CA TYR U 114 32.55 -66.51 -17.88
C TYR U 114 31.30 -65.81 -17.38
N ARG U 115 31.26 -64.48 -17.50
CA ARG U 115 30.05 -63.76 -17.13
C ARG U 115 28.93 -63.98 -18.14
N PHE U 116 29.25 -64.52 -19.31
CA PHE U 116 28.20 -64.79 -20.27
C PHE U 116 27.46 -66.08 -19.94
N TRP U 117 28.18 -67.18 -19.73
CA TRP U 117 27.48 -68.44 -19.47
C TRP U 117 26.87 -68.50 -18.08
N ARG U 118 27.29 -67.64 -17.17
CA ARG U 118 26.53 -67.48 -15.94
C ARG U 118 25.29 -66.64 -16.18
N SER U 119 25.32 -65.76 -17.18
CA SER U 119 24.12 -65.02 -17.55
C SER U 119 23.15 -65.85 -18.39
N GLN U 120 23.49 -67.08 -18.75
CA GLN U 120 22.59 -67.91 -19.52
C GLN U 120 21.67 -68.75 -18.65
N ASN U 121 21.86 -68.73 -17.34
CA ASN U 121 20.98 -69.44 -16.41
C ASN U 121 20.88 -68.64 -15.13
N PRO U 122 20.14 -67.54 -15.14
CA PRO U 122 20.11 -66.67 -13.97
C PRO U 122 19.28 -67.23 -12.83
N ALA U 123 19.59 -66.75 -11.63
CA ALA U 123 18.86 -67.17 -10.45
C ALA U 123 17.55 -66.40 -10.33
N GLU U 124 16.65 -66.94 -9.51
CA GLU U 124 15.30 -66.40 -9.42
C GLU U 124 15.19 -65.42 -8.26
N LYS U 125 14.33 -64.42 -8.44
CA LYS U 125 14.13 -63.37 -7.43
C LYS U 125 13.09 -63.83 -6.42
N PRO U 126 13.36 -63.69 -5.13
CA PRO U 126 12.42 -64.16 -4.11
C PRO U 126 11.25 -63.19 -3.92
N HIS U 127 10.41 -63.52 -2.95
CA HIS U 127 9.25 -62.72 -2.56
C HIS U 127 9.60 -61.70 -1.49
N ASP U 128 10.43 -62.09 -0.54
CA ASP U 128 10.83 -61.23 0.56
C ASP U 128 12.00 -60.34 0.16
N PRO U 129 12.22 -59.23 0.86
CA PRO U 129 13.47 -58.50 0.68
C PRO U 129 14.66 -59.30 1.19
N VAL U 130 15.83 -58.94 0.66
CA VAL U 130 17.06 -59.65 0.93
C VAL U 130 17.85 -58.90 2.00
N ASN U 131 18.20 -59.60 3.07
CA ASN U 131 18.99 -59.05 4.16
C ASN U 131 19.78 -60.18 4.78
N ASP U 132 20.32 -59.95 5.97
CA ASP U 132 21.04 -61.01 6.67
C ASP U 132 20.11 -62.05 7.27
N ARG U 133 18.80 -61.80 7.27
CA ARG U 133 17.86 -62.87 7.60
C ARG U 133 17.84 -63.92 6.51
N LEU U 134 17.86 -63.48 5.25
CA LEU U 134 17.65 -64.36 4.11
C LEU U 134 18.94 -64.80 3.43
N LEU U 135 20.09 -64.29 3.89
CA LEU U 135 21.35 -64.61 3.24
C LEU U 135 21.80 -66.07 3.35
N PRO U 136 21.56 -66.83 4.43
CA PRO U 136 21.78 -68.27 4.32
C PRO U 136 20.81 -68.97 3.38
N ALA U 137 19.64 -68.38 3.14
CA ALA U 137 18.73 -68.98 2.16
C ALA U 137 19.18 -68.67 0.73
N VAL U 138 19.72 -67.48 0.50
CA VAL U 138 20.18 -67.10 -0.84
C VAL U 138 21.34 -67.97 -1.26
N VAL U 139 22.27 -68.23 -0.33
CA VAL U 139 23.46 -69.00 -0.68
C VAL U 139 23.12 -70.49 -0.87
N ASP U 140 22.00 -70.96 -0.31
CA ASP U 140 21.53 -72.30 -0.66
C ASP U 140 21.00 -72.31 -2.08
N ALA U 141 20.33 -71.23 -2.49
CA ALA U 141 19.87 -71.10 -3.87
C ALA U 141 21.03 -70.89 -4.84
N SER U 142 22.19 -70.48 -4.34
CA SER U 142 23.41 -70.51 -5.13
C SER U 142 24.22 -71.79 -4.89
N ASP U 143 23.68 -72.73 -4.13
CA ASP U 143 24.35 -74.01 -3.90
C ASP U 143 23.69 -75.17 -4.60
N LYS U 144 22.39 -75.39 -4.36
CA LYS U 144 21.73 -76.53 -4.97
C LYS U 144 21.51 -76.35 -6.46
N ARG U 145 21.58 -75.12 -6.96
CA ARG U 145 21.71 -74.90 -8.40
C ARG U 145 23.00 -75.53 -8.93
N ALA U 146 22.92 -76.02 -10.15
CA ALA U 146 24.09 -76.58 -10.79
C ALA U 146 25.07 -75.47 -11.15
N SER U 147 26.36 -75.78 -11.08
CA SER U 147 27.40 -74.85 -11.47
C SER U 147 27.39 -74.76 -12.99
N ILE U 148 26.46 -73.97 -13.50
CA ILE U 148 26.21 -73.94 -14.93
C ILE U 148 27.28 -73.12 -15.64
N GLY U 149 27.85 -72.14 -14.95
CA GLY U 149 28.77 -71.22 -15.60
C GLY U 149 30.11 -71.85 -15.91
N THR U 150 30.68 -72.58 -14.96
CA THR U 150 31.98 -73.17 -15.22
C THR U 150 31.89 -74.41 -16.11
N TRP U 151 30.70 -75.00 -16.25
CA TRP U 151 30.57 -76.15 -17.13
C TRP U 151 30.61 -75.73 -18.60
N ALA U 152 29.85 -74.69 -18.93
CA ALA U 152 29.78 -74.27 -20.32
C ALA U 152 31.10 -73.67 -20.79
N THR U 153 31.78 -72.89 -19.94
CA THR U 153 33.04 -72.29 -20.36
C THR U 153 34.16 -73.30 -20.43
N THR U 154 34.00 -74.48 -19.82
CA THR U 154 34.88 -75.57 -20.15
C THR U 154 34.56 -76.08 -21.55
N PHE U 155 33.29 -76.37 -21.81
CA PHE U 155 32.90 -76.90 -23.11
C PHE U 155 32.99 -75.86 -24.20
N PHE U 156 32.97 -74.58 -23.85
CA PHE U 156 33.19 -73.56 -24.87
C PHE U 156 34.66 -73.47 -25.22
N CYS U 157 35.53 -73.36 -24.22
CA CYS U 157 36.94 -73.11 -24.51
C CYS U 157 37.64 -74.35 -25.03
N THR U 158 37.18 -75.54 -24.63
CA THR U 158 37.82 -76.75 -25.13
C THR U 158 37.48 -76.99 -26.60
N ILE U 159 36.26 -76.66 -27.00
CA ILE U 159 35.88 -76.85 -28.40
C ILE U 159 36.51 -75.79 -29.28
N ILE U 160 36.47 -74.53 -28.86
CA ILE U 160 36.97 -73.47 -29.71
C ILE U 160 38.49 -73.46 -29.74
N SER U 161 39.16 -74.08 -28.76
CA SER U 161 40.59 -74.30 -28.91
C SER U 161 40.88 -75.57 -29.71
N CYS U 162 39.91 -76.47 -29.84
CA CYS U 162 40.06 -77.54 -30.81
C CYS U 162 39.73 -77.08 -32.22
N ASN U 163 38.68 -76.29 -32.39
CA ASN U 163 38.29 -75.88 -33.73
C ASN U 163 39.27 -74.89 -34.32
N LEU U 164 39.72 -73.92 -33.53
CA LEU U 164 40.79 -73.04 -33.97
C LEU U 164 42.17 -73.61 -33.69
N LEU U 165 42.27 -74.91 -33.45
CA LEU U 165 43.50 -75.64 -33.74
C LEU U 165 43.44 -76.19 -35.15
N GLY U 166 42.27 -76.70 -35.54
CA GLY U 166 42.11 -77.30 -36.84
C GLY U 166 42.06 -76.31 -37.98
N LEU U 167 41.89 -75.03 -37.67
CA LEU U 167 41.91 -74.02 -38.72
C LEU U 167 43.19 -73.21 -38.69
N MET U 168 44.21 -73.71 -38.00
CA MET U 168 45.63 -73.40 -38.11
C MET U 168 46.26 -74.37 -39.11
N PRO U 169 47.29 -73.97 -39.84
CA PRO U 169 47.85 -74.85 -40.86
C PRO U 169 48.57 -76.04 -40.24
N PHE U 170 48.78 -77.05 -41.09
CA PHE U 170 49.47 -78.30 -40.75
C PHE U 170 48.77 -79.06 -39.62
N ASN U 171 47.45 -78.87 -39.48
CA ASN U 171 46.68 -79.64 -38.52
C ASN U 171 45.29 -79.88 -39.08
N GLU U 172 44.59 -80.83 -38.48
CA GLU U 172 43.16 -80.98 -38.67
C GLU U 172 42.48 -80.81 -37.32
N ALA U 173 41.16 -80.70 -37.35
CA ALA U 173 40.43 -80.50 -36.11
C ALA U 173 40.40 -81.79 -35.30
N PRO U 174 40.59 -81.71 -33.97
CA PRO U 174 40.49 -82.91 -33.14
C PRO U 174 39.10 -83.49 -33.09
N THR U 175 38.08 -82.69 -33.37
CA THR U 175 36.70 -83.17 -33.44
C THR U 175 36.35 -83.78 -34.80
N SER U 176 37.35 -84.19 -35.58
CA SER U 176 37.06 -84.87 -36.84
C SER U 176 36.50 -86.26 -36.60
N GLY U 177 37.15 -87.03 -35.72
CA GLY U 177 36.65 -88.36 -35.43
C GLY U 177 35.36 -88.32 -34.64
N LEU U 178 34.63 -89.44 -34.69
CA LEU U 178 33.30 -89.48 -34.08
C LEU U 178 33.37 -89.46 -32.57
N GLY U 179 34.35 -90.15 -31.99
CA GLY U 179 34.41 -90.28 -30.54
C GLY U 179 34.77 -89.00 -29.82
N PHE U 180 35.43 -88.06 -30.50
CA PHE U 180 35.81 -86.82 -29.83
C PHE U 180 34.62 -85.89 -29.69
N ALA U 181 33.92 -85.63 -30.80
CA ALA U 181 32.84 -84.67 -30.77
C ALA U 181 31.61 -85.23 -30.07
N THR U 182 31.25 -86.48 -30.38
CA THR U 182 30.12 -87.08 -29.69
C THR U 182 30.46 -87.42 -28.25
N GLY U 183 31.74 -87.66 -27.96
CA GLY U 183 32.15 -87.92 -26.59
C GLY U 183 31.96 -86.72 -25.69
N LEU U 184 32.07 -85.51 -26.23
CA LEU U 184 31.59 -84.34 -25.51
C LEU U 184 30.07 -84.29 -25.53
N GLY U 185 29.47 -84.80 -26.61
CA GLY U 185 28.03 -84.62 -26.79
C GLY U 185 27.21 -85.49 -25.87
N VAL U 186 27.47 -86.80 -25.86
CA VAL U 186 26.67 -87.68 -25.03
C VAL U 186 27.03 -87.50 -23.56
N SER U 187 28.19 -86.91 -23.26
CA SER U 187 28.54 -86.65 -21.88
C SER U 187 27.71 -85.52 -21.29
N VAL U 188 27.42 -84.48 -22.08
CA VAL U 188 26.75 -83.32 -21.52
C VAL U 188 25.27 -83.60 -21.31
N TRP U 189 24.68 -84.52 -22.08
CA TRP U 189 23.35 -84.98 -21.74
C TRP U 189 23.38 -85.88 -20.52
N ALA U 190 24.46 -86.66 -20.37
CA ALA U 190 24.60 -87.51 -19.20
C ALA U 190 24.72 -86.69 -17.92
N THR U 191 25.34 -85.51 -18.00
CA THR U 191 25.31 -84.60 -16.87
C THR U 191 23.90 -84.08 -16.65
N ALA U 192 23.21 -83.77 -17.74
CA ALA U 192 21.84 -83.28 -17.65
C ALA U 192 20.90 -84.38 -17.19
N THR U 193 21.27 -85.64 -17.42
CA THR U 193 20.44 -86.72 -16.91
C THR U 193 20.76 -87.04 -15.46
N ILE U 194 22.04 -86.98 -15.06
CA ILE U 194 22.41 -87.33 -13.70
C ILE U 194 21.95 -86.26 -12.73
N LEU U 195 22.02 -85.00 -13.14
CA LEU U 195 21.53 -83.90 -12.32
C LEU U 195 20.02 -84.00 -12.11
N GLY U 196 19.29 -84.38 -13.15
CA GLY U 196 17.85 -84.58 -12.98
C GLY U 196 17.53 -85.82 -12.19
N LEU U 197 18.31 -86.88 -12.36
CA LEU U 197 18.05 -88.13 -11.65
C LEU U 197 18.40 -88.02 -10.17
N SER U 198 19.44 -87.25 -9.84
CA SER U 198 19.78 -87.04 -8.44
C SER U 198 18.90 -85.98 -7.78
N LYS U 199 17.98 -85.37 -8.54
CA LYS U 199 17.05 -84.45 -7.93
C LYS U 199 16.01 -85.19 -7.10
N THR U 200 15.20 -86.04 -7.73
CA THR U 200 14.06 -86.60 -7.02
C THR U 200 14.43 -87.84 -6.20
N GLY U 201 14.77 -88.94 -6.86
CA GLY U 201 14.83 -90.19 -6.12
C GLY U 201 15.76 -91.31 -6.52
N PHE U 202 16.71 -91.05 -7.44
CA PHE U 202 17.50 -92.10 -8.12
C PHE U 202 16.60 -93.14 -8.78
N LYS U 203 15.49 -92.70 -9.35
CA LYS U 203 14.53 -93.58 -10.00
C LYS U 203 14.11 -93.01 -11.35
N PHE U 204 13.99 -93.89 -12.33
CA PHE U 204 13.71 -93.48 -13.70
C PHE U 204 12.21 -93.34 -13.92
N PRO U 205 11.72 -92.14 -14.30
CA PRO U 205 10.30 -91.97 -14.64
C PRO U 205 9.96 -92.60 -15.99
N PHE U 219 0.47 -92.53 -20.75
CA PHE U 219 0.11 -93.59 -21.68
C PHE U 219 1.28 -93.88 -22.61
N ILE U 220 1.00 -93.96 -23.92
CA ILE U 220 2.05 -94.13 -24.92
C ILE U 220 2.73 -92.82 -25.28
N PHE U 221 2.32 -91.71 -24.67
CA PHE U 221 2.90 -90.40 -24.96
C PHE U 221 4.25 -90.21 -24.28
N VAL U 222 4.47 -90.86 -23.15
CA VAL U 222 5.72 -90.69 -22.40
C VAL U 222 6.96 -91.30 -23.07
N PRO U 223 6.96 -92.48 -23.73
CA PRO U 223 8.22 -92.86 -24.41
C PRO U 223 8.47 -92.07 -25.68
N LEU U 224 7.44 -91.51 -26.30
CA LEU U 224 7.64 -90.50 -27.33
C LEU U 224 8.32 -89.25 -26.76
N GLU U 225 7.85 -88.80 -25.59
CA GLU U 225 8.49 -87.66 -24.95
C GLU U 225 9.88 -88.00 -24.45
N THR U 226 10.08 -89.26 -24.04
CA THR U 226 11.41 -89.69 -23.63
C THR U 226 12.35 -89.78 -24.83
N ILE U 227 11.88 -90.36 -25.93
CA ILE U 227 12.74 -90.48 -27.11
C ILE U 227 12.94 -89.13 -27.80
N SER U 228 12.10 -88.13 -27.49
CA SER U 228 12.39 -86.77 -27.92
C SER U 228 13.51 -86.17 -27.07
N TYR U 229 13.56 -86.52 -25.80
CA TYR U 229 14.62 -86.03 -24.91
C TYR U 229 15.87 -86.90 -24.99
N THR U 230 15.71 -88.22 -25.02
CA THR U 230 16.87 -89.10 -25.09
C THR U 230 17.41 -89.25 -26.50
N PHE U 231 17.04 -88.37 -27.43
CA PHE U 231 17.80 -88.24 -28.65
C PHE U 231 18.68 -87.02 -28.63
N ARG U 232 18.41 -86.06 -27.73
CA ARG U 232 19.18 -84.82 -27.65
C ARG U 232 20.59 -85.06 -27.12
N ALA U 233 20.86 -86.25 -26.61
CA ALA U 233 22.24 -86.68 -26.43
C ALA U 233 22.98 -86.74 -27.74
N VAL U 234 22.54 -87.62 -28.64
CA VAL U 234 23.28 -87.84 -29.86
C VAL U 234 23.00 -86.74 -30.86
N SER U 235 21.89 -86.02 -30.70
CA SER U 235 21.60 -84.87 -31.55
C SER U 235 22.60 -83.75 -31.33
N LEU U 236 22.99 -83.54 -30.08
CA LEU U 236 23.91 -82.47 -29.74
C LEU U 236 25.35 -82.80 -30.09
N GLY U 237 25.74 -84.07 -30.02
CA GLY U 237 27.09 -84.44 -30.31
C GLY U 237 27.43 -84.39 -31.78
N VAL U 238 26.57 -84.97 -32.62
CA VAL U 238 26.89 -85.08 -34.03
C VAL U 238 26.69 -83.74 -34.73
N ARG U 239 25.92 -82.82 -34.13
CA ARG U 239 25.82 -81.47 -34.68
C ARG U 239 27.16 -80.74 -34.60
N LEU U 240 27.98 -81.11 -33.62
CA LEU U 240 29.36 -80.67 -33.64
C LEU U 240 30.18 -81.46 -34.65
N TRP U 241 29.91 -82.77 -34.77
CA TRP U 241 30.81 -83.66 -35.49
C TRP U 241 30.81 -83.38 -36.98
N VAL U 242 29.64 -83.32 -37.59
CA VAL U 242 29.60 -83.11 -39.04
C VAL U 242 29.98 -81.69 -39.38
N ASN U 243 29.65 -80.72 -38.52
CA ASN U 243 29.87 -79.32 -38.87
C ASN U 243 31.33 -78.90 -38.75
N MET U 244 32.17 -79.74 -38.15
CA MET U 244 33.60 -79.58 -38.31
C MET U 244 34.18 -80.54 -39.32
N LEU U 245 33.39 -81.52 -39.75
CA LEU U 245 33.84 -82.49 -40.74
C LEU U 245 33.41 -82.10 -42.15
N ALA U 246 32.17 -81.65 -42.31
CA ALA U 246 31.66 -81.34 -43.65
C ALA U 246 32.38 -80.13 -44.23
N GLY U 247 32.81 -79.20 -43.38
CA GLY U 247 33.71 -78.18 -43.85
C GLY U 247 35.06 -78.75 -44.26
N HIS U 248 35.55 -79.73 -43.52
CA HIS U 248 36.88 -80.26 -43.78
C HIS U 248 36.88 -81.20 -44.98
N THR U 249 35.78 -81.91 -45.21
CA THR U 249 35.71 -82.80 -46.36
C THR U 249 35.48 -82.03 -47.65
N LEU U 250 34.64 -81.00 -47.60
CA LEU U 250 34.44 -80.17 -48.78
C LEU U 250 35.69 -79.35 -49.08
N LEU U 251 36.48 -79.03 -48.05
CA LEU U 251 37.77 -78.38 -48.28
C LEU U 251 38.71 -79.32 -49.04
N HIS U 252 38.64 -80.62 -48.75
CA HIS U 252 39.43 -81.60 -49.49
C HIS U 252 39.00 -81.67 -50.95
N ILE U 253 37.70 -81.78 -51.19
CA ILE U 253 37.22 -82.07 -52.53
C ILE U 253 37.34 -80.85 -53.44
N LEU U 254 37.02 -79.67 -52.91
CA LEU U 254 36.92 -78.50 -53.77
C LEU U 254 38.28 -77.99 -54.22
N THR U 255 39.30 -78.05 -53.38
CA THR U 255 40.63 -77.75 -53.90
C THR U 255 41.21 -78.92 -54.69
N GLY U 256 40.63 -80.11 -54.53
CA GLY U 256 40.98 -81.19 -55.43
C GLY U 256 40.52 -80.92 -56.85
N MET U 257 39.35 -80.30 -57.00
CA MET U 257 38.96 -79.84 -58.33
C MET U 257 39.79 -78.65 -58.75
N ALA U 258 40.12 -77.76 -57.80
CA ALA U 258 40.79 -76.51 -58.14
C ALA U 258 42.23 -76.69 -58.52
N LEU U 259 42.82 -77.84 -58.18
CA LEU U 259 44.20 -78.08 -58.60
C LEU U 259 44.28 -78.49 -60.06
N ALA U 260 43.19 -79.07 -60.59
CA ALA U 260 43.25 -79.69 -61.92
C ALA U 260 43.38 -78.67 -63.03
N LEU U 261 42.89 -77.45 -62.83
CA LEU U 261 42.95 -76.45 -63.89
C LEU U 261 44.35 -75.86 -64.08
N PRO U 262 45.17 -75.58 -63.05
CA PRO U 262 46.60 -75.37 -63.32
C PRO U 262 47.34 -76.65 -63.66
N PHE U 263 46.76 -77.81 -63.36
CA PHE U 263 47.41 -79.07 -63.68
C PHE U 263 47.21 -79.47 -65.14
N SER U 264 46.14 -78.99 -65.77
CA SER U 264 45.90 -79.35 -67.16
C SER U 264 46.55 -78.36 -68.12
N LEU U 265 46.46 -77.07 -67.85
CA LEU U 265 47.15 -76.08 -68.63
C LEU U 265 48.54 -75.83 -68.04
N GLY U 266 49.25 -74.84 -68.56
CA GLY U 266 50.54 -74.49 -68.04
C GLY U 266 50.45 -73.75 -66.72
N PHE U 267 51.60 -73.58 -66.09
CA PHE U 267 51.68 -72.87 -64.82
C PHE U 267 51.58 -71.38 -65.05
N PHE U 268 50.82 -70.72 -64.16
CA PHE U 268 50.41 -69.31 -64.28
C PHE U 268 49.68 -69.06 -65.61
N SER U 269 48.89 -70.04 -66.03
CA SER U 269 47.98 -69.90 -67.15
C SER U 269 46.57 -70.25 -66.66
N MET U 270 45.57 -69.85 -67.44
CA MET U 270 44.14 -69.86 -67.06
C MET U 270 43.89 -69.06 -65.78
N VAL U 271 44.69 -68.02 -65.58
CA VAL U 271 44.63 -67.09 -64.46
C VAL U 271 43.27 -66.38 -64.37
N PRO U 272 42.53 -66.13 -65.45
CA PRO U 272 41.12 -65.75 -65.24
C PRO U 272 40.26 -66.82 -64.58
N ALA U 273 40.29 -68.06 -65.07
CA ALA U 273 39.32 -69.05 -64.63
C ALA U 273 39.72 -69.68 -63.30
N THR U 274 41.02 -69.85 -63.07
CA THR U 274 41.46 -70.37 -61.78
C THR U 274 41.31 -69.35 -60.65
N PHE U 275 41.15 -68.08 -60.99
CA PHE U 275 41.00 -67.05 -59.98
C PHE U 275 39.69 -67.22 -59.21
N GLY U 276 38.58 -67.35 -59.94
CA GLY U 276 37.26 -67.39 -59.33
C GLY U 276 37.01 -68.61 -58.48
N VAL U 277 37.65 -69.73 -58.80
CA VAL U 277 37.54 -70.90 -57.94
C VAL U 277 38.42 -70.75 -56.70
N CYS U 278 39.63 -70.17 -56.85
CA CYS U 278 40.47 -69.91 -55.69
C CYS U 278 39.87 -68.85 -54.77
N CYS U 279 39.04 -67.95 -55.30
CA CYS U 279 38.25 -67.10 -54.43
C CYS U 279 37.15 -67.89 -53.74
N LEU U 280 36.65 -68.94 -54.38
CA LEU U 280 35.64 -69.78 -53.73
C LEU U 280 36.29 -70.71 -52.69
N LEU U 281 37.53 -71.15 -52.92
CA LEU U 281 38.25 -71.91 -51.89
C LEU U 281 38.48 -71.05 -50.65
N SER U 282 38.91 -69.82 -50.86
CA SER U 282 39.19 -68.92 -49.74
C SER U 282 37.92 -68.55 -48.99
N ALA U 283 36.80 -68.50 -49.69
CA ALA U 283 35.53 -68.19 -49.04
C ALA U 283 35.07 -69.34 -48.15
N LEU U 284 35.47 -70.57 -48.49
CA LEU U 284 35.03 -71.73 -47.71
C LEU U 284 35.71 -71.79 -46.36
N VAL U 285 37.02 -71.58 -46.32
CA VAL U 285 37.75 -71.60 -45.05
C VAL U 285 37.35 -70.39 -44.21
N GLY U 286 37.07 -69.26 -44.87
CA GLY U 286 36.50 -68.13 -44.16
C GLY U 286 35.11 -68.41 -43.63
N LEU U 287 34.33 -69.21 -44.36
CA LEU U 287 33.05 -69.67 -43.82
C LEU U 287 33.26 -70.67 -42.70
N GLU U 288 34.30 -71.50 -42.81
CA GLU U 288 34.60 -72.46 -41.76
C GLU U 288 35.05 -71.77 -40.48
N TYR U 289 35.69 -70.60 -40.59
CA TYR U 289 36.03 -69.84 -39.40
C TYR U 289 34.80 -69.32 -38.69
N LEU U 290 33.81 -68.85 -39.44
CA LEU U 290 32.54 -68.47 -38.83
C LEU U 290 31.78 -69.71 -38.38
N VAL U 291 32.02 -70.86 -39.01
CA VAL U 291 31.48 -72.11 -38.50
C VAL U 291 32.16 -72.48 -37.19
N ALA U 292 33.49 -72.39 -37.14
CA ALA U 292 34.25 -72.89 -36.01
C ALA U 292 33.97 -72.13 -34.71
N VAL U 293 33.73 -70.82 -34.81
CA VAL U 293 33.44 -70.08 -33.60
C VAL U 293 32.01 -70.31 -33.13
N LEU U 294 31.06 -70.47 -34.06
CA LEU U 294 29.67 -70.54 -33.61
C LEU U 294 29.18 -71.95 -33.41
N GLN U 295 29.81 -72.95 -34.05
CA GLN U 295 29.48 -74.32 -33.68
C GLN U 295 30.04 -74.67 -32.32
N SER U 296 31.09 -73.97 -31.87
CA SER U 296 31.42 -73.97 -30.46
C SER U 296 30.32 -73.32 -29.65
N GLY U 297 29.74 -72.25 -30.17
CA GLY U 297 28.70 -71.56 -29.44
C GLY U 297 27.41 -72.35 -29.36
N VAL U 298 27.06 -73.06 -30.44
CA VAL U 298 25.77 -73.73 -30.43
C VAL U 298 25.84 -75.02 -29.62
N PHE U 299 27.04 -75.55 -29.38
CA PHE U 299 27.18 -76.59 -28.36
C PHE U 299 27.14 -75.98 -26.97
N SER U 300 27.67 -74.76 -26.82
CA SER U 300 27.68 -74.10 -25.53
C SER U 300 26.27 -73.76 -25.07
N ILE U 301 25.52 -73.04 -25.92
CA ILE U 301 24.21 -72.55 -25.54
C ILE U 301 23.22 -73.69 -25.34
N LEU U 302 23.33 -74.72 -26.18
CA LEU U 302 22.41 -75.84 -26.04
C LEU U 302 22.77 -76.72 -24.84
N SER U 303 24.03 -76.66 -24.39
CA SER U 303 24.36 -77.35 -23.15
C SER U 303 23.75 -76.65 -21.96
N THR U 304 23.60 -75.33 -22.04
CA THR U 304 23.08 -74.58 -20.91
C THR U 304 21.59 -74.78 -20.74
N VAL U 305 20.86 -74.94 -21.84
CA VAL U 305 19.42 -75.11 -21.74
C VAL U 305 19.09 -76.51 -21.23
N TYR U 306 19.86 -77.50 -21.65
CA TYR U 306 19.58 -78.87 -21.22
C TYR U 306 19.97 -79.13 -19.79
N VAL U 307 20.89 -78.35 -19.24
CA VAL U 307 21.10 -78.35 -17.79
C VAL U 307 19.99 -77.57 -17.11
N GLY U 308 19.60 -76.44 -17.70
CA GLY U 308 18.61 -75.56 -17.13
C GLY U 308 17.20 -76.09 -17.09
N GLU U 309 16.92 -77.23 -17.71
CA GLU U 309 15.66 -77.91 -17.46
C GLU U 309 15.59 -78.41 -16.03
N PHE U 310 16.71 -78.94 -15.53
CA PHE U 310 16.76 -79.59 -14.23
C PHE U 310 17.42 -78.74 -13.17
N ASN U 311 17.68 -77.46 -13.44
CA ASN U 311 18.34 -76.62 -12.45
C ASN U 311 17.33 -75.91 -11.56
N HIS U 312 16.38 -76.67 -11.02
CA HIS U 312 15.37 -76.15 -10.12
C HIS U 312 15.49 -76.89 -8.81
N ASP U 313 15.85 -76.18 -7.76
CA ASP U 313 15.59 -76.63 -6.41
C ASP U 313 14.84 -75.52 -5.72
N LYS U 314 13.87 -75.87 -4.90
CA LYS U 314 12.94 -74.88 -4.38
C LYS U 314 13.61 -74.04 -3.31
N PHE U 315 13.38 -72.74 -3.39
CA PHE U 315 13.97 -71.78 -2.48
C PHE U 315 13.38 -71.98 -1.09
N ILE U 316 14.27 -72.16 -0.10
CA ILE U 316 13.81 -72.48 1.24
C ILE U 316 13.21 -71.26 1.91
N GLY U 317 13.99 -70.19 2.02
CA GLY U 317 13.50 -68.94 2.54
C GLY U 317 13.21 -69.00 4.02
N PRO U 318 12.31 -68.15 4.48
CA PRO U 318 12.03 -68.07 5.91
C PRO U 318 11.12 -69.18 6.38
N ALA U 319 11.15 -69.42 7.68
CA ALA U 319 10.14 -70.24 8.33
C ALA U 319 9.17 -69.41 9.17
N ALA U 320 9.40 -68.09 9.26
CA ALA U 320 8.57 -67.20 10.05
C ALA U 320 8.80 -65.78 9.60
N LYS U 321 7.97 -64.86 10.09
CA LYS U 321 8.01 -63.47 9.63
C LYS U 321 7.55 -62.54 10.73
N ILE U 322 8.40 -61.60 11.11
CA ILE U 322 8.05 -60.55 12.06
C ILE U 322 7.52 -59.39 11.23
N VAL U 323 6.19 -59.30 11.14
CA VAL U 323 5.53 -58.27 10.34
C VAL U 323 5.40 -57.00 11.16
N LYS U 324 5.01 -55.91 10.50
CA LYS U 324 4.60 -54.64 11.12
C LYS U 324 5.67 -54.00 12.01
N LEU V 37 -44.29 79.36 -1.91
CA LEU V 37 -43.87 77.99 -2.17
C LEU V 37 -42.46 77.76 -1.66
N LYS V 38 -41.90 78.76 -0.98
CA LYS V 38 -40.54 78.71 -0.48
C LYS V 38 -40.53 78.73 1.04
N LEU V 39 -39.64 77.95 1.62
CA LEU V 39 -39.49 77.87 3.06
C LEU V 39 -38.19 78.53 3.49
N PRO V 40 -38.14 79.16 4.67
CA PRO V 40 -36.87 79.72 5.15
C PRO V 40 -35.87 78.62 5.46
N THR V 41 -34.64 78.80 4.99
CA THR V 41 -33.69 77.70 4.93
C THR V 41 -33.18 77.32 6.31
N ALA V 42 -33.11 76.00 6.54
CA ALA V 42 -32.63 75.49 7.81
C ALA V 42 -31.13 75.73 7.94
N PRO V 43 -30.66 76.18 9.10
CA PRO V 43 -29.25 76.57 9.21
C PRO V 43 -28.30 75.39 9.24
N LEU V 44 -28.74 74.24 9.74
CA LEU V 44 -27.97 73.02 9.59
C LEU V 44 -28.93 71.85 9.45
N GLN V 45 -28.48 70.84 8.72
CA GLN V 45 -29.32 69.68 8.50
C GLN V 45 -29.32 68.78 9.73
N LEU V 46 -30.31 67.89 9.78
CA LEU V 46 -30.39 66.94 10.88
C LEU V 46 -30.68 65.53 10.38
N SER V 47 -30.99 64.62 11.30
CA SER V 47 -31.40 63.27 10.94
C SER V 47 -32.90 63.26 10.67
N GLY V 48 -33.47 62.07 10.58
CA GLY V 48 -34.85 61.98 10.14
C GLY V 48 -35.88 61.49 11.13
N THR V 49 -37.14 61.81 10.85
CA THR V 49 -38.39 61.24 11.39
C THR V 49 -38.63 61.50 12.86
N SER V 50 -37.67 62.06 13.58
CA SER V 50 -37.93 62.58 14.91
C SER V 50 -37.31 63.94 15.17
N ALA V 51 -36.23 64.29 14.49
CA ALA V 51 -35.59 65.58 14.65
C ALA V 51 -35.92 66.54 13.54
N GLN V 52 -36.29 66.04 12.36
CA GLN V 52 -36.71 66.96 11.32
C GLN V 52 -38.12 67.48 11.55
N ILE V 53 -38.82 67.00 12.57
CA ILE V 53 -39.96 67.73 13.11
C ILE V 53 -39.51 69.14 13.52
N ALA V 54 -38.41 69.21 14.27
CA ALA V 54 -37.87 70.49 14.71
C ALA V 54 -37.34 71.30 13.53
N THR V 55 -36.76 70.63 12.53
CA THR V 55 -36.32 71.32 11.33
C THR V 55 -37.50 71.91 10.58
N LEU V 56 -38.60 71.16 10.51
CA LEU V 56 -39.81 71.69 9.91
C LEU V 56 -40.43 72.76 10.80
N LEU V 57 -40.34 72.58 12.12
CA LEU V 57 -40.89 73.57 13.05
C LEU V 57 -40.15 74.89 12.96
N TRP V 58 -38.82 74.83 12.83
CA TRP V 58 -38.03 76.03 12.62
C TRP V 58 -38.33 76.66 11.27
N GLN V 59 -38.59 75.83 10.26
CA GLN V 59 -38.93 76.36 8.96
C GLN V 59 -40.33 76.95 8.93
N VAL V 60 -41.16 76.66 9.93
CA VAL V 60 -42.47 77.30 9.99
C VAL V 60 -42.43 78.55 10.86
N ALA V 61 -41.81 78.45 12.05
CA ALA V 61 -41.86 79.56 13.00
C ALA V 61 -41.04 80.75 12.54
N ALA V 62 -39.93 80.52 11.82
CA ALA V 62 -39.15 81.63 11.31
C ALA V 62 -39.85 82.32 10.15
N LYS V 63 -40.81 81.66 9.50
CA LYS V 63 -41.67 82.37 8.57
C LYS V 63 -42.68 83.24 9.30
N GLU V 64 -43.10 82.84 10.49
CA GLU V 64 -44.03 83.63 11.27
C GLU V 64 -43.32 84.58 12.23
N ASN V 65 -41.99 84.51 12.30
CA ASN V 65 -41.15 85.34 13.18
C ASN V 65 -41.60 85.23 14.64
N GLN V 66 -41.74 83.98 15.07
CA GLN V 66 -42.25 83.65 16.39
C GLN V 66 -41.22 82.83 17.16
N LEU V 67 -39.93 83.09 16.91
CA LEU V 67 -38.88 82.12 17.20
C LEU V 67 -38.68 81.92 18.70
N ASP V 68 -38.44 82.99 19.44
CA ASP V 68 -38.34 82.83 20.88
C ASP V 68 -39.71 82.84 21.54
N LYS V 69 -40.78 83.03 20.78
CA LYS V 69 -42.10 82.85 21.34
C LYS V 69 -42.40 81.37 21.58
N VAL V 70 -42.20 80.54 20.56
CA VAL V 70 -42.62 79.15 20.68
C VAL V 70 -41.58 78.26 21.32
N GLN V 71 -40.32 78.70 21.38
CA GLN V 71 -39.27 77.81 21.88
C GLN V 71 -39.39 77.60 23.39
N ASP V 72 -39.70 78.64 24.14
CA ASP V 72 -39.96 78.46 25.55
C ASP V 72 -41.38 77.99 25.81
N GLU V 73 -42.23 77.98 24.79
CA GLU V 73 -43.51 77.32 24.93
C GLU V 73 -43.36 75.82 24.91
N LEU V 74 -42.35 75.32 24.21
CA LEU V 74 -42.02 73.91 24.32
C LEU V 74 -41.54 73.57 25.72
N TYR V 75 -40.87 74.53 26.38
CA TYR V 75 -40.37 74.31 27.73
C TYR V 75 -41.49 74.14 28.74
N GLN V 76 -42.58 74.89 28.56
CA GLN V 76 -43.71 74.80 29.48
C GLN V 76 -44.38 73.44 29.42
N PHE V 77 -44.48 72.87 28.21
CA PHE V 77 -45.02 71.53 28.08
C PHE V 77 -44.13 70.50 28.74
N ILE V 78 -42.82 70.73 28.77
CA ILE V 78 -41.95 69.83 29.52
C ILE V 78 -42.20 69.97 31.02
N GLU V 79 -42.39 71.20 31.51
CA GLU V 79 -42.78 71.38 32.91
C GLU V 79 -44.18 70.82 33.15
N LEU V 80 -45.06 70.94 32.15
CA LEU V 80 -46.34 70.23 32.20
C LEU V 80 -46.13 68.72 32.21
N PHE V 81 -45.14 68.24 31.45
CA PHE V 81 -44.80 66.82 31.46
C PHE V 81 -43.98 66.42 32.68
N LYS V 82 -43.38 67.39 33.37
CA LYS V 82 -42.62 67.09 34.57
C LYS V 82 -43.52 67.03 35.80
N GLN V 83 -44.24 68.12 36.06
CA GLN V 83 -44.97 68.23 37.32
C GLN V 83 -46.28 67.45 37.26
N HIS V 84 -47.11 67.73 36.27
CA HIS V 84 -48.43 67.11 36.21
C HIS V 84 -48.34 65.67 35.72
N SER V 85 -49.23 64.83 36.25
CA SER V 85 -49.22 63.40 35.95
C SER V 85 -50.30 63.00 34.95
N GLU V 86 -51.39 63.75 34.86
CA GLU V 86 -52.48 63.36 33.96
C GLU V 86 -52.09 63.58 32.51
N LEU V 87 -51.36 64.65 32.22
CA LEU V 87 -50.91 64.90 30.85
C LEU V 87 -49.83 63.91 30.44
N ARG V 88 -48.88 63.62 31.34
CA ARG V 88 -47.81 62.70 30.98
C ARG V 88 -48.27 61.26 30.94
N ARG V 89 -49.45 60.94 31.47
CA ARG V 89 -50.02 59.64 31.19
C ARG V 89 -50.40 59.53 29.72
N LEU V 90 -50.83 60.63 29.11
CA LEU V 90 -51.26 60.61 27.71
C LEU V 90 -50.10 60.46 26.74
N ALA V 91 -48.86 60.65 27.18
CA ALA V 91 -47.71 60.49 26.30
C ALA V 91 -47.12 59.10 26.35
N THR V 92 -47.57 58.23 27.25
CA THR V 92 -47.04 56.88 27.30
C THR V 92 -48.08 55.79 27.52
N ASP V 93 -49.35 56.10 27.77
CA ASP V 93 -50.31 55.03 28.02
C ASP V 93 -50.72 54.39 26.70
N PRO V 94 -50.59 53.08 26.56
CA PRO V 94 -50.97 52.40 25.30
C PRO V 94 -52.41 51.91 25.26
N PHE V 95 -53.28 52.38 26.14
CA PHE V 95 -54.67 51.94 26.16
C PHE V 95 -55.68 53.05 25.91
N VAL V 96 -55.26 54.30 25.88
CA VAL V 96 -56.20 55.39 25.61
C VAL V 96 -56.53 55.40 24.11
N PRO V 97 -57.80 55.52 23.74
CA PRO V 97 -58.16 55.51 22.32
C PRO V 97 -57.70 56.77 21.61
N THR V 98 -57.78 56.71 20.29
CA THR V 98 -57.19 57.74 19.43
C THR V 98 -58.04 58.98 19.31
N LEU V 99 -59.17 59.06 19.99
CA LEU V 99 -59.96 60.28 20.02
C LEU V 99 -59.90 60.98 21.35
N VAL V 100 -59.59 60.26 22.44
CA VAL V 100 -59.39 60.95 23.71
C VAL V 100 -58.01 61.59 23.73
N ARG V 101 -57.10 61.16 22.86
CA ARG V 101 -55.78 61.78 22.82
C ARG V 101 -55.86 63.18 22.22
N THR V 102 -56.68 63.36 21.20
CA THR V 102 -56.81 64.67 20.59
C THR V 102 -57.84 65.56 21.29
N LYS V 103 -58.87 64.97 21.89
CA LYS V 103 -59.91 65.77 22.51
C LYS V 103 -59.58 66.16 23.94
N ILE V 104 -58.41 65.81 24.44
CA ILE V 104 -57.91 66.43 25.66
C ILE V 104 -56.91 67.54 25.31
N ILE V 105 -56.10 67.33 24.26
CA ILE V 105 -55.08 68.30 23.90
C ILE V 105 -55.73 69.57 23.34
N SER V 106 -56.67 69.43 22.41
CA SER V 106 -57.37 70.60 21.93
C SER V 106 -58.32 71.17 22.98
N SER V 107 -58.71 70.36 23.96
CA SER V 107 -59.45 70.90 25.09
C SER V 107 -58.55 71.70 26.02
N VAL V 108 -57.35 71.19 26.29
CA VAL V 108 -56.38 71.93 27.08
C VAL V 108 -55.88 73.14 26.31
N LEU V 109 -55.59 72.97 25.03
CA LEU V 109 -55.11 74.08 24.21
C LEU V 109 -56.31 74.88 23.72
N LYS V 110 -56.73 75.81 24.56
CA LYS V 110 -57.54 76.94 24.13
C LYS V 110 -56.60 78.03 23.62
N ASP V 111 -57.07 79.28 23.52
CA ASP V 111 -56.15 80.35 23.16
C ASP V 111 -55.08 80.51 24.23
N SER V 112 -55.46 80.98 25.42
CA SER V 112 -54.62 81.08 26.63
C SER V 112 -53.28 81.81 26.40
N GLY V 113 -53.16 82.60 25.34
CA GLY V 113 -51.88 83.09 24.88
C GLY V 113 -51.07 82.12 24.05
N ALA V 114 -51.45 80.85 23.99
CA ALA V 114 -50.68 79.85 23.26
C ALA V 114 -50.83 80.04 21.76
N SER V 115 -49.72 79.88 21.04
CA SER V 115 -49.70 80.07 19.60
C SER V 115 -50.39 78.92 18.89
N GLU V 116 -51.03 79.24 17.77
CA GLU V 116 -51.66 78.19 16.97
C GLU V 116 -50.66 77.41 16.14
N ILE V 117 -49.43 77.90 16.00
CA ILE V 117 -48.35 77.05 15.49
C ILE V 117 -48.07 75.94 16.50
N THR V 118 -47.98 76.31 17.78
CA THR V 118 -47.80 75.33 18.84
C THR V 118 -49.05 74.47 19.00
N LYS V 119 -50.23 75.08 18.90
CA LYS V 119 -51.48 74.35 19.10
C LYS V 119 -51.75 73.34 18.00
N LYS V 120 -51.41 73.68 16.76
CA LYS V 120 -51.52 72.71 15.68
C LYS V 120 -50.40 71.68 15.72
N LEU V 121 -49.30 71.98 16.41
CA LEU V 121 -48.25 70.98 16.56
C LEU V 121 -48.65 69.91 17.56
N PHE V 122 -49.10 70.33 18.74
CA PHE V 122 -49.41 69.38 19.80
C PHE V 122 -50.72 68.65 19.52
N GLU V 123 -51.53 69.17 18.60
CA GLU V 123 -52.62 68.38 18.08
C GLU V 123 -52.08 67.23 17.23
N ALA V 124 -51.01 67.48 16.47
CA ALA V 124 -50.53 66.50 15.51
C ALA V 124 -49.81 65.35 16.18
N LEU V 125 -49.10 65.61 17.27
CA LEU V 125 -48.40 64.53 17.95
C LEU V 125 -49.37 63.61 18.68
N ALA V 126 -50.39 64.19 19.31
CA ALA V 126 -51.46 63.37 19.88
C ALA V 126 -52.41 62.83 18.81
N ASP V 127 -52.32 63.34 17.58
CA ASP V 127 -53.06 62.73 16.48
C ASP V 127 -52.51 61.34 16.17
N GLU V 128 -51.19 61.20 16.13
CA GLU V 128 -50.56 59.93 15.78
C GLU V 128 -49.70 59.40 16.92
N GLY V 129 -50.07 59.69 18.15
CA GLY V 129 -49.43 59.10 19.31
C GLY V 129 -48.01 59.56 19.57
N ALA V 130 -47.59 60.65 18.95
CA ALA V 130 -46.21 61.11 19.05
C ALA V 130 -46.01 62.10 20.19
N LEU V 131 -46.80 61.99 21.26
CA LEU V 131 -46.60 62.86 22.41
C LEU V 131 -45.35 62.49 23.19
N SER V 132 -44.77 61.34 22.94
CA SER V 132 -43.48 61.00 23.52
C SER V 132 -42.32 61.62 22.77
N ALA V 133 -42.57 62.27 21.64
CA ALA V 133 -41.52 62.84 20.81
C ALA V 133 -41.16 64.26 21.20
N LEU V 134 -41.53 64.70 22.39
CA LEU V 134 -41.33 66.09 22.76
C LEU V 134 -39.89 66.36 23.23
N LEU V 135 -39.33 65.46 24.03
CA LEU V 135 -38.02 65.71 24.60
C LEU V 135 -36.88 65.60 23.60
N GLU V 136 -37.15 65.09 22.40
CA GLU V 136 -36.17 65.13 21.32
C GLU V 136 -36.37 66.36 20.45
N VAL V 137 -37.62 66.74 20.19
CA VAL V 137 -37.87 67.82 19.23
C VAL V 137 -37.48 69.16 19.83
N THR V 138 -37.37 69.24 21.15
CA THR V 138 -36.97 70.49 21.79
C THR V 138 -35.48 70.72 21.68
N VAL V 139 -34.68 69.70 21.98
CA VAL V 139 -33.24 69.88 22.12
C VAL V 139 -32.58 70.08 20.77
N ASN V 140 -33.20 69.60 19.69
CA ASN V 140 -32.74 69.98 18.37
C ASN V 140 -33.29 71.32 17.94
N TYR V 141 -34.49 71.67 18.38
CA TYR V 141 -34.93 73.05 18.20
C TYR V 141 -34.11 74.00 19.05
N GLU V 142 -33.63 73.53 20.20
CA GLU V 142 -32.62 74.27 20.96
C GLU V 142 -31.35 74.40 20.15
N GLU V 143 -30.92 73.30 19.53
CA GLU V 143 -29.72 73.32 18.70
C GLU V 143 -29.91 74.20 17.48
N LEU V 144 -31.08 74.12 16.84
CA LEU V 144 -31.31 74.92 15.64
C LEU V 144 -31.49 76.40 15.98
N MET V 145 -32.03 76.70 17.16
CA MET V 145 -32.12 78.10 17.55
C MET V 145 -30.76 78.67 17.88
N LEU V 146 -29.93 77.89 18.57
CA LEU V 146 -28.55 78.29 18.75
C LEU V 146 -27.74 78.14 17.46
N ALA V 147 -28.30 77.51 16.44
CA ALA V 147 -27.74 77.62 15.10
C ALA V 147 -28.25 78.83 14.35
N HIS V 148 -29.29 79.50 14.85
CA HIS V 148 -29.75 80.73 14.21
C HIS V 148 -29.10 81.97 14.78
N LYS V 149 -28.65 81.84 16.03
CA LYS V 149 -27.92 82.92 16.75
C LYS V 149 -26.38 82.82 16.65
N LYS V 150 -25.78 81.80 16.00
CA LYS V 150 -24.28 81.66 15.93
C LYS V 150 -23.70 81.75 17.36
N GLU V 151 -23.97 80.72 18.17
CA GLU V 151 -23.86 80.82 19.62
C GLU V 151 -23.53 79.42 20.14
N VAL V 152 -22.25 79.14 20.31
CA VAL V 152 -21.78 77.79 20.55
C VAL V 152 -21.45 77.63 22.03
N TYR V 153 -21.72 76.44 22.57
CA TYR V 153 -21.37 76.15 23.95
C TYR V 153 -19.87 75.89 24.06
N CYS V 154 -19.40 75.88 25.31
CA CYS V 154 -18.08 75.36 25.64
C CYS V 154 -18.10 75.04 27.11
N THR V 155 -17.03 74.41 27.57
CA THR V 155 -16.82 74.16 29.01
C THR V 155 -15.33 74.13 29.25
N VAL V 156 -14.82 75.09 30.00
CA VAL V 156 -13.40 75.26 30.23
C VAL V 156 -13.08 74.79 31.65
N ILE V 157 -12.15 73.85 31.76
CA ILE V 157 -11.77 73.27 33.04
C ILE V 157 -10.33 73.68 33.34
N THR V 158 -10.11 74.25 34.52
CA THR V 158 -8.79 74.61 35.02
C THR V 158 -8.59 73.97 36.39
N ALA V 159 -7.44 74.24 36.99
CA ALA V 159 -7.23 73.93 38.40
C ALA V 159 -7.52 75.10 39.30
N GLU V 160 -7.49 76.31 38.74
CA GLU V 160 -7.69 77.55 39.44
C GLU V 160 -8.93 78.25 38.88
N PRO V 161 -9.74 78.86 39.73
CA PRO V 161 -10.87 79.65 39.22
C PRO V 161 -10.37 80.89 38.50
N LEU V 162 -11.17 81.33 37.55
CA LEU V 162 -10.76 82.36 36.59
C LEU V 162 -11.12 83.73 37.13
N ASP V 163 -10.13 84.59 37.26
CA ASP V 163 -10.39 85.96 37.70
C ASP V 163 -10.77 86.81 36.49
N LYS V 164 -10.94 88.12 36.72
CA LYS V 164 -11.43 88.99 35.67
C LYS V 164 -10.39 89.30 34.59
N LEU V 165 -9.13 88.95 34.80
CA LEU V 165 -8.14 88.99 33.72
C LEU V 165 -7.86 87.61 33.14
N GLU V 166 -7.87 86.58 33.99
CA GLU V 166 -7.60 85.22 33.52
C GLU V 166 -8.68 84.72 32.58
N ARG V 167 -9.93 85.15 32.79
CA ARG V 167 -10.99 84.75 31.90
C ARG V 167 -10.98 85.54 30.60
N VAL V 168 -10.56 86.80 30.63
CA VAL V 168 -10.56 87.58 29.41
C VAL V 168 -9.28 87.37 28.60
N GLU V 169 -8.28 86.68 29.15
CA GLU V 169 -7.18 86.19 28.34
C GLU V 169 -7.49 84.83 27.73
N LEU V 170 -8.53 84.15 28.23
CA LEU V 170 -8.87 82.83 27.73
C LEU V 170 -9.52 82.89 26.36
N THR V 171 -10.38 83.89 26.15
CA THR V 171 -11.25 83.91 24.98
C THR V 171 -10.48 84.19 23.70
N LYS V 172 -9.35 84.89 23.81
CA LYS V 172 -8.64 85.33 22.62
C LYS V 172 -7.90 84.20 21.95
N LYS V 173 -7.65 83.11 22.68
CA LYS V 173 -7.27 81.85 22.06
C LYS V 173 -8.48 80.99 21.73
N ALA V 174 -9.57 81.14 22.49
CA ALA V 174 -10.78 80.37 22.21
C ALA V 174 -11.43 80.82 20.91
N GLU V 175 -11.40 82.12 20.62
CA GLU V 175 -12.00 82.62 19.39
C GLU V 175 -11.10 82.44 18.17
N LYS V 176 -9.90 81.88 18.35
CA LYS V 176 -9.18 81.27 17.24
C LYS V 176 -9.72 79.90 16.92
N PHE V 177 -10.48 79.29 17.82
CA PHE V 177 -10.93 77.92 17.67
C PHE V 177 -12.41 77.81 17.30
N VAL V 178 -13.10 78.94 17.15
CA VAL V 178 -14.35 78.97 16.41
C VAL V 178 -14.00 79.38 14.99
N ASP V 179 -14.87 79.05 14.05
CA ASP V 179 -14.54 79.18 12.64
C ASP V 179 -14.90 80.54 12.06
N ALA V 180 -15.69 81.34 12.76
CA ALA V 180 -16.21 82.57 12.18
C ALA V 180 -16.57 83.54 13.31
N GLY V 181 -17.32 84.58 12.97
CA GLY V 181 -17.76 85.56 13.94
C GLY V 181 -18.89 85.06 14.82
N PHE V 182 -18.60 84.06 15.64
CA PHE V 182 -19.64 83.44 16.44
C PHE V 182 -19.70 84.11 17.80
N LYS V 183 -20.67 83.68 18.61
CA LYS V 183 -20.72 84.07 20.01
C LYS V 183 -19.87 83.13 20.84
N LEU V 184 -19.98 83.25 22.16
CA LEU V 184 -19.29 82.34 23.07
C LEU V 184 -19.99 82.43 24.41
N VAL V 185 -20.29 81.29 25.00
CA VAL V 185 -20.81 81.24 26.36
C VAL V 185 -19.68 80.75 27.24
N MET V 186 -19.87 80.83 28.55
CA MET V 186 -18.89 80.33 29.49
C MET V 186 -19.53 79.36 30.46
N GLN V 187 -18.84 78.26 30.71
CA GLN V 187 -19.28 77.25 31.66
C GLN V 187 -18.09 76.80 32.49
N GLU V 188 -17.38 77.75 33.09
CA GLU V 188 -16.17 77.57 33.88
C GLU V 188 -16.28 76.44 34.91
N LYS V 189 -15.18 75.71 35.13
CA LYS V 189 -15.26 74.43 35.82
C LYS V 189 -13.93 74.16 36.49
N ILE V 190 -13.99 73.43 37.61
CA ILE V 190 -12.81 73.19 38.45
C ILE V 190 -12.59 71.69 38.57
N ASP V 191 -11.38 71.24 38.26
CA ASP V 191 -10.92 69.89 38.54
C ASP V 191 -9.44 69.95 38.91
N LYS V 192 -9.04 69.13 39.88
CA LYS V 192 -7.71 69.21 40.43
C LYS V 192 -6.67 68.45 39.61
N LYS V 193 -7.09 67.54 38.74
CA LYS V 193 -6.12 66.68 38.06
C LYS V 193 -5.40 67.42 36.93
N LEU V 194 -6.04 68.41 36.32
CA LEU V 194 -5.32 69.30 35.42
C LEU V 194 -4.42 70.21 36.26
N LEU V 195 -3.17 70.34 35.84
CA LEU V 195 -2.22 71.20 36.56
C LEU V 195 -2.09 72.56 35.89
N GLY V 196 -3.20 73.28 35.73
CA GLY V 196 -3.16 74.52 34.97
C GLY V 196 -3.32 74.28 33.49
N GLY V 197 -3.62 75.34 32.77
CA GLY V 197 -4.04 75.22 31.38
C GLY V 197 -5.55 75.13 31.29
N PHE V 198 -6.03 74.54 30.20
CA PHE V 198 -7.48 74.44 29.99
C PHE V 198 -7.79 73.38 28.96
N VAL V 199 -9.07 73.01 28.89
CA VAL V 199 -9.60 72.14 27.85
C VAL V 199 -10.94 72.70 27.41
N ILE V 200 -11.04 73.08 26.13
CA ILE V 200 -12.24 73.73 25.61
C ILE V 200 -13.15 72.64 25.10
N GLU V 201 -14.10 72.20 25.93
CA GLU V 201 -15.04 71.16 25.56
C GLU V 201 -16.14 71.79 24.71
N PHE V 202 -15.89 71.90 23.41
CA PHE V 202 -16.90 72.40 22.48
C PHE V 202 -18.05 71.44 22.25
N SER V 203 -17.95 70.20 22.74
CA SER V 203 -18.77 69.02 22.44
C SER V 203 -18.66 68.56 20.99
N ASP V 204 -17.84 69.24 20.19
CA ASP V 204 -17.61 68.94 18.79
C ASP V 204 -16.10 68.92 18.59
N ARG V 205 -15.40 69.72 19.39
CA ARG V 205 -13.96 69.82 19.35
C ARG V 205 -13.44 69.92 20.76
N ARG V 206 -12.14 69.69 20.91
CA ARG V 206 -11.47 69.83 22.20
C ARG V 206 -10.05 70.27 21.94
N VAL V 207 -9.60 71.29 22.67
CA VAL V 207 -8.24 71.77 22.59
C VAL V 207 -7.60 71.61 23.96
N ASP V 208 -6.52 70.85 24.03
CA ASP V 208 -5.84 70.59 25.30
C ASP V 208 -4.58 71.45 25.35
N MET V 209 -4.62 72.50 26.16
CA MET V 209 -3.44 73.24 26.54
C MET V 209 -3.16 73.09 28.04
N SER V 210 -3.63 72.01 28.62
CA SER V 210 -3.34 71.77 30.02
C SER V 210 -1.96 71.13 30.16
N THR V 211 -1.27 71.48 31.25
CA THR V 211 0.08 71.00 31.45
C THR V 211 0.11 69.52 31.81
N ALA V 212 -0.97 69.00 32.39
CA ALA V 212 -1.05 67.57 32.70
C ALA V 212 -1.04 66.72 31.43
N LYS V 213 -1.56 67.26 30.33
CA LYS V 213 -1.35 66.64 29.03
C LYS V 213 0.03 66.97 28.48
N LYS V 214 0.55 68.14 28.80
CA LYS V 214 1.85 68.54 28.24
C LYS V 214 2.98 67.74 28.86
N VAL V 215 2.93 67.48 30.16
CA VAL V 215 3.97 66.67 30.79
C VAL V 215 3.83 65.21 30.38
N GLU V 216 2.63 64.79 30.00
CA GLU V 216 2.47 63.45 29.48
C GLU V 216 3.07 63.34 28.09
N GLU V 217 2.81 64.33 27.24
CA GLU V 217 3.41 64.32 25.91
C GLU V 217 4.88 64.67 25.95
N PHE V 218 5.34 65.34 27.01
CA PHE V 218 6.77 65.53 27.16
C PHE V 218 7.45 64.22 27.51
N ASN V 219 6.78 63.37 28.29
CA ASN V 219 7.37 62.09 28.65
C ASN V 219 7.37 61.13 27.47
N ASN V 220 6.38 61.21 26.59
CA ASN V 220 6.39 60.35 25.41
C ASN V 220 7.42 60.80 24.39
N PHE V 221 7.81 62.07 24.39
CA PHE V 221 8.90 62.47 23.51
C PHE V 221 10.26 62.27 24.16
N VAL V 222 10.29 62.01 25.46
CA VAL V 222 11.52 61.53 26.08
C VAL V 222 11.79 60.09 25.66
N ASN V 223 10.79 59.21 25.84
CA ASN V 223 10.98 57.79 25.60
C ASN V 223 11.17 57.47 24.13
N LYS V 224 10.60 58.27 23.23
CA LYS V 224 10.81 58.01 21.82
C LYS V 224 12.17 58.50 21.34
N LEU V 225 12.93 59.21 22.18
CA LEU V 225 14.27 59.59 21.82
C LEU V 225 15.36 59.00 22.68
N VAL V 226 15.05 58.51 23.89
CA VAL V 226 16.11 57.82 24.63
C VAL V 226 16.25 56.39 24.12
N LEU V 227 15.17 55.76 23.66
CA LEU V 227 15.26 54.41 23.14
C LEU V 227 15.87 54.38 21.75
N SER V 228 15.73 55.45 20.98
CA SER V 228 16.30 55.47 19.64
C SER V 228 17.77 55.86 19.63
N ILE V 229 18.21 56.60 20.65
CA ILE V 229 19.59 57.08 20.69
C ILE V 229 20.52 56.02 21.27
N ALA W 3 -3.99 -57.60 -18.20
CA ALA W 3 -5.22 -58.35 -18.45
C ALA W 3 -5.87 -58.19 -19.86
N PRO W 4 -6.13 -56.94 -20.39
CA PRO W 4 -6.86 -56.87 -21.66
C PRO W 4 -5.96 -56.94 -22.88
N SER W 5 -6.56 -56.84 -24.06
CA SER W 5 -5.83 -56.86 -25.33
C SER W 5 -5.35 -55.45 -25.67
N GLY W 6 -4.89 -55.27 -26.91
CA GLY W 6 -4.37 -54.00 -27.32
C GLY W 6 -2.86 -53.97 -27.20
N PRO W 7 -2.27 -52.79 -27.32
CA PRO W 7 -0.81 -52.68 -27.20
C PRO W 7 -0.34 -52.78 -25.76
N PHE W 8 0.96 -52.56 -25.55
CA PHE W 8 1.54 -52.65 -24.22
C PHE W 8 1.03 -51.56 -23.27
N TYR W 9 0.55 -50.44 -23.80
CA TYR W 9 0.01 -49.41 -22.90
C TYR W 9 -1.43 -49.69 -22.52
N ARG W 10 -2.18 -50.41 -23.36
CA ARG W 10 -3.57 -50.72 -23.02
C ARG W 10 -3.66 -51.80 -21.96
N VAL W 11 -2.67 -52.69 -21.89
CA VAL W 11 -2.72 -53.81 -20.94
C VAL W 11 -2.29 -53.37 -19.54
N ALA W 12 -1.53 -52.27 -19.42
CA ALA W 12 -1.11 -51.76 -18.13
C ALA W 12 -2.12 -50.82 -17.49
N GLY W 13 -3.40 -50.90 -17.91
CA GLY W 13 -4.44 -50.03 -17.42
C GLY W 13 -4.40 -48.62 -17.94
N MET W 14 -3.39 -48.26 -18.73
CA MET W 14 -3.18 -46.89 -19.16
C MET W 14 -4.00 -46.57 -20.39
N SER W 15 -4.51 -45.34 -20.46
CA SER W 15 -5.22 -44.90 -21.65
C SER W 15 -4.23 -44.51 -22.74
N TYR W 16 -4.76 -44.28 -23.95
CA TYR W 16 -3.93 -43.89 -25.08
C TYR W 16 -3.32 -42.52 -24.89
N LEU W 17 -4.09 -41.59 -24.31
CA LEU W 17 -3.62 -40.22 -24.12
C LEU W 17 -2.48 -40.16 -23.13
N ARG W 18 -2.63 -40.86 -22.00
CA ARG W 18 -1.57 -40.93 -21.01
C ARG W 18 -0.34 -41.62 -21.58
N TYR W 19 -0.54 -42.59 -22.48
CA TYR W 19 0.59 -43.10 -23.27
C TYR W 19 1.12 -42.03 -24.21
N SER W 20 0.22 -41.31 -24.87
CA SER W 20 0.65 -40.30 -25.82
C SER W 20 1.32 -39.12 -25.13
N ASN W 21 0.86 -38.78 -23.92
CA ASN W 21 1.46 -37.66 -23.21
C ASN W 21 2.81 -38.02 -22.62
N ILE W 22 3.00 -39.29 -22.25
CA ILE W 22 4.34 -39.77 -21.90
C ILE W 22 5.28 -39.62 -23.09
N CYS W 23 4.79 -39.94 -24.29
CA CYS W 23 5.57 -39.65 -25.49
C CYS W 23 5.72 -38.15 -25.71
N ALA W 24 4.73 -37.36 -25.27
CA ALA W 24 4.82 -35.92 -25.43
C ALA W 24 5.82 -35.32 -24.46
N ASP W 25 5.57 -35.50 -23.15
CA ASP W 25 6.31 -34.75 -22.13
C ASP W 25 7.73 -35.27 -21.90
N LEU W 26 8.11 -36.39 -22.50
CA LEU W 26 9.49 -36.86 -22.42
C LEU W 26 10.33 -36.46 -23.62
N LEU W 27 9.70 -36.10 -24.74
CA LEU W 27 10.49 -35.59 -25.86
C LEU W 27 10.86 -34.14 -25.65
N ARG W 28 10.02 -33.37 -24.97
CA ARG W 28 10.31 -31.98 -24.71
C ARG W 28 11.43 -31.78 -23.71
N ASN W 29 11.85 -32.83 -23.01
CA ASN W 29 12.99 -32.73 -22.11
C ASN W 29 14.30 -32.58 -22.88
N VAL W 30 14.36 -33.02 -24.13
CA VAL W 30 15.60 -32.97 -24.91
C VAL W 30 15.34 -32.04 -26.10
N LEU W 31 14.52 -31.02 -25.88
CA LEU W 31 14.43 -29.95 -26.86
C LEU W 31 15.62 -29.01 -26.71
N LYS W 32 15.74 -28.08 -27.65
CA LYS W 32 16.77 -27.05 -27.55
C LYS W 32 16.38 -26.06 -26.46
N GLU W 33 17.41 -25.51 -25.77
CA GLU W 33 17.21 -24.68 -24.59
C GLU W 33 16.53 -23.32 -24.86
N PRO W 34 16.77 -22.61 -25.98
CA PRO W 34 15.87 -21.48 -26.29
C PRO W 34 14.43 -21.89 -26.60
N PHE W 35 14.19 -23.14 -27.01
CA PHE W 35 12.84 -23.64 -27.22
C PHE W 35 12.34 -24.51 -26.07
N LYS W 36 13.09 -24.55 -24.96
CA LYS W 36 12.59 -25.18 -23.74
C LYS W 36 11.71 -24.24 -22.93
N ALA W 37 11.66 -22.95 -23.27
CA ALA W 37 10.66 -22.06 -22.67
C ALA W 37 9.27 -22.39 -23.19
N LYS W 38 9.18 -22.95 -24.39
CA LYS W 38 7.93 -23.48 -24.92
C LYS W 38 7.63 -24.88 -24.40
N ALA W 39 8.51 -25.46 -23.57
CA ALA W 39 8.34 -26.84 -23.12
C ALA W 39 7.51 -26.94 -21.85
N GLN W 40 7.97 -26.35 -20.75
CA GLN W 40 7.19 -26.43 -19.52
C GLN W 40 5.96 -25.53 -19.55
N ALA W 41 5.88 -24.60 -20.51
CA ALA W 41 4.67 -23.81 -20.68
C ALA W 41 3.50 -24.69 -21.11
N ARG W 42 3.74 -25.62 -22.03
CA ARG W 42 2.72 -26.56 -22.46
C ARG W 42 2.76 -27.87 -21.71
N GLN W 43 3.60 -27.97 -20.69
CA GLN W 43 3.64 -29.15 -19.84
C GLN W 43 2.94 -28.94 -18.51
N ALA W 44 2.40 -27.76 -18.27
CA ALA W 44 1.69 -27.49 -17.02
C ALA W 44 0.32 -28.13 -17.04
N ILE W 45 -0.10 -28.66 -15.90
CA ILE W 45 -1.44 -29.17 -15.68
C ILE W 45 -1.92 -28.61 -14.36
N HIS W 46 -2.95 -27.76 -14.40
CA HIS W 46 -3.39 -27.06 -13.19
C HIS W 46 -4.91 -26.98 -13.20
N PHE W 47 -5.55 -27.95 -12.57
CA PHE W 47 -6.96 -27.88 -12.24
C PHE W 47 -7.22 -28.78 -11.06
N ARG W 48 -8.49 -28.93 -10.70
CA ARG W 48 -8.90 -29.98 -9.79
C ARG W 48 -10.25 -30.53 -10.24
N GLN W 49 -10.52 -31.77 -9.85
CA GLN W 49 -11.81 -32.39 -10.10
C GLN W 49 -12.55 -32.58 -8.79
N ALA W 50 -13.88 -32.50 -8.85
CA ALA W 50 -14.74 -32.70 -7.69
C ALA W 50 -15.73 -33.79 -8.03
N PRO W 51 -15.52 -35.00 -7.52
CA PRO W 51 -16.43 -36.10 -7.82
C PRO W 51 -17.67 -36.04 -6.96
N TYR W 52 -18.80 -35.70 -7.55
CA TYR W 52 -20.07 -35.62 -6.84
C TYR W 52 -20.76 -36.98 -6.98
N VAL W 53 -20.96 -37.68 -5.86
CA VAL W 53 -21.73 -38.91 -5.92
C VAL W 53 -23.22 -38.60 -6.09
N ASP W 54 -23.78 -37.78 -5.20
CA ASP W 54 -25.17 -37.38 -5.34
C ASP W 54 -25.35 -35.91 -4.98
N GLY W 55 -24.27 -35.14 -4.86
CA GLY W 55 -24.40 -33.77 -4.43
C GLY W 55 -23.52 -33.43 -3.24
N LYS W 56 -22.42 -34.15 -3.07
CA LYS W 56 -21.41 -33.77 -2.09
C LYS W 56 -20.07 -33.73 -2.81
N ALA W 57 -19.16 -32.92 -2.28
CA ALA W 57 -18.02 -32.46 -3.08
C ALA W 57 -16.90 -33.49 -3.17
N GLY W 58 -16.33 -33.86 -2.04
CA GLY W 58 -14.99 -34.38 -2.01
C GLY W 58 -14.05 -33.29 -1.56
N ALA W 59 -12.75 -33.58 -1.56
CA ALA W 59 -11.79 -32.66 -0.96
C ALA W 59 -10.91 -31.98 -1.99
N SER W 60 -10.02 -32.71 -2.68
CA SER W 60 -9.03 -32.09 -3.55
C SER W 60 -8.31 -33.16 -4.36
N LYS W 61 -8.30 -32.99 -5.68
CA LYS W 61 -7.45 -33.76 -6.59
C LYS W 61 -6.76 -32.72 -7.47
N VAL W 62 -5.70 -32.13 -6.93
CA VAL W 62 -5.15 -30.89 -7.48
C VAL W 62 -3.82 -31.20 -8.15
N TYR W 63 -3.77 -30.99 -9.46
CA TYR W 63 -2.53 -31.07 -10.20
C TYR W 63 -1.81 -29.73 -10.14
N GLU W 64 -0.53 -29.75 -9.76
CA GLU W 64 0.30 -28.57 -9.82
C GLU W 64 1.54 -28.79 -10.67
N LEU W 65 1.61 -29.91 -11.39
CA LEU W 65 2.81 -30.29 -12.11
C LEU W 65 3.04 -29.38 -13.32
N GLU W 66 4.22 -28.78 -13.37
CA GLU W 66 4.68 -28.05 -14.55
C GLU W 66 5.72 -28.83 -15.34
N ASN W 67 5.88 -30.13 -15.05
CA ASN W 67 6.85 -30.98 -15.73
C ASN W 67 6.22 -32.25 -16.28
N GLY W 68 4.94 -32.20 -16.60
CA GLY W 68 4.29 -33.29 -17.32
C GLY W 68 3.24 -34.01 -16.47
N ILE W 69 2.66 -35.04 -17.09
CA ILE W 69 1.62 -35.86 -16.49
C ILE W 69 2.25 -36.75 -15.42
N PRO W 70 1.47 -37.31 -14.47
CA PRO W 70 2.05 -38.30 -13.57
C PRO W 70 2.43 -39.57 -14.30
N LYS W 71 3.74 -39.79 -14.47
CA LYS W 71 4.23 -40.94 -15.20
C LYS W 71 4.00 -42.24 -14.47
N THR W 72 3.79 -42.20 -13.15
CA THR W 72 3.46 -43.38 -12.38
C THR W 72 1.99 -43.73 -12.56
N ALA W 73 1.60 -44.89 -12.03
CA ALA W 73 0.23 -45.36 -12.15
C ALA W 73 -0.69 -44.58 -11.22
N ASN W 74 -1.99 -44.72 -11.45
CA ASN W 74 -3.00 -44.02 -10.65
C ASN W 74 -4.28 -44.84 -10.56
N GLU X 23 -26.40 -51.16 -43.43
CA GLU X 23 -27.65 -50.72 -42.80
C GLU X 23 -27.40 -49.63 -41.77
N ALA X 24 -27.60 -48.38 -42.18
CA ALA X 24 -27.43 -47.21 -41.33
C ALA X 24 -28.76 -46.50 -41.11
N ALA X 25 -29.80 -47.27 -40.83
CA ALA X 25 -31.17 -46.76 -40.78
C ALA X 25 -31.45 -45.84 -39.59
N ALA X 26 -30.48 -45.60 -38.71
CA ALA X 26 -30.59 -44.61 -37.63
C ALA X 26 -29.62 -43.47 -37.89
N PRO X 27 -29.91 -42.62 -38.89
CA PRO X 27 -28.89 -41.66 -39.34
C PRO X 27 -28.77 -40.44 -38.46
N ALA X 28 -27.96 -40.54 -37.41
CA ALA X 28 -27.57 -39.36 -36.63
C ALA X 28 -26.76 -38.41 -37.51
N GLY X 29 -26.97 -37.11 -37.32
CA GLY X 29 -26.34 -36.13 -38.16
C GLY X 29 -26.84 -34.72 -37.95
N PRO X 30 -26.29 -33.77 -38.72
CA PRO X 30 -26.67 -32.36 -38.52
C PRO X 30 -28.07 -32.03 -39.00
N LYS X 31 -28.49 -32.53 -40.15
CA LYS X 31 -29.82 -32.23 -40.68
C LYS X 31 -30.89 -33.15 -40.12
N GLU X 32 -30.52 -34.11 -39.27
CA GLU X 32 -31.50 -34.94 -38.59
C GLU X 32 -31.66 -34.57 -37.11
N PHE X 33 -30.63 -33.97 -36.50
CA PHE X 33 -30.74 -33.49 -35.12
C PHE X 33 -31.65 -32.27 -35.03
N THR X 34 -31.84 -31.55 -36.14
CA THR X 34 -32.59 -30.30 -36.12
C THR X 34 -34.07 -30.54 -35.82
N GLU X 35 -34.66 -31.60 -36.38
CA GLU X 35 -36.11 -31.75 -36.29
C GLU X 35 -36.58 -32.35 -34.97
N VAL X 36 -35.73 -33.12 -34.28
CA VAL X 36 -36.12 -33.62 -32.96
C VAL X 36 -35.86 -32.56 -31.89
N TRP X 37 -34.80 -31.77 -32.06
CA TRP X 37 -34.46 -30.72 -31.10
C TRP X 37 -35.43 -29.55 -31.16
N ASN X 38 -36.15 -29.39 -32.28
CA ASN X 38 -37.16 -28.34 -32.36
C ASN X 38 -38.34 -28.64 -31.45
N LYS X 39 -38.61 -29.91 -31.16
CA LYS X 39 -39.72 -30.26 -30.28
C LYS X 39 -39.35 -30.08 -28.82
N LYS X 40 -38.34 -30.81 -28.35
CA LYS X 40 -38.07 -30.87 -26.91
C LYS X 40 -37.39 -29.62 -26.40
N ALA X 41 -36.58 -28.97 -27.21
CA ALA X 41 -36.08 -27.68 -26.76
C ALA X 41 -37.04 -26.58 -27.18
N PRO X 42 -37.11 -25.46 -26.44
CA PRO X 42 -37.97 -24.35 -26.86
C PRO X 42 -37.46 -23.73 -28.16
N SER X 43 -38.40 -23.48 -29.08
CA SER X 43 -38.07 -23.04 -30.44
C SER X 43 -37.70 -21.56 -30.52
N THR X 44 -37.66 -20.85 -29.39
CA THR X 44 -36.99 -19.55 -29.34
C THR X 44 -35.48 -19.72 -29.44
N LEU X 45 -34.98 -20.92 -29.15
CA LEU X 45 -33.55 -21.21 -29.28
C LEU X 45 -33.23 -21.66 -30.70
N ILE X 46 -32.18 -21.07 -31.27
CA ILE X 46 -31.67 -21.51 -32.55
C ILE X 46 -30.76 -22.73 -32.33
N VAL X 47 -30.65 -23.56 -33.36
CA VAL X 47 -29.95 -24.84 -33.31
C VAL X 47 -28.47 -24.62 -33.02
N PRO X 48 -27.86 -25.41 -32.12
CA PRO X 48 -26.42 -25.28 -31.90
C PRO X 48 -25.64 -25.75 -33.11
N GLU X 49 -24.49 -25.11 -33.36
CA GLU X 49 -23.74 -25.39 -34.57
C GLU X 49 -22.98 -26.70 -34.45
N PHE X 50 -22.38 -27.11 -35.57
CA PHE X 50 -21.69 -28.39 -35.65
C PHE X 50 -20.35 -28.18 -36.35
N PRO X 51 -19.29 -28.87 -35.89
CA PRO X 51 -17.95 -28.58 -36.44
C PRO X 51 -17.75 -29.10 -37.85
N SER X 52 -18.56 -30.06 -38.30
CA SER X 52 -18.47 -30.54 -39.67
C SER X 52 -18.94 -29.49 -40.67
N ASN X 53 -19.75 -28.53 -40.24
CA ASN X 53 -20.13 -27.39 -41.06
C ASN X 53 -19.05 -26.32 -41.12
N TYR X 54 -17.87 -26.59 -40.54
CA TYR X 54 -16.69 -25.77 -40.71
C TYR X 54 -15.66 -26.40 -41.62
N THR X 55 -15.60 -27.72 -41.65
CA THR X 55 -14.56 -28.47 -42.35
C THR X 55 -14.79 -28.38 -43.85
N ALA X 56 -13.95 -27.59 -44.53
CA ALA X 56 -14.08 -27.45 -45.97
C ALA X 56 -13.70 -28.73 -46.70
N VAL X 57 -12.73 -29.47 -46.17
CA VAL X 57 -12.17 -30.64 -46.85
C VAL X 57 -12.83 -31.89 -46.28
N LYS X 58 -13.29 -32.77 -47.16
CA LYS X 58 -14.00 -33.98 -46.77
C LYS X 58 -13.48 -35.10 -47.67
N ALA X 59 -14.17 -36.24 -47.74
CA ALA X 59 -13.69 -37.39 -48.50
C ALA X 59 -14.70 -37.89 -49.51
N VAL X 60 -16.00 -37.74 -49.22
CA VAL X 60 -17.05 -38.23 -50.10
C VAL X 60 -17.09 -37.44 -51.40
N GLY X 61 -16.63 -36.19 -51.39
CA GLY X 61 -16.43 -35.46 -52.61
C GLY X 61 -14.99 -35.63 -53.07
N GLU X 62 -14.80 -36.38 -54.14
CA GLU X 62 -13.47 -36.66 -54.65
C GLU X 62 -12.85 -35.38 -55.20
N GLY X 63 -11.54 -35.36 -55.19
CA GLY X 63 -10.88 -34.15 -55.62
C GLY X 63 -9.79 -33.77 -54.66
N GLN X 64 -9.41 -32.50 -54.74
CA GLN X 64 -8.16 -31.96 -54.19
C GLN X 64 -6.96 -32.75 -54.71
N VAL X 65 -7.03 -33.22 -55.95
CA VAL X 65 -5.91 -33.90 -56.58
C VAL X 65 -5.55 -33.22 -57.90
N HIS X 66 -6.50 -33.18 -58.86
CA HIS X 66 -6.41 -32.60 -60.20
C HIS X 66 -5.07 -32.80 -60.92
N GLY X 67 -4.46 -33.97 -60.74
CA GLY X 67 -3.12 -34.19 -61.24
C GLY X 67 -2.15 -34.65 -60.17
N ASP X 68 -1.15 -33.81 -59.86
CA ASP X 68 -0.04 -34.20 -58.99
C ASP X 68 -0.18 -33.71 -57.57
N ALA X 69 -0.68 -32.49 -57.34
CA ALA X 69 -0.70 -31.91 -56.01
C ALA X 69 -1.85 -32.47 -55.19
N PHE X 70 -1.66 -32.50 -53.88
CA PHE X 70 -2.73 -32.91 -52.98
C PHE X 70 -2.43 -32.26 -51.63
N PRO X 71 -3.44 -31.69 -50.97
CA PRO X 71 -3.18 -30.74 -49.87
C PRO X 71 -2.81 -31.48 -48.59
N VAL X 72 -1.60 -31.25 -48.12
CA VAL X 72 -1.18 -31.78 -46.84
C VAL X 72 -1.77 -30.92 -45.75
N ASN X 73 -2.08 -31.51 -44.60
CA ASN X 73 -2.49 -30.74 -43.43
C ASN X 73 -1.79 -31.35 -42.23
N PHE X 74 -0.56 -30.93 -41.98
CA PHE X 74 0.14 -31.39 -40.80
C PHE X 74 -0.39 -30.64 -39.57
N TYR X 75 -0.52 -31.34 -38.45
CA TYR X 75 -1.19 -30.76 -37.30
C TYR X 75 -0.49 -31.07 -35.99
N THR X 76 -0.37 -30.04 -35.16
CA THR X 76 -0.06 -30.14 -33.74
C THR X 76 -1.21 -29.51 -32.97
N PRO X 77 -1.39 -29.84 -31.69
CA PRO X 77 -2.43 -29.17 -30.90
C PRO X 77 -2.27 -27.67 -30.74
N HIS X 78 -1.05 -27.17 -30.71
CA HIS X 78 -0.83 -25.75 -30.48
C HIS X 78 -0.39 -25.00 -31.73
N SER X 79 -0.26 -25.68 -32.86
CA SER X 79 0.20 -25.02 -34.08
C SER X 79 -0.21 -25.85 -35.28
N ILE X 80 -0.57 -25.15 -36.36
CA ILE X 80 -0.71 -25.76 -37.69
C ILE X 80 0.57 -25.45 -38.43
N LEU X 81 1.38 -26.50 -38.69
CA LEU X 81 2.70 -26.26 -39.26
C LEU X 81 2.62 -25.89 -40.74
N SER X 82 1.85 -26.64 -41.52
CA SER X 82 1.69 -26.32 -42.93
C SER X 82 0.39 -26.91 -43.42
N GLN X 83 -0.31 -26.15 -44.25
CA GLN X 83 -1.42 -26.67 -45.03
C GLN X 83 -1.18 -26.42 -46.51
N ALA X 84 0.07 -26.52 -46.94
CA ALA X 84 0.48 -26.12 -48.28
C ALA X 84 0.16 -27.22 -49.28
N GLN X 85 0.60 -27.02 -50.53
CA GLN X 85 0.40 -27.98 -51.60
C GLN X 85 1.69 -28.79 -51.79
N LYS X 86 1.63 -30.08 -51.47
CA LYS X 86 2.76 -30.96 -51.63
C LYS X 86 2.38 -32.16 -52.49
N ASP X 87 3.40 -32.94 -52.84
CA ASP X 87 3.20 -34.17 -53.59
C ASP X 87 3.77 -35.41 -52.91
N THR X 88 4.67 -35.26 -51.94
CA THR X 88 5.25 -36.41 -51.25
C THR X 88 5.41 -36.11 -49.76
N VAL X 89 4.93 -37.02 -48.92
CA VAL X 89 5.24 -37.03 -47.49
C VAL X 89 5.76 -38.43 -47.18
N VAL X 90 6.69 -38.53 -46.22
CA VAL X 90 7.22 -39.81 -45.76
C VAL X 90 6.96 -39.91 -44.27
N LEU X 91 6.00 -40.76 -43.88
CA LEU X 91 5.37 -40.95 -42.59
C LEU X 91 6.11 -42.00 -41.75
N PRO X 92 6.13 -41.86 -40.42
CA PRO X 92 6.67 -42.89 -39.50
C PRO X 92 5.61 -43.84 -38.96
N GLY X 93 5.12 -44.74 -39.80
CA GLY X 93 4.12 -45.69 -39.37
C GLY X 93 4.68 -46.76 -38.44
N VAL X 94 3.76 -47.46 -37.77
CA VAL X 94 4.16 -48.48 -36.80
C VAL X 94 4.77 -49.68 -37.52
N ASP X 95 4.18 -50.11 -38.64
CA ASP X 95 4.73 -51.19 -39.43
C ASP X 95 5.70 -50.68 -40.50
N GLY X 96 6.41 -49.60 -40.22
CA GLY X 96 7.45 -49.13 -41.12
C GLY X 96 7.15 -47.79 -41.74
N TYR X 97 8.21 -47.10 -42.18
CA TYR X 97 8.04 -45.86 -42.90
C TYR X 97 7.38 -46.12 -44.25
N PHE X 98 6.61 -45.14 -44.71
CA PHE X 98 5.92 -45.31 -45.97
C PHE X 98 5.67 -43.95 -46.59
N GLY X 99 6.11 -43.78 -47.84
CA GLY X 99 5.93 -42.52 -48.53
C GLY X 99 4.52 -42.38 -49.07
N VAL X 100 4.13 -41.14 -49.29
CA VAL X 100 2.79 -40.80 -49.75
C VAL X 100 2.92 -40.19 -51.14
N LYS X 101 2.21 -40.75 -52.11
CA LYS X 101 2.11 -40.14 -53.44
C LYS X 101 0.81 -39.36 -53.56
N ALA X 102 0.48 -38.96 -54.79
CA ALA X 102 -0.70 -38.13 -55.02
C ALA X 102 -1.99 -38.87 -54.66
N SER X 103 -2.29 -39.95 -55.38
CA SER X 103 -3.43 -40.80 -55.03
C SER X 103 -2.88 -42.04 -54.31
N HIS X 104 -2.51 -41.83 -53.05
CA HIS X 104 -2.01 -42.88 -52.17
C HIS X 104 -3.15 -43.78 -51.73
N VAL X 105 -2.81 -44.85 -51.02
CA VAL X 105 -3.83 -45.75 -50.45
C VAL X 105 -4.63 -45.00 -49.39
N PRO X 106 -5.91 -45.25 -49.26
CA PRO X 106 -6.62 -44.80 -48.07
C PRO X 106 -6.12 -45.59 -46.87
N THR X 107 -5.82 -44.90 -45.77
CA THR X 107 -5.25 -45.57 -44.61
C THR X 107 -5.59 -44.82 -43.33
N ILE X 108 -5.51 -45.55 -42.22
CA ILE X 108 -5.53 -44.99 -40.87
C ILE X 108 -4.34 -45.64 -40.18
N ALA X 109 -3.22 -44.94 -40.13
CA ALA X 109 -1.98 -45.54 -39.68
C ALA X 109 -1.53 -44.89 -38.38
N GLN X 110 -1.34 -45.72 -37.36
CA GLN X 110 -0.72 -45.25 -36.13
C GLN X 110 0.75 -44.93 -36.39
N LEU X 111 1.32 -44.06 -35.56
CA LEU X 111 2.68 -43.57 -35.76
C LEU X 111 3.59 -44.05 -34.65
N LYS X 112 4.55 -44.89 -35.01
CA LYS X 112 5.75 -45.03 -34.22
C LYS X 112 6.48 -43.70 -34.24
N PRO X 113 7.13 -43.31 -33.13
CA PRO X 113 7.93 -42.08 -33.15
C PRO X 113 9.08 -42.14 -34.15
N GLY X 114 9.01 -41.31 -35.17
CA GLY X 114 10.06 -41.26 -36.18
C GLY X 114 9.94 -39.98 -36.98
N VAL X 115 10.92 -39.80 -37.87
CA VAL X 115 11.13 -38.52 -38.55
C VAL X 115 10.26 -38.45 -39.79
N VAL X 116 9.41 -37.43 -39.86
CA VAL X 116 8.66 -37.18 -41.09
C VAL X 116 9.56 -36.43 -42.06
N GLU X 117 9.32 -36.63 -43.35
CA GLU X 117 10.03 -35.92 -44.40
C GLU X 117 8.99 -35.27 -45.29
N LEU X 118 9.01 -33.94 -45.37
CA LEU X 118 8.06 -33.18 -46.16
C LEU X 118 8.68 -32.85 -47.51
N HIS X 119 7.92 -33.07 -48.59
CA HIS X 119 8.45 -32.91 -49.93
C HIS X 119 7.45 -32.24 -50.83
N SER X 120 7.87 -31.15 -51.47
CA SER X 120 7.19 -30.58 -52.63
C SER X 120 8.06 -30.66 -53.88
N GLY X 121 9.26 -31.22 -53.76
CA GLY X 121 10.21 -31.24 -54.86
C GLY X 121 11.56 -31.74 -54.42
N ALA X 122 12.62 -31.00 -54.75
CA ALA X 122 13.99 -31.44 -54.49
C ALA X 122 14.44 -31.24 -53.05
N GLU X 123 13.64 -30.58 -52.21
CA GLU X 123 14.01 -30.28 -50.84
C GLU X 123 13.49 -31.34 -49.89
N SER X 124 14.24 -31.57 -48.81
CA SER X 124 13.86 -32.54 -47.78
C SER X 124 14.07 -31.90 -46.41
N GLU X 125 13.06 -31.21 -45.91
CA GLU X 125 13.07 -30.74 -44.53
C GLU X 125 12.31 -31.75 -43.67
N LYS X 126 12.65 -31.80 -42.40
CA LYS X 126 12.24 -32.90 -41.54
C LYS X 126 11.55 -32.35 -40.30
N PHE X 127 10.63 -33.13 -39.74
CA PHE X 127 10.18 -32.97 -38.36
C PHE X 127 10.23 -34.33 -37.68
N PHE X 128 10.48 -34.34 -36.37
CA PHE X 128 10.54 -35.56 -35.57
C PHE X 128 9.31 -35.56 -34.66
N VAL X 129 8.28 -36.29 -35.07
CA VAL X 129 7.03 -36.35 -34.32
C VAL X 129 7.15 -37.35 -33.19
N SER X 130 6.14 -37.38 -32.32
CA SER X 130 6.22 -38.20 -31.11
C SER X 130 5.11 -39.24 -31.00
N GLY X 131 4.19 -39.31 -31.95
CA GLY X 131 3.12 -40.30 -31.90
C GLY X 131 1.94 -39.85 -32.74
N GLY X 132 0.76 -40.36 -32.39
CA GLY X 132 -0.46 -39.97 -33.06
C GLY X 132 -0.78 -40.85 -34.26
N PHE X 133 -1.71 -40.35 -35.09
CA PHE X 133 -2.13 -41.03 -36.30
C PHE X 133 -1.96 -40.12 -37.52
N ALA X 134 -1.95 -40.76 -38.69
CA ALA X 134 -1.94 -40.06 -39.96
C ALA X 134 -2.90 -40.77 -40.92
N PHE X 135 -3.95 -40.08 -41.32
CA PHE X 135 -4.92 -40.66 -42.22
C PHE X 135 -4.69 -40.15 -43.63
N VAL X 136 -5.06 -40.99 -44.59
CA VAL X 136 -5.27 -40.58 -45.97
C VAL X 136 -6.71 -40.95 -46.32
N HIS X 137 -7.53 -39.95 -46.62
CA HIS X 137 -8.94 -40.14 -46.90
C HIS X 137 -9.15 -40.81 -48.26
N PRO X 138 -10.38 -41.24 -48.58
CA PRO X 138 -10.67 -41.74 -49.94
C PRO X 138 -10.46 -40.75 -51.08
N ASN X 139 -10.27 -39.45 -50.82
CA ASN X 139 -9.89 -38.53 -51.89
C ASN X 139 -8.39 -38.23 -51.87
N GLY X 140 -7.61 -39.00 -51.11
CA GLY X 140 -6.18 -38.86 -51.10
C GLY X 140 -5.64 -37.74 -50.25
N VAL X 141 -6.51 -36.98 -49.58
CA VAL X 141 -6.05 -35.87 -48.74
C VAL X 141 -5.52 -36.43 -47.43
N THR X 142 -4.38 -35.93 -46.98
CA THR X 142 -3.70 -36.44 -45.80
C THR X 142 -3.86 -35.53 -44.58
N ASP X 143 -3.84 -36.15 -43.41
CA ASP X 143 -3.98 -35.47 -42.13
C ASP X 143 -3.09 -36.14 -41.12
N ILE X 144 -2.01 -35.47 -40.72
CA ILE X 144 -0.97 -36.05 -39.88
C ILE X 144 -1.06 -35.41 -38.50
N CYS X 145 -1.64 -36.12 -37.56
CA CYS X 145 -2.09 -35.56 -36.28
C CYS X 145 -1.17 -36.06 -35.17
N VAL X 146 -0.17 -35.25 -34.83
CA VAL X 146 0.86 -35.65 -33.89
C VAL X 146 0.86 -34.69 -32.70
N LEU X 147 1.64 -35.02 -31.69
CA LEU X 147 1.67 -34.28 -30.44
C LEU X 147 2.85 -33.31 -30.34
N GLU X 148 4.08 -33.82 -30.40
CA GLU X 148 5.27 -32.99 -30.31
C GLU X 148 6.01 -33.09 -31.63
N ALA X 149 5.92 -32.04 -32.44
CA ALA X 149 6.47 -32.03 -33.79
C ALA X 149 7.67 -31.11 -33.81
N ALA X 150 8.82 -31.66 -33.43
CA ALA X 150 10.07 -30.92 -33.43
C ALA X 150 10.84 -31.22 -34.70
N THR X 151 11.31 -30.18 -35.36
CA THR X 151 12.29 -30.41 -36.42
C THR X 151 13.61 -30.86 -35.80
N LEU X 152 14.40 -31.59 -36.60
CA LEU X 152 15.65 -32.15 -36.10
C LEU X 152 16.70 -31.10 -35.79
N ASP X 153 16.55 -29.89 -36.34
CA ASP X 153 17.40 -28.78 -35.92
C ASP X 153 17.07 -28.35 -34.49
N GLN X 154 15.83 -28.54 -34.05
CA GLN X 154 15.36 -28.05 -32.76
C GLN X 154 15.63 -28.99 -31.60
N VAL X 155 16.50 -29.98 -31.77
CA VAL X 155 16.83 -30.90 -30.70
C VAL X 155 18.35 -31.07 -30.65
N ASP X 156 18.84 -31.42 -29.45
CA ASP X 156 20.26 -31.68 -29.27
C ASP X 156 20.52 -33.17 -29.14
N PRO X 157 21.51 -33.70 -29.87
CA PRO X 157 21.79 -35.14 -29.80
C PRO X 157 22.73 -35.56 -28.68
N ALA X 158 23.34 -34.62 -27.96
CA ALA X 158 24.29 -34.99 -26.92
C ALA X 158 23.60 -35.36 -25.62
N ALA X 159 22.43 -34.77 -25.33
CA ALA X 159 21.72 -35.03 -24.09
C ALA X 159 20.83 -36.26 -24.15
N VAL X 160 20.44 -36.69 -25.35
CA VAL X 160 19.59 -37.87 -25.47
C VAL X 160 20.40 -39.14 -25.21
N LYS X 161 21.70 -39.11 -25.46
CA LYS X 161 22.54 -40.27 -25.17
C LYS X 161 22.80 -40.41 -23.68
N SER X 162 22.81 -39.30 -22.95
CA SER X 162 22.78 -39.39 -21.49
C SER X 162 21.39 -39.76 -20.99
N ALA X 163 20.35 -39.45 -21.77
CA ALA X 163 18.99 -39.77 -21.36
C ALA X 163 18.72 -41.27 -21.43
N LEU X 164 19.33 -41.96 -22.42
CA LEU X 164 19.24 -43.42 -22.47
C LEU X 164 19.90 -44.04 -21.24
N ALA X 165 21.04 -43.48 -20.81
CA ALA X 165 21.65 -43.91 -19.57
C ALA X 165 20.80 -43.49 -18.36
N ALA X 166 19.96 -42.48 -18.53
CA ALA X 166 19.04 -42.09 -17.48
C ALA X 166 17.74 -42.89 -17.50
N ALA X 167 17.36 -43.42 -18.66
CA ALA X 167 16.11 -44.18 -18.76
C ALA X 167 16.33 -45.68 -18.61
N SER X 168 17.37 -46.22 -19.24
CA SER X 168 17.63 -47.66 -19.20
C SER X 168 18.38 -48.09 -17.95
N ALA X 169 18.47 -47.23 -16.93
CA ALA X 169 19.04 -47.60 -15.64
C ALA X 169 17.98 -47.74 -14.55
N ALA X 170 16.71 -47.54 -14.88
CA ALA X 170 15.61 -47.70 -13.93
C ALA X 170 14.74 -48.85 -14.40
N GLN X 171 14.51 -49.83 -13.52
CA GLN X 171 13.66 -50.97 -13.82
C GLN X 171 12.84 -51.27 -12.57
N PRO X 172 11.63 -50.74 -12.49
CA PRO X 172 10.70 -51.16 -11.43
C PRO X 172 9.88 -52.36 -11.86
N THR X 173 9.51 -53.17 -10.87
CA THR X 173 8.83 -54.43 -11.15
C THR X 173 7.39 -54.22 -11.62
N ASP X 174 6.78 -53.08 -11.32
CA ASP X 174 5.42 -52.82 -11.78
C ASP X 174 5.42 -52.45 -13.25
N GLU X 175 4.39 -52.90 -13.96
CA GLU X 175 4.38 -52.83 -15.42
C GLU X 175 4.00 -51.45 -15.96
N PHE X 176 3.67 -50.50 -15.09
CA PHE X 176 3.30 -49.17 -15.58
C PHE X 176 4.54 -48.39 -16.00
N GLU X 177 5.49 -48.21 -15.08
CA GLU X 177 6.61 -47.32 -15.32
C GLU X 177 7.61 -47.91 -16.30
N GLN X 178 7.77 -49.24 -16.32
CA GLN X 178 8.68 -49.84 -17.28
C GLN X 178 8.10 -49.83 -18.69
N ALA X 179 6.77 -49.88 -18.82
CA ALA X 179 6.16 -49.67 -20.13
C ALA X 179 6.32 -48.23 -20.57
N ALA X 180 6.23 -47.29 -19.62
CA ALA X 180 6.61 -45.91 -19.90
C ALA X 180 8.10 -45.80 -20.20
N ASN X 181 8.91 -46.61 -19.52
CA ASN X 181 10.35 -46.59 -19.78
C ASN X 181 10.66 -47.21 -21.14
N ARG X 182 9.88 -48.22 -21.54
CA ARG X 182 10.08 -48.85 -22.84
C ARG X 182 9.80 -47.89 -23.98
N ALA X 183 8.72 -47.11 -23.86
CA ALA X 183 8.45 -46.07 -24.84
C ALA X 183 9.48 -44.96 -24.77
N ALA X 184 10.01 -44.71 -23.57
CA ALA X 184 11.08 -43.72 -23.43
C ALA X 184 12.37 -44.20 -24.09
N ILE X 185 12.59 -45.51 -24.12
CA ILE X 185 13.75 -46.07 -24.80
C ILE X 185 13.62 -45.86 -26.31
N GLU X 186 12.47 -46.23 -26.87
CA GLU X 186 12.32 -46.29 -28.32
C GLU X 186 12.24 -44.88 -28.92
N LEU X 187 11.58 -43.96 -28.22
CA LEU X 187 11.45 -42.59 -28.71
C LEU X 187 12.79 -41.86 -28.65
N TYR X 188 13.60 -42.14 -27.62
CA TYR X 188 14.91 -41.51 -27.53
C TYR X 188 15.87 -42.09 -28.56
N SER X 189 15.83 -43.41 -28.76
CA SER X 189 16.66 -44.01 -29.79
C SER X 189 16.16 -43.67 -31.18
N ALA X 190 14.88 -43.32 -31.29
CA ALA X 190 14.39 -42.71 -32.53
C ALA X 190 15.04 -41.36 -32.76
N LEU X 191 15.34 -40.63 -31.69
CA LEU X 191 16.11 -39.40 -31.84
C LEU X 191 17.60 -39.70 -31.97
N GLU X 192 18.09 -40.69 -31.23
CA GLU X 192 19.52 -41.03 -31.22
C GLU X 192 19.99 -41.49 -32.58
N SER X 193 19.11 -42.12 -33.34
CA SER X 193 19.43 -42.56 -34.69
C SER X 193 18.98 -41.58 -35.75
N ALA X 194 18.20 -40.55 -35.38
CA ALA X 194 17.84 -39.50 -36.34
C ALA X 194 19.01 -38.60 -36.64
N VAL X 195 19.94 -38.44 -35.69
CA VAL X 195 21.15 -37.67 -35.92
C VAL X 195 22.25 -38.54 -36.54
N GLU X 196 22.14 -39.87 -36.44
CA GLU X 196 23.20 -40.76 -36.88
C GLU X 196 23.11 -41.09 -38.37
N ALA X 197 21.89 -41.16 -38.91
CA ALA X 197 21.70 -41.38 -40.34
C ALA X 197 21.24 -40.13 -41.07
N LYS X 198 21.74 -38.96 -40.66
CA LYS X 198 21.34 -37.70 -41.27
C LYS X 198 22.05 -37.50 -42.60
N ALA X 199 21.29 -37.04 -43.60
CA ALA X 199 21.85 -36.77 -44.91
C ALA X 199 22.61 -35.46 -44.91
N SER Y 39 -26.77 14.75 4.43
CA SER Y 39 -27.83 15.55 3.83
C SER Y 39 -27.49 15.87 2.38
N ASN Y 40 -26.21 16.18 2.13
CA ASN Y 40 -25.73 16.45 0.79
C ASN Y 40 -24.43 15.73 0.43
N GLN Y 41 -23.62 15.32 1.41
CA GLN Y 41 -22.31 14.79 1.08
C GLN Y 41 -22.35 13.32 0.69
N ALA Y 42 -23.44 12.60 1.02
CA ALA Y 42 -23.57 11.21 0.60
C ALA Y 42 -23.72 11.12 -0.92
N VAL Y 43 -24.28 12.14 -1.54
CA VAL Y 43 -24.35 12.19 -2.99
C VAL Y 43 -22.96 12.46 -3.57
N LYS Y 44 -22.15 13.28 -2.91
CA LYS Y 44 -20.81 13.57 -3.42
C LYS Y 44 -19.90 12.36 -3.29
N GLN Y 45 -19.99 11.63 -2.18
CA GLN Y 45 -19.13 10.47 -2.00
C GLN Y 45 -19.56 9.31 -2.88
N ARG Y 46 -20.83 9.28 -3.30
CA ARG Y 46 -21.27 8.23 -4.20
C ARG Y 46 -20.77 8.48 -5.63
N ILE Y 47 -20.71 9.74 -6.06
CA ILE Y 47 -20.23 10.08 -7.39
C ILE Y 47 -18.75 9.75 -7.52
N ARG Y 48 -17.98 10.00 -6.47
CA ARG Y 48 -16.59 9.54 -6.41
C ARG Y 48 -16.54 8.01 -6.44
N ALA Y 49 -17.50 7.35 -5.80
CA ALA Y 49 -17.51 5.89 -5.77
C ALA Y 49 -17.87 5.32 -7.13
N ILE Y 50 -18.86 5.90 -7.80
CA ILE Y 50 -19.28 5.37 -9.09
C ILE Y 50 -18.25 5.70 -10.17
N LYS Y 51 -17.52 6.81 -10.03
CA LYS Y 51 -16.58 7.20 -11.08
C LYS Y 51 -15.38 6.24 -11.16
N ASN Y 52 -14.96 5.69 -10.03
CA ASN Y 52 -13.89 4.69 -10.12
C ASN Y 52 -14.43 3.35 -10.61
N ILE Y 53 -15.73 3.09 -10.49
CA ILE Y 53 -16.31 1.91 -11.13
C ILE Y 53 -16.24 2.08 -12.63
N GLY Y 54 -16.47 3.30 -13.12
CA GLY Y 54 -16.22 3.59 -14.52
C GLY Y 54 -14.75 3.53 -14.88
N LYS Y 55 -13.87 3.64 -13.89
CA LYS Y 55 -12.45 3.40 -14.13
C LYS Y 55 -12.14 1.91 -14.15
N ILE Y 56 -12.76 1.14 -13.25
CA ILE Y 56 -12.51 -0.30 -13.18
C ILE Y 56 -13.08 -0.99 -14.42
N THR Y 57 -14.30 -0.63 -14.81
CA THR Y 57 -14.90 -1.25 -15.98
C THR Y 57 -14.23 -0.80 -17.27
N LYS Y 58 -13.64 0.39 -17.28
CA LYS Y 58 -12.78 0.74 -18.39
C LYS Y 58 -11.42 0.08 -18.30
N ALA Y 59 -11.05 -0.43 -17.12
CA ALA Y 59 -9.85 -1.23 -17.05
C ALA Y 59 -10.14 -2.68 -17.41
N MET Y 60 -11.21 -3.25 -16.86
CA MET Y 60 -11.53 -4.66 -17.12
C MET Y 60 -12.02 -4.89 -18.54
N LYS Y 61 -12.49 -3.85 -19.23
CA LYS Y 61 -12.69 -4.04 -20.65
C LYS Y 61 -11.35 -4.07 -21.37
N MET Y 62 -10.43 -3.18 -20.98
CA MET Y 62 -9.11 -3.18 -21.61
C MET Y 62 -8.27 -4.36 -21.18
N VAL Y 63 -8.51 -4.89 -19.98
CA VAL Y 63 -7.91 -6.16 -19.59
C VAL Y 63 -8.46 -7.29 -20.47
N ALA Y 64 -9.75 -7.24 -20.76
CA ALA Y 64 -10.38 -8.29 -21.56
C ALA Y 64 -9.91 -8.25 -23.01
N ALA Y 65 -9.44 -7.10 -23.50
CA ALA Y 65 -8.82 -7.10 -24.82
C ALA Y 65 -7.43 -7.70 -24.79
N SER Y 66 -6.76 -7.62 -23.64
CA SER Y 66 -5.45 -8.25 -23.51
C SER Y 66 -5.58 -9.76 -23.46
N LYS Y 67 -6.45 -10.26 -22.58
CA LYS Y 67 -6.57 -11.70 -22.40
C LYS Y 67 -7.27 -12.38 -23.57
N MET Y 68 -8.05 -11.64 -24.36
CA MET Y 68 -8.58 -12.21 -25.59
C MET Y 68 -7.50 -12.32 -26.64
N LYS Y 69 -6.56 -11.38 -26.69
CA LYS Y 69 -5.64 -11.33 -27.82
C LYS Y 69 -4.52 -12.35 -27.70
N ASN Y 70 -3.89 -12.47 -26.53
CA ASN Y 70 -2.73 -13.34 -26.37
C ASN Y 70 -3.07 -14.81 -26.48
N ALA Y 71 -4.35 -15.18 -26.33
CA ALA Y 71 -4.80 -16.54 -26.55
C ALA Y 71 -5.66 -16.66 -27.80
N GLN Y 72 -5.78 -15.58 -28.59
CA GLN Y 72 -6.51 -15.70 -29.86
C GLN Y 72 -5.72 -16.48 -30.88
N ILE Y 73 -4.39 -16.40 -30.84
CA ILE Y 73 -3.56 -16.99 -31.88
C ILE Y 73 -3.54 -18.51 -31.76
N ALA Y 74 -3.48 -19.02 -30.53
CA ALA Y 74 -3.51 -20.46 -30.33
C ALA Y 74 -4.89 -21.05 -30.64
N VAL Y 75 -5.93 -20.24 -30.55
CA VAL Y 75 -7.26 -20.69 -30.94
C VAL Y 75 -7.34 -20.85 -32.46
N GLU Y 76 -6.68 -19.94 -33.19
CA GLU Y 76 -6.69 -19.98 -34.65
C GLU Y 76 -5.98 -21.22 -35.19
N GLN Y 77 -4.98 -21.72 -34.48
CA GLN Y 77 -4.36 -22.99 -34.86
C GLN Y 77 -5.23 -24.17 -34.44
N SER Y 78 -5.91 -24.04 -33.31
CA SER Y 78 -6.61 -25.18 -32.70
C SER Y 78 -7.84 -25.62 -33.47
N ARG Y 79 -8.36 -24.80 -34.38
CA ARG Y 79 -9.52 -25.18 -35.16
C ARG Y 79 -9.21 -26.21 -36.24
N GLY Y 80 -7.94 -26.52 -36.46
CA GLY Y 80 -7.55 -27.41 -37.54
C GLY Y 80 -7.33 -28.85 -37.10
N LEU Y 81 -6.97 -29.06 -35.83
CA LEU Y 81 -6.65 -30.41 -35.38
C LEU Y 81 -7.89 -31.29 -35.29
N VAL Y 82 -9.07 -30.73 -35.02
CA VAL Y 82 -10.25 -31.57 -35.01
C VAL Y 82 -10.76 -31.83 -36.42
N ASP Y 83 -10.29 -31.07 -37.41
CA ASP Y 83 -10.77 -31.26 -38.79
C ASP Y 83 -10.48 -32.63 -39.41
N PRO Y 84 -9.41 -33.36 -39.09
CA PRO Y 84 -9.33 -34.76 -39.55
C PRO Y 84 -10.42 -35.66 -39.01
N PHE Y 85 -10.79 -35.54 -37.75
CA PHE Y 85 -11.61 -36.58 -37.16
C PHE Y 85 -13.07 -36.46 -37.59
N VAL Y 86 -13.58 -35.23 -37.70
CA VAL Y 86 -14.98 -35.05 -38.03
C VAL Y 86 -15.25 -35.26 -39.53
N ARG Y 87 -14.26 -35.06 -40.39
CA ARG Y 87 -14.45 -35.42 -41.78
C ARG Y 87 -14.34 -36.94 -41.97
N LEU Y 88 -13.74 -37.63 -40.99
CA LEU Y 88 -13.53 -39.08 -41.04
C LEU Y 88 -14.55 -39.85 -40.20
N PHE Y 89 -14.88 -39.37 -39.01
CA PHE Y 89 -15.87 -40.06 -38.19
C PHE Y 89 -17.25 -39.48 -38.32
N GLY Y 90 -17.42 -38.38 -39.04
CA GLY Y 90 -18.72 -37.76 -39.20
C GLY Y 90 -19.17 -37.01 -37.96
N ASP Y 91 -20.22 -36.23 -38.16
CA ASP Y 91 -20.84 -35.41 -37.12
C ASP Y 91 -22.11 -36.12 -36.67
N PHE Y 92 -22.08 -36.68 -35.45
CA PHE Y 92 -23.15 -37.55 -34.94
C PHE Y 92 -23.76 -36.97 -33.67
N PRO Y 93 -24.59 -35.91 -33.76
CA PRO Y 93 -25.20 -35.38 -32.53
C PRO Y 93 -26.47 -36.09 -32.09
N ALA Y 94 -27.31 -36.50 -33.03
CA ALA Y 94 -28.59 -37.14 -32.72
C ALA Y 94 -28.43 -38.64 -32.56
N VAL Y 95 -27.51 -39.05 -31.72
CA VAL Y 95 -27.19 -40.46 -31.56
C VAL Y 95 -28.17 -41.12 -30.61
N ASN Y 96 -28.69 -42.26 -31.04
CA ASN Y 96 -29.37 -43.18 -30.14
C ASN Y 96 -28.27 -43.97 -29.46
N SER Y 97 -27.89 -43.54 -28.26
CA SER Y 97 -26.86 -44.19 -27.47
C SER Y 97 -27.50 -44.88 -26.28
N ASN Y 98 -26.70 -45.68 -25.59
CA ASN Y 98 -27.13 -46.29 -24.34
C ASN Y 98 -26.68 -45.50 -23.13
N LYS Y 99 -25.72 -44.58 -23.29
CA LYS Y 99 -25.25 -43.66 -22.26
C LYS Y 99 -24.39 -42.61 -22.95
N SER Y 100 -24.67 -41.34 -22.69
CA SER Y 100 -23.91 -40.24 -23.31
C SER Y 100 -23.46 -39.28 -22.22
N VAL Y 101 -22.22 -39.45 -21.77
CA VAL Y 101 -21.63 -38.53 -20.80
C VAL Y 101 -21.43 -37.18 -21.49
N VAL Y 102 -22.00 -36.13 -20.91
CA VAL Y 102 -22.02 -34.79 -21.49
C VAL Y 102 -21.17 -33.85 -20.63
N VAL Y 103 -20.32 -33.06 -21.28
CA VAL Y 103 -19.54 -32.05 -20.61
C VAL Y 103 -20.19 -30.69 -20.84
N ALA Y 104 -19.79 -29.72 -20.03
CA ALA Y 104 -20.25 -28.35 -20.16
C ALA Y 104 -19.17 -27.45 -19.59
N VAL Y 105 -18.56 -26.62 -20.43
CA VAL Y 105 -17.34 -25.92 -20.08
C VAL Y 105 -17.67 -24.45 -19.83
N THR Y 106 -17.62 -24.04 -18.57
CA THR Y 106 -17.95 -22.68 -18.16
C THR Y 106 -16.67 -21.91 -17.86
N SER Y 107 -16.83 -20.70 -17.31
CA SER Y 107 -15.71 -19.83 -16.98
C SER Y 107 -15.39 -19.89 -15.49
N ASP Y 108 -14.33 -19.16 -15.11
CA ASP Y 108 -13.98 -18.99 -13.71
C ASP Y 108 -14.40 -17.63 -13.16
N LYS Y 109 -13.90 -16.56 -13.76
CA LYS Y 109 -14.33 -15.22 -13.38
C LYS Y 109 -15.71 -14.99 -13.99
N GLY Y 110 -16.74 -15.00 -13.16
CA GLY Y 110 -18.12 -15.00 -13.60
C GLY Y 110 -18.62 -13.73 -14.26
N LEU Y 111 -17.75 -12.74 -14.49
CA LEU Y 111 -18.13 -11.46 -15.10
C LEU Y 111 -18.07 -11.52 -16.62
N CYS Y 112 -18.26 -12.70 -17.20
CA CYS Y 112 -18.24 -12.90 -18.65
C CYS Y 112 -19.38 -12.17 -19.34
N GLY Y 113 -20.53 -12.06 -18.69
CA GLY Y 113 -21.67 -11.42 -19.29
C GLY Y 113 -22.73 -12.36 -19.83
N GLY Y 114 -22.85 -13.57 -19.29
CA GLY Y 114 -23.83 -14.51 -19.73
C GLY Y 114 -23.32 -15.66 -20.56
N LEU Y 115 -22.01 -15.88 -20.58
CA LEU Y 115 -21.47 -17.03 -21.31
C LEU Y 115 -21.76 -18.33 -20.59
N ASN Y 116 -21.77 -18.29 -19.26
CA ASN Y 116 -22.24 -19.45 -18.51
C ASN Y 116 -23.75 -19.53 -18.50
N SER Y 117 -24.43 -18.45 -18.88
CA SER Y 117 -25.89 -18.46 -18.89
C SER Y 117 -26.42 -19.31 -20.03
N ASN Y 118 -25.92 -19.06 -21.25
CA ASN Y 118 -26.54 -19.65 -22.43
C ASN Y 118 -26.28 -21.14 -22.54
N ILE Y 119 -25.08 -21.60 -22.17
CA ILE Y 119 -24.80 -23.03 -22.25
C ILE Y 119 -25.45 -23.79 -21.12
N THR Y 120 -25.92 -23.11 -20.07
CA THR Y 120 -26.76 -23.77 -19.08
C THR Y 120 -28.22 -23.83 -19.51
N LYS Y 121 -28.60 -23.12 -20.58
CA LYS Y 121 -29.85 -23.44 -21.26
C LYS Y 121 -29.58 -24.33 -22.46
N TYR Y 122 -28.43 -24.16 -23.11
CA TYR Y 122 -28.06 -25.04 -24.22
C TYR Y 122 -27.78 -26.46 -23.76
N THR Y 123 -27.40 -26.66 -22.49
CA THR Y 123 -27.34 -28.03 -22.00
C THR Y 123 -28.75 -28.60 -21.86
N ARG Y 124 -29.71 -27.79 -21.39
CA ARG Y 124 -31.08 -28.29 -21.25
C ARG Y 124 -31.77 -28.34 -22.60
N ALA Y 125 -31.25 -27.60 -23.58
CA ALA Y 125 -31.70 -27.76 -24.95
C ALA Y 125 -31.22 -29.09 -25.53
N THR Y 126 -29.94 -29.43 -25.32
CA THR Y 126 -29.38 -30.58 -26.01
C THR Y 126 -29.37 -31.87 -25.18
N LEU Y 127 -29.61 -31.80 -23.86
CA LEU Y 127 -29.65 -33.04 -23.11
C LEU Y 127 -31.05 -33.61 -23.01
N ALA Y 128 -32.06 -32.76 -22.96
CA ALA Y 128 -33.43 -33.23 -23.02
C ALA Y 128 -33.78 -33.82 -24.39
N THR Y 129 -33.05 -33.44 -25.43
CA THR Y 129 -33.27 -34.02 -26.75
C THR Y 129 -32.72 -35.44 -26.85
N THR Y 130 -31.54 -35.70 -26.28
CA THR Y 130 -30.90 -37.00 -26.39
C THR Y 130 -31.31 -37.97 -25.28
N GLU Y 131 -32.24 -37.59 -24.42
CA GLU Y 131 -32.80 -38.51 -23.44
C GLU Y 131 -34.21 -38.94 -23.84
N SER Y 132 -34.49 -38.95 -25.14
CA SER Y 132 -35.76 -39.42 -25.70
C SER Y 132 -35.87 -40.95 -25.72
N GLU Y 133 -34.93 -41.67 -25.10
CA GLU Y 133 -34.93 -43.11 -25.03
C GLU Y 133 -34.89 -43.65 -23.61
N GLY Y 134 -34.76 -42.79 -22.61
CA GLY Y 134 -34.85 -43.21 -21.21
C GLY Y 134 -33.60 -43.81 -20.62
N LYS Y 135 -32.45 -43.57 -21.23
CA LYS Y 135 -31.20 -44.23 -20.86
C LYS Y 135 -30.60 -43.59 -19.62
N ASP Y 136 -29.36 -44.00 -19.31
CA ASP Y 136 -28.54 -43.34 -18.31
C ASP Y 136 -27.87 -42.11 -18.93
N VAL Y 137 -27.92 -40.99 -18.21
CA VAL Y 137 -27.29 -39.74 -18.62
C VAL Y 137 -26.53 -39.19 -17.43
N VAL Y 138 -25.26 -38.84 -17.63
CA VAL Y 138 -24.40 -38.32 -16.57
C VAL Y 138 -23.71 -37.06 -17.09
N VAL Y 139 -23.75 -35.97 -16.29
CA VAL Y 139 -23.27 -34.66 -16.74
C VAL Y 139 -21.89 -34.37 -16.16
N VAL Y 140 -21.13 -33.54 -16.88
CA VAL Y 140 -19.81 -33.06 -16.46
C VAL Y 140 -19.80 -31.54 -16.56
N SER Y 141 -19.20 -30.88 -15.58
CA SER Y 141 -19.04 -29.44 -15.58
C SER Y 141 -17.59 -29.08 -15.37
N ILE Y 142 -17.03 -28.29 -16.29
CA ILE Y 142 -15.61 -27.92 -16.25
C ILE Y 142 -15.55 -26.40 -16.16
N GLY Y 143 -14.99 -25.90 -15.06
CA GLY Y 143 -14.98 -24.49 -14.71
C GLY Y 143 -15.87 -24.31 -13.49
N ASP Y 144 -15.40 -23.53 -12.51
CA ASP Y 144 -15.99 -23.58 -11.18
C ASP Y 144 -17.33 -22.85 -11.06
N LYS Y 145 -17.88 -22.35 -12.17
CA LYS Y 145 -19.27 -21.91 -12.18
C LYS Y 145 -20.21 -23.00 -12.66
N GLY Y 146 -19.68 -24.11 -13.17
CA GLY Y 146 -20.51 -25.24 -13.52
C GLY Y 146 -21.12 -25.91 -12.30
N ARG Y 147 -20.47 -25.81 -11.14
CA ARG Y 147 -21.05 -26.25 -9.87
C ARG Y 147 -21.99 -25.23 -9.28
N SER Y 148 -22.35 -24.19 -10.02
CA SER Y 148 -23.31 -23.18 -9.60
C SER Y 148 -24.58 -23.17 -10.43
N GLN Y 149 -24.46 -23.23 -11.75
CA GLN Y 149 -25.61 -23.08 -12.64
C GLN Y 149 -26.06 -24.39 -13.28
N LEU Y 150 -25.61 -25.53 -12.74
CA LEU Y 150 -26.04 -26.84 -13.21
C LEU Y 150 -26.49 -27.73 -12.06
N THR Y 151 -25.96 -27.47 -10.86
CA THR Y 151 -26.12 -28.41 -9.76
C THR Y 151 -27.53 -28.45 -9.20
N ARG Y 152 -28.32 -27.41 -9.41
CA ARG Y 152 -29.69 -27.40 -8.94
C ARG Y 152 -30.68 -27.79 -10.02
N ILE Y 153 -30.38 -27.50 -11.28
CA ILE Y 153 -31.27 -27.89 -12.37
C ILE Y 153 -31.08 -29.34 -12.79
N GLU Y 154 -29.89 -29.92 -12.54
CA GLU Y 154 -29.63 -31.35 -12.73
C GLU Y 154 -28.89 -31.83 -11.48
N SER Y 155 -29.63 -32.22 -10.45
CA SER Y 155 -29.06 -32.73 -9.21
C SER Y 155 -29.19 -34.23 -9.10
N GLN Y 156 -29.87 -34.86 -10.05
CA GLN Y 156 -30.09 -36.30 -10.08
C GLN Y 156 -29.12 -37.02 -11.01
N ARG Y 157 -28.55 -36.31 -12.00
CA ARG Y 157 -27.61 -36.87 -12.95
C ARG Y 157 -26.22 -36.29 -12.78
N TYR Y 158 -25.95 -35.68 -11.64
CA TYR Y 158 -24.74 -34.88 -11.47
C TYR Y 158 -23.62 -35.76 -10.93
N GLN Y 159 -22.51 -35.79 -11.65
CA GLN Y 159 -21.34 -36.51 -11.18
C GLN Y 159 -20.10 -35.64 -11.04
N LEU Y 160 -19.76 -34.82 -12.03
CA LEU Y 160 -18.41 -34.31 -12.11
C LEU Y 160 -18.39 -32.80 -12.18
N ALA Y 161 -17.56 -32.19 -11.33
CA ALA Y 161 -17.26 -30.77 -11.35
C ALA Y 161 -15.76 -30.60 -11.41
N ILE Y 162 -15.27 -29.87 -12.41
CA ILE Y 162 -13.84 -29.72 -12.62
C ILE Y 162 -13.51 -28.24 -12.56
N ALA Y 163 -12.74 -27.84 -11.56
CA ALA Y 163 -12.58 -26.44 -11.20
C ALA Y 163 -11.15 -25.96 -11.44
N ASP Y 164 -10.97 -24.64 -11.36
CA ASP Y 164 -9.69 -23.93 -11.42
C ASP Y 164 -8.94 -24.18 -12.72
N THR Y 165 -9.66 -24.46 -13.81
CA THR Y 165 -9.03 -25.01 -15.01
C THR Y 165 -8.30 -23.96 -15.84
N TYR Y 166 -8.52 -22.68 -15.59
CA TYR Y 166 -7.83 -21.61 -16.29
C TYR Y 166 -6.87 -20.85 -15.38
N LYS Y 167 -6.23 -21.58 -14.46
CA LYS Y 167 -5.33 -20.93 -13.51
C LYS Y 167 -4.07 -20.42 -14.20
N VAL Y 168 -3.54 -21.18 -15.16
CA VAL Y 168 -2.33 -20.79 -15.88
C VAL Y 168 -2.58 -20.64 -17.39
N ARG Y 169 -3.04 -21.70 -18.06
CA ARG Y 169 -3.19 -21.76 -19.51
C ARG Y 169 -4.10 -22.94 -19.84
N VAL Y 170 -4.18 -23.27 -21.12
CA VAL Y 170 -4.75 -24.52 -21.58
C VAL Y 170 -3.68 -25.23 -22.39
N THR Y 171 -3.15 -26.33 -21.87
CA THR Y 171 -2.16 -27.13 -22.56
C THR Y 171 -2.76 -28.48 -22.89
N PHE Y 172 -2.14 -29.19 -23.83
CA PHE Y 172 -2.69 -30.49 -24.24
C PHE Y 172 -2.52 -31.55 -23.16
N GLY Y 173 -1.63 -31.30 -22.20
CA GLY Y 173 -1.61 -32.16 -21.02
C GLY Y 173 -2.85 -32.03 -20.17
N GLN Y 174 -3.46 -30.84 -20.16
CA GLN Y 174 -4.59 -30.58 -19.26
C GLN Y 174 -5.82 -31.39 -19.65
N ALA Y 175 -6.22 -31.29 -20.92
CA ALA Y 175 -7.50 -31.86 -21.31
C ALA Y 175 -7.45 -33.38 -21.40
N SER Y 176 -6.30 -33.92 -21.77
CA SER Y 176 -6.19 -35.35 -22.03
C SER Y 176 -6.33 -36.17 -20.75
N LEU Y 177 -5.80 -35.65 -19.64
CA LEU Y 177 -5.96 -36.34 -18.36
C LEU Y 177 -7.42 -36.34 -17.90
N ILE Y 178 -8.17 -35.30 -18.26
CA ILE Y 178 -9.62 -35.30 -18.00
C ILE Y 178 -10.27 -36.41 -18.80
N VAL Y 179 -9.83 -36.61 -20.04
CA VAL Y 179 -10.46 -37.59 -20.91
C VAL Y 179 -10.13 -39.01 -20.46
N GLU Y 180 -9.00 -39.20 -19.79
CA GLU Y 180 -8.75 -40.49 -19.14
C GLU Y 180 -9.61 -40.65 -17.89
N GLU Y 181 -9.89 -39.54 -17.20
CA GLU Y 181 -10.76 -39.56 -16.04
C GLU Y 181 -12.23 -39.46 -16.41
N LEU Y 182 -12.56 -39.39 -17.70
CA LEU Y 182 -13.94 -39.52 -18.14
C LEU Y 182 -14.36 -40.96 -18.35
N ILE Y 183 -13.42 -41.86 -18.68
CA ILE Y 183 -13.78 -43.23 -19.00
C ILE Y 183 -13.78 -44.07 -17.72
N LYS Y 184 -13.75 -43.39 -16.57
CA LYS Y 184 -14.03 -44.06 -15.30
C LYS Y 184 -15.45 -44.61 -15.26
N HIS Y 185 -16.38 -43.98 -15.99
CA HIS Y 185 -17.64 -44.60 -16.34
C HIS Y 185 -17.63 -44.91 -17.83
N ASN Y 186 -18.63 -45.69 -18.28
CA ASN Y 186 -18.63 -46.28 -19.61
C ASN Y 186 -19.85 -45.82 -20.40
N PRO Y 187 -19.77 -44.66 -21.06
CA PRO Y 187 -20.87 -44.23 -21.91
C PRO Y 187 -20.69 -44.69 -23.35
N GLN Y 188 -21.55 -44.22 -24.25
CA GLN Y 188 -21.45 -44.55 -25.65
C GLN Y 188 -21.24 -43.36 -26.57
N SER Y 189 -21.70 -42.17 -26.20
CA SER Y 189 -21.48 -40.97 -27.00
C SER Y 189 -20.99 -39.83 -26.11
N TYR Y 190 -20.69 -38.70 -26.72
CA TYR Y 190 -20.21 -37.53 -25.98
C TYR Y 190 -20.66 -36.25 -26.66
N GLN Y 191 -21.37 -35.41 -25.92
CA GLN Y 191 -21.70 -34.07 -26.37
C GLN Y 191 -20.63 -33.11 -25.87
N ILE Y 192 -20.39 -32.05 -26.64
CA ILE Y 192 -19.43 -31.01 -26.27
C ILE Y 192 -20.17 -29.68 -26.21
N LEU Y 193 -20.14 -29.05 -25.04
CA LEU Y 193 -20.82 -27.78 -24.83
C LEU Y 193 -19.77 -26.69 -24.55
N PHE Y 194 -19.58 -25.83 -25.54
CA PHE Y 194 -18.63 -24.74 -25.48
C PHE Y 194 -19.05 -23.72 -26.52
N ASN Y 195 -18.63 -22.48 -26.31
CA ASN Y 195 -19.01 -21.39 -27.19
C ASN Y 195 -17.94 -21.20 -28.26
N LYS Y 196 -18.36 -21.11 -29.51
CA LYS Y 196 -17.47 -21.12 -30.66
C LYS Y 196 -17.19 -19.69 -31.11
N PHE Y 197 -15.94 -19.27 -30.98
CA PHE Y 197 -15.51 -17.93 -31.36
C PHE Y 197 -15.52 -17.85 -32.87
N ARG Y 198 -16.61 -17.36 -33.45
CA ARG Y 198 -16.55 -16.96 -34.84
C ARG Y 198 -15.89 -15.58 -34.97
N SER Y 199 -16.39 -14.60 -34.22
CA SER Y 199 -15.86 -13.24 -34.24
C SER Y 199 -15.85 -12.73 -32.81
N ALA Y 200 -15.67 -11.41 -32.66
CA ALA Y 200 -15.69 -10.80 -31.34
C ALA Y 200 -17.10 -10.54 -30.82
N ILE Y 201 -18.14 -10.83 -31.62
CA ILE Y 201 -19.51 -10.53 -31.27
C ILE Y 201 -20.38 -11.78 -31.33
N SER Y 202 -20.27 -12.55 -32.41
CA SER Y 202 -21.16 -13.66 -32.70
C SER Y 202 -20.64 -14.94 -32.04
N PHE Y 203 -21.48 -15.54 -31.19
CA PHE Y 203 -21.13 -16.76 -30.47
C PHE Y 203 -22.29 -17.75 -30.54
N LYS Y 204 -22.31 -18.54 -31.60
CA LYS Y 204 -23.13 -19.74 -31.64
C LYS Y 204 -22.32 -20.87 -31.03
N PRO Y 205 -22.74 -21.43 -29.90
CA PRO Y 205 -22.02 -22.59 -29.33
C PRO Y 205 -22.18 -23.81 -30.21
N THR Y 206 -21.05 -24.42 -30.56
CA THR Y 206 -21.00 -25.58 -31.41
C THR Y 206 -21.06 -26.83 -30.54
N VAL Y 207 -21.97 -27.75 -30.86
CA VAL Y 207 -21.97 -29.06 -30.23
C VAL Y 207 -21.15 -30.01 -31.09
N ALA Y 208 -20.27 -30.78 -30.44
CA ALA Y 208 -19.35 -31.67 -31.14
C ALA Y 208 -19.44 -33.05 -30.55
N THR Y 209 -19.08 -34.04 -31.35
CA THR Y 209 -19.49 -35.43 -31.15
C THR Y 209 -18.28 -36.33 -30.97
N ILE Y 210 -18.30 -37.17 -29.93
CA ILE Y 210 -17.33 -38.25 -29.77
C ILE Y 210 -18.12 -39.52 -29.49
N LEU Y 211 -17.97 -40.50 -30.37
CA LEU Y 211 -18.68 -41.76 -30.19
C LEU Y 211 -17.76 -42.80 -29.61
N SER Y 212 -18.33 -43.72 -28.83
CA SER Y 212 -17.52 -44.85 -28.39
C SER Y 212 -17.52 -45.91 -29.48
N PRO Y 213 -16.34 -46.34 -29.95
CA PRO Y 213 -16.22 -46.93 -31.29
C PRO Y 213 -16.86 -48.30 -31.49
N ASP Y 214 -16.49 -49.28 -30.69
CA ASP Y 214 -17.11 -50.60 -30.86
C ASP Y 214 -18.49 -50.65 -30.24
N LEU Y 215 -18.85 -49.65 -29.45
CA LEU Y 215 -20.16 -49.61 -28.83
C LEU Y 215 -21.22 -49.09 -29.81
N LEU Y 216 -20.90 -48.03 -30.56
CA LEU Y 216 -21.87 -47.46 -31.50
C LEU Y 216 -21.37 -47.23 -32.92
N GLU Y 217 -20.07 -46.93 -33.09
CA GLU Y 217 -19.59 -46.45 -34.38
C GLU Y 217 -19.60 -47.55 -35.43
N LYS Y 218 -19.21 -48.76 -35.04
CA LYS Y 218 -19.37 -49.90 -35.93
C LYS Y 218 -20.83 -50.30 -36.11
N GLN Y 219 -21.73 -49.83 -35.25
CA GLN Y 219 -23.16 -50.01 -35.43
C GLN Y 219 -23.82 -48.84 -36.15
N LEU Y 220 -23.10 -47.73 -36.32
CA LEU Y 220 -23.64 -46.57 -37.05
C LEU Y 220 -23.00 -46.36 -38.41
N GLU Y 221 -21.78 -46.83 -38.62
CA GLU Y 221 -21.08 -46.59 -39.88
C GLU Y 221 -21.31 -47.72 -40.90
N ASP Y 222 -22.46 -48.38 -40.86
CA ASP Y 222 -22.76 -49.39 -41.86
C ASP Y 222 -23.23 -48.72 -43.16
N VAL Y 223 -22.30 -48.45 -44.07
CA VAL Y 223 -22.66 -47.89 -45.37
C VAL Y 223 -22.18 -48.83 -46.48
N THR Y 224 -23.04 -49.81 -46.80
CA THR Y 224 -22.73 -50.99 -47.61
C THR Y 224 -21.41 -51.64 -47.19
N GLY Y 225 -21.25 -51.80 -45.88
CA GLY Y 225 -20.01 -52.24 -45.30
C GLY Y 225 -19.58 -51.35 -44.15
N ASN Y 226 -18.39 -50.76 -44.26
CA ASN Y 226 -17.90 -49.81 -43.28
C ASN Y 226 -16.95 -48.87 -44.00
N SER Y 227 -17.02 -47.58 -43.65
CA SER Y 227 -16.15 -46.59 -44.29
C SER Y 227 -14.69 -46.79 -43.95
N LEU Y 228 -14.40 -47.42 -42.80
CA LEU Y 228 -13.03 -47.67 -42.39
C LEU Y 228 -12.39 -48.77 -43.21
N ASP Y 229 -13.19 -49.61 -43.85
CA ASP Y 229 -12.67 -50.70 -44.67
C ASP Y 229 -12.03 -50.20 -45.95
N ALA Y 230 -12.47 -49.05 -46.47
CA ALA Y 230 -11.79 -48.45 -47.62
C ALA Y 230 -10.38 -47.99 -47.24
N TYR Y 231 -10.19 -47.60 -45.99
CA TYR Y 231 -8.86 -47.32 -45.49
C TYR Y 231 -8.08 -48.62 -45.30
N ASP Y 232 -6.77 -48.47 -45.18
CA ASP Y 232 -5.87 -49.56 -44.84
C ASP Y 232 -5.51 -49.40 -43.36
N ILE Y 233 -5.99 -50.31 -42.53
CA ILE Y 233 -5.53 -50.34 -41.15
C ILE Y 233 -4.10 -50.87 -41.15
N GLU Y 234 -3.16 -50.05 -40.68
CA GLU Y 234 -1.75 -50.42 -40.75
C GLU Y 234 -1.12 -50.21 -39.38
N ALA Y 235 -1.76 -50.76 -38.36
CA ALA Y 235 -1.35 -50.50 -36.99
C ALA Y 235 -0.67 -51.71 -36.41
N SER Y 236 -0.32 -51.62 -35.13
CA SER Y 236 0.33 -52.74 -34.45
C SER Y 236 -0.67 -53.84 -34.17
N HIS Y 237 -1.87 -53.49 -33.75
CA HIS Y 237 -2.91 -54.43 -33.39
C HIS Y 237 -4.12 -54.24 -34.30
N GLU Y 238 -5.21 -54.88 -33.92
CA GLU Y 238 -6.42 -54.92 -34.73
C GLU Y 238 -7.12 -53.56 -34.73
N ARG Y 239 -8.25 -53.50 -35.44
CA ARG Y 239 -9.02 -52.26 -35.53
C ARG Y 239 -9.69 -51.93 -34.20
N SER Y 240 -10.11 -52.96 -33.45
CA SER Y 240 -11.00 -52.79 -32.30
C SER Y 240 -10.34 -51.99 -31.17
N ASP Y 241 -9.01 -52.03 -31.08
CA ASP Y 241 -8.34 -51.20 -30.09
C ASP Y 241 -7.81 -49.90 -30.65
N VAL Y 242 -7.43 -49.88 -31.93
CA VAL Y 242 -6.89 -48.66 -32.53
C VAL Y 242 -8.00 -47.64 -32.77
N LEU Y 243 -9.17 -48.12 -33.16
CA LEU Y 243 -10.32 -47.24 -33.21
C LEU Y 243 -10.76 -46.84 -31.80
N ARG Y 244 -10.45 -47.67 -30.80
CA ARG Y 244 -10.56 -47.21 -29.42
C ARG Y 244 -9.41 -46.28 -29.04
N ASP Y 245 -8.24 -46.48 -29.64
CA ASP Y 245 -7.15 -45.52 -29.43
C ASP Y 245 -7.44 -44.19 -30.12
N LEU Y 246 -8.33 -44.18 -31.11
CA LEU Y 246 -8.55 -42.95 -31.86
C LEU Y 246 -9.59 -42.09 -31.18
N THR Y 247 -10.69 -42.69 -30.73
CA THR Y 247 -11.78 -41.92 -30.15
C THR Y 247 -11.40 -41.30 -28.81
N GLU Y 248 -10.54 -41.98 -28.03
CA GLU Y 248 -10.00 -41.35 -26.85
C GLU Y 248 -9.07 -40.21 -27.21
N PHE Y 249 -8.32 -40.35 -28.31
CA PHE Y 249 -7.58 -39.21 -28.84
C PHE Y 249 -8.51 -38.19 -29.44
N HIS Y 250 -9.66 -38.63 -29.98
CA HIS Y 250 -10.59 -37.68 -30.57
C HIS Y 250 -11.25 -36.80 -29.51
N LEU Y 251 -11.64 -37.39 -28.38
CA LEU Y 251 -12.23 -36.59 -27.32
C LEU Y 251 -11.19 -35.67 -26.68
N GLY Y 252 -10.00 -36.20 -26.43
CA GLY Y 252 -8.96 -35.40 -25.79
C GLY Y 252 -8.44 -34.28 -26.66
N VAL Y 253 -8.63 -34.39 -27.97
CA VAL Y 253 -8.34 -33.27 -28.86
C VAL Y 253 -9.41 -32.20 -28.71
N THR Y 254 -10.68 -32.59 -28.86
CA THR Y 254 -11.71 -31.57 -28.96
C THR Y 254 -12.04 -30.94 -27.62
N LEU Y 255 -11.74 -31.61 -26.51
CA LEU Y 255 -11.86 -30.98 -25.21
C LEU Y 255 -10.84 -29.85 -25.09
N TYR Y 256 -9.60 -30.13 -25.52
CA TYR Y 256 -8.56 -29.11 -25.55
C TYR Y 256 -8.92 -28.00 -26.51
N ASN Y 257 -9.58 -28.33 -27.61
CA ASN Y 257 -10.06 -27.28 -28.47
C ASN Y 257 -11.22 -26.51 -27.85
N ALA Y 258 -12.10 -27.20 -27.10
CA ALA Y 258 -13.29 -26.55 -26.56
C ALA Y 258 -12.93 -25.55 -25.46
N MET Y 259 -12.21 -26.00 -24.44
CA MET Y 259 -11.89 -25.11 -23.35
C MET Y 259 -10.80 -24.11 -23.72
N LEU Y 260 -10.14 -24.27 -24.86
CA LEU Y 260 -9.38 -23.15 -25.42
C LEU Y 260 -10.30 -22.17 -26.13
N GLU Y 261 -11.30 -22.68 -26.84
CA GLU Y 261 -12.27 -21.79 -27.47
C GLU Y 261 -13.16 -21.11 -26.45
N ASN Y 262 -13.46 -21.81 -25.34
CA ASN Y 262 -14.29 -21.21 -24.30
C ASN Y 262 -13.54 -20.11 -23.56
N ASN Y 263 -12.22 -20.26 -23.42
CA ASN Y 263 -11.42 -19.18 -22.84
C ASN Y 263 -11.34 -17.99 -23.78
N CYS Y 264 -11.29 -18.25 -25.09
CA CYS Y 264 -11.28 -17.15 -26.03
C CYS Y 264 -12.66 -16.52 -26.15
N SER Y 265 -13.70 -17.19 -25.67
CA SER Y 265 -15.00 -16.55 -25.60
C SER Y 265 -15.30 -15.99 -24.22
N GLU Y 266 -14.61 -16.47 -23.18
CA GLU Y 266 -14.73 -15.85 -21.86
C GLU Y 266 -14.21 -14.43 -21.91
N HIS Y 267 -13.02 -14.24 -22.48
CA HIS Y 267 -12.43 -12.91 -22.56
C HIS Y 267 -13.10 -12.06 -23.62
N ALA Y 268 -13.85 -12.68 -24.53
CA ALA Y 268 -14.47 -11.90 -25.59
C ALA Y 268 -15.78 -11.29 -25.14
N SER Y 269 -16.63 -12.08 -24.47
CA SER Y 269 -17.94 -11.57 -24.08
C SER Y 269 -17.82 -10.55 -22.96
N ARG Y 270 -16.84 -10.74 -22.07
CA ARG Y 270 -16.54 -9.75 -21.04
C ARG Y 270 -16.08 -8.43 -21.66
N MET Y 271 -15.35 -8.50 -22.78
CA MET Y 271 -14.91 -7.30 -23.48
C MET Y 271 -16.09 -6.52 -24.05
N SER Y 272 -17.23 -7.17 -24.26
CA SER Y 272 -18.47 -6.47 -24.55
C SER Y 272 -19.43 -6.44 -23.37
N ALA Y 273 -19.14 -7.17 -22.29
CA ALA Y 273 -19.94 -6.99 -21.07
C ALA Y 273 -19.43 -5.85 -20.23
N MET Y 274 -18.13 -5.61 -20.22
CA MET Y 274 -17.62 -4.45 -19.49
C MET Y 274 -17.82 -3.17 -20.29
N GLU Y 275 -18.06 -3.29 -21.60
CA GLU Y 275 -18.40 -2.11 -22.39
C GLU Y 275 -19.76 -1.56 -22.00
N ASN Y 276 -20.76 -2.42 -21.94
CA ASN Y 276 -22.10 -1.98 -21.57
C ASN Y 276 -22.19 -1.63 -20.10
N SER Y 277 -21.34 -2.25 -19.28
CA SER Y 277 -21.27 -1.88 -17.87
C SER Y 277 -20.67 -0.50 -17.68
N THR Y 278 -19.77 -0.10 -18.58
CA THR Y 278 -19.23 1.26 -18.53
C THR Y 278 -20.28 2.27 -18.97
N LYS Y 279 -21.13 1.90 -19.92
CA LYS Y 279 -22.22 2.79 -20.29
C LYS Y 279 -23.26 2.90 -19.18
N SER Y 280 -23.62 1.77 -18.57
CA SER Y 280 -24.68 1.77 -17.58
C SER Y 280 -24.23 2.42 -16.27
N ALA Y 281 -23.01 2.16 -15.84
CA ALA Y 281 -22.44 2.92 -14.73
C ALA Y 281 -21.91 4.28 -15.17
N GLY Y 282 -22.07 4.63 -16.45
CA GLY Y 282 -21.85 5.98 -16.91
C GLY Y 282 -23.13 6.80 -16.86
N GLU Y 283 -24.27 6.17 -17.18
CA GLU Y 283 -25.51 6.93 -17.11
C GLU Y 283 -26.02 7.08 -15.68
N MET Y 284 -25.56 6.24 -14.75
CA MET Y 284 -25.94 6.47 -13.36
C MET Y 284 -25.10 7.59 -12.77
N LEU Y 285 -23.95 7.88 -13.37
CA LEU Y 285 -23.24 9.09 -13.03
C LEU Y 285 -23.92 10.30 -13.65
N GLY Y 286 -24.65 10.11 -14.75
CA GLY Y 286 -25.29 11.23 -15.42
C GLY Y 286 -26.42 11.83 -14.62
N LYS Y 287 -27.31 10.99 -14.07
CA LYS Y 287 -28.41 11.50 -13.27
C LYS Y 287 -27.93 12.00 -11.92
N LEU Y 288 -26.88 11.37 -11.38
CA LEU Y 288 -26.52 11.62 -10.01
C LEU Y 288 -25.84 12.97 -9.82
N THR Y 289 -25.10 13.44 -10.82
CA THR Y 289 -24.54 14.79 -10.72
C THR Y 289 -25.65 15.83 -10.81
N LEU Y 290 -26.70 15.53 -11.57
CA LEU Y 290 -27.88 16.38 -11.53
C LEU Y 290 -28.66 16.20 -10.24
N ASP Y 291 -28.53 15.05 -9.58
CA ASP Y 291 -29.08 14.93 -8.24
C ASP Y 291 -28.14 15.59 -7.23
N TYR Y 292 -26.89 15.80 -7.60
CA TYR Y 292 -26.01 16.61 -6.75
C TYR Y 292 -26.31 18.08 -6.90
N ASN Y 293 -26.65 18.51 -8.11
CA ASN Y 293 -26.82 19.93 -8.35
C ASN Y 293 -28.14 20.44 -7.81
N ARG Y 294 -29.23 19.70 -8.01
CA ARG Y 294 -30.53 20.18 -7.58
C ARG Y 294 -30.68 20.11 -6.08
N LYS Y 295 -29.83 19.32 -5.41
CA LYS Y 295 -29.82 19.38 -3.95
C LYS Y 295 -28.88 20.47 -3.46
N ARG Y 296 -27.83 20.79 -4.21
CA ARG Y 296 -26.91 21.84 -3.75
C ARG Y 296 -27.55 23.22 -3.84
N GLN Y 297 -28.23 23.51 -4.95
CA GLN Y 297 -28.91 24.79 -5.07
C GLN Y 297 -30.10 24.88 -4.14
N ALA Y 298 -30.66 23.74 -3.75
CA ALA Y 298 -31.63 23.75 -2.67
C ALA Y 298 -30.95 23.88 -1.32
N THR Y 299 -29.66 23.55 -1.24
CA THR Y 299 -28.97 23.66 0.05
C THR Y 299 -28.58 25.10 0.34
N ILE Y 300 -27.95 25.78 -0.62
CA ILE Y 300 -27.49 27.15 -0.41
C ILE Y 300 -28.66 28.09 -0.19
N THR Y 301 -29.75 27.90 -0.93
CA THR Y 301 -30.94 28.72 -0.77
C THR Y 301 -31.59 28.52 0.58
N THR Y 302 -31.68 27.27 1.04
CA THR Y 302 -32.20 27.02 2.37
C THR Y 302 -31.19 27.46 3.43
N GLU Y 303 -29.90 27.50 3.06
CA GLU Y 303 -28.93 28.12 3.95
C GLU Y 303 -28.96 29.63 3.83
N LEU Y 304 -29.40 30.18 2.70
CA LEU Y 304 -29.41 31.63 2.54
C LEU Y 304 -30.58 32.26 3.29
N ILE Y 305 -31.75 31.64 3.23
CA ILE Y 305 -32.93 32.28 3.78
C ILE Y 305 -32.92 32.25 5.30
N GLU Y 306 -32.05 31.44 5.91
CA GLU Y 306 -31.82 31.57 7.35
C GLU Y 306 -31.18 32.91 7.66
N ILE Y 307 -30.35 33.41 6.76
CA ILE Y 307 -29.64 34.66 7.04
C ILE Y 307 -30.60 35.83 6.90
N ILE Y 308 -31.48 35.79 5.90
CA ILE Y 308 -32.47 36.84 5.72
C ILE Y 308 -33.48 36.81 6.85
N ALA Y 309 -33.93 35.62 7.25
CA ALA Y 309 -34.72 35.49 8.46
C ALA Y 309 -33.90 35.78 9.71
N GLY Y 310 -32.58 35.71 9.62
CA GLY Y 310 -31.74 36.14 10.72
C GLY Y 310 -31.48 37.63 10.71
N ALA Y 311 -31.62 38.28 9.57
CA ALA Y 311 -31.31 39.70 9.50
C ALA Y 311 -32.55 40.58 9.59
N SER Y 312 -33.69 40.12 9.09
CA SER Y 312 -34.87 40.97 9.05
C SER Y 312 -35.46 41.18 10.44
N ALA Y 313 -35.23 40.24 11.36
CA ALA Y 313 -35.74 40.39 12.72
C ALA Y 313 -34.98 41.44 13.50
N LEU Y 314 -33.76 41.79 13.09
CA LEU Y 314 -32.92 42.74 13.80
C LEU Y 314 -32.84 44.09 13.11
N MET Y 315 -33.72 44.35 12.14
CA MET Y 315 -33.75 45.63 11.46
C MET Y 315 -35.18 46.17 11.41
N ALA Z 40 55.89 58.07 28.37
CA ALA Z 40 55.60 56.65 28.32
C ALA Z 40 55.25 56.14 29.72
N ASP Z 41 56.16 55.36 30.30
CA ASP Z 41 55.98 54.82 31.63
C ASP Z 41 55.98 55.94 32.67
N ALA Z 42 55.32 55.66 33.81
CA ALA Z 42 55.12 56.59 34.93
C ALA Z 42 54.43 57.87 34.46
N LYS Z 43 53.17 57.70 34.04
CA LYS Z 43 52.42 58.77 33.41
C LYS Z 43 52.17 59.95 34.33
N ALA Z 44 51.32 59.77 35.35
CA ALA Z 44 50.88 60.83 36.24
C ALA Z 44 50.07 60.24 37.39
N LEU Z 45 49.50 61.08 38.22
CA LEU Z 45 48.50 60.64 39.18
C LEU Z 45 47.08 60.93 38.73
N ASP Z 46 46.82 62.15 38.26
CA ASP Z 46 45.47 62.56 37.91
C ASP Z 46 44.99 62.04 36.57
N GLU Z 47 45.78 61.21 35.89
CA GLU Z 47 45.32 60.48 34.73
C GLU Z 47 44.98 59.03 35.05
N LEU Z 48 45.72 58.42 35.96
CA LEU Z 48 45.51 57.02 36.31
C LEU Z 48 44.33 56.81 37.24
N ARG Z 49 43.79 57.85 37.84
CA ARG Z 49 42.70 57.70 38.79
C ARG Z 49 41.33 57.61 38.12
N LYS Z 50 41.29 57.55 36.79
CA LYS Z 50 40.01 57.44 36.08
C LYS Z 50 39.36 56.10 36.39
N PRO Z 51 38.12 56.10 36.83
CA PRO Z 51 37.35 54.85 36.77
C PRO Z 51 37.09 54.57 35.31
N LYS Z 52 37.78 53.57 34.76
CA LYS Z 52 38.10 53.58 33.35
C LYS Z 52 36.89 53.26 32.48
N PHE Z 53 36.19 52.17 32.76
CA PHE Z 53 35.10 51.76 31.90
C PHE Z 53 33.74 52.15 32.44
N SER Z 54 33.66 53.32 33.07
CA SER Z 54 32.37 53.91 33.40
C SER Z 54 31.73 54.45 32.13
N SER Z 55 30.52 54.98 32.25
CA SER Z 55 29.94 55.52 31.04
C SER Z 55 30.47 56.92 30.79
N LYS Z 56 30.00 57.93 31.53
CA LYS Z 56 30.52 59.32 31.59
C LYS Z 56 30.49 60.08 30.26
N TYR Z 57 30.35 59.36 29.16
CA TYR Z 57 30.49 59.86 27.82
C TYR Z 57 29.28 59.37 27.06
N LEU Z 58 28.78 58.19 27.45
CA LEU Z 58 27.56 57.67 26.86
C LEU Z 58 26.35 58.49 27.28
N ILE Z 59 26.26 58.82 28.57
CA ILE Z 59 25.26 59.78 29.01
C ILE Z 59 25.56 61.15 28.40
N GLN Z 60 26.84 61.50 28.31
CA GLN Z 60 27.23 62.73 27.64
C GLN Z 60 27.01 62.67 26.15
N HIS Z 61 26.96 61.47 25.55
CA HIS Z 61 26.51 61.40 24.17
C HIS Z 61 25.00 61.59 24.09
N VAL Z 62 24.28 61.12 25.10
CA VAL Z 62 22.84 61.31 25.12
C VAL Z 62 22.50 62.78 25.35
N SER Z 63 23.07 63.37 26.40
CA SER Z 63 22.77 64.76 26.74
C SER Z 63 23.30 65.75 25.72
N GLN Z 64 24.24 65.34 24.88
CA GLN Z 64 24.61 66.20 23.75
C GLN Z 64 23.58 66.11 22.64
N LYS Z 65 22.87 65.00 22.54
CA LYS Z 65 21.95 64.79 21.42
C LYS Z 65 20.52 64.59 21.88
N LEU Z 66 20.22 64.80 23.15
CA LEU Z 66 18.83 64.81 23.60
C LEU Z 66 18.32 66.21 23.84
N ILE Z 67 19.12 67.03 24.52
CA ILE Z 67 18.70 68.37 24.95
C ILE Z 67 18.52 69.33 23.77
N PRO Z 68 19.39 69.39 22.73
CA PRO Z 68 18.99 70.17 21.54
C PRO Z 68 17.83 69.58 20.78
N ALA Z 69 17.61 68.26 20.84
CA ALA Z 69 16.45 67.68 20.20
C ALA Z 69 15.16 67.97 20.96
N VAL Z 70 15.24 68.21 22.26
CA VAL Z 70 14.07 68.48 23.06
C VAL Z 70 13.85 69.98 23.28
N LYS Z 71 14.92 70.79 23.37
CA LYS Z 71 14.78 72.24 23.41
C LYS Z 71 14.18 72.80 22.13
N GLU Z 72 14.28 72.07 21.02
CA GLU Z 72 13.56 72.44 19.82
C GLU Z 72 12.21 71.74 19.70
N TRP Z 73 11.87 70.85 20.64
CA TRP Z 73 10.52 70.31 20.67
C TRP Z 73 9.56 71.25 21.40
N GLU Z 74 10.04 71.89 22.46
CA GLU Z 74 9.22 72.86 23.17
C GLU Z 74 8.94 74.08 22.32
N LYS Z 75 9.85 74.44 21.42
CA LYS Z 75 9.64 75.57 20.52
C LYS Z 75 8.64 75.24 19.42
N SER Z 76 8.36 73.96 19.17
CA SER Z 76 7.36 73.53 18.22
C SER Z 76 6.31 72.74 18.98
N TYR Z 77 5.41 73.45 19.64
CA TYR Z 77 4.24 72.83 20.24
C TYR Z 77 3.07 73.77 20.04
N GLN Z 78 2.38 73.60 18.92
CA GLN Z 78 1.09 74.22 18.73
C GLN Z 78 0.04 73.21 19.12
N PRO Z 79 -0.90 73.56 20.00
CA PRO Z 79 -1.89 72.59 20.45
C PRO Z 79 -2.88 72.27 19.31
N PRO Z 80 -3.42 71.07 19.30
CA PRO Z 80 -4.32 70.70 18.20
C PRO Z 80 -5.74 71.17 18.46
N VAL Z 81 -6.46 71.39 17.35
CA VAL Z 81 -7.85 71.80 17.42
C VAL Z 81 -8.77 70.59 17.36
N ILE Z 82 -8.19 69.38 17.37
CA ILE Z 82 -8.72 68.11 16.83
C ILE Z 82 -10.18 67.84 17.13
N HIS Z 83 -10.93 67.47 16.10
CA HIS Z 83 -12.38 67.35 16.22
C HIS Z 83 -12.74 66.06 16.93
N LEU Z 84 -13.94 66.03 17.47
CA LEU Z 84 -14.33 65.02 18.44
C LEU Z 84 -15.46 64.14 17.95
N GLY Z 85 -15.74 63.12 18.77
CA GLY Z 85 -16.86 62.22 18.58
C GLY Z 85 -17.08 61.47 19.88
N ARG Z 86 -18.32 61.33 20.31
CA ARG Z 86 -18.63 60.59 21.52
C ARG Z 86 -19.32 59.28 21.18
N VAL Z 87 -19.08 58.25 21.99
CA VAL Z 87 -19.52 56.90 21.66
C VAL Z 87 -20.88 56.63 22.29
N LEU Z 88 -21.85 56.24 21.47
CA LEU Z 88 -23.15 55.84 21.97
C LEU Z 88 -23.14 54.39 22.43
N SER Z 89 -22.86 53.48 21.49
CA SER Z 89 -22.89 52.05 21.74
C SER Z 89 -21.60 51.43 21.26
N VAL Z 90 -21.03 50.54 22.06
CA VAL Z 90 -19.77 49.89 21.74
C VAL Z 90 -19.85 48.44 22.19
N GLY Z 91 -19.49 47.54 21.28
CA GLY Z 91 -19.56 46.12 21.54
C GLY Z 91 -18.88 45.27 20.49
N ASP Z 92 -18.24 44.18 20.94
CA ASP Z 92 -17.63 43.15 20.10
C ASP Z 92 -16.55 43.70 19.19
N GLY Z 93 -15.84 44.74 19.61
CA GLY Z 93 -14.91 45.33 18.69
C GLY Z 93 -15.55 46.24 17.67
N ILE Z 94 -16.78 46.69 17.92
CA ILE Z 94 -17.45 47.64 17.05
C ILE Z 94 -17.99 48.76 17.93
N ALA Z 95 -17.54 49.97 17.68
CA ALA Z 95 -17.93 51.14 18.44
C ALA Z 95 -18.70 52.06 17.52
N ARG Z 96 -19.93 52.38 17.90
CA ARG Z 96 -20.76 53.27 17.11
C ARG Z 96 -20.69 54.66 17.75
N VAL Z 97 -20.11 55.61 17.03
CA VAL Z 97 -19.76 56.91 17.59
C VAL Z 97 -20.75 57.95 17.08
N TYR Z 98 -20.97 59.00 17.87
CA TYR Z 98 -21.79 60.12 17.45
C TYR Z 98 -20.92 61.35 17.31
N GLY Z 99 -21.23 62.17 16.31
CA GLY Z 99 -20.47 63.37 16.07
C GLY Z 99 -19.62 63.21 14.83
N LEU Z 100 -18.41 63.78 14.85
CA LEU Z 100 -17.42 63.66 13.78
C LEU Z 100 -17.99 64.17 12.45
N LYS Z 101 -18.25 65.48 12.43
CA LYS Z 101 -18.90 66.11 11.28
C LYS Z 101 -18.04 66.04 10.02
N SER Z 102 -16.73 65.89 10.16
CA SER Z 102 -15.85 65.62 9.03
C SER Z 102 -14.93 64.48 9.40
N VAL Z 103 -15.41 63.25 9.23
CA VAL Z 103 -14.51 62.11 9.19
C VAL Z 103 -14.69 61.49 7.81
N GLN Z 104 -13.64 60.89 7.31
CA GLN Z 104 -13.64 60.37 5.95
C GLN Z 104 -13.92 58.87 5.96
N ALA Z 105 -14.29 58.35 4.79
CA ALA Z 105 -14.61 56.94 4.67
C ALA Z 105 -13.33 56.12 4.77
N GLY Z 106 -13.23 55.29 5.80
CA GLY Z 106 -12.01 54.54 6.03
C GLY Z 106 -10.94 55.32 6.72
N GLU Z 107 -11.30 56.40 7.41
CA GLU Z 107 -10.31 57.23 8.08
C GLU Z 107 -9.91 56.58 9.39
N LEU Z 108 -8.61 56.58 9.67
CA LEU Z 108 -8.11 56.01 10.91
C LEU Z 108 -8.32 56.99 12.05
N VAL Z 109 -9.12 56.62 13.03
CA VAL Z 109 -9.37 57.46 14.19
C VAL Z 109 -8.58 56.90 15.37
N CYS Z 110 -8.58 57.64 16.46
CA CYS Z 110 -7.92 57.21 17.68
C CYS Z 110 -8.85 57.43 18.86
N PHE Z 111 -8.86 56.49 19.78
CA PHE Z 111 -9.74 56.53 20.93
C PHE Z 111 -9.04 57.26 22.06
N ASP Z 112 -9.60 57.22 23.27
CA ASP Z 112 -8.91 57.86 24.38
C ASP Z 112 -7.79 56.98 24.93
N SER Z 113 -8.04 55.67 25.01
CA SER Z 113 -7.16 54.76 25.75
C SER Z 113 -6.04 54.19 24.89
N GLY Z 114 -5.60 54.91 23.87
CA GLY Z 114 -4.45 54.51 23.09
C GLY Z 114 -4.71 53.54 21.98
N VAL Z 115 -5.90 52.97 21.91
CA VAL Z 115 -6.26 52.02 20.87
C VAL Z 115 -6.82 52.78 19.67
N LYS Z 116 -6.34 52.45 18.47
CA LYS Z 116 -6.78 53.15 17.28
C LYS Z 116 -8.16 52.66 16.83
N GLY Z 117 -8.56 53.11 15.65
CA GLY Z 117 -9.81 52.65 15.06
C GLY Z 117 -9.97 53.20 13.66
N MET Z 118 -10.78 52.51 12.88
CA MET Z 118 -11.15 52.99 11.56
C MET Z 118 -12.66 53.06 11.49
N ALA Z 119 -13.18 54.13 10.89
CA ALA Z 119 -14.59 54.23 10.59
C ALA Z 119 -14.82 53.69 9.20
N LEU Z 120 -15.51 52.55 9.11
CA LEU Z 120 -15.81 51.95 7.81
C LEU Z 120 -17.07 52.55 7.20
N ASN Z 121 -18.20 52.37 7.87
CA ASN Z 121 -19.45 52.92 7.40
C ASN Z 121 -19.76 54.16 8.21
N LEU Z 122 -20.43 55.10 7.55
CA LEU Z 122 -20.73 56.39 8.13
C LEU Z 122 -22.21 56.59 7.85
N GLN Z 123 -23.03 56.61 8.88
CA GLN Z 123 -24.45 56.70 8.65
C GLN Z 123 -24.94 58.12 8.88
N ALA Z 124 -26.25 58.29 8.95
CA ALA Z 124 -26.83 59.61 9.11
C ALA Z 124 -26.55 60.17 10.49
N ASP Z 125 -26.94 59.45 11.54
CA ASP Z 125 -26.80 59.95 12.89
C ASP Z 125 -25.56 59.45 13.60
N HIS Z 126 -25.26 58.17 13.56
CA HIS Z 126 -24.10 57.63 14.23
C HIS Z 126 -23.13 57.08 13.19
N VAL Z 127 -21.85 57.09 13.52
CA VAL Z 127 -20.81 56.63 12.61
C VAL Z 127 -20.23 55.35 13.16
N GLY Z 128 -20.18 54.31 12.34
CA GLY Z 128 -19.67 53.02 12.76
C GLY Z 128 -18.16 52.99 12.67
N VAL Z 129 -17.51 52.59 13.77
CA VAL Z 129 -16.06 52.55 13.85
C VAL Z 129 -15.63 51.16 14.30
N VAL Z 130 -14.77 50.53 13.50
CA VAL Z 130 -14.18 49.24 13.85
C VAL Z 130 -12.89 49.50 14.63
N VAL Z 131 -12.49 48.55 15.46
CA VAL Z 131 -11.48 48.77 16.50
C VAL Z 131 -10.32 47.84 16.27
N PHE Z 132 -9.11 48.41 16.17
CA PHE Z 132 -7.88 47.62 16.03
C PHE Z 132 -7.32 47.27 17.41
N GLY Z 133 -7.98 46.37 18.10
CA GLY Z 133 -7.42 45.86 19.33
C GLY Z 133 -8.49 45.40 20.28
N ASN Z 134 -8.10 45.32 21.55
CA ASN Z 134 -9.03 44.96 22.61
C ASN Z 134 -10.09 46.03 22.73
N ASP Z 135 -11.31 45.61 23.05
CA ASP Z 135 -12.43 46.52 23.06
C ASP Z 135 -12.99 46.73 24.45
N SER Z 136 -12.43 46.09 25.47
CA SER Z 136 -12.93 46.21 26.83
C SER Z 136 -12.41 47.44 27.55
N VAL Z 137 -11.85 48.41 26.85
CA VAL Z 137 -11.35 49.62 27.49
C VAL Z 137 -12.28 50.82 27.31
N ILE Z 138 -13.22 50.75 26.37
CA ILE Z 138 -14.04 51.91 26.02
C ILE Z 138 -15.41 51.80 26.66
N HIS Z 139 -15.77 52.80 27.47
CA HIS Z 139 -17.09 52.87 28.06
C HIS Z 139 -18.01 53.61 27.10
N GLN Z 140 -19.26 53.83 27.50
CA GLN Z 140 -20.13 54.75 26.78
C GLN Z 140 -19.88 56.18 27.24
N GLY Z 141 -19.71 57.09 26.29
CA GLY Z 141 -19.41 58.46 26.62
C GLY Z 141 -17.95 58.81 26.53
N ASP Z 142 -17.10 57.88 26.08
CA ASP Z 142 -15.72 58.19 25.81
C ASP Z 142 -15.61 58.99 24.52
N LEU Z 143 -14.38 59.34 24.17
CA LEU Z 143 -14.12 60.30 23.11
C LEU Z 143 -13.21 59.70 22.04
N VAL Z 144 -13.44 60.06 20.78
CA VAL Z 144 -12.57 59.64 19.69
C VAL Z 144 -12.05 60.87 18.96
N TYR Z 145 -10.77 60.85 18.63
CA TYR Z 145 -10.12 61.95 17.94
C TYR Z 145 -9.83 61.52 16.51
N ARG Z 146 -10.10 62.39 15.55
CA ARG Z 146 -9.82 62.07 14.17
C ARG Z 146 -8.41 62.50 13.82
N THR Z 147 -7.67 61.59 13.20
CA THR Z 147 -6.31 61.88 12.80
C THR Z 147 -6.24 62.46 11.40
N GLY Z 148 -7.37 62.56 10.70
CA GLY Z 148 -7.41 63.22 9.42
C GLY Z 148 -6.73 62.47 8.29
N GLN Z 149 -6.36 61.21 8.49
CA GLN Z 149 -5.59 60.47 7.51
C GLN Z 149 -6.21 59.09 7.34
N ILE Z 150 -6.31 58.64 6.08
CA ILE Z 150 -6.69 57.26 5.83
C ILE Z 150 -5.56 56.36 6.31
N VAL Z 151 -5.92 55.12 6.70
CA VAL Z 151 -5.01 54.26 7.45
C VAL Z 151 -3.78 53.90 6.62
N ASN Z 152 -2.62 54.08 7.23
CA ASN Z 152 -1.34 53.97 6.54
C ASN Z 152 -0.40 53.08 7.34
N VAL Z 153 0.57 52.52 6.64
CA VAL Z 153 1.53 51.61 7.26
C VAL Z 153 2.92 52.13 6.90
N PRO Z 154 3.92 52.02 7.79
CA PRO Z 154 5.28 52.41 7.41
C PRO Z 154 5.95 51.44 6.45
N ILE Z 155 6.20 51.87 5.21
CA ILE Z 155 6.81 51.03 4.20
C ILE Z 155 8.27 51.44 4.04
N GLY Z 156 9.09 50.52 3.55
CA GLY Z 156 10.49 50.80 3.33
C GLY Z 156 11.42 49.65 3.64
N PRO Z 157 12.72 49.89 3.50
CA PRO Z 157 13.69 48.80 3.68
C PRO Z 157 14.00 48.48 5.12
N GLY Z 158 13.75 49.39 6.06
CA GLY Z 158 14.04 49.13 7.46
C GLY Z 158 13.17 48.06 8.08
N THR Z 159 12.06 47.74 7.44
CA THR Z 159 11.17 46.68 7.87
C THR Z 159 11.74 45.29 7.66
N LEU Z 160 12.80 45.15 6.87
CA LEU Z 160 13.34 43.85 6.52
C LEU Z 160 13.91 43.14 7.73
N GLY Z 161 13.38 41.95 8.01
CA GLY Z 161 13.74 41.21 9.18
C GLY Z 161 12.82 41.43 10.36
N ARG Z 162 12.01 42.48 10.35
CA ARG Z 162 11.15 42.77 11.48
C ARG Z 162 9.85 41.98 11.36
N VAL Z 163 9.20 41.80 12.50
CA VAL Z 163 7.90 41.15 12.57
C VAL Z 163 6.93 42.17 13.12
N THR Z 164 6.13 42.76 12.24
CA THR Z 164 5.23 43.82 12.61
C THR Z 164 3.81 43.28 12.76
N ASP Z 165 2.93 44.08 13.37
CA ASP Z 165 1.51 43.78 13.24
C ASP Z 165 0.98 44.48 11.99
N GLY Z 166 -0.25 44.15 11.61
CA GLY Z 166 -0.75 44.61 10.33
C GLY Z 166 -1.05 46.09 10.29
N LEU Z 167 -1.24 46.73 11.43
CA LEU Z 167 -1.50 48.16 11.46
C LEU Z 167 -0.27 48.99 11.18
N GLY Z 168 0.92 48.47 11.45
CA GLY Z 168 2.16 49.17 11.26
C GLY Z 168 3.02 49.33 12.49
N GLN Z 169 2.80 48.55 13.52
CA GLN Z 169 3.64 48.60 14.70
C GLN Z 169 4.42 47.30 14.84
N PRO Z 170 5.65 47.34 15.36
CA PRO Z 170 6.42 46.10 15.52
C PRO Z 170 6.02 45.35 16.78
N ILE Z 171 6.00 44.03 16.68
CA ILE Z 171 5.78 43.15 17.82
C ILE Z 171 6.94 42.23 18.09
N ASP Z 172 8.06 42.40 17.39
CA ASP Z 172 9.21 41.54 17.56
C ASP Z 172 9.94 41.77 18.87
N GLY Z 173 9.79 42.94 19.47
CA GLY Z 173 10.61 43.34 20.60
C GLY Z 173 11.92 43.96 20.22
N LYS Z 174 12.06 44.41 18.97
CA LYS Z 174 13.30 45.01 18.46
C LYS Z 174 13.23 46.52 18.38
N GLY Z 175 12.35 47.15 19.16
CA GLY Z 175 12.18 48.57 19.11
C GLY Z 175 11.44 48.99 17.86
N PRO Z 176 11.53 50.27 17.50
CA PRO Z 176 10.73 50.79 16.38
C PRO Z 176 11.33 50.40 15.04
N LEU Z 177 10.64 50.81 13.99
CA LEU Z 177 11.03 50.59 12.60
C LEU Z 177 11.58 51.90 12.07
N THR Z 178 12.90 51.95 11.87
CA THR Z 178 13.57 53.14 11.38
C THR Z 178 13.89 52.93 9.91
N ASN Z 179 14.23 54.03 9.20
CA ASN Z 179 14.48 54.06 7.76
C ASN Z 179 13.27 53.55 6.97
N VAL Z 180 12.08 54.01 7.40
CA VAL Z 180 10.81 53.61 6.82
C VAL Z 180 10.04 54.88 6.48
N ARG Z 181 8.98 54.71 5.70
CA ARG Z 181 8.13 55.84 5.38
C ARG Z 181 6.68 55.35 5.36
N SER Z 182 5.78 56.13 5.95
CA SER Z 182 4.38 55.75 5.97
C SER Z 182 3.72 56.09 4.65
N SER Z 183 2.90 55.17 4.16
CA SER Z 183 2.15 55.43 2.93
C SER Z 183 0.78 54.78 3.01
N LEU Z 184 -0.15 55.31 2.22
CA LEU Z 184 -1.54 54.93 2.31
C LEU Z 184 -1.77 53.52 1.80
N VAL Z 185 -2.46 52.70 2.62
CA VAL Z 185 -2.69 51.30 2.27
C VAL Z 185 -3.78 51.12 1.24
N GLU Z 186 -4.52 52.18 0.91
CA GLU Z 186 -5.68 52.08 0.04
C GLU Z 186 -5.43 52.97 -1.18
N VAL Z 187 -4.92 52.39 -2.26
CA VAL Z 187 -4.84 53.06 -3.55
C VAL Z 187 -5.39 52.13 -4.61
N LYS Z 188 -5.44 52.61 -5.83
CA LYS Z 188 -5.94 51.81 -6.93
C LYS Z 188 -4.81 50.98 -7.53
N ALA Z 189 -5.21 49.91 -8.21
CA ALA Z 189 -4.30 49.00 -8.88
C ALA Z 189 -3.63 49.68 -10.07
N PRO Z 190 -2.55 49.12 -10.60
CA PRO Z 190 -1.99 49.65 -11.84
C PRO Z 190 -2.91 49.41 -13.04
N GLY Z 191 -3.04 50.44 -13.87
CA GLY Z 191 -3.94 50.40 -15.01
C GLY Z 191 -3.43 49.56 -16.17
N ILE Z 192 -3.94 49.87 -17.36
CA ILE Z 192 -3.55 49.09 -18.54
C ILE Z 192 -2.14 49.44 -18.97
N ILE Z 193 -1.86 50.73 -19.16
CA ILE Z 193 -0.60 51.16 -19.74
C ILE Z 193 0.54 51.03 -18.73
N ALA Z 194 0.23 50.88 -17.45
CA ALA Z 194 1.25 50.50 -16.49
C ALA Z 194 1.78 49.10 -16.73
N ARG Z 195 0.97 48.21 -17.30
CA ARG Z 195 1.35 46.82 -17.41
C ARG Z 195 2.29 46.57 -18.58
N GLN Z 196 3.13 45.56 -18.41
CA GLN Z 196 3.87 44.92 -19.47
C GLN Z 196 3.69 43.43 -19.29
N SER Z 197 3.62 42.70 -20.40
CA SER Z 197 3.33 41.27 -20.37
C SER Z 197 4.44 40.50 -19.66
N VAL Z 198 4.05 39.64 -18.73
CA VAL Z 198 5.01 38.90 -17.91
C VAL Z 198 5.72 37.87 -18.78
N ARG Z 199 7.01 38.02 -18.96
CA ARG Z 199 7.79 37.11 -19.76
C ARG Z 199 8.87 36.38 -18.98
N GLU Z 200 9.65 37.09 -18.17
CA GLU Z 200 10.70 36.42 -17.42
C GLU Z 200 10.09 35.65 -16.25
N PRO Z 201 10.63 34.49 -15.90
CA PRO Z 201 9.98 33.64 -14.90
C PRO Z 201 10.51 33.82 -13.49
N LEU Z 202 9.61 33.66 -12.52
CA LEU Z 202 9.99 33.47 -11.13
C LEU Z 202 10.26 31.99 -10.89
N PHE Z 203 11.24 31.71 -10.06
CA PHE Z 203 11.63 30.34 -9.76
C PHE Z 203 11.39 30.11 -8.28
N THR Z 204 10.68 29.03 -7.94
CA THR Z 204 10.20 28.84 -6.58
C THR Z 204 10.71 27.57 -5.91
N GLY Z 205 11.71 26.92 -6.48
CA GLY Z 205 12.37 25.84 -5.76
C GLY Z 205 11.67 24.51 -5.82
N VAL Z 206 10.37 24.48 -5.54
CA VAL Z 206 9.62 23.24 -5.69
C VAL Z 206 9.48 22.96 -7.17
N LYS Z 207 10.11 21.87 -7.61
CA LYS Z 207 10.15 21.51 -9.03
C LYS Z 207 8.77 21.16 -9.56
N ALA Z 208 7.87 20.70 -8.70
CA ALA Z 208 6.49 20.46 -9.11
C ALA Z 208 5.79 21.77 -9.43
N VAL Z 209 6.19 22.87 -8.79
CA VAL Z 209 5.65 24.17 -9.15
C VAL Z 209 6.32 24.73 -10.39
N ASP Z 210 7.65 24.60 -10.49
CA ASP Z 210 8.36 25.34 -11.51
C ASP Z 210 8.20 24.73 -12.89
N ALA Z 211 8.15 23.40 -12.97
CA ALA Z 211 8.09 22.74 -14.28
C ALA Z 211 6.66 22.50 -14.73
N LEU Z 212 5.82 22.00 -13.83
CA LEU Z 212 4.46 21.59 -14.20
C LEU Z 212 3.52 22.79 -14.30
N VAL Z 213 3.36 23.55 -13.23
CA VAL Z 213 2.41 24.66 -13.18
C VAL Z 213 3.16 25.96 -12.92
N PRO Z 214 3.85 26.51 -13.92
CA PRO Z 214 4.90 27.49 -13.67
C PRO Z 214 4.33 28.86 -13.34
N ILE Z 215 5.22 29.72 -12.83
CA ILE Z 215 4.85 31.01 -12.23
C ILE Z 215 5.85 32.06 -12.70
N GLY Z 216 5.34 33.14 -13.28
CA GLY Z 216 6.18 34.19 -13.80
C GLY Z 216 6.38 35.30 -12.80
N ARG Z 217 7.44 36.07 -13.01
CA ARG Z 217 7.71 37.23 -12.15
C ARG Z 217 6.68 38.31 -12.44
N GLY Z 218 5.76 38.51 -11.51
CA GLY Z 218 4.70 39.49 -11.67
C GLY Z 218 3.36 38.85 -11.96
N GLN Z 219 3.11 37.70 -11.37
CA GLN Z 219 1.96 36.88 -11.72
C GLN Z 219 1.20 36.48 -10.46
N ARG Z 220 -0.05 36.11 -10.66
CA ARG Z 220 -0.95 35.70 -9.59
C ARG Z 220 -1.14 34.20 -9.71
N GLU Z 221 -0.87 33.48 -8.62
CA GLU Z 221 -1.05 32.04 -8.59
C GLU Z 221 -1.57 31.64 -7.22
N LEU Z 222 -2.63 30.85 -7.20
CA LEU Z 222 -3.34 30.51 -5.97
C LEU Z 222 -2.86 29.17 -5.44
N ILE Z 223 -2.34 29.17 -4.21
CA ILE Z 223 -1.98 27.93 -3.53
C ILE Z 223 -3.23 27.51 -2.75
N ILE Z 224 -4.12 26.81 -3.43
CA ILE Z 224 -5.32 26.31 -2.79
C ILE Z 224 -5.01 24.94 -2.22
N GLY Z 225 -5.79 24.50 -1.24
CA GLY Z 225 -5.57 23.19 -0.68
C GLY Z 225 -6.49 22.90 0.47
N ASP Z 226 -6.21 21.78 1.14
CA ASP Z 226 -6.85 21.43 2.39
C ASP Z 226 -6.06 22.06 3.53
N ARG Z 227 -6.30 21.66 4.76
CA ARG Z 227 -5.40 21.98 5.85
C ARG Z 227 -4.52 20.78 6.17
N GLN Z 228 -3.40 21.05 6.87
CA GLN Z 228 -2.33 20.08 7.18
C GLN Z 228 -1.76 19.44 5.91
N THR Z 229 -1.74 20.16 4.80
CA THR Z 229 -1.37 19.59 3.51
C THR Z 229 -0.16 20.22 2.85
N GLY Z 230 0.34 21.34 3.35
CA GLY Z 230 1.55 21.91 2.84
C GLY Z 230 1.43 23.21 2.07
N LYS Z 231 0.34 23.96 2.26
CA LYS Z 231 0.22 25.23 1.56
C LYS Z 231 1.24 26.24 2.08
N THR Z 232 1.48 26.22 3.39
CA THR Z 232 2.57 27.00 3.96
C THR Z 232 3.91 26.49 3.46
N ALA Z 233 4.01 25.18 3.21
CA ALA Z 233 5.28 24.61 2.77
C ALA Z 233 5.62 25.03 1.35
N VAL Z 234 4.63 25.14 0.47
CA VAL Z 234 4.90 25.62 -0.89
C VAL Z 234 5.25 27.10 -0.83
N ALA Z 235 4.70 27.81 0.14
CA ALA Z 235 5.06 29.21 0.34
C ALA Z 235 6.50 29.36 0.83
N ILE Z 236 6.84 28.68 1.94
CA ILE Z 236 8.13 28.96 2.56
C ILE Z 236 9.28 28.35 1.77
N ASP Z 237 9.05 27.26 1.05
CA ASP Z 237 10.14 26.68 0.26
C ASP Z 237 10.43 27.55 -0.94
N ALA Z 238 9.45 28.32 -1.40
CA ALA Z 238 9.74 29.36 -2.37
C ALA Z 238 10.60 30.45 -1.76
N ILE Z 239 10.33 30.82 -0.51
CA ILE Z 239 11.08 31.89 0.15
C ILE Z 239 12.53 31.49 0.36
N ILE Z 240 12.76 30.25 0.81
CA ILE Z 240 14.12 29.77 1.03
C ILE Z 240 14.85 29.63 -0.30
N HIS Z 241 14.12 29.36 -1.38
CA HIS Z 241 14.74 29.31 -2.70
C HIS Z 241 15.22 30.68 -3.15
N GLN Z 242 14.50 31.75 -2.76
CA GLN Z 242 14.93 33.08 -3.15
C GLN Z 242 16.22 33.45 -2.45
N LYS Z 243 16.36 33.07 -1.18
CA LYS Z 243 17.62 33.26 -0.47
C LYS Z 243 18.69 32.33 -1.05
N ASN Z 244 18.29 31.20 -1.61
CA ASN Z 244 19.24 30.37 -2.33
C ASN Z 244 19.48 30.85 -3.75
N CYS Z 245 18.72 31.85 -4.20
CA CYS Z 245 18.95 32.46 -5.51
C CYS Z 245 19.50 33.87 -5.42
N ASN Z 246 19.19 34.61 -4.36
CA ASN Z 246 19.58 36.01 -4.30
C ASN Z 246 21.07 36.20 -4.04
N GLU Z 247 21.75 35.20 -3.49
CA GLU Z 247 23.16 35.36 -3.20
C GLU Z 247 24.03 35.25 -4.43
N GLN Z 248 23.51 34.75 -5.55
CA GLN Z 248 24.26 34.61 -6.79
C GLN Z 248 23.55 35.29 -7.96
N VAL Z 249 22.82 36.36 -7.67
CA VAL Z 249 22.10 37.14 -8.68
C VAL Z 249 22.33 38.61 -8.35
N PRO Z 250 22.52 39.48 -9.39
CA PRO Z 250 22.84 40.90 -9.12
C PRO Z 250 21.76 41.69 -8.39
N LYS Z 251 22.09 42.97 -8.12
CA LYS Z 251 21.35 43.77 -7.13
C LYS Z 251 19.93 44.07 -7.56
N ALA Z 252 19.69 44.20 -8.86
CA ALA Z 252 18.37 44.62 -9.32
C ALA Z 252 17.35 43.51 -9.19
N GLN Z 253 17.64 42.35 -9.77
CA GLN Z 253 16.64 41.30 -9.91
C GLN Z 253 16.66 40.34 -8.73
N ARG Z 254 16.58 40.90 -7.52
CA ARG Z 254 16.57 40.11 -6.30
C ARG Z 254 15.17 40.13 -5.70
N VAL Z 255 14.62 38.95 -5.48
CA VAL Z 255 13.20 38.81 -5.15
C VAL Z 255 13.01 38.82 -3.64
N TYR Z 256 12.42 39.91 -3.15
CA TYR Z 256 12.22 40.12 -1.73
C TYR Z 256 10.91 39.53 -1.28
N CYS Z 257 10.90 38.97 -0.08
CA CYS Z 257 9.76 38.24 0.44
C CYS Z 257 9.02 39.07 1.47
N VAL Z 258 7.70 39.10 1.34
CA VAL Z 258 6.80 39.53 2.40
C VAL Z 258 5.74 38.45 2.56
N TYR Z 259 6.02 37.46 3.39
CA TYR Z 259 5.03 36.44 3.69
C TYR Z 259 4.09 37.00 4.74
N VAL Z 260 2.86 37.24 4.37
CA VAL Z 260 1.89 37.86 5.26
C VAL Z 260 1.11 36.75 5.95
N ALA Z 261 1.24 36.68 7.27
CA ALA Z 261 0.59 35.66 8.05
C ALA Z 261 -0.75 36.20 8.54
N VAL Z 262 -1.82 35.62 8.03
CA VAL Z 262 -3.18 35.95 8.46
C VAL Z 262 -3.76 34.71 9.11
N GLY Z 263 -4.23 34.85 10.34
CA GLY Z 263 -4.94 33.78 11.00
C GLY Z 263 -4.09 32.63 11.48
N GLN Z 264 -2.77 32.73 11.40
CA GLN Z 264 -1.93 31.70 11.99
C GLN Z 264 -1.77 32.00 13.48
N LYS Z 265 -1.21 31.02 14.20
CA LYS Z 265 -1.02 31.17 15.63
C LYS Z 265 0.10 32.16 15.92
N ARG Z 266 0.15 32.61 17.16
CA ARG Z 266 1.27 33.41 17.63
C ARG Z 266 2.49 32.54 17.91
N SER Z 267 2.33 31.22 17.93
CA SER Z 267 3.45 30.31 18.11
C SER Z 267 3.97 29.75 16.78
N THR Z 268 3.13 29.70 15.74
CA THR Z 268 3.59 29.26 14.43
C THR Z 268 4.53 30.26 13.79
N VAL Z 269 4.20 31.55 13.89
CA VAL Z 269 5.09 32.63 13.44
C VAL Z 269 6.43 32.60 14.17
N ALA Z 270 6.44 32.14 15.42
CA ALA Z 270 7.69 31.94 16.14
C ALA Z 270 8.53 30.87 15.49
N GLN Z 271 7.90 29.83 14.93
CA GLN Z 271 8.66 28.89 14.12
C GLN Z 271 9.08 29.52 12.80
N LEU Z 272 8.26 30.42 12.26
CA LEU Z 272 8.58 31.01 10.97
C LEU Z 272 9.61 32.12 11.10
N VAL Z 273 9.66 32.81 12.26
CA VAL Z 273 10.75 33.76 12.44
C VAL Z 273 12.06 33.01 12.69
N LYS Z 274 11.98 31.76 13.15
CA LYS Z 274 13.20 31.00 13.36
C LYS Z 274 13.76 30.49 12.04
N LEU Z 275 12.90 30.01 11.15
CA LEU Z 275 13.39 29.42 9.91
C LEU Z 275 13.90 30.47 8.94
N PHE Z 276 13.43 31.70 9.04
CA PHE Z 276 13.99 32.74 8.19
C PHE Z 276 15.28 33.30 8.77
N THR Z 277 15.50 33.15 10.09
CA THR Z 277 16.77 33.56 10.67
C THR Z 277 17.84 32.49 10.52
N GLN Z 278 17.49 31.23 10.81
CA GLN Z 278 18.47 30.14 10.82
C GLN Z 278 18.99 29.85 9.42
N THR Z 279 18.13 29.96 8.41
CA THR Z 279 18.62 29.84 7.05
C THR Z 279 19.34 31.10 6.60
N GLY Z 280 18.99 32.24 7.18
CA GLY Z 280 19.54 33.52 6.78
C GLY Z 280 18.61 34.38 5.95
N ALA Z 281 17.37 33.95 5.73
CA ALA Z 281 16.45 34.66 4.85
C ALA Z 281 15.94 35.97 5.46
N MET Z 282 16.13 36.19 6.76
CA MET Z 282 15.68 37.41 7.41
C MET Z 282 16.42 38.66 6.98
N ARG Z 283 17.47 38.54 6.16
CA ARG Z 283 17.95 39.70 5.44
C ARG Z 283 16.98 40.14 4.37
N TYR Z 284 16.04 39.28 3.97
CA TYR Z 284 15.16 39.53 2.84
C TYR Z 284 13.66 39.46 3.15
N THR Z 285 13.26 39.04 4.34
CA THR Z 285 11.86 38.76 4.62
C THR Z 285 11.28 39.75 5.61
N ILE Z 286 10.02 40.13 5.39
CA ILE Z 286 9.24 40.93 6.32
C ILE Z 286 8.02 40.12 6.71
N MET Z 287 7.92 39.78 7.99
CA MET Z 287 6.90 38.86 8.45
C MET Z 287 5.77 39.66 9.08
N VAL Z 288 4.69 39.86 8.35
CA VAL Z 288 3.52 40.57 8.85
C VAL Z 288 2.56 39.52 9.39
N SER Z 289 2.46 39.40 10.70
CA SER Z 289 1.68 38.33 11.31
C SER Z 289 0.58 38.90 12.18
N ALA Z 290 -0.55 39.21 11.57
CA ALA Z 290 -1.77 39.44 12.33
C ALA Z 290 -2.32 38.07 12.72
N THR Z 291 -2.32 37.78 14.01
CA THR Z 291 -2.60 36.44 14.46
C THR Z 291 -4.10 36.14 14.42
N ALA Z 292 -4.48 35.02 15.01
CA ALA Z 292 -5.86 34.81 15.37
C ALA Z 292 -6.21 35.43 16.71
N SER Z 293 -5.22 35.91 17.46
CA SER Z 293 -5.46 36.39 18.80
C SER Z 293 -5.84 37.85 18.87
N ASP Z 294 -5.50 38.65 17.87
CA ASP Z 294 -5.89 40.04 17.86
C ASP Z 294 -7.30 40.20 17.32
N ALA Z 295 -7.73 41.45 17.14
CA ALA Z 295 -9.11 41.73 16.81
C ALA Z 295 -9.39 41.44 15.33
N ALA Z 296 -10.62 41.71 14.94
CA ALA Z 296 -11.07 41.44 13.58
C ALA Z 296 -10.41 42.27 12.47
N PRO Z 297 -10.32 43.60 12.51
CA PRO Z 297 -9.83 44.31 11.31
C PRO Z 297 -8.33 44.22 11.09
N LEU Z 298 -7.55 43.81 12.09
CA LEU Z 298 -6.14 43.55 11.83
C LEU Z 298 -5.96 42.40 10.87
N GLN Z 299 -6.73 41.33 11.05
CA GLN Z 299 -6.72 40.25 10.08
C GLN Z 299 -7.33 40.68 8.76
N PHE Z 300 -8.19 41.70 8.79
CA PHE Z 300 -8.70 42.26 7.54
C PHE Z 300 -7.66 43.13 6.85
N LEU Z 301 -6.88 43.88 7.61
CA LEU Z 301 -5.99 44.85 7.01
C LEU Z 301 -4.60 44.29 6.70
N ALA Z 302 -4.25 43.15 7.29
CA ALA Z 302 -2.93 42.57 7.08
C ALA Z 302 -2.60 42.22 5.62
N PRO Z 303 -3.52 41.80 4.76
CA PRO Z 303 -3.13 41.69 3.35
C PRO Z 303 -2.95 43.02 2.65
N TYR Z 304 -3.74 44.04 2.98
CA TYR Z 304 -3.56 45.33 2.28
C TYR Z 304 -2.26 45.99 2.70
N SER Z 305 -1.95 45.96 4.00
CA SER Z 305 -0.71 46.56 4.47
C SER Z 305 0.49 45.77 3.98
N GLY Z 306 0.36 44.44 3.96
CA GLY Z 306 1.44 43.62 3.44
C GLY Z 306 1.64 43.81 1.95
N CYS Z 307 0.57 44.11 1.23
CA CYS Z 307 0.73 44.46 -0.17
C CYS Z 307 1.17 45.90 -0.31
N ALA Z 308 0.85 46.74 0.67
CA ALA Z 308 1.43 48.08 0.69
C ALA Z 308 2.92 48.03 0.99
N MET Z 309 3.38 47.00 1.72
CA MET Z 309 4.81 46.75 1.82
C MET Z 309 5.38 46.30 0.48
N ALA Z 310 4.58 45.56 -0.29
CA ALA Z 310 4.99 45.16 -1.62
C ALA Z 310 4.93 46.31 -2.60
N GLU Z 311 4.19 47.37 -2.27
CA GLU Z 311 4.19 48.57 -3.09
C GLU Z 311 5.54 49.25 -3.10
N TYR Z 312 6.26 49.18 -1.97
CA TYR Z 312 7.57 49.84 -1.88
C TYR Z 312 8.58 49.19 -2.81
N PHE Z 313 8.55 47.87 -2.91
CA PHE Z 313 9.50 47.20 -3.78
C PHE Z 313 9.10 47.27 -5.25
N ARG Z 314 7.88 47.73 -5.54
CA ARG Z 314 7.47 47.83 -6.93
C ARG Z 314 8.03 49.09 -7.58
N ASP Z 315 7.75 50.26 -7.03
CA ASP Z 315 8.14 51.50 -7.70
C ASP Z 315 9.62 51.84 -7.49
N THR Z 316 10.33 51.11 -6.65
CA THR Z 316 11.78 51.17 -6.63
C THR Z 316 12.39 50.36 -7.76
N GLY Z 317 11.59 49.53 -8.44
CA GLY Z 317 12.05 48.79 -9.58
C GLY Z 317 12.61 47.42 -9.28
N LYS Z 318 12.62 47.01 -8.01
CA LYS Z 318 13.09 45.69 -7.69
C LYS Z 318 12.00 44.67 -7.98
N HIS Z 319 12.30 43.39 -7.73
CA HIS Z 319 11.32 42.34 -7.83
C HIS Z 319 10.94 41.87 -6.44
N GLY Z 320 9.67 41.59 -6.25
CA GLY Z 320 9.16 41.27 -4.94
C GLY Z 320 8.24 40.08 -4.97
N LEU Z 321 8.30 39.30 -3.90
CA LEU Z 321 7.41 38.17 -3.69
C LEU Z 321 6.53 38.51 -2.51
N ILE Z 322 5.23 38.54 -2.73
CA ILE Z 322 4.25 38.78 -1.67
C ILE Z 322 3.38 37.53 -1.56
N ILE Z 323 3.24 37.03 -0.33
CA ILE Z 323 2.48 35.82 -0.06
C ILE Z 323 1.45 36.14 1.01
N TYR Z 324 0.18 35.96 0.68
CA TYR Z 324 -0.89 35.92 1.67
C TYR Z 324 -1.14 34.46 2.01
N ASP Z 325 -1.13 34.13 3.29
CA ASP Z 325 -1.42 32.77 3.72
C ASP Z 325 -2.75 32.72 4.43
N ASP Z 326 -3.57 31.75 4.04
CA ASP Z 326 -4.91 31.49 4.56
C ASP Z 326 -5.78 32.75 4.44
N LEU Z 327 -5.92 33.20 3.19
CA LEU Z 327 -6.77 34.34 2.84
C LEU Z 327 -8.25 34.06 3.12
N SER Z 328 -8.62 32.80 3.31
CA SER Z 328 -9.95 32.48 3.81
C SER Z 328 -10.18 33.05 5.20
N LYS Z 329 -9.12 33.12 6.02
CA LYS Z 329 -9.30 33.72 7.33
C LYS Z 329 -9.49 35.23 7.23
N GLN Z 330 -8.89 35.86 6.22
CA GLN Z 330 -9.18 37.26 5.96
C GLN Z 330 -10.60 37.42 5.46
N SER Z 331 -11.15 36.38 4.83
CA SER Z 331 -12.57 36.40 4.55
C SER Z 331 -13.39 36.19 5.80
N VAL Z 332 -12.88 35.41 6.76
CA VAL Z 332 -13.53 35.34 8.06
C VAL Z 332 -13.42 36.67 8.78
N ALA Z 333 -12.34 37.41 8.50
CA ALA Z 333 -12.22 38.76 9.05
C ALA Z 333 -13.24 39.71 8.45
N TYR Z 334 -13.38 39.71 7.13
CA TYR Z 334 -14.33 40.63 6.50
C TYR Z 334 -15.76 40.18 6.70
N ARG Z 335 -15.97 38.91 7.05
CA ARG Z 335 -17.31 38.49 7.44
C ARG Z 335 -17.65 38.99 8.83
N GLN Z 336 -16.70 38.90 9.75
CA GLN Z 336 -16.96 39.16 11.16
C GLN Z 336 -17.28 40.63 11.41
N MET Z 337 -16.66 41.54 10.65
CA MET Z 337 -17.00 42.94 10.83
C MET Z 337 -18.27 43.33 10.10
N SER Z 338 -18.58 42.67 8.99
CA SER Z 338 -19.72 43.12 8.19
C SER Z 338 -21.04 42.80 8.86
N LEU Z 339 -21.16 41.59 9.40
CA LEU Z 339 -22.37 41.24 10.12
C LEU Z 339 -22.45 41.94 11.47
N LEU Z 340 -21.31 42.31 12.05
CA LEU Z 340 -21.36 43.13 13.25
C LEU Z 340 -21.78 44.55 12.94
N LEU Z 341 -21.47 45.05 11.75
CA LEU Z 341 -21.82 46.41 11.39
C LEU Z 341 -23.18 46.50 10.72
N ARG Z 342 -23.90 45.40 10.64
CA ARG Z 342 -25.24 45.30 10.03
C ARG Z 342 -25.23 45.75 8.58
N ARG Z 343 -24.17 45.45 7.88
CA ARG Z 343 -24.22 45.53 6.43
C ARG Z 343 -25.03 44.34 5.90
N PRO Z 344 -25.67 44.48 4.75
CA PRO Z 344 -26.53 43.41 4.24
C PRO Z 344 -25.75 42.18 3.85
N PRO Z 345 -26.14 41.01 4.37
CA PRO Z 345 -25.42 39.79 4.08
C PRO Z 345 -25.79 39.20 2.73
N GLY Z 346 -24.83 38.49 2.15
CA GLY Z 346 -25.05 37.80 0.90
C GLY Z 346 -24.82 36.31 1.02
N ARG Z 347 -24.15 35.73 0.02
CA ARG Z 347 -23.98 34.29 -0.07
C ARG Z 347 -23.08 33.78 1.05
N GLU Z 348 -23.56 32.75 1.75
CA GLU Z 348 -22.94 32.18 2.96
C GLU Z 348 -22.67 33.26 4.01
N ALA Z 349 -23.57 34.24 4.10
CA ALA Z 349 -23.60 35.35 5.05
C ALA Z 349 -22.40 36.28 4.96
N PHE Z 350 -21.57 36.15 3.93
CA PHE Z 350 -20.54 37.14 3.66
C PHE Z 350 -21.21 38.39 3.09
N PRO Z 351 -20.57 39.55 3.18
CA PRO Z 351 -21.10 40.72 2.49
C PRO Z 351 -20.97 40.57 0.98
N GLY Z 352 -21.77 41.37 0.27
CA GLY Z 352 -21.78 41.28 -1.18
C GLY Z 352 -20.49 41.75 -1.82
N ASP Z 353 -19.88 42.77 -1.24
CA ASP Z 353 -18.68 43.38 -1.81
C ASP Z 353 -17.40 42.66 -1.44
N VAL Z 354 -17.47 41.45 -0.88
CA VAL Z 354 -16.25 40.75 -0.48
C VAL Z 354 -15.45 40.32 -1.69
N PHE Z 355 -16.08 40.18 -2.85
CA PHE Z 355 -15.34 39.93 -4.07
C PHE Z 355 -14.56 41.16 -4.50
N TYR Z 356 -15.09 42.34 -4.20
CA TYR Z 356 -14.36 43.56 -4.52
C TYR Z 356 -13.21 43.77 -3.56
N LEU Z 357 -13.39 43.40 -2.29
CA LEU Z 357 -12.29 43.54 -1.34
C LEU Z 357 -11.25 42.44 -1.49
N HIS Z 358 -11.55 41.37 -2.23
CA HIS Z 358 -10.51 40.43 -2.62
C HIS Z 358 -9.82 40.83 -3.90
N SER Z 359 -10.51 41.56 -4.76
CA SER Z 359 -9.91 41.85 -6.05
C SER Z 359 -8.93 43.01 -5.99
N ARG Z 360 -9.28 44.07 -5.26
CA ARG Z 360 -8.39 45.22 -5.14
C ARG Z 360 -7.13 44.87 -4.35
N LEU Z 361 -7.20 43.84 -3.53
CA LEU Z 361 -5.99 43.24 -2.99
C LEU Z 361 -5.16 42.61 -4.10
N LEU Z 362 -5.74 41.65 -4.81
CA LEU Z 362 -4.95 40.78 -5.67
C LEU Z 362 -4.66 41.39 -7.03
N GLU Z 363 -5.28 42.49 -7.39
CA GLU Z 363 -4.89 43.18 -8.60
C GLU Z 363 -3.83 44.23 -8.34
N ARG Z 364 -3.34 44.34 -7.12
CA ARG Z 364 -2.31 45.32 -6.81
C ARG Z 364 -0.91 44.84 -7.17
N ALA Z 365 -0.70 43.53 -7.25
CA ALA Z 365 0.60 42.98 -7.57
C ALA Z 365 0.65 42.63 -9.05
N ALA Z 366 1.60 43.21 -9.77
CA ALA Z 366 1.72 43.00 -11.21
C ALA Z 366 3.13 43.37 -11.66
N LYS Z 367 3.30 43.47 -12.98
CA LYS Z 367 4.56 43.86 -13.60
C LYS Z 367 4.38 45.24 -14.21
N LEU Z 368 5.05 46.23 -13.64
CA LEU Z 368 5.02 47.56 -14.24
C LEU Z 368 5.98 47.64 -15.41
N SER Z 369 5.61 48.43 -16.42
CA SER Z 369 6.31 48.44 -17.68
C SER Z 369 7.59 49.25 -17.59
N LYS Z 370 8.33 49.31 -18.70
CA LYS Z 370 9.66 49.90 -18.76
C LYS Z 370 9.64 51.43 -18.83
N GLU Z 371 8.48 52.05 -18.67
CA GLU Z 371 8.37 53.49 -18.63
C GLU Z 371 7.98 54.02 -17.26
N LEU Z 372 7.53 53.16 -16.36
CA LEU Z 372 7.01 53.58 -15.07
C LEU Z 372 7.73 52.90 -13.89
N GLY Z 373 8.91 52.33 -14.12
CA GLY Z 373 9.64 51.72 -13.02
C GLY Z 373 10.25 50.39 -13.37
N GLY Z 374 9.59 49.61 -14.21
CA GLY Z 374 10.11 48.34 -14.65
C GLY Z 374 10.04 47.21 -13.66
N GLY Z 375 9.70 47.48 -12.41
CA GLY Z 375 9.65 46.43 -11.41
C GLY Z 375 8.44 45.53 -11.57
N SER Z 376 8.41 44.48 -10.75
CA SER Z 376 7.34 43.51 -10.78
C SER Z 376 6.83 43.28 -9.37
N LEU Z 377 5.77 42.47 -9.30
CA LEU Z 377 5.15 42.09 -8.03
C LEU Z 377 4.32 40.85 -8.28
N THR Z 378 4.67 39.73 -7.67
CA THR Z 378 3.93 38.49 -7.86
C THR Z 378 3.31 38.04 -6.53
N ALA Z 379 2.00 37.81 -6.56
CA ALA Z 379 1.24 37.55 -5.35
C ALA Z 379 0.86 36.09 -5.28
N PHE Z 380 1.03 35.49 -4.10
CA PHE Z 380 0.72 34.07 -3.86
C PHE Z 380 -0.32 33.95 -2.75
N PRO Z 381 -1.58 34.13 -3.06
CA PRO Z 381 -2.62 33.94 -2.04
C PRO Z 381 -2.84 32.46 -1.76
N VAL Z 382 -3.44 32.18 -0.61
CA VAL Z 382 -3.67 30.82 -0.15
C VAL Z 382 -5.10 30.71 0.34
N ILE Z 383 -5.84 29.75 -0.19
CA ILE Z 383 -7.19 29.45 0.27
C ILE Z 383 -7.20 28.04 0.83
N GLU Z 384 -7.69 27.90 2.05
CA GLU Z 384 -7.86 26.60 2.68
C GLU Z 384 -9.29 26.13 2.46
N THR Z 385 -9.45 25.04 1.71
CA THR Z 385 -10.76 24.47 1.42
C THR Z 385 -11.22 23.62 2.60
N GLN Z 386 -12.25 22.81 2.39
CA GLN Z 386 -12.75 21.95 3.45
C GLN Z 386 -12.48 20.48 3.17
N ALA Z 387 -12.87 19.97 2.00
CA ALA Z 387 -12.57 18.60 1.63
C ALA Z 387 -12.24 18.52 0.15
N GLY Z 388 -11.82 19.63 -0.43
CA GLY Z 388 -11.55 19.70 -1.85
C GLY Z 388 -12.62 20.36 -2.68
N ASP Z 389 -13.60 21.02 -2.05
CA ASP Z 389 -14.63 21.72 -2.82
C ASP Z 389 -14.08 23.02 -3.39
N VAL Z 390 -13.80 23.03 -4.70
CA VAL Z 390 -13.26 24.21 -5.35
C VAL Z 390 -14.37 25.11 -5.86
N SER Z 391 -15.61 24.81 -5.48
CA SER Z 391 -16.76 25.63 -5.84
C SER Z 391 -17.38 26.33 -4.65
N ALA Z 392 -16.72 26.29 -3.48
CA ALA Z 392 -17.16 27.10 -2.35
C ALA Z 392 -17.01 28.58 -2.69
N TYR Z 393 -17.82 29.41 -2.03
CA TYR Z 393 -18.02 30.78 -2.48
C TYR Z 393 -16.76 31.63 -2.35
N ILE Z 394 -15.98 31.39 -1.29
CA ILE Z 394 -14.76 32.17 -1.11
C ILE Z 394 -13.71 31.73 -2.12
N ALA Z 395 -13.59 30.43 -2.34
CA ALA Z 395 -12.66 29.93 -3.36
C ALA Z 395 -13.14 30.28 -4.76
N THR Z 396 -14.45 30.45 -4.94
CA THR Z 396 -14.99 30.81 -6.25
C THR Z 396 -14.52 32.20 -6.66
N ASN Z 397 -14.38 33.09 -5.68
CA ASN Z 397 -13.92 34.44 -5.98
C ASN Z 397 -12.45 34.45 -6.38
N VAL Z 398 -11.60 33.81 -5.57
CA VAL Z 398 -10.15 33.97 -5.74
C VAL Z 398 -9.66 33.22 -6.97
N ILE Z 399 -10.29 32.09 -7.29
CA ILE Z 399 -9.98 31.39 -8.53
C ILE Z 399 -10.38 32.23 -9.74
N SER Z 400 -11.46 33.01 -9.60
CA SER Z 400 -11.91 33.85 -10.70
C SER Z 400 -10.94 35.02 -10.94
N ILE Z 401 -10.42 35.64 -9.88
CA ILE Z 401 -9.58 36.81 -10.08
C ILE Z 401 -8.13 36.40 -10.37
N THR Z 402 -7.65 35.35 -9.73
CA THR Z 402 -6.30 34.90 -10.03
C THR Z 402 -6.29 34.10 -11.32
N ASP Z 403 -5.08 33.75 -11.75
CA ASP Z 403 -4.91 33.07 -13.03
C ASP Z 403 -5.21 31.58 -12.91
N GLY Z 404 -4.42 30.87 -12.12
CA GLY Z 404 -4.53 29.43 -12.11
C GLY Z 404 -4.91 28.83 -10.78
N GLN Z 405 -4.25 27.72 -10.45
CA GLN Z 405 -4.54 26.95 -9.25
C GLN Z 405 -3.40 25.99 -9.06
N ILE Z 406 -2.85 25.92 -7.85
CA ILE Z 406 -1.99 24.82 -7.49
C ILE Z 406 -2.75 24.01 -6.44
N PHE Z 407 -3.53 23.04 -6.91
CA PHE Z 407 -4.44 22.32 -6.05
C PHE Z 407 -3.66 21.31 -5.23
N LEU Z 408 -3.74 21.41 -3.92
CA LEU Z 408 -2.93 20.60 -3.03
C LEU Z 408 -3.88 19.75 -2.19
N GLU Z 409 -4.13 18.53 -2.62
CA GLU Z 409 -5.10 17.66 -1.98
C GLU Z 409 -4.48 16.89 -0.83
N THR Z 410 -5.28 16.65 0.21
CA THR Z 410 -4.77 15.94 1.37
C THR Z 410 -4.68 14.44 1.11
N GLU Z 411 -5.54 13.88 0.27
CA GLU Z 411 -5.63 12.44 0.15
C GLU Z 411 -4.42 11.88 -0.61
N LEU Z 412 -4.04 12.52 -1.70
CA LEU Z 412 -2.87 12.08 -2.44
C LEU Z 412 -1.56 12.55 -1.82
N PHE Z 413 -1.61 13.32 -0.73
CA PHE Z 413 -0.40 13.70 -0.03
C PHE Z 413 0.25 12.51 0.65
N TYR Z 414 -0.56 11.57 1.13
CA TYR Z 414 -0.03 10.32 1.69
C TYR Z 414 0.27 9.29 0.62
N LYS Z 415 0.03 9.63 -0.66
CA LYS Z 415 0.45 8.83 -1.80
C LYS Z 415 1.85 9.25 -2.29
N GLY Z 416 2.62 9.93 -1.44
CA GLY Z 416 4.03 10.10 -1.68
C GLY Z 416 4.41 11.17 -2.67
N ILE Z 417 3.50 11.58 -3.55
CA ILE Z 417 3.81 12.67 -4.47
C ILE Z 417 3.81 13.96 -3.65
N ARG Z 418 5.01 14.48 -3.40
CA ARG Z 418 5.14 15.67 -2.56
C ARG Z 418 5.71 16.81 -3.39
N PRO Z 419 4.97 17.90 -3.59
CA PRO Z 419 3.63 18.17 -3.07
C PRO Z 419 2.54 17.47 -3.87
N ALA Z 420 1.39 17.20 -3.25
CA ALA Z 420 0.27 16.57 -3.93
C ALA Z 420 -0.34 17.57 -4.91
N LEU Z 421 0.33 17.70 -6.04
CA LEU Z 421 -0.02 18.67 -7.07
C LEU Z 421 -0.82 17.95 -8.14
N ASN Z 422 -2.14 18.01 -8.04
CA ASN Z 422 -3.02 17.30 -8.97
C ASN Z 422 -2.96 18.01 -10.31
N VAL Z 423 -2.13 17.49 -11.22
CA VAL Z 423 -1.83 18.16 -12.49
C VAL Z 423 -3.08 18.24 -13.37
N GLY Z 424 -3.97 17.25 -13.28
CA GLY Z 424 -5.25 17.34 -13.93
C GLY Z 424 -6.16 18.41 -13.36
N LEU Z 425 -5.95 18.79 -12.10
CA LEU Z 425 -6.68 19.91 -11.52
C LEU Z 425 -5.88 21.19 -11.47
N SER Z 426 -4.56 21.09 -11.23
CA SER Z 426 -3.73 22.29 -11.12
C SER Z 426 -3.31 22.74 -12.51
N VAL Z 427 -3.76 23.93 -12.90
CA VAL Z 427 -3.32 24.57 -14.13
C VAL Z 427 -2.84 25.96 -13.73
N SER Z 428 -1.93 26.51 -14.52
CA SER Z 428 -1.62 27.93 -14.50
C SER Z 428 -2.08 28.52 -15.82
N ARG Z 429 -2.40 29.81 -15.82
CA ARG Z 429 -2.91 30.41 -17.05
C ARG Z 429 -1.82 30.63 -18.09
N VAL Z 430 -0.60 30.92 -17.65
CA VAL Z 430 0.40 31.30 -18.65
C VAL Z 430 0.97 30.07 -19.36
N GLY Z 431 1.13 28.96 -18.65
CA GLY Z 431 1.67 27.76 -19.27
C GLY Z 431 3.13 27.94 -19.65
N SER Z 432 3.46 27.55 -20.87
CA SER Z 432 4.83 27.68 -21.36
C SER Z 432 5.17 29.08 -21.86
N ALA Z 433 4.25 30.05 -21.75
CA ALA Z 433 4.50 31.39 -22.27
C ALA Z 433 5.49 32.17 -21.41
N ALA Z 434 5.70 31.77 -20.15
CA ALA Z 434 6.53 32.53 -19.24
C ALA Z 434 7.47 31.62 -18.46
N GLN Z 435 8.07 30.65 -19.13
CA GLN Z 435 8.96 29.71 -18.46
C GLN Z 435 10.36 29.76 -19.08
N PHE Z 436 11.34 29.51 -18.22
CA PHE Z 436 12.75 29.50 -18.53
C PHE Z 436 13.07 28.42 -19.55
N PRO Z 437 13.70 28.76 -20.69
CA PRO Z 437 13.76 27.82 -21.82
C PRO Z 437 14.66 26.61 -21.62
N GLY Z 438 15.28 26.44 -20.46
CA GLY Z 438 15.83 25.14 -20.12
C GLY Z 438 14.78 24.13 -19.75
N MET Z 439 13.58 24.59 -19.40
CA MET Z 439 12.47 23.72 -19.06
C MET Z 439 11.44 23.62 -20.17
N LYS Z 440 11.41 24.60 -21.09
CA LYS Z 440 10.33 24.73 -22.06
C LYS Z 440 10.23 23.54 -22.99
N GLN Z 441 11.37 23.06 -23.48
CA GLN Z 441 11.34 21.89 -24.33
C GLN Z 441 11.19 20.59 -23.57
N VAL Z 442 11.23 20.61 -22.24
CA VAL Z 442 11.03 19.40 -21.46
C VAL Z 442 9.76 19.47 -20.59
N ALA Z 443 9.27 20.67 -20.26
CA ALA Z 443 7.93 20.77 -19.70
C ALA Z 443 6.87 20.74 -20.79
N GLY Z 444 7.27 21.01 -22.03
CA GLY Z 444 6.38 20.89 -23.17
C GLY Z 444 5.99 19.46 -23.49
N THR Z 445 6.71 18.47 -22.94
CA THR Z 445 6.26 17.10 -22.98
C THR Z 445 5.81 16.59 -21.62
N LEU Z 446 6.21 17.25 -20.53
CA LEU Z 446 5.96 16.71 -19.20
C LEU Z 446 4.49 16.78 -18.83
N LYS Z 447 3.80 17.82 -19.30
CA LYS Z 447 2.35 17.85 -19.14
C LYS Z 447 1.65 16.97 -20.16
N LEU Z 448 2.36 16.53 -21.20
CA LEU Z 448 1.76 15.56 -22.10
C LEU Z 448 1.97 14.13 -21.60
N GLU Z 449 3.13 13.83 -21.01
CA GLU Z 449 3.34 12.47 -20.51
C GLU Z 449 2.58 12.22 -19.23
N LEU Z 450 2.43 13.25 -18.38
CA LEU Z 450 1.57 13.09 -17.22
C LEU Z 450 0.10 13.05 -17.63
N ALA Z 451 -0.24 13.60 -18.79
CA ALA Z 451 -1.59 13.41 -19.33
C ALA Z 451 -1.81 11.96 -19.73
N GLN Z 452 -0.78 11.30 -20.26
CA GLN Z 452 -0.87 9.88 -20.55
C GLN Z 452 -0.92 9.04 -19.28
N TYR Z 453 -0.33 9.53 -18.19
CA TYR Z 453 -0.30 8.74 -16.97
C TYR Z 453 -1.61 8.86 -16.20
N ARG Z 454 -2.14 10.07 -16.06
CA ARG Z 454 -3.36 10.24 -15.28
C ARG Z 454 -4.57 9.68 -16.01
N GLU Z 455 -4.51 9.60 -17.35
CA GLU Z 455 -5.57 8.95 -18.09
C GLU Z 455 -5.52 7.44 -17.92
N VAL Z 456 -4.44 6.91 -17.36
CA VAL Z 456 -4.26 5.47 -17.23
C VAL Z 456 -3.97 5.08 -15.78
N ALA Z 457 -4.22 5.99 -14.84
CA ALA Z 457 -3.80 5.83 -13.43
C ALA Z 457 -4.58 4.75 -12.69
N ALA Z 458 -5.74 4.33 -13.22
CA ALA Z 458 -6.52 3.28 -12.57
C ALA Z 458 -5.95 1.89 -12.83
N PHE Z 459 -4.95 1.77 -13.70
CA PHE Z 459 -4.37 0.49 -14.07
C PHE Z 459 -3.23 0.06 -13.16
N ALA Z 460 -2.64 1.00 -12.41
CA ALA Z 460 -1.51 0.68 -11.55
C ALA Z 460 -1.87 -0.28 -10.42
N GLN Z 461 -3.14 -0.33 -10.05
CA GLN Z 461 -3.67 -1.30 -9.11
C GLN Z 461 -4.26 -2.51 -9.83
N PHE Z 462 -3.66 -2.90 -10.95
CA PHE Z 462 -4.03 -4.09 -11.69
C PHE Z 462 -2.78 -4.83 -12.13
N GLY Z 463 -2.75 -6.12 -11.87
CA GLY Z 463 -1.56 -6.91 -12.17
C GLY Z 463 -1.59 -7.47 -13.57
N SER Z 464 -2.79 -7.68 -14.09
CA SER Z 464 -2.98 -8.22 -15.43
C SER Z 464 -2.60 -7.17 -16.48
N ASP Z 465 -1.59 -7.48 -17.27
CA ASP Z 465 -0.95 -6.48 -18.11
C ASP Z 465 -1.72 -6.26 -19.41
N LEU Z 466 -1.66 -5.03 -19.90
CA LEU Z 466 -2.07 -4.68 -21.26
C LEU Z 466 -0.81 -4.71 -22.13
N ASP Z 467 -0.86 -4.13 -23.33
CA ASP Z 467 0.05 -4.19 -24.46
C ASP Z 467 1.46 -3.66 -24.20
N ALA Z 468 1.83 -3.16 -23.00
CA ALA Z 468 3.13 -2.64 -22.61
C ALA Z 468 3.51 -1.32 -23.29
N ALA Z 469 2.69 -0.85 -24.24
CA ALA Z 469 2.68 0.56 -24.61
C ALA Z 469 1.90 1.37 -23.58
N THR Z 470 1.10 0.68 -22.77
CA THR Z 470 0.41 1.18 -21.59
C THR Z 470 1.25 1.02 -20.33
N GLN Z 471 1.90 -0.14 -20.17
CA GLN Z 471 2.56 -0.46 -18.90
C GLN Z 471 3.94 0.19 -18.76
N TYR Z 472 4.64 0.41 -19.87
CA TYR Z 472 5.84 1.23 -19.83
C TYR Z 472 5.50 2.67 -19.48
N VAL Z 473 4.38 3.16 -20.02
CA VAL Z 473 3.85 4.48 -19.66
C VAL Z 473 3.45 4.51 -18.19
N LEU Z 474 2.94 3.39 -17.67
CA LEU Z 474 2.66 3.30 -16.24
C LEU Z 474 3.91 3.36 -15.39
N GLU Z 475 5.06 2.92 -15.91
CA GLU Z 475 6.30 3.14 -15.19
C GLU Z 475 6.94 4.47 -15.56
N ARG Z 476 6.66 4.97 -16.77
CA ARG Z 476 7.04 6.33 -17.11
C ARG Z 476 6.27 7.32 -16.25
N GLY Z 477 5.03 6.98 -15.89
CA GLY Z 477 4.33 7.78 -14.90
C GLY Z 477 4.81 7.54 -13.48
N ALA Z 478 5.17 6.29 -13.15
CA ALA Z 478 5.54 5.96 -11.78
C ALA Z 478 6.85 6.61 -11.38
N ARG Z 479 7.86 6.55 -12.24
CA ARG Z 479 9.08 7.30 -11.99
C ARG Z 479 8.95 8.77 -12.38
N LEU Z 480 7.74 9.22 -12.74
CA LEU Z 480 7.45 10.65 -12.71
C LEU Z 480 6.58 11.04 -11.52
N THR Z 481 6.32 10.12 -10.60
CA THR Z 481 5.86 10.53 -9.27
C THR Z 481 7.04 10.95 -8.41
N GLU Z 482 7.95 10.01 -8.18
CA GLU Z 482 9.09 10.25 -7.32
C GLU Z 482 10.13 11.15 -7.95
N MET Z 483 10.02 11.42 -9.26
CA MET Z 483 10.79 12.49 -9.88
C MET Z 483 10.41 13.85 -9.31
N LEU Z 484 9.20 14.00 -8.79
CA LEU Z 484 8.76 15.32 -8.36
C LEU Z 484 8.74 15.49 -6.86
N LYS Z 485 9.21 14.49 -6.10
CA LYS Z 485 9.14 14.58 -4.64
C LYS Z 485 10.18 15.56 -4.11
N GLN Z 486 9.73 16.45 -3.23
CA GLN Z 486 10.57 17.52 -2.69
C GLN Z 486 10.65 17.41 -1.18
N LYS Z 487 11.87 17.37 -0.66
CA LYS Z 487 12.09 17.33 0.78
C LYS Z 487 11.75 18.69 1.38
N GLN Z 488 11.30 18.69 2.62
CA GLN Z 488 10.75 19.89 3.20
C GLN Z 488 11.84 20.80 3.74
N PHE Z 489 11.63 22.11 3.59
CA PHE Z 489 12.55 23.21 3.83
C PHE Z 489 13.80 23.16 2.95
N ALA Z 490 13.79 22.36 1.89
CA ALA Z 490 14.97 22.15 1.06
C ALA Z 490 14.59 22.48 -0.37
N PRO Z 491 14.71 23.74 -0.76
CA PRO Z 491 14.58 24.08 -2.17
C PRO Z 491 15.89 23.82 -2.90
N ILE Z 492 15.76 23.36 -4.14
CA ILE Z 492 16.94 23.02 -4.93
C ILE Z 492 17.16 24.12 -5.94
N PRO Z 493 18.41 24.38 -6.37
CA PRO Z 493 18.67 25.40 -7.38
C PRO Z 493 17.98 25.13 -8.71
N ILE Z 494 17.82 26.21 -9.48
CA ILE Z 494 16.87 26.18 -10.59
C ILE Z 494 17.40 25.35 -11.76
N GLU Z 495 18.69 25.46 -12.10
CA GLU Z 495 19.14 24.65 -13.21
C GLU Z 495 19.41 23.19 -12.83
N ARG Z 496 19.33 22.84 -11.54
CA ARG Z 496 19.46 21.45 -11.15
C ARG Z 496 18.19 20.67 -11.44
N GLN Z 497 17.02 21.27 -11.21
CA GLN Z 497 15.78 20.56 -11.50
C GLN Z 497 15.45 20.58 -12.98
N THR Z 498 16.22 21.30 -13.80
CA THR Z 498 16.06 21.20 -15.25
C THR Z 498 16.58 19.87 -15.78
N VAL Z 499 17.83 19.53 -15.43
CA VAL Z 499 18.41 18.29 -15.94
C VAL Z 499 17.90 17.07 -15.19
N ALA Z 500 17.29 17.26 -14.02
CA ALA Z 500 16.79 16.11 -13.27
C ALA Z 500 15.52 15.54 -13.90
N VAL Z 501 14.61 16.40 -14.33
CA VAL Z 501 13.44 15.92 -15.07
C VAL Z 501 13.81 15.59 -16.50
N TYR Z 502 14.93 16.13 -17.00
CA TYR Z 502 15.50 15.65 -18.25
C TYR Z 502 15.98 14.22 -18.10
N ALA Z 503 16.35 13.82 -16.89
CA ALA Z 503 16.82 12.46 -16.62
C ALA Z 503 15.70 11.47 -16.35
N ALA Z 504 14.46 11.82 -16.60
CA ALA Z 504 13.42 10.80 -16.46
C ALA Z 504 12.59 10.64 -17.72
N THR Z 505 12.22 11.72 -18.38
CA THR Z 505 11.34 11.63 -19.54
C THR Z 505 12.11 11.22 -20.80
N LYS Z 506 13.37 11.64 -20.90
CA LYS Z 506 14.23 11.25 -22.01
C LYS Z 506 14.56 9.76 -21.98
N GLY Z 507 14.63 9.15 -20.80
CA GLY Z 507 14.72 7.71 -20.71
C GLY Z 507 15.98 7.15 -20.10
N PHE Z 508 16.58 7.88 -19.17
CA PHE Z 508 17.72 7.39 -18.39
C PHE Z 508 17.28 6.94 -17.01
N LEU Z 509 16.13 6.31 -16.95
CA LEU Z 509 15.36 6.10 -15.73
C LEU Z 509 15.85 4.89 -14.95
N ASP Z 510 15.35 4.78 -13.72
CA ASP Z 510 15.64 3.70 -12.81
C ASP Z 510 14.93 2.44 -13.27
N LYS Z 511 15.57 1.68 -14.15
CA LYS Z 511 14.98 0.44 -14.63
C LYS Z 511 15.15 -0.69 -13.62
N VAL Z 512 16.16 -0.62 -12.75
CA VAL Z 512 16.36 -1.59 -11.69
C VAL Z 512 15.31 -1.37 -10.61
N ARG Z 513 15.20 -2.31 -9.67
CA ARG Z 513 14.06 -2.37 -8.77
C ARG Z 513 14.10 -1.26 -7.71
N VAL Z 514 13.01 -1.16 -6.96
CA VAL Z 514 12.81 -0.10 -5.99
C VAL Z 514 13.19 -0.52 -4.58
N GLN Z 515 13.89 -1.65 -4.45
CA GLN Z 515 14.62 -1.92 -3.21
C GLN Z 515 15.71 -0.87 -3.01
N ASP Z 516 16.43 -0.54 -4.07
CA ASP Z 516 17.40 0.56 -4.10
C ASP Z 516 16.72 1.76 -4.75
N ILE Z 517 16.24 2.69 -3.91
CA ILE Z 517 15.63 3.94 -4.35
C ILE Z 517 16.60 5.08 -4.05
N VAL Z 518 17.26 4.98 -2.89
CA VAL Z 518 17.99 6.08 -2.26
C VAL Z 518 19.18 6.56 -3.10
N ALA Z 519 19.71 5.71 -3.97
CA ALA Z 519 20.78 6.11 -4.88
C ALA Z 519 20.30 6.18 -6.33
N ALA Z 520 18.98 6.13 -6.54
CA ALA Z 520 18.40 6.31 -7.85
C ALA Z 520 17.75 7.67 -8.05
N GLU Z 521 17.49 8.41 -6.97
CA GLU Z 521 16.95 9.75 -7.09
C GLU Z 521 18.07 10.77 -7.14
N GLU Z 522 19.02 10.65 -6.21
CA GLU Z 522 20.03 11.66 -5.98
C GLU Z 522 21.25 11.51 -6.88
N ALA Z 523 21.29 10.45 -7.70
CA ALA Z 523 22.51 10.16 -8.45
C ALA Z 523 22.71 11.14 -9.60
N VAL Z 524 21.63 11.60 -10.22
CA VAL Z 524 21.78 12.52 -11.34
C VAL Z 524 22.20 13.91 -10.85
N ILE Z 525 21.67 14.33 -9.69
CA ILE Z 525 21.90 15.68 -9.19
C ILE Z 525 23.19 15.82 -8.38
N SER Z 526 23.94 14.73 -8.19
CA SER Z 526 25.15 14.81 -7.38
C SER Z 526 26.40 14.29 -8.06
N GLN Z 527 26.26 13.43 -9.07
CA GLN Z 527 27.40 12.73 -9.64
C GLN Z 527 27.81 13.25 -11.01
N VAL Z 528 27.19 14.33 -11.47
CA VAL Z 528 27.66 15.02 -12.66
C VAL Z 528 28.57 16.16 -12.24
N ASN Z 529 29.41 16.61 -13.16
CA ASN Z 529 30.30 17.71 -12.86
C ASN Z 529 29.53 19.02 -12.80
N PRO Z 530 29.94 19.96 -11.93
CA PRO Z 530 29.20 21.22 -11.79
C PRO Z 530 29.53 22.27 -12.85
N ALA Z 531 30.24 21.90 -13.91
CA ALA Z 531 30.39 22.82 -15.03
C ALA Z 531 29.08 22.96 -15.79
N VAL Z 532 28.31 21.87 -15.88
CA VAL Z 532 27.10 21.85 -16.71
C VAL Z 532 26.00 22.73 -16.13
N PHE Z 533 26.02 22.96 -14.81
CA PHE Z 533 25.02 23.84 -14.22
C PHE Z 533 25.35 25.30 -14.48
N LYS Z 534 26.65 25.60 -14.59
CA LYS Z 534 27.07 26.96 -14.86
C LYS Z 534 26.67 27.39 -16.27
N ILE Z 535 26.66 26.45 -17.21
CA ILE Z 535 26.33 26.77 -18.60
C ILE Z 535 24.84 27.04 -18.76
N LEU Z 536 24.00 26.21 -18.11
CA LEU Z 536 22.56 26.30 -18.32
C LEU Z 536 21.96 27.57 -17.72
N LYS Z 537 22.60 28.16 -16.72
CA LYS Z 537 22.09 29.39 -16.14
C LYS Z 537 22.50 30.61 -16.97
N ALA Z 538 23.58 30.51 -17.73
CA ALA Z 538 24.01 31.64 -18.53
C ALA Z 538 23.20 31.74 -19.82
N ASN Z 539 23.21 30.68 -20.63
CA ASN Z 539 22.63 30.76 -21.97
C ASN Z 539 21.11 30.76 -21.98
N GLY Z 540 20.49 30.21 -20.93
CA GLY Z 540 19.04 30.18 -20.83
C GLY Z 540 18.36 28.95 -21.41
N LYS Z 541 19.10 28.11 -22.12
CA LYS Z 541 18.49 27.02 -22.86
C LYS Z 541 19.57 26.00 -23.19
N ILE Z 542 19.19 24.73 -23.26
CA ILE Z 542 20.14 23.68 -23.63
C ILE Z 542 20.46 23.84 -25.10
N THR Z 543 21.56 24.51 -25.39
CA THR Z 543 22.05 24.63 -26.75
C THR Z 543 22.55 23.28 -27.24
N PRO Z 544 22.58 23.05 -28.56
CA PRO Z 544 23.07 21.76 -29.08
C PRO Z 544 24.57 21.52 -28.89
N ALA Z 545 25.29 22.49 -28.34
CA ALA Z 545 26.65 22.29 -27.90
C ALA Z 545 26.73 21.76 -26.46
N LEU Z 546 25.62 21.31 -25.90
CA LEU Z 546 25.62 20.78 -24.53
C LEU Z 546 25.00 19.40 -24.39
N ASP Z 547 24.13 18.97 -25.31
CA ASP Z 547 23.39 17.73 -25.11
C ASP Z 547 24.27 16.50 -25.23
N ALA Z 548 25.35 16.58 -26.02
CA ALA Z 548 26.25 15.43 -26.15
C ALA Z 548 27.02 15.19 -24.87
N HIS Z 549 27.41 16.24 -24.17
CA HIS Z 549 27.93 16.05 -22.82
C HIS Z 549 26.83 15.62 -21.86
N LEU Z 550 25.62 16.18 -22.02
CA LEU Z 550 24.53 15.90 -21.09
C LEU Z 550 23.98 14.50 -21.26
N LYS Z 551 23.92 14.00 -22.50
CA LYS Z 551 23.62 12.59 -22.67
C LYS Z 551 24.73 11.72 -22.12
N ALA Z 552 25.98 12.18 -22.22
CA ALA Z 552 27.10 11.40 -21.71
C ALA Z 552 27.12 11.39 -20.19
N GLU Z 553 26.78 12.52 -19.57
CA GLU Z 553 26.85 12.61 -18.11
C GLU Z 553 25.76 11.77 -17.46
N LEU Z 554 24.58 11.74 -18.05
CA LEU Z 554 23.52 10.86 -17.53
C LEU Z 554 23.84 9.40 -17.80
N ARG Z 555 24.62 9.12 -18.84
CA ARG Z 555 25.00 7.74 -19.14
C ARG Z 555 25.89 7.16 -18.07
N LYS Z 556 26.82 7.95 -17.54
CA LYS Z 556 27.60 7.51 -16.38
C LYS Z 556 26.93 7.99 -15.10
N VAL Z 557 25.69 7.56 -14.92
CA VAL Z 557 25.09 7.53 -13.59
C VAL Z 557 25.80 6.44 -12.80
N LYS Z 558 26.38 6.82 -11.67
CA LYS Z 558 27.26 5.88 -10.98
C LYS Z 558 26.46 4.86 -10.19
N LEU Z 559 25.71 5.34 -9.18
CA LEU Z 559 24.98 4.55 -8.18
C LEU Z 559 25.92 3.50 -7.58
N PRO Z 560 26.81 3.87 -6.64
CA PRO Z 560 27.72 2.88 -6.05
C PRO Z 560 27.09 2.00 -4.98
N GLY Z 561 25.79 2.13 -4.71
CA GLY Z 561 25.10 1.35 -3.71
C GLY Z 561 24.37 0.12 -4.20
N ALA Z 562 24.55 -0.27 -5.47
CA ALA Z 562 23.83 -1.41 -6.04
C ALA Z 562 24.31 -2.73 -5.46
N ALA AA 40 -27.38 66.38 20.89
CA ALA AA 40 -28.63 65.79 21.39
C ALA AA 40 -28.34 64.60 22.30
N ASP AA 41 -27.87 64.87 23.51
CA ASP AA 41 -27.45 63.84 24.44
C ASP AA 41 -28.28 63.88 25.72
N ALA AA 42 -27.94 62.97 26.63
CA ALA AA 42 -28.68 62.85 27.89
C ALA AA 42 -28.40 63.98 28.86
N LYS AA 43 -27.24 64.65 28.74
CA LYS AA 43 -27.03 65.84 29.55
C LYS AA 43 -27.89 66.99 29.06
N ALA AA 44 -28.15 67.04 27.75
CA ALA AA 44 -29.16 67.96 27.25
C ALA AA 44 -30.54 67.54 27.71
N LEU AA 45 -30.74 66.25 27.96
CA LEU AA 45 -31.99 65.82 28.57
C LEU AA 45 -32.03 66.18 30.05
N ASP AA 46 -30.91 66.08 30.75
CA ASP AA 46 -30.91 66.49 32.16
C ASP AA 46 -30.92 68.00 32.29
N GLU AA 47 -30.37 68.71 31.30
CA GLU AA 47 -30.56 70.16 31.24
C GLU AA 47 -32.01 70.49 30.94
N LEU AA 48 -32.71 69.62 30.22
CA LEU AA 48 -34.14 69.78 30.01
C LEU AA 48 -34.95 69.52 31.27
N ARG AA 49 -34.37 68.83 32.26
CA ARG AA 49 -35.03 68.69 33.54
C ARG AA 49 -34.98 69.97 34.36
N LYS AA 50 -34.02 70.85 34.07
CA LYS AA 50 -34.00 72.17 34.70
C LYS AA 50 -34.93 73.11 33.94
N PRO AA 51 -35.90 73.73 34.61
CA PRO AA 51 -36.85 74.58 33.90
C PRO AA 51 -36.25 75.94 33.56
N LYS AA 52 -36.40 76.34 32.30
CA LYS AA 52 -35.89 77.62 31.80
C LYS AA 52 -36.95 78.31 30.96
N PHE AA 53 -38.20 78.26 31.43
CA PHE AA 53 -39.34 78.66 30.59
C PHE AA 53 -39.43 80.17 30.45
N SER AA 54 -38.98 80.91 31.48
CA SER AA 54 -38.98 82.37 31.60
C SER AA 54 -40.37 83.02 31.64
N SER AA 55 -41.45 82.23 31.51
CA SER AA 55 -42.81 82.73 31.60
C SER AA 55 -43.76 81.56 31.75
N LYS AA 56 -44.90 81.80 32.40
CA LYS AA 56 -45.87 80.75 32.70
C LYS AA 56 -47.28 81.21 32.36
N TYR AA 57 -47.49 81.77 31.17
CA TYR AA 57 -48.81 82.27 30.84
C TYR AA 57 -49.74 81.21 30.25
N LEU AA 58 -49.46 79.94 30.45
CA LEU AA 58 -50.37 78.84 30.16
C LEU AA 58 -50.68 77.98 31.36
N ILE AA 59 -49.71 77.81 32.26
CA ILE AA 59 -49.74 76.74 33.25
C ILE AA 59 -50.82 77.02 34.30
N GLN AA 60 -51.12 78.29 34.55
CA GLN AA 60 -52.19 78.64 35.48
C GLN AA 60 -53.56 78.26 34.94
N HIS AA 61 -53.74 78.26 33.61
CA HIS AA 61 -55.04 77.98 33.02
C HIS AA 61 -55.17 76.54 32.54
N VAL AA 62 -54.09 75.94 32.05
CA VAL AA 62 -54.17 74.55 31.64
C VAL AA 62 -54.26 73.61 32.83
N SER AA 63 -53.89 74.06 34.03
CA SER AA 63 -54.12 73.28 35.22
C SER AA 63 -55.56 73.40 35.70
N GLN AA 64 -56.31 74.37 35.20
CA GLN AA 64 -57.71 74.52 35.55
C GLN AA 64 -58.64 73.76 34.61
N LYS AA 65 -58.27 73.62 33.34
CA LYS AA 65 -59.09 72.90 32.37
C LYS AA 65 -58.60 71.48 32.15
N LEU AA 66 -57.60 71.03 32.91
CA LEU AA 66 -57.14 69.66 32.79
C LEU AA 66 -58.14 68.68 33.37
N ILE AA 67 -58.52 68.89 34.64
CA ILE AA 67 -59.39 68.00 35.39
C ILE AA 67 -60.81 67.93 34.82
N PRO AA 68 -61.48 69.02 34.37
CA PRO AA 68 -62.76 68.82 33.66
C PRO AA 68 -62.60 68.13 32.32
N ALA AA 69 -61.44 68.18 31.70
CA ALA AA 69 -61.25 67.47 30.44
C ALA AA 69 -61.18 65.97 30.66
N VAL AA 70 -60.39 65.54 31.65
CA VAL AA 70 -60.24 64.11 31.92
C VAL AA 70 -61.50 63.53 32.57
N LYS AA 71 -62.37 64.38 33.11
CA LYS AA 71 -63.61 63.90 33.70
C LYS AA 71 -64.83 64.13 32.81
N GLU AA 72 -64.69 64.82 31.67
CA GLU AA 72 -65.71 64.73 30.64
C GLU AA 72 -65.56 63.43 29.85
N TRP AA 73 -64.32 63.07 29.52
CA TRP AA 73 -64.00 61.84 28.79
C TRP AA 73 -63.57 60.72 29.72
N GLU AA 74 -64.15 60.65 30.92
CA GLU AA 74 -63.68 59.71 31.94
C GLU AA 74 -64.02 58.27 31.60
N LYS AA 75 -65.10 58.03 30.83
CA LYS AA 75 -65.52 56.67 30.52
C LYS AA 75 -64.56 55.96 29.57
N SER AA 76 -63.76 56.71 28.82
CA SER AA 76 -62.83 56.14 27.87
C SER AA 76 -61.47 55.89 28.47
N TYR AA 77 -61.37 55.77 29.79
CA TYR AA 77 -60.11 55.56 30.47
C TYR AA 77 -60.09 54.21 31.17
N GLN AA 78 -59.17 53.36 30.77
CA GLN AA 78 -58.88 52.20 31.59
C GLN AA 78 -57.94 52.63 32.72
N PRO AA 79 -58.07 52.06 33.92
CA PRO AA 79 -57.31 52.54 35.08
C PRO AA 79 -55.83 52.23 34.94
N PRO AA 80 -54.95 53.05 35.51
CA PRO AA 80 -53.51 52.79 35.43
C PRO AA 80 -53.12 51.57 36.25
N VAL AA 81 -52.47 50.63 35.59
CA VAL AA 81 -52.28 49.28 36.10
C VAL AA 81 -50.78 49.04 36.27
N ILE AA 82 -50.38 48.66 37.48
CA ILE AA 82 -48.96 48.61 37.87
C ILE AA 82 -48.51 47.18 38.17
N HIS AA 83 -49.11 46.55 39.18
CA HIS AA 83 -48.70 45.22 39.58
C HIS AA 83 -49.56 44.14 38.96
N LEU AA 84 -50.57 44.52 38.20
CA LEU AA 84 -51.36 43.66 37.35
C LEU AA 84 -50.88 43.83 35.92
N GLY AA 85 -51.60 43.25 34.97
CA GLY AA 85 -51.25 43.40 33.57
C GLY AA 85 -52.49 43.47 32.70
N ARG AA 86 -52.32 44.09 31.53
CA ARG AA 86 -53.42 44.21 30.59
C ARG AA 86 -52.85 44.08 29.17
N VAL AA 87 -53.61 43.46 28.29
CA VAL AA 87 -53.10 42.96 27.01
C VAL AA 87 -53.08 44.08 25.99
N LEU AA 88 -51.91 44.33 25.41
CA LEU AA 88 -51.81 45.14 24.20
C LEU AA 88 -52.18 44.34 22.98
N SER AA 89 -51.43 43.28 22.71
CA SER AA 89 -51.60 42.45 21.54
C SER AA 89 -51.74 41.00 21.94
N VAL AA 90 -52.61 40.28 21.25
CA VAL AA 90 -52.86 38.88 21.55
C VAL AA 90 -53.02 38.13 20.25
N GLY AA 91 -52.40 36.96 20.18
CA GLY AA 91 -52.63 36.05 19.07
C GLY AA 91 -51.87 34.77 19.15
N ASP AA 92 -52.58 33.67 18.92
CA ASP AA 92 -52.05 32.36 18.55
C ASP AA 92 -51.19 31.70 19.62
N GLY AA 93 -51.22 32.19 20.85
CA GLY AA 93 -50.42 31.63 21.91
C GLY AA 93 -49.34 32.53 22.44
N ILE AA 94 -49.13 33.70 21.83
CA ILE AA 94 -48.17 34.68 22.32
C ILE AA 94 -48.92 35.99 22.49
N ALA AA 95 -49.08 36.42 23.74
CA ALA AA 95 -49.86 37.62 24.05
C ALA AA 95 -48.94 38.63 24.70
N ARG AA 96 -48.94 39.84 24.19
CA ARG AA 96 -48.01 40.87 24.62
C ARG AA 96 -48.72 41.79 25.61
N VAL AA 97 -48.22 41.87 26.84
CA VAL AA 97 -48.94 42.46 27.95
C VAL AA 97 -48.16 43.65 28.51
N TYR AA 98 -48.83 44.81 28.58
CA TYR AA 98 -48.25 46.01 29.16
C TYR AA 98 -48.20 45.91 30.68
N GLY AA 99 -47.20 46.57 31.27
CA GLY AA 99 -47.12 46.72 32.70
C GLY AA 99 -46.44 45.54 33.35
N LEU AA 100 -47.07 45.03 34.41
CA LEU AA 100 -46.59 43.88 35.21
C LEU AA 100 -45.16 44.11 35.70
N LYS AA 101 -45.04 45.09 36.59
CA LYS AA 101 -43.74 45.41 37.17
C LYS AA 101 -43.26 44.36 38.15
N SER AA 102 -44.12 43.42 38.54
CA SER AA 102 -43.81 42.48 39.60
C SER AA 102 -43.40 41.10 39.09
N VAL AA 103 -43.58 40.81 37.81
CA VAL AA 103 -43.37 39.43 37.35
C VAL AA 103 -41.89 39.15 37.14
N GLN AA 104 -41.61 37.88 36.98
CA GLN AA 104 -40.29 37.35 36.71
C GLN AA 104 -40.32 36.64 35.37
N ALA AA 105 -39.21 36.01 35.01
CA ALA AA 105 -39.20 35.09 33.89
C ALA AA 105 -39.65 33.72 34.39
N GLY AA 106 -40.66 33.16 33.74
CA GLY AA 106 -41.16 31.88 34.16
C GLY AA 106 -42.11 31.94 35.33
N GLU AA 107 -42.90 33.01 35.43
CA GLU AA 107 -43.96 33.08 36.42
C GLU AA 107 -45.27 32.75 35.74
N LEU AA 108 -46.02 31.83 36.33
CA LEU AA 108 -47.35 31.51 35.82
C LEU AA 108 -48.24 32.73 35.99
N VAL AA 109 -48.87 33.15 34.90
CA VAL AA 109 -49.86 34.21 34.98
C VAL AA 109 -51.22 33.62 34.63
N CYS AA 110 -52.25 34.31 35.08
CA CYS AA 110 -53.62 33.86 34.90
C CYS AA 110 -54.39 34.98 34.22
N PHE AA 111 -54.93 34.70 33.04
CA PHE AA 111 -55.76 35.67 32.37
C PHE AA 111 -57.14 35.70 33.01
N ASP AA 112 -57.94 36.70 32.64
CA ASP AA 112 -59.19 36.94 33.35
C ASP AA 112 -60.27 35.91 33.02
N SER AA 113 -60.09 35.10 31.99
CA SER AA 113 -61.01 34.03 31.67
C SER AA 113 -60.64 32.72 32.34
N GLY AA 114 -59.62 32.72 33.19
CA GLY AA 114 -59.15 31.52 33.83
C GLY AA 114 -57.99 30.85 33.12
N VAL AA 115 -57.63 31.35 31.94
CA VAL AA 115 -56.55 30.77 31.15
C VAL AA 115 -55.23 31.02 31.84
N LYS AA 116 -54.40 29.99 31.91
CA LYS AA 116 -53.09 30.13 32.53
C LYS AA 116 -52.04 30.47 31.49
N GLY AA 117 -50.96 31.11 31.93
CA GLY AA 117 -49.96 31.61 31.01
C GLY AA 117 -48.57 31.52 31.60
N MET AA 118 -47.59 32.02 30.85
CA MET AA 118 -46.20 31.97 31.27
C MET AA 118 -45.46 33.16 30.65
N ALA AA 119 -44.66 33.83 31.46
CA ALA AA 119 -43.88 34.98 30.99
C ALA AA 119 -42.49 34.48 30.59
N LEU AA 120 -42.28 34.34 29.29
CA LEU AA 120 -41.01 33.79 28.81
C LEU AA 120 -39.94 34.86 28.72
N ASN AA 121 -40.23 35.97 28.07
CA ASN AA 121 -39.31 37.10 28.04
C ASN AA 121 -40.01 38.33 28.58
N LEU AA 122 -39.22 39.29 29.04
CA LEU AA 122 -39.77 40.52 29.61
C LEU AA 122 -39.06 41.67 28.92
N GLN AA 123 -39.76 42.36 28.03
CA GLN AA 123 -39.16 43.44 27.26
C GLN AA 123 -39.09 44.70 28.13
N ALA AA 124 -38.83 45.84 27.49
CA ALA AA 124 -38.69 47.10 28.24
C ALA AA 124 -40.02 47.57 28.81
N ASP AA 125 -40.99 47.84 27.93
CA ASP AA 125 -42.29 48.34 28.38
C ASP AA 125 -43.35 47.26 28.50
N HIS AA 126 -43.19 46.12 27.83
CA HIS AA 126 -44.19 45.07 27.88
C HIS AA 126 -43.55 43.75 28.24
N VAL AA 127 -44.40 42.75 28.51
CA VAL AA 127 -43.96 41.40 28.86
C VAL AA 127 -44.61 40.44 27.88
N GLY AA 128 -43.77 39.73 27.11
CA GLY AA 128 -44.29 38.72 26.22
C GLY AA 128 -44.76 37.52 27.03
N VAL AA 129 -46.04 37.18 26.90
CA VAL AA 129 -46.64 36.11 27.67
C VAL AA 129 -47.04 35.00 26.73
N VAL AA 130 -46.58 33.79 27.02
CA VAL AA 130 -46.98 32.60 26.27
C VAL AA 130 -48.27 32.08 26.88
N VAL AA 131 -49.18 31.60 26.05
CA VAL AA 131 -50.53 31.26 26.47
C VAL AA 131 -50.71 29.75 26.46
N PHE AA 132 -51.04 29.18 27.61
CA PHE AA 132 -51.34 27.76 27.71
C PHE AA 132 -52.77 27.52 27.24
N GLY AA 133 -52.91 26.85 26.12
CA GLY AA 133 -54.21 26.43 25.64
C GLY AA 133 -54.66 27.27 24.47
N ASN AA 134 -55.96 27.16 24.16
CA ASN AA 134 -56.54 28.02 23.14
C ASN AA 134 -56.61 29.45 23.67
N ASP AA 135 -56.39 30.41 22.78
CA ASP AA 135 -56.20 31.79 23.17
C ASP AA 135 -57.30 32.72 22.67
N SER AA 136 -58.41 32.16 22.18
CA SER AA 136 -59.43 32.96 21.47
C SER AA 136 -60.18 33.92 22.37
N VAL AA 137 -60.12 33.74 23.68
CA VAL AA 137 -60.99 34.49 24.59
C VAL AA 137 -60.36 35.82 25.01
N ILE AA 138 -59.11 36.09 24.63
CA ILE AA 138 -58.38 37.24 25.15
C ILE AA 138 -58.48 38.39 24.14
N HIS AA 139 -58.85 39.56 24.63
CA HIS AA 139 -59.08 40.75 23.81
C HIS AA 139 -58.01 41.79 24.11
N GLN AA 140 -58.05 42.89 23.37
CA GLN AA 140 -57.20 44.03 23.67
C GLN AA 140 -57.83 44.85 24.79
N GLY AA 141 -57.34 44.67 26.01
CA GLY AA 141 -57.90 45.35 27.17
C GLY AA 141 -58.32 44.44 28.30
N ASP AA 142 -58.01 43.15 28.23
CA ASP AA 142 -58.37 42.21 29.28
C ASP AA 142 -57.27 42.11 30.32
N LEU AA 143 -57.67 41.73 31.53
CA LEU AA 143 -56.78 41.77 32.68
C LEU AA 143 -55.90 40.52 32.73
N VAL AA 144 -54.68 40.69 33.21
CA VAL AA 144 -53.69 39.62 33.32
C VAL AA 144 -53.22 39.58 34.77
N TYR AA 145 -53.45 38.46 35.44
CA TYR AA 145 -53.22 38.33 36.88
C TYR AA 145 -51.98 37.49 37.11
N ARG AA 146 -51.04 38.04 37.87
CA ARG AA 146 -49.83 37.32 38.24
C ARG AA 146 -50.13 36.35 39.38
N THR AA 147 -49.72 35.09 39.22
CA THR AA 147 -49.83 34.12 40.31
C THR AA 147 -48.57 34.03 41.14
N GLY AA 148 -47.46 34.59 40.67
CA GLY AA 148 -46.25 34.74 41.44
C GLY AA 148 -45.33 33.55 41.43
N GLN AA 149 -45.87 32.34 41.39
CA GLN AA 149 -45.03 31.17 41.52
C GLN AA 149 -44.38 30.81 40.19
N ILE AA 150 -43.31 30.03 40.27
CA ILE AA 150 -42.83 29.31 39.10
C ILE AA 150 -43.83 28.19 38.83
N VAL AA 151 -43.94 27.79 37.55
CA VAL AA 151 -44.96 26.83 37.12
C VAL AA 151 -44.73 25.47 37.79
N ASN AA 152 -45.78 24.94 38.39
CA ASN AA 152 -45.69 23.73 39.20
C ASN AA 152 -46.78 22.76 38.78
N VAL AA 153 -46.38 21.53 38.50
CA VAL AA 153 -47.30 20.47 38.10
C VAL AA 153 -47.29 19.45 39.24
N PRO AA 154 -48.44 18.88 39.63
CA PRO AA 154 -48.49 18.04 40.83
C PRO AA 154 -47.69 16.75 40.71
N ILE AA 155 -46.84 16.49 41.70
CA ILE AA 155 -45.99 15.31 41.74
C ILE AA 155 -46.42 14.39 42.89
N GLY AA 156 -45.92 13.16 42.86
CA GLY AA 156 -46.15 12.23 43.94
C GLY AA 156 -46.57 10.85 43.46
N PRO AA 157 -46.83 9.94 44.40
CA PRO AA 157 -47.26 8.59 44.03
C PRO AA 157 -48.75 8.45 43.85
N GLY AA 158 -49.56 9.43 44.27
CA GLY AA 158 -50.98 9.40 43.98
C GLY AA 158 -51.30 9.58 42.52
N THR AA 159 -50.35 10.07 41.73
CA THR AA 159 -50.49 10.19 40.28
C THR AA 159 -50.24 8.89 39.54
N LEU AA 160 -49.87 7.81 40.25
CA LEU AA 160 -49.65 6.51 39.60
C LEU AA 160 -50.99 5.94 39.18
N GLY AA 161 -51.26 6.00 37.88
CA GLY AA 161 -52.54 5.62 37.34
C GLY AA 161 -53.31 6.75 36.71
N ARG AA 162 -52.82 7.98 36.74
CA ARG AA 162 -53.52 9.12 36.18
C ARG AA 162 -52.82 9.63 34.93
N VAL AA 163 -53.63 10.14 34.00
CA VAL AA 163 -53.13 10.77 32.78
C VAL AA 163 -53.54 12.24 32.84
N THR AA 164 -52.58 13.10 33.10
CA THR AA 164 -52.77 14.54 33.00
C THR AA 164 -52.12 15.04 31.72
N ASP AA 165 -52.34 16.31 31.42
CA ASP AA 165 -51.57 16.98 30.38
C ASP AA 165 -50.33 17.57 31.04
N GLY AA 166 -49.61 18.44 30.33
CA GLY AA 166 -48.42 19.06 30.90
C GLY AA 166 -48.66 20.13 31.95
N LEU AA 167 -49.88 20.25 32.45
CA LEU AA 167 -50.27 21.34 33.33
C LEU AA 167 -50.88 20.85 34.63
N GLY AA 168 -51.07 19.55 34.79
CA GLY AA 168 -51.61 18.99 36.02
C GLY AA 168 -53.10 18.73 36.00
N GLN AA 169 -53.80 19.18 34.97
CA GLN AA 169 -55.22 18.96 34.88
C GLN AA 169 -55.49 17.56 34.36
N PRO AA 170 -56.38 16.80 34.98
CA PRO AA 170 -56.61 15.41 34.54
C PRO AA 170 -57.43 15.36 33.26
N ILE AA 171 -57.06 14.46 32.36
CA ILE AA 171 -57.87 14.17 31.19
C ILE AA 171 -58.42 12.76 31.21
N ASP AA 172 -58.03 11.94 32.18
CA ASP AA 172 -58.45 10.54 32.25
C ASP AA 172 -59.86 10.35 32.80
N GLY AA 173 -60.56 11.42 33.17
CA GLY AA 173 -61.91 11.28 33.66
C GLY AA 173 -62.05 10.65 35.03
N LYS AA 174 -61.01 10.72 35.86
CA LYS AA 174 -61.06 10.21 37.23
C LYS AA 174 -60.88 11.32 38.26
N GLY AA 175 -61.20 12.55 37.88
CA GLY AA 175 -61.20 13.65 38.82
C GLY AA 175 -59.82 14.17 39.16
N PRO AA 176 -59.74 15.10 40.10
CA PRO AA 176 -58.46 15.74 40.44
C PRO AA 176 -57.53 14.79 41.18
N LEU AA 177 -56.26 15.21 41.25
CA LEU AA 177 -55.22 14.34 41.79
C LEU AA 177 -55.19 14.43 43.31
N THR AA 178 -55.21 13.27 43.96
CA THR AA 178 -55.25 13.16 45.41
C THR AA 178 -53.91 12.62 45.90
N ASN AA 179 -53.48 13.08 47.08
CA ASN AA 179 -52.23 12.70 47.73
C ASN AA 179 -51.03 13.01 46.84
N VAL AA 180 -50.94 14.29 46.48
CA VAL AA 180 -49.95 14.82 45.54
C VAL AA 180 -49.47 16.18 46.04
N ARG AA 181 -48.43 16.70 45.40
CA ARG AA 181 -47.93 18.02 45.77
C ARG AA 181 -47.23 18.64 44.57
N SER AA 182 -47.04 19.94 44.65
CA SER AA 182 -46.40 20.72 43.60
C SER AA 182 -44.89 20.73 43.77
N SER AA 183 -44.18 20.87 42.66
CA SER AA 183 -42.72 20.90 42.69
C SER AA 183 -42.18 21.74 41.54
N LEU AA 184 -40.93 22.19 41.70
CA LEU AA 184 -40.29 23.09 40.76
C LEU AA 184 -39.89 22.34 39.49
N VAL AA 185 -40.52 22.70 38.37
CA VAL AA 185 -40.16 22.05 37.10
C VAL AA 185 -38.96 22.68 36.45
N GLU AA 186 -38.49 23.83 36.94
CA GLU AA 186 -37.37 24.54 36.35
C GLU AA 186 -36.06 24.27 37.11
N VAL AA 187 -36.03 23.22 37.92
CA VAL AA 187 -34.89 22.94 38.79
C VAL AA 187 -33.72 22.46 37.93
N LYS AA 188 -32.52 22.91 38.28
CA LYS AA 188 -31.33 22.43 37.61
C LYS AA 188 -31.00 21.01 38.06
N ALA AA 189 -30.10 20.36 37.32
CA ALA AA 189 -29.80 18.96 37.52
C ALA AA 189 -29.06 18.73 38.84
N PRO AA 190 -29.03 17.49 39.35
CA PRO AA 190 -28.15 17.19 40.48
C PRO AA 190 -26.69 17.35 40.10
N GLY AA 191 -25.91 17.90 41.03
CA GLY AA 191 -24.52 18.23 40.79
C GLY AA 191 -23.61 17.02 40.77
N ILE AA 192 -22.31 17.31 40.66
CA ILE AA 192 -21.31 16.26 40.47
C ILE AA 192 -21.15 15.46 41.74
N ILE AA 193 -21.13 16.14 42.89
CA ILE AA 193 -21.01 15.50 44.19
C ILE AA 193 -22.26 14.69 44.55
N ALA AA 194 -23.36 14.88 43.82
CA ALA AA 194 -24.61 14.19 44.11
C ALA AA 194 -24.72 12.83 43.42
N ARG AA 195 -23.92 12.55 42.40
CA ARG AA 195 -24.06 11.36 41.59
C ARG AA 195 -23.06 10.28 41.98
N GLN AA 196 -23.35 9.05 41.57
CA GLN AA 196 -22.43 7.94 41.73
C GLN AA 196 -22.33 7.20 40.40
N SER AA 197 -21.40 6.25 40.35
CA SER AA 197 -21.25 5.41 39.17
C SER AA 197 -22.45 4.50 39.02
N VAL AA 198 -22.96 4.37 37.79
CA VAL AA 198 -24.11 3.54 37.54
C VAL AA 198 -23.71 2.07 37.60
N ARG AA 199 -24.60 1.24 38.12
CA ARG AA 199 -24.39 -0.19 38.22
C ARG AA 199 -25.55 -1.00 37.66
N GLU AA 200 -26.77 -0.55 37.89
CA GLU AA 200 -27.96 -1.34 37.62
C GLU AA 200 -28.26 -1.37 36.13
N PRO AA 201 -28.45 -2.56 35.56
CA PRO AA 201 -28.43 -2.68 34.09
C PRO AA 201 -29.66 -2.18 33.36
N LEU AA 202 -30.84 -2.09 34.02
CA LEU AA 202 -32.12 -1.72 33.39
C LEU AA 202 -32.44 -2.65 32.22
N PHE AA 203 -32.84 -3.86 32.59
CA PHE AA 203 -33.34 -4.82 31.61
C PHE AA 203 -34.55 -4.25 30.89
N THR AA 204 -34.55 -4.36 29.56
CA THR AA 204 -35.67 -3.91 28.75
C THR AA 204 -36.64 -5.04 28.42
N GLY AA 205 -36.23 -6.29 28.60
CA GLY AA 205 -37.03 -7.38 28.12
C GLY AA 205 -36.91 -7.65 26.65
N VAL AA 206 -35.92 -7.05 25.98
CA VAL AA 206 -35.72 -7.18 24.54
C VAL AA 206 -34.31 -7.70 24.31
N LYS AA 207 -34.18 -8.84 23.60
CA LYS AA 207 -32.86 -9.36 23.31
C LYS AA 207 -32.12 -8.52 22.31
N ALA AA 208 -32.84 -7.75 21.49
CA ALA AA 208 -32.18 -6.82 20.57
C ALA AA 208 -31.51 -5.70 21.33
N VAL AA 209 -32.03 -5.35 22.51
CA VAL AA 209 -31.43 -4.30 23.31
C VAL AA 209 -30.36 -4.85 24.24
N ASP AA 210 -30.78 -5.69 25.20
CA ASP AA 210 -29.98 -6.03 26.38
C ASP AA 210 -28.70 -6.77 26.06
N ALA AA 211 -28.60 -7.42 24.91
CA ALA AA 211 -27.37 -8.09 24.51
C ALA AA 211 -26.50 -7.23 23.64
N LEU AA 212 -27.10 -6.36 22.83
CA LEU AA 212 -26.40 -5.61 21.80
C LEU AA 212 -26.04 -4.20 22.24
N VAL AA 213 -26.95 -3.51 22.94
CA VAL AA 213 -26.66 -2.19 23.49
C VAL AA 213 -26.79 -2.27 25.01
N PRO AA 214 -25.70 -2.15 25.75
CA PRO AA 214 -25.82 -2.07 27.21
C PRO AA 214 -26.47 -0.77 27.67
N ILE AA 215 -27.60 -0.90 28.35
CA ILE AA 215 -28.29 0.25 28.92
C ILE AA 215 -27.89 0.32 30.39
N GLY AA 216 -28.08 1.48 31.03
CA GLY AA 216 -27.92 1.58 32.46
C GLY AA 216 -29.17 2.16 33.11
N ARG AA 217 -29.13 2.21 34.44
CA ARG AA 217 -30.22 2.78 35.19
C ARG AA 217 -30.10 4.29 35.33
N GLY AA 218 -28.91 4.84 35.13
CA GLY AA 218 -28.70 6.26 35.11
C GLY AA 218 -28.08 6.67 33.80
N GLN AA 219 -28.36 5.90 32.77
CA GLN AA 219 -27.82 6.13 31.44
C GLN AA 219 -28.88 6.77 30.57
N ARG AA 220 -28.47 7.69 29.72
CA ARG AA 220 -29.38 8.44 28.84
C ARG AA 220 -29.35 7.78 27.48
N GLU AA 221 -30.38 7.00 27.18
CA GLU AA 221 -30.40 6.17 26.00
C GLU AA 221 -31.33 6.75 24.95
N LEU AA 222 -30.79 7.01 23.76
CA LEU AA 222 -31.54 7.68 22.71
C LEU AA 222 -32.09 6.66 21.71
N ILE AA 223 -33.34 6.86 21.31
CA ILE AA 223 -33.94 6.04 20.26
C ILE AA 223 -34.17 6.92 19.04
N ILE AA 224 -33.21 6.93 18.12
CA ILE AA 224 -33.26 7.78 16.94
C ILE AA 224 -33.51 6.93 15.71
N GLY AA 225 -34.56 7.26 14.98
CA GLY AA 225 -34.89 6.49 13.80
C GLY AA 225 -35.65 7.32 12.80
N ASP AA 226 -36.31 6.63 11.87
CA ASP AA 226 -37.18 7.30 10.92
C ASP AA 226 -38.57 7.42 11.51
N ARG AA 227 -39.55 7.79 10.71
CA ARG AA 227 -40.93 7.75 11.16
C ARG AA 227 -41.54 6.42 10.71
N GLN AA 228 -42.44 5.90 11.54
CA GLN AA 228 -43.04 4.57 11.39
C GLN AA 228 -41.98 3.48 11.26
N THR AA 229 -41.18 3.33 12.31
CA THR AA 229 -40.11 2.35 12.27
C THR AA 229 -39.93 1.57 13.57
N GLY AA 230 -40.80 1.73 14.55
CA GLY AA 230 -40.71 0.96 15.77
C GLY AA 230 -40.11 1.68 16.96
N LYS AA 231 -40.13 3.01 16.99
CA LYS AA 231 -39.60 3.74 18.13
C LYS AA 231 -40.52 3.62 19.33
N THR AA 232 -41.84 3.73 19.11
CA THR AA 232 -42.81 3.49 20.16
C THR AA 232 -42.80 2.03 20.58
N ALA AA 233 -42.41 1.14 19.66
CA ALA AA 233 -42.36 -0.29 19.96
C ALA AA 233 -41.29 -0.60 21.00
N VAL AA 234 -40.11 -0.01 20.87
CA VAL AA 234 -39.00 -0.33 21.76
C VAL AA 234 -39.25 0.23 23.16
N ALA AA 235 -39.86 1.42 23.24
CA ALA AA 235 -40.11 2.03 24.54
C ALA AA 235 -41.19 1.29 25.32
N ILE AA 236 -42.27 0.89 24.64
CA ILE AA 236 -43.35 0.20 25.32
C ILE AA 236 -42.95 -1.23 25.67
N ASP AA 237 -42.01 -1.82 24.93
CA ASP AA 237 -41.48 -3.13 25.32
C ASP AA 237 -40.72 -3.05 26.64
N ALA AA 238 -40.15 -1.90 26.95
CA ALA AA 238 -39.39 -1.76 28.19
C ALA AA 238 -40.31 -1.63 29.40
N ILE AA 239 -41.47 -0.97 29.24
CA ILE AA 239 -42.32 -0.73 30.40
C ILE AA 239 -43.13 -1.98 30.79
N ILE AA 240 -43.64 -2.73 29.81
CA ILE AA 240 -44.44 -3.91 30.16
C ILE AA 240 -43.54 -4.99 30.74
N HIS AA 241 -42.30 -5.06 30.27
CA HIS AA 241 -41.27 -5.81 30.97
C HIS AA 241 -41.04 -5.26 32.37
N GLN AA 242 -41.01 -3.94 32.51
CA GLN AA 242 -40.75 -3.39 33.84
C GLN AA 242 -41.98 -3.43 34.72
N LYS AA 243 -43.14 -3.82 34.19
CA LYS AA 243 -44.26 -4.09 35.08
C LYS AA 243 -44.28 -5.55 35.52
N ASN AA 244 -44.01 -6.47 34.59
CA ASN AA 244 -44.06 -7.88 34.95
C ASN AA 244 -42.77 -8.32 35.65
N CYS AA 245 -41.75 -7.49 35.66
CA CYS AA 245 -40.63 -7.64 36.58
C CYS AA 245 -40.70 -6.69 37.75
N ASN AA 246 -41.83 -5.98 37.92
CA ASN AA 246 -42.04 -5.17 39.11
C ASN AA 246 -42.66 -5.96 40.25
N GLU AA 247 -43.41 -7.02 39.94
CA GLU AA 247 -43.98 -7.90 40.96
C GLU AA 247 -43.04 -9.05 41.31
N GLN AA 248 -41.74 -8.86 41.15
CA GLN AA 248 -40.73 -9.82 41.61
C GLN AA 248 -39.63 -9.15 42.44
N VAL AA 249 -39.19 -7.97 42.06
CA VAL AA 249 -38.05 -7.31 42.70
C VAL AA 249 -38.46 -6.67 44.02
N PRO AA 250 -37.62 -6.74 45.05
CA PRO AA 250 -38.02 -6.28 46.41
C PRO AA 250 -37.71 -4.82 46.70
N LYS AA 251 -38.61 -3.94 46.23
CA LYS AA 251 -38.77 -2.55 46.69
C LYS AA 251 -37.61 -1.62 46.33
N ALA AA 252 -36.49 -2.17 45.86
CA ALA AA 252 -35.26 -1.43 45.72
C ALA AA 252 -34.62 -1.59 44.36
N GLN AA 253 -35.33 -2.17 43.40
CA GLN AA 253 -35.04 -2.02 41.98
C GLN AA 253 -36.31 -1.70 41.20
N ARG AA 254 -37.37 -1.30 41.89
CA ARG AA 254 -38.68 -1.14 41.28
C ARG AA 254 -38.69 0.13 40.43
N VAL AA 255 -38.64 -0.05 39.12
CA VAL AA 255 -38.55 1.07 38.18
C VAL AA 255 -39.97 1.44 37.79
N TYR AA 256 -40.44 2.60 38.25
CA TYR AA 256 -41.71 3.11 37.83
C TYR AA 256 -41.52 3.98 36.58
N CYS AA 257 -42.56 4.04 35.76
CA CYS AA 257 -42.42 4.69 34.46
C CYS AA 257 -43.36 5.86 34.28
N VAL AA 258 -42.83 6.90 33.63
CA VAL AA 258 -43.62 8.00 33.11
C VAL AA 258 -43.36 8.08 31.61
N TYR AA 259 -44.43 8.01 30.82
CA TYR AA 259 -44.36 8.06 29.36
C TYR AA 259 -44.92 9.40 28.90
N VAL AA 260 -44.08 10.22 28.29
CA VAL AA 260 -44.45 11.58 27.89
C VAL AA 260 -44.87 11.57 26.43
N ALA AA 261 -46.12 11.93 26.18
CA ALA AA 261 -46.66 11.95 24.82
C ALA AA 261 -46.71 13.39 24.34
N VAL AA 262 -45.82 13.71 23.40
CA VAL AA 262 -45.72 15.05 22.83
C VAL AA 262 -46.22 15.00 21.41
N GLY AA 263 -47.34 15.67 21.16
CA GLY AA 263 -47.84 15.81 19.81
C GLY AA 263 -48.47 14.58 19.22
N GLN AA 264 -48.54 13.47 19.95
CA GLN AA 264 -49.22 12.28 19.46
C GLN AA 264 -50.72 12.56 19.44
N LYS AA 265 -51.38 12.12 18.38
CA LYS AA 265 -52.81 12.33 18.23
C LYS AA 265 -53.57 11.56 19.30
N ARG AA 266 -54.75 12.07 19.65
CA ARG AA 266 -55.43 11.62 20.86
C ARG AA 266 -55.99 10.22 20.73
N SER AA 267 -56.15 9.70 19.51
CA SER AA 267 -56.48 8.29 19.37
C SER AA 267 -55.32 7.41 19.79
N THR AA 268 -54.09 7.82 19.49
CA THR AA 268 -52.92 7.07 19.90
C THR AA 268 -52.73 7.15 21.42
N VAL AA 269 -53.18 8.23 22.04
CA VAL AA 269 -53.15 8.32 23.50
C VAL AA 269 -54.16 7.37 24.11
N ALA AA 270 -55.34 7.26 23.50
CA ALA AA 270 -56.30 6.27 23.97
C ALA AA 270 -55.85 4.86 23.62
N GLN AA 271 -55.04 4.72 22.57
CA GLN AA 271 -54.48 3.42 22.22
C GLN AA 271 -53.54 2.93 23.30
N LEU AA 272 -52.61 3.77 23.75
CA LEU AA 272 -51.63 3.35 24.74
C LEU AA 272 -52.23 3.24 26.13
N VAL AA 273 -53.27 4.03 26.43
CA VAL AA 273 -54.00 3.84 27.67
C VAL AA 273 -54.72 2.50 27.65
N LYS AA 274 -55.25 2.14 26.48
CA LYS AA 274 -55.85 0.82 26.32
C LYS AA 274 -54.80 -0.28 26.40
N LEU AA 275 -53.59 0.01 25.96
CA LEU AA 275 -52.52 -0.99 26.07
C LEU AA 275 -52.02 -1.09 27.50
N PHE AA 276 -51.98 0.02 28.23
CA PHE AA 276 -51.51 -0.03 29.61
C PHE AA 276 -52.54 -0.67 30.52
N THR AA 277 -53.83 -0.50 30.23
CA THR AA 277 -54.87 -1.04 31.09
C THR AA 277 -55.06 -2.54 30.88
N GLN AA 278 -54.96 -3.00 29.63
CA GLN AA 278 -55.28 -4.39 29.33
C GLN AA 278 -54.16 -5.36 29.66
N THR AA 279 -53.00 -4.87 30.07
CA THR AA 279 -52.01 -5.74 30.71
C THR AA 279 -51.91 -5.49 32.20
N GLY AA 280 -52.42 -4.37 32.69
CA GLY AA 280 -52.28 -3.99 34.07
C GLY AA 280 -51.16 -3.02 34.35
N ALA AA 281 -50.45 -2.56 33.32
CA ALA AA 281 -49.27 -1.71 33.51
C ALA AA 281 -49.63 -0.32 33.99
N MET AA 282 -50.90 0.08 33.87
CA MET AA 282 -51.33 1.43 34.25
C MET AA 282 -51.24 1.66 35.76
N ARG AA 283 -51.15 0.57 36.55
CA ARG AA 283 -50.94 0.69 37.99
C ARG AA 283 -49.62 1.39 38.31
N TYR AA 284 -48.57 1.12 37.53
CA TYR AA 284 -47.27 1.70 37.78
C TYR AA 284 -46.83 2.59 36.63
N THR AA 285 -47.77 3.32 36.04
CA THR AA 285 -47.50 4.15 34.87
C THR AA 285 -48.20 5.50 35.01
N ILE AA 286 -47.44 6.57 34.90
CA ILE AA 286 -47.97 7.91 34.76
C ILE AA 286 -47.77 8.30 33.30
N MET AA 287 -48.68 9.10 32.77
CA MET AA 287 -48.55 9.51 31.37
C MET AA 287 -49.00 10.94 31.23
N VAL AA 288 -48.09 11.81 30.83
CA VAL AA 288 -48.40 13.18 30.48
C VAL AA 288 -48.48 13.26 28.95
N SER AA 289 -49.60 13.77 28.45
CA SER AA 289 -49.99 13.56 27.05
C SER AA 289 -50.37 14.87 26.38
N ALA AA 290 -49.39 15.56 25.83
CA ALA AA 290 -49.64 16.80 25.10
C ALA AA 290 -49.96 16.44 23.65
N THR AA 291 -51.19 16.68 23.24
CA THR AA 291 -51.58 16.38 21.87
C THR AA 291 -51.08 17.45 20.92
N ALA AA 292 -51.24 17.17 19.63
CA ALA AA 292 -50.92 18.13 18.61
C ALA AA 292 -52.02 19.17 18.41
N SER AA 293 -53.22 18.92 18.92
CA SER AA 293 -54.28 19.91 18.85
C SER AA 293 -54.29 20.83 20.05
N ASP AA 294 -53.29 20.75 20.91
CA ASP AA 294 -53.15 21.67 22.01
C ASP AA 294 -52.19 22.77 21.59
N ALA AA 295 -52.02 23.77 22.45
CA ALA AA 295 -51.12 24.86 22.12
C ALA AA 295 -49.67 24.41 22.19
N ALA AA 296 -48.79 25.28 21.73
CA ALA AA 296 -47.36 25.01 21.80
C ALA AA 296 -46.80 24.86 23.21
N PRO AA 297 -46.99 25.80 24.16
CA PRO AA 297 -46.27 25.66 25.44
C PRO AA 297 -46.75 24.55 26.32
N LEU AA 298 -47.96 24.02 26.11
CA LEU AA 298 -48.33 22.81 26.80
C LEU AA 298 -47.56 21.62 26.26
N GLN AA 299 -47.18 21.66 24.98
CA GLN AA 299 -46.26 20.66 24.47
C GLN AA 299 -44.82 20.98 24.84
N PHE AA 300 -44.50 22.26 24.97
CA PHE AA 300 -43.16 22.66 25.38
C PHE AA 300 -42.87 22.27 26.81
N LEU AA 301 -43.87 22.27 27.68
CA LEU AA 301 -43.63 21.97 29.07
C LEU AA 301 -43.83 20.49 29.40
N ALA AA 302 -44.43 19.71 28.51
CA ALA AA 302 -44.83 18.36 28.88
C ALA AA 302 -43.68 17.38 29.10
N PRO AA 303 -42.55 17.43 28.38
CA PRO AA 303 -41.38 16.68 28.88
C PRO AA 303 -40.77 17.31 30.12
N TYR AA 304 -40.90 18.62 30.29
CA TYR AA 304 -40.37 19.24 31.50
C TYR AA 304 -41.18 18.86 32.72
N SER AA 305 -42.51 18.87 32.59
CA SER AA 305 -43.35 18.36 33.67
C SER AA 305 -43.26 16.86 33.75
N GLY AA 306 -42.89 16.20 32.64
CA GLY AA 306 -42.74 14.76 32.67
C GLY AA 306 -41.56 14.31 33.50
N CYS AA 307 -40.51 15.12 33.56
CA CYS AA 307 -39.39 14.77 34.42
C CYS AA 307 -39.59 15.30 35.83
N ALA AA 308 -40.56 16.20 36.03
CA ALA AA 308 -40.85 16.68 37.37
C ALA AA 308 -41.54 15.60 38.20
N MET AA 309 -42.32 14.73 37.57
CA MET AA 309 -42.86 13.57 38.27
C MET AA 309 -41.75 12.61 38.66
N ALA AA 310 -40.84 12.35 37.72
CA ALA AA 310 -39.87 11.28 37.89
C ALA AA 310 -38.68 11.68 38.74
N GLU AA 311 -38.49 12.98 39.01
CA GLU AA 311 -37.50 13.36 40.01
C GLU AA 311 -37.94 12.98 41.41
N TYR AA 312 -39.25 12.89 41.66
CA TYR AA 312 -39.73 12.40 42.94
C TYR AA 312 -39.38 10.94 43.14
N PHE AA 313 -39.45 10.14 42.09
CA PHE AA 313 -39.08 8.74 42.21
C PHE AA 313 -37.58 8.57 42.37
N ARG AA 314 -36.81 9.54 41.88
CA ARG AA 314 -35.37 9.50 42.10
C ARG AA 314 -35.01 10.01 43.50
N ASP AA 315 -35.73 11.02 43.98
CA ASP AA 315 -35.42 11.63 45.27
C ASP AA 315 -35.68 10.69 46.43
N THR AA 316 -36.70 9.86 46.34
CA THR AA 316 -37.06 8.98 47.44
C THR AA 316 -36.58 7.56 47.20
N GLY AA 317 -35.41 7.42 46.59
CA GLY AA 317 -34.70 6.16 46.57
C GLY AA 317 -35.10 5.17 45.51
N LYS AA 318 -36.29 5.30 44.92
CA LYS AA 318 -36.73 4.33 43.94
C LYS AA 318 -36.03 4.56 42.61
N HIS AA 319 -36.34 3.72 41.64
CA HIS AA 319 -35.83 3.87 40.29
C HIS AA 319 -36.95 4.34 39.38
N GLY AA 320 -36.61 5.14 38.38
CA GLY AA 320 -37.61 5.74 37.52
C GLY AA 320 -37.29 5.55 36.06
N LEU AA 321 -38.33 5.23 35.30
CA LEU AA 321 -38.26 5.14 33.85
C LEU AA 321 -38.94 6.38 33.27
N ILE AA 322 -38.28 7.01 32.31
CA ILE AA 322 -38.89 8.13 31.60
C ILE AA 322 -38.65 7.93 30.11
N ILE AA 323 -39.68 8.20 29.31
CA ILE AA 323 -39.60 8.15 27.87
C ILE AA 323 -40.10 9.48 27.35
N TYR AA 324 -39.22 10.25 26.74
CA TYR AA 324 -39.60 11.54 26.18
C TYR AA 324 -39.94 11.32 24.72
N ASP AA 325 -41.16 10.82 24.48
CA ASP AA 325 -41.53 10.40 23.15
C ASP AA 325 -41.77 11.61 22.25
N ASP AA 326 -41.28 11.50 21.01
CA ASP AA 326 -41.35 12.53 19.96
C ASP AA 326 -40.71 13.84 20.43
N LEU AA 327 -39.45 13.71 20.88
CA LEU AA 327 -38.73 14.86 21.42
C LEU AA 327 -38.36 15.85 20.32
N SER AA 328 -38.29 15.41 19.07
CA SER AA 328 -38.16 16.38 17.99
C SER AA 328 -39.42 17.22 17.88
N LYS AA 329 -40.60 16.62 18.10
CA LYS AA 329 -41.84 17.36 17.99
C LYS AA 329 -42.03 18.29 19.18
N GLN AA 330 -41.36 18.03 20.30
CA GLN AA 330 -41.33 19.01 21.36
C GLN AA 330 -40.44 20.18 20.97
N SER AA 331 -39.40 19.92 20.17
CA SER AA 331 -38.54 21.02 19.75
C SER AA 331 -39.21 21.87 18.69
N VAL AA 332 -40.05 21.26 17.86
CA VAL AA 332 -40.91 22.05 16.98
C VAL AA 332 -41.92 22.85 17.80
N ALA AA 333 -42.33 22.30 18.94
CA ALA AA 333 -43.18 23.06 19.85
C ALA AA 333 -42.41 24.18 20.51
N TYR AA 334 -41.09 24.06 20.57
CA TYR AA 334 -40.28 25.19 21.01
C TYR AA 334 -40.13 26.21 19.90
N ARG AA 335 -40.03 25.75 18.65
CA ARG AA 335 -39.78 26.64 17.53
C ARG AA 335 -40.98 27.50 17.21
N GLN AA 336 -42.18 27.03 17.56
CA GLN AA 336 -43.37 27.83 17.31
C GLN AA 336 -43.41 29.06 18.21
N MET AA 337 -43.02 28.90 19.47
CA MET AA 337 -43.16 30.01 20.42
C MET AA 337 -42.18 31.12 20.16
N SER AA 338 -40.93 30.77 19.80
CA SER AA 338 -39.90 31.79 19.66
C SER AA 338 -40.10 32.62 18.41
N LEU AA 339 -40.51 31.98 17.32
CA LEU AA 339 -40.63 32.68 16.06
C LEU AA 339 -41.87 33.57 16.01
N LEU AA 340 -42.80 33.39 16.94
CA LEU AA 340 -43.79 34.42 17.18
C LEU AA 340 -43.29 35.47 18.15
N LEU AA 341 -42.25 35.15 18.93
CA LEU AA 341 -41.77 36.01 20.01
C LEU AA 341 -40.67 36.95 19.58
N ARG AA 342 -40.50 37.18 18.28
CA ARG AA 342 -39.55 38.14 17.71
C ARG AA 342 -38.11 37.84 18.11
N ARG AA 343 -37.78 36.57 18.29
CA ARG AA 343 -36.50 36.04 18.70
C ARG AA 343 -35.71 35.57 17.48
N PRO AA 344 -34.39 35.72 17.48
CA PRO AA 344 -33.61 35.44 16.29
C PRO AA 344 -33.53 33.95 16.01
N PRO AA 345 -33.72 33.54 14.76
CA PRO AA 345 -33.61 32.14 14.40
C PRO AA 345 -32.20 31.78 13.94
N GLY AA 346 -31.95 30.47 13.86
CA GLY AA 346 -30.66 29.96 13.44
C GLY AA 346 -30.75 28.82 12.47
N ARG AA 347 -30.13 27.69 12.82
CA ARG AA 347 -30.17 26.48 11.99
C ARG AA 347 -31.59 25.96 11.87
N GLU AA 348 -32.06 25.87 10.62
CA GLU AA 348 -33.40 25.39 10.26
C GLU AA 348 -34.50 26.20 10.94
N ALA AA 349 -34.22 27.49 11.16
CA ALA AA 349 -35.06 28.45 11.88
C ALA AA 349 -35.36 28.04 13.30
N PHE AA 350 -34.57 27.16 13.87
CA PHE AA 350 -34.62 26.88 15.28
C PHE AA 350 -33.83 27.95 16.01
N PRO AA 351 -34.17 28.27 17.25
CA PRO AA 351 -33.47 29.36 17.95
C PRO AA 351 -32.05 28.99 18.39
N GLY AA 352 -31.42 29.90 19.12
CA GLY AA 352 -30.05 29.66 19.54
C GLY AA 352 -29.95 28.61 20.64
N ASP AA 353 -30.74 28.77 21.69
CA ASP AA 353 -30.53 28.00 22.91
C ASP AA 353 -31.16 26.63 22.89
N VAL AA 354 -31.47 26.07 21.72
CA VAL AA 354 -32.24 24.82 21.69
C VAL AA 354 -31.37 23.65 22.13
N PHE AA 355 -30.06 23.80 22.11
CA PHE AA 355 -29.21 22.82 22.77
C PHE AA 355 -29.42 22.84 24.27
N TYR AA 356 -29.59 24.03 24.85
CA TYR AA 356 -29.77 24.16 26.30
C TYR AA 356 -31.15 23.67 26.73
N LEU AA 357 -32.13 23.71 25.83
CA LEU AA 357 -33.43 23.10 26.10
C LEU AA 357 -33.28 21.61 26.33
N HIS AA 358 -32.70 20.90 25.36
CA HIS AA 358 -32.55 19.46 25.47
C HIS AA 358 -31.46 19.07 26.45
N SER AA 359 -30.57 19.99 26.80
CA SER AA 359 -29.51 19.66 27.75
C SER AA 359 -30.08 19.48 29.15
N ARG AA 360 -30.72 20.52 29.69
CA ARG AA 360 -31.26 20.41 31.03
C ARG AA 360 -32.54 19.60 31.07
N LEU AA 361 -33.11 19.25 29.92
CA LEU AA 361 -34.19 18.27 29.91
C LEU AA 361 -33.65 16.87 30.13
N LEU AA 362 -32.41 16.62 29.72
CA LEU AA 362 -31.78 15.31 29.86
C LEU AA 362 -30.58 15.30 30.79
N GLU AA 363 -30.36 16.36 31.57
CA GLU AA 363 -29.34 16.29 32.60
C GLU AA 363 -29.93 16.01 33.98
N ARG AA 364 -31.19 16.35 34.20
CA ARG AA 364 -31.89 16.12 35.47
C ARG AA 364 -32.27 14.66 35.68
N ALA AA 365 -32.04 13.80 34.70
CA ALA AA 365 -32.14 12.36 34.90
C ALA AA 365 -30.76 11.81 35.25
N ALA AA 366 -30.68 11.03 36.32
CA ALA AA 366 -29.37 10.74 36.91
C ALA AA 366 -29.44 9.47 37.74
N LYS AA 367 -28.31 9.14 38.34
CA LYS AA 367 -28.18 8.14 39.39
C LYS AA 367 -27.46 8.81 40.56
N LEU AA 368 -28.20 9.10 41.63
CA LEU AA 368 -27.64 9.82 42.77
C LEU AA 368 -26.64 8.97 43.53
N SER AA 369 -25.91 9.61 44.44
CA SER AA 369 -25.00 8.90 45.32
C SER AA 369 -25.77 8.14 46.41
N LYS AA 370 -25.02 7.55 47.34
CA LYS AA 370 -25.64 6.90 48.48
C LYS AA 370 -26.31 7.91 49.41
N GLU AA 371 -25.81 9.13 49.43
CA GLU AA 371 -26.23 10.12 50.42
C GLU AA 371 -27.59 10.75 50.13
N LEU AA 372 -28.28 10.35 49.07
CA LEU AA 372 -29.62 10.86 48.84
C LEU AA 372 -30.53 9.74 48.36
N GLY AA 373 -30.47 8.59 49.04
CA GLY AA 373 -31.33 7.47 48.77
C GLY AA 373 -30.82 6.50 47.75
N GLY AA 374 -29.95 6.94 46.84
CA GLY AA 374 -29.50 6.08 45.78
C GLY AA 374 -30.49 5.91 44.66
N GLY AA 375 -31.38 6.86 44.47
CA GLY AA 375 -32.38 6.76 43.43
C GLY AA 375 -31.80 6.97 42.05
N SER AA 376 -32.59 6.58 41.03
CA SER AA 376 -32.12 6.63 39.66
C SER AA 376 -33.18 7.22 38.75
N LEU AA 377 -32.72 7.63 37.56
CA LEU AA 377 -33.57 7.94 36.43
C LEU AA 377 -32.84 7.52 35.17
N THR AA 378 -33.54 6.82 34.29
CA THR AA 378 -33.01 6.42 33.00
C THR AA 378 -33.87 6.99 31.88
N ALA AA 379 -33.22 7.50 30.85
CA ALA AA 379 -33.84 8.41 29.90
C ALA AA 379 -33.98 7.76 28.52
N PHE AA 380 -35.18 7.90 27.95
CA PHE AA 380 -35.46 7.51 26.57
C PHE AA 380 -35.96 8.73 25.80
N PRO AA 381 -35.09 9.48 25.14
CA PRO AA 381 -35.56 10.43 24.13
C PRO AA 381 -35.78 9.75 22.78
N VAL AA 382 -36.77 10.28 22.06
CA VAL AA 382 -37.15 9.80 20.75
C VAL AA 382 -36.96 10.93 19.76
N ILE AA 383 -36.09 10.72 18.78
CA ILE AA 383 -35.82 11.70 17.74
C ILE AA 383 -36.09 11.02 16.41
N GLU AA 384 -37.05 11.54 15.65
CA GLU AA 384 -37.29 11.01 14.32
C GLU AA 384 -36.40 11.75 13.34
N THR AA 385 -35.60 11.00 12.59
CA THR AA 385 -34.82 11.65 11.56
C THR AA 385 -35.71 12.02 10.40
N GLN AA 386 -35.29 13.03 9.65
CA GLN AA 386 -36.02 13.46 8.46
C GLN AA 386 -35.65 12.55 7.28
N ALA AA 387 -36.09 11.30 7.40
CA ALA AA 387 -35.80 10.21 6.46
C ALA AA 387 -34.30 10.04 6.23
N GLY AA 388 -33.52 10.13 7.31
CA GLY AA 388 -32.13 9.74 7.24
C GLY AA 388 -31.11 10.86 7.32
N ASP AA 389 -31.45 11.95 8.00
CA ASP AA 389 -30.52 13.05 8.22
C ASP AA 389 -29.95 12.89 9.62
N VAL AA 390 -28.78 12.27 9.74
CA VAL AA 390 -28.13 12.21 11.04
C VAL AA 390 -27.50 13.55 11.36
N SER AA 391 -27.21 14.36 10.34
CA SER AA 391 -26.73 15.72 10.56
C SER AA 391 -27.86 16.73 10.66
N ALA AA 392 -29.10 16.28 10.92
CA ALA AA 392 -30.19 17.20 11.21
C ALA AA 392 -29.92 17.92 12.53
N TYR AA 393 -30.45 19.14 12.64
CA TYR AA 393 -30.01 20.08 13.67
C TYR AA 393 -30.39 19.61 15.06
N ILE AA 394 -31.59 19.06 15.21
CA ILE AA 394 -31.98 18.50 16.49
C ILE AA 394 -31.23 17.22 16.76
N ALA AA 395 -30.90 16.47 15.71
CA ALA AA 395 -30.24 15.18 15.89
C ALA AA 395 -28.83 15.32 16.45
N THR AA 396 -28.06 16.29 15.94
CA THR AA 396 -26.67 16.44 16.38
C THR AA 396 -26.60 16.93 17.83
N ASN AA 397 -27.61 17.64 18.30
CA ASN AA 397 -27.67 17.97 19.71
C ASN AA 397 -27.92 16.73 20.55
N VAL AA 398 -29.00 16.02 20.27
CA VAL AA 398 -29.43 14.90 21.10
C VAL AA 398 -28.54 13.67 20.90
N ILE AA 399 -27.81 13.54 19.79
CA ILE AA 399 -26.84 12.45 19.76
C ILE AA 399 -25.61 12.77 20.59
N SER AA 400 -25.35 14.06 20.84
CA SER AA 400 -24.18 14.40 21.64
C SER AA 400 -24.49 14.49 23.12
N ILE AA 401 -25.75 14.77 23.48
CA ILE AA 401 -26.13 14.77 24.89
C ILE AA 401 -26.16 13.34 25.42
N THR AA 402 -26.94 12.48 24.77
CA THR AA 402 -27.26 11.16 25.29
C THR AA 402 -26.05 10.24 25.23
N ASP AA 403 -26.13 9.16 26.01
CA ASP AA 403 -24.99 8.29 26.25
C ASP AA 403 -24.92 7.17 25.23
N GLY AA 404 -26.05 6.53 24.96
CA GLY AA 404 -26.13 5.51 23.93
C GLY AA 404 -27.29 5.79 22.99
N GLN AA 405 -27.12 5.38 21.73
CA GLN AA 405 -28.14 5.59 20.71
C GLN AA 405 -28.52 4.26 20.09
N ILE AA 406 -29.75 4.17 19.57
CA ILE AA 406 -30.26 2.99 18.90
C ILE AA 406 -30.81 3.45 17.56
N PHE AA 407 -30.11 3.16 16.49
CA PHE AA 407 -30.56 3.51 15.15
C PHE AA 407 -31.59 2.50 14.65
N LEU AA 408 -32.70 2.99 14.12
CA LEU AA 408 -33.74 2.14 13.51
C LEU AA 408 -33.98 2.67 12.11
N GLU AA 409 -33.27 2.12 11.12
CA GLU AA 409 -33.51 2.55 9.76
C GLU AA 409 -34.79 1.91 9.23
N THR AA 410 -35.35 2.52 8.19
CA THR AA 410 -36.43 1.89 7.44
C THR AA 410 -35.91 0.80 6.52
N GLU AA 411 -34.59 0.70 6.35
CA GLU AA 411 -34.01 -0.42 5.61
C GLU AA 411 -34.20 -1.73 6.37
N LEU AA 412 -33.74 -1.78 7.61
CA LEU AA 412 -33.73 -3.00 8.40
C LEU AA 412 -35.13 -3.45 8.81
N PHE AA 413 -36.13 -2.56 8.72
CA PHE AA 413 -37.47 -2.90 9.13
C PHE AA 413 -38.19 -3.79 8.11
N TYR AA 414 -37.69 -3.87 6.89
CA TYR AA 414 -38.33 -4.70 5.87
C TYR AA 414 -37.49 -5.90 5.48
N LYS AA 415 -36.31 -6.07 6.08
CA LYS AA 415 -35.51 -7.28 5.91
C LYS AA 415 -35.88 -8.35 6.92
N GLY AA 416 -37.00 -8.21 7.61
CA GLY AA 416 -37.41 -9.14 8.63
C GLY AA 416 -36.92 -8.81 10.02
N ILE AA 417 -35.93 -7.93 10.16
CA ILE AA 417 -35.37 -7.58 11.45
C ILE AA 417 -36.32 -6.65 12.20
N ARG AA 418 -37.06 -7.20 13.16
CA ARG AA 418 -37.99 -6.43 13.98
C ARG AA 418 -37.76 -6.82 15.43
N PRO AA 419 -37.36 -5.89 16.31
CA PRO AA 419 -37.12 -4.46 16.08
C PRO AA 419 -35.80 -4.16 15.37
N ALA AA 420 -35.84 -3.15 14.50
CA ALA AA 420 -34.83 -2.96 13.46
C ALA AA 420 -33.62 -2.19 13.97
N LEU AA 421 -32.94 -2.77 14.96
CA LEU AA 421 -31.78 -2.15 15.54
C LEU AA 421 -30.58 -2.25 14.60
N ASN AA 422 -29.86 -1.15 14.46
CA ASN AA 422 -28.59 -1.13 13.75
C ASN AA 422 -27.51 -1.48 14.75
N VAL AA 423 -26.65 -2.43 14.39
CA VAL AA 423 -25.69 -2.95 15.37
C VAL AA 423 -24.36 -2.24 15.27
N GLY AA 424 -23.87 -2.01 14.04
CA GLY AA 424 -22.57 -1.39 13.86
C GLY AA 424 -22.53 0.08 14.21
N LEU AA 425 -23.69 0.75 14.25
CA LEU AA 425 -23.74 2.17 14.52
C LEU AA 425 -24.16 2.50 15.95
N SER AA 426 -24.60 1.51 16.71
CA SER AA 426 -25.11 1.74 18.06
C SER AA 426 -24.02 1.48 19.09
N VAL AA 427 -23.77 2.48 19.92
CA VAL AA 427 -22.74 2.44 20.95
C VAL AA 427 -23.43 2.69 22.29
N SER AA 428 -22.76 2.32 23.37
CA SER AA 428 -23.11 2.74 24.71
C SER AA 428 -21.88 3.34 25.38
N ARG AA 429 -21.96 3.55 26.70
CA ARG AA 429 -20.83 4.06 27.44
C ARG AA 429 -20.23 3.03 28.40
N VAL AA 430 -21.04 2.50 29.30
CA VAL AA 430 -20.50 1.85 30.50
C VAL AA 430 -20.15 0.38 30.24
N GLY AA 431 -20.71 -0.24 29.20
CA GLY AA 431 -20.30 -1.56 28.76
C GLY AA 431 -20.58 -2.67 29.73
N SER AA 432 -19.53 -3.22 30.33
CA SER AA 432 -19.69 -4.21 31.39
C SER AA 432 -20.25 -3.55 32.64
N ALA AA 433 -20.83 -4.39 33.50
CA ALA AA 433 -21.68 -3.99 34.64
C ALA AA 433 -22.82 -3.07 34.20
N ALA AA 434 -23.30 -3.29 32.97
CA ALA AA 434 -24.50 -2.64 32.47
C ALA AA 434 -25.35 -3.64 31.71
N GLN AA 435 -24.94 -4.89 31.65
CA GLN AA 435 -25.72 -5.96 31.06
C GLN AA 435 -25.97 -7.01 32.13
N PHE AA 436 -26.63 -8.08 31.75
CA PHE AA 436 -26.66 -9.24 32.62
C PHE AA 436 -25.26 -9.84 32.65
N PRO AA 437 -24.70 -10.12 33.84
CA PRO AA 437 -23.28 -10.54 33.89
C PRO AA 437 -23.00 -11.89 33.25
N GLY AA 438 -23.95 -12.83 33.29
CA GLY AA 438 -23.79 -14.04 32.50
C GLY AA 438 -23.93 -13.78 31.01
N MET AA 439 -24.83 -12.85 30.64
CA MET AA 439 -24.89 -12.35 29.27
C MET AA 439 -23.63 -11.58 28.90
N LYS AA 440 -22.96 -10.97 29.89
CA LYS AA 440 -21.84 -10.08 29.61
C LYS AA 440 -20.63 -10.85 29.07
N GLN AA 441 -20.42 -12.07 29.54
CA GLN AA 441 -19.33 -12.88 29.02
C GLN AA 441 -19.61 -13.34 27.60
N VAL AA 442 -20.85 -13.73 27.31
CA VAL AA 442 -21.19 -14.26 25.99
C VAL AA 442 -21.51 -13.15 25.00
N ALA AA 443 -21.62 -11.90 25.45
CA ALA AA 443 -21.89 -10.79 24.54
C ALA AA 443 -20.68 -10.48 23.66
N GLY AA 444 -19.46 -10.67 24.16
CA GLY AA 444 -18.28 -10.47 23.34
C GLY AA 444 -18.18 -11.49 22.23
N THR AA 445 -18.66 -12.71 22.49
CA THR AA 445 -18.80 -13.71 21.43
C THR AA 445 -19.95 -13.38 20.48
N LEU AA 446 -20.87 -12.51 20.89
CA LEU AA 446 -21.97 -12.12 20.02
C LEU AA 446 -21.63 -10.89 19.20
N LYS AA 447 -20.96 -9.91 19.81
CA LYS AA 447 -20.72 -8.65 19.13
C LYS AA 447 -19.63 -8.79 18.06
N LEU AA 448 -18.53 -9.46 18.38
CA LEU AA 448 -17.40 -9.48 17.47
C LEU AA 448 -17.66 -10.37 16.26
N GLU AA 449 -18.45 -11.44 16.42
CA GLU AA 449 -18.85 -12.22 15.26
C GLU AA 449 -19.85 -11.47 14.41
N LEU AA 450 -20.67 -10.62 15.03
CA LEU AA 450 -21.52 -9.72 14.27
C LEU AA 450 -20.71 -8.62 13.59
N ALA AA 451 -19.50 -8.34 14.10
CA ALA AA 451 -18.69 -7.28 13.51
C ALA AA 451 -18.11 -7.70 12.16
N GLN AA 452 -17.65 -8.94 12.06
CA GLN AA 452 -17.13 -9.43 10.79
C GLN AA 452 -18.26 -9.69 9.80
N TYR AA 453 -19.44 -10.07 10.31
CA TYR AA 453 -20.55 -10.45 9.45
C TYR AA 453 -21.12 -9.26 8.68
N ARG AA 454 -21.11 -8.08 9.28
CA ARG AA 454 -21.57 -6.89 8.59
C ARG AA 454 -20.62 -6.45 7.49
N GLU AA 455 -19.38 -6.91 7.53
CA GLU AA 455 -18.40 -6.64 6.49
C GLU AA 455 -18.50 -7.61 5.33
N VAL AA 456 -18.92 -8.85 5.59
CA VAL AA 456 -18.99 -9.85 4.53
C VAL AA 456 -20.36 -9.96 3.89
N ALA AA 457 -21.36 -9.27 4.44
CA ALA AA 457 -22.71 -9.40 3.89
C ALA AA 457 -22.87 -8.68 2.56
N ALA AA 458 -22.13 -7.59 2.34
CA ALA AA 458 -22.19 -6.85 1.09
C ALA AA 458 -21.24 -7.38 0.04
N PHE AA 459 -20.45 -8.40 0.38
CA PHE AA 459 -19.51 -9.02 -0.54
C PHE AA 459 -20.10 -10.27 -1.18
N ALA AA 460 -21.41 -10.29 -1.40
CA ALA AA 460 -22.10 -11.43 -1.98
C ALA AA 460 -22.41 -11.22 -3.47
N GLN AA 461 -21.52 -10.54 -4.19
CA GLN AA 461 -21.72 -10.23 -5.60
C GLN AA 461 -20.89 -11.10 -6.53
N PHE AA 462 -20.24 -12.15 -6.02
CA PHE AA 462 -19.32 -12.94 -6.84
C PHE AA 462 -19.60 -14.43 -6.76
N GLY AA 463 -20.19 -14.88 -5.64
CA GLY AA 463 -20.38 -16.29 -5.41
C GLY AA 463 -19.08 -16.97 -5.01
N SER AA 464 -18.53 -16.59 -3.86
CA SER AA 464 -17.20 -17.05 -3.44
C SER AA 464 -17.25 -18.27 -2.53
N ASP AA 465 -17.86 -18.10 -1.34
CA ASP AA 465 -17.97 -19.07 -0.23
C ASP AA 465 -16.68 -19.89 0.00
N LEU AA 466 -15.55 -19.18 -0.01
CA LEU AA 466 -14.25 -19.82 -0.04
C LEU AA 466 -13.78 -20.18 1.38
N ASP AA 467 -12.91 -21.20 1.45
CA ASP AA 467 -12.13 -21.69 2.59
C ASP AA 467 -12.87 -21.86 3.91
N ALA AA 468 -14.17 -22.18 3.85
CA ALA AA 468 -15.02 -22.55 5.00
C ALA AA 468 -15.10 -21.46 6.08
N ALA AA 469 -14.74 -20.23 5.73
CA ALA AA 469 -14.87 -19.08 6.63
C ALA AA 469 -15.70 -17.97 6.02
N THR AA 470 -15.54 -17.69 4.73
CA THR AA 470 -16.38 -16.73 4.04
C THR AA 470 -17.79 -17.25 3.78
N GLN AA 471 -18.05 -18.52 4.06
CA GLN AA 471 -19.40 -19.05 4.10
C GLN AA 471 -19.94 -19.17 5.52
N TYR AA 472 -19.08 -19.49 6.48
CA TYR AA 472 -19.56 -19.81 7.82
C TYR AA 472 -19.90 -18.53 8.59
N VAL AA 473 -19.13 -17.46 8.39
CA VAL AA 473 -19.49 -16.21 9.03
C VAL AA 473 -20.71 -15.60 8.34
N LEU AA 474 -20.97 -15.98 7.08
CA LEU AA 474 -22.27 -15.72 6.49
C LEU AA 474 -23.31 -16.68 7.06
N GLU AA 475 -22.93 -17.94 7.30
CA GLU AA 475 -23.86 -18.89 7.88
C GLU AA 475 -24.17 -18.56 9.33
N ARG AA 476 -23.21 -17.94 10.04
CA ARG AA 476 -23.43 -17.64 11.45
C ARG AA 476 -24.25 -16.37 11.63
N GLY AA 477 -23.82 -15.27 11.02
CA GLY AA 477 -24.46 -13.99 11.26
C GLY AA 477 -25.86 -13.89 10.68
N ALA AA 478 -26.15 -14.69 9.65
CA ALA AA 478 -27.51 -14.70 9.12
C ALA AA 478 -28.47 -15.36 10.10
N ARG AA 479 -28.05 -16.47 10.70
CA ARG AA 479 -28.85 -17.05 11.77
C ARG AA 479 -28.88 -16.16 13.01
N LEU AA 480 -27.83 -15.35 13.21
CA LEU AA 480 -27.85 -14.36 14.29
C LEU AA 480 -28.92 -13.31 14.05
N THR AA 481 -29.09 -12.87 12.80
CA THR AA 481 -30.20 -11.98 12.46
C THR AA 481 -31.53 -12.70 12.64
N GLU AA 482 -31.62 -13.94 12.16
CA GLU AA 482 -32.83 -14.74 12.37
C GLU AA 482 -32.96 -15.17 13.83
N MET AA 483 -31.89 -15.14 14.61
CA MET AA 483 -32.05 -15.25 16.05
C MET AA 483 -32.78 -14.04 16.61
N LEU AA 484 -32.26 -12.84 16.34
CA LEU AA 484 -32.52 -11.65 17.11
C LEU AA 484 -33.71 -10.86 16.62
N LYS AA 485 -34.68 -11.50 16.00
CA LYS AA 485 -35.99 -10.91 15.78
C LYS AA 485 -36.95 -11.31 16.89
N GLN AA 486 -37.97 -10.49 17.11
CA GLN AA 486 -39.02 -10.85 18.06
C GLN AA 486 -40.32 -10.19 17.62
N LYS AA 487 -41.32 -10.26 18.50
CA LYS AA 487 -42.67 -9.81 18.25
C LYS AA 487 -42.92 -8.49 18.98
N GLN AA 488 -43.81 -7.69 18.41
CA GLN AA 488 -44.28 -6.44 19.00
C GLN AA 488 -45.09 -6.76 20.26
N PHE AA 489 -44.83 -6.00 21.33
CA PHE AA 489 -45.53 -6.09 22.62
C PHE AA 489 -45.43 -7.49 23.24
N ALA AA 490 -44.21 -8.02 23.29
CA ALA AA 490 -43.96 -9.33 23.88
C ALA AA 490 -42.76 -9.22 24.82
N PRO AA 491 -42.98 -8.79 26.06
CA PRO AA 491 -41.86 -8.61 26.99
C PRO AA 491 -41.36 -9.97 27.50
N ILE AA 492 -40.14 -10.31 27.10
CA ILE AA 492 -39.56 -11.58 27.52
C ILE AA 492 -38.40 -11.29 28.46
N PRO AA 493 -38.40 -11.88 29.67
CA PRO AA 493 -37.35 -11.57 30.65
C PRO AA 493 -35.97 -11.99 30.21
N ILE AA 494 -34.96 -11.40 30.86
CA ILE AA 494 -33.57 -11.58 30.48
C ILE AA 494 -33.11 -13.01 30.73
N GLU AA 495 -33.69 -13.67 31.74
CA GLU AA 495 -33.23 -15.02 32.11
C GLU AA 495 -33.61 -16.03 31.04
N ARG AA 496 -34.71 -15.79 30.33
CA ARG AA 496 -35.00 -16.57 29.14
C ARG AA 496 -34.13 -16.15 27.97
N GLN AA 497 -33.57 -14.94 28.00
CA GLN AA 497 -32.76 -14.49 26.87
C GLN AA 497 -31.30 -14.91 27.02
N THR AA 498 -30.80 -15.00 28.26
CA THR AA 498 -29.47 -15.53 28.48
C THR AA 498 -29.36 -17.00 28.07
N VAL AA 499 -30.47 -17.73 28.15
CA VAL AA 499 -30.55 -19.02 27.47
C VAL AA 499 -30.73 -18.83 25.97
N ALA AA 500 -31.55 -17.83 25.56
CA ALA AA 500 -31.81 -17.63 24.14
C ALA AA 500 -30.60 -17.07 23.42
N VAL AA 501 -29.69 -16.41 24.14
CA VAL AA 501 -28.45 -16.01 23.50
C VAL AA 501 -27.48 -17.17 23.45
N TYR AA 502 -27.66 -18.19 24.29
CA TYR AA 502 -26.72 -19.29 24.31
C TYR AA 502 -26.96 -20.24 23.15
N ALA AA 503 -28.15 -20.21 22.57
CA ALA AA 503 -28.51 -21.15 21.52
C ALA AA 503 -27.78 -20.90 20.21
N ALA AA 504 -27.36 -19.66 19.93
CA ALA AA 504 -26.64 -19.37 18.69
C ALA AA 504 -25.14 -19.18 18.89
N THR AA 505 -24.68 -18.96 20.12
CA THR AA 505 -23.26 -18.78 20.37
C THR AA 505 -22.52 -20.11 20.43
N LYS AA 506 -23.14 -21.11 21.03
CA LYS AA 506 -22.67 -22.48 21.07
C LYS AA 506 -23.19 -23.19 19.81
N GLY AA 507 -23.25 -24.52 19.83
CA GLY AA 507 -23.87 -25.26 18.76
C GLY AA 507 -25.39 -25.19 18.86
N PHE AA 508 -26.08 -26.33 18.74
CA PHE AA 508 -27.54 -26.50 18.82
C PHE AA 508 -28.31 -25.81 17.68
N LEU AA 509 -27.59 -25.09 16.82
CA LEU AA 509 -28.18 -24.38 15.68
C LEU AA 509 -27.27 -24.46 14.46
N ASP AA 510 -26.29 -25.37 14.48
CA ASP AA 510 -25.33 -25.50 13.39
C ASP AA 510 -25.85 -26.38 12.27
N LYS AA 511 -27.11 -26.81 12.33
CA LYS AA 511 -27.74 -27.67 11.35
C LYS AA 511 -29.18 -27.23 11.07
N VAL AA 512 -29.49 -25.96 11.36
CA VAL AA 512 -30.85 -25.44 11.31
C VAL AA 512 -30.91 -24.33 10.28
N ARG AA 513 -32.00 -24.29 9.51
CA ARG AA 513 -32.12 -23.41 8.36
C ARG AA 513 -32.29 -21.95 8.77
N VAL AA 514 -32.26 -21.08 7.77
CA VAL AA 514 -32.37 -19.64 7.97
C VAL AA 514 -33.83 -19.21 7.89
N GLN AA 515 -34.72 -20.17 7.69
CA GLN AA 515 -36.14 -19.88 7.53
C GLN AA 515 -36.93 -20.12 8.81
N ASP AA 516 -36.59 -21.14 9.59
CA ASP AA 516 -37.44 -21.53 10.70
C ASP AA 516 -36.73 -21.52 12.05
N ILE AA 517 -35.96 -20.47 12.32
CA ILE AA 517 -35.48 -20.27 13.69
C ILE AA 517 -36.53 -19.52 14.51
N VAL AA 518 -37.37 -18.73 13.86
CA VAL AA 518 -38.41 -17.96 14.54
C VAL AA 518 -39.55 -18.82 15.08
N ALA AA 519 -39.62 -20.10 14.72
CA ALA AA 519 -40.51 -21.05 15.36
C ALA AA 519 -39.76 -22.17 16.08
N ALA AA 520 -38.43 -22.16 16.05
CA ALA AA 520 -37.62 -23.12 16.80
C ALA AA 520 -37.14 -22.57 18.13
N GLU AA 521 -37.06 -21.24 18.25
CA GLU AA 521 -36.59 -20.64 19.49
C GLU AA 521 -37.59 -20.84 20.61
N GLU AA 522 -38.88 -20.86 20.30
CA GLU AA 522 -39.89 -21.04 21.33
C GLU AA 522 -39.93 -22.48 21.82
N ALA AA 523 -39.66 -23.44 20.94
CA ALA AA 523 -39.54 -24.82 21.39
C ALA AA 523 -38.29 -25.04 22.21
N VAL AA 524 -37.23 -24.26 21.95
CA VAL AA 524 -36.08 -24.22 22.84
C VAL AA 524 -36.51 -23.66 24.20
N ILE AA 525 -37.41 -22.68 24.20
CA ILE AA 525 -37.93 -22.12 25.44
C ILE AA 525 -38.85 -23.12 26.13
N SER AA 526 -39.70 -23.81 25.37
CA SER AA 526 -40.76 -24.60 25.99
C SER AA 526 -40.26 -25.93 26.53
N GLN AA 527 -39.47 -26.65 25.74
CA GLN AA 527 -39.14 -28.03 26.09
C GLN AA 527 -38.04 -28.13 27.15
N VAL AA 528 -37.30 -27.06 27.42
CA VAL AA 528 -36.36 -27.11 28.53
C VAL AA 528 -37.13 -27.04 29.84
N ASN AA 529 -36.46 -27.42 30.91
CA ASN AA 529 -37.05 -27.39 32.24
C ASN AA 529 -37.30 -25.95 32.69
N PRO AA 530 -38.55 -25.56 32.98
CA PRO AA 530 -38.83 -24.17 33.35
C PRO AA 530 -38.33 -23.74 34.72
N ALA AA 531 -37.58 -24.58 35.43
CA ALA AA 531 -36.97 -24.15 36.68
C ALA AA 531 -35.54 -23.66 36.49
N VAL AA 532 -34.94 -23.86 35.32
CA VAL AA 532 -33.54 -23.46 35.15
C VAL AA 532 -33.43 -21.96 34.89
N PHE AA 533 -34.53 -21.32 34.45
CA PHE AA 533 -34.47 -19.89 34.18
C PHE AA 533 -34.44 -19.10 35.47
N LYS AA 534 -35.11 -19.59 36.51
CA LYS AA 534 -35.14 -18.89 37.79
C LYS AA 534 -33.79 -18.93 38.48
N ILE AA 535 -33.08 -20.06 38.38
CA ILE AA 535 -31.82 -20.20 39.10
C ILE AA 535 -30.68 -19.46 38.45
N LEU AA 536 -30.78 -19.13 37.15
CA LEU AA 536 -29.77 -18.27 36.53
C LEU AA 536 -30.01 -16.81 36.90
N LYS AA 537 -31.28 -16.38 36.89
CA LYS AA 537 -31.61 -15.05 37.39
C LYS AA 537 -31.37 -14.94 38.88
N ALA AA 538 -31.46 -16.06 39.61
CA ALA AA 538 -30.99 -16.08 40.99
C ALA AA 538 -29.48 -15.96 41.06
N ASN AA 539 -28.77 -16.67 40.19
CA ASN AA 539 -27.31 -16.60 40.20
C ASN AA 539 -26.83 -15.26 39.65
N GLY AA 540 -27.16 -14.97 38.39
CA GLY AA 540 -26.78 -13.73 37.76
C GLY AA 540 -25.56 -13.83 36.87
N LYS AA 541 -24.77 -14.89 37.02
CA LYS AA 541 -23.56 -15.06 36.24
C LYS AA 541 -23.47 -16.50 35.74
N ILE AA 542 -22.73 -16.70 34.65
CA ILE AA 542 -22.54 -18.05 34.14
C ILE AA 542 -21.41 -18.75 34.90
N THR AA 543 -21.77 -19.41 35.99
CA THR AA 543 -20.81 -20.22 36.71
C THR AA 543 -20.59 -21.52 35.95
N PRO AA 544 -19.44 -22.19 36.17
CA PRO AA 544 -19.32 -23.58 35.69
C PRO AA 544 -20.29 -24.53 36.36
N ALA AA 545 -20.73 -24.21 37.59
CA ALA AA 545 -21.71 -25.02 38.30
C ALA AA 545 -23.05 -25.08 37.58
N LEU AA 546 -23.39 -24.03 36.83
CA LEU AA 546 -24.60 -24.00 36.03
C LEU AA 546 -24.34 -24.21 34.55
N ASP AA 547 -23.07 -24.10 34.10
CA ASP AA 547 -22.77 -24.24 32.69
C ASP AA 547 -22.97 -25.68 32.20
N ALA AA 548 -22.86 -26.64 33.11
CA ALA AA 548 -23.04 -28.04 32.72
C ALA AA 548 -24.48 -28.34 32.33
N HIS AA 549 -25.43 -27.69 33.00
CA HIS AA 549 -26.83 -27.93 32.69
C HIS AA 549 -27.23 -27.30 31.36
N LEU AA 550 -26.62 -26.16 31.03
CA LEU AA 550 -27.05 -25.40 29.85
C LEU AA 550 -26.50 -25.95 28.55
N LYS AA 551 -25.50 -26.83 28.60
CA LYS AA 551 -25.09 -27.49 27.37
C LYS AA 551 -25.94 -28.72 27.09
N ALA AA 552 -26.44 -29.39 28.13
CA ALA AA 552 -27.18 -30.63 27.95
C ALA AA 552 -28.61 -30.38 27.51
N GLU AA 553 -29.26 -29.36 28.07
CA GLU AA 553 -30.69 -29.16 27.88
C GLU AA 553 -31.04 -28.66 26.48
N LEU AA 554 -30.07 -28.13 25.74
CA LEU AA 554 -30.33 -27.64 24.39
C LEU AA 554 -30.07 -28.71 23.32
N ARG AA 555 -29.53 -29.87 23.70
CA ARG AA 555 -29.60 -31.07 22.88
C ARG AA 555 -30.78 -31.95 23.26
N LYS AA 556 -31.29 -31.80 24.48
CA LYS AA 556 -32.52 -32.49 24.87
C LYS AA 556 -33.72 -31.96 24.10
N VAL AA 557 -33.66 -30.72 23.61
CA VAL AA 557 -34.73 -30.14 22.80
C VAL AA 557 -34.46 -30.44 21.33
N LYS AA 558 -35.53 -30.62 20.57
CA LYS AA 558 -35.46 -31.04 19.19
C LYS AA 558 -36.10 -29.96 18.34
N LEU AA 559 -35.39 -29.52 17.32
CA LEU AA 559 -35.76 -28.28 16.67
C LEU AA 559 -36.67 -28.56 15.47
N PRO AA 560 -37.75 -27.80 15.31
CA PRO AA 560 -38.68 -28.07 14.21
C PRO AA 560 -38.29 -27.42 12.89
N GLY AA 561 -37.06 -26.90 12.79
CA GLY AA 561 -36.61 -26.34 11.54
C GLY AA 561 -35.99 -27.39 10.64
N ALA AA 562 -36.81 -27.97 9.77
CA ALA AA 562 -36.40 -29.07 8.91
C ALA AA 562 -37.38 -29.23 7.75
N LYS BA 43 -37.58 61.22 37.37
CA LYS BA 43 -38.79 60.93 38.13
C LYS BA 43 -39.99 60.72 37.20
N ALA BA 44 -40.49 61.82 36.66
CA ALA BA 44 -41.69 61.79 35.84
C ALA BA 44 -41.40 61.98 34.36
N LEU BA 45 -40.13 61.97 33.97
CA LEU BA 45 -39.77 62.14 32.56
C LEU BA 45 -38.89 61.01 32.04
N ASP BA 46 -38.73 59.92 32.80
CA ASP BA 46 -37.92 58.82 32.33
C ASP BA 46 -38.57 58.06 31.18
N GLU BA 47 -39.89 58.07 31.08
CA GLU BA 47 -40.57 57.43 29.95
C GLU BA 47 -40.56 58.29 28.71
N LEU BA 48 -40.27 59.58 28.85
CA LEU BA 48 -40.27 60.53 27.76
C LEU BA 48 -38.89 60.75 27.17
N ARG BA 49 -37.90 59.97 27.60
CA ARG BA 49 -36.51 60.27 27.30
C ARG BA 49 -36.15 60.07 25.84
N LYS BA 50 -36.96 59.37 25.06
CA LYS BA 50 -36.65 59.07 23.69
C LYS BA 50 -37.92 59.16 22.86
N PRO BA 51 -37.80 59.37 21.56
CA PRO BA 51 -38.96 59.21 20.69
C PRO BA 51 -39.39 57.75 20.64
N LYS BA 52 -40.70 57.57 20.59
CA LYS BA 52 -41.29 56.28 20.24
C LYS BA 52 -42.64 56.53 19.59
N PHE BA 53 -42.84 55.94 18.42
CA PHE BA 53 -44.07 56.16 17.66
C PHE BA 53 -44.23 55.03 16.66
N SER BA 54 -45.42 54.96 16.08
CA SER BA 54 -45.65 54.22 14.85
C SER BA 54 -45.44 55.17 13.69
N SER BA 55 -45.74 54.68 12.48
CA SER BA 55 -45.90 55.49 11.27
C SER BA 55 -44.61 56.26 10.94
N LYS BA 56 -43.61 55.49 10.47
CA LYS BA 56 -42.28 56.01 10.14
C LYS BA 56 -42.32 57.22 9.20
N TYR BA 57 -43.35 57.33 8.37
CA TYR BA 57 -43.66 58.59 7.71
C TYR BA 57 -44.58 59.42 8.62
N LEU BA 58 -43.98 59.94 9.70
CA LEU BA 58 -44.68 60.82 10.63
C LEU BA 58 -44.48 62.28 10.32
N ILE BA 59 -43.30 62.65 9.81
CA ILE BA 59 -43.00 64.02 9.43
C ILE BA 59 -43.93 64.51 8.33
N GLN BA 60 -44.34 63.63 7.42
CA GLN BA 60 -45.27 64.07 6.38
C GLN BA 60 -46.68 64.22 6.93
N HIS BA 61 -47.00 63.49 8.01
CA HIS BA 61 -48.30 63.67 8.64
C HIS BA 61 -48.39 65.00 9.36
N VAL BA 62 -47.35 65.35 10.12
CA VAL BA 62 -47.37 66.54 10.95
C VAL BA 62 -47.23 67.80 10.09
N SER BA 63 -46.58 67.70 8.93
CA SER BA 63 -46.35 68.86 8.08
C SER BA 63 -47.65 69.43 7.55
N GLN BA 64 -48.62 68.57 7.26
CA GLN BA 64 -49.94 69.06 6.88
C GLN BA 64 -50.73 69.58 8.06
N LYS BA 65 -50.25 69.35 9.29
CA LYS BA 65 -50.87 69.90 10.48
C LYS BA 65 -50.04 70.99 11.13
N LEU BA 66 -49.04 71.53 10.42
CA LEU BA 66 -48.26 72.66 10.90
C LEU BA 66 -48.38 73.88 9.98
N ILE BA 67 -48.40 73.66 8.68
CA ILE BA 67 -48.73 74.68 7.69
C ILE BA 67 -50.16 75.26 7.71
N PRO BA 68 -51.23 74.66 8.31
CA PRO BA 68 -52.51 75.41 8.34
C PRO BA 68 -52.46 76.71 9.11
N ALA BA 69 -51.81 76.72 10.29
CA ALA BA 69 -51.74 77.95 11.07
C ALA BA 69 -50.76 78.97 10.49
N VAL BA 70 -50.05 78.64 9.42
CA VAL BA 70 -49.31 79.63 8.66
C VAL BA 70 -50.31 80.58 8.02
N LYS BA 71 -50.21 81.87 8.37
CA LYS BA 71 -51.19 82.84 7.94
C LYS BA 71 -51.04 83.18 6.46
N GLU BA 72 -49.80 83.25 5.96
CA GLU BA 72 -49.59 83.69 4.58
C GLU BA 72 -49.98 82.63 3.55
N TRP BA 73 -50.17 81.37 3.96
CA TRP BA 73 -50.35 80.28 3.01
C TRP BA 73 -51.72 79.61 3.13
N GLU BA 74 -52.71 80.33 3.66
CA GLU BA 74 -54.07 79.80 3.76
C GLU BA 74 -54.88 79.99 2.50
N LYS BA 75 -54.25 80.31 1.37
CA LYS BA 75 -54.94 80.50 0.10
C LYS BA 75 -54.90 79.20 -0.71
N SER BA 76 -55.49 78.16 -0.10
CA SER BA 76 -55.76 76.86 -0.72
C SER BA 76 -54.49 76.16 -1.22
N TYR BA 77 -53.38 76.34 -0.50
CA TYR BA 77 -52.17 75.60 -0.80
C TYR BA 77 -52.07 74.33 0.03
N GLN BA 78 -53.15 73.57 0.03
CA GLN BA 78 -53.27 72.33 0.77
C GLN BA 78 -52.88 71.17 -0.13
N PRO BA 79 -52.22 70.16 0.44
CA PRO BA 79 -51.80 69.00 -0.35
C PRO BA 79 -53.00 68.23 -0.84
N PRO BA 80 -53.06 67.93 -2.14
CA PRO BA 80 -54.09 67.02 -2.65
C PRO BA 80 -53.82 65.60 -2.16
N VAL BA 81 -54.68 65.12 -1.25
CA VAL BA 81 -54.41 63.88 -0.53
C VAL BA 81 -55.51 62.85 -0.77
N ILE BA 82 -56.74 63.31 -0.99
CA ILE BA 82 -57.89 62.40 -0.98
C ILE BA 82 -57.95 61.59 -2.27
N HIS BA 83 -57.78 62.24 -3.42
CA HIS BA 83 -57.79 61.54 -4.69
C HIS BA 83 -56.53 61.76 -5.50
N LEU BA 84 -55.65 62.63 -5.05
CA LEU BA 84 -54.28 62.69 -5.55
C LEU BA 84 -53.34 62.33 -4.41
N GLY BA 85 -52.05 62.42 -4.69
CA GLY BA 85 -51.05 62.14 -3.70
C GLY BA 85 -49.65 62.34 -4.25
N ARG BA 86 -48.70 62.59 -3.38
CA ARG BA 86 -47.32 62.75 -3.78
C ARG BA 86 -46.57 61.46 -3.50
N VAL BA 87 -45.52 61.22 -4.27
CA VAL BA 87 -44.72 60.01 -4.11
C VAL BA 87 -43.68 60.24 -3.04
N LEU BA 88 -43.69 59.41 -2.01
CA LEU BA 88 -42.70 59.55 -0.94
C LEU BA 88 -41.34 59.05 -1.41
N SER BA 89 -41.23 57.76 -1.70
CA SER BA 89 -39.97 57.16 -2.11
C SER BA 89 -40.23 56.19 -3.24
N VAL BA 90 -39.19 55.97 -4.05
CA VAL BA 90 -39.27 55.02 -5.15
C VAL BA 90 -38.14 54.01 -5.01
N GLY BA 91 -38.20 52.98 -5.84
CA GLY BA 91 -37.08 52.08 -5.98
C GLY BA 91 -37.52 50.80 -6.64
N ASP BA 92 -36.70 50.28 -7.56
CA ASP BA 92 -36.74 48.96 -8.22
C ASP BA 92 -38.12 48.35 -8.48
N GLY BA 93 -39.05 49.17 -8.96
CA GLY BA 93 -40.41 48.73 -9.16
C GLY BA 93 -41.38 49.01 -8.03
N ILE BA 94 -40.91 49.57 -6.91
CA ILE BA 94 -41.73 49.80 -5.74
C ILE BA 94 -41.73 51.29 -5.45
N ALA BA 95 -42.92 51.88 -5.39
CA ALA BA 95 -43.05 53.29 -5.05
C ALA BA 95 -44.14 53.44 -4.02
N ARG BA 96 -43.79 53.97 -2.86
CA ARG BA 96 -44.75 54.21 -1.80
C ARG BA 96 -45.19 55.66 -1.88
N VAL BA 97 -46.47 55.88 -2.16
CA VAL BA 97 -47.01 57.22 -2.33
C VAL BA 97 -47.77 57.59 -1.07
N TYR BA 98 -47.84 58.89 -0.80
CA TYR BA 98 -48.57 59.37 0.36
C TYR BA 98 -49.97 59.78 -0.04
N GLY BA 99 -50.93 59.45 0.80
CA GLY BA 99 -52.29 59.91 0.60
C GLY BA 99 -53.23 58.89 0.03
N LEU BA 100 -53.96 59.31 -1.02
CA LEU BA 100 -54.95 58.49 -1.73
C LEU BA 100 -56.00 57.92 -0.77
N LYS BA 101 -56.68 58.85 -0.09
CA LYS BA 101 -57.60 58.49 0.99
C LYS BA 101 -58.84 57.78 0.49
N SER BA 102 -59.13 57.87 -0.80
CA SER BA 102 -60.28 57.20 -1.38
C SER BA 102 -59.90 56.06 -2.30
N VAL BA 103 -58.66 55.56 -2.20
CA VAL BA 103 -58.18 54.61 -3.20
C VAL BA 103 -58.72 53.22 -2.86
N GLN BA 104 -58.77 52.36 -3.87
CA GLN BA 104 -59.15 50.97 -3.71
C GLN BA 104 -57.90 50.10 -3.62
N ALA BA 105 -58.14 48.82 -3.34
CA ALA BA 105 -57.08 47.82 -3.48
C ALA BA 105 -57.04 47.37 -4.92
N GLY BA 106 -55.83 47.33 -5.49
CA GLY BA 106 -55.69 47.02 -6.88
C GLY BA 106 -56.17 48.08 -7.83
N GLU BA 107 -56.43 49.28 -7.32
CA GLU BA 107 -56.88 50.38 -8.17
C GLU BA 107 -55.74 50.87 -9.05
N LEU BA 108 -56.02 50.99 -10.34
CA LEU BA 108 -55.00 51.42 -11.27
C LEU BA 108 -54.67 52.89 -11.03
N VAL BA 109 -53.41 53.16 -10.73
CA VAL BA 109 -52.96 54.51 -10.46
C VAL BA 109 -52.01 54.92 -11.59
N CYS BA 110 -51.94 56.23 -11.82
CA CYS BA 110 -51.20 56.74 -12.97
C CYS BA 110 -50.34 57.90 -12.52
N PHE BA 111 -49.03 57.73 -12.59
CA PHE BA 111 -48.09 58.81 -12.30
C PHE BA 111 -48.09 59.83 -13.43
N ASP BA 112 -47.45 60.96 -13.16
CA ASP BA 112 -47.46 62.08 -14.10
C ASP BA 112 -46.67 61.82 -15.37
N SER BA 113 -45.62 61.01 -15.30
CA SER BA 113 -44.74 60.85 -16.46
C SER BA 113 -45.34 59.95 -17.52
N GLY BA 114 -46.36 59.17 -17.19
CA GLY BA 114 -46.99 58.34 -18.18
C GLY BA 114 -47.03 56.88 -17.78
N VAL BA 115 -46.22 56.50 -16.79
CA VAL BA 115 -46.22 55.13 -16.32
C VAL BA 115 -47.39 54.92 -15.38
N LYS BA 116 -48.03 53.77 -15.48
CA LYS BA 116 -49.19 53.46 -14.66
C LYS BA 116 -48.78 52.52 -13.54
N GLY BA 117 -49.70 52.32 -12.60
CA GLY BA 117 -49.38 51.51 -11.44
C GLY BA 117 -50.58 50.74 -10.93
N MET BA 118 -50.35 49.91 -9.93
CA MET BA 118 -51.41 49.11 -9.31
C MET BA 118 -51.16 49.06 -7.81
N ALA BA 119 -52.02 49.72 -7.04
CA ALA BA 119 -51.81 49.89 -5.61
C ALA BA 119 -52.03 48.58 -4.88
N LEU BA 120 -50.95 47.95 -4.42
CA LEU BA 120 -51.08 46.63 -3.84
C LEU BA 120 -51.31 46.65 -2.34
N ASN BA 121 -50.36 47.19 -1.58
CA ASN BA 121 -50.42 47.13 -0.11
C ASN BA 121 -50.88 48.48 0.43
N LEU BA 122 -52.18 48.64 0.58
CA LEU BA 122 -52.70 49.83 1.24
C LEU BA 122 -52.34 49.75 2.71
N GLN BA 123 -51.31 50.48 3.10
CA GLN BA 123 -50.81 50.42 4.45
C GLN BA 123 -51.60 51.40 5.32
N ALA BA 124 -51.11 51.69 6.53
CA ALA BA 124 -51.82 52.58 7.44
C ALA BA 124 -51.82 54.02 6.95
N ASP BA 125 -50.72 54.49 6.39
CA ASP BA 125 -50.64 55.88 5.97
C ASP BA 125 -50.24 56.02 4.51
N HIS BA 126 -49.33 55.17 4.06
CA HIS BA 126 -48.83 55.23 2.70
C HIS BA 126 -49.41 54.09 1.90
N VAL BA 127 -49.29 54.17 0.59
CA VAL BA 127 -49.83 53.15 -0.30
C VAL BA 127 -48.75 52.75 -1.27
N GLY BA 128 -48.38 51.48 -1.27
CA GLY BA 128 -47.36 50.98 -2.17
C GLY BA 128 -47.92 50.84 -3.57
N VAL BA 129 -47.10 51.19 -4.56
CA VAL BA 129 -47.45 51.09 -5.96
C VAL BA 129 -46.37 50.29 -6.66
N VAL BA 130 -46.76 49.25 -7.37
CA VAL BA 130 -45.86 48.61 -8.31
C VAL BA 130 -45.99 49.32 -9.65
N VAL BA 131 -44.88 49.54 -10.34
CA VAL BA 131 -44.88 50.38 -11.52
C VAL BA 131 -45.04 49.50 -12.75
N PHE BA 132 -45.51 50.09 -13.85
CA PHE BA 132 -45.74 49.35 -15.08
C PHE BA 132 -44.80 49.78 -16.20
N GLY BA 133 -43.53 49.98 -15.88
CA GLY BA 133 -42.57 50.32 -16.91
C GLY BA 133 -41.25 50.64 -16.29
N ASN BA 134 -40.37 51.24 -17.09
CA ASN BA 134 -39.11 51.76 -16.60
C ASN BA 134 -39.39 52.90 -15.63
N ASP BA 135 -39.04 52.71 -14.36
CA ASP BA 135 -39.38 53.63 -13.29
C ASP BA 135 -38.39 54.76 -13.13
N SER BA 136 -37.51 54.98 -14.11
CA SER BA 136 -36.49 56.01 -14.00
C SER BA 136 -37.07 57.41 -14.06
N VAL BA 137 -38.27 57.57 -14.59
CA VAL BA 137 -38.84 58.89 -14.78
C VAL BA 137 -39.86 59.21 -13.68
N ILE BA 138 -39.73 58.59 -12.52
CA ILE BA 138 -40.54 58.90 -11.35
C ILE BA 138 -39.64 59.52 -10.30
N HIS BA 139 -40.13 60.52 -9.59
CA HIS BA 139 -39.35 61.20 -8.57
C HIS BA 139 -40.16 61.36 -7.29
N GLN BA 140 -39.45 61.68 -6.20
CA GLN BA 140 -40.13 62.04 -4.96
C GLN BA 140 -40.78 63.39 -5.15
N GLY BA 141 -42.08 63.46 -4.88
CA GLY BA 141 -42.84 64.67 -5.10
C GLY BA 141 -43.68 64.65 -6.36
N ASP BA 142 -43.59 63.61 -7.16
CA ASP BA 142 -44.41 63.52 -8.35
C ASP BA 142 -45.87 63.27 -7.98
N LEU BA 143 -46.77 63.70 -8.85
CA LEU BA 143 -48.19 63.73 -8.56
C LEU BA 143 -48.84 62.44 -9.07
N VAL BA 144 -49.40 61.66 -8.15
CA VAL BA 144 -50.10 60.46 -8.52
C VAL BA 144 -51.57 60.80 -8.74
N TYR BA 145 -52.26 59.96 -9.50
CA TYR BA 145 -53.66 60.17 -9.83
C TYR BA 145 -54.37 58.83 -9.83
N ARG BA 146 -55.36 58.67 -8.95
CA ARG BA 146 -56.11 57.43 -9.00
C ARG BA 146 -57.14 57.51 -10.12
N THR BA 147 -57.37 56.37 -10.77
CA THR BA 147 -58.27 56.33 -11.91
C THR BA 147 -59.72 56.06 -11.52
N GLY BA 148 -59.94 55.30 -10.46
CA GLY BA 148 -61.28 54.94 -10.07
C GLY BA 148 -61.76 53.63 -10.65
N GLN BA 149 -60.91 52.94 -11.39
CA GLN BA 149 -61.27 51.66 -11.98
C GLN BA 149 -60.24 50.60 -11.60
N ILE BA 150 -60.73 49.39 -11.36
CA ILE BA 150 -59.85 48.27 -11.08
C ILE BA 150 -59.05 47.94 -12.34
N VAL BA 151 -57.87 47.34 -12.14
CA VAL BA 151 -56.85 47.21 -13.19
C VAL BA 151 -57.37 46.40 -14.36
N ASN BA 152 -57.17 46.92 -15.56
CA ASN BA 152 -57.96 46.58 -16.71
C ASN BA 152 -57.09 46.45 -17.95
N VAL BA 153 -57.67 45.91 -19.02
CA VAL BA 153 -57.01 45.84 -20.32
C VAL BA 153 -58.11 45.89 -21.38
N PRO BA 154 -57.89 46.53 -22.53
CA PRO BA 154 -58.95 46.63 -23.55
C PRO BA 154 -59.18 45.32 -24.30
N ILE BA 155 -60.44 44.92 -24.40
CA ILE BA 155 -60.85 43.62 -24.96
C ILE BA 155 -61.72 43.86 -26.17
N GLY BA 156 -61.61 42.98 -27.16
CA GLY BA 156 -62.57 42.92 -28.23
C GLY BA 156 -61.98 42.84 -29.62
N PRO BA 157 -62.82 43.01 -30.63
CA PRO BA 157 -62.35 42.92 -32.03
C PRO BA 157 -61.43 44.03 -32.46
N GLY BA 158 -61.31 45.10 -31.69
CA GLY BA 158 -60.28 46.08 -31.96
C GLY BA 158 -58.87 45.61 -31.68
N THR BA 159 -58.72 44.43 -31.08
CA THR BA 159 -57.43 43.85 -30.73
C THR BA 159 -56.99 42.74 -31.68
N LEU BA 160 -57.83 42.35 -32.63
CA LEU BA 160 -57.54 41.23 -33.49
C LEU BA 160 -56.50 41.61 -34.54
N GLY BA 161 -55.33 40.98 -34.46
CA GLY BA 161 -54.23 41.33 -35.33
C GLY BA 161 -53.30 42.37 -34.79
N ARG BA 162 -53.30 42.59 -33.47
CA ARG BA 162 -52.49 43.63 -32.85
C ARG BA 162 -51.62 43.03 -31.76
N VAL BA 163 -50.40 43.52 -31.63
CA VAL BA 163 -49.52 43.14 -30.54
C VAL BA 163 -49.63 44.18 -29.43
N THR BA 164 -50.09 43.75 -28.27
CA THR BA 164 -50.37 44.62 -27.15
C THR BA 164 -49.31 44.43 -26.08
N ASP BA 165 -49.10 45.45 -25.26
CA ASP BA 165 -48.34 45.27 -24.04
C ASP BA 165 -49.21 44.61 -22.98
N GLY BA 166 -48.63 44.34 -21.82
CA GLY BA 166 -49.36 43.70 -20.75
C GLY BA 166 -50.38 44.56 -20.03
N LEU BA 167 -50.57 45.80 -20.45
CA LEU BA 167 -51.58 46.65 -19.86
C LEU BA 167 -52.60 47.16 -20.86
N GLY BA 168 -52.23 47.35 -22.12
CA GLY BA 168 -53.23 47.78 -23.07
C GLY BA 168 -52.78 48.73 -24.16
N GLN BA 169 -51.54 49.18 -24.13
CA GLN BA 169 -51.06 50.10 -25.15
C GLN BA 169 -50.42 49.33 -26.28
N PRO BA 170 -51.05 49.26 -27.46
CA PRO BA 170 -50.52 48.40 -28.53
C PRO BA 170 -49.33 49.03 -29.21
N ILE BA 171 -48.37 48.18 -29.57
CA ILE BA 171 -47.10 48.63 -30.09
C ILE BA 171 -46.86 48.11 -31.51
N ASP BA 172 -47.93 47.76 -32.22
CA ASP BA 172 -47.80 47.41 -33.62
C ASP BA 172 -47.58 48.63 -34.51
N GLY BA 173 -48.07 49.80 -34.10
CA GLY BA 173 -48.00 50.99 -34.93
C GLY BA 173 -49.22 51.23 -35.76
N LYS BA 174 -50.33 50.54 -35.50
CA LYS BA 174 -51.57 50.75 -36.22
C LYS BA 174 -52.56 51.55 -35.38
N GLY BA 175 -52.05 52.45 -34.55
CA GLY BA 175 -52.88 53.38 -33.82
C GLY BA 175 -53.61 52.74 -32.67
N PRO BA 176 -54.29 53.57 -31.88
CA PRO BA 176 -55.01 53.05 -30.72
C PRO BA 176 -56.23 52.26 -31.12
N LEU BA 177 -56.78 51.57 -30.13
CA LEU BA 177 -57.85 50.62 -30.36
C LEU BA 177 -59.17 51.35 -30.57
N THR BA 178 -59.99 50.83 -31.48
CA THR BA 178 -61.22 51.49 -31.90
C THR BA 178 -62.48 50.78 -31.43
N ASN BA 179 -62.62 49.49 -31.74
CA ASN BA 179 -63.80 48.71 -31.38
C ASN BA 179 -63.46 47.78 -30.22
N VAL BA 180 -63.43 48.36 -29.01
CA VAL BA 180 -62.98 47.67 -27.81
C VAL BA 180 -63.81 48.05 -26.59
N ARG BA 181 -63.84 47.13 -25.63
CA ARG BA 181 -64.38 47.40 -24.31
C ARG BA 181 -63.39 46.91 -23.26
N SER BA 182 -63.35 47.58 -22.12
CA SER BA 182 -62.33 47.34 -21.11
C SER BA 182 -62.97 46.68 -19.89
N SER BA 183 -62.57 45.45 -19.63
CA SER BA 183 -63.04 44.72 -18.47
C SER BA 183 -61.90 44.51 -17.50
N LEU BA 184 -62.21 43.84 -16.38
CA LEU BA 184 -61.21 43.59 -15.36
C LEU BA 184 -60.20 42.56 -15.85
N VAL BA 185 -58.93 42.77 -15.48
CA VAL BA 185 -57.89 41.78 -15.75
C VAL BA 185 -57.84 40.74 -14.63
N GLU BA 186 -58.50 41.00 -13.51
CA GLU BA 186 -58.46 40.12 -12.35
C GLU BA 186 -59.90 39.67 -12.08
N VAL BA 187 -60.28 38.57 -12.72
CA VAL BA 187 -61.64 38.05 -12.67
C VAL BA 187 -61.61 36.74 -11.90
N LYS BA 188 -62.62 36.54 -11.05
CA LYS BA 188 -62.81 35.24 -10.41
C LYS BA 188 -63.10 34.18 -11.48
N ALA BA 189 -62.42 33.04 -11.36
CA ALA BA 189 -62.62 31.92 -12.26
C ALA BA 189 -64.04 31.37 -12.12
N PRO BA 190 -64.62 30.83 -13.21
CA PRO BA 190 -66.03 30.45 -13.16
C PRO BA 190 -66.28 29.21 -12.31
N GLY BA 191 -67.38 29.22 -11.58
CA GLY BA 191 -67.69 28.20 -10.62
C GLY BA 191 -68.07 26.89 -11.26
N ILE BA 192 -68.30 25.90 -10.40
CA ILE BA 192 -68.55 24.53 -10.85
C ILE BA 192 -69.88 24.41 -11.57
N ILE BA 193 -70.93 24.99 -10.98
CA ILE BA 193 -72.27 24.85 -11.54
C ILE BA 193 -72.40 25.69 -12.81
N ALA BA 194 -71.61 26.74 -12.94
CA ALA BA 194 -71.50 27.44 -14.21
C ALA BA 194 -70.68 26.68 -15.26
N ARG BA 195 -70.11 25.53 -14.89
CA ARG BA 195 -69.33 24.71 -15.80
C ARG BA 195 -70.03 23.40 -16.07
N GLN BA 196 -69.55 22.69 -17.09
CA GLN BA 196 -70.01 21.37 -17.44
C GLN BA 196 -68.77 20.52 -17.77
N SER BA 197 -69.00 19.31 -18.26
CA SER BA 197 -67.89 18.49 -18.69
C SER BA 197 -67.33 18.99 -20.02
N VAL BA 198 -66.21 18.41 -20.43
CA VAL BA 198 -65.59 18.74 -21.70
C VAL BA 198 -66.05 17.73 -22.74
N ARG BA 199 -66.70 18.22 -23.80
CA ARG BA 199 -67.24 17.36 -24.82
C ARG BA 199 -66.68 17.60 -26.21
N GLU BA 200 -66.51 18.82 -26.61
CA GLU BA 200 -66.09 18.98 -27.98
C GLU BA 200 -64.58 18.95 -28.08
N PRO BA 201 -64.02 18.14 -28.98
CA PRO BA 201 -62.57 18.10 -29.12
C PRO BA 201 -62.02 19.37 -29.75
N LEU BA 202 -60.79 19.69 -29.37
CA LEU BA 202 -60.01 20.76 -29.99
C LEU BA 202 -58.78 20.13 -30.65
N PHE BA 203 -58.66 20.30 -31.95
CA PHE BA 203 -57.53 19.70 -32.64
C PHE BA 203 -56.31 20.59 -32.49
N THR BA 204 -55.16 20.06 -32.91
CA THR BA 204 -53.91 20.77 -32.74
C THR BA 204 -53.11 20.84 -34.03
N GLY BA 205 -53.19 19.78 -34.84
CA GLY BA 205 -52.63 19.82 -36.18
C GLY BA 205 -51.30 19.13 -36.37
N VAL BA 206 -50.65 18.68 -35.31
CA VAL BA 206 -49.41 17.92 -35.43
C VAL BA 206 -49.74 16.46 -35.13
N LYS BA 207 -49.07 15.55 -35.84
CA LYS BA 207 -49.36 14.12 -35.70
C LYS BA 207 -49.03 13.60 -34.31
N ALA BA 208 -48.04 14.20 -33.66
CA ALA BA 208 -47.61 13.68 -32.36
C ALA BA 208 -48.63 13.95 -31.27
N VAL BA 209 -49.34 15.07 -31.34
CA VAL BA 209 -50.20 15.50 -30.26
C VAL BA 209 -51.64 15.02 -30.44
N ASP BA 210 -52.20 15.09 -31.64
CA ASP BA 210 -53.58 14.68 -31.85
C ASP BA 210 -53.75 13.16 -31.78
N ALA BA 211 -52.66 12.39 -31.93
CA ALA BA 211 -52.79 10.95 -31.87
C ALA BA 211 -52.89 10.45 -30.43
N LEU BA 212 -51.90 10.78 -29.61
CA LEU BA 212 -51.73 10.13 -28.31
C LEU BA 212 -52.09 11.00 -27.12
N VAL BA 213 -52.01 12.32 -27.25
CA VAL BA 213 -52.37 13.21 -26.14
C VAL BA 213 -53.51 14.12 -26.57
N PRO BA 214 -54.74 13.64 -26.47
CA PRO BA 214 -55.89 14.38 -26.99
C PRO BA 214 -56.24 15.59 -26.13
N ILE BA 215 -56.78 16.61 -26.78
CA ILE BA 215 -57.11 17.87 -26.14
C ILE BA 215 -58.54 18.23 -26.48
N GLY BA 216 -59.33 18.57 -25.47
CA GLY BA 216 -60.69 19.00 -25.68
C GLY BA 216 -60.88 20.48 -25.42
N ARG BA 217 -61.97 21.05 -25.91
CA ARG BA 217 -62.26 22.46 -25.68
C ARG BA 217 -62.58 22.69 -24.21
N GLY BA 218 -61.92 23.68 -23.61
CA GLY BA 218 -62.03 23.93 -22.19
C GLY BA 218 -60.98 23.23 -21.36
N GLN BA 219 -60.20 22.35 -21.96
CA GLN BA 219 -59.14 21.66 -21.26
C GLN BA 219 -57.83 22.41 -21.44
N ARG BA 220 -57.14 22.62 -20.33
CA ARG BA 220 -55.84 23.26 -20.30
C ARG BA 220 -54.77 22.17 -20.27
N GLU BA 221 -53.96 22.11 -21.32
CA GLU BA 221 -52.91 21.11 -21.40
C GLU BA 221 -51.56 21.79 -21.42
N LEU BA 222 -50.76 21.53 -20.40
CA LEU BA 222 -49.46 22.16 -20.27
C LEU BA 222 -48.43 21.53 -21.18
N ILE BA 223 -47.66 22.38 -21.85
CA ILE BA 223 -46.46 21.97 -22.57
C ILE BA 223 -45.29 22.18 -21.63
N ILE BA 224 -44.37 21.22 -21.58
CA ILE BA 224 -43.26 21.25 -20.65
C ILE BA 224 -42.02 20.70 -21.35
N GLY BA 225 -40.86 21.28 -21.04
CA GLY BA 225 -39.63 20.77 -21.60
C GLY BA 225 -38.49 21.74 -21.33
N ASP BA 226 -37.38 21.48 -22.01
CA ASP BA 226 -36.20 22.33 -21.86
C ASP BA 226 -36.16 23.38 -22.97
N ARG BA 227 -35.12 24.22 -22.92
CA ARG BA 227 -34.94 25.27 -23.91
C ARG BA 227 -34.53 24.69 -25.26
N GLN BA 228 -35.02 25.32 -26.33
CA GLN BA 228 -34.76 24.94 -27.73
C GLN BA 228 -35.14 23.48 -28.00
N THR BA 229 -36.31 23.08 -27.49
CA THR BA 229 -36.77 21.70 -27.66
C THR BA 229 -38.19 21.62 -28.21
N GLY BA 230 -38.68 22.67 -28.84
CA GLY BA 230 -39.91 22.58 -29.58
C GLY BA 230 -41.18 22.83 -28.81
N LYS BA 231 -41.11 23.50 -27.65
CA LYS BA 231 -42.33 23.83 -26.93
C LYS BA 231 -43.08 24.95 -27.64
N THR BA 232 -42.36 26.00 -28.03
CA THR BA 232 -43.01 27.12 -28.71
C THR BA 232 -43.40 26.75 -30.14
N ALA BA 233 -42.69 25.79 -30.74
CA ALA BA 233 -42.99 25.38 -32.11
C ALA BA 233 -44.33 24.67 -32.20
N VAL BA 234 -44.63 23.80 -31.24
CA VAL BA 234 -45.90 23.08 -31.21
C VAL BA 234 -47.05 24.05 -30.98
N ALA BA 235 -46.82 25.05 -30.13
CA ALA BA 235 -47.89 25.98 -29.76
C ALA BA 235 -48.30 26.86 -30.92
N ILE BA 236 -47.34 27.33 -31.72
CA ILE BA 236 -47.72 28.11 -32.88
C ILE BA 236 -48.19 27.23 -34.04
N ASP BA 237 -47.84 25.94 -34.03
CA ASP BA 237 -48.45 25.04 -34.99
C ASP BA 237 -49.92 24.82 -34.68
N ALA BA 238 -50.29 24.90 -33.41
CA ALA BA 238 -51.70 24.88 -33.07
C ALA BA 238 -52.40 26.11 -33.60
N ILE BA 239 -51.76 27.27 -33.51
CA ILE BA 239 -52.39 28.54 -33.89
C ILE BA 239 -52.59 28.62 -35.40
N ILE BA 240 -51.61 28.13 -36.16
CA ILE BA 240 -51.75 28.04 -37.61
C ILE BA 240 -52.85 27.04 -37.97
N HIS BA 241 -52.91 25.93 -37.24
CA HIS BA 241 -53.94 24.92 -37.48
C HIS BA 241 -55.33 25.44 -37.14
N GLN BA 242 -55.43 26.33 -36.15
CA GLN BA 242 -56.71 26.92 -35.81
C GLN BA 242 -57.15 27.92 -36.87
N LYS BA 243 -56.21 28.41 -37.69
CA LYS BA 243 -56.58 29.38 -38.71
C LYS BA 243 -57.33 28.72 -39.86
N ASN BA 244 -56.75 27.66 -40.42
CA ASN BA 244 -57.37 27.03 -41.59
C ASN BA 244 -58.65 26.28 -41.21
N CYS BA 245 -58.69 25.67 -40.02
CA CYS BA 245 -59.93 25.06 -39.54
C CYS BA 245 -61.01 26.10 -39.26
N ASN BA 246 -60.63 27.35 -39.02
CA ASN BA 246 -61.62 28.42 -38.97
C ASN BA 246 -62.18 28.74 -40.34
N GLU BA 247 -61.52 28.31 -41.42
CA GLU BA 247 -62.07 28.46 -42.75
C GLU BA 247 -62.82 27.22 -43.20
N GLN BA 248 -63.16 26.33 -42.27
CA GLN BA 248 -63.99 25.17 -42.59
C GLN BA 248 -65.04 24.87 -41.53
N VAL BA 249 -65.29 25.77 -40.59
CA VAL BA 249 -66.25 25.55 -39.52
C VAL BA 249 -67.20 26.74 -39.59
N PRO BA 250 -68.44 26.66 -39.08
CA PRO BA 250 -69.29 27.87 -39.07
C PRO BA 250 -68.87 28.89 -38.03
N LYS BA 251 -69.66 29.96 -37.94
CA LYS BA 251 -69.32 31.11 -37.11
C LYS BA 251 -69.41 30.79 -35.63
N ALA BA 252 -70.42 30.01 -35.22
CA ALA BA 252 -70.63 29.72 -33.82
C ALA BA 252 -69.68 28.66 -33.27
N GLN BA 253 -68.80 28.10 -34.10
CA GLN BA 253 -67.84 27.10 -33.67
C GLN BA 253 -66.42 27.56 -34.04
N ARG BA 254 -66.26 28.84 -34.34
CA ARG BA 254 -64.94 29.32 -34.70
C ARG BA 254 -64.10 29.54 -33.43
N VAL BA 255 -62.80 29.63 -33.64
CA VAL BA 255 -61.83 29.78 -32.56
C VAL BA 255 -61.05 31.07 -32.79
N TYR BA 256 -60.55 31.63 -31.70
CA TYR BA 256 -59.81 32.88 -31.74
C TYR BA 256 -58.58 32.74 -30.84
N CYS BA 257 -57.42 32.98 -31.42
CA CYS BA 257 -56.17 32.65 -30.74
C CYS BA 257 -55.70 33.83 -29.90
N VAL BA 258 -55.05 33.52 -28.78
CA VAL BA 258 -54.41 34.51 -27.93
C VAL BA 258 -53.03 33.95 -27.59
N TYR BA 259 -51.98 34.60 -28.06
CA TYR BA 259 -50.62 34.15 -27.79
C TYR BA 259 -49.92 35.22 -26.96
N VAL BA 260 -49.81 34.98 -25.68
CA VAL BA 260 -49.04 35.89 -24.85
C VAL BA 260 -47.57 35.55 -25.02
N ALA BA 261 -46.70 36.46 -24.61
CA ALA BA 261 -45.26 36.23 -24.69
C ALA BA 261 -44.62 36.81 -23.44
N VAL BA 262 -43.93 35.97 -22.68
CA VAL BA 262 -43.36 36.35 -21.41
C VAL BA 262 -41.87 36.10 -21.44
N GLY BA 263 -41.09 37.16 -21.35
CA GLY BA 263 -39.66 37.03 -21.17
C GLY BA 263 -38.90 36.52 -22.36
N GLN BA 264 -39.50 36.46 -23.54
CA GLN BA 264 -38.72 36.17 -24.73
C GLN BA 264 -38.11 37.45 -25.26
N LYS BA 265 -37.13 37.29 -26.13
CA LYS BA 265 -36.49 38.43 -26.76
C LYS BA 265 -37.48 39.12 -27.69
N ARG BA 266 -37.35 40.44 -27.79
CA ARG BA 266 -38.20 41.18 -28.72
C ARG BA 266 -37.80 40.90 -30.17
N SER BA 267 -36.58 40.43 -30.39
CA SER BA 267 -36.17 40.03 -31.72
C SER BA 267 -36.93 38.80 -32.20
N THR BA 268 -37.13 37.81 -31.32
CA THR BA 268 -37.76 36.59 -31.79
C THR BA 268 -39.29 36.71 -31.80
N VAL BA 269 -39.86 37.53 -30.91
CA VAL BA 269 -41.31 37.64 -30.90
C VAL BA 269 -41.77 38.49 -32.07
N ALA BA 270 -40.89 39.35 -32.60
CA ALA BA 270 -41.21 40.05 -33.83
C ALA BA 270 -41.20 39.09 -35.01
N GLN BA 271 -40.35 38.06 -34.95
CA GLN BA 271 -40.39 37.01 -35.95
C GLN BA 271 -41.59 36.11 -35.77
N LEU BA 272 -42.22 36.16 -34.60
CA LEU BA 272 -43.43 35.38 -34.44
C LEU BA 272 -44.63 36.09 -35.05
N VAL BA 273 -44.71 37.42 -34.94
CA VAL BA 273 -45.87 38.09 -35.50
C VAL BA 273 -45.72 38.23 -37.01
N LYS BA 274 -44.48 38.26 -37.51
CA LYS BA 274 -44.27 38.26 -38.95
C LYS BA 274 -44.71 36.93 -39.53
N LEU BA 275 -44.40 35.84 -38.83
CA LEU BA 275 -44.80 34.52 -39.29
C LEU BA 275 -46.30 34.34 -39.18
N PHE BA 276 -46.93 34.98 -38.21
CA PHE BA 276 -48.38 34.87 -38.07
C PHE BA 276 -49.10 35.67 -39.14
N THR BA 277 -48.43 36.65 -39.74
CA THR BA 277 -49.06 37.37 -40.85
C THR BA 277 -49.01 36.53 -42.12
N GLN BA 278 -47.84 36.01 -42.47
CA GLN BA 278 -47.67 35.26 -43.72
C GLN BA 278 -48.35 33.91 -43.71
N THR BA 279 -48.83 33.43 -42.56
CA THR BA 279 -49.66 32.23 -42.55
C THR BA 279 -51.13 32.55 -42.46
N GLY BA 280 -51.49 33.81 -42.36
CA GLY BA 280 -52.90 34.17 -42.29
C GLY BA 280 -53.56 33.92 -40.96
N ALA BA 281 -52.81 33.49 -39.93
CA ALA BA 281 -53.36 33.39 -38.59
C ALA BA 281 -53.40 34.72 -37.87
N MET BA 282 -52.91 35.79 -38.49
CA MET BA 282 -52.98 37.13 -37.92
C MET BA 282 -54.41 37.60 -37.72
N ARG BA 283 -55.34 37.09 -38.54
CA ARG BA 283 -56.72 37.53 -38.50
C ARG BA 283 -57.41 37.12 -37.22
N TYR BA 284 -56.97 36.02 -36.61
CA TYR BA 284 -57.64 35.49 -35.44
C TYR BA 284 -56.70 35.33 -34.25
N THR BA 285 -55.55 35.98 -34.26
CA THR BA 285 -54.64 35.97 -33.12
C THR BA 285 -54.64 37.33 -32.43
N ILE BA 286 -54.31 37.30 -31.14
CA ILE BA 286 -54.14 38.48 -30.32
C ILE BA 286 -52.90 38.26 -29.48
N MET BA 287 -51.99 39.24 -29.51
CA MET BA 287 -50.64 39.06 -29.01
C MET BA 287 -50.40 39.96 -27.81
N VAL BA 288 -49.81 39.40 -26.75
CA VAL BA 288 -49.28 40.17 -25.63
C VAL BA 288 -47.80 39.83 -25.51
N SER BA 289 -46.95 40.82 -25.68
CA SER BA 289 -45.51 40.57 -25.70
C SER BA 289 -44.82 41.42 -24.64
N ALA BA 290 -44.76 40.92 -23.41
CA ALA BA 290 -43.93 41.52 -22.38
C ALA BA 290 -42.57 40.85 -22.49
N THR BA 291 -41.64 41.52 -23.14
CA THR BA 291 -40.33 40.95 -23.38
C THR BA 291 -39.47 41.03 -22.13
N ALA BA 292 -38.22 40.58 -22.26
CA ALA BA 292 -37.29 40.60 -21.15
C ALA BA 292 -36.84 42.01 -20.79
N SER BA 293 -37.11 43.01 -21.63
CA SER BA 293 -36.67 44.36 -21.32
C SER BA 293 -37.56 45.02 -20.28
N ASP BA 294 -38.86 44.78 -20.34
CA ASP BA 294 -39.79 45.55 -19.53
C ASP BA 294 -39.73 45.12 -18.07
N ALA BA 295 -40.33 45.94 -17.22
CA ALA BA 295 -40.20 45.82 -15.79
C ALA BA 295 -40.99 44.63 -15.27
N ALA BA 296 -40.77 44.33 -14.00
CA ALA BA 296 -41.26 43.09 -13.41
C ALA BA 296 -42.78 42.99 -13.26
N PRO BA 297 -43.54 44.05 -12.95
CA PRO BA 297 -45.00 43.89 -13.00
C PRO BA 297 -45.59 43.83 -14.40
N LEU BA 298 -44.88 44.26 -15.43
CA LEU BA 298 -45.40 44.02 -16.77
C LEU BA 298 -45.24 42.55 -17.16
N GLN BA 299 -44.13 41.94 -16.79
CA GLN BA 299 -43.99 40.51 -16.99
C GLN BA 299 -44.76 39.71 -15.95
N PHE BA 300 -45.34 40.35 -14.95
CA PHE BA 300 -46.23 39.69 -13.99
C PHE BA 300 -47.67 39.77 -14.43
N LEU BA 301 -48.06 40.84 -15.12
CA LEU BA 301 -49.45 41.06 -15.47
C LEU BA 301 -49.80 40.56 -16.86
N ALA BA 302 -48.83 40.35 -17.73
CA ALA BA 302 -49.11 40.08 -19.13
C ALA BA 302 -49.86 38.78 -19.43
N PRO BA 303 -49.61 37.64 -18.74
CA PRO BA 303 -50.53 36.52 -18.93
C PRO BA 303 -51.91 36.73 -18.37
N TYR BA 304 -52.08 37.64 -17.41
CA TYR BA 304 -53.42 37.98 -16.97
C TYR BA 304 -54.14 38.78 -18.03
N SER BA 305 -53.41 39.61 -18.76
CA SER BA 305 -54.04 40.42 -19.81
C SER BA 305 -54.47 39.56 -20.97
N GLY BA 306 -53.67 38.55 -21.31
CA GLY BA 306 -54.05 37.66 -22.39
C GLY BA 306 -55.26 36.80 -22.05
N CYS BA 307 -55.43 36.48 -20.78
CA CYS BA 307 -56.61 35.73 -20.37
C CYS BA 307 -57.84 36.60 -20.32
N ALA BA 308 -57.67 37.89 -20.02
CA ALA BA 308 -58.80 38.80 -20.08
C ALA BA 308 -59.20 39.05 -21.52
N MET BA 309 -58.23 39.08 -22.43
CA MET BA 309 -58.56 39.23 -23.85
C MET BA 309 -59.26 38.00 -24.40
N ALA BA 310 -58.96 36.83 -23.85
CA ALA BA 310 -59.68 35.62 -24.22
C ALA BA 310 -60.86 35.34 -23.31
N GLU BA 311 -61.08 36.16 -22.28
CA GLU BA 311 -62.28 36.03 -21.46
C GLU BA 311 -63.53 36.38 -22.25
N TYR BA 312 -63.37 37.24 -23.26
CA TYR BA 312 -64.49 37.72 -24.07
C TYR BA 312 -65.18 36.59 -24.80
N PHE BA 313 -64.40 35.79 -25.53
CA PHE BA 313 -64.93 34.63 -26.23
C PHE BA 313 -65.50 33.59 -25.29
N ARG BA 314 -65.02 33.56 -24.04
CA ARG BA 314 -65.63 32.67 -23.05
C ARG BA 314 -67.00 33.19 -22.62
N ASP BA 315 -67.21 34.49 -22.69
CA ASP BA 315 -68.46 35.05 -22.17
C ASP BA 315 -69.57 35.00 -23.21
N THR BA 316 -69.33 35.47 -24.43
CA THR BA 316 -70.38 35.65 -25.40
C THR BA 316 -70.43 34.54 -26.44
N GLY BA 317 -70.13 33.30 -26.03
CA GLY BA 317 -70.51 32.13 -26.80
C GLY BA 317 -69.47 31.62 -27.76
N LYS BA 318 -68.39 32.35 -28.00
CA LYS BA 318 -67.37 31.89 -28.93
C LYS BA 318 -66.46 30.85 -28.27
N HIS BA 319 -65.37 30.50 -28.94
CA HIS BA 319 -64.45 29.50 -28.41
C HIS BA 319 -63.03 30.02 -28.51
N GLY BA 320 -62.24 29.74 -27.48
CA GLY BA 320 -60.93 30.35 -27.39
C GLY BA 320 -59.78 29.38 -27.24
N LEU BA 321 -58.60 29.82 -27.69
CA LEU BA 321 -57.36 29.06 -27.53
C LEU BA 321 -56.30 30.07 -27.09
N ILE BA 322 -55.83 29.94 -25.86
CA ILE BA 322 -54.84 30.84 -25.30
C ILE BA 322 -53.56 30.07 -25.04
N ILE BA 323 -52.43 30.67 -25.41
CA ILE BA 323 -51.12 30.07 -25.25
C ILE BA 323 -50.36 30.92 -24.23
N TYR BA 324 -50.14 30.38 -23.04
CA TYR BA 324 -49.23 31.03 -22.09
C TYR BA 324 -47.81 30.61 -22.44
N ASP BA 325 -47.01 31.55 -22.94
CA ASP BA 325 -45.68 31.21 -23.40
C ASP BA 325 -44.66 31.46 -22.32
N ASP BA 326 -43.91 30.41 -22.00
CA ASP BA 326 -42.77 30.42 -21.09
C ASP BA 326 -43.16 30.94 -19.72
N LEU BA 327 -44.14 30.28 -19.12
CA LEU BA 327 -44.71 30.71 -17.85
C LEU BA 327 -43.74 30.53 -16.69
N SER BA 328 -42.63 29.83 -16.89
CA SER BA 328 -41.57 29.81 -15.90
C SER BA 328 -40.94 31.19 -15.74
N LYS BA 329 -40.85 31.96 -16.83
CA LYS BA 329 -40.33 33.32 -16.67
C LYS BA 329 -41.35 34.24 -16.02
N GLN BA 330 -42.63 33.91 -16.10
CA GLN BA 330 -43.62 34.68 -15.35
C GLN BA 330 -43.53 34.38 -13.86
N SER BA 331 -43.02 33.20 -13.50
CA SER BA 331 -42.81 32.91 -12.09
C SER BA 331 -41.71 33.79 -11.50
N VAL BA 332 -40.62 33.97 -12.23
CA VAL BA 332 -39.53 34.83 -11.77
C VAL BA 332 -39.97 36.29 -11.77
N ALA BA 333 -40.94 36.63 -12.64
CA ALA BA 333 -41.53 37.96 -12.59
C ALA BA 333 -42.30 38.18 -11.30
N TYR BA 334 -43.03 37.15 -10.84
CA TYR BA 334 -43.67 37.27 -9.54
C TYR BA 334 -42.65 37.17 -8.42
N ARG BA 335 -41.55 36.47 -8.66
CA ARG BA 335 -40.50 36.40 -7.66
C ARG BA 335 -39.83 37.75 -7.49
N GLN BA 336 -39.75 38.53 -8.57
CA GLN BA 336 -39.13 39.85 -8.47
C GLN BA 336 -40.04 40.81 -7.76
N MET BA 337 -41.33 40.77 -8.06
CA MET BA 337 -42.25 41.74 -7.48
C MET BA 337 -42.58 41.43 -6.03
N SER BA 338 -42.29 40.22 -5.56
CA SER BA 338 -42.57 39.85 -4.18
C SER BA 338 -41.34 39.91 -3.29
N LEU BA 339 -40.15 39.63 -3.83
CA LEU BA 339 -38.96 39.72 -3.00
C LEU BA 339 -38.56 41.16 -2.74
N LEU BA 340 -38.83 42.06 -3.68
CA LEU BA 340 -38.50 43.45 -3.43
C LEU BA 340 -39.54 44.16 -2.58
N LEU BA 341 -40.63 43.48 -2.22
CA LEU BA 341 -41.50 43.93 -1.14
C LEU BA 341 -41.14 43.27 0.18
N ARG BA 342 -39.95 42.66 0.26
CA ARG BA 342 -39.38 42.03 1.45
C ARG BA 342 -40.22 40.88 1.98
N ARG BA 343 -41.06 40.27 1.15
CA ARG BA 343 -41.86 39.15 1.63
C ARG BA 343 -41.01 37.89 1.74
N PRO BA 344 -41.11 37.16 2.84
CA PRO BA 344 -40.20 36.05 3.10
C PRO BA 344 -40.48 34.87 2.19
N PRO BA 345 -39.48 34.37 1.49
CA PRO BA 345 -39.71 33.39 0.43
C PRO BA 345 -39.71 31.96 0.96
N GLY BA 346 -40.19 31.06 0.11
CA GLY BA 346 -40.27 29.66 0.46
C GLY BA 346 -39.25 28.80 -0.26
N ARG BA 347 -39.67 27.60 -0.67
CA ARG BA 347 -38.78 26.64 -1.32
C ARG BA 347 -38.27 27.20 -2.64
N GLU BA 348 -36.95 27.14 -2.82
CA GLU BA 348 -36.23 27.74 -3.95
C GLU BA 348 -36.52 29.22 -4.09
N ALA BA 349 -36.71 29.89 -2.95
CA ALA BA 349 -36.84 31.34 -2.82
C ALA BA 349 -38.02 31.91 -3.60
N PHE BA 350 -38.98 31.11 -3.99
CA PHE BA 350 -40.21 31.70 -4.45
C PHE BA 350 -41.04 32.11 -3.24
N PRO BA 351 -41.93 33.06 -3.38
CA PRO BA 351 -42.83 33.37 -2.26
C PRO BA 351 -43.86 32.27 -2.08
N GLY BA 352 -44.68 32.37 -1.03
CA GLY BA 352 -45.61 31.30 -0.73
C GLY BA 352 -46.75 31.20 -1.72
N ASP BA 353 -47.23 32.34 -2.24
CA ASP BA 353 -48.44 32.35 -3.05
C ASP BA 353 -48.16 32.18 -4.53
N VAL BA 354 -47.06 31.55 -4.91
CA VAL BA 354 -46.82 31.32 -6.34
C VAL BA 354 -47.70 30.20 -6.87
N PHE BA 355 -48.32 29.41 -5.99
CA PHE BA 355 -49.30 28.44 -6.48
C PHE BA 355 -50.60 29.12 -6.84
N TYR BA 356 -51.09 29.99 -5.96
CA TYR BA 356 -52.37 30.66 -6.22
C TYR BA 356 -52.27 31.61 -7.40
N LEU BA 357 -51.06 32.13 -7.69
CA LEU BA 357 -50.88 32.94 -8.88
C LEU BA 357 -51.09 32.10 -10.14
N HIS BA 358 -50.43 30.95 -10.22
CA HIS BA 358 -50.68 30.07 -11.36
C HIS BA 358 -52.05 29.42 -11.30
N SER BA 359 -52.66 29.35 -10.12
CA SER BA 359 -54.00 28.80 -10.03
C SER BA 359 -55.02 29.69 -10.69
N ARG BA 360 -55.13 30.92 -10.20
CA ARG BA 360 -56.11 31.88 -10.70
C ARG BA 360 -55.86 32.26 -12.15
N LEU BA 361 -54.62 32.12 -12.61
CA LEU BA 361 -54.32 32.33 -14.02
C LEU BA 361 -54.87 31.21 -14.88
N LEU BA 362 -54.76 29.97 -14.41
CA LEU BA 362 -55.15 28.82 -15.20
C LEU BA 362 -56.57 28.37 -14.97
N GLU BA 363 -57.15 28.64 -13.80
CA GLU BA 363 -58.53 28.24 -13.57
C GLU BA 363 -59.54 29.09 -14.32
N ARG BA 364 -59.12 30.21 -14.89
CA ARG BA 364 -60.03 31.03 -15.67
C ARG BA 364 -60.31 30.46 -17.05
N ALA BA 365 -59.54 29.46 -17.49
CA ALA BA 365 -59.77 28.82 -18.78
C ALA BA 365 -60.47 27.50 -18.51
N ALA BA 366 -61.68 27.35 -19.04
CA ALA BA 366 -62.50 26.18 -18.76
C ALA BA 366 -63.58 26.06 -19.82
N LYS BA 367 -64.48 25.10 -19.60
CA LYS BA 367 -65.67 24.89 -20.43
C LYS BA 367 -66.89 25.19 -19.59
N LEU BA 368 -67.75 26.06 -20.10
CA LEU BA 368 -68.94 26.48 -19.37
C LEU BA 368 -70.16 25.69 -19.83
N SER BA 369 -71.21 25.75 -19.02
CA SER BA 369 -72.49 25.20 -19.42
C SER BA 369 -73.14 26.07 -20.48
N LYS BA 370 -74.19 25.54 -21.09
CA LYS BA 370 -74.88 26.24 -22.16
C LYS BA 370 -75.78 27.36 -21.67
N GLU BA 371 -75.91 27.55 -20.36
CA GLU BA 371 -76.66 28.67 -19.84
C GLU BA 371 -75.92 29.99 -20.06
N LEU BA 372 -74.60 29.98 -20.10
CA LEU BA 372 -73.84 31.22 -20.24
C LEU BA 372 -73.17 31.27 -21.59
N GLY BA 373 -73.88 30.87 -22.64
CA GLY BA 373 -73.36 30.90 -23.99
C GLY BA 373 -72.56 29.69 -24.40
N GLY BA 374 -72.26 28.78 -23.46
CA GLY BA 374 -71.55 27.56 -23.76
C GLY BA 374 -70.11 27.75 -24.18
N GLY BA 375 -69.53 28.91 -23.92
CA GLY BA 375 -68.20 29.21 -24.39
C GLY BA 375 -67.13 28.40 -23.70
N SER BA 376 -65.92 28.50 -24.23
CA SER BA 376 -64.83 27.67 -23.76
C SER BA 376 -63.52 28.45 -23.83
N LEU BA 377 -62.52 27.92 -23.16
CA LEU BA 377 -61.17 28.51 -23.20
C LEU BA 377 -60.15 27.42 -22.90
N THR BA 378 -59.24 27.21 -23.85
CA THR BA 378 -58.24 26.16 -23.78
C THR BA 378 -56.88 26.80 -23.56
N ALA BA 379 -56.23 26.46 -22.47
CA ALA BA 379 -54.97 27.08 -22.14
C ALA BA 379 -53.81 26.18 -22.52
N PHE BA 380 -52.67 26.81 -22.77
CA PHE BA 380 -51.43 26.10 -23.06
C PHE BA 380 -50.31 26.82 -22.32
N PRO BA 381 -50.09 26.51 -21.04
CA PRO BA 381 -48.92 27.05 -20.37
C PRO BA 381 -47.67 26.31 -20.82
N VAL BA 382 -46.55 27.01 -20.74
CA VAL BA 382 -45.26 26.48 -21.14
C VAL BA 382 -44.29 26.67 -19.98
N ILE BA 383 -43.66 25.59 -19.55
CA ILE BA 383 -42.78 25.62 -18.40
C ILE BA 383 -41.41 25.13 -18.83
N GLU BA 384 -40.40 25.97 -18.67
CA GLU BA 384 -39.03 25.58 -19.00
C GLU BA 384 -38.46 24.81 -17.83
N THR BA 385 -38.13 23.54 -18.06
CA THR BA 385 -37.45 22.76 -17.04
C THR BA 385 -35.94 22.84 -17.24
N GLN BA 386 -35.20 22.31 -16.27
CA GLN BA 386 -33.75 22.41 -16.27
C GLN BA 386 -33.15 21.01 -16.20
N ALA BA 387 -32.79 20.48 -17.37
CA ALA BA 387 -32.00 19.26 -17.54
C ALA BA 387 -32.68 18.04 -16.92
N GLY BA 388 -33.86 17.73 -17.44
CA GLY BA 388 -34.55 16.53 -17.02
C GLY BA 388 -35.09 16.56 -15.62
N ASP BA 389 -35.43 17.74 -15.11
CA ASP BA 389 -36.01 17.86 -13.79
C ASP BA 389 -37.51 18.12 -13.92
N VAL BA 390 -38.30 17.30 -13.24
CA VAL BA 390 -39.71 17.62 -13.04
C VAL BA 390 -39.95 18.16 -11.64
N SER BA 391 -38.98 18.01 -10.73
CA SER BA 391 -39.11 18.46 -9.36
C SER BA 391 -38.58 19.87 -9.15
N ALA BA 392 -38.58 20.69 -10.19
CA ALA BA 392 -38.51 22.11 -9.94
C ALA BA 392 -39.83 22.56 -9.31
N TYR BA 393 -39.76 23.61 -8.50
CA TYR BA 393 -40.92 23.99 -7.71
C TYR BA 393 -42.02 24.57 -8.57
N ILE BA 394 -41.68 25.24 -9.68
CA ILE BA 394 -42.74 25.73 -10.57
C ILE BA 394 -43.28 24.60 -11.41
N ALA BA 395 -42.42 23.67 -11.83
CA ALA BA 395 -42.85 22.60 -12.74
C ALA BA 395 -43.83 21.67 -12.05
N THR BA 396 -43.55 21.29 -10.80
CA THR BA 396 -44.52 20.46 -10.08
C THR BA 396 -45.70 21.24 -9.57
N ASN BA 397 -45.69 22.56 -9.70
CA ASN BA 397 -46.80 23.37 -9.20
C ASN BA 397 -47.94 23.36 -10.21
N VAL BA 398 -47.62 23.71 -11.46
CA VAL BA 398 -48.63 23.89 -12.49
C VAL BA 398 -49.18 22.56 -12.99
N ILE BA 399 -48.39 21.48 -12.88
CA ILE BA 399 -48.85 20.15 -13.26
C ILE BA 399 -50.00 19.71 -12.36
N SER BA 400 -49.94 20.08 -11.07
CA SER BA 400 -51.06 19.87 -10.18
C SER BA 400 -52.19 20.87 -10.37
N ILE BA 401 -52.14 21.72 -11.39
CA ILE BA 401 -53.24 22.59 -11.76
C ILE BA 401 -53.86 22.16 -13.09
N THR BA 402 -53.03 21.94 -14.11
CA THR BA 402 -53.53 21.61 -15.43
C THR BA 402 -54.09 20.20 -15.47
N ASP BA 403 -54.71 19.87 -16.60
CA ASP BA 403 -55.34 18.57 -16.72
C ASP BA 403 -54.36 17.51 -17.19
N GLY BA 404 -53.29 17.92 -17.88
CA GLY BA 404 -52.24 17.00 -18.26
C GLY BA 404 -51.01 17.74 -18.71
N GLN BA 405 -49.94 17.00 -18.94
CA GLN BA 405 -48.69 17.57 -19.41
C GLN BA 405 -48.40 17.05 -20.81
N ILE BA 406 -47.48 17.71 -21.49
CA ILE BA 406 -46.94 17.22 -22.75
C ILE BA 406 -45.43 17.23 -22.58
N PHE BA 407 -44.87 16.10 -22.19
CA PHE BA 407 -43.43 16.04 -21.96
C PHE BA 407 -42.68 16.05 -23.27
N LEU BA 408 -41.67 16.91 -23.36
CA LEU BA 408 -40.77 16.96 -24.50
C LEU BA 408 -39.37 16.62 -23.98
N GLU BA 409 -38.97 15.38 -24.17
CA GLU BA 409 -37.69 14.90 -23.67
C GLU BA 409 -36.59 15.25 -24.65
N THR BA 410 -35.50 15.82 -24.13
CA THR BA 410 -34.38 16.21 -24.98
C THR BA 410 -33.63 15.01 -25.55
N GLU BA 411 -33.81 13.83 -24.95
CA GLU BA 411 -33.22 12.62 -25.51
C GLU BA 411 -33.82 12.27 -26.85
N LEU BA 412 -35.14 12.45 -26.99
CA LEU BA 412 -35.79 12.22 -28.26
C LEU BA 412 -35.52 13.33 -29.27
N PHE BA 413 -35.11 14.51 -28.82
CA PHE BA 413 -35.00 15.61 -29.77
C PHE BA 413 -33.72 15.54 -30.57
N TYR BA 414 -32.57 15.48 -29.89
CA TYR BA 414 -31.30 15.73 -30.56
C TYR BA 414 -30.80 14.54 -31.39
N LYS BA 415 -31.61 13.51 -31.59
CA LYS BA 415 -31.36 12.56 -32.65
C LYS BA 415 -32.10 12.93 -33.93
N GLY BA 416 -32.93 13.97 -33.89
CA GLY BA 416 -33.62 14.48 -35.06
C GLY BA 416 -35.13 14.34 -35.04
N ILE BA 417 -35.70 13.64 -34.05
CA ILE BA 417 -37.15 13.44 -34.02
C ILE BA 417 -37.78 14.73 -33.52
N ARG BA 418 -38.30 15.54 -34.45
CA ARG BA 418 -38.89 16.83 -34.14
C ARG BA 418 -40.33 16.85 -34.63
N PRO BA 419 -41.34 17.00 -33.76
CA PRO BA 419 -41.30 17.26 -32.33
C PRO BA 419 -41.04 16.03 -31.48
N ALA BA 420 -40.41 16.25 -30.34
CA ALA BA 420 -39.97 15.17 -29.45
C ALA BA 420 -40.99 14.93 -28.35
N LEU BA 421 -42.19 14.56 -28.76
CA LEU BA 421 -43.25 14.25 -27.80
C LEU BA 421 -42.94 12.90 -27.17
N ASN BA 422 -42.56 12.89 -25.90
CA ASN BA 422 -42.27 11.64 -25.22
C ASN BA 422 -43.58 10.95 -24.87
N VAL BA 423 -43.91 9.90 -25.64
CA VAL BA 423 -45.28 9.40 -25.67
C VAL BA 423 -45.66 8.59 -24.44
N GLY BA 424 -44.71 8.23 -23.59
CA GLY BA 424 -45.01 7.34 -22.47
C GLY BA 424 -45.15 8.07 -21.15
N LEU BA 425 -44.58 9.27 -21.08
CA LEU BA 425 -44.68 10.09 -19.89
C LEU BA 425 -45.79 11.11 -20.00
N SER BA 426 -46.27 11.36 -21.21
CA SER BA 426 -47.20 12.44 -21.49
C SER BA 426 -48.61 11.87 -21.61
N VAL BA 427 -49.47 12.22 -20.66
CA VAL BA 427 -50.87 11.84 -20.71
C VAL BA 427 -51.74 13.09 -20.76
N SER BA 428 -53.03 12.88 -20.99
CA SER BA 428 -54.02 13.96 -20.94
C SER BA 428 -55.36 13.31 -20.60
N ARG BA 429 -55.79 13.44 -19.34
CA ARG BA 429 -56.91 12.64 -18.85
C ARG BA 429 -58.24 13.36 -18.93
N VAL BA 430 -58.43 14.20 -19.94
CA VAL BA 430 -59.74 14.77 -20.27
C VAL BA 430 -60.15 14.41 -21.69
N GLY BA 431 -59.24 14.56 -22.64
CA GLY BA 431 -59.56 14.37 -24.04
C GLY BA 431 -59.75 12.93 -24.48
N SER BA 432 -59.62 11.96 -23.59
CA SER BA 432 -59.73 10.56 -23.98
C SER BA 432 -61.14 10.24 -24.46
N ALA BA 433 -62.16 10.69 -23.73
CA ALA BA 433 -63.52 10.55 -24.23
C ALA BA 433 -63.80 11.57 -25.33
N ALA BA 434 -63.35 12.80 -25.13
CA ALA BA 434 -63.65 13.89 -26.05
C ALA BA 434 -62.53 14.07 -27.07
N GLN BA 435 -62.20 12.98 -27.76
CA GLN BA 435 -61.35 13.00 -28.94
C GLN BA 435 -62.24 12.82 -30.16
N PHE BA 436 -61.67 13.05 -31.33
CA PHE BA 436 -62.30 12.66 -32.57
C PHE BA 436 -62.46 11.14 -32.59
N PRO BA 437 -63.67 10.61 -32.57
CA PRO BA 437 -63.83 9.16 -32.55
C PRO BA 437 -63.49 8.57 -33.91
N GLY BA 438 -63.16 7.30 -33.90
CA GLY BA 438 -62.58 6.67 -35.09
C GLY BA 438 -61.08 6.73 -35.06
N MET BA 439 -60.54 7.93 -34.79
CA MET BA 439 -59.14 8.05 -34.41
C MET BA 439 -58.86 7.27 -33.13
N LYS BA 440 -59.80 7.29 -32.19
CA LYS BA 440 -59.65 6.50 -30.96
C LYS BA 440 -59.71 5.00 -31.23
N GLN BA 441 -60.38 4.60 -32.30
CA GLN BA 441 -60.40 3.19 -32.67
C GLN BA 441 -59.09 2.73 -33.27
N VAL BA 442 -58.34 3.64 -33.89
CA VAL BA 442 -57.15 3.25 -34.63
C VAL BA 442 -55.87 3.64 -33.90
N ALA BA 443 -55.93 4.68 -33.06
CA ALA BA 443 -54.75 5.04 -32.29
C ALA BA 443 -54.68 4.31 -30.95
N GLY BA 444 -55.75 3.63 -30.56
CA GLY BA 444 -55.67 2.76 -29.39
C GLY BA 444 -54.71 1.60 -29.60
N THR BA 445 -54.68 1.06 -30.82
CA THR BA 445 -53.63 0.12 -31.20
C THR BA 445 -52.27 0.79 -31.21
N LEU BA 446 -52.22 2.06 -31.64
CA LEU BA 446 -50.96 2.80 -31.62
C LEU BA 446 -50.50 3.05 -30.20
N LYS BA 447 -51.44 3.31 -29.29
CA LYS BA 447 -51.06 3.56 -27.91
C LYS BA 447 -50.56 2.30 -27.23
N LEU BA 448 -51.12 1.14 -27.58
CA LEU BA 448 -50.70 -0.10 -26.95
C LEU BA 448 -49.36 -0.59 -27.50
N GLU BA 449 -49.08 -0.32 -28.77
CA GLU BA 449 -47.77 -0.68 -29.30
C GLU BA 449 -46.70 0.30 -28.85
N LEU BA 450 -47.02 1.59 -28.81
CA LEU BA 450 -46.10 2.56 -28.23
C LEU BA 450 -46.10 2.53 -26.71
N ALA BA 451 -46.99 1.75 -26.09
CA ALA BA 451 -46.74 1.33 -24.73
C ALA BA 451 -45.56 0.38 -24.69
N GLN BA 452 -45.49 -0.54 -25.65
CA GLN BA 452 -44.55 -1.65 -25.58
C GLN BA 452 -43.33 -1.46 -26.48
N TYR BA 453 -43.31 -0.44 -27.34
CA TYR BA 453 -42.17 -0.26 -28.22
C TYR BA 453 -40.98 0.34 -27.49
N ARG BA 454 -41.24 1.26 -26.56
CA ARG BA 454 -40.16 1.89 -25.81
C ARG BA 454 -39.52 0.95 -24.80
N GLU BA 455 -40.20 -0.14 -24.43
CA GLU BA 455 -39.71 -1.04 -23.39
C GLU BA 455 -38.48 -1.82 -23.84
N VAL BA 456 -38.46 -2.24 -25.10
CA VAL BA 456 -37.35 -3.01 -25.65
C VAL BA 456 -36.39 -2.14 -26.43
N ALA BA 457 -36.59 -0.83 -26.44
CA ALA BA 457 -35.73 0.07 -27.18
C ALA BA 457 -34.38 0.23 -26.46
N ALA BA 458 -33.37 0.63 -27.25
CA ALA BA 458 -32.05 1.11 -26.83
C ALA BA 458 -31.14 0.03 -26.25
N PHE BA 459 -31.65 -1.19 -26.04
CA PHE BA 459 -30.79 -2.31 -25.67
C PHE BA 459 -31.23 -3.59 -26.34
N ALA BA 460 -31.79 -3.48 -27.55
CA ALA BA 460 -32.10 -4.66 -28.35
C ALA BA 460 -30.82 -5.37 -28.78
N GLN BA 461 -29.76 -4.62 -29.03
CA GLN BA 461 -28.43 -5.17 -29.31
C GLN BA 461 -27.36 -4.62 -28.38
N PHE BA 462 -27.59 -3.47 -27.74
CA PHE BA 462 -26.53 -2.80 -26.99
C PHE BA 462 -26.36 -3.41 -25.60
N GLY BA 463 -27.44 -3.53 -24.84
CA GLY BA 463 -27.35 -3.83 -23.42
C GLY BA 463 -27.02 -5.26 -23.04
N SER BA 464 -27.93 -6.20 -23.30
CA SER BA 464 -27.70 -7.58 -22.86
C SER BA 464 -27.55 -8.55 -24.01
N ASP BA 465 -28.57 -8.72 -24.85
CA ASP BA 465 -28.54 -9.60 -26.03
C ASP BA 465 -29.79 -9.30 -26.85
N LEU BA 466 -29.98 -10.12 -27.90
CA LEU BA 466 -31.14 -10.05 -28.78
C LEU BA 466 -31.86 -11.40 -28.75
N ASP BA 467 -33.19 -11.36 -28.90
CA ASP BA 467 -34.02 -12.55 -28.92
C ASP BA 467 -34.74 -12.78 -30.24
N ALA BA 468 -34.98 -11.71 -31.01
CA ALA BA 468 -35.66 -11.68 -32.31
C ALA BA 468 -37.10 -12.18 -32.27
N ALA BA 469 -37.69 -12.33 -31.09
CA ALA BA 469 -39.13 -12.56 -31.02
C ALA BA 469 -39.91 -11.25 -31.01
N THR BA 470 -39.29 -10.18 -30.52
CA THR BA 470 -39.90 -8.87 -30.50
C THR BA 470 -39.25 -7.90 -31.50
N GLN BA 471 -38.71 -8.43 -32.59
CA GLN BA 471 -38.39 -7.56 -33.73
C GLN BA 471 -39.66 -7.15 -34.46
N TYR BA 472 -40.77 -7.84 -34.23
CA TYR BA 472 -42.03 -7.44 -34.82
C TYR BA 472 -42.53 -6.13 -34.24
N VAL BA 473 -42.40 -5.94 -32.92
CA VAL BA 473 -42.83 -4.68 -32.34
C VAL BA 473 -41.83 -3.57 -32.62
N LEU BA 474 -40.52 -3.89 -32.66
CA LEU BA 474 -39.50 -2.86 -32.78
C LEU BA 474 -39.44 -2.31 -34.20
N GLU BA 475 -39.45 -3.21 -35.19
CA GLU BA 475 -39.44 -2.80 -36.59
C GLU BA 475 -40.81 -2.35 -37.06
N ARG BA 476 -41.85 -2.45 -36.24
CA ARG BA 476 -43.07 -1.71 -36.49
C ARG BA 476 -43.09 -0.40 -35.71
N GLY BA 477 -42.49 -0.40 -34.53
CA GLY BA 477 -42.43 0.81 -33.74
C GLY BA 477 -41.45 1.84 -34.25
N ALA BA 478 -40.36 1.40 -34.90
CA ALA BA 478 -39.45 2.36 -35.51
C ALA BA 478 -40.09 3.04 -36.70
N ARG BA 479 -41.09 2.41 -37.31
CA ARG BA 479 -41.91 3.08 -38.31
C ARG BA 479 -42.81 4.11 -37.66
N LEU BA 480 -43.41 3.76 -36.52
CA LEU BA 480 -44.44 4.61 -35.95
C LEU BA 480 -43.86 5.83 -35.24
N THR BA 481 -42.63 5.73 -34.75
CA THR BA 481 -41.99 6.91 -34.16
C THR BA 481 -41.65 7.93 -35.24
N GLU BA 482 -41.05 7.48 -36.35
CA GLU BA 482 -40.78 8.38 -37.46
C GLU BA 482 -42.05 8.77 -38.20
N MET BA 483 -43.15 8.04 -37.97
CA MET BA 483 -44.45 8.48 -38.47
C MET BA 483 -44.94 9.71 -37.74
N LEU BA 484 -44.58 9.87 -36.47
CA LEU BA 484 -44.98 11.04 -35.71
C LEU BA 484 -44.09 12.25 -35.94
N LYS BA 485 -43.01 12.10 -36.71
CA LYS BA 485 -42.22 13.27 -37.08
C LYS BA 485 -43.00 14.14 -38.04
N GLN BA 486 -42.62 15.41 -38.10
CA GLN BA 486 -43.21 16.32 -39.05
C GLN BA 486 -42.24 17.48 -39.25
N LYS BA 487 -42.12 17.93 -40.49
CA LYS BA 487 -41.38 19.17 -40.73
C LYS BA 487 -42.19 20.34 -40.18
N GLN BA 488 -41.49 21.44 -39.95
CA GLN BA 488 -42.03 22.51 -39.10
C GLN BA 488 -42.94 23.46 -39.88
N PHE BA 489 -43.85 24.09 -39.15
CA PHE BA 489 -44.76 25.13 -39.64
C PHE BA 489 -45.63 24.63 -40.78
N ALA BA 490 -46.22 23.46 -40.60
CA ALA BA 490 -47.14 22.89 -41.57
C ALA BA 490 -48.06 21.89 -40.88
N PRO BA 491 -49.21 22.31 -40.38
CA PRO BA 491 -50.08 21.40 -39.63
C PRO BA 491 -50.82 20.43 -40.54
N ILE BA 492 -51.05 19.24 -40.00
CA ILE BA 492 -51.84 18.21 -40.68
C ILE BA 492 -53.19 18.12 -39.98
N PRO BA 493 -54.30 18.32 -40.68
CA PRO BA 493 -55.62 18.38 -40.01
C PRO BA 493 -56.07 17.02 -39.50
N ILE BA 494 -57.27 17.02 -38.92
CA ILE BA 494 -57.81 15.80 -38.33
C ILE BA 494 -58.21 14.80 -39.41
N GLU BA 495 -58.68 15.27 -40.56
CA GLU BA 495 -59.05 14.36 -41.63
C GLU BA 495 -57.84 13.77 -42.34
N ARG BA 496 -56.71 14.47 -42.34
CA ARG BA 496 -55.51 13.96 -43.00
C ARG BA 496 -54.57 13.24 -42.05
N GLN BA 497 -54.85 13.26 -40.75
CA GLN BA 497 -54.07 12.49 -39.81
C GLN BA 497 -54.63 11.09 -39.62
N THR BA 498 -55.95 10.95 -39.74
CA THR BA 498 -56.60 9.65 -39.55
C THR BA 498 -56.20 8.65 -40.62
N VAL BA 499 -56.18 9.09 -41.88
CA VAL BA 499 -55.68 8.24 -42.94
C VAL BA 499 -54.18 8.05 -42.83
N ALA BA 500 -53.47 9.05 -42.30
CA ALA BA 500 -52.04 8.93 -42.06
C ALA BA 500 -51.79 7.90 -40.96
N VAL BA 501 -52.59 7.93 -39.90
CA VAL BA 501 -52.40 6.96 -38.83
C VAL BA 501 -53.05 5.63 -39.19
N TYR BA 502 -53.89 5.62 -40.22
CA TYR BA 502 -54.36 4.34 -40.74
C TYR BA 502 -53.24 3.59 -41.44
N ALA BA 503 -52.48 4.31 -42.26
CA ALA BA 503 -51.58 3.71 -43.24
C ALA BA 503 -50.39 3.01 -42.60
N ALA BA 504 -49.93 3.50 -41.46
CA ALA BA 504 -48.81 2.85 -40.79
C ALA BA 504 -49.26 1.78 -39.81
N THR BA 505 -50.53 1.79 -39.42
CA THR BA 505 -50.98 0.84 -38.42
C THR BA 505 -51.40 -0.49 -39.01
N LYS BA 506 -52.26 -0.47 -40.04
CA LYS BA 506 -52.86 -1.71 -40.53
C LYS BA 506 -51.89 -2.59 -41.31
N GLY BA 507 -50.69 -2.10 -41.61
CA GLY BA 507 -49.66 -2.93 -42.20
C GLY BA 507 -49.32 -2.56 -43.63
N PHE BA 508 -49.88 -1.45 -44.11
CA PHE BA 508 -49.76 -1.10 -45.51
C PHE BA 508 -48.39 -0.55 -45.88
N LEU BA 509 -47.63 -0.06 -44.92
CA LEU BA 509 -46.37 0.61 -45.21
C LEU BA 509 -45.18 -0.11 -44.59
N ASP BA 510 -45.36 -1.36 -44.18
CA ASP BA 510 -44.28 -2.09 -43.54
C ASP BA 510 -43.19 -2.48 -44.54
N LYS BA 511 -43.56 -2.62 -45.81
CA LYS BA 511 -42.62 -3.11 -46.81
C LYS BA 511 -41.60 -2.05 -47.20
N VAL BA 512 -41.95 -0.78 -47.05
CA VAL BA 512 -40.99 0.30 -47.26
C VAL BA 512 -40.09 0.38 -46.04
N ARG BA 513 -38.78 0.38 -46.27
CA ARG BA 513 -37.80 0.39 -45.21
C ARG BA 513 -37.82 1.72 -44.46
N VAL BA 514 -37.17 1.74 -43.30
CA VAL BA 514 -37.33 2.83 -42.35
C VAL BA 514 -36.62 4.10 -42.74
N GLN BA 515 -35.83 4.09 -43.81
CA GLN BA 515 -35.13 5.31 -44.21
C GLN BA 515 -35.96 6.21 -45.10
N ASP BA 516 -37.15 5.82 -45.52
CA ASP BA 516 -37.90 6.70 -46.41
C ASP BA 516 -39.40 6.71 -46.14
N ILE BA 517 -39.85 6.39 -44.92
CA ILE BA 517 -41.28 6.36 -44.64
C ILE BA 517 -41.88 7.75 -44.61
N VAL BA 518 -41.09 8.76 -44.27
CA VAL BA 518 -41.64 10.10 -44.16
C VAL BA 518 -41.88 10.71 -45.54
N ALA BA 519 -41.33 10.11 -46.59
CA ALA BA 519 -41.80 10.39 -47.93
C ALA BA 519 -42.96 9.51 -48.34
N ALA BA 520 -43.09 8.33 -47.72
CA ALA BA 520 -44.20 7.46 -48.03
C ALA BA 520 -45.52 8.05 -47.53
N GLU BA 521 -45.50 8.65 -46.35
CA GLU BA 521 -46.73 9.16 -45.75
C GLU BA 521 -47.26 10.38 -46.49
N GLU BA 522 -46.37 11.30 -46.87
CA GLU BA 522 -46.80 12.44 -47.67
C GLU BA 522 -47.24 12.01 -49.06
N ALA BA 523 -46.71 10.88 -49.54
CA ALA BA 523 -47.23 10.28 -50.76
C ALA BA 523 -48.65 9.76 -50.57
N VAL BA 524 -48.93 9.16 -49.40
CA VAL BA 524 -50.26 8.61 -49.13
C VAL BA 524 -51.31 9.72 -49.12
N ILE BA 525 -50.95 10.87 -48.57
CA ILE BA 525 -51.79 12.06 -48.65
C ILE BA 525 -52.02 12.46 -50.11
N SER BA 526 -50.98 12.33 -50.94
CA SER BA 526 -51.10 12.73 -52.34
C SER BA 526 -51.63 11.61 -53.24
N GLN BA 527 -51.38 10.34 -52.93
CA GLN BA 527 -51.74 9.27 -53.86
C GLN BA 527 -53.22 8.93 -53.80
N VAL BA 528 -53.76 8.74 -52.59
CA VAL BA 528 -55.16 8.34 -52.45
C VAL BA 528 -56.04 9.50 -52.89
N ASN BA 529 -57.08 9.17 -53.65
CA ASN BA 529 -57.96 10.19 -54.24
C ASN BA 529 -58.68 10.99 -53.15
N PRO BA 530 -58.94 12.28 -53.38
CA PRO BA 530 -59.39 13.16 -52.28
C PRO BA 530 -60.84 12.99 -51.87
N ALA BA 531 -61.51 11.92 -52.30
CA ALA BA 531 -62.84 11.65 -51.77
C ALA BA 531 -62.78 11.25 -50.31
N VAL BA 532 -61.78 10.46 -49.94
CA VAL BA 532 -61.76 9.81 -48.62
C VAL BA 532 -61.52 10.82 -47.50
N PHE BA 533 -60.82 11.92 -47.81
CA PHE BA 533 -60.62 12.94 -46.80
C PHE BA 533 -61.91 13.72 -46.58
N LYS BA 534 -62.72 13.85 -47.64
CA LYS BA 534 -63.98 14.57 -47.52
C LYS BA 534 -65.02 13.75 -46.78
N ILE BA 535 -64.89 12.43 -46.79
CA ILE BA 535 -65.91 11.61 -46.14
C ILE BA 535 -65.64 11.49 -44.65
N LEU BA 536 -64.39 11.27 -44.27
CA LEU BA 536 -64.08 10.94 -42.89
C LEU BA 536 -64.21 12.14 -41.97
N LYS BA 537 -63.95 13.35 -42.46
CA LYS BA 537 -64.27 14.53 -41.67
C LYS BA 537 -65.77 14.70 -41.52
N ALA BA 538 -66.52 14.31 -42.56
CA ALA BA 538 -67.95 14.57 -42.58
C ALA BA 538 -68.70 13.71 -41.57
N ASN BA 539 -68.63 12.38 -41.72
CA ASN BA 539 -69.36 11.51 -40.81
C ASN BA 539 -68.73 11.48 -39.43
N GLY BA 540 -67.45 11.82 -39.31
CA GLY BA 540 -66.80 11.87 -38.03
C GLY BA 540 -66.41 10.52 -37.46
N LYS BA 541 -66.71 9.43 -38.13
CA LYS BA 541 -66.40 8.10 -37.62
C LYS BA 541 -66.32 7.15 -38.81
N ILE BA 542 -65.23 6.39 -38.89
CA ILE BA 542 -64.97 5.50 -40.01
C ILE BA 542 -65.90 4.29 -39.90
N THR BA 543 -66.74 4.11 -40.91
CA THR BA 543 -67.68 3.00 -40.97
C THR BA 543 -67.02 1.81 -41.66
N PRO BA 544 -67.56 0.59 -41.48
CA PRO BA 544 -67.10 -0.54 -42.29
C PRO BA 544 -67.36 -0.39 -43.79
N ALA BA 545 -68.28 0.50 -44.20
CA ALA BA 545 -68.50 0.73 -45.62
C ALA BA 545 -67.41 1.59 -46.26
N LEU BA 546 -66.48 2.12 -45.48
CA LEU BA 546 -65.47 3.05 -45.98
C LEU BA 546 -64.06 2.51 -45.91
N ASP BA 547 -63.70 1.77 -44.85
CA ASP BA 547 -62.34 1.28 -44.70
C ASP BA 547 -62.01 0.17 -45.69
N ALA BA 548 -63.02 -0.62 -46.08
CA ALA BA 548 -62.82 -1.61 -47.13
C ALA BA 548 -62.55 -0.93 -48.47
N HIS BA 549 -63.18 0.22 -48.71
CA HIS BA 549 -62.77 1.07 -49.82
C HIS BA 549 -61.39 1.66 -49.57
N LEU BA 550 -61.06 1.92 -48.31
CA LEU BA 550 -59.79 2.56 -47.99
C LEU BA 550 -58.65 1.56 -48.04
N LYS BA 551 -58.91 0.31 -47.66
CA LYS BA 551 -57.87 -0.73 -47.69
C LYS BA 551 -57.44 -1.03 -49.12
N ALA BA 552 -58.36 -0.95 -50.07
CA ALA BA 552 -58.00 -1.18 -51.47
C ALA BA 552 -57.18 -0.02 -52.03
N GLU BA 553 -57.44 1.18 -51.54
CA GLU BA 553 -56.76 2.36 -52.10
C GLU BA 553 -55.34 2.47 -51.60
N LEU BA 554 -55.08 2.04 -50.36
CA LEU BA 554 -53.76 2.22 -49.77
C LEU BA 554 -52.71 1.30 -50.37
N ARG BA 555 -53.11 0.24 -51.04
CA ARG BA 555 -52.14 -0.66 -51.64
C ARG BA 555 -51.59 -0.14 -52.96
N LYS BA 556 -52.43 0.52 -53.76
CA LYS BA 556 -52.01 0.99 -55.08
C LYS BA 556 -51.34 2.37 -55.01
N VAL BA 557 -50.40 2.53 -54.08
CA VAL BA 557 -49.72 3.80 -53.89
C VAL BA 557 -48.31 3.69 -54.47
N LYS BA 558 -47.77 4.83 -54.86
CA LYS BA 558 -46.38 4.90 -55.34
C LYS BA 558 -45.47 4.85 -54.13
N LEU BA 559 -45.00 3.65 -53.79
CA LEU BA 559 -44.11 3.49 -52.66
C LEU BA 559 -42.74 4.10 -52.96
N PRO BA 560 -42.04 4.58 -51.93
CA PRO BA 560 -40.64 4.97 -52.14
C PRO BA 560 -39.69 3.79 -51.97
N GLY BA 561 -38.82 3.60 -52.96
CA GLY BA 561 -37.99 2.40 -52.95
C GLY BA 561 -38.84 1.16 -53.18
N ALA BA 562 -38.48 0.09 -52.47
CA ALA BA 562 -39.20 -1.18 -52.42
C ALA BA 562 -39.46 -1.83 -53.78
N ASP CA 36 -24.22 55.19 41.27
CA ASP CA 36 -23.64 54.13 42.09
C ASP CA 36 -23.94 52.75 41.51
N ALA CA 37 -25.21 52.35 41.59
CA ALA CA 37 -25.64 51.03 41.16
C ALA CA 37 -26.92 51.16 40.34
N GLY CA 38 -27.23 50.10 39.60
CA GLY CA 38 -28.37 50.12 38.70
C GLY CA 38 -29.33 48.96 38.88
N TYR CA 39 -30.25 48.81 37.92
CA TYR CA 39 -31.31 47.82 38.01
C TYR CA 39 -31.38 47.04 36.71
N VAL CA 40 -31.80 45.78 36.80
CA VAL CA 40 -32.18 45.03 35.61
C VAL CA 40 -33.41 45.66 34.99
N SER CA 41 -33.32 45.99 33.70
CA SER CA 41 -34.40 46.65 33.01
C SER CA 41 -35.14 45.74 32.05
N GLN CA 42 -34.54 44.63 31.65
CA GLN CA 42 -35.12 43.83 30.58
C GLN CA 42 -34.51 42.44 30.62
N VAL CA 43 -35.38 41.43 30.48
CA VAL CA 43 -34.99 40.02 30.52
C VAL CA 43 -35.49 39.35 29.25
N ILE CA 44 -34.58 38.81 28.45
CA ILE CA 44 -34.95 38.02 27.27
C ILE CA 44 -34.21 36.70 27.38
N GLY CA 45 -34.82 35.72 28.04
CA GLY CA 45 -34.21 34.41 28.16
C GLY CA 45 -32.96 34.42 29.02
N PRO CA 46 -31.82 34.05 28.43
CA PRO CA 46 -30.56 34.02 29.17
C PRO CA 46 -29.70 35.27 29.05
N VAL CA 47 -30.19 36.33 28.41
CA VAL CA 47 -29.51 37.61 28.40
C VAL CA 47 -30.41 38.63 29.08
N VAL CA 48 -29.86 39.37 30.05
CA VAL CA 48 -30.63 40.38 30.75
C VAL CA 48 -29.96 41.73 30.60
N ASP CA 49 -30.77 42.79 30.67
CA ASP CA 49 -30.30 44.14 30.41
C ASP CA 49 -30.34 44.96 31.69
N VAL CA 50 -29.22 45.61 32.01
CA VAL CA 50 -29.07 46.43 33.20
C VAL CA 50 -28.86 47.86 32.76
N ARG CA 51 -29.68 48.77 33.29
CA ARG CA 51 -29.52 50.19 33.09
C ARG CA 51 -28.64 50.75 34.20
N PHE CA 52 -27.98 51.86 33.92
CA PHE CA 52 -27.11 52.49 34.90
C PHE CA 52 -27.32 54.00 34.91
N ASP CA 53 -27.20 54.58 36.10
CA ASP CA 53 -27.27 56.02 36.28
C ASP CA 53 -25.84 56.57 36.41
N GLY CA 54 -25.19 56.71 35.27
CA GLY CA 54 -23.86 57.27 35.22
C GLY CA 54 -22.75 56.30 35.58
N GLU CA 55 -21.60 56.46 34.92
CA GLU CA 55 -20.40 55.64 35.10
C GLU CA 55 -20.69 54.16 34.86
N LEU CA 56 -21.01 53.87 33.60
CA LEU CA 56 -21.36 52.54 33.14
C LEU CA 56 -20.17 51.60 33.33
N PRO CA 57 -20.43 50.32 33.59
CA PRO CA 57 -19.33 49.38 33.83
C PRO CA 57 -18.52 49.12 32.56
N SER CA 58 -17.24 48.83 32.76
CA SER CA 58 -16.39 48.45 31.66
C SER CA 58 -16.82 47.08 31.12
N ILE CA 59 -16.52 46.85 29.84
CA ILE CA 59 -16.86 45.60 29.20
C ILE CA 59 -16.08 44.45 29.84
N LEU CA 60 -16.74 43.28 29.91
CA LEU CA 60 -16.24 42.08 30.59
C LEU CA 60 -15.97 42.33 32.07
N SER CA 61 -16.91 42.99 32.74
CA SER CA 61 -16.92 43.10 34.18
C SER CA 61 -18.00 42.18 34.77
N SER CA 62 -18.15 42.23 36.09
CA SER CA 62 -19.03 41.31 36.80
C SER CA 62 -20.13 42.07 37.51
N LEU CA 63 -21.34 41.54 37.45
CA LEU CA 63 -22.50 42.14 38.07
C LEU CA 63 -23.14 41.14 39.01
N GLU CA 64 -23.89 41.63 39.99
CA GLU CA 64 -24.49 40.79 41.01
C GLU CA 64 -25.91 41.25 41.26
N VAL CA 65 -26.82 40.31 41.40
CA VAL CA 65 -28.21 40.61 41.75
C VAL CA 65 -28.47 40.10 43.17
N GLU CA 66 -29.20 40.90 43.95
CA GLU CA 66 -29.48 40.54 45.33
C GLU CA 66 -30.90 40.05 45.46
N GLY CA 67 -31.12 39.14 46.40
CA GLY CA 67 -32.43 38.54 46.55
C GLY CA 67 -32.69 37.36 45.64
N HIS CA 68 -31.69 36.89 44.91
CA HIS CA 68 -31.83 35.72 44.09
C HIS CA 68 -31.61 34.47 44.93
N SER CA 69 -31.87 33.31 44.30
CA SER CA 69 -31.70 32.04 44.98
C SER CA 69 -30.23 31.69 45.12
N VAL CA 70 -29.48 31.81 44.03
CA VAL CA 70 -28.05 31.61 44.04
C VAL CA 70 -27.41 32.92 43.60
N ARG CA 71 -26.12 33.10 43.90
CA ARG CA 71 -25.39 34.27 43.44
C ARG CA 71 -25.23 34.24 41.92
N LEU CA 72 -25.70 35.29 41.28
CA LEU CA 72 -25.80 35.35 39.83
C LEU CA 72 -24.79 36.37 39.33
N VAL CA 73 -23.97 35.97 38.37
CA VAL CA 73 -22.95 36.83 37.80
C VAL CA 73 -23.34 37.18 36.37
N LEU CA 74 -23.42 38.47 36.09
CA LEU CA 74 -23.71 38.94 34.74
C LEU CA 74 -22.45 39.51 34.14
N GLU CA 75 -22.11 39.05 32.95
CA GLU CA 75 -20.89 39.46 32.27
C GLU CA 75 -21.30 40.28 31.06
N VAL CA 76 -20.91 41.55 31.04
CA VAL CA 76 -21.40 42.45 30.01
C VAL CA 76 -20.65 42.22 28.70
N ALA CA 77 -21.39 42.21 27.60
CA ALA CA 77 -20.83 41.94 26.28
C ALA CA 77 -20.93 43.10 25.31
N GLN CA 78 -21.94 43.96 25.47
CA GLN CA 78 -22.06 45.13 24.61
C GLN CA 78 -22.88 46.17 25.34
N HIS CA 79 -22.64 47.44 25.00
CA HIS CA 79 -23.45 48.54 25.47
C HIS CA 79 -24.61 48.76 24.52
N MET CA 80 -25.81 48.87 25.06
CA MET CA 80 -26.98 49.13 24.21
C MET CA 80 -26.95 50.54 23.66
N GLY CA 81 -26.51 51.51 24.46
CA GLY CA 81 -26.41 52.87 24.00
C GLY CA 81 -27.10 53.86 24.91
N ASP CA 82 -28.25 53.48 25.45
CA ASP CA 82 -29.02 54.37 26.33
C ASP CA 82 -28.74 54.03 27.79
N ASN CA 83 -27.46 54.22 28.16
CA ASN CA 83 -26.94 53.96 29.52
C ASN CA 83 -27.23 52.52 29.97
N THR CA 84 -27.01 51.57 29.07
CA THR CA 84 -27.46 50.20 29.28
C THR CA 84 -26.40 49.21 28.81
N VAL CA 85 -25.94 48.37 29.72
CA VAL CA 85 -25.09 47.25 29.35
C VAL CA 85 -25.97 46.05 29.09
N ARG CA 86 -25.48 45.15 28.24
CA ARG CA 86 -26.17 43.93 27.88
C ARG CA 86 -25.31 42.76 28.32
N CYS CA 87 -25.92 41.77 28.94
CA CYS CA 87 -25.18 40.82 29.76
C CYS CA 87 -25.27 39.41 29.21
N ILE CA 88 -24.68 38.48 29.96
CA ILE CA 88 -24.83 37.05 29.77
C ILE CA 88 -24.88 36.43 31.17
N ALA CA 89 -25.67 35.37 31.33
CA ALA CA 89 -26.04 34.89 32.65
C ALA CA 89 -25.31 33.60 33.01
N MET CA 90 -24.61 33.62 34.15
CA MET CA 90 -23.87 32.45 34.60
C MET CA 90 -24.78 31.36 35.17
N ASP CA 91 -25.99 31.70 35.60
CA ASP CA 91 -26.99 30.71 35.95
C ASP CA 91 -28.33 31.16 35.40
N SER CA 92 -29.37 30.38 35.69
CA SER CA 92 -30.67 30.56 35.04
C SER CA 92 -31.35 31.84 35.49
N THR CA 93 -31.95 32.55 34.54
CA THR CA 93 -32.54 33.85 34.82
C THR CA 93 -33.96 33.76 35.34
N ASP CA 94 -34.50 32.55 35.47
CA ASP CA 94 -35.91 32.38 35.82
C ASP CA 94 -36.12 32.82 37.25
N GLY CA 95 -36.56 34.06 37.43
CA GLY CA 95 -36.72 34.62 38.75
C GLY CA 95 -36.32 36.08 38.88
N LEU CA 96 -35.75 36.65 37.82
CA LEU CA 96 -35.35 38.05 37.84
C LEU CA 96 -36.59 38.92 37.64
N VAL CA 97 -36.86 39.77 38.62
CA VAL CA 97 -37.93 40.75 38.49
C VAL CA 97 -37.37 41.94 37.72
N ARG CA 98 -38.25 42.69 37.06
CA ARG CA 98 -37.80 43.88 36.35
C ARG CA 98 -37.63 45.03 37.33
N GLY CA 99 -36.39 45.46 37.52
CA GLY CA 99 -36.06 46.55 38.42
C GLY CA 99 -35.30 46.15 39.66
N GLN CA 100 -34.87 44.89 39.75
CA GLN CA 100 -34.22 44.39 40.95
C GLN CA 100 -32.81 44.98 41.06
N LYS CA 101 -32.31 45.06 42.29
CA LYS CA 101 -31.08 45.80 42.56
C LYS CA 101 -29.86 45.07 42.02
N VAL CA 102 -29.04 45.79 41.26
CA VAL CA 102 -27.83 45.24 40.64
C VAL CA 102 -26.64 46.11 41.03
N VAL CA 103 -25.67 45.51 41.69
CA VAL CA 103 -24.48 46.22 42.12
C VAL CA 103 -23.38 45.99 41.08
N ASP CA 104 -22.34 46.80 41.16
CA ASP CA 104 -21.19 46.70 40.28
C ASP CA 104 -19.97 46.28 41.10
N THR CA 105 -19.32 45.20 40.66
CA THR CA 105 -18.02 44.86 41.23
C THR CA 105 -16.89 45.60 40.53
N GLY CA 106 -17.19 46.34 39.47
CA GLY CA 106 -16.24 47.19 38.76
C GLY CA 106 -15.06 46.50 38.13
N SER CA 107 -15.09 45.18 38.03
CA SER CA 107 -13.91 44.40 37.73
C SER CA 107 -14.33 43.14 36.99
N PRO CA 108 -13.44 42.52 36.21
CA PRO CA 108 -13.76 41.23 35.58
C PRO CA 108 -14.03 40.09 36.56
N ILE CA 109 -14.40 38.93 36.02
CA ILE CA 109 -14.74 37.77 36.84
C ILE CA 109 -13.51 37.30 37.58
N LYS CA 110 -13.62 37.15 38.90
CA LYS CA 110 -12.51 36.76 39.73
C LYS CA 110 -12.73 35.34 40.25
N VAL CA 111 -11.78 34.46 39.96
CA VAL CA 111 -11.80 33.11 40.50
C VAL CA 111 -10.65 33.08 41.51
N PRO CA 112 -10.75 32.31 42.58
CA PRO CA 112 -9.60 32.21 43.49
C PRO CA 112 -8.59 31.21 42.99
N VAL CA 113 -7.40 31.68 42.64
CA VAL CA 113 -6.33 30.83 42.15
C VAL CA 113 -5.44 30.47 43.33
N GLY CA 114 -4.65 29.42 43.18
CA GLY CA 114 -3.77 29.05 44.27
C GLY CA 114 -3.46 27.58 44.39
N ARG CA 115 -2.54 27.24 45.30
CA ARG CA 115 -2.14 25.85 45.47
C ARG CA 115 -3.17 25.03 46.23
N GLY CA 116 -4.01 25.70 47.03
CA GLY CA 116 -5.08 25.00 47.70
C GLY CA 116 -6.22 24.60 46.79
N THR CA 117 -6.29 25.21 45.60
CA THR CA 117 -7.34 24.90 44.63
C THR CA 117 -7.19 23.51 44.02
N LEU CA 118 -6.06 22.85 44.23
CA LEU CA 118 -5.92 21.46 43.79
C LEU CA 118 -6.85 20.58 44.61
N GLY CA 119 -7.36 19.53 43.97
CA GLY CA 119 -8.32 18.66 44.63
C GLY CA 119 -9.68 19.27 44.82
N ARG CA 120 -10.02 20.30 44.03
CA ARG CA 120 -11.29 21.02 44.16
C ARG CA 120 -12.04 20.98 42.84
N ILE CA 121 -13.34 20.76 42.92
CA ILE CA 121 -14.22 20.83 41.75
C ILE CA 121 -14.77 22.25 41.68
N MET CA 122 -14.38 22.99 40.66
CA MET CA 122 -14.57 24.43 40.64
C MET CA 122 -15.59 24.85 39.59
N ASN CA 123 -16.28 25.95 39.89
CA ASN CA 123 -17.30 26.51 39.03
C ASN CA 123 -16.66 27.50 38.07
N VAL CA 124 -17.49 28.26 37.36
CA VAL CA 124 -16.97 29.32 36.51
C VAL CA 124 -16.69 30.58 37.33
N ILE CA 125 -17.51 30.82 38.36
CA ILE CA 125 -17.48 32.08 39.11
C ILE CA 125 -16.77 31.95 40.44
N GLY CA 126 -15.99 30.89 40.63
CA GLY CA 126 -15.22 30.74 41.85
C GLY CA 126 -15.90 29.96 42.95
N GLU CA 127 -16.82 29.08 42.63
CA GLU CA 127 -17.45 28.44 43.77
C GLU CA 127 -16.90 27.04 44.01
N PRO CA 128 -16.97 26.61 45.26
CA PRO CA 128 -16.90 25.17 45.57
C PRO CA 128 -18.22 24.50 45.21
N VAL CA 129 -18.14 23.50 44.34
CA VAL CA 129 -19.27 22.63 44.09
C VAL CA 129 -18.97 21.17 44.44
N ASP CA 130 -17.91 20.95 45.23
CA ASP CA 130 -17.66 19.66 45.85
C ASP CA 130 -18.01 19.66 47.33
N GLU CA 131 -18.53 20.78 47.85
CA GLU CA 131 -19.11 20.91 49.19
C GLU CA 131 -18.09 20.64 50.29
N GLN CA 132 -16.88 21.17 50.12
CA GLN CA 132 -15.86 21.15 51.17
C GLN CA 132 -15.44 22.59 51.44
N GLY CA 133 -16.22 23.28 52.27
CA GLY CA 133 -15.90 24.61 52.75
C GLY CA 133 -15.77 25.66 51.64
N PRO CA 134 -15.00 26.71 51.90
CA PRO CA 134 -14.60 27.62 50.84
C PRO CA 134 -13.33 27.12 50.16
N ILE CA 135 -12.89 27.89 49.17
CA ILE CA 135 -11.63 27.60 48.48
C ILE CA 135 -10.48 28.10 49.35
N ASP CA 136 -9.59 27.19 49.72
CA ASP CA 136 -8.44 27.52 50.57
C ASP CA 136 -7.36 28.13 49.71
N ALA CA 137 -7.59 29.38 49.30
CA ALA CA 137 -6.65 30.09 48.46
C ALA CA 137 -6.92 31.58 48.56
N ALA CA 138 -5.97 32.37 48.06
CA ALA CA 138 -6.06 33.82 48.06
C ALA CA 138 -5.54 34.33 46.72
N ASP CA 139 -5.40 35.66 46.64
CA ASP CA 139 -4.95 36.39 45.45
C ASP CA 139 -5.85 36.10 44.24
N ILE CA 140 -7.07 36.64 44.31
CA ILE CA 140 -8.01 36.48 43.20
C ILE CA 140 -7.50 37.23 41.98
N TRP CA 141 -7.78 36.67 40.81
CA TRP CA 141 -7.21 37.14 39.55
C TRP CA 141 -8.30 37.31 38.52
N SER CA 142 -8.11 38.31 37.65
CA SER CA 142 -9.04 38.54 36.55
C SER CA 142 -8.90 37.46 35.51
N ILE CA 143 -10.00 36.76 35.21
CA ILE CA 143 -9.94 35.65 34.28
C ILE CA 143 -10.05 36.08 32.82
N HIS CA 144 -10.26 37.36 32.56
CA HIS CA 144 -10.24 37.92 31.22
C HIS CA 144 -8.97 38.74 31.07
N ARG CA 145 -8.12 38.37 30.12
CA ARG CA 145 -6.90 39.10 29.88
C ARG CA 145 -6.54 39.05 28.40
N GLU CA 146 -5.42 39.68 28.06
CA GLU CA 146 -4.86 39.61 26.73
C GLU CA 146 -4.03 38.35 26.57
N ALA CA 147 -3.73 38.02 25.32
CA ALA CA 147 -2.89 36.86 25.05
C ALA CA 147 -1.45 37.17 25.40
N PRO CA 148 -0.65 36.15 25.70
CA PRO CA 148 0.80 36.36 25.82
C PRO CA 148 1.40 36.76 24.49
N GLU CA 149 2.37 37.67 24.54
CA GLU CA 149 2.80 38.41 23.36
C GLU CA 149 3.69 37.54 22.46
N PHE CA 150 4.12 38.15 21.35
CA PHE CA 150 4.92 37.44 20.39
C PHE CA 150 6.37 37.26 20.84
N THR CA 151 6.87 38.13 21.72
CA THR CA 151 8.27 38.06 22.10
C THR CA 151 8.56 36.89 23.02
N GLU CA 152 7.60 36.54 23.88
CA GLU CA 152 7.78 35.46 24.85
C GLU CA 152 7.20 34.14 24.35
N GLN CA 153 7.60 33.73 23.15
CA GLN CA 153 7.10 32.49 22.56
C GLN CA 153 8.20 31.44 22.53
N SER CA 154 7.82 30.19 22.82
CA SER CA 154 8.76 29.07 22.84
C SER CA 154 8.72 28.34 21.51
N THR CA 155 9.89 28.09 20.94
CA THR CA 155 10.03 27.30 19.73
C THR CA 155 10.74 25.97 19.93
N GLU CA 156 11.28 25.72 21.12
CA GLU CA 156 11.90 24.43 21.40
C GLU CA 156 10.83 23.37 21.61
N GLN CA 157 10.94 22.28 20.85
CA GLN CA 157 9.88 21.28 20.77
C GLN CA 157 10.42 19.95 21.29
N GLU CA 158 9.62 19.29 22.13
CA GLU CA 158 9.99 18.04 22.76
C GLU CA 158 8.86 17.04 22.54
N ILE CA 159 9.21 15.84 22.09
CA ILE CA 159 8.21 14.83 21.77
C ILE CA 159 7.60 14.31 23.07
N LEU CA 160 6.29 14.42 23.17
CA LEU CA 160 5.56 13.95 24.35
C LEU CA 160 5.10 12.52 24.09
N VAL CA 161 5.89 11.55 24.57
CA VAL CA 161 5.57 10.14 24.40
C VAL CA 161 4.41 9.80 25.33
N THR CA 162 3.30 9.35 24.74
CA THR CA 162 2.07 9.11 25.50
C THR CA 162 1.90 7.66 25.92
N GLY CA 163 1.88 6.75 24.97
CA GLY CA 163 1.64 5.36 25.32
C GLY CA 163 0.55 4.73 24.51
N ILE CA 164 0.13 5.40 23.45
CA ILE CA 164 -0.83 4.85 22.50
C ILE CA 164 -0.09 4.70 21.18
N LYS CA 165 -0.11 3.49 20.61
CA LYS CA 165 0.78 3.20 19.49
C LYS CA 165 0.41 3.95 18.22
N VAL CA 166 -0.79 4.51 18.12
CA VAL CA 166 -1.11 5.34 16.97
C VAL CA 166 -0.75 6.80 17.23
N VAL CA 167 -0.71 7.23 18.48
CA VAL CA 167 -0.28 8.58 18.78
C VAL CA 167 1.22 8.74 18.61
N ASP CA 168 2.01 7.93 19.33
CA ASP CA 168 3.43 8.20 19.44
C ASP CA 168 4.20 7.89 18.16
N LEU CA 169 3.63 7.12 17.25
CA LEU CA 169 4.26 6.89 15.95
C LEU CA 169 3.81 7.91 14.91
N LEU CA 170 2.49 8.06 14.74
CA LEU CA 170 1.95 8.80 13.61
C LEU CA 170 1.83 10.30 13.88
N ALA CA 171 1.13 10.68 14.95
CA ALA CA 171 0.90 12.08 15.29
C ALA CA 171 1.55 12.36 16.64
N PRO CA 172 2.87 12.58 16.68
CA PRO CA 172 3.56 12.72 17.96
C PRO CA 172 3.29 14.09 18.58
N TYR CA 173 2.85 14.07 19.83
CA TYR CA 173 2.46 15.30 20.51
C TYR CA 173 3.70 16.10 20.90
N GLN CA 174 3.50 17.36 21.26
CA GLN CA 174 4.58 18.26 21.63
C GLN CA 174 4.47 18.60 23.11
N ARG CA 175 5.59 18.53 23.82
CA ARG CA 175 5.62 18.96 25.21
C ARG CA 175 5.43 20.48 25.27
N GLY CA 176 4.40 20.90 26.00
CA GLY CA 176 4.03 22.30 26.04
C GLY CA 176 3.27 22.78 24.84
N GLY CA 177 2.96 21.90 23.90
CA GLY CA 177 2.25 22.25 22.69
C GLY CA 177 0.77 21.95 22.79
N LYS CA 178 0.14 21.79 21.64
CA LYS CA 178 -1.30 21.66 21.56
C LYS CA 178 -1.69 20.27 21.09
N ILE CA 179 -2.70 19.70 21.72
CA ILE CA 179 -3.20 18.37 21.42
C ILE CA 179 -4.69 18.50 21.15
N GLY CA 180 -5.10 18.19 19.93
CA GLY CA 180 -6.49 18.28 19.54
C GLY CA 180 -7.11 16.91 19.41
N LEU CA 181 -8.43 16.85 19.51
CA LEU CA 181 -9.15 15.58 19.41
C LEU CA 181 -10.52 15.88 18.81
N PHE CA 182 -10.69 15.52 17.53
CA PHE CA 182 -11.96 15.65 16.85
C PHE CA 182 -12.70 14.32 16.92
N GLY CA 183 -13.77 14.18 16.13
CA GLY CA 183 -14.50 12.93 16.09
C GLY CA 183 -15.97 13.07 16.46
N GLY CA 184 -16.80 12.13 16.03
CA GLY CA 184 -18.23 12.24 16.21
C GLY CA 184 -18.65 11.90 17.64
N ALA CA 185 -19.95 12.03 17.87
CA ALA CA 185 -20.53 11.74 19.18
C ALA CA 185 -20.81 10.25 19.27
N GLY CA 186 -19.89 9.52 19.89
CA GLY CA 186 -19.93 8.08 19.90
C GLY CA 186 -18.80 7.40 19.15
N VAL CA 187 -17.64 8.05 19.03
CA VAL CA 187 -16.49 7.45 18.40
C VAL CA 187 -15.39 7.17 19.43
N GLY CA 188 -15.43 7.82 20.59
CA GLY CA 188 -14.45 7.54 21.62
C GLY CA 188 -13.48 8.66 21.90
N LYS CA 189 -13.97 9.90 21.94
CA LYS CA 189 -13.10 11.03 22.23
C LYS CA 189 -12.77 11.10 23.73
N THR CA 190 -13.79 11.10 24.59
CA THR CA 190 -13.55 11.33 26.01
C THR CA 190 -12.85 10.15 26.67
N VAL CA 191 -13.01 8.94 26.13
CA VAL CA 191 -12.28 7.81 26.71
C VAL CA 191 -10.82 7.81 26.26
N LEU CA 192 -10.47 8.60 25.24
CA LEU CA 192 -9.06 8.88 24.98
C LEU CA 192 -8.50 9.86 25.99
N ILE CA 193 -9.33 10.82 26.45
CA ILE CA 193 -8.85 11.94 27.25
C ILE CA 193 -8.44 11.47 28.64
N MET CA 194 -9.31 10.69 29.29
CA MET CA 194 -8.94 10.12 30.58
C MET CA 194 -7.83 9.09 30.43
N GLU CA 195 -7.75 8.41 29.28
CA GLU CA 195 -6.60 7.57 28.99
C GLU CA 195 -5.33 8.39 28.84
N LEU CA 196 -5.44 9.61 28.30
CA LEU CA 196 -4.27 10.46 28.23
C LEU CA 196 -3.91 11.05 29.59
N ILE CA 197 -4.90 11.19 30.48
CA ILE CA 197 -4.60 11.60 31.85
C ILE CA 197 -3.80 10.53 32.57
N ASN CA 198 -4.24 9.27 32.43
CA ASN CA 198 -3.52 8.15 33.02
C ASN CA 198 -2.15 7.97 32.40
N ASN CA 199 -1.98 8.37 31.12
CA ASN CA 199 -0.67 8.31 30.48
C ASN CA 199 0.26 9.40 31.00
N VAL CA 200 -0.10 10.67 30.82
CA VAL CA 200 0.84 11.76 31.00
C VAL CA 200 0.57 12.56 32.27
N ALA CA 201 -0.70 12.68 32.69
CA ALA CA 201 -0.97 13.49 33.87
C ALA CA 201 -0.63 12.78 35.19
N LYS CA 202 -0.37 11.47 35.17
CA LYS CA 202 0.08 10.80 36.37
C LYS CA 202 1.61 10.74 36.46
N ALA CA 203 2.28 10.53 35.33
CA ALA CA 203 3.73 10.37 35.30
C ALA CA 203 4.47 11.68 35.10
N HIS CA 204 3.89 12.79 35.55
CA HIS CA 204 4.53 14.09 35.50
C HIS CA 204 4.90 14.61 36.88
N GLY CA 205 4.10 14.32 37.90
CA GLY CA 205 4.38 14.70 39.27
C GLY CA 205 3.90 16.08 39.66
N GLY CA 206 3.80 16.99 38.71
CA GLY CA 206 3.49 18.38 39.00
C GLY CA 206 2.01 18.61 39.17
N PHE CA 207 1.49 19.59 38.43
CA PHE CA 207 0.09 19.95 38.49
C PHE CA 207 -0.57 19.82 37.13
N SER CA 208 -1.88 19.62 37.14
CA SER CA 208 -2.69 19.58 35.94
C SER CA 208 -4.04 20.20 36.24
N VAL CA 209 -4.87 20.31 35.19
CA VAL CA 209 -6.18 20.91 35.32
C VAL CA 209 -7.14 20.27 34.32
N PHE CA 210 -8.28 19.79 34.81
CA PHE CA 210 -9.34 19.26 33.96
C PHE CA 210 -10.42 20.31 33.81
N ALA CA 211 -10.58 20.83 32.61
CA ALA CA 211 -11.48 21.94 32.32
C ALA CA 211 -12.72 21.40 31.63
N GLY CA 212 -13.74 21.08 32.42
CA GLY CA 212 -14.96 20.55 31.86
C GLY CA 212 -15.83 21.61 31.23
N VAL CA 213 -15.92 21.63 29.90
CA VAL CA 213 -16.71 22.61 29.18
C VAL CA 213 -17.86 21.89 28.50
N GLY CA 214 -19.00 21.81 29.17
CA GLY CA 214 -20.22 21.37 28.54
C GLY CA 214 -20.26 19.93 28.09
N GLU CA 215 -19.73 19.01 28.86
CA GLU CA 215 -19.89 17.60 28.61
C GLU CA 215 -20.94 17.03 29.56
N ARG CA 216 -21.14 15.73 29.50
CA ARG CA 216 -22.09 15.09 30.37
C ARG CA 216 -21.57 15.07 31.80
N THR CA 217 -22.50 15.10 32.76
CA THR CA 217 -22.13 14.87 34.13
C THR CA 217 -21.67 13.45 34.40
N ARG CA 218 -22.09 12.51 33.55
CA ARG CA 218 -21.71 11.10 33.72
C ARG CA 218 -20.21 10.92 33.54
N GLU CA 219 -19.65 11.47 32.47
CA GLU CA 219 -18.21 11.47 32.32
C GLU CA 219 -17.54 12.52 33.19
N GLY CA 220 -18.32 13.36 33.87
CA GLY CA 220 -17.74 14.22 34.88
C GLY CA 220 -17.66 13.56 36.24
N ASN CA 221 -18.76 12.95 36.68
CA ASN CA 221 -18.81 12.32 38.00
C ASN CA 221 -17.91 11.09 38.05
N ASP CA 222 -17.85 10.33 36.95
CA ASP CA 222 -17.01 9.14 36.92
C ASP CA 222 -15.53 9.50 36.97
N LEU CA 223 -15.15 10.65 36.42
CA LEU CA 223 -13.74 11.04 36.50
C LEU CA 223 -13.38 11.50 37.90
N TYR CA 224 -14.36 11.97 38.68
CA TYR CA 224 -14.07 12.32 40.07
C TYR CA 224 -13.77 11.09 40.91
N ARG CA 225 -14.48 9.98 40.66
CA ARG CA 225 -14.20 8.76 41.39
C ARG CA 225 -12.89 8.13 40.96
N GLU CA 226 -12.58 8.12 39.66
CA GLU CA 226 -11.36 7.49 39.19
C GLU CA 226 -10.16 8.41 39.24
N MET CA 227 -10.25 9.53 39.98
CA MET CA 227 -9.07 10.23 40.42
C MET CA 227 -8.91 10.29 41.93
N ILE CA 228 -9.96 10.00 42.69
CA ILE CA 228 -9.75 9.77 44.12
C ILE CA 228 -9.17 8.39 44.37
N GLU CA 229 -9.54 7.41 43.55
CA GLU CA 229 -9.01 6.06 43.74
C GLU CA 229 -7.62 5.94 43.16
N SER CA 230 -7.34 6.64 42.06
CA SER CA 230 -6.00 6.70 41.52
C SER CA 230 -5.12 7.70 42.25
N GLY CA 231 -5.69 8.46 43.18
CA GLY CA 231 -4.89 9.24 44.09
C GLY CA 231 -4.43 10.58 43.57
N VAL CA 232 -4.95 11.03 42.43
CA VAL CA 232 -4.61 12.36 41.94
C VAL CA 232 -5.24 13.42 42.82
N ILE CA 233 -6.52 13.27 43.15
CA ILE CA 233 -7.22 14.14 44.08
C ILE CA 233 -7.40 13.39 45.39
N LYS CA 234 -7.00 14.03 46.50
CA LYS CA 234 -7.05 13.43 47.82
C LYS CA 234 -8.04 14.16 48.71
N LEU CA 235 -8.52 13.46 49.73
CA LEU CA 235 -9.43 14.01 50.72
C LEU CA 235 -8.87 13.79 52.12
N GLY CA 236 -9.10 14.77 52.99
CA GLY CA 236 -8.58 14.72 54.36
C GLY CA 236 -7.76 15.96 54.67
N ALA CA 237 -6.57 15.73 55.21
CA ALA CA 237 -5.61 16.81 55.44
C ALA CA 237 -4.47 16.80 54.42
N GLU CA 238 -4.52 15.92 53.44
CA GLU CA 238 -3.53 15.88 52.37
C GLU CA 238 -4.02 16.57 51.10
N ARG CA 239 -4.76 17.67 51.25
CA ARG CA 239 -5.30 18.37 50.09
C ARG CA 239 -4.23 19.14 49.33
N GLY CA 240 -3.12 19.48 49.97
CA GLY CA 240 -2.07 20.26 49.36
C GLY CA 240 -1.04 19.53 48.54
N ASN CA 241 -1.05 18.19 48.53
CA ASN CA 241 -0.11 17.43 47.72
C ASN CA 241 -0.73 16.87 46.44
N SER CA 242 -1.98 17.21 46.17
CA SER CA 242 -2.69 16.68 45.00
C SER CA 242 -2.16 17.31 43.72
N LYS CA 243 -2.75 16.90 42.58
CA LYS CA 243 -2.19 17.25 41.28
C LYS CA 243 -3.16 17.92 40.33
N CYS CA 244 -4.41 18.16 40.73
CA CYS CA 244 -5.40 18.58 39.76
C CYS CA 244 -6.46 19.45 40.38
N THR CA 245 -6.95 20.40 39.59
CA THR CA 245 -8.20 21.11 39.84
C THR CA 245 -9.19 20.79 38.73
N LEU CA 246 -10.46 20.69 39.09
CA LEU CA 246 -11.50 20.37 38.14
C LEU CA 246 -12.40 21.58 37.97
N VAL CA 247 -12.42 22.14 36.78
CA VAL CA 247 -13.22 23.32 36.48
C VAL CA 247 -14.34 22.83 35.58
N TYR CA 248 -15.56 22.79 36.12
CA TYR CA 248 -16.65 22.05 35.49
C TYR CA 248 -17.78 22.99 35.11
N GLY CA 249 -18.05 23.05 33.81
CA GLY CA 249 -19.10 23.85 33.22
C GLY CA 249 -20.00 22.96 32.39
N GLN CA 250 -20.41 21.84 32.97
CA GLN CA 250 -21.15 20.79 32.27
C GLN CA 250 -22.49 21.22 31.69
N MET CA 251 -23.17 20.29 30.99
CA MET CA 251 -24.24 20.62 30.05
C MET CA 251 -25.46 21.25 30.68
N ASN CA 252 -25.63 21.13 32.00
CA ASN CA 252 -26.85 21.60 32.63
C ASN CA 252 -26.92 23.13 32.72
N GLU CA 253 -25.80 23.79 32.74
CA GLU CA 253 -25.79 25.23 32.96
C GLU CA 253 -26.25 25.98 31.72
N PRO CA 254 -26.80 27.19 31.87
CA PRO CA 254 -27.07 28.01 30.70
C PRO CA 254 -25.78 28.51 30.08
N PRO CA 255 -25.82 28.92 28.80
CA PRO CA 255 -24.57 29.17 28.08
C PRO CA 255 -23.73 30.36 28.51
N GLY CA 256 -24.04 31.01 29.61
CA GLY CA 256 -23.07 31.91 30.16
C GLY CA 256 -21.95 31.12 30.79
N ALA CA 257 -22.32 30.08 31.52
CA ALA CA 257 -21.34 29.28 32.24
C ALA CA 257 -20.59 28.35 31.30
N ARG CA 258 -21.27 27.81 30.29
CA ARG CA 258 -20.60 26.95 29.32
C ARG CA 258 -19.71 27.72 28.36
N ALA CA 259 -19.74 29.06 28.38
CA ALA CA 259 -18.90 29.84 27.51
C ALA CA 259 -17.68 30.42 28.19
N ARG CA 260 -17.60 30.36 29.51
CA ARG CA 260 -16.49 30.96 30.21
C ARG CA 260 -15.78 29.98 31.13
N VAL CA 261 -16.27 28.74 31.24
CA VAL CA 261 -15.55 27.72 32.00
C VAL CA 261 -14.26 27.36 31.27
N ALA CA 262 -14.23 27.53 29.95
CA ALA CA 262 -12.98 27.44 29.20
C ALA CA 262 -11.97 28.46 29.71
N LEU CA 263 -12.42 29.68 29.97
CA LEU CA 263 -11.48 30.69 30.46
C LEU CA 263 -11.17 30.52 31.94
N THR CA 264 -12.13 30.00 32.73
CA THR CA 264 -11.87 29.79 34.15
C THR CA 264 -10.88 28.65 34.35
N GLY CA 265 -11.01 27.59 33.54
CA GLY CA 265 -10.01 26.55 33.57
C GLY CA 265 -8.68 27.00 33.01
N LEU CA 266 -8.71 28.00 32.11
CA LEU CA 266 -7.48 28.44 31.49
C LEU CA 266 -6.63 29.27 32.42
N THR CA 267 -7.24 30.20 33.15
CA THR CA 267 -6.44 31.18 33.86
C THR CA 267 -5.79 30.60 35.11
N VAL CA 268 -6.39 29.57 35.71
CA VAL CA 268 -5.72 28.91 36.82
C VAL CA 268 -4.57 28.06 36.29
N ALA CA 269 -4.64 27.64 35.04
CA ALA CA 269 -3.48 27.02 34.42
C ALA CA 269 -2.43 28.07 34.09
N GLU CA 270 -2.85 29.26 33.66
CA GLU CA 270 -1.91 30.33 33.43
C GLU CA 270 -1.46 30.99 34.72
N TYR CA 271 -2.14 30.75 35.84
CA TYR CA 271 -1.62 31.19 37.13
C TYR CA 271 -0.46 30.30 37.58
N PHE CA 272 -0.60 28.99 37.41
CA PHE CA 272 0.48 28.08 37.79
C PHE CA 272 1.68 28.18 36.85
N ARG CA 273 1.48 28.70 35.64
CA ARG CA 273 2.61 28.85 34.74
C ARG CA 273 3.52 30.01 35.14
N ASP CA 274 2.96 31.22 35.24
CA ASP CA 274 3.82 32.39 35.40
C ASP CA 274 4.35 32.54 36.82
N ILE CA 275 3.50 32.31 37.82
CA ILE CA 275 3.92 32.48 39.20
C ILE CA 275 4.79 31.32 39.66
N GLU CA 276 4.39 30.09 39.36
CA GLU CA 276 5.09 28.94 39.93
C GLU CA 276 6.18 28.40 39.00
N GLY CA 277 5.95 28.42 37.68
CA GLY CA 277 6.92 27.90 36.74
C GLY CA 277 6.73 26.45 36.35
N GLN CA 278 5.85 25.72 37.03
CA GLN CA 278 5.64 24.32 36.75
C GLN CA 278 4.94 24.13 35.41
N ASP CA 279 5.17 22.97 34.80
CA ASP CA 279 4.41 22.59 33.62
C ASP CA 279 3.06 22.04 34.06
N VAL CA 280 1.99 22.60 33.52
CA VAL CA 280 0.63 22.20 33.87
C VAL CA 280 -0.06 21.69 32.61
N LEU CA 281 -0.76 20.57 32.75
CA LEU CA 281 -1.48 19.95 31.65
C LEU CA 281 -2.93 20.39 31.73
N LEU CA 282 -3.39 21.09 30.69
CA LEU CA 282 -4.78 21.51 30.59
C LEU CA 282 -5.56 20.45 29.81
N PHE CA 283 -6.47 19.78 30.50
CA PHE CA 283 -7.36 18.79 29.88
C PHE CA 283 -8.72 19.44 29.76
N VAL CA 284 -8.94 20.13 28.64
CA VAL CA 284 -10.22 20.74 28.36
C VAL CA 284 -11.02 19.77 27.50
N ASP CA 285 -12.31 19.64 27.80
CA ASP CA 285 -13.21 18.73 27.11
C ASP CA 285 -14.27 19.56 26.40
N ASN CA 286 -14.52 19.24 25.12
CA ASN CA 286 -15.55 19.85 24.28
C ASN CA 286 -15.33 21.36 24.11
N ILE CA 287 -14.24 21.70 23.41
CA ILE CA 287 -13.99 23.06 22.94
C ILE CA 287 -15.10 23.53 22.01
N PHE CA 288 -15.69 22.60 21.24
CA PHE CA 288 -16.87 22.90 20.44
C PHE CA 288 -18.04 23.38 21.28
N ARG CA 289 -18.17 22.88 22.51
CA ARG CA 289 -19.22 23.38 23.37
C ARG CA 289 -18.91 24.77 23.92
N PHE CA 290 -17.64 25.18 23.94
CA PHE CA 290 -17.34 26.57 24.22
C PHE CA 290 -17.83 27.46 23.08
N THR CA 291 -17.58 27.05 21.84
CA THR CA 291 -18.00 27.88 20.73
C THR CA 291 -19.51 27.80 20.50
N GLN CA 292 -20.15 26.71 20.92
CA GLN CA 292 -21.60 26.65 20.78
C GLN CA 292 -22.29 27.52 21.83
N ALA CA 293 -21.74 27.57 23.05
CA ALA CA 293 -22.33 28.37 24.11
C ALA CA 293 -22.26 29.85 23.81
N ASN CA 294 -21.22 30.29 23.11
CA ASN CA 294 -21.21 31.63 22.55
C ASN CA 294 -22.30 31.78 21.51
N SER CA 295 -22.43 30.79 20.62
CA SER CA 295 -23.34 30.91 19.49
C SER CA 295 -24.79 30.78 19.89
N GLU CA 296 -25.10 30.28 21.09
CA GLU CA 296 -26.50 30.15 21.47
C GLU CA 296 -27.11 31.50 21.82
N VAL CA 297 -26.31 32.46 22.29
CA VAL CA 297 -26.81 33.77 22.64
C VAL CA 297 -26.22 34.87 21.78
N SER CA 298 -25.33 34.53 20.85
CA SER CA 298 -24.72 35.55 19.99
C SER CA 298 -25.75 36.20 19.10
N ALA CA 299 -26.73 35.43 18.65
CA ALA CA 299 -27.87 36.04 17.98
C ALA CA 299 -28.74 36.82 18.95
N LEU CA 300 -28.78 36.40 20.21
CA LEU CA 300 -29.64 37.03 21.20
C LEU CA 300 -29.10 38.37 21.68
N LEU CA 301 -27.84 38.69 21.40
CA LEU CA 301 -27.29 40.00 21.74
C LEU CA 301 -27.46 41.01 20.63
N GLY CA 302 -28.21 40.67 19.58
CA GLY CA 302 -28.43 41.60 18.48
C GLY CA 302 -27.45 41.49 17.35
N ARG CA 303 -27.01 40.29 16.99
CA ARG CA 303 -26.10 40.09 15.88
C ARG CA 303 -26.72 39.17 14.85
N ILE CA 304 -26.47 39.46 13.58
CA ILE CA 304 -26.91 38.60 12.48
C ILE CA 304 -26.12 37.30 12.52
N PRO CA 305 -26.74 36.15 12.29
CA PRO CA 305 -25.98 34.90 12.22
C PRO CA 305 -25.01 34.90 11.05
N SER CA 306 -23.91 34.21 11.26
CA SER CA 306 -22.84 33.99 10.29
C SER CA 306 -23.21 32.90 9.31
N ALA CA 307 -22.18 32.27 8.72
CA ALA CA 307 -22.35 30.99 8.03
C ALA CA 307 -23.00 29.96 8.96
N VAL CA 308 -23.34 28.79 8.42
CA VAL CA 308 -24.67 28.14 8.44
C VAL CA 308 -25.67 28.51 9.56
N GLY CA 309 -25.24 29.14 10.64
CA GLY CA 309 -26.09 29.51 11.75
C GLY CA 309 -25.27 29.66 13.00
N TYR CA 310 -23.97 29.45 12.86
CA TYR CA 310 -23.01 29.71 13.92
C TYR CA 310 -22.74 31.20 14.04
N GLN CA 311 -21.93 31.57 15.01
CA GLN CA 311 -21.85 32.96 15.45
C GLN CA 311 -20.99 33.81 14.51
N PRO CA 312 -21.30 35.10 14.37
CA PRO CA 312 -20.50 35.96 13.50
C PRO CA 312 -19.11 36.24 14.03
N THR CA 313 -18.90 36.18 15.34
CA THR CA 313 -17.62 36.56 15.94
C THR CA 313 -16.84 35.35 16.44
N LEU CA 314 -16.90 34.22 15.72
CA LEU CA 314 -16.25 32.99 16.16
C LEU CA 314 -14.73 33.10 16.09
N ALA CA 315 -14.22 34.00 15.25
CA ALA CA 315 -12.77 34.07 15.05
C ALA CA 315 -12.07 34.64 16.27
N THR CA 316 -12.56 35.78 16.77
CA THR CA 316 -11.96 36.38 17.96
C THR CA 316 -12.43 35.67 19.22
N ASP CA 317 -13.50 34.88 19.13
CA ASP CA 317 -13.89 34.07 20.28
C ASP CA 317 -12.94 32.89 20.46
N LEU CA 318 -12.71 32.12 19.39
CA LEU CA 318 -11.83 30.97 19.52
C LEU CA 318 -10.36 31.34 19.42
N GLY CA 319 -10.02 32.30 18.55
CA GLY CA 319 -8.63 32.70 18.40
C GLY CA 319 -8.11 33.40 19.64
N GLY CA 320 -8.99 34.12 20.34
CA GLY CA 320 -8.62 34.66 21.64
C GLY CA 320 -8.49 33.58 22.69
N LEU CA 321 -9.24 32.49 22.53
CA LEU CA 321 -9.14 31.39 23.49
C LEU CA 321 -7.83 30.65 23.31
N GLN CA 322 -7.47 30.32 22.07
CA GLN CA 322 -6.40 29.37 21.80
C GLN CA 322 -5.02 29.95 22.08
N GLU CA 323 -4.74 31.18 21.63
CA GLU CA 323 -3.39 31.70 21.73
C GLU CA 323 -3.03 32.14 23.14
N ARG CA 324 -4.01 32.21 24.04
CA ARG CA 324 -3.65 32.28 25.45
C ARG CA 324 -3.09 30.96 25.94
N ILE CA 325 -3.40 29.85 25.27
CA ILE CA 325 -2.94 28.54 25.69
C ILE CA 325 -1.68 28.25 24.88
N THR CA 326 -0.53 28.66 25.42
CA THR CA 326 0.73 28.44 24.75
C THR CA 326 1.75 28.05 25.81
N THR CA 327 3.02 28.04 25.43
CA THR CA 327 4.12 27.84 26.37
C THR CA 327 5.12 28.96 26.15
N THR CA 328 5.47 29.66 27.21
CA THR CA 328 6.34 30.82 27.14
C THR CA 328 7.72 30.48 27.67
N THR CA 329 8.55 31.53 27.78
CA THR CA 329 9.86 31.36 28.40
C THR CA 329 9.74 31.04 29.89
N LYS CA 330 8.71 31.57 30.55
CA LYS CA 330 8.60 31.46 31.99
C LYS CA 330 8.18 30.06 32.44
N GLY CA 331 7.24 29.44 31.75
CA GLY CA 331 6.76 28.12 32.12
C GLY CA 331 6.29 27.33 30.91
N SER CA 332 5.40 26.38 31.15
CA SER CA 332 4.92 25.49 30.10
C SER CA 332 3.47 25.11 30.37
N ILE CA 333 2.63 25.23 29.35
CA ILE CA 333 1.26 24.72 29.39
C ILE CA 333 1.08 23.78 28.20
N THR CA 334 0.74 22.53 28.48
CA THR CA 334 0.53 21.51 27.45
C THR CA 334 -0.97 21.29 27.30
N SER CA 335 -1.56 21.94 26.32
CA SER CA 335 -3.02 21.91 26.18
C SER CA 335 -3.48 20.62 25.54
N VAL CA 336 -4.51 20.01 26.12
CA VAL CA 336 -5.15 18.82 25.56
C VAL CA 336 -6.59 19.18 25.28
N GLN CA 337 -6.96 19.19 24.01
CA GLN CA 337 -8.27 19.69 23.58
C GLN CA 337 -9.06 18.56 22.96
N ALA CA 338 -10.27 18.34 23.47
CA ALA CA 338 -11.23 17.45 22.84
C ALA CA 338 -12.31 18.30 22.19
N VAL CA 339 -12.72 17.94 20.98
CA VAL CA 339 -13.74 18.67 20.24
C VAL CA 339 -14.75 17.67 19.69
N TYR CA 340 -16.02 17.85 20.02
CA TYR CA 340 -17.08 17.12 19.37
C TYR CA 340 -17.33 17.74 17.99
N VAL CA 341 -17.27 16.94 16.94
CA VAL CA 341 -17.61 17.43 15.60
C VAL CA 341 -18.97 16.82 15.24
N PRO CA 342 -19.88 17.55 14.62
CA PRO CA 342 -21.20 16.99 14.29
C PRO CA 342 -21.16 16.12 13.03
N ALA CA 343 -21.39 14.82 13.22
CA ALA CA 343 -21.63 13.85 12.14
C ALA CA 343 -20.46 13.72 11.18
N ASP CA 344 -19.23 13.84 11.72
CA ASP CA 344 -17.97 13.58 11.03
C ASP CA 344 -17.78 14.49 9.80
N ASP CA 345 -18.36 15.67 9.83
CA ASP CA 345 -18.27 16.62 8.73
C ASP CA 345 -17.36 17.77 9.15
N LEU CA 346 -16.21 17.86 8.52
CA LEU CA 346 -15.23 18.89 8.86
C LEU CA 346 -15.38 20.15 8.00
N THR CA 347 -16.53 20.34 7.37
CA THR CA 347 -16.77 21.55 6.60
C THR CA 347 -17.51 22.62 7.38
N ASP CA 348 -18.06 22.28 8.54
CA ASP CA 348 -18.70 23.27 9.39
C ASP CA 348 -17.65 24.23 9.93
N PRO CA 349 -17.90 25.55 9.91
CA PRO CA 349 -16.84 26.50 10.27
C PRO CA 349 -16.50 26.54 11.75
N ALA CA 350 -17.30 25.93 12.61
CA ALA CA 350 -16.96 25.96 14.02
C ALA CA 350 -15.82 25.00 14.39
N PRO CA 351 -15.70 23.80 13.79
CA PRO CA 351 -14.40 23.12 13.88
C PRO CA 351 -13.41 23.48 12.78
N ALA CA 352 -13.85 24.11 11.69
CA ALA CA 352 -12.90 24.43 10.62
C ALA CA 352 -12.05 25.66 10.94
N THR CA 353 -12.34 26.36 12.02
CA THR CA 353 -11.41 27.35 12.56
C THR CA 353 -10.41 26.70 13.53
N THR CA 354 -10.74 25.51 14.04
CA THR CA 354 -9.93 24.88 15.06
C THR CA 354 -8.72 24.16 14.45
N PHE CA 355 -8.82 23.78 13.17
CA PHE CA 355 -7.74 23.06 12.50
C PHE CA 355 -6.50 23.92 12.28
N ALA CA 356 -6.68 25.24 12.18
CA ALA CA 356 -5.52 26.12 12.17
C ALA CA 356 -4.90 26.27 13.55
N HIS CA 357 -5.65 25.90 14.59
CA HIS CA 357 -5.31 26.26 15.97
C HIS CA 357 -4.75 25.09 16.76
N LEU CA 358 -4.41 23.98 16.11
CA LEU CA 358 -3.96 22.78 16.79
C LEU CA 358 -2.76 22.20 16.05
N ASP CA 359 -1.63 22.11 16.75
CA ASP CA 359 -0.45 21.49 16.16
C ASP CA 359 -0.67 20.00 15.96
N ALA CA 360 -0.90 19.28 17.04
CA ALA CA 360 -1.11 17.84 16.98
C ALA CA 360 -2.60 17.54 17.05
N THR CA 361 -3.08 16.77 16.07
CA THR CA 361 -4.51 16.55 15.87
C THR CA 361 -4.73 15.05 15.76
N THR CA 362 -5.61 14.52 16.61
CA THR CA 362 -5.94 13.10 16.62
C THR CA 362 -7.38 12.98 16.14
N VAL CA 363 -7.55 12.90 14.82
CA VAL CA 363 -8.88 12.91 14.21
C VAL CA 363 -9.47 11.51 14.31
N LEU CA 364 -10.60 11.40 14.99
CA LEU CA 364 -11.25 10.10 15.17
C LEU CA 364 -12.27 9.83 14.09
N SER CA 365 -12.08 8.72 13.37
CA SER CA 365 -13.02 8.28 12.35
C SER CA 365 -13.98 7.27 12.96
N ARG CA 366 -15.26 7.42 12.63
CA ARG CA 366 -16.22 6.41 13.05
C ARG CA 366 -16.09 5.12 12.24
N SER CA 367 -15.46 5.19 11.06
CA SER CA 367 -15.30 4.00 10.22
C SER CA 367 -14.39 2.97 10.89
N ILE CA 368 -13.25 3.42 11.42
CA ILE CA 368 -12.33 2.54 12.10
C ILE CA 368 -12.94 1.98 13.38
N ALA CA 369 -13.88 2.72 13.99
CA ALA CA 369 -14.65 2.17 15.10
C ALA CA 369 -15.73 1.23 14.61
N GLU CA 370 -16.27 1.47 13.42
CA GLU CA 370 -17.20 0.51 12.83
C GLU CA 370 -16.49 -0.76 12.38
N LEU CA 371 -15.18 -0.71 12.19
CA LEU CA 371 -14.35 -1.90 12.06
C LEU CA 371 -14.08 -2.58 13.39
N GLY CA 372 -14.48 -1.97 14.51
CA GLY CA 372 -14.19 -2.54 15.81
C GLY CA 372 -12.77 -2.31 16.29
N ILE CA 373 -12.11 -1.28 15.79
CA ILE CA 373 -10.71 -1.00 16.14
C ILE CA 373 -10.68 0.19 17.08
N TYR CA 374 -10.08 0.00 18.25
CA TYR CA 374 -9.98 1.04 19.27
C TYR CA 374 -8.52 1.17 19.70
N PRO CA 375 -7.91 2.36 19.60
CA PRO CA 375 -8.47 3.65 19.21
C PRO CA 375 -8.69 3.80 17.70
N ALA CA 376 -9.77 4.47 17.33
CA ALA CA 376 -10.18 4.59 15.93
C ALA CA 376 -9.59 5.86 15.32
N VAL CA 377 -8.27 5.95 15.43
CA VAL CA 377 -7.54 7.15 15.02
C VAL CA 377 -7.20 7.02 13.55
N ASP CA 378 -7.53 8.06 12.79
CA ASP CA 378 -7.31 8.03 11.36
C ASP CA 378 -5.83 8.08 11.04
N PRO CA 379 -5.33 7.16 10.19
CA PRO CA 379 -3.93 7.25 9.78
C PRO CA 379 -3.66 8.37 8.81
N LEU CA 380 -4.70 8.90 8.18
CA LEU CA 380 -4.56 9.96 7.19
C LEU CA 380 -4.97 11.32 7.74
N ASP CA 381 -6.11 11.39 8.43
CA ASP CA 381 -6.62 12.68 8.87
C ASP CA 381 -5.85 13.21 10.08
N SER CA 382 -5.32 12.33 10.92
CA SER CA 382 -4.62 12.73 12.13
C SER CA 382 -3.13 12.86 11.85
N THR CA 383 -2.64 14.10 11.83
CA THR CA 383 -1.24 14.36 11.53
C THR CA 383 -0.77 15.53 12.38
N SER CA 384 0.39 15.37 13.03
CA SER CA 384 0.92 16.37 13.93
C SER CA 384 1.97 17.23 13.26
N ARG CA 385 2.57 18.12 14.05
CA ARG CA 385 3.61 19.02 13.57
C ARG CA 385 5.01 18.57 13.94
N MET CA 386 5.15 17.65 14.90
CA MET CA 386 6.46 17.12 15.22
C MET CA 386 7.00 16.19 14.13
N LEU CA 387 6.12 15.69 13.26
CA LEU CA 387 6.48 14.69 12.27
C LEU CA 387 7.32 15.31 11.15
N ASN CA 388 8.63 15.25 11.33
CA ASN CA 388 9.59 15.84 10.40
C ASN CA 388 10.93 15.20 10.74
N PRO CA 389 11.75 14.80 9.77
CA PRO CA 389 13.05 14.20 10.14
C PRO CA 389 14.05 15.20 10.67
N ASN CA 390 13.80 16.50 10.49
CA ASN CA 390 14.69 17.54 10.99
C ASN CA 390 14.57 17.75 12.49
N VAL CA 391 13.68 17.05 13.18
CA VAL CA 391 13.59 17.19 14.63
C VAL CA 391 13.74 15.85 15.35
N ILE CA 392 12.92 14.86 14.99
CA ILE CA 392 12.92 13.61 15.74
C ILE CA 392 14.06 12.70 15.31
N GLY CA 393 14.30 12.58 14.02
CA GLY CA 393 15.21 11.57 13.51
C GLY CA 393 14.58 10.83 12.36
N ALA CA 394 15.42 10.31 11.45
CA ALA CA 394 14.89 9.71 10.23
C ALA CA 394 14.25 8.35 10.51
N GLU CA 395 14.59 7.72 11.64
CA GLU CA 395 14.03 6.40 11.93
C GLU CA 395 12.58 6.49 12.38
N HIS CA 396 12.18 7.65 12.90
CA HIS CA 396 10.78 7.83 13.28
C HIS CA 396 9.95 8.32 12.11
N TYR CA 397 10.53 9.19 11.28
CA TYR CA 397 9.76 9.84 10.22
C TYR CA 397 9.52 8.89 9.03
N ASN CA 398 10.44 7.96 8.79
CA ASN CA 398 10.34 7.12 7.59
C ASN CA 398 9.32 6.00 7.75
N VAL CA 399 9.21 5.42 8.94
CA VAL CA 399 8.23 4.37 9.15
C VAL CA 399 6.82 4.94 9.20
N ALA CA 400 6.65 6.13 9.79
CA ALA CA 400 5.34 6.77 9.82
C ALA CA 400 4.93 7.23 8.42
N ARG CA 401 5.89 7.69 7.61
CA ARG CA 401 5.61 7.90 6.20
C ARG CA 401 5.42 6.57 5.49
N GLY CA 402 6.17 5.54 5.88
CA GLY CA 402 5.94 4.22 5.33
C GLY CA 402 4.59 3.64 5.75
N VAL CA 403 4.08 4.07 6.89
CA VAL CA 403 2.69 3.78 7.27
C VAL CA 403 1.73 4.52 6.36
N GLN CA 404 2.08 5.74 5.96
CA GLN CA 404 1.17 6.54 5.16
C GLN CA 404 1.10 6.06 3.72
N LYS CA 405 2.16 5.43 3.20
CA LYS CA 405 2.09 4.86 1.86
C LYS CA 405 1.22 3.60 1.84
N VAL CA 406 1.40 2.72 2.83
CA VAL CA 406 0.70 1.43 2.80
C VAL CA 406 -0.76 1.60 3.22
N LEU CA 407 -1.10 2.69 3.91
CA LEU CA 407 -2.48 2.90 4.31
C LEU CA 407 -3.27 3.79 3.37
N GLN CA 408 -2.60 4.65 2.59
CA GLN CA 408 -3.34 5.38 1.58
C GLN CA 408 -3.71 4.46 0.42
N ASP CA 409 -2.75 3.66 -0.04
CA ASP CA 409 -3.03 2.70 -1.11
C ASP CA 409 -3.99 1.61 -0.67
N TYR CA 410 -4.06 1.31 0.63
CA TYR CA 410 -5.07 0.36 1.11
C TYR CA 410 -6.47 0.97 1.00
N LYS CA 411 -6.57 2.29 1.15
CA LYS CA 411 -7.86 2.95 0.95
C LYS CA 411 -8.19 3.06 -0.53
N ASN CA 412 -7.19 3.31 -1.38
CA ASN CA 412 -7.42 3.38 -2.80
C ASN CA 412 -7.60 2.01 -3.45
N LEU CA 413 -7.34 0.93 -2.71
CA LEU CA 413 -7.56 -0.41 -3.22
C LEU CA 413 -8.78 -1.09 -2.62
N GLN CA 414 -9.21 -0.70 -1.42
CA GLN CA 414 -10.38 -1.34 -0.85
C GLN CA 414 -11.69 -0.87 -1.50
N ASP CA 415 -11.64 0.16 -2.34
CA ASP CA 415 -12.74 0.39 -3.26
C ASP CA 415 -12.76 -0.68 -4.35
N ILE CA 416 -11.59 -0.95 -4.95
CA ILE CA 416 -11.54 -1.88 -6.08
C ILE CA 416 -11.47 -3.34 -5.66
N ILE CA 417 -11.30 -3.62 -4.37
CA ILE CA 417 -11.31 -5.01 -3.92
C ILE CA 417 -12.73 -5.57 -3.94
N ALA CA 418 -13.74 -4.70 -3.99
CA ALA CA 418 -15.13 -5.14 -4.06
C ALA CA 418 -15.60 -5.38 -5.49
N ILE CA 419 -14.73 -5.21 -6.48
CA ILE CA 419 -15.10 -5.45 -7.87
C ILE CA 419 -14.25 -6.60 -8.41
N LEU CA 420 -13.11 -6.83 -7.78
CA LEU CA 420 -12.16 -7.84 -8.23
C LEU CA 420 -11.99 -9.00 -7.25
N GLY CA 421 -11.89 -8.71 -5.96
CA GLY CA 421 -11.69 -9.74 -4.97
C GLY CA 421 -10.25 -10.09 -4.68
N MET CA 422 -9.29 -9.32 -5.21
CA MET CA 422 -7.84 -9.48 -5.01
C MET CA 422 -7.37 -10.85 -5.47
N ASP CA 423 -7.45 -11.06 -6.78
CA ASP CA 423 -7.04 -12.33 -7.38
C ASP CA 423 -6.26 -12.20 -8.68
N GLU CA 424 -6.11 -11.01 -9.24
CA GLU CA 424 -5.41 -10.83 -10.51
C GLU CA 424 -4.21 -9.88 -10.41
N LEU CA 425 -3.89 -9.42 -9.22
CA LEU CA 425 -2.86 -8.40 -9.01
C LEU CA 425 -1.43 -8.88 -9.25
N SER CA 426 -1.17 -10.13 -9.69
CA SER CA 426 0.15 -10.66 -10.07
C SER CA 426 1.18 -10.61 -8.94
N GLU CA 427 0.72 -10.63 -7.69
CA GLU CA 427 1.51 -10.87 -6.48
C GLU CA 427 2.56 -9.79 -6.22
N GLU CA 428 2.34 -8.57 -6.68
CA GLU CA 428 3.11 -7.43 -6.20
C GLU CA 428 2.26 -6.42 -5.43
N ASP CA 429 0.94 -6.45 -5.63
CA ASP CA 429 0.01 -5.61 -4.90
C ASP CA 429 -0.76 -6.42 -3.86
N LYS CA 430 -0.33 -7.65 -3.61
CA LYS CA 430 -0.86 -8.50 -2.55
C LYS CA 430 0.04 -8.52 -1.33
N LEU CA 431 1.07 -7.69 -1.33
CA LEU CA 431 2.01 -7.53 -0.22
C LEU CA 431 1.71 -6.28 0.60
N THR CA 432 1.56 -5.14 -0.07
CA THR CA 432 1.11 -3.90 0.56
C THR CA 432 -0.38 -3.89 0.89
N VAL CA 433 -1.08 -5.02 0.74
CA VAL CA 433 -2.46 -5.18 1.20
C VAL CA 433 -2.52 -6.08 2.43
N ALA CA 434 -1.82 -7.20 2.38
CA ALA CA 434 -1.87 -8.17 3.48
C ALA CA 434 -1.23 -7.62 4.74
N ARG CA 435 -0.15 -6.85 4.58
CA ARG CA 435 0.41 -6.13 5.72
C ARG CA 435 -0.50 -4.97 6.13
N ALA CA 436 -1.20 -4.37 5.16
CA ALA CA 436 -2.05 -3.24 5.46
C ALA CA 436 -3.31 -3.68 6.19
N ARG CA 437 -3.78 -4.89 5.94
CA ARG CA 437 -4.85 -5.44 6.74
C ARG CA 437 -4.39 -5.76 8.16
N LYS CA 438 -3.08 -5.94 8.36
CA LYS CA 438 -2.55 -6.15 9.71
C LYS CA 438 -2.32 -4.83 10.44
N ILE CA 439 -1.86 -3.81 9.73
CA ILE CA 439 -1.42 -2.60 10.40
C ILE CA 439 -2.59 -1.77 10.92
N GLN CA 440 -3.78 -1.94 10.35
CA GLN CA 440 -4.97 -1.30 10.90
C GLN CA 440 -5.37 -1.94 12.23
N ARG CA 441 -4.96 -3.18 12.46
CA ARG CA 441 -5.13 -3.78 13.77
C ARG CA 441 -4.02 -3.36 14.72
N PHE CA 442 -2.84 -3.04 14.20
CA PHE CA 442 -1.70 -2.69 15.05
C PHE CA 442 -1.74 -1.24 15.51
N LEU CA 443 -2.79 -0.50 15.22
CA LEU CA 443 -3.04 0.75 15.93
C LEU CA 443 -3.82 0.54 17.21
N SER CA 444 -4.33 -0.67 17.44
CA SER CA 444 -5.22 -0.90 18.57
C SER CA 444 -4.42 -1.13 19.84
N GLN CA 445 -5.05 -0.83 20.96
CA GLN CA 445 -4.46 -1.01 22.28
C GLN CA 445 -5.57 -1.11 23.32
N PRO CA 446 -5.51 -2.08 24.21
CA PRO CA 446 -6.40 -2.04 25.38
C PRO CA 446 -6.04 -0.87 26.27
N PHE CA 447 -7.06 -0.20 26.79
CA PHE CA 447 -6.85 0.98 27.62
C PHE CA 447 -7.05 0.63 29.09
N GLN CA 448 -6.28 1.31 29.94
CA GLN CA 448 -6.41 1.14 31.39
C GLN CA 448 -7.73 1.66 31.91
N VAL CA 449 -8.20 2.79 31.38
CA VAL CA 449 -9.50 3.32 31.79
C VAL CA 449 -10.66 2.59 31.14
N ALA CA 450 -10.39 1.81 30.09
CA ALA CA 450 -11.44 1.11 29.39
C ALA CA 450 -11.54 -0.36 29.77
N GLU CA 451 -10.62 -0.87 30.59
CA GLU CA 451 -10.65 -2.29 30.93
C GLU CA 451 -11.73 -2.62 31.94
N VAL CA 452 -12.47 -1.62 32.43
CA VAL CA 452 -13.67 -1.86 33.22
C VAL CA 452 -14.80 -2.39 32.33
N PHE CA 453 -14.71 -2.21 31.02
CA PHE CA 453 -15.75 -2.71 30.13
C PHE CA 453 -15.21 -3.41 28.88
N THR CA 454 -13.92 -3.68 28.82
CA THR CA 454 -13.43 -4.52 27.73
C THR CA 454 -12.72 -5.76 28.21
N GLY CA 455 -12.26 -5.79 29.47
CA GLY CA 455 -11.73 -6.97 30.10
C GLY CA 455 -10.22 -7.13 29.94
N THR CA 456 -9.69 -6.81 28.76
CA THR CA 456 -8.27 -7.00 28.50
C THR CA 456 -7.45 -5.90 29.17
N PRO CA 457 -6.31 -6.26 29.78
CA PRO CA 457 -5.55 -5.27 30.54
C PRO CA 457 -4.79 -4.31 29.63
N GLY CA 458 -4.70 -3.06 30.10
CA GLY CA 458 -4.12 -2.00 29.31
C GLY CA 458 -2.59 -2.02 29.31
N LYS CA 459 -2.01 -1.33 28.35
CA LYS CA 459 -0.58 -1.26 28.17
C LYS CA 459 -0.10 0.19 28.20
N TYR CA 460 1.07 0.40 28.78
CA TYR CA 460 1.76 1.67 28.71
C TYR CA 460 2.97 1.47 27.80
N VAL CA 461 2.80 1.76 26.53
CA VAL CA 461 3.74 1.40 25.48
C VAL CA 461 4.77 2.51 25.34
N ASP CA 462 6.04 2.13 25.19
CA ASP CA 462 7.11 3.09 24.99
C ASP CA 462 7.27 3.37 23.50
N LEU CA 463 8.30 4.14 23.16
CA LEU CA 463 8.40 4.67 21.80
C LEU CA 463 9.26 3.81 20.89
N ALA CA 464 10.55 3.66 21.21
CA ALA CA 464 11.48 3.01 20.30
C ALA CA 464 11.30 1.50 20.24
N ASP CA 465 10.56 0.91 21.18
CA ASP CA 465 10.25 -0.51 21.13
C ASP CA 465 9.25 -0.86 20.05
N THR CA 466 8.29 0.01 19.77
CA THR CA 466 7.27 -0.26 18.76
C THR CA 466 7.53 0.42 17.43
N ILE CA 467 8.43 1.42 17.36
CA ILE CA 467 8.78 2.01 16.07
C ILE CA 467 9.40 0.97 15.15
N SER CA 468 10.42 0.26 15.65
CA SER CA 468 10.93 -0.91 14.94
C SER CA 468 9.89 -2.02 14.88
N GLY CA 469 8.99 -2.07 15.86
CA GLY CA 469 7.88 -3.01 15.78
C GLY CA 469 6.89 -2.65 14.69
N PHE CA 470 6.58 -1.37 14.55
CA PHE CA 470 5.81 -0.91 13.40
C PHE CA 470 6.60 -1.11 12.11
N GLN CA 471 7.93 -0.95 12.19
CA GLN CA 471 8.78 -1.08 11.01
C GLN CA 471 8.85 -2.52 10.52
N GLY CA 472 8.72 -3.48 11.44
CA GLY CA 472 8.83 -4.88 11.06
C GLY CA 472 7.67 -5.35 10.20
N VAL CA 473 6.44 -5.06 10.64
CA VAL CA 473 5.26 -5.47 9.89
C VAL CA 473 5.10 -4.68 8.60
N LEU CA 474 5.77 -3.55 8.47
CA LEU CA 474 5.83 -2.90 7.17
C LEU CA 474 6.84 -3.60 6.26
N THR CA 475 7.90 -4.17 6.84
CA THR CA 475 8.99 -4.68 6.03
C THR CA 475 8.72 -6.11 5.55
N GLY CA 476 8.01 -6.91 6.34
CA GLY CA 476 7.78 -8.30 6.01
C GLY CA 476 8.37 -9.30 6.98
N LYS CA 477 8.93 -8.83 8.10
CA LYS CA 477 9.42 -9.73 9.13
C LYS CA 477 8.28 -10.45 9.83
N TYR CA 478 7.08 -9.90 9.79
CA TYR CA 478 5.91 -10.47 10.45
C TYR CA 478 4.79 -10.67 9.46
N ASP CA 479 5.16 -11.06 8.23
CA ASP CA 479 4.21 -11.56 7.25
C ASP CA 479 3.68 -12.94 7.61
N ASP CA 480 4.40 -13.67 8.46
CA ASP CA 480 4.06 -15.05 8.81
C ASP CA 480 2.79 -15.16 9.66
N LEU CA 481 2.30 -14.07 10.21
CA LEU CA 481 1.25 -14.15 11.23
C LEU CA 481 -0.14 -14.06 10.61
N PRO CA 482 -1.18 -14.54 11.33
CA PRO CA 482 -2.56 -14.33 10.87
C PRO CA 482 -3.05 -12.90 11.07
N GLU CA 483 -4.35 -12.70 10.83
CA GLU CA 483 -4.93 -11.36 10.79
C GLU CA 483 -5.01 -10.74 12.20
N MET CA 484 -5.80 -11.34 13.07
CA MET CA 484 -6.24 -10.67 14.29
C MET CA 484 -5.29 -10.85 15.45
N ALA CA 485 -4.08 -11.38 15.22
CA ALA CA 485 -3.08 -11.41 16.28
C ALA CA 485 -2.52 -10.03 16.57
N PHE CA 486 -2.70 -9.09 15.66
CA PHE CA 486 -2.25 -7.71 15.82
C PHE CA 486 -3.23 -6.86 16.59
N TYR CA 487 -4.41 -7.38 16.92
CA TYR CA 487 -5.51 -6.58 17.45
C TYR CA 487 -5.42 -6.53 18.97
N MET CA 488 -5.38 -5.29 19.51
CA MET CA 488 -5.33 -4.99 20.94
C MET CA 488 -4.10 -5.60 21.61
N VAL CA 489 -2.93 -5.24 21.08
CA VAL CA 489 -1.66 -5.73 21.57
C VAL CA 489 -0.77 -4.53 21.90
N GLY CA 490 0.45 -4.82 22.34
CA GLY CA 490 1.42 -3.80 22.67
C GLY CA 490 2.67 -3.84 21.80
N ASP CA 491 3.76 -4.33 22.38
CA ASP CA 491 5.07 -4.35 21.74
C ASP CA 491 5.12 -5.50 20.73
N ILE CA 492 6.30 -5.74 20.17
CA ILE CA 492 6.47 -6.82 19.20
C ILE CA 492 6.52 -8.18 19.88
N LYS CA 493 6.64 -8.21 21.21
CA LYS CA 493 6.56 -9.47 21.94
C LYS CA 493 5.13 -9.97 22.04
N GLU CA 494 4.16 -9.08 22.18
CA GLU CA 494 2.78 -9.51 22.39
C GLU CA 494 2.09 -9.89 21.09
N VAL CA 495 2.60 -9.41 19.94
CA VAL CA 495 1.97 -9.80 18.69
C VAL CA 495 2.39 -11.21 18.31
N LYS CA 496 3.63 -11.61 18.60
CA LYS CA 496 4.05 -12.98 18.36
C LYS CA 496 3.43 -13.94 19.37
N GLU CA 497 3.04 -13.44 20.53
CA GLU CA 497 2.42 -14.27 21.55
C GLU CA 497 0.89 -14.27 21.49
N LYS CA 498 0.29 -13.38 20.70
CA LYS CA 498 -1.13 -13.55 20.41
C LYS CA 498 -1.34 -14.65 19.38
N ALA CA 499 -0.38 -14.82 18.46
CA ALA CA 499 -0.48 -15.87 17.46
C ALA CA 499 -0.22 -17.24 18.07
N ASP CA 500 0.69 -17.30 19.05
CA ASP CA 500 1.01 -18.60 19.70
C ASP CA 500 -0.25 -19.12 20.39
N LYS CA 501 -0.94 -18.24 21.12
CA LYS CA 501 -2.22 -18.62 21.78
C LYS CA 501 -3.26 -18.92 20.70
N MET CA 502 -3.30 -18.08 19.67
CA MET CA 502 -4.25 -18.24 18.54
C MET CA 502 -3.95 -19.54 17.78
N ALA CA 503 -2.67 -19.83 17.54
CA ALA CA 503 -2.27 -21.06 16.83
C ALA CA 503 -2.70 -22.29 17.65
N LYS CA 504 -2.49 -22.23 18.97
CA LYS CA 504 -2.87 -23.34 19.88
C LYS CA 504 -4.40 -23.51 19.87
N ASP CA 505 -5.13 -22.39 19.84
CA ASP CA 505 -6.59 -22.43 19.85
C ASP CA 505 -7.16 -22.97 18.55
N ILE CA 506 -6.37 -23.01 17.48
CA ILE CA 506 -6.83 -23.74 16.31
C ILE CA 506 -6.54 -25.23 16.47
N ALA CA 507 -5.59 -25.58 17.35
CA ALA CA 507 -5.40 -26.98 17.72
C ALA CA 507 -6.32 -27.37 18.88
N SER CA 508 -6.78 -26.40 19.66
CA SER CA 508 -7.77 -26.66 20.70
C SER CA 508 -9.15 -26.79 20.07
N ARG CA 509 -10.11 -27.24 20.88
CA ARG CA 509 -11.49 -27.53 20.46
C ARG CA 509 -11.52 -28.51 19.29
N LYS CA 510 -10.72 -29.57 19.38
CA LYS CA 510 -10.65 -30.62 18.37
C LYS CA 510 -11.31 -31.92 18.83
N GLU CA 511 -12.16 -31.88 19.84
CA GLU CA 511 -12.77 -33.05 20.41
C GLU CA 511 -14.28 -32.85 20.57
N ALA CA 512 -15.05 -33.93 20.42
CA ALA CA 512 -16.50 -33.85 20.60
C ALA CA 512 -17.13 -35.07 21.27
N ASP CA 513 -16.36 -36.01 21.81
CA ASP CA 513 -16.94 -37.32 22.14
C ASP CA 513 -17.63 -37.39 23.50
N ASN CA 514 -16.86 -37.36 24.59
CA ASN CA 514 -17.39 -37.69 25.91
C ASN CA 514 -16.44 -37.09 26.95
N LYS CA 515 -16.57 -37.52 28.20
CA LYS CA 515 -15.76 -37.09 29.34
C LYS CA 515 -15.81 -35.57 29.51
N LYS CA 516 -17.02 -35.04 29.36
CA LYS CA 516 -17.26 -33.62 29.21
C LYS CA 516 -17.92 -33.06 30.47
N VAL CA 517 -18.21 -31.75 30.44
CA VAL CA 517 -18.84 -31.08 31.56
C VAL CA 517 -20.30 -31.50 31.67
N SER CA 518 -20.90 -31.90 30.54
CA SER CA 518 -22.33 -32.17 30.42
C SER CA 518 -22.81 -33.38 31.21
N GLU CA 519 -21.92 -34.31 31.59
CA GLU CA 519 -22.35 -35.45 32.36
C GLU CA 519 -22.53 -35.07 33.83
N GLU CA 520 -23.29 -35.90 34.55
CA GLU CA 520 -23.59 -35.66 35.96
C GLU CA 520 -22.73 -36.50 36.90
N LEU CA 521 -21.68 -37.12 36.39
CA LEU CA 521 -20.93 -38.09 37.19
C LEU CA 521 -19.94 -37.43 38.15
N LYS CA 522 -19.38 -36.28 37.78
CA LYS CA 522 -18.22 -35.76 38.49
C LYS CA 522 -18.58 -34.88 39.69
N ASP CA 523 -19.25 -33.75 39.44
CA ASP CA 523 -19.57 -32.84 40.54
C ASP CA 523 -20.97 -32.25 40.46
N ILE CA 524 -21.77 -32.62 39.47
CA ILE CA 524 -22.92 -31.83 39.04
C ILE CA 524 -24.13 -32.26 39.85
N PRO CA 525 -24.75 -31.37 40.64
CA PRO CA 525 -25.96 -31.75 41.38
C PRO CA 525 -27.17 -31.83 40.46
N SER CA 526 -28.29 -32.26 41.02
CA SER CA 526 -29.53 -32.29 40.27
C SER CA 526 -30.06 -30.86 40.08
N LEU CA 527 -31.04 -30.74 39.19
CA LEU CA 527 -31.52 -29.42 38.80
C LEU CA 527 -32.37 -28.76 39.89
N ASP CA 528 -33.01 -29.56 40.73
CA ASP CA 528 -33.80 -28.99 41.82
C ASP CA 528 -32.97 -28.67 43.06
N LYS CA 529 -31.82 -29.33 43.23
CA LYS CA 529 -30.99 -29.07 44.40
C LYS CA 529 -30.18 -27.79 44.26
N LEU CA 530 -30.15 -27.18 43.07
CA LEU CA 530 -29.73 -25.79 42.99
C LEU CA 530 -30.73 -24.88 43.68
N VAL CA 531 -32.02 -25.22 43.62
CA VAL CA 531 -33.08 -24.30 43.99
C VAL CA 531 -33.23 -24.24 45.51
N SER CA 532 -32.73 -25.23 46.24
CA SER CA 532 -32.87 -25.22 47.70
C SER CA 532 -31.83 -24.35 48.40
N GLU CA 533 -31.02 -23.59 47.66
CA GLU CA 533 -30.08 -22.64 48.24
C GLU CA 533 -30.47 -21.19 47.94
N ILE CA 534 -31.68 -20.97 47.39
CA ILE CA 534 -32.12 -19.63 47.05
C ILE CA 534 -32.47 -18.87 48.33
N LYS CA 535 -32.17 -17.57 48.33
CA LYS CA 535 -32.50 -16.72 49.47
C LYS CA 535 -33.93 -16.23 49.36
N GLU CA 536 -34.62 -16.19 50.50
CA GLU CA 536 -36.03 -15.84 50.53
C GLU CA 536 -36.22 -14.35 50.27
N VAL CA 537 -36.83 -14.02 49.14
CA VAL CA 537 -37.06 -12.64 48.73
C VAL CA 537 -38.49 -12.27 49.07
N VAL CA 538 -38.65 -11.18 49.82
CA VAL CA 538 -39.96 -10.76 50.35
C VAL CA 538 -40.62 -9.83 49.35
N ILE CA 539 -41.93 -10.02 49.16
CA ILE CA 539 -42.75 -9.12 48.35
C ILE CA 539 -43.94 -8.67 49.21
N GLU CA 540 -44.16 -7.35 49.25
CA GLU CA 540 -45.03 -6.73 50.23
C GLU CA 540 -46.19 -5.95 49.62
N GLU CA 541 -46.18 -5.71 48.31
CA GLU CA 541 -47.26 -5.23 47.45
C GLU CA 541 -47.70 -3.78 47.69
N ASP CA 542 -47.17 -3.09 48.70
CA ASP CA 542 -47.55 -1.70 48.94
C ASP CA 542 -46.41 -0.72 48.70
N ASP CA 543 -45.19 -1.24 48.49
CA ASP CA 543 -44.08 -0.61 47.77
C ASP CA 543 -43.38 0.53 48.51
N GLY CA 544 -43.89 0.93 49.66
CA GLY CA 544 -43.28 1.98 50.47
C GLY CA 544 -43.25 3.35 49.84
N LEU CA 545 -44.42 3.98 49.69
CA LEU CA 545 -44.52 5.27 49.04
C LEU CA 545 -45.17 6.36 49.90
N GLU CA 546 -45.59 6.06 51.12
CA GLU CA 546 -46.29 7.00 51.98
C GLU CA 546 -45.60 7.17 53.32
N GLU CA 547 -44.27 7.28 53.31
CA GLU CA 547 -43.48 7.30 54.53
C GLU CA 547 -42.95 8.69 54.90
N ASP CA 548 -42.44 9.45 53.93
CA ASP CA 548 -42.06 10.84 54.17
C ASP CA 548 -42.75 11.84 53.26
N PHE CA 549 -43.55 11.37 52.29
CA PHE CA 549 -44.20 12.27 51.35
C PHE CA 549 -45.32 13.04 52.04
N LYS CA 550 -45.18 14.37 52.08
CA LYS CA 550 -46.16 15.23 52.73
C LYS CA 550 -47.32 15.41 51.76
N ALA CA 551 -48.27 14.48 51.80
CA ALA CA 551 -49.38 14.46 50.85
C ALA CA 551 -50.36 15.59 51.17
N GLU CA 552 -50.00 16.78 50.74
CA GLU CA 552 -50.78 17.97 51.02
C GLU CA 552 -51.95 18.07 50.05
N ALA CA 553 -52.69 19.17 50.17
CA ALA CA 553 -53.77 19.49 49.24
C ALA CA 553 -53.39 20.69 48.38
N LEU CA 554 -53.86 20.66 47.14
CA LEU CA 554 -53.65 21.73 46.19
C LEU CA 554 -54.94 22.49 45.97
N SER CA 555 -54.81 23.74 45.54
CA SER CA 555 -55.97 24.60 45.38
C SER CA 555 -56.78 24.20 44.14
N SER CA 556 -58.09 24.09 44.31
CA SER CA 556 -58.97 23.84 43.18
C SER CA 556 -59.10 25.09 42.32
N GLU CA 557 -59.08 26.27 42.93
CA GLU CA 557 -59.12 27.52 42.21
C GLU CA 557 -57.73 28.15 42.18
N THR CA 558 -57.36 28.69 41.01
CA THR CA 558 -56.06 29.31 40.82
C THR CA 558 -55.91 30.54 41.69
N VAL CA 559 -54.77 30.65 42.37
CA VAL CA 559 -54.51 31.75 43.28
C VAL CA 559 -53.75 32.85 42.54
N VAL CA 560 -54.22 34.08 42.69
CA VAL CA 560 -53.63 35.23 41.99
C VAL CA 560 -53.21 36.28 43.00
N LEU CA 561 -52.70 37.41 42.52
CA LEU CA 561 -52.38 38.53 43.37
C LEU CA 561 -53.28 39.71 42.99
N ASN CA 562 -53.37 40.67 43.91
CA ASN CA 562 -54.09 41.90 43.60
C ASN CA 562 -53.08 42.99 43.24
N GLU CA 563 -53.57 44.21 43.01
CA GLU CA 563 -52.70 45.32 42.67
C GLU CA 563 -51.90 45.81 43.86
N GLU CA 564 -52.37 45.54 45.07
CA GLU CA 564 -51.62 45.82 46.29
C GLU CA 564 -50.65 44.71 46.64
N GLY CA 565 -50.73 43.57 45.96
CA GLY CA 565 -49.73 42.53 46.06
C GLY CA 565 -50.13 41.33 46.88
N LYS CA 566 -51.22 41.40 47.63
CA LYS CA 566 -51.61 40.31 48.51
C LYS CA 566 -52.28 39.20 47.72
N SER CA 567 -52.30 38.00 48.31
CA SER CA 567 -52.83 36.84 47.63
C SER CA 567 -54.34 36.81 47.73
N VAL CA 568 -55.01 36.69 46.58
CA VAL CA 568 -56.46 36.57 46.51
C VAL CA 568 -56.80 35.45 45.54
N PRO CA 569 -58.03 34.94 45.59
CA PRO CA 569 -58.55 34.16 44.46
C PRO CA 569 -58.89 35.07 43.28
N LEU CA 570 -59.28 34.45 42.19
CA LEU CA 570 -59.50 35.18 40.95
C LEU CA 570 -60.80 35.98 41.02
N PRO CA 571 -60.76 37.29 40.73
CA PRO CA 571 -62.01 38.06 40.63
C PRO CA 571 -62.80 37.63 39.41
N LYS CA 572 -64.01 37.13 39.66
CA LYS CA 572 -64.82 36.46 38.65
C LYS CA 572 -65.40 37.51 37.70
N LYS CA 573 -64.61 37.81 36.66
CA LYS CA 573 -65.06 38.63 35.53
C LYS CA 573 -64.10 38.42 34.38
N ASN CA 574 -64.63 38.39 33.16
CA ASN CA 574 -63.81 38.44 31.96
C ASN CA 574 -63.37 39.89 31.71
N ASP DA 36 -30.12 73.85 -4.73
CA ASP DA 36 -29.36 73.87 -5.98
C ASP DA 36 -28.53 72.59 -6.11
N ALA DA 37 -27.50 72.48 -5.29
CA ALA DA 37 -26.66 71.29 -5.25
C ALA DA 37 -26.95 70.49 -3.98
N GLY DA 38 -26.20 69.40 -3.79
CA GLY DA 38 -26.47 68.49 -2.68
C GLY DA 38 -25.34 68.28 -1.71
N TYR DA 39 -25.41 67.21 -0.92
CA TYR DA 39 -24.37 66.88 0.04
C TYR DA 39 -24.41 65.39 0.34
N VAL DA 40 -23.27 64.87 0.78
CA VAL DA 40 -23.13 63.45 1.11
C VAL DA 40 -23.54 63.24 2.56
N SER DA 41 -24.43 62.27 2.79
CA SER DA 41 -24.93 62.00 4.11
C SER DA 41 -24.42 60.69 4.69
N GLN DA 42 -24.63 59.58 3.99
CA GLN DA 42 -24.09 58.31 4.45
C GLN DA 42 -23.17 57.71 3.40
N VAL DA 43 -22.03 57.19 3.85
CA VAL DA 43 -21.15 56.40 3.00
C VAL DA 43 -21.02 55.03 3.64
N ILE DA 44 -21.53 54.01 2.97
CA ILE DA 44 -21.42 52.63 3.40
C ILE DA 44 -20.75 51.88 2.26
N GLY DA 45 -19.42 51.77 2.30
CA GLY DA 45 -18.68 51.07 1.28
C GLY DA 45 -18.77 51.76 -0.06
N PRO DA 46 -19.26 51.05 -1.08
CA PRO DA 46 -19.48 51.68 -2.39
C PRO DA 46 -20.74 52.50 -2.46
N VAL DA 47 -21.65 52.37 -1.51
CA VAL DA 47 -22.94 53.06 -1.55
C VAL DA 47 -22.80 54.38 -0.80
N VAL DA 48 -23.10 55.48 -1.49
CA VAL DA 48 -22.96 56.83 -0.95
C VAL DA 48 -24.33 57.49 -0.96
N ASP DA 49 -24.87 57.75 0.22
CA ASP DA 49 -26.24 58.24 0.34
C ASP DA 49 -26.22 59.76 0.29
N VAL DA 50 -26.49 60.29 -0.89
CA VAL DA 50 -26.56 61.73 -1.10
C VAL DA 50 -27.94 62.22 -0.71
N ARG DA 51 -28.01 63.27 0.09
CA ARG DA 51 -29.26 63.90 0.47
C ARG DA 51 -29.27 65.31 -0.12
N PHE DA 52 -30.15 65.54 -1.09
CA PHE DA 52 -30.23 66.82 -1.75
C PHE DA 52 -31.12 67.77 -0.95
N ASP DA 53 -31.18 69.02 -1.42
CA ASP DA 53 -32.04 70.03 -0.85
C ASP DA 53 -33.21 70.38 -1.75
N GLY DA 54 -32.95 70.68 -3.02
CA GLY DA 54 -34.00 71.13 -3.91
C GLY DA 54 -34.73 69.98 -4.55
N GLU DA 55 -34.85 70.00 -5.87
CA GLU DA 55 -35.48 68.91 -6.59
C GLU DA 55 -34.52 67.73 -6.69
N LEU DA 56 -35.06 66.55 -6.57
CA LEU DA 56 -34.20 65.38 -6.65
C LEU DA 56 -34.03 64.96 -8.10
N PRO DA 57 -32.86 64.45 -8.47
CA PRO DA 57 -32.65 64.00 -9.85
C PRO DA 57 -33.31 62.66 -10.10
N SER DA 58 -33.52 62.38 -11.39
CA SER DA 58 -34.16 61.14 -11.80
C SER DA 58 -33.23 59.97 -11.53
N ILE DA 59 -33.83 58.77 -11.48
CA ILE DA 59 -33.06 57.55 -11.23
C ILE DA 59 -32.14 57.29 -12.41
N LEU DA 60 -31.01 56.64 -12.12
CA LEU DA 60 -29.98 56.23 -13.09
C LEU DA 60 -29.36 57.44 -13.77
N SER DA 61 -29.28 58.55 -13.04
CA SER DA 61 -28.62 59.77 -13.46
C SER DA 61 -27.27 59.90 -12.77
N SER DA 62 -26.40 60.68 -13.40
CA SER DA 62 -25.03 60.83 -12.93
C SER DA 62 -24.91 61.99 -11.95
N LEU DA 63 -24.07 61.79 -10.93
CA LEU DA 63 -23.69 62.85 -10.01
C LEU DA 63 -22.19 62.84 -9.86
N GLU DA 64 -21.55 63.97 -10.17
CA GLU DA 64 -20.13 64.11 -9.88
C GLU DA 64 -19.93 64.36 -8.39
N VAL DA 65 -18.67 64.52 -7.99
CA VAL DA 65 -18.33 64.98 -6.65
C VAL DA 65 -17.46 66.23 -6.77
N GLU DA 66 -17.90 67.30 -6.12
CA GLU DA 66 -17.16 68.56 -6.10
C GLU DA 66 -16.04 68.41 -5.06
N GLY DA 67 -14.89 67.93 -5.53
CA GLY DA 67 -13.72 67.80 -4.68
C GLY DA 67 -13.36 66.38 -4.30
N HIS DA 68 -12.41 65.82 -5.04
CA HIS DA 68 -11.85 64.49 -4.81
C HIS DA 68 -10.58 64.38 -5.64
N SER DA 69 -9.69 63.48 -5.24
CA SER DA 69 -8.43 63.31 -5.95
C SER DA 69 -8.65 62.72 -7.33
N VAL DA 70 -9.63 61.82 -7.47
CA VAL DA 70 -10.00 61.25 -8.75
C VAL DA 70 -11.43 61.69 -9.04
N ARG DA 71 -11.79 61.66 -10.32
CA ARG DA 71 -13.17 61.96 -10.70
C ARG DA 71 -14.05 60.81 -10.29
N LEU DA 72 -14.53 60.83 -9.05
CA LEU DA 72 -15.45 59.82 -8.56
C LEU DA 72 -16.86 60.24 -8.94
N VAL DA 73 -17.55 59.39 -9.67
CA VAL DA 73 -18.91 59.68 -10.09
C VAL DA 73 -19.82 58.67 -9.40
N LEU DA 74 -21.08 59.03 -9.25
CA LEU DA 74 -22.05 58.17 -8.62
C LEU DA 74 -23.17 57.85 -9.60
N GLU DA 75 -24.14 57.05 -9.15
CA GLU DA 75 -25.31 56.76 -9.95
C GLU DA 75 -26.49 56.45 -9.04
N VAL DA 76 -27.55 57.25 -9.16
CA VAL DA 76 -28.69 57.20 -8.24
C VAL DA 76 -29.55 55.96 -8.55
N ALA DA 77 -29.77 55.14 -7.54
CA ALA DA 77 -30.47 53.88 -7.72
C ALA DA 77 -31.86 53.87 -7.10
N GLN DA 78 -32.02 54.42 -5.90
CA GLN DA 78 -33.35 54.52 -5.32
C GLN DA 78 -33.42 55.75 -4.43
N HIS DA 79 -34.60 56.31 -4.30
CA HIS DA 79 -34.81 57.49 -3.47
C HIS DA 79 -35.19 56.99 -2.09
N MET DA 80 -34.42 57.37 -1.07
CA MET DA 80 -34.67 56.88 0.28
C MET DA 80 -35.95 57.44 0.88
N GLY DA 81 -36.39 58.60 0.42
CA GLY DA 81 -37.45 59.33 1.11
C GLY DA 81 -36.85 60.49 1.88
N ASP DA 82 -37.59 61.60 1.94
CA ASP DA 82 -37.17 62.86 2.58
C ASP DA 82 -35.86 63.38 1.96
N ASN DA 83 -35.96 63.67 0.66
CA ASN DA 83 -34.95 64.39 -0.11
C ASN DA 83 -33.62 63.65 -0.15
N THR DA 84 -33.67 62.34 -0.28
CA THR DA 84 -32.50 61.50 -0.12
C THR DA 84 -32.44 60.46 -1.23
N VAL DA 85 -31.33 60.42 -1.94
CA VAL DA 85 -31.13 59.43 -2.98
C VAL DA 85 -30.00 58.50 -2.59
N ARG DA 86 -30.03 57.30 -3.15
CA ARG DA 86 -29.05 56.27 -2.86
C ARG DA 86 -28.21 56.05 -4.10
N CYS DA 87 -26.90 56.01 -3.93
CA CYS DA 87 -26.01 55.92 -5.07
C CYS DA 87 -25.18 54.66 -5.02
N ILE DA 88 -24.63 54.33 -6.17
CA ILE DA 88 -23.57 53.34 -6.29
C ILE DA 88 -22.40 54.05 -6.93
N ALA DA 89 -21.21 53.84 -6.39
CA ALA DA 89 -20.04 54.50 -6.93
C ALA DA 89 -19.63 53.87 -8.26
N MET DA 90 -18.63 54.49 -8.88
CA MET DA 90 -17.97 53.93 -10.04
C MET DA 90 -16.46 53.87 -9.90
N ASP DA 91 -15.90 54.49 -8.86
CA ASP DA 91 -14.50 54.37 -8.51
C ASP DA 91 -14.42 54.29 -7.00
N SER DA 92 -13.22 54.45 -6.45
CA SER DA 92 -13.02 54.25 -5.02
C SER DA 92 -13.69 55.36 -4.21
N THR DA 93 -14.21 54.98 -3.05
CA THR DA 93 -15.01 55.87 -2.23
C THR DA 93 -14.31 56.37 -0.97
N ASP DA 94 -13.17 55.78 -0.62
CA ASP DA 94 -12.50 56.11 0.63
C ASP DA 94 -12.00 57.55 0.61
N GLY DA 95 -12.23 58.26 1.69
CA GLY DA 95 -11.90 59.67 1.74
C GLY DA 95 -13.03 60.60 1.37
N LEU DA 96 -14.27 60.13 1.38
CA LEU DA 96 -15.42 61.01 1.20
C LEU DA 96 -15.87 61.52 2.55
N VAL DA 97 -16.22 62.80 2.60
CA VAL DA 97 -16.56 63.49 3.84
C VAL DA 97 -18.06 63.77 3.83
N ARG DA 98 -18.73 63.49 4.95
CA ARG DA 98 -20.15 63.77 5.05
C ARG DA 98 -20.40 65.27 5.04
N GLY DA 99 -20.83 65.80 3.90
CA GLY DA 99 -21.01 67.23 3.74
C GLY DA 99 -20.35 67.76 2.49
N GLN DA 100 -19.70 66.88 1.73
CA GLN DA 100 -19.12 67.29 0.45
C GLN DA 100 -20.22 67.58 -0.56
N LYS DA 101 -20.10 68.71 -1.23
CA LYS DA 101 -21.10 69.09 -2.22
C LYS DA 101 -20.98 68.20 -3.45
N VAL DA 102 -22.12 67.85 -4.03
CA VAL DA 102 -22.18 66.98 -5.20
C VAL DA 102 -23.10 67.62 -6.23
N VAL DA 103 -22.55 67.97 -7.36
CA VAL DA 103 -23.31 68.60 -8.43
C VAL DA 103 -23.80 67.52 -9.38
N ASP DA 104 -25.06 67.63 -9.79
CA ASP DA 104 -25.71 66.64 -10.64
C ASP DA 104 -25.58 67.00 -12.10
N THR DA 105 -25.41 66.00 -12.95
CA THR DA 105 -25.36 66.21 -14.39
C THR DA 105 -26.74 66.54 -14.94
N GLY DA 106 -27.80 66.13 -14.25
CA GLY DA 106 -29.13 66.29 -14.78
C GLY DA 106 -29.44 65.34 -15.91
N SER DA 107 -28.70 64.25 -16.00
CA SER DA 107 -28.81 63.28 -17.08
C SER DA 107 -28.17 62.00 -16.62
N PRO DA 108 -28.38 60.89 -17.33
CA PRO DA 108 -27.56 59.71 -17.07
C PRO DA 108 -26.11 59.88 -17.47
N ILE DA 109 -25.30 58.85 -17.21
CA ILE DA 109 -23.87 58.92 -17.47
C ILE DA 109 -23.61 58.96 -18.97
N LYS DA 110 -22.79 59.91 -19.40
CA LYS DA 110 -22.52 60.10 -20.81
C LYS DA 110 -21.13 59.60 -21.15
N VAL DA 111 -20.98 59.05 -22.35
CA VAL DA 111 -19.69 58.56 -22.83
C VAL DA 111 -19.39 59.18 -24.19
N PRO DA 112 -18.12 59.45 -24.49
CA PRO DA 112 -17.76 59.92 -25.83
C PRO DA 112 -17.98 58.82 -26.87
N VAL DA 113 -18.62 59.19 -27.97
CA VAL DA 113 -18.85 58.28 -29.08
C VAL DA 113 -18.26 58.90 -30.34
N GLY DA 114 -18.13 58.07 -31.38
CA GLY DA 114 -17.60 58.48 -32.65
C GLY DA 114 -16.48 57.57 -33.11
N ARG DA 115 -16.03 57.83 -34.35
CA ARG DA 115 -14.89 57.11 -34.87
C ARG DA 115 -13.58 57.56 -34.24
N GLY DA 116 -13.59 58.69 -33.53
CA GLY DA 116 -12.46 59.05 -32.71
C GLY DA 116 -12.27 58.12 -31.52
N THR DA 117 -13.34 57.44 -31.11
CA THR DA 117 -13.21 56.43 -30.07
C THR DA 117 -12.56 55.17 -30.58
N LEU DA 118 -12.46 54.99 -31.90
CA LEU DA 118 -11.89 53.78 -32.47
C LEU DA 118 -10.40 53.77 -32.19
N GLY DA 119 -10.01 52.98 -31.20
CA GLY DA 119 -8.64 52.91 -30.75
C GLY DA 119 -8.44 53.19 -29.27
N ARG DA 120 -9.42 53.69 -28.54
CA ARG DA 120 -9.19 54.09 -27.17
C ARG DA 120 -9.63 53.00 -26.21
N ILE DA 121 -9.15 53.10 -24.98
CA ILE DA 121 -9.49 52.16 -23.92
C ILE DA 121 -10.23 52.95 -22.84
N MET DA 122 -11.53 52.71 -22.72
CA MET DA 122 -12.34 53.51 -21.81
C MET DA 122 -12.71 52.70 -20.58
N ASN DA 123 -12.85 53.40 -19.46
CA ASN DA 123 -13.50 52.84 -18.29
C ASN DA 123 -15.00 53.08 -18.36
N VAL DA 124 -15.69 52.91 -17.24
CA VAL DA 124 -17.15 52.85 -17.20
C VAL DA 124 -17.82 54.19 -17.46
N ILE DA 125 -17.06 55.27 -17.53
CA ILE DA 125 -17.65 56.59 -17.62
C ILE DA 125 -16.99 57.36 -18.75
N GLY DA 126 -15.94 56.80 -19.34
CA GLY DA 126 -15.46 57.27 -20.61
C GLY DA 126 -14.18 58.09 -20.59
N GLU DA 127 -13.39 58.02 -19.55
CA GLU DA 127 -12.07 58.64 -19.67
C GLU DA 127 -11.14 57.67 -20.38
N PRO DA 128 -10.40 58.11 -21.40
CA PRO DA 128 -9.41 57.23 -22.03
C PRO DA 128 -8.26 56.93 -21.09
N VAL DA 129 -8.11 55.67 -20.72
CA VAL DA 129 -7.04 55.25 -19.84
C VAL DA 129 -5.81 54.79 -20.65
N ASP DA 130 -5.87 54.94 -21.97
CA ASP DA 130 -4.75 54.54 -22.83
C ASP DA 130 -3.60 55.52 -22.77
N GLU DA 131 -3.85 56.71 -22.24
CA GLU DA 131 -2.84 57.75 -22.01
C GLU DA 131 -2.16 58.17 -23.33
N GLN DA 132 -3.00 58.44 -24.33
CA GLN DA 132 -2.57 58.98 -25.60
C GLN DA 132 -3.28 60.30 -25.89
N GLY DA 133 -4.15 60.74 -24.98
CA GLY DA 133 -4.82 62.01 -25.12
C GLY DA 133 -6.32 61.90 -25.01
N PRO DA 134 -7.03 62.99 -25.24
CA PRO DA 134 -8.50 62.97 -25.21
C PRO DA 134 -9.04 62.33 -26.49
N ILE DA 135 -10.37 62.30 -26.59
CA ILE DA 135 -11.05 61.54 -27.64
C ILE DA 135 -11.88 62.49 -28.48
N ASP DA 136 -11.88 62.27 -29.80
CA ASP DA 136 -12.72 63.00 -30.75
C ASP DA 136 -14.17 62.59 -30.59
N ALA DA 137 -14.84 63.13 -29.56
CA ALA DA 137 -16.22 62.78 -29.25
C ALA DA 137 -17.15 63.37 -30.27
N ALA DA 138 -17.77 62.51 -31.09
CA ALA DA 138 -18.73 63.00 -32.08
C ALA DA 138 -19.99 63.54 -31.41
N ASP DA 139 -20.51 62.81 -30.43
CA ASP DA 139 -21.68 63.23 -29.68
C ASP DA 139 -21.44 62.93 -28.22
N ILE DA 140 -22.51 62.98 -27.43
CA ILE DA 140 -22.51 62.62 -26.03
C ILE DA 140 -23.84 61.94 -25.71
N TRP DA 141 -23.78 60.69 -25.28
CA TRP DA 141 -24.96 59.84 -25.19
C TRP DA 141 -25.05 59.18 -23.82
N SER DA 142 -26.27 59.14 -23.27
CA SER DA 142 -26.52 58.44 -22.03
C SER DA 142 -26.33 56.94 -22.22
N ILE DA 143 -25.67 56.28 -21.27
CA ILE DA 143 -25.50 54.84 -21.42
C ILE DA 143 -26.77 54.08 -21.12
N HIS DA 144 -27.69 54.66 -20.35
CA HIS DA 144 -28.97 54.03 -20.09
C HIS DA 144 -29.97 54.52 -21.12
N ARG DA 145 -30.70 53.60 -21.72
CA ARG DA 145 -31.70 53.93 -22.71
C ARG DA 145 -32.74 52.82 -22.73
N GLU DA 146 -33.96 53.20 -23.08
CA GLU DA 146 -35.02 52.23 -23.32
C GLU DA 146 -34.67 51.38 -24.53
N ALA DA 147 -35.22 50.16 -24.56
CA ALA DA 147 -34.90 49.19 -25.59
C ALA DA 147 -35.35 49.64 -26.97
N PRO DA 148 -34.71 49.15 -28.02
CA PRO DA 148 -35.25 49.32 -29.37
C PRO DA 148 -36.64 48.70 -29.49
N GLU DA 149 -37.52 49.43 -30.17
CA GLU DA 149 -38.94 49.16 -30.09
C GLU DA 149 -39.33 47.99 -30.98
N PHE DA 150 -40.60 47.58 -30.82
CA PHE DA 150 -41.14 46.50 -31.62
C PHE DA 150 -41.36 46.91 -33.05
N THR DA 151 -41.53 48.20 -33.30
CA THR DA 151 -41.85 48.67 -34.65
C THR DA 151 -40.66 48.58 -35.59
N GLU DA 152 -39.45 48.74 -35.06
CA GLU DA 152 -38.27 48.84 -35.91
C GLU DA 152 -37.49 47.54 -36.04
N GLN DA 153 -38.00 46.43 -35.51
CA GLN DA 153 -37.28 45.16 -35.60
C GLN DA 153 -37.32 44.60 -37.01
N SER DA 154 -36.15 44.33 -37.58
CA SER DA 154 -36.03 43.70 -38.90
C SER DA 154 -36.06 42.20 -38.72
N THR DA 155 -37.14 41.57 -39.18
CA THR DA 155 -37.34 40.14 -39.01
C THR DA 155 -36.89 39.35 -40.24
N GLU DA 156 -35.87 39.83 -40.93
CA GLU DA 156 -35.37 39.08 -42.08
C GLU DA 156 -34.57 37.85 -41.64
N GLN DA 157 -33.94 37.93 -40.46
CA GLN DA 157 -33.32 36.80 -39.77
C GLN DA 157 -32.19 36.18 -40.60
N GLU DA 158 -31.28 37.04 -41.03
CA GLU DA 158 -30.24 36.60 -41.95
C GLU DA 158 -29.15 35.84 -41.20
N ILE DA 159 -28.13 35.43 -41.94
CA ILE DA 159 -26.98 34.73 -41.40
C ILE DA 159 -25.76 35.61 -41.63
N LEU DA 160 -25.16 36.08 -40.55
CA LEU DA 160 -24.05 37.02 -40.68
C LEU DA 160 -22.80 36.27 -41.12
N VAL DA 161 -22.25 36.68 -42.26
CA VAL DA 161 -21.10 36.01 -42.85
C VAL DA 161 -19.85 36.47 -42.10
N THR DA 162 -19.31 35.60 -41.25
CA THR DA 162 -18.10 35.93 -40.52
C THR DA 162 -16.84 35.45 -41.23
N GLY DA 163 -16.98 34.55 -42.21
CA GLY DA 163 -15.84 34.10 -42.98
C GLY DA 163 -15.03 32.99 -42.37
N ILE DA 164 -15.22 32.70 -41.09
CA ILE DA 164 -14.61 31.51 -40.50
C ILE DA 164 -15.31 30.29 -41.10
N LYS DA 165 -14.54 29.24 -41.36
CA LYS DA 165 -15.09 28.06 -42.01
C LYS DA 165 -16.07 27.34 -41.10
N VAL DA 166 -15.62 26.99 -39.89
CA VAL DA 166 -16.46 26.25 -38.95
C VAL DA 166 -17.62 27.09 -38.46
N VAL DA 167 -17.48 28.41 -38.46
CA VAL DA 167 -18.54 29.25 -37.93
C VAL DA 167 -19.67 29.37 -38.94
N ASP DA 168 -19.35 29.72 -40.18
CA ASP DA 168 -20.41 29.89 -41.17
C ASP DA 168 -20.98 28.56 -41.67
N LEU DA 169 -20.36 27.44 -41.32
CA LEU DA 169 -20.91 26.12 -41.63
C LEU DA 169 -21.70 25.53 -40.46
N LEU DA 170 -21.04 25.36 -39.32
CA LEU DA 170 -21.56 24.53 -38.24
C LEU DA 170 -22.40 25.32 -37.24
N ALA DA 171 -21.85 26.40 -36.69
CA ALA DA 171 -22.56 27.22 -35.71
C ALA DA 171 -22.70 28.63 -36.27
N PRO DA 172 -23.71 28.89 -37.11
CA PRO DA 172 -23.79 30.19 -37.77
C PRO DA 172 -24.16 31.31 -36.81
N TYR DA 173 -23.60 32.48 -37.08
CA TYR DA 173 -23.76 33.63 -36.20
C TYR DA 173 -24.92 34.46 -36.71
N GLN DA 174 -26.01 34.49 -35.96
CA GLN DA 174 -27.19 35.23 -36.38
C GLN DA 174 -26.94 36.72 -36.35
N ARG DA 175 -27.26 37.40 -37.44
CA ARG DA 175 -27.05 38.84 -37.51
C ARG DA 175 -28.04 39.55 -36.61
N GLY DA 176 -27.51 40.34 -35.68
CA GLY DA 176 -28.30 40.99 -34.67
C GLY DA 176 -28.41 40.22 -33.38
N GLY DA 177 -28.20 38.90 -33.42
CA GLY DA 177 -28.35 38.06 -32.25
C GLY DA 177 -27.11 38.02 -31.39
N LYS DA 178 -27.02 36.97 -30.58
CA LYS DA 178 -25.98 36.86 -29.58
C LYS DA 178 -25.29 35.52 -29.72
N ILE DA 179 -24.02 35.48 -29.30
CA ILE DA 179 -23.14 34.32 -29.49
C ILE DA 179 -22.55 33.92 -28.14
N GLY DA 180 -22.90 32.74 -27.67
CA GLY DA 180 -22.32 32.25 -26.43
C GLY DA 180 -21.08 31.40 -26.68
N LEU DA 181 -19.92 32.00 -26.56
CA LEU DA 181 -18.65 31.35 -26.88
C LEU DA 181 -17.97 30.92 -25.59
N PHE DA 182 -17.65 29.64 -25.50
CA PHE DA 182 -17.08 29.07 -24.27
C PHE DA 182 -15.57 29.28 -24.31
N GLY DA 183 -15.08 30.21 -23.49
CA GLY DA 183 -13.66 30.48 -23.45
C GLY DA 183 -12.86 29.38 -22.80
N GLY DA 184 -11.54 29.50 -22.90
CA GLY DA 184 -10.68 28.49 -22.31
C GLY DA 184 -9.26 29.00 -22.17
N ALA DA 185 -8.38 28.08 -21.76
CA ALA DA 185 -6.98 28.38 -21.48
C ALA DA 185 -6.13 27.95 -22.66
N GLY DA 186 -5.70 28.92 -23.47
CA GLY DA 186 -4.87 28.65 -24.62
C GLY DA 186 -5.57 27.89 -25.73
N VAL DA 187 -6.88 28.07 -25.87
CA VAL DA 187 -7.65 27.32 -26.85
C VAL DA 187 -7.82 28.13 -28.13
N GLY DA 188 -7.45 29.40 -28.12
CA GLY DA 188 -7.62 30.26 -29.26
C GLY DA 188 -8.77 31.21 -29.17
N LYS DA 189 -9.21 31.56 -27.95
CA LYS DA 189 -10.34 32.47 -27.77
C LYS DA 189 -9.99 33.89 -28.21
N THR DA 190 -8.85 34.40 -27.74
CA THR DA 190 -8.46 35.77 -28.05
C THR DA 190 -8.05 35.96 -29.50
N VAL DA 191 -7.48 34.95 -30.13
CA VAL DA 191 -7.10 35.12 -31.53
C VAL DA 191 -8.31 34.98 -32.42
N LEU DA 192 -9.38 34.34 -31.94
CA LEU DA 192 -10.62 34.31 -32.68
C LEU DA 192 -11.36 35.64 -32.60
N ILE DA 193 -11.19 36.36 -31.48
CA ILE DA 193 -11.83 37.66 -31.33
C ILE DA 193 -11.25 38.65 -32.33
N MET DA 194 -9.92 38.70 -32.44
CA MET DA 194 -9.29 39.61 -33.39
C MET DA 194 -9.56 39.20 -34.83
N GLU DA 195 -9.66 37.88 -35.09
CA GLU DA 195 -9.95 37.43 -36.44
C GLU DA 195 -11.38 37.77 -36.84
N LEU DA 196 -12.31 37.65 -35.89
CA LEU DA 196 -13.70 38.02 -36.15
C LEU DA 196 -13.85 39.51 -36.37
N ILE DA 197 -13.02 40.31 -35.68
CA ILE DA 197 -13.03 41.75 -35.89
C ILE DA 197 -12.57 42.08 -37.30
N ASN DA 198 -11.44 41.49 -37.72
CA ASN DA 198 -10.81 41.89 -38.96
C ASN DA 198 -11.61 41.42 -40.17
N ASN DA 199 -12.26 40.25 -40.08
CA ASN DA 199 -13.10 39.80 -41.17
C ASN DA 199 -14.33 40.68 -41.32
N VAL DA 200 -14.99 41.01 -40.22
CA VAL DA 200 -16.15 41.89 -40.28
C VAL DA 200 -15.72 43.31 -40.63
N ALA DA 201 -14.49 43.68 -40.26
CA ALA DA 201 -13.96 44.93 -40.78
C ALA DA 201 -13.61 44.83 -42.25
N LYS DA 202 -13.32 43.62 -42.74
CA LYS DA 202 -13.03 43.47 -44.16
C LYS DA 202 -14.31 43.26 -44.97
N ALA DA 203 -15.18 42.35 -44.52
CA ALA DA 203 -16.31 41.96 -45.36
C ALA DA 203 -17.41 43.01 -45.33
N HIS DA 204 -17.99 43.27 -44.17
CA HIS DA 204 -19.14 44.16 -44.10
C HIS DA 204 -18.74 45.62 -43.99
N GLY DA 205 -17.48 45.91 -43.70
CA GLY DA 205 -17.16 47.24 -43.25
C GLY DA 205 -17.71 47.54 -41.87
N GLY DA 206 -17.90 46.50 -41.06
CA GLY DA 206 -18.45 46.66 -39.72
C GLY DA 206 -17.35 46.67 -38.67
N PHE DA 207 -17.36 47.72 -37.84
CA PHE DA 207 -16.38 47.87 -36.78
C PHE DA 207 -16.83 47.09 -35.56
N SER DA 208 -16.11 47.23 -34.45
CA SER DA 208 -16.38 46.41 -33.29
C SER DA 208 -16.13 47.20 -32.03
N VAL DA 209 -16.59 46.64 -30.91
CA VAL DA 209 -16.34 47.17 -29.58
C VAL DA 209 -16.05 45.98 -28.68
N PHE DA 210 -14.86 45.95 -28.08
CA PHE DA 210 -14.56 44.97 -27.04
C PHE DA 210 -14.92 45.57 -25.70
N ALA DA 211 -15.78 44.90 -24.96
CA ALA DA 211 -16.22 45.38 -23.65
C ALA DA 211 -15.77 44.36 -22.61
N GLY DA 212 -14.60 44.57 -22.05
CA GLY DA 212 -14.04 43.60 -21.12
C GLY DA 212 -14.64 43.73 -19.75
N VAL DA 213 -15.87 43.23 -19.59
CA VAL DA 213 -16.59 43.35 -18.33
C VAL DA 213 -15.94 42.44 -17.31
N GLY DA 214 -15.34 43.02 -16.29
CA GLY DA 214 -14.77 42.23 -15.21
C GLY DA 214 -13.50 41.50 -15.57
N GLU DA 215 -12.86 41.85 -16.68
CA GLU DA 215 -11.62 41.20 -17.04
C GLU DA 215 -10.50 41.67 -16.14
N ARG DA 216 -9.54 40.78 -15.91
CA ARG DA 216 -8.31 41.14 -15.22
C ARG DA 216 -7.55 42.20 -16.01
N THR DA 217 -6.74 42.97 -15.31
CA THR DA 217 -6.01 44.05 -15.95
C THR DA 217 -4.91 43.50 -16.85
N ARG DA 218 -4.30 42.38 -16.45
CA ARG DA 218 -3.13 41.86 -17.15
C ARG DA 218 -3.50 41.28 -18.50
N GLU DA 219 -4.59 40.52 -18.56
CA GLU DA 219 -5.07 40.03 -19.86
C GLU DA 219 -5.70 41.13 -20.68
N GLY DA 220 -6.03 42.27 -20.06
CA GLY DA 220 -6.40 43.43 -20.84
C GLY DA 220 -5.22 43.98 -21.62
N ASN DA 221 -4.09 44.15 -20.96
CA ASN DA 221 -2.90 44.63 -21.64
C ASN DA 221 -2.30 43.57 -22.54
N ASP DA 222 -2.44 42.29 -22.15
CA ASP DA 222 -2.06 41.19 -23.05
C ASP DA 222 -2.89 41.20 -24.31
N LEU DA 223 -4.16 41.60 -24.21
CA LEU DA 223 -4.96 41.77 -25.41
C LEU DA 223 -4.58 43.05 -26.14
N TYR DA 224 -4.25 44.10 -25.38
CA TYR DA 224 -4.04 45.42 -25.98
C TYR DA 224 -2.77 45.46 -26.82
N ARG DA 225 -1.73 44.77 -26.39
CA ARG DA 225 -0.54 44.68 -27.23
C ARG DA 225 -0.81 43.86 -28.47
N GLU DA 226 -1.63 42.83 -28.35
CA GLU DA 226 -1.84 41.91 -29.46
C GLU DA 226 -2.77 42.45 -30.52
N MET DA 227 -3.51 43.52 -30.24
CA MET DA 227 -4.22 44.17 -31.32
C MET DA 227 -3.44 45.33 -31.91
N ILE DA 228 -2.32 45.72 -31.30
CA ILE DA 228 -1.36 46.58 -31.97
C ILE DA 228 -0.54 45.78 -32.99
N GLU DA 229 -0.20 44.54 -32.63
CA GLU DA 229 0.64 43.71 -33.48
C GLU DA 229 -0.09 43.30 -34.76
N SER DA 230 -1.28 42.75 -34.61
CA SER DA 230 -1.99 42.15 -35.74
C SER DA 230 -2.73 43.18 -36.61
N GLY DA 231 -2.60 44.47 -36.32
CA GLY DA 231 -3.26 45.49 -37.11
C GLY DA 231 -4.70 45.76 -36.74
N VAL DA 232 -5.20 45.17 -35.66
CA VAL DA 232 -6.59 45.36 -35.28
C VAL DA 232 -6.80 46.75 -34.70
N ILE DA 233 -6.05 47.11 -33.67
CA ILE DA 233 -6.14 48.45 -33.12
C ILE DA 233 -4.88 49.20 -33.53
N LYS DA 234 -4.99 50.52 -33.62
CA LYS DA 234 -3.86 51.32 -34.07
C LYS DA 234 -3.68 52.51 -33.14
N LEU DA 235 -2.48 53.10 -33.19
CA LEU DA 235 -2.14 54.22 -32.33
C LEU DA 235 -1.30 55.22 -33.11
N GLY DA 236 -1.33 56.47 -32.65
CA GLY DA 236 -0.49 57.50 -33.23
C GLY DA 236 -1.22 58.26 -34.30
N ALA DA 237 -0.54 58.54 -35.41
CA ALA DA 237 -1.16 59.21 -36.54
C ALA DA 237 -2.18 58.32 -37.24
N GLU DA 238 -2.04 57.00 -37.11
CA GLU DA 238 -2.95 56.05 -37.74
C GLU DA 238 -4.06 55.60 -36.80
N ARG DA 239 -4.29 56.33 -35.71
CA ARG DA 239 -5.32 55.96 -34.74
C ARG DA 239 -6.72 56.10 -35.32
N GLY DA 240 -6.90 56.92 -36.34
CA GLY DA 240 -8.19 56.95 -37.03
C GLY DA 240 -8.45 55.75 -37.92
N ASN DA 241 -7.43 54.96 -38.21
CA ASN DA 241 -7.56 53.81 -39.09
C ASN DA 241 -7.88 52.52 -38.34
N SER DA 242 -8.13 52.59 -37.04
CA SER DA 242 -8.28 51.38 -36.25
C SER DA 242 -9.65 50.74 -36.48
N LYS DA 243 -9.89 49.61 -35.80
CA LYS DA 243 -11.05 48.80 -36.11
C LYS DA 243 -11.90 48.42 -34.90
N CYS DA 244 -11.50 48.76 -33.68
CA CYS DA 244 -12.29 48.41 -32.51
C CYS DA 244 -12.13 49.45 -31.42
N THR DA 245 -13.23 49.75 -30.72
CA THR DA 245 -13.21 50.67 -29.58
C THR DA 245 -13.24 49.83 -28.31
N LEU DA 246 -12.16 49.84 -27.56
CA LEU DA 246 -12.12 49.12 -26.31
C LEU DA 246 -12.81 49.91 -25.22
N VAL DA 247 -13.61 49.22 -24.41
CA VAL DA 247 -14.00 49.71 -23.10
C VAL DA 247 -13.70 48.59 -22.11
N TYR DA 248 -13.24 48.95 -20.94
CA TYR DA 248 -12.87 47.96 -19.95
C TYR DA 248 -13.46 48.32 -18.59
N GLY DA 249 -14.04 47.32 -17.94
CA GLY DA 249 -14.27 47.42 -16.52
C GLY DA 249 -13.37 46.41 -15.84
N GLN DA 250 -12.32 46.86 -15.19
CA GLN DA 250 -11.38 45.92 -14.62
C GLN DA 250 -11.79 45.55 -13.20
N MET DA 251 -11.17 44.48 -12.70
CA MET DA 251 -11.61 43.85 -11.47
C MET DA 251 -11.35 44.71 -10.25
N ASN DA 252 -10.39 45.63 -10.33
CA ASN DA 252 -10.08 46.50 -9.21
C ASN DA 252 -11.17 47.51 -8.90
N GLU DA 253 -12.10 47.72 -9.82
CA GLU DA 253 -13.13 48.73 -9.67
C GLU DA 253 -14.22 48.23 -8.73
N PRO DA 254 -14.94 49.14 -8.06
CA PRO DA 254 -16.08 48.74 -7.25
C PRO DA 254 -17.17 48.14 -8.14
N PRO DA 255 -17.98 47.22 -7.61
CA PRO DA 255 -18.80 46.37 -8.50
C PRO DA 255 -19.92 47.12 -9.21
N GLY DA 256 -20.23 48.35 -8.82
CA GLY DA 256 -21.08 49.18 -9.65
C GLY DA 256 -20.42 49.53 -10.97
N ALA DA 257 -19.10 49.63 -10.96
CA ALA DA 257 -18.39 49.90 -12.22
C ALA DA 257 -18.36 48.66 -13.09
N ARG DA 258 -18.21 47.48 -12.48
CA ARG DA 258 -18.27 46.25 -13.25
C ARG DA 258 -19.66 45.97 -13.78
N ALA DA 259 -20.71 46.34 -13.04
CA ALA DA 259 -22.06 46.02 -13.45
C ALA DA 259 -22.64 47.00 -14.46
N ARG DA 260 -21.92 48.07 -14.78
CA ARG DA 260 -22.41 49.05 -15.73
C ARG DA 260 -21.55 49.14 -16.98
N VAL DA 261 -20.36 48.54 -16.98
CA VAL DA 261 -19.43 48.77 -18.08
C VAL DA 261 -19.86 48.00 -19.33
N ALA DA 262 -20.74 47.01 -19.18
CA ALA DA 262 -21.34 46.38 -20.34
C ALA DA 262 -22.23 47.34 -21.09
N LEU DA 263 -22.85 48.28 -20.38
CA LEU DA 263 -23.70 49.25 -21.05
C LEU DA 263 -22.87 50.24 -21.86
N THR DA 264 -21.63 50.52 -21.44
CA THR DA 264 -20.77 51.41 -22.20
C THR DA 264 -20.37 50.79 -23.52
N GLY DA 265 -20.04 49.51 -23.51
CA GLY DA 265 -19.72 48.82 -24.75
C GLY DA 265 -20.92 48.70 -25.67
N LEU DA 266 -22.12 48.71 -25.08
CA LEU DA 266 -23.33 48.68 -25.90
C LEU DA 266 -23.58 50.02 -26.56
N THR DA 267 -23.32 51.13 -25.87
CA THR DA 267 -23.70 52.43 -26.41
C THR DA 267 -22.68 53.00 -27.38
N VAL DA 268 -21.41 52.62 -27.23
CA VAL DA 268 -20.47 52.89 -28.33
C VAL DA 268 -20.73 51.95 -29.49
N ALA DA 269 -21.44 50.84 -29.25
CA ALA DA 269 -21.96 50.05 -30.36
C ALA DA 269 -23.27 50.63 -30.88
N GLU DA 270 -24.07 51.26 -30.02
CA GLU DA 270 -25.34 51.83 -30.47
C GLU DA 270 -25.16 53.14 -31.23
N TYR DA 271 -23.99 53.76 -31.18
CA TYR DA 271 -23.74 54.87 -32.09
C TYR DA 271 -23.42 54.36 -33.48
N PHE DA 272 -22.68 53.26 -33.58
CA PHE DA 272 -22.32 52.75 -34.90
C PHE DA 272 -23.45 51.93 -35.50
N ARG DA 273 -24.33 51.38 -34.67
CA ARG DA 273 -25.45 50.62 -35.21
C ARG DA 273 -26.52 51.55 -35.78
N ASP DA 274 -26.74 52.70 -35.14
CA ASP DA 274 -27.93 53.50 -35.41
C ASP DA 274 -27.64 54.81 -36.13
N ILE DA 275 -26.39 55.16 -36.40
CA ILE DA 275 -26.10 56.38 -37.15
C ILE DA 275 -25.34 56.03 -38.41
N GLU DA 276 -24.20 55.34 -38.26
CA GLU DA 276 -23.43 54.97 -39.43
C GLU DA 276 -24.11 53.90 -40.25
N GLY DA 277 -24.87 53.03 -39.58
CA GLY DA 277 -25.60 52.00 -40.30
C GLY DA 277 -24.81 50.76 -40.62
N GLN DA 278 -23.74 50.50 -39.88
CA GLN DA 278 -22.89 49.35 -40.11
C GLN DA 278 -23.23 48.23 -39.12
N ASP DA 279 -22.88 47.01 -39.53
CA ASP DA 279 -23.16 45.81 -38.73
C ASP DA 279 -22.01 45.61 -37.75
N VAL DA 280 -22.23 45.96 -36.52
CA VAL DA 280 -21.15 46.07 -35.54
C VAL DA 280 -21.00 44.74 -34.83
N LEU DA 281 -19.76 44.41 -34.47
CA LEU DA 281 -19.46 43.31 -33.57
C LEU DA 281 -19.34 43.81 -32.14
N LEU DA 282 -19.48 42.89 -31.18
CA LEU DA 282 -19.45 43.24 -29.77
C LEU DA 282 -19.05 42.03 -28.96
N PHE DA 283 -18.32 42.27 -27.87
CA PHE DA 283 -17.89 41.19 -26.97
C PHE DA 283 -18.16 41.65 -25.55
N VAL DA 284 -19.27 41.20 -24.99
CA VAL DA 284 -19.56 41.44 -23.58
C VAL DA 284 -18.87 40.31 -22.84
N ASP DA 285 -17.62 40.56 -22.49
CA ASP DA 285 -16.71 39.55 -21.99
C ASP DA 285 -17.11 39.11 -20.58
N ASN DA 286 -17.10 37.78 -20.36
CA ASN DA 286 -17.35 37.14 -19.06
C ASN DA 286 -18.73 37.52 -18.51
N ILE DA 287 -19.77 37.04 -19.20
CA ILE DA 287 -21.13 37.40 -18.83
C ILE DA 287 -21.54 36.75 -17.51
N PHE DA 288 -20.81 35.75 -17.02
CA PHE DA 288 -21.00 35.34 -15.64
C PHE DA 288 -20.59 36.43 -14.68
N ARG DA 289 -19.50 37.15 -15.02
CA ARG DA 289 -19.01 38.19 -14.12
C ARG DA 289 -19.94 39.39 -14.09
N PHE DA 290 -20.53 39.75 -15.24
CA PHE DA 290 -21.49 40.84 -15.27
C PHE DA 290 -22.75 40.49 -14.51
N THR DA 291 -23.20 39.22 -14.60
CA THR DA 291 -24.29 38.76 -13.76
C THR DA 291 -23.89 38.81 -12.29
N GLN DA 292 -22.67 38.39 -11.97
CA GLN DA 292 -22.26 38.47 -10.58
C GLN DA 292 -21.94 39.89 -10.15
N ALA DA 293 -21.55 40.76 -11.08
CA ALA DA 293 -21.39 42.16 -10.73
C ALA DA 293 -22.74 42.80 -10.42
N ASN DA 294 -23.80 42.30 -11.05
CA ASN DA 294 -25.14 42.67 -10.61
C ASN DA 294 -25.50 41.99 -9.32
N SER DA 295 -24.94 40.80 -9.06
CA SER DA 295 -25.28 40.07 -7.84
C SER DA 295 -24.69 40.73 -6.61
N GLU DA 296 -23.64 41.51 -6.77
CA GLU DA 296 -23.05 42.17 -5.62
C GLU DA 296 -23.56 43.60 -5.50
N VAL DA 297 -23.97 44.22 -6.62
CA VAL DA 297 -24.48 45.56 -6.50
C VAL DA 297 -25.93 45.53 -6.03
N SER DA 298 -26.68 44.48 -6.35
CA SER DA 298 -28.08 44.43 -5.96
C SER DA 298 -28.28 43.72 -4.64
N ALA DA 299 -27.26 43.06 -4.12
CA ALA DA 299 -27.31 42.65 -2.73
C ALA DA 299 -26.83 43.76 -1.82
N LEU DA 300 -26.08 44.72 -2.35
CA LEU DA 300 -25.59 45.81 -1.53
C LEU DA 300 -26.68 46.81 -1.19
N LEU DA 301 -27.68 46.94 -2.05
CA LEU DA 301 -28.74 47.91 -1.85
C LEU DA 301 -29.85 47.41 -0.94
N GLY DA 302 -29.63 46.33 -0.19
CA GLY DA 302 -30.64 45.87 0.73
C GLY DA 302 -31.80 45.14 0.10
N ARG DA 303 -31.68 44.71 -1.14
CA ARG DA 303 -32.71 43.86 -1.70
C ARG DA 303 -32.61 42.47 -1.11
N ILE DA 304 -33.75 41.79 -1.04
CA ILE DA 304 -33.75 40.44 -0.48
C ILE DA 304 -33.14 39.48 -1.50
N PRO DA 305 -32.21 38.63 -1.11
CA PRO DA 305 -31.60 37.70 -2.06
C PRO DA 305 -32.57 36.69 -2.62
N SER DA 306 -32.30 36.31 -3.87
CA SER DA 306 -33.04 35.37 -4.71
C SER DA 306 -32.74 33.94 -4.37
N ALA DA 307 -32.81 33.09 -5.40
CA ALA DA 307 -32.18 31.77 -5.41
C ALA DA 307 -30.66 31.90 -5.38
N VAL DA 308 -29.92 30.85 -5.70
CA VAL DA 308 -28.66 30.37 -5.08
C VAL DA 308 -27.68 31.40 -4.48
N GLY DA 309 -27.89 32.70 -4.71
CA GLY DA 309 -27.08 33.74 -4.13
C GLY DA 309 -27.08 34.95 -5.03
N TYR DA 310 -27.79 34.85 -6.15
CA TYR DA 310 -27.87 35.92 -7.12
C TYR DA 310 -28.89 36.97 -6.68
N GLN DA 311 -28.92 38.05 -7.44
CA GLN DA 311 -29.89 39.10 -7.23
C GLN DA 311 -31.29 38.59 -7.60
N PRO DA 312 -32.35 39.20 -7.06
CA PRO DA 312 -33.69 38.86 -7.52
C PRO DA 312 -34.09 39.57 -8.79
N THR DA 313 -33.31 40.54 -9.24
CA THR DA 313 -33.56 41.23 -10.51
C THR DA 313 -32.69 40.67 -11.62
N LEU DA 314 -32.47 39.36 -11.57
CA LEU DA 314 -31.62 38.67 -12.53
C LEU DA 314 -32.16 38.78 -13.96
N ALA DA 315 -33.36 38.24 -14.20
CA ALA DA 315 -33.87 38.12 -15.56
C ALA DA 315 -34.20 39.47 -16.16
N THR DA 316 -34.63 40.42 -15.33
CA THR DA 316 -34.94 41.74 -15.85
C THR DA 316 -33.69 42.53 -16.20
N ASP DA 317 -32.68 42.51 -15.32
CA ASP DA 317 -31.50 43.32 -15.55
C ASP DA 317 -30.42 42.63 -16.36
N LEU DA 318 -30.40 41.30 -16.42
CA LEU DA 318 -29.55 40.68 -17.43
C LEU DA 318 -30.15 40.88 -18.80
N GLY DA 319 -31.48 40.77 -18.91
CA GLY DA 319 -32.14 40.99 -20.18
C GLY DA 319 -32.03 42.41 -20.67
N GLY DA 320 -31.90 43.37 -19.76
CA GLY DA 320 -31.75 44.76 -20.15
C GLY DA 320 -30.48 45.02 -20.93
N LEU DA 321 -29.45 44.20 -20.72
CA LEU DA 321 -28.30 44.25 -21.60
C LEU DA 321 -28.59 43.55 -22.91
N GLN DA 322 -29.30 42.42 -22.87
CA GLN DA 322 -29.52 41.64 -24.07
C GLN DA 322 -30.50 42.33 -25.00
N GLU DA 323 -31.56 42.93 -24.45
CA GLU DA 323 -32.66 43.43 -25.28
C GLU DA 323 -32.31 44.70 -26.04
N ARG DA 324 -31.18 45.32 -25.77
CA ARG DA 324 -30.70 46.38 -26.61
C ARG DA 324 -29.71 45.91 -27.65
N ILE DA 325 -29.38 44.61 -27.66
CA ILE DA 325 -28.60 44.04 -28.75
C ILE DA 325 -29.54 43.26 -29.63
N THR DA 326 -30.15 43.95 -30.59
CA THR DA 326 -30.99 43.32 -31.60
C THR DA 326 -30.60 43.92 -32.95
N THR DA 327 -31.40 43.66 -33.96
CA THR DA 327 -31.24 44.27 -35.27
C THR DA 327 -32.37 45.25 -35.53
N THR DA 328 -32.15 46.16 -36.46
CA THR DA 328 -33.21 47.05 -36.90
C THR DA 328 -33.03 47.34 -38.38
N THR DA 329 -33.89 48.22 -38.91
CA THR DA 329 -33.77 48.64 -40.29
C THR DA 329 -32.55 49.52 -40.50
N LYS DA 330 -32.10 50.22 -39.47
CA LYS DA 330 -30.93 51.09 -39.59
C LYS DA 330 -29.63 50.32 -39.46
N GLY DA 331 -29.63 49.24 -38.69
CA GLY DA 331 -28.42 48.46 -38.53
C GLY DA 331 -28.66 47.22 -37.69
N SER DA 332 -27.56 46.62 -37.26
CA SER DA 332 -27.63 45.41 -36.47
C SER DA 332 -26.37 45.28 -35.64
N ILE DA 333 -26.56 44.98 -34.37
CA ILE DA 333 -25.44 44.73 -33.45
C ILE DA 333 -25.50 43.26 -33.02
N THR DA 334 -24.39 42.56 -33.21
CA THR DA 334 -24.24 41.20 -32.72
C THR DA 334 -23.21 41.16 -31.61
N SER DA 335 -23.49 40.40 -30.57
CA SER DA 335 -22.61 40.27 -29.43
C SER DA 335 -21.97 38.90 -29.44
N VAL DA 336 -20.76 38.79 -28.91
CA VAL DA 336 -20.12 37.51 -28.67
C VAL DA 336 -19.87 37.41 -27.18
N GLN DA 337 -20.84 36.89 -26.45
CA GLN DA 337 -20.79 36.88 -25.00
C GLN DA 337 -20.00 35.67 -24.55
N ALA DA 338 -18.82 35.91 -23.99
CA ALA DA 338 -18.07 34.83 -23.39
C ALA DA 338 -18.77 34.38 -22.12
N VAL DA 339 -19.08 33.09 -22.01
CA VAL DA 339 -19.83 32.56 -20.89
C VAL DA 339 -18.94 31.58 -20.15
N TYR DA 340 -18.82 31.78 -18.84
CA TYR DA 340 -18.23 30.79 -17.95
C TYR DA 340 -19.35 30.13 -17.17
N VAL DA 341 -19.51 28.83 -17.36
CA VAL DA 341 -20.52 28.08 -16.63
C VAL DA 341 -20.09 27.97 -15.17
N PRO DA 342 -20.89 28.47 -14.23
CA PRO DA 342 -20.49 28.38 -12.81
C PRO DA 342 -20.67 26.98 -12.29
N ALA DA 343 -19.59 26.44 -11.73
CA ALA DA 343 -19.52 25.11 -11.11
C ALA DA 343 -19.91 23.97 -12.04
N ASP DA 344 -19.74 24.20 -13.36
CA ASP DA 344 -20.02 23.23 -14.42
C ASP DA 344 -21.43 22.66 -14.33
N ASP DA 345 -22.40 23.56 -14.11
CA ASP DA 345 -23.79 23.21 -13.99
C ASP DA 345 -24.59 24.10 -14.92
N LEU DA 346 -25.29 23.49 -15.88
CA LEU DA 346 -26.17 24.25 -16.76
C LEU DA 346 -27.58 24.39 -16.19
N THR DA 347 -27.78 24.13 -14.90
CA THR DA 347 -29.02 24.44 -14.22
C THR DA 347 -28.83 25.51 -13.17
N ASP DA 348 -27.63 26.09 -13.10
CA ASP DA 348 -27.42 27.26 -12.28
C ASP DA 348 -28.24 28.41 -12.85
N PRO DA 349 -28.83 29.26 -12.00
CA PRO DA 349 -29.72 30.30 -12.52
C PRO DA 349 -29.04 31.37 -13.37
N ALA DA 350 -27.72 31.52 -13.30
CA ALA DA 350 -27.06 32.52 -14.14
C ALA DA 350 -26.93 32.07 -15.60
N PRO DA 351 -26.52 30.84 -15.94
CA PRO DA 351 -26.63 30.44 -17.35
C PRO DA 351 -28.03 30.03 -17.75
N ALA DA 352 -28.95 29.84 -16.80
CA ALA DA 352 -30.30 29.44 -17.14
C ALA DA 352 -31.02 30.55 -17.90
N THR DA 353 -30.89 31.78 -17.43
CA THR DA 353 -31.47 32.88 -18.18
C THR DA 353 -30.54 33.39 -19.26
N THR DA 354 -29.26 33.04 -19.19
CA THR DA 354 -28.34 33.44 -20.25
C THR DA 354 -28.61 32.68 -21.53
N PHE DA 355 -28.89 31.38 -21.41
CA PHE DA 355 -29.18 30.58 -22.60
C PHE DA 355 -30.62 30.70 -23.06
N ALA DA 356 -31.38 31.66 -22.54
CA ALA DA 356 -32.68 32.00 -23.10
C ALA DA 356 -32.60 33.16 -24.06
N HIS DA 357 -31.40 33.68 -24.33
CA HIS DA 357 -31.20 34.71 -25.32
C HIS DA 357 -30.13 34.38 -26.34
N LEU DA 358 -29.19 33.51 -26.01
CA LEU DA 358 -28.10 33.20 -26.92
C LEU DA 358 -28.63 32.39 -28.09
N ASP DA 359 -28.31 32.83 -29.30
CA ASP DA 359 -28.80 32.18 -30.50
C ASP DA 359 -27.84 31.16 -31.06
N ALA DA 360 -26.53 31.34 -30.88
CA ALA DA 360 -25.54 30.38 -31.31
C ALA DA 360 -24.58 30.09 -30.17
N THR DA 361 -24.16 28.85 -30.06
CA THR DA 361 -23.38 28.40 -28.92
C THR DA 361 -22.18 27.63 -29.42
N THR DA 362 -21.02 28.28 -29.43
CA THR DA 362 -19.81 27.74 -30.02
C THR DA 362 -18.85 27.34 -28.90
N VAL DA 363 -18.51 26.08 -28.84
CA VAL DA 363 -17.66 25.54 -27.78
C VAL DA 363 -16.22 25.53 -28.28
N LEU DA 364 -15.26 25.75 -27.39
CA LEU DA 364 -13.84 25.69 -27.73
C LEU DA 364 -13.14 24.70 -26.82
N SER DA 365 -12.61 23.64 -27.41
CA SER DA 365 -12.09 22.49 -26.67
C SER DA 365 -10.58 22.37 -26.83
N ARG DA 366 -9.92 21.92 -25.76
CA ARG DA 366 -8.49 21.67 -25.81
C ARG DA 366 -8.15 20.49 -26.72
N SER DA 367 -9.06 19.51 -26.81
CA SER DA 367 -8.78 18.30 -27.57
C SER DA 367 -8.75 18.52 -29.07
N ILE DA 368 -9.39 19.57 -29.56
CA ILE DA 368 -9.32 19.85 -30.99
C ILE DA 368 -8.10 20.73 -31.31
N ALA DA 369 -7.73 21.61 -30.38
CA ALA DA 369 -6.51 22.39 -30.55
C ALA DA 369 -5.27 21.49 -30.45
N GLU DA 370 -5.31 20.49 -29.58
CA GLU DA 370 -4.17 19.60 -29.40
C GLU DA 370 -4.04 18.56 -30.50
N LEU DA 371 -4.98 18.51 -31.45
CA LEU DA 371 -4.76 17.82 -32.70
C LEU DA 371 -4.29 18.77 -33.80
N GLY DA 372 -3.95 20.00 -33.43
CA GLY DA 372 -3.42 20.95 -34.39
C GLY DA 372 -4.43 21.64 -35.26
N ILE DA 373 -5.71 21.60 -34.90
CA ILE DA 373 -6.78 22.23 -35.68
C ILE DA 373 -7.05 23.61 -35.09
N TYR DA 374 -6.85 24.66 -35.89
CA TYR DA 374 -7.05 26.03 -35.46
C TYR DA 374 -8.03 26.70 -36.42
N PRO DA 375 -9.16 27.25 -35.94
CA PRO DA 375 -9.61 27.35 -34.55
C PRO DA 375 -10.20 26.05 -34.02
N ALA DA 376 -10.28 25.91 -32.70
CA ALA DA 376 -10.56 24.64 -32.05
C ALA DA 376 -12.05 24.42 -31.83
N VAL DA 377 -12.89 24.93 -32.73
CA VAL DA 377 -14.33 24.77 -32.62
C VAL DA 377 -14.70 23.30 -32.75
N ASP DA 378 -15.27 22.75 -31.69
CA ASP DA 378 -15.65 21.37 -31.64
C ASP DA 378 -16.89 21.15 -32.49
N PRO DA 379 -16.79 20.46 -33.63
CA PRO DA 379 -17.91 20.42 -34.58
C PRO DA 379 -19.06 19.54 -34.17
N LEU DA 380 -18.88 18.69 -33.16
CA LEU DA 380 -19.97 17.82 -32.75
C LEU DA 380 -20.92 18.53 -31.80
N ASP DA 381 -20.38 19.12 -30.74
CA ASP DA 381 -21.20 19.64 -29.64
C ASP DA 381 -21.59 21.09 -29.84
N SER DA 382 -21.34 21.66 -31.02
CA SER DA 382 -21.73 23.04 -31.28
C SER DA 382 -23.17 23.09 -31.78
N THR DA 383 -23.89 24.15 -31.40
CA THR DA 383 -25.32 24.23 -31.62
C THR DA 383 -25.65 25.63 -32.11
N SER DA 384 -26.77 25.77 -32.81
CA SER DA 384 -27.30 27.06 -33.23
C SER DA 384 -28.78 26.90 -33.54
N ARG DA 385 -29.55 27.97 -33.32
CA ARG DA 385 -30.89 28.01 -33.86
C ARG DA 385 -30.88 28.18 -35.38
N MET DA 386 -29.81 28.75 -35.92
CA MET DA 386 -29.74 29.03 -37.35
C MET DA 386 -29.37 27.83 -38.18
N LEU DA 387 -29.04 26.70 -37.55
CA LEU DA 387 -28.84 25.45 -38.26
C LEU DA 387 -30.18 24.82 -38.59
N ASN DA 388 -30.96 25.47 -39.43
CA ASN DA 388 -32.39 25.21 -39.53
C ASN DA 388 -32.85 25.39 -40.97
N PRO DA 389 -33.38 24.35 -41.62
CA PRO DA 389 -33.48 24.35 -43.09
C PRO DA 389 -34.48 25.35 -43.67
N ASN DA 390 -35.29 26.00 -42.85
CA ASN DA 390 -36.17 27.05 -43.36
C ASN DA 390 -35.58 28.44 -43.17
N VAL DA 391 -34.32 28.54 -42.77
CA VAL DA 391 -33.61 29.80 -42.64
C VAL DA 391 -32.35 29.83 -43.49
N ILE DA 392 -31.52 28.79 -43.39
CA ILE DA 392 -30.31 28.72 -44.19
C ILE DA 392 -30.58 27.98 -45.48
N GLY DA 393 -31.84 27.71 -45.77
CA GLY DA 393 -32.19 26.96 -46.96
C GLY DA 393 -31.95 25.48 -46.76
N ALA DA 394 -32.24 24.72 -47.81
CA ALA DA 394 -32.15 23.27 -47.70
C ALA DA 394 -30.71 22.77 -47.79
N GLU DA 395 -29.93 23.30 -48.73
CA GLU DA 395 -28.64 22.69 -49.03
C GLU DA 395 -27.61 22.97 -47.96
N HIS DA 396 -27.70 24.12 -47.29
CA HIS DA 396 -26.76 24.37 -46.20
C HIS DA 396 -27.09 23.52 -44.99
N TYR DA 397 -28.36 23.20 -44.79
CA TYR DA 397 -28.74 22.35 -43.67
C TYR DA 397 -28.29 20.91 -43.90
N ASN DA 398 -28.31 20.47 -45.16
CA ASN DA 398 -27.98 19.09 -45.47
C ASN DA 398 -26.49 18.83 -45.33
N VAL DA 399 -25.66 19.78 -45.73
CA VAL DA 399 -24.22 19.64 -45.54
C VAL DA 399 -23.87 19.72 -44.06
N ALA DA 400 -24.52 20.63 -43.33
CA ALA DA 400 -24.23 20.82 -41.91
C ALA DA 400 -24.68 19.61 -41.10
N ARG DA 401 -25.85 19.06 -41.40
CA ARG DA 401 -26.23 17.80 -40.78
C ARG DA 401 -25.47 16.64 -41.39
N GLY DA 402 -24.85 16.83 -42.54
CA GLY DA 402 -23.98 15.81 -43.08
C GLY DA 402 -22.74 15.62 -42.23
N VAL DA 403 -22.03 16.72 -41.93
CA VAL DA 403 -20.76 16.63 -41.22
C VAL DA 403 -20.97 16.20 -39.77
N GLN DA 404 -21.97 16.77 -39.11
CA GLN DA 404 -22.22 16.46 -37.70
C GLN DA 404 -22.71 15.03 -37.54
N LYS DA 405 -23.35 14.47 -38.55
CA LYS DA 405 -23.59 13.03 -38.56
C LYS DA 405 -22.29 12.28 -38.83
N VAL DA 406 -21.49 12.75 -39.79
CA VAL DA 406 -20.26 12.06 -40.15
C VAL DA 406 -19.23 12.21 -39.03
N LEU DA 407 -19.25 13.34 -38.33
CA LEU DA 407 -18.47 13.40 -37.09
C LEU DA 407 -19.06 12.55 -35.98
N GLN DA 408 -20.37 12.28 -36.00
CA GLN DA 408 -20.98 11.52 -34.92
C GLN DA 408 -20.58 10.05 -34.98
N ASP DA 409 -20.65 9.45 -36.17
CA ASP DA 409 -20.38 8.01 -36.21
C ASP DA 409 -18.90 7.68 -36.20
N TYR DA 410 -18.03 8.68 -36.24
CA TYR DA 410 -16.62 8.42 -36.00
C TYR DA 410 -16.35 8.21 -34.51
N LYS DA 411 -16.88 9.10 -33.68
CA LYS DA 411 -16.50 9.12 -32.27
C LYS DA 411 -17.19 8.04 -31.46
N ASN DA 412 -18.20 7.37 -32.01
CA ASN DA 412 -18.63 6.14 -31.35
C ASN DA 412 -17.91 4.92 -31.92
N LEU DA 413 -17.52 4.97 -33.18
CA LEU DA 413 -16.64 3.95 -33.75
C LEU DA 413 -15.19 4.15 -33.32
N GLN DA 414 -14.85 5.30 -32.74
CA GLN DA 414 -13.54 5.47 -32.15
C GLN DA 414 -13.38 4.59 -30.91
N ASP DA 415 -14.49 4.18 -30.29
CA ASP DA 415 -14.45 3.24 -29.17
C ASP DA 415 -13.86 1.90 -29.60
N ILE DA 416 -14.21 1.45 -30.81
CA ILE DA 416 -13.66 0.22 -31.36
C ILE DA 416 -12.26 0.44 -31.94
N ILE DA 417 -11.97 1.62 -32.47
CA ILE DA 417 -10.62 1.97 -32.90
C ILE DA 417 -9.66 1.94 -31.72
N ALA DA 418 -10.11 2.38 -30.56
CA ALA DA 418 -9.24 2.56 -29.41
C ALA DA 418 -8.74 1.26 -28.78
N ILE DA 419 -9.46 0.16 -28.99
CA ILE DA 419 -9.14 -1.03 -28.20
C ILE DA 419 -8.88 -2.25 -29.08
N LEU DA 420 -9.70 -2.46 -30.11
CA LEU DA 420 -9.53 -3.64 -30.96
C LEU DA 420 -8.42 -3.42 -31.98
N GLY DA 421 -8.38 -2.23 -32.57
CA GLY DA 421 -7.43 -1.93 -33.63
C GLY DA 421 -8.13 -1.58 -34.92
N MET DA 422 -7.37 -1.06 -35.89
CA MET DA 422 -7.91 -0.68 -37.18
C MET DA 422 -7.99 -1.84 -38.17
N ASP DA 423 -7.98 -3.09 -37.70
CA ASP DA 423 -7.91 -4.23 -38.59
C ASP DA 423 -9.28 -4.68 -39.08
N GLU DA 424 -10.16 -5.05 -38.15
CA GLU DA 424 -11.42 -5.72 -38.45
C GLU DA 424 -12.53 -4.76 -38.86
N LEU DA 425 -12.20 -3.50 -39.15
CA LEU DA 425 -13.18 -2.53 -39.62
C LEU DA 425 -13.40 -2.71 -41.11
N SER DA 426 -14.66 -2.82 -41.51
CA SER DA 426 -15.02 -3.10 -42.90
C SER DA 426 -14.88 -1.82 -43.73
N GLU DA 427 -15.34 -1.89 -45.00
CA GLU DA 427 -15.17 -0.77 -45.92
C GLU DA 427 -16.08 0.40 -45.55
N GLU DA 428 -17.32 0.12 -45.14
CA GLU DA 428 -18.16 1.17 -44.60
C GLU DA 428 -17.66 1.65 -43.25
N ASP DA 429 -16.91 0.82 -42.52
CA ASP DA 429 -16.24 1.23 -41.31
C ASP DA 429 -14.89 1.87 -41.56
N LYS DA 430 -14.50 2.09 -42.82
CA LYS DA 430 -13.20 2.70 -43.07
C LYS DA 430 -13.28 3.86 -44.05
N LEU DA 431 -14.28 3.86 -44.93
CA LEU DA 431 -14.37 4.92 -45.93
C LEU DA 431 -14.78 6.25 -45.28
N THR DA 432 -15.81 6.24 -44.42
CA THR DA 432 -16.17 7.45 -43.70
C THR DA 432 -15.11 7.79 -42.65
N VAL DA 433 -14.43 6.77 -42.12
CA VAL DA 433 -13.29 7.01 -41.24
C VAL DA 433 -12.16 7.66 -42.01
N ALA DA 434 -11.96 7.26 -43.27
CA ALA DA 434 -11.06 8.00 -44.14
C ALA DA 434 -11.61 9.40 -44.44
N ARG DA 435 -12.93 9.54 -44.48
CA ARG DA 435 -13.52 10.86 -44.73
C ARG DA 435 -13.42 11.75 -43.51
N ALA DA 436 -13.97 11.29 -42.37
CA ALA DA 436 -14.12 12.15 -41.19
C ALA DA 436 -12.77 12.52 -40.58
N ARG DA 437 -11.73 11.72 -40.82
CA ARG DA 437 -10.39 12.12 -40.41
C ARG DA 437 -9.90 13.30 -41.22
N LYS DA 438 -10.07 13.24 -42.55
CA LYS DA 438 -9.66 14.38 -43.37
C LYS DA 438 -10.74 15.46 -43.43
N ILE DA 439 -11.92 15.21 -42.88
CA ILE DA 439 -12.93 16.28 -42.78
C ILE DA 439 -12.53 17.28 -41.71
N GLN DA 440 -12.14 16.78 -40.53
CA GLN DA 440 -11.76 17.69 -39.45
C GLN DA 440 -10.41 18.34 -39.70
N ARG DA 441 -9.60 17.78 -40.59
CA ARG DA 441 -8.46 18.53 -41.10
C ARG DA 441 -8.92 19.72 -41.95
N PHE DA 442 -10.01 19.55 -42.69
CA PHE DA 442 -10.54 20.63 -43.51
C PHE DA 442 -11.30 21.65 -42.69
N LEU DA 443 -11.62 21.35 -41.43
CA LEU DA 443 -12.21 22.33 -40.54
C LEU DA 443 -11.20 23.32 -40.01
N SER DA 444 -9.91 23.03 -40.14
CA SER DA 444 -8.91 24.01 -39.79
C SER DA 444 -8.89 25.13 -40.81
N GLN DA 445 -8.32 26.27 -40.41
CA GLN DA 445 -8.38 27.46 -41.25
C GLN DA 445 -7.20 28.40 -40.97
N PRO DA 446 -6.48 28.85 -42.00
CA PRO DA 446 -5.43 29.83 -41.77
C PRO DA 446 -6.03 31.19 -41.47
N PHE DA 447 -5.44 31.89 -40.50
CA PHE DA 447 -6.03 33.12 -39.99
C PHE DA 447 -5.27 34.32 -40.52
N GLN DA 448 -6.03 35.36 -40.89
CA GLN DA 448 -5.42 36.59 -41.38
C GLN DA 448 -4.74 37.37 -40.26
N VAL DA 449 -5.15 37.17 -39.01
CA VAL DA 449 -4.53 37.88 -37.90
C VAL DA 449 -3.45 37.07 -37.20
N ALA DA 450 -3.23 35.82 -37.61
CA ALA DA 450 -2.11 35.05 -37.11
C ALA DA 450 -0.84 35.25 -37.94
N GLU DA 451 -0.87 36.18 -38.88
CA GLU DA 451 0.22 36.34 -39.84
C GLU DA 451 1.44 37.04 -39.27
N VAL DA 452 1.32 37.70 -38.12
CA VAL DA 452 2.47 38.47 -37.63
C VAL DA 452 3.45 37.58 -36.87
N PHE DA 453 2.99 36.48 -36.26
CA PHE DA 453 3.84 35.60 -35.47
C PHE DA 453 3.99 34.22 -36.08
N THR DA 454 3.35 33.95 -37.22
CA THR DA 454 3.54 32.71 -37.96
C THR DA 454 4.21 32.91 -39.30
N GLY DA 455 3.69 33.80 -40.14
CA GLY DA 455 4.19 34.02 -41.47
C GLY DA 455 3.35 33.41 -42.57
N THR DA 456 2.49 32.46 -42.23
CA THR DA 456 1.54 31.94 -43.21
C THR DA 456 0.41 32.93 -43.41
N PRO DA 457 0.16 33.40 -44.62
CA PRO DA 457 -0.96 34.32 -44.84
C PRO DA 457 -2.29 33.57 -44.81
N GLY DA 458 -3.28 34.23 -44.21
CA GLY DA 458 -4.57 33.63 -43.98
C GLY DA 458 -5.57 33.91 -45.09
N LYS DA 459 -6.78 33.41 -44.89
CA LYS DA 459 -7.84 33.51 -45.87
C LYS DA 459 -9.12 34.04 -45.25
N TYR DA 460 -10.04 34.46 -46.11
CA TYR DA 460 -11.42 34.75 -45.75
C TYR DA 460 -12.30 33.88 -46.64
N VAL DA 461 -12.90 32.85 -46.06
CA VAL DA 461 -13.63 31.84 -46.82
C VAL DA 461 -15.12 32.18 -46.81
N ASP DA 462 -15.74 32.19 -47.97
CA ASP DA 462 -17.16 32.49 -48.08
C ASP DA 462 -18.00 31.32 -47.59
N LEU DA 463 -19.32 31.51 -47.65
CA LEU DA 463 -20.24 30.42 -47.35
C LEU DA 463 -20.37 29.48 -48.54
N ALA DA 464 -20.31 30.03 -49.75
CA ALA DA 464 -20.70 29.29 -50.95
C ALA DA 464 -19.72 28.20 -51.29
N ASP DA 465 -18.43 28.50 -51.24
CA ASP DA 465 -17.44 27.44 -51.49
C ASP DA 465 -17.32 26.51 -50.29
N THR DA 466 -17.73 26.95 -49.10
CA THR DA 466 -17.68 26.09 -47.92
C THR DA 466 -18.69 24.96 -48.03
N ILE DA 467 -19.89 25.27 -48.55
CA ILE DA 467 -20.85 24.22 -48.88
C ILE DA 467 -20.27 23.30 -49.94
N SER DA 468 -19.80 23.88 -51.04
CA SER DA 468 -19.35 23.09 -52.20
C SER DA 468 -18.01 22.41 -51.91
N GLY DA 469 -17.27 22.89 -50.92
CA GLY DA 469 -16.09 22.17 -50.50
C GLY DA 469 -16.43 20.89 -49.75
N PHE DA 470 -17.32 20.99 -48.77
CA PHE DA 470 -17.66 19.82 -47.97
C PHE DA 470 -18.74 18.96 -48.62
N GLN DA 471 -19.54 19.51 -49.54
CA GLN DA 471 -20.43 18.66 -50.32
C GLN DA 471 -19.64 17.74 -51.23
N GLY DA 472 -18.44 18.15 -51.63
CA GLY DA 472 -17.55 17.25 -52.34
C GLY DA 472 -17.10 16.08 -51.49
N VAL DA 473 -16.83 16.32 -50.20
CA VAL DA 473 -16.28 15.25 -49.39
C VAL DA 473 -17.38 14.33 -48.87
N LEU DA 474 -18.55 14.89 -48.53
CA LEU DA 474 -19.65 14.08 -48.01
C LEU DA 474 -20.27 13.22 -49.10
N THR DA 475 -20.44 13.77 -50.30
CA THR DA 475 -20.86 12.96 -51.42
C THR DA 475 -19.72 12.12 -51.98
N GLY DA 476 -18.47 12.49 -51.69
CA GLY DA 476 -17.35 11.58 -51.87
C GLY DA 476 -16.62 11.66 -53.18
N LYS DA 477 -16.21 12.87 -53.60
CA LYS DA 477 -15.36 13.02 -54.76
C LYS DA 477 -13.88 13.17 -54.42
N TYR DA 478 -13.52 13.18 -53.15
CA TYR DA 478 -12.20 13.62 -52.71
C TYR DA 478 -11.60 12.63 -51.72
N ASP DA 479 -11.62 11.34 -52.08
CA ASP DA 479 -11.07 10.33 -51.20
C ASP DA 479 -9.58 10.08 -51.47
N ASP DA 480 -9.15 10.18 -52.73
CA ASP DA 480 -7.77 9.84 -53.08
C ASP DA 480 -6.76 10.89 -52.66
N LEU DA 481 -7.20 12.04 -52.19
CA LEU DA 481 -6.26 13.07 -51.77
C LEU DA 481 -5.71 12.75 -50.38
N PRO DA 482 -4.47 13.13 -50.11
CA PRO DA 482 -3.91 12.90 -48.77
C PRO DA 482 -4.59 13.75 -47.71
N GLU DA 483 -4.35 13.37 -46.45
CA GLU DA 483 -5.04 14.01 -45.34
C GLU DA 483 -4.50 15.40 -45.08
N MET DA 484 -3.22 15.62 -45.29
CA MET DA 484 -2.62 16.92 -45.02
C MET DA 484 -2.83 17.91 -46.16
N ALA DA 485 -3.50 17.52 -47.24
CA ALA DA 485 -3.91 18.42 -48.30
C ALA DA 485 -5.20 19.16 -47.95
N PHE DA 486 -5.90 18.71 -46.93
CA PHE DA 486 -7.05 19.39 -46.36
C PHE DA 486 -6.66 20.35 -45.25
N TYR DA 487 -5.39 20.41 -44.89
CA TYR DA 487 -4.93 20.97 -43.63
C TYR DA 487 -4.56 22.43 -43.80
N MET DA 488 -5.33 23.31 -43.16
CA MET DA 488 -5.01 24.73 -42.95
C MET DA 488 -4.90 25.52 -44.24
N VAL DA 489 -5.62 25.08 -45.29
CA VAL DA 489 -5.89 25.91 -46.44
C VAL DA 489 -7.41 25.91 -46.59
N GLY DA 490 -7.94 26.97 -47.19
CA GLY DA 490 -9.36 27.26 -47.07
C GLY DA 490 -10.34 26.36 -47.79
N ASP DA 491 -10.42 26.42 -49.10
CA ASP DA 491 -11.64 25.96 -49.75
C ASP DA 491 -11.32 25.29 -51.09
N ILE DA 492 -12.34 25.17 -51.94
CA ILE DA 492 -12.36 24.21 -53.03
C ILE DA 492 -11.35 24.56 -54.12
N LYS DA 493 -11.05 25.85 -54.30
CA LYS DA 493 -10.04 26.22 -55.28
C LYS DA 493 -8.64 25.90 -54.77
N GLU DA 494 -8.44 25.90 -53.45
CA GLU DA 494 -7.12 25.72 -52.87
C GLU DA 494 -7.01 24.45 -52.03
N VAL DA 495 -7.87 23.46 -52.27
CA VAL DA 495 -7.63 22.16 -51.66
C VAL DA 495 -6.80 21.28 -52.60
N LYS DA 496 -6.92 21.48 -53.92
CA LYS DA 496 -6.15 20.67 -54.87
C LYS DA 496 -4.75 21.20 -55.08
N GLU DA 497 -4.56 22.51 -54.92
CA GLU DA 497 -3.24 23.10 -55.14
C GLU DA 497 -2.27 22.66 -54.05
N LYS DA 498 -2.76 22.57 -52.81
CA LYS DA 498 -1.94 21.99 -51.75
C LYS DA 498 -1.75 20.50 -51.95
N ALA DA 499 -2.69 19.84 -52.63
CA ALA DA 499 -2.55 18.42 -52.92
C ALA DA 499 -1.48 18.17 -53.96
N ASP DA 500 -1.38 19.04 -54.97
CA ASP DA 500 -0.30 18.92 -55.92
C ASP DA 500 0.99 19.56 -55.38
N LYS DA 501 0.89 20.31 -54.29
CA LYS DA 501 2.09 20.73 -53.58
C LYS DA 501 2.78 19.55 -52.92
N MET DA 502 2.00 18.62 -52.38
CA MET DA 502 2.58 17.40 -51.83
C MET DA 502 3.00 16.42 -52.91
N ALA DA 503 2.53 16.59 -54.13
CA ALA DA 503 2.91 15.71 -55.24
C ALA DA 503 4.24 16.11 -55.87
N LYS DA 504 4.65 17.37 -55.75
CA LYS DA 504 5.97 17.80 -56.19
C LYS DA 504 6.97 17.79 -55.04
N ASP DA 505 6.61 17.17 -53.92
CA ASP DA 505 7.54 16.94 -52.82
C ASP DA 505 8.37 15.68 -53.00
N ILE DA 506 8.15 14.96 -54.11
CA ILE DA 506 8.99 13.82 -54.49
C ILE DA 506 10.42 14.29 -54.76
N ALA DA 507 10.58 15.51 -55.26
CA ALA DA 507 11.89 16.05 -55.60
C ALA DA 507 12.75 16.38 -54.38
N SER DA 508 12.16 16.47 -53.19
CA SER DA 508 12.89 16.83 -51.98
C SER DA 508 12.99 15.67 -51.00
N ARG DA 509 12.45 14.50 -51.34
CA ARG DA 509 12.53 13.31 -50.49
C ARG DA 509 13.30 12.18 -51.13
N LYS DA 510 13.12 11.96 -52.44
CA LYS DA 510 13.88 10.96 -53.18
C LYS DA 510 14.97 11.59 -54.03
N GLU DA 511 14.60 12.57 -54.87
CA GLU DA 511 15.54 13.21 -55.79
C GLU DA 511 16.40 14.29 -55.13
N ALA DA 512 16.36 14.42 -53.81
CA ALA DA 512 17.28 15.29 -53.08
C ALA DA 512 17.89 14.48 -51.94
N ASP DA 513 19.19 14.21 -52.03
CA ASP DA 513 19.93 13.54 -50.97
C ASP DA 513 20.84 14.56 -50.29
N ASN DA 514 20.67 14.70 -48.98
CA ASN DA 514 21.34 15.78 -48.27
C ASN DA 514 22.79 15.42 -47.95
N LYS DA 515 23.57 16.46 -47.61
CA LYS DA 515 24.98 16.34 -47.29
C LYS DA 515 25.27 17.15 -46.03
N LYS DA 516 26.13 16.60 -45.18
CA LYS DA 516 26.69 17.36 -44.05
C LYS DA 516 28.10 16.87 -43.79
N VAL DA 517 29.06 17.80 -43.87
CA VAL DA 517 30.48 17.46 -43.80
C VAL DA 517 31.05 17.98 -42.49
N SER DA 518 31.63 17.05 -41.72
CA SER DA 518 32.26 17.29 -40.41
C SER DA 518 31.27 17.95 -39.44
N GLU DA 519 30.13 17.30 -39.25
CA GLU DA 519 29.08 17.87 -38.41
C GLU DA 519 29.44 17.79 -36.93
N GLU DA 520 30.27 16.82 -36.55
CA GLU DA 520 30.57 16.58 -35.15
C GLU DA 520 31.81 17.34 -34.67
N LEU DA 521 32.78 17.54 -35.57
CA LEU DA 521 34.03 18.18 -35.17
C LEU DA 521 33.87 19.66 -34.89
N LYS DA 522 32.92 20.33 -35.56
CA LYS DA 522 32.75 21.76 -35.39
C LYS DA 522 32.14 22.10 -34.03
N ASP DA 523 31.01 21.47 -33.71
CA ASP DA 523 30.38 21.71 -32.43
C ASP DA 523 31.06 20.86 -31.36
N ILE DA 524 30.50 20.87 -30.15
CA ILE DA 524 30.92 20.11 -28.98
C ILE DA 524 32.39 20.36 -28.64
N PRO DA 525 32.74 21.49 -28.02
CA PRO DA 525 34.04 21.55 -27.32
C PRO DA 525 33.93 20.88 -25.96
N SER DA 526 34.98 21.01 -25.14
CA SER DA 526 34.92 20.49 -23.79
C SER DA 526 33.92 21.28 -22.96
N LEU DA 527 33.44 20.65 -21.89
CA LEU DA 527 32.61 21.35 -20.93
C LEU DA 527 33.36 22.51 -20.29
N ASP DA 528 34.65 22.29 -19.99
CA ASP DA 528 35.47 23.33 -19.37
C ASP DA 528 35.80 24.44 -20.36
N LYS DA 529 35.65 24.18 -21.67
CA LYS DA 529 35.66 25.29 -22.62
C LYS DA 529 34.45 26.19 -22.40
N LEU DA 530 33.29 25.59 -22.14
CA LEU DA 530 32.05 26.33 -22.10
C LEU DA 530 31.86 27.14 -20.83
N VAL DA 531 32.72 26.96 -19.83
CA VAL DA 531 32.67 27.82 -18.65
C VAL DA 531 33.47 29.09 -18.87
N SER DA 532 34.35 29.11 -19.88
CA SER DA 532 35.22 30.26 -20.10
C SER DA 532 34.45 31.45 -20.65
N GLU DA 533 33.74 31.27 -21.76
CA GLU DA 533 33.05 32.37 -22.42
C GLU DA 533 31.80 32.83 -21.68
N ILE DA 534 31.40 32.13 -20.62
CA ILE DA 534 30.37 32.65 -19.71
C ILE DA 534 30.89 33.95 -19.11
N LYS DA 535 30.12 35.01 -19.29
CA LYS DA 535 30.60 36.39 -19.19
C LYS DA 535 30.97 36.84 -17.77
N GLU DA 536 30.83 35.97 -16.76
CA GLU DA 536 31.19 36.23 -15.37
C GLU DA 536 30.44 37.48 -14.86
N VAL DA 537 29.14 37.28 -14.68
CA VAL DA 537 28.28 38.35 -14.18
C VAL DA 537 28.70 38.72 -12.76
N VAL DA 538 28.73 40.01 -12.49
CA VAL DA 538 29.22 40.48 -11.21
C VAL DA 538 28.14 40.25 -10.15
N ILE DA 539 28.56 39.80 -8.98
CA ILE DA 539 27.66 39.53 -7.88
C ILE DA 539 28.01 40.51 -6.76
N GLU DA 540 27.26 41.59 -6.67
CA GLU DA 540 27.48 42.58 -5.65
C GLU DA 540 26.83 42.14 -4.35
N GLU DA 541 27.49 42.42 -3.23
CA GLU DA 541 27.08 41.88 -1.94
C GLU DA 541 26.20 42.83 -1.14
N ASP DA 542 25.94 44.03 -1.63
CA ASP DA 542 25.11 44.99 -0.92
C ASP DA 542 23.77 45.14 -1.63
N ASP DA 543 22.71 45.30 -0.84
CA ASP DA 543 21.35 45.40 -1.39
C ASP DA 543 21.12 46.72 -2.11
N GLY DA 544 21.91 47.75 -1.78
CA GLY DA 544 21.71 49.07 -2.33
C GLY DA 544 20.42 49.73 -1.92
N LEU DA 545 19.82 49.31 -0.81
CA LEU DA 545 18.45 49.67 -0.49
C LEU DA 545 18.33 50.64 0.69
N GLU DA 546 19.26 50.60 1.64
CA GLU DA 546 19.28 51.61 2.69
C GLU DA 546 19.62 52.98 2.12
N GLU DA 547 20.64 53.04 1.27
CA GLU DA 547 21.06 54.33 0.74
C GLU DA 547 20.08 54.86 -0.30
N ASP DA 548 19.34 53.98 -0.98
CA ASP DA 548 18.32 54.46 -1.90
C ASP DA 548 17.05 54.91 -1.18
N PHE DA 549 16.87 54.51 0.08
CA PHE DA 549 15.77 55.09 0.86
C PHE DA 549 16.03 56.56 1.11
N LYS DA 550 17.27 56.94 1.41
CA LYS DA 550 17.63 58.34 1.56
C LYS DA 550 17.84 59.03 0.23
N ALA DA 551 17.93 58.28 -0.87
CA ALA DA 551 17.96 58.91 -2.19
C ALA DA 551 16.60 59.50 -2.54
N GLU DA 552 15.53 58.96 -1.97
CA GLU DA 552 14.22 59.58 -2.11
C GLU DA 552 14.16 60.92 -1.38
N ALA DA 553 14.96 61.07 -0.32
CA ALA DA 553 14.82 62.19 0.59
C ALA DA 553 15.41 63.49 0.05
N LEU DA 554 16.18 63.44 -1.04
CA LEU DA 554 16.74 64.68 -1.58
C LEU DA 554 15.66 65.52 -2.27
N SER DA 555 14.74 64.87 -2.98
CA SER DA 555 13.65 65.57 -3.65
C SER DA 555 12.43 65.59 -2.72
N SER DA 556 11.28 65.98 -3.28
CA SER DA 556 9.97 66.05 -2.62
C SER DA 556 9.97 66.92 -1.37
N PRO EA 33 -75.21 54.04 14.97
CA PRO EA 33 -74.79 52.86 15.75
C PRO EA 33 -73.28 52.73 15.80
N ALA EA 34 -72.59 53.84 16.08
CA ALA EA 34 -71.14 53.89 15.92
C ALA EA 34 -70.37 53.11 16.97
N ILE EA 35 -71.04 52.52 17.96
CA ILE EA 35 -70.41 51.54 18.82
C ILE EA 35 -70.42 50.20 18.10
N ASP EA 36 -69.27 49.53 18.09
CA ASP EA 36 -69.05 48.24 17.43
C ASP EA 36 -69.35 48.34 15.93
N ALA EA 37 -68.77 49.34 15.28
CA ALA EA 37 -68.87 49.47 13.83
C ALA EA 37 -67.57 50.13 13.35
N GLY EA 38 -66.61 49.32 12.94
CA GLY EA 38 -65.31 49.81 12.56
C GLY EA 38 -65.13 49.92 11.06
N TYR EA 39 -63.99 50.47 10.68
CA TYR EA 39 -63.63 50.64 9.29
C TYR EA 39 -62.30 49.97 9.02
N VAL EA 40 -61.97 49.83 7.74
CA VAL EA 40 -60.74 49.17 7.34
C VAL EA 40 -59.57 50.08 7.65
N SER EA 41 -58.63 49.59 8.44
CA SER EA 41 -57.41 50.35 8.67
C SER EA 41 -56.48 50.25 7.48
N GLN EA 42 -56.14 49.03 7.07
CA GLN EA 42 -55.16 48.84 6.02
C GLN EA 42 -55.39 47.50 5.34
N VAL EA 43 -55.00 47.42 4.07
CA VAL EA 43 -55.20 46.23 3.24
C VAL EA 43 -53.86 45.82 2.65
N ILE EA 44 -53.39 44.64 3.00
CA ILE EA 44 -52.21 44.05 2.38
C ILE EA 44 -52.69 42.78 1.70
N GLY EA 45 -53.09 42.90 0.43
CA GLY EA 45 -53.50 41.76 -0.36
C GLY EA 45 -54.71 41.05 0.20
N PRO EA 46 -54.56 39.76 0.53
CA PRO EA 46 -55.64 39.00 1.16
C PRO EA 46 -55.76 39.24 2.65
N VAL EA 47 -54.86 39.99 3.26
CA VAL EA 47 -54.89 40.29 4.69
C VAL EA 47 -55.29 41.73 4.87
N VAL EA 48 -56.31 41.98 5.70
CA VAL EA 48 -56.79 43.32 5.95
C VAL EA 48 -56.80 43.61 7.44
N ASP EA 49 -56.79 44.89 7.77
CA ASP EA 49 -56.83 45.36 9.15
C ASP EA 49 -58.05 46.23 9.38
N VAL EA 50 -58.77 45.96 10.47
CA VAL EA 50 -59.96 46.69 10.84
C VAL EA 50 -59.68 47.39 12.15
N ARG EA 51 -59.79 48.71 12.16
CA ARG EA 51 -59.69 49.50 13.39
C ARG EA 51 -61.09 49.69 13.95
N PHE EA 52 -61.28 49.37 15.22
CA PHE EA 52 -62.59 49.41 15.84
C PHE EA 52 -62.66 50.53 16.87
N ASP EA 53 -63.86 51.11 16.98
CA ASP EA 53 -64.10 52.21 17.92
C ASP EA 53 -64.70 51.70 19.23
N GLY EA 54 -65.82 50.99 19.15
CA GLY EA 54 -66.49 50.57 20.36
C GLY EA 54 -65.81 49.44 21.09
N GLU EA 55 -65.81 48.24 20.52
CA GLU EA 55 -65.18 47.11 21.18
C GLU EA 55 -64.77 46.07 20.14
N LEU EA 56 -63.53 45.64 20.24
CA LEU EA 56 -62.95 44.69 19.32
C LEU EA 56 -63.50 43.30 19.61
N PRO EA 57 -63.98 42.57 18.62
CA PRO EA 57 -64.62 41.27 18.88
C PRO EA 57 -63.59 40.20 19.23
N SER EA 58 -64.12 39.10 19.75
CA SER EA 58 -63.30 37.96 20.14
C SER EA 58 -62.68 37.30 18.92
N ILE EA 59 -61.61 36.56 19.16
CA ILE EA 59 -60.84 35.92 18.10
C ILE EA 59 -61.64 34.83 17.42
N LEU EA 60 -61.38 34.65 16.12
CA LEU EA 60 -62.03 33.71 15.22
C LEU EA 60 -63.51 33.99 15.05
N SER EA 61 -63.93 35.23 15.28
CA SER EA 61 -65.28 35.66 14.97
C SER EA 61 -65.31 36.33 13.61
N SER EA 62 -66.49 36.35 13.01
CA SER EA 62 -66.60 36.85 11.65
C SER EA 62 -66.79 38.36 11.61
N LEU EA 63 -66.56 38.92 10.44
CA LEU EA 63 -66.96 40.28 10.12
C LEU EA 63 -67.76 40.26 8.84
N GLU EA 64 -68.56 41.30 8.63
CA GLU EA 64 -69.29 41.48 7.39
C GLU EA 64 -68.96 42.87 6.89
N VAL EA 65 -68.39 42.96 5.74
CA VAL EA 65 -68.04 44.27 5.23
C VAL EA 65 -69.29 44.84 4.56
N GLU EA 66 -69.35 46.16 4.41
CA GLU EA 66 -70.41 46.82 3.67
C GLU EA 66 -69.83 47.46 2.42
N GLY EA 67 -70.64 47.54 1.38
CA GLY EA 67 -70.29 48.31 0.20
C GLY EA 67 -69.43 47.61 -0.83
N HIS EA 68 -69.13 46.33 -0.65
CA HIS EA 68 -68.37 45.64 -1.68
C HIS EA 68 -69.31 45.02 -2.71
N SER EA 69 -68.74 44.69 -3.88
CA SER EA 69 -69.51 44.01 -4.91
C SER EA 69 -69.84 42.57 -4.55
N VAL EA 70 -69.05 41.97 -3.66
CA VAL EA 70 -69.31 40.63 -3.14
C VAL EA 70 -69.57 40.77 -1.65
N ARG EA 71 -70.42 39.88 -1.11
CA ARG EA 71 -70.54 39.79 0.34
C ARG EA 71 -69.25 39.20 0.88
N LEU EA 72 -68.32 40.07 1.26
CA LEU EA 72 -66.99 39.66 1.67
C LEU EA 72 -66.98 39.54 3.19
N VAL EA 73 -66.41 38.46 3.68
CA VAL EA 73 -66.38 38.17 5.10
C VAL EA 73 -64.93 38.15 5.56
N LEU EA 74 -64.70 38.64 6.77
CA LEU EA 74 -63.38 38.66 7.38
C LEU EA 74 -63.41 37.80 8.62
N GLU EA 75 -62.24 37.40 9.10
CA GLU EA 75 -62.12 36.60 10.32
C GLU EA 75 -60.95 37.12 11.14
N VAL EA 76 -61.24 37.58 12.35
CA VAL EA 76 -60.22 38.20 13.18
C VAL EA 76 -59.34 37.13 13.81
N ALA EA 77 -58.05 37.36 13.81
CA ALA EA 77 -57.16 36.36 14.41
C ALA EA 77 -56.17 36.92 15.41
N GLN EA 78 -55.65 38.11 15.17
CA GLN EA 78 -54.74 38.77 16.10
C GLN EA 78 -55.25 40.17 16.37
N HIS EA 79 -55.16 40.60 17.62
CA HIS EA 79 -55.55 41.96 17.98
C HIS EA 79 -54.25 42.76 17.97
N MET EA 80 -53.99 43.49 16.89
CA MET EA 80 -52.66 44.01 16.63
C MET EA 80 -52.39 45.34 17.28
N GLY EA 81 -53.03 45.63 18.41
CA GLY EA 81 -52.87 46.91 19.06
C GLY EA 81 -53.69 47.95 18.35
N ASP EA 82 -53.54 49.20 18.82
CA ASP EA 82 -54.06 50.42 18.18
C ASP EA 82 -55.58 50.41 18.04
N ASN EA 83 -56.26 49.60 18.87
CA ASN EA 83 -57.65 49.19 18.67
C ASN EA 83 -57.90 48.71 17.25
N THR EA 84 -57.05 47.78 16.79
CA THR EA 84 -57.11 47.29 15.42
C THR EA 84 -56.77 45.81 15.40
N VAL EA 85 -57.53 45.04 14.62
CA VAL EA 85 -57.37 43.59 14.59
C VAL EA 85 -56.75 43.14 13.28
N ARG EA 86 -56.48 41.84 13.17
CA ARG EA 86 -55.79 41.26 12.02
C ARG EA 86 -56.70 40.21 11.40
N CYS EA 87 -56.93 40.33 10.10
CA CYS EA 87 -57.90 39.51 9.40
C CYS EA 87 -57.28 38.81 8.20
N ILE EA 88 -57.97 37.78 7.74
CA ILE EA 88 -57.68 37.15 6.46
C ILE EA 88 -58.97 37.12 5.67
N ALA EA 89 -58.94 37.71 4.48
CA ALA EA 89 -60.17 37.89 3.71
C ALA EA 89 -60.51 36.61 2.95
N MET EA 90 -61.76 36.19 3.04
CA MET EA 90 -62.19 34.94 2.47
C MET EA 90 -62.55 35.04 0.99
N ASP EA 91 -62.51 36.23 0.40
CA ASP EA 91 -62.89 36.42 -0.99
C ASP EA 91 -61.99 37.48 -1.60
N SER EA 92 -62.38 38.00 -2.75
CA SER EA 92 -61.54 38.92 -3.49
C SER EA 92 -61.49 40.29 -2.81
N THR EA 93 -60.28 40.80 -2.62
CA THR EA 93 -60.07 42.02 -1.86
C THR EA 93 -59.92 43.23 -2.74
N ASP EA 94 -60.09 43.08 -4.05
CA ASP EA 94 -59.92 44.19 -4.96
C ASP EA 94 -61.07 45.17 -4.79
N GLY EA 95 -60.78 46.36 -4.30
CA GLY EA 95 -61.79 47.39 -4.16
C GLY EA 95 -62.09 47.82 -2.74
N LEU EA 96 -61.23 47.50 -1.78
CA LEU EA 96 -61.41 47.95 -0.41
C LEU EA 96 -60.79 49.32 -0.23
N VAL EA 97 -61.59 50.26 0.25
CA VAL EA 97 -61.15 51.62 0.52
C VAL EA 97 -61.03 51.75 2.03
N ARG EA 98 -60.12 52.61 2.49
CA ARG EA 98 -59.88 52.71 3.93
C ARG EA 98 -60.91 53.58 4.64
N GLY EA 99 -62.19 53.36 4.39
CA GLY EA 99 -63.21 53.95 5.22
C GLY EA 99 -64.47 53.12 5.32
N GLN EA 100 -64.45 51.91 4.76
CA GLN EA 100 -65.69 51.16 4.55
C GLN EA 100 -66.17 50.54 5.86
N LYS EA 101 -67.46 50.66 6.11
CA LYS EA 101 -68.04 50.22 7.38
C LYS EA 101 -68.00 48.69 7.48
N VAL EA 102 -67.50 48.19 8.60
CA VAL EA 102 -67.30 46.76 8.83
C VAL EA 102 -68.04 46.39 10.11
N VAL EA 103 -69.03 45.52 9.99
CA VAL EA 103 -69.85 45.08 11.12
C VAL EA 103 -69.58 43.61 11.40
N ASP EA 104 -69.80 43.21 12.64
CA ASP EA 104 -69.58 41.83 13.07
C ASP EA 104 -70.89 41.14 13.37
N THR EA 105 -70.86 39.81 13.31
CA THR EA 105 -71.99 39.01 13.74
C THR EA 105 -72.01 38.83 15.25
N GLY EA 106 -70.92 39.15 15.94
CA GLY EA 106 -70.81 38.84 17.35
C GLY EA 106 -70.71 37.36 17.62
N SER EA 107 -70.11 36.61 16.69
CA SER EA 107 -70.14 35.15 16.72
C SER EA 107 -69.10 34.64 15.75
N PRO EA 108 -68.58 33.41 15.94
CA PRO EA 108 -67.75 32.78 14.91
C PRO EA 108 -68.54 32.50 13.64
N ILE EA 109 -67.81 32.10 12.60
CA ILE EA 109 -68.37 31.84 11.29
C ILE EA 109 -69.24 30.59 11.40
N LYS EA 110 -70.55 30.75 11.23
CA LYS EA 110 -71.47 29.64 11.34
C LYS EA 110 -71.87 29.16 9.96
N VAL EA 111 -71.95 27.84 9.82
CA VAL EA 111 -72.29 27.22 8.54
C VAL EA 111 -73.65 26.55 8.64
N PRO EA 112 -74.53 26.73 7.66
CA PRO EA 112 -75.78 25.94 7.63
C PRO EA 112 -75.48 24.46 7.45
N VAL EA 113 -75.76 23.70 8.49
CA VAL EA 113 -75.45 22.28 8.50
C VAL EA 113 -76.75 21.51 8.70
N GLY EA 114 -76.72 20.24 8.35
CA GLY EA 114 -77.86 19.37 8.60
C GLY EA 114 -78.06 18.40 7.47
N ARG EA 115 -79.09 17.57 7.62
CA ARG EA 115 -79.45 16.60 6.59
C ARG EA 115 -79.96 17.27 5.32
N GLY EA 116 -80.49 18.49 5.42
CA GLY EA 116 -80.90 19.21 4.22
C GLY EA 116 -79.75 19.65 3.35
N THR EA 117 -78.53 19.67 3.90
CA THR EA 117 -77.34 19.97 3.11
C THR EA 117 -76.90 18.81 2.23
N LEU EA 118 -77.47 17.62 2.41
CA LEU EA 118 -77.10 16.43 1.64
C LEU EA 118 -77.55 16.60 0.20
N GLY EA 119 -76.59 16.89 -0.68
CA GLY EA 119 -76.88 17.23 -2.05
C GLY EA 119 -76.71 18.69 -2.40
N ARG EA 120 -76.14 19.49 -1.51
CA ARG EA 120 -75.82 20.88 -1.80
C ARG EA 120 -74.32 21.06 -1.89
N ILE EA 121 -73.89 22.11 -2.57
CA ILE EA 121 -72.50 22.49 -2.66
C ILE EA 121 -72.32 23.81 -1.93
N MET EA 122 -71.55 23.81 -0.85
CA MET EA 122 -71.29 25.00 -0.09
C MET EA 122 -69.83 25.43 -0.25
N ASN EA 123 -69.62 26.73 -0.26
CA ASN EA 123 -68.30 27.30 -0.13
C ASN EA 123 -68.03 27.51 1.36
N VAL EA 124 -67.05 28.36 1.70
CA VAL EA 124 -66.59 28.49 3.07
C VAL EA 124 -67.69 29.07 3.97
N ILE EA 125 -68.46 30.05 3.48
CA ILE EA 125 -69.54 30.59 4.31
C ILE EA 125 -70.82 29.80 4.18
N GLY EA 126 -70.90 28.88 3.24
CA GLY EA 126 -72.08 28.04 3.18
C GLY EA 126 -73.22 28.61 2.39
N GLU EA 127 -73.00 29.69 1.65
CA GLU EA 127 -73.99 30.08 0.67
C GLU EA 127 -74.01 29.04 -0.45
N PRO EA 128 -75.18 28.71 -0.98
CA PRO EA 128 -75.25 27.66 -1.98
C PRO EA 128 -74.74 28.16 -3.32
N VAL EA 129 -73.99 27.31 -4.01
CA VAL EA 129 -73.62 27.57 -5.40
C VAL EA 129 -74.33 26.65 -6.37
N ASP EA 130 -75.04 25.64 -5.91
CA ASP EA 130 -75.70 24.72 -6.83
C ASP EA 130 -77.05 25.25 -7.33
N GLU EA 131 -77.35 26.53 -7.10
CA GLU EA 131 -78.48 27.26 -7.67
C GLU EA 131 -79.84 26.69 -7.31
N GLN EA 132 -79.94 25.90 -6.25
CA GLN EA 132 -81.18 25.25 -5.85
C GLN EA 132 -81.83 26.01 -4.69
N GLY EA 133 -81.77 27.33 -4.74
CA GLY EA 133 -82.27 28.17 -3.69
C GLY EA 133 -81.39 28.07 -2.47
N PRO EA 134 -81.85 28.56 -1.34
CA PRO EA 134 -81.06 28.43 -0.12
C PRO EA 134 -81.07 27.02 0.44
N ILE EA 135 -80.43 26.85 1.59
CA ILE EA 135 -80.34 25.56 2.26
C ILE EA 135 -81.26 25.56 3.46
N ASP EA 136 -82.05 24.49 3.60
CA ASP EA 136 -82.86 24.30 4.78
C ASP EA 136 -81.94 23.95 5.94
N ALA EA 137 -81.46 24.97 6.64
CA ALA EA 137 -80.47 24.81 7.69
C ALA EA 137 -81.11 24.15 8.91
N ALA EA 138 -80.71 22.92 9.19
CA ALA EA 138 -81.14 22.27 10.44
C ALA EA 138 -80.55 22.99 11.64
N ASP EA 139 -79.25 23.23 11.63
CA ASP EA 139 -78.64 24.14 12.58
C ASP EA 139 -77.50 24.89 11.91
N ILE EA 140 -77.07 25.94 12.57
CA ILE EA 140 -75.98 26.79 12.09
C ILE EA 140 -74.87 26.72 13.13
N TRP EA 141 -73.93 25.79 12.94
CA TRP EA 141 -72.85 25.61 13.89
C TRP EA 141 -71.60 26.36 13.46
N SER EA 142 -70.84 26.81 14.47
CA SER EA 142 -69.60 27.54 14.23
C SER EA 142 -68.49 26.60 13.80
N ILE EA 143 -67.58 27.13 12.99
CA ILE EA 143 -66.50 26.32 12.43
C ILE EA 143 -65.29 26.21 13.34
N HIS EA 144 -65.36 26.73 14.56
CA HIS EA 144 -64.20 26.79 15.44
C HIS EA 144 -64.58 26.25 16.82
N ARG EA 145 -64.35 24.95 17.02
CA ARG EA 145 -64.67 24.29 18.27
C ARG EA 145 -63.42 23.66 18.86
N GLU EA 146 -63.55 23.24 20.11
CA GLU EA 146 -62.51 22.45 20.74
C GLU EA 146 -62.52 21.03 20.19
N ALA EA 147 -61.34 20.45 20.10
CA ALA EA 147 -61.24 19.06 19.68
C ALA EA 147 -61.72 18.15 20.82
N PRO EA 148 -62.33 17.02 20.48
CA PRO EA 148 -62.81 16.10 21.52
C PRO EA 148 -61.68 15.48 22.32
N GLU EA 149 -61.96 15.26 23.61
CA GLU EA 149 -60.93 14.98 24.60
C GLU EA 149 -60.56 13.50 24.60
N PHE EA 150 -59.79 13.07 25.59
CA PHE EA 150 -59.47 11.65 25.72
C PHE EA 150 -60.70 10.85 26.14
N THR EA 151 -61.56 11.44 26.98
CA THR EA 151 -62.72 10.74 27.54
C THR EA 151 -63.73 10.30 26.50
N GLU EA 152 -63.68 10.89 25.29
CA GLU EA 152 -64.61 10.59 24.22
C GLU EA 152 -63.99 9.71 23.14
N GLN EA 153 -62.89 9.03 23.44
CA GLN EA 153 -62.11 8.37 22.40
C GLN EA 153 -62.37 6.88 22.36
N SER EA 154 -62.24 6.31 21.17
CA SER EA 154 -62.60 4.92 20.90
C SER EA 154 -61.40 4.16 20.36
N THR EA 155 -61.17 2.97 20.90
CA THR EA 155 -60.15 2.03 20.42
C THR EA 155 -60.89 0.75 20.04
N GLU EA 156 -61.40 0.69 18.82
CA GLU EA 156 -62.10 -0.47 18.29
C GLU EA 156 -61.62 -0.66 16.86
N GLN EA 157 -60.59 -1.46 16.67
CA GLN EA 157 -59.95 -1.59 15.37
C GLN EA 157 -60.66 -2.67 14.55
N GLU EA 158 -61.05 -2.32 13.33
CA GLU EA 158 -61.57 -3.28 12.37
C GLU EA 158 -61.08 -2.87 10.98
N ILE EA 159 -61.31 -3.75 10.01
CA ILE EA 159 -60.70 -3.61 8.69
C ILE EA 159 -61.69 -2.94 7.74
N LEU EA 160 -61.15 -2.32 6.69
CA LEU EA 160 -61.96 -1.73 5.62
C LEU EA 160 -61.44 -2.28 4.29
N VAL EA 161 -62.27 -3.03 3.60
CA VAL EA 161 -61.96 -3.47 2.26
C VAL EA 161 -62.24 -2.33 1.30
N THR EA 162 -61.50 -2.29 0.21
CA THR EA 162 -61.66 -1.24 -0.79
C THR EA 162 -61.82 -1.74 -2.21
N GLY EA 163 -61.35 -2.95 -2.52
CA GLY EA 163 -61.24 -3.38 -3.89
C GLY EA 163 -59.89 -3.15 -4.50
N ILE EA 164 -58.89 -2.79 -3.70
CA ILE EA 164 -57.53 -2.61 -4.17
C ILE EA 164 -56.66 -3.64 -3.47
N LYS EA 165 -55.80 -4.30 -4.24
CA LYS EA 165 -54.94 -5.34 -3.68
C LYS EA 165 -53.76 -4.75 -2.93
N VAL EA 166 -53.30 -3.57 -3.33
CA VAL EA 166 -52.16 -2.97 -2.65
C VAL EA 166 -52.58 -2.37 -1.33
N VAL EA 167 -53.79 -1.84 -1.28
CA VAL EA 167 -54.31 -1.27 -0.03
C VAL EA 167 -54.65 -2.39 0.95
N ASP EA 168 -55.44 -3.36 0.52
CA ASP EA 168 -55.97 -4.38 1.42
C ASP EA 168 -54.95 -5.45 1.79
N LEU EA 169 -53.69 -5.29 1.41
CA LEU EA 169 -52.63 -6.19 1.85
C LEU EA 169 -51.53 -5.46 2.62
N LEU EA 170 -50.96 -4.40 2.06
CA LEU EA 170 -49.76 -3.80 2.61
C LEU EA 170 -50.04 -2.79 3.71
N ALA EA 171 -51.20 -2.15 3.67
CA ALA EA 171 -51.61 -1.22 4.73
C ALA EA 171 -53.13 -1.13 4.70
N PRO EA 172 -53.82 -2.08 5.33
CA PRO EA 172 -55.28 -2.05 5.32
C PRO EA 172 -55.82 -0.89 6.12
N TYR EA 173 -56.91 -0.32 5.65
CA TYR EA 173 -57.48 0.88 6.26
C TYR EA 173 -58.33 0.47 7.45
N GLN EA 174 -58.17 1.18 8.56
CA GLN EA 174 -59.05 0.96 9.69
C GLN EA 174 -60.42 1.53 9.37
N ARG EA 175 -61.47 0.86 9.86
CA ARG EA 175 -62.83 1.36 9.70
C ARG EA 175 -62.99 2.72 10.35
N GLY EA 176 -62.32 2.95 11.48
CA GLY EA 176 -62.31 4.25 12.09
C GLY EA 176 -60.93 4.87 12.07
N GLY EA 177 -60.26 4.82 10.93
CA GLY EA 177 -58.90 5.34 10.86
C GLY EA 177 -58.72 6.47 9.88
N LYS EA 178 -57.83 7.40 10.21
CA LYS EA 178 -57.47 8.46 9.29
C LYS EA 178 -56.53 7.90 8.24
N ILE EA 179 -56.73 8.31 7.00
CA ILE EA 179 -56.10 7.71 5.83
C ILE EA 179 -55.33 8.79 5.09
N GLY EA 180 -54.09 8.51 4.74
CA GLY EA 180 -53.25 9.47 4.03
C GLY EA 180 -52.78 8.94 2.70
N LEU EA 181 -52.82 9.79 1.68
CA LEU EA 181 -52.46 9.41 0.31
C LEU EA 181 -51.48 10.44 -0.23
N PHE EA 182 -50.20 10.31 0.08
CA PHE EA 182 -49.25 11.33 -0.32
C PHE EA 182 -48.89 11.19 -1.78
N GLY EA 183 -49.12 12.24 -2.55
CA GLY EA 183 -48.91 12.19 -3.98
C GLY EA 183 -48.10 13.37 -4.47
N GLY EA 184 -47.38 13.13 -5.56
CA GLY EA 184 -46.38 14.06 -6.03
C GLY EA 184 -46.73 14.79 -7.32
N ALA EA 185 -47.96 15.30 -7.41
CA ALA EA 185 -48.48 16.06 -8.55
C ALA EA 185 -48.47 15.24 -9.84
N GLY EA 186 -49.31 14.20 -9.83
CA GLY EA 186 -49.56 13.49 -11.06
C GLY EA 186 -49.33 12.00 -10.95
N VAL EA 187 -49.32 11.49 -9.73
CA VAL EA 187 -49.13 10.08 -9.49
C VAL EA 187 -50.42 9.40 -9.06
N GLY EA 188 -51.53 10.11 -9.09
CA GLY EA 188 -52.81 9.45 -8.94
C GLY EA 188 -53.43 9.51 -7.57
N LYS EA 189 -53.27 10.63 -6.87
CA LYS EA 189 -54.01 10.80 -5.64
C LYS EA 189 -55.37 11.42 -5.86
N THR EA 190 -55.71 11.81 -7.08
CA THR EA 190 -57.09 12.20 -7.36
C THR EA 190 -57.90 11.01 -7.86
N VAL EA 191 -57.28 10.15 -8.68
CA VAL EA 191 -57.99 9.02 -9.25
C VAL EA 191 -58.24 7.95 -8.20
N LEU EA 192 -57.23 7.65 -7.37
CA LEU EA 192 -57.36 6.60 -6.37
C LEU EA 192 -58.36 6.99 -5.29
N ILE EA 193 -58.48 8.28 -4.99
CA ILE EA 193 -59.48 8.70 -4.02
C ILE EA 193 -60.84 8.83 -4.70
N MET EA 194 -60.86 8.88 -6.03
CA MET EA 194 -62.14 8.84 -6.73
C MET EA 194 -62.55 7.40 -7.01
N GLU EA 195 -61.58 6.51 -7.19
CA GLU EA 195 -61.88 5.08 -7.27
C GLU EA 195 -62.41 4.55 -5.94
N LEU EA 196 -61.86 5.06 -4.84
CA LEU EA 196 -62.25 4.59 -3.52
C LEU EA 196 -63.69 4.97 -3.19
N ILE EA 197 -64.10 6.18 -3.56
CA ILE EA 197 -65.47 6.63 -3.34
C ILE EA 197 -66.45 5.79 -4.13
N ASN EA 198 -66.15 5.55 -5.42
CA ASN EA 198 -67.00 4.76 -6.29
C ASN EA 198 -67.08 3.28 -5.91
N ASN EA 199 -66.25 2.83 -4.97
CA ASN EA 199 -66.38 1.49 -4.43
C ASN EA 199 -67.17 1.46 -3.13
N VAL EA 200 -66.75 2.23 -2.12
CA VAL EA 200 -67.24 2.01 -0.77
C VAL EA 200 -68.31 3.01 -0.33
N ALA EA 201 -68.43 4.16 -0.98
CA ALA EA 201 -69.40 5.15 -0.52
C ALA EA 201 -70.83 4.80 -0.89
N LYS EA 202 -71.05 3.86 -1.81
CA LYS EA 202 -72.40 3.41 -2.13
C LYS EA 202 -72.85 2.33 -1.17
N ALA EA 203 -71.95 1.42 -0.80
CA ALA EA 203 -72.29 0.29 0.04
C ALA EA 203 -72.24 0.62 1.53
N HIS EA 204 -71.60 1.71 1.90
CA HIS EA 204 -71.51 2.03 3.32
C HIS EA 204 -72.82 2.66 3.79
N GLY EA 205 -73.18 2.36 5.03
CA GLY EA 205 -74.48 2.77 5.56
C GLY EA 205 -74.64 4.25 5.80
N GLY EA 206 -73.54 4.97 5.99
CA GLY EA 206 -73.58 6.39 6.29
C GLY EA 206 -73.33 7.26 5.08
N PHE EA 207 -73.50 8.56 5.29
CA PHE EA 207 -73.34 9.53 4.21
C PHE EA 207 -71.87 9.77 3.90
N SER EA 208 -71.64 10.58 2.87
CA SER EA 208 -70.31 11.09 2.59
C SER EA 208 -70.32 12.61 2.69
N VAL EA 209 -69.19 13.17 3.09
CA VAL EA 209 -68.95 14.60 3.05
C VAL EA 209 -67.64 14.80 2.33
N PHE EA 210 -67.70 15.34 1.12
CA PHE EA 210 -66.50 15.57 0.33
C PHE EA 210 -66.09 17.02 0.48
N ALA EA 211 -64.85 17.23 0.91
CA ALA EA 211 -64.33 18.57 1.18
C ALA EA 211 -63.18 18.80 0.21
N GLY EA 212 -63.50 19.25 -0.99
CA GLY EA 212 -62.46 19.59 -1.94
C GLY EA 212 -61.77 20.85 -1.52
N VAL EA 213 -60.51 20.74 -1.14
CA VAL EA 213 -59.73 21.87 -0.66
C VAL EA 213 -58.58 22.07 -1.62
N GLY EA 214 -58.70 23.09 -2.48
CA GLY EA 214 -57.64 23.41 -3.40
C GLY EA 214 -57.40 22.38 -4.49
N GLU EA 215 -58.46 21.80 -5.03
CA GLU EA 215 -58.40 20.95 -6.21
C GLU EA 215 -58.82 21.79 -7.41
N ARG EA 216 -58.44 21.37 -8.62
CA ARG EA 216 -58.87 22.07 -9.82
C ARG EA 216 -60.39 22.06 -9.93
N THR EA 217 -60.94 23.18 -10.37
CA THR EA 217 -62.38 23.41 -10.31
C THR EA 217 -63.15 22.47 -11.23
N ARG EA 218 -62.53 22.07 -12.34
CA ARG EA 218 -63.16 21.13 -13.26
C ARG EA 218 -63.32 19.76 -12.61
N GLU EA 219 -62.38 19.35 -11.76
CA GLU EA 219 -62.48 18.02 -11.16
C GLU EA 219 -63.47 17.99 -10.01
N GLY EA 220 -63.90 19.14 -9.52
CA GLY EA 220 -65.07 19.16 -8.68
C GLY EA 220 -66.33 18.95 -9.48
N ASN EA 221 -66.32 19.37 -10.75
CA ASN EA 221 -67.51 19.27 -11.59
C ASN EA 221 -67.77 17.85 -12.02
N ASP EA 222 -66.72 17.09 -12.33
CA ASP EA 222 -66.91 15.70 -12.69
C ASP EA 222 -67.30 14.84 -11.50
N LEU EA 223 -67.02 15.32 -10.28
CA LEU EA 223 -67.63 14.69 -9.11
C LEU EA 223 -69.08 15.08 -8.96
N TYR EA 224 -69.46 16.26 -9.47
CA TYR EA 224 -70.86 16.64 -9.41
C TYR EA 224 -71.68 15.88 -10.43
N ARG EA 225 -71.09 15.57 -11.58
CA ARG EA 225 -71.79 14.75 -12.56
C ARG EA 225 -71.94 13.32 -12.07
N GLU EA 226 -70.84 12.74 -11.59
CA GLU EA 226 -70.80 11.31 -11.28
C GLU EA 226 -71.67 10.93 -10.10
N MET EA 227 -71.94 11.85 -9.19
CA MET EA 227 -72.77 11.51 -8.05
C MET EA 227 -74.26 11.64 -8.34
N ILE EA 228 -74.66 12.40 -9.36
CA ILE EA 228 -76.07 12.42 -9.74
C ILE EA 228 -76.43 11.15 -10.48
N GLU EA 229 -75.67 10.82 -11.52
CA GLU EA 229 -75.99 9.68 -12.36
C GLU EA 229 -75.76 8.33 -11.69
N SER EA 230 -75.11 8.30 -10.53
CA SER EA 230 -75.06 7.09 -9.73
C SER EA 230 -75.98 7.17 -8.52
N GLY EA 231 -76.88 8.15 -8.48
CA GLY EA 231 -77.92 8.21 -7.48
C GLY EA 231 -77.46 8.56 -6.08
N VAL EA 232 -76.44 9.41 -5.95
CA VAL EA 232 -75.94 9.82 -4.64
C VAL EA 232 -76.34 11.26 -4.39
N ILE EA 233 -76.51 12.03 -5.46
CA ILE EA 233 -77.05 13.38 -5.40
C ILE EA 233 -78.40 13.37 -6.10
N LYS EA 234 -79.46 13.60 -5.32
CA LYS EA 234 -80.82 13.57 -5.82
C LYS EA 234 -81.46 14.93 -5.64
N LEU EA 235 -81.71 15.63 -6.74
CA LEU EA 235 -82.23 16.99 -6.73
C LEU EA 235 -83.74 16.99 -6.90
N GLY EA 236 -84.34 18.11 -6.53
CA GLY EA 236 -85.79 18.24 -6.60
C GLY EA 236 -86.44 18.12 -5.23
N ALA EA 237 -87.30 17.12 -5.07
CA ALA EA 237 -87.93 16.85 -3.78
C ALA EA 237 -87.21 15.78 -2.99
N GLU EA 238 -86.31 15.04 -3.62
CA GLU EA 238 -85.67 13.86 -3.03
C GLU EA 238 -84.30 14.17 -2.44
N ARG EA 239 -84.12 15.36 -1.88
CA ARG EA 239 -82.82 15.77 -1.36
C ARG EA 239 -82.48 15.09 -0.04
N GLY EA 240 -83.47 14.83 0.82
CA GLY EA 240 -83.20 14.28 2.14
C GLY EA 240 -82.80 12.81 2.15
N ASN EA 241 -82.96 12.12 1.02
CA ASN EA 241 -82.59 10.72 0.90
C ASN EA 241 -81.18 10.53 0.34
N SER EA 242 -80.53 11.60 -0.10
CA SER EA 242 -79.22 11.53 -0.74
C SER EA 242 -78.14 11.13 0.26
N LYS EA 243 -76.94 10.85 -0.26
CA LYS EA 243 -75.87 10.34 0.58
C LYS EA 243 -74.59 11.15 0.51
N CYS EA 244 -74.62 12.37 -0.02
CA CYS EA 244 -73.40 13.14 -0.15
C CYS EA 244 -73.65 14.62 0.10
N THR EA 245 -72.78 15.22 0.90
CA THR EA 245 -72.79 16.67 1.13
C THR EA 245 -71.49 17.25 0.62
N LEU EA 246 -71.58 18.16 -0.33
CA LEU EA 246 -70.39 18.70 -0.99
C LEU EA 246 -69.97 20.00 -0.32
N VAL EA 247 -68.66 20.16 -0.17
CA VAL EA 247 -68.03 21.38 0.31
C VAL EA 247 -66.85 21.67 -0.59
N TYR EA 248 -66.82 22.86 -1.17
CA TYR EA 248 -65.84 23.17 -2.20
C TYR EA 248 -65.19 24.51 -1.98
N GLY EA 249 -63.88 24.46 -1.76
CA GLY EA 249 -63.00 25.60 -1.66
C GLY EA 249 -61.87 25.48 -2.64
N GLN EA 250 -62.21 25.13 -3.87
CA GLN EA 250 -61.26 24.89 -4.95
C GLN EA 250 -60.36 26.09 -5.19
N MET EA 251 -59.31 25.88 -5.96
CA MET EA 251 -58.18 26.80 -5.99
C MET EA 251 -58.44 28.09 -6.77
N ASN EA 252 -59.70 28.43 -7.05
CA ASN EA 252 -60.01 29.74 -7.60
C ASN EA 252 -60.11 30.82 -6.52
N GLU EA 253 -60.11 30.44 -5.25
CA GLU EA 253 -60.36 31.50 -4.28
C GLU EA 253 -59.07 31.98 -3.64
N PRO EA 254 -59.01 33.28 -3.34
CA PRO EA 254 -57.90 33.81 -2.55
C PRO EA 254 -57.87 33.16 -1.19
N PRO EA 255 -56.70 33.09 -0.54
CA PRO EA 255 -56.41 32.01 0.39
C PRO EA 255 -57.09 32.11 1.74
N GLY EA 256 -58.08 32.98 1.91
CA GLY EA 256 -58.93 32.88 3.08
C GLY EA 256 -59.75 31.61 3.05
N ALA EA 257 -60.37 31.32 1.91
CA ALA EA 257 -61.31 30.19 1.81
C ALA EA 257 -60.60 28.87 1.99
N ARG EA 258 -59.49 28.67 1.27
CA ARG EA 258 -58.73 27.43 1.37
C ARG EA 258 -58.08 27.25 2.73
N ALA EA 259 -57.93 28.33 3.50
CA ALA EA 259 -57.50 28.19 4.88
C ALA EA 259 -58.61 27.68 5.77
N ARG EA 260 -59.87 27.83 5.35
CA ARG EA 260 -61.00 27.55 6.22
C ARG EA 260 -61.99 26.54 5.67
N VAL EA 261 -61.90 26.15 4.39
CA VAL EA 261 -62.86 25.22 3.83
C VAL EA 261 -62.72 23.84 4.45
N ALA EA 262 -61.47 23.42 4.69
CA ALA EA 262 -61.24 22.13 5.34
C ALA EA 262 -61.72 22.14 6.78
N LEU EA 263 -61.90 23.31 7.38
CA LEU EA 263 -62.57 23.37 8.67
C LEU EA 263 -64.09 23.27 8.53
N THR EA 264 -64.65 23.85 7.45
CA THR EA 264 -66.11 23.91 7.33
C THR EA 264 -66.69 22.54 7.01
N GLY EA 265 -66.07 21.84 6.05
CA GLY EA 265 -66.50 20.49 5.73
C GLY EA 265 -66.29 19.53 6.87
N LEU EA 266 -65.37 19.86 7.78
CA LEU EA 266 -65.22 19.10 9.02
C LEU EA 266 -66.37 19.40 9.98
N THR EA 267 -66.98 20.56 9.89
CA THR EA 267 -68.15 20.83 10.73
C THR EA 267 -69.41 20.23 10.17
N VAL EA 268 -69.42 19.88 8.88
CA VAL EA 268 -70.48 19.03 8.38
C VAL EA 268 -70.34 17.64 8.96
N ALA EA 269 -69.10 17.24 9.28
CA ALA EA 269 -68.91 15.97 9.98
C ALA EA 269 -69.31 16.07 11.44
N GLU EA 270 -69.08 17.21 12.09
CA GLU EA 270 -69.38 17.34 13.52
C GLU EA 270 -70.86 17.24 13.82
N TYR EA 271 -71.70 17.80 12.95
CA TYR EA 271 -73.13 17.61 13.14
C TYR EA 271 -73.53 16.18 12.84
N PHE EA 272 -72.78 15.47 12.02
CA PHE EA 272 -73.11 14.08 11.76
C PHE EA 272 -72.41 13.14 12.74
N ARG EA 273 -71.57 13.67 13.62
CA ARG EA 273 -70.90 12.83 14.60
C ARG EA 273 -71.55 12.93 15.98
N ASP EA 274 -71.64 14.15 16.52
CA ASP EA 274 -72.17 14.34 17.86
C ASP EA 274 -73.69 14.22 17.88
N ILE EA 275 -74.36 14.71 16.83
CA ILE EA 275 -75.81 14.79 16.86
C ILE EA 275 -76.45 13.58 16.20
N GLU EA 276 -76.05 13.30 14.97
CA GLU EA 276 -76.70 12.22 14.22
C GLU EA 276 -76.25 10.85 14.68
N GLY EA 277 -74.98 10.71 15.08
CA GLY EA 277 -74.47 9.43 15.51
C GLY EA 277 -74.18 8.45 14.40
N GLN EA 278 -74.19 8.88 13.15
CA GLN EA 278 -73.96 7.96 12.04
C GLN EA 278 -72.48 7.94 11.67
N ASP EA 279 -72.14 7.01 10.78
CA ASP EA 279 -70.76 6.79 10.36
C ASP EA 279 -70.50 7.59 9.09
N VAL EA 280 -69.87 8.75 9.24
CA VAL EA 280 -69.69 9.66 8.12
C VAL EA 280 -68.43 9.30 7.34
N LEU EA 281 -68.35 9.75 6.10
CA LEU EA 281 -67.27 9.45 5.17
C LEU EA 281 -66.69 10.77 4.67
N LEU EA 282 -65.52 11.16 5.19
CA LEU EA 282 -64.97 12.49 4.95
C LEU EA 282 -63.74 12.36 4.07
N PHE EA 283 -63.91 12.47 2.77
CA PHE EA 283 -62.82 12.31 1.82
C PHE EA 283 -62.27 13.70 1.51
N VAL EA 284 -61.42 14.20 2.40
CA VAL EA 284 -60.83 15.52 2.25
C VAL EA 284 -59.76 15.45 1.18
N ASP EA 285 -59.92 16.25 0.15
CA ASP EA 285 -59.05 16.22 -1.02
C ASP EA 285 -58.05 17.35 -0.94
N ASN EA 286 -56.77 17.00 -1.11
CA ASN EA 286 -55.65 17.92 -1.26
C ASN EA 286 -55.50 18.85 -0.06
N ILE EA 287 -55.37 18.24 1.11
CA ILE EA 287 -55.34 18.98 2.38
C ILE EA 287 -54.05 19.77 2.54
N PHE EA 288 -53.07 19.57 1.66
CA PHE EA 288 -51.87 20.40 1.68
C PHE EA 288 -52.18 21.86 1.40
N ARG EA 289 -53.17 22.13 0.55
CA ARG EA 289 -53.52 23.52 0.23
C ARG EA 289 -54.08 24.27 1.43
N PHE EA 290 -54.60 23.55 2.43
CA PHE EA 290 -54.89 24.16 3.71
C PHE EA 290 -53.61 24.68 4.35
N THR EA 291 -52.55 23.88 4.34
CA THR EA 291 -51.29 24.30 4.93
C THR EA 291 -50.63 25.39 4.09
N GLN EA 292 -50.93 25.42 2.80
CA GLN EA 292 -50.35 26.47 1.96
C GLN EA 292 -51.16 27.75 2.01
N ALA EA 293 -52.46 27.68 2.30
CA ALA EA 293 -53.23 28.91 2.41
C ALA EA 293 -52.86 29.70 3.65
N ASN EA 294 -52.53 29.01 4.73
CA ASN EA 294 -51.94 29.70 5.87
C ASN EA 294 -50.55 30.20 5.53
N SER EA 295 -49.83 29.49 4.64
CA SER EA 295 -48.51 29.93 4.24
C SER EA 295 -48.55 31.18 3.37
N GLU EA 296 -49.68 31.44 2.71
CA GLU EA 296 -49.78 32.66 1.92
C GLU EA 296 -50.02 33.86 2.81
N VAL EA 297 -50.82 33.72 3.86
CA VAL EA 297 -51.17 34.88 4.66
C VAL EA 297 -50.17 35.15 5.78
N SER EA 298 -49.53 34.11 6.31
CA SER EA 298 -48.60 34.29 7.41
C SER EA 298 -47.27 34.89 6.99
N ALA EA 299 -47.01 35.01 5.69
CA ALA EA 299 -45.91 35.84 5.25
C ALA EA 299 -46.25 37.32 5.32
N LEU EA 300 -47.53 37.67 5.31
CA LEU EA 300 -47.96 39.06 5.38
C LEU EA 300 -48.22 39.53 6.80
N LEU EA 301 -48.35 38.62 7.75
CA LEU EA 301 -48.65 38.97 9.13
C LEU EA 301 -47.42 39.36 9.93
N GLY EA 302 -46.32 39.70 9.29
CA GLY EA 302 -45.11 40.09 9.99
C GLY EA 302 -44.41 38.98 10.72
N ARG EA 303 -44.81 37.73 10.51
CA ARG EA 303 -44.23 36.61 11.22
C ARG EA 303 -42.88 36.24 10.63
N ILE EA 304 -41.93 35.99 11.52
CA ILE EA 304 -40.65 35.41 11.11
C ILE EA 304 -40.89 34.00 10.61
N PRO EA 305 -40.52 33.67 9.38
CA PRO EA 305 -40.89 32.35 8.83
C PRO EA 305 -40.09 31.24 9.47
N SER EA 306 -40.63 30.04 9.34
CA SER EA 306 -40.05 28.82 9.89
C SER EA 306 -39.02 28.26 8.90
N ALA EA 307 -38.74 26.97 9.00
CA ALA EA 307 -38.03 26.23 7.96
C ALA EA 307 -38.84 26.22 6.67
N VAL EA 308 -38.38 25.55 5.63
CA VAL EA 308 -38.26 26.03 4.24
C VAL EA 308 -39.21 27.11 3.69
N GLY EA 309 -40.19 27.59 4.44
CA GLY EA 309 -40.97 28.74 4.05
C GLY EA 309 -42.35 28.76 4.64
N TYR EA 310 -42.67 27.73 5.42
CA TYR EA 310 -43.95 27.67 6.08
C TYR EA 310 -43.99 28.58 7.30
N GLN EA 311 -45.19 28.76 7.84
CA GLN EA 311 -45.38 29.54 9.05
C GLN EA 311 -44.83 28.79 10.25
N PRO EA 312 -44.67 29.46 11.39
CA PRO EA 312 -44.40 28.71 12.62
C PRO EA 312 -45.57 27.88 13.08
N THR EA 313 -46.80 28.28 12.78
CA THR EA 313 -47.97 27.65 13.40
C THR EA 313 -48.50 26.47 12.63
N LEU EA 314 -47.71 25.79 11.79
CA LEU EA 314 -48.25 24.64 11.08
C LEU EA 314 -48.33 23.42 11.97
N ALA EA 315 -47.63 23.44 13.11
CA ALA EA 315 -47.73 22.33 14.05
C ALA EA 315 -49.09 22.32 14.73
N THR EA 316 -49.55 23.48 15.20
CA THR EA 316 -50.84 23.54 15.87
C THR EA 316 -52.00 23.64 14.89
N ASP EA 317 -51.83 24.28 13.75
CA ASP EA 317 -52.96 24.46 12.84
C ASP EA 317 -53.29 23.17 12.13
N LEU EA 318 -52.29 22.35 11.83
CA LEU EA 318 -52.59 21.03 11.31
C LEU EA 318 -53.10 20.13 12.43
N GLY EA 319 -52.65 20.37 13.65
CA GLY EA 319 -53.29 19.72 14.79
C GLY EA 319 -54.70 20.21 15.03
N GLY EA 320 -54.92 21.51 14.85
CA GLY EA 320 -56.25 22.09 15.01
C GLY EA 320 -57.21 21.76 13.89
N LEU EA 321 -56.75 21.07 12.86
CA LEU EA 321 -57.62 20.56 11.80
C LEU EA 321 -57.76 19.05 11.83
N GLN EA 322 -56.67 18.34 12.05
CA GLN EA 322 -56.73 16.88 12.00
C GLN EA 322 -57.45 16.29 13.19
N GLU EA 323 -57.33 16.88 14.37
CA GLU EA 323 -57.84 16.22 15.56
C GLU EA 323 -59.28 16.56 15.87
N ARG EA 324 -60.00 17.17 14.96
CA ARG EA 324 -61.45 17.00 15.00
C ARG EA 324 -61.88 15.79 14.20
N ILE EA 325 -60.99 15.20 13.41
CA ILE EA 325 -61.33 14.00 12.64
C ILE EA 325 -61.01 12.82 13.55
N THR EA 326 -61.90 12.59 14.52
CA THR EA 326 -61.70 11.51 15.46
C THR EA 326 -63.01 10.76 15.65
N THR EA 327 -62.91 9.45 15.75
CA THR EA 327 -64.08 8.61 15.98
C THR EA 327 -64.44 8.68 17.45
N THR EA 328 -65.59 9.27 17.75
CA THR EA 328 -66.01 9.35 19.14
C THR EA 328 -66.65 8.03 19.56
N THR EA 329 -66.96 7.92 20.85
CA THR EA 329 -67.67 6.74 21.35
C THR EA 329 -69.16 6.80 21.06
N LYS EA 330 -69.65 7.89 20.46
CA LYS EA 330 -71.03 8.04 20.07
C LYS EA 330 -71.18 8.16 18.55
N GLY EA 331 -70.22 7.65 17.81
CA GLY EA 331 -70.21 7.73 16.37
C GLY EA 331 -68.80 7.95 15.87
N SER EA 332 -68.54 7.47 14.66
CA SER EA 332 -67.20 7.50 14.11
C SER EA 332 -67.10 8.51 12.97
N ILE EA 333 -65.90 8.62 12.43
CA ILE EA 333 -65.67 9.28 11.16
C ILE EA 333 -64.70 8.42 10.34
N THR EA 334 -65.17 7.90 9.22
CA THR EA 334 -64.37 7.05 8.37
C THR EA 334 -63.82 7.93 7.26
N SER EA 335 -62.69 8.57 7.52
CA SER EA 335 -62.23 9.67 6.69
C SER EA 335 -60.93 9.34 5.97
N VAL EA 336 -60.76 9.94 4.80
CA VAL EA 336 -59.55 9.80 4.00
C VAL EA 336 -59.02 11.19 3.71
N GLN EA 337 -57.80 11.47 4.14
CA GLN EA 337 -57.13 12.71 3.81
C GLN EA 337 -56.18 12.50 2.65
N ALA EA 338 -55.84 13.57 1.97
CA ALA EA 338 -54.94 13.53 0.85
C ALA EA 338 -53.94 14.66 0.99
N VAL EA 339 -52.68 14.33 1.25
CA VAL EA 339 -51.66 15.32 1.56
C VAL EA 339 -50.71 15.38 0.38
N TYR EA 340 -50.71 16.51 -0.33
CA TYR EA 340 -49.91 16.64 -1.54
C TYR EA 340 -48.51 17.09 -1.16
N VAL EA 341 -47.54 16.19 -1.28
CA VAL EA 341 -46.15 16.53 -1.03
C VAL EA 341 -45.67 17.51 -2.09
N PRO EA 342 -44.91 18.57 -1.74
CA PRO EA 342 -44.69 19.66 -2.69
C PRO EA 342 -43.89 19.32 -3.93
N ALA EA 343 -42.70 18.76 -3.79
CA ALA EA 343 -41.83 18.58 -4.95
C ALA EA 343 -41.23 17.19 -4.97
N ASP EA 344 -42.08 16.18 -4.70
CA ASP EA 344 -41.69 14.76 -4.55
C ASP EA 344 -40.58 14.61 -3.51
N ASP EA 345 -40.72 15.36 -2.41
CA ASP EA 345 -39.69 15.49 -1.38
C ASP EA 345 -40.39 15.31 -0.04
N LEU EA 346 -40.47 14.05 0.41
CA LEU EA 346 -41.22 13.69 1.62
C LEU EA 346 -40.56 14.15 2.91
N THR EA 347 -39.36 14.71 2.87
CA THR EA 347 -38.76 15.32 4.04
C THR EA 347 -39.13 16.79 4.18
N ASP EA 348 -40.00 17.30 3.32
CA ASP EA 348 -40.64 18.59 3.55
C ASP EA 348 -41.45 18.53 4.83
N PRO EA 349 -41.45 19.61 5.62
CA PRO EA 349 -42.18 19.58 6.90
C PRO EA 349 -43.70 19.51 6.76
N ALA EA 350 -44.28 19.85 5.62
CA ALA EA 350 -45.73 19.78 5.50
C ALA EA 350 -46.27 18.35 5.42
N PRO EA 351 -45.55 17.35 4.84
CA PRO EA 351 -45.94 15.97 5.14
C PRO EA 351 -45.21 15.36 6.33
N ALA EA 352 -44.14 15.99 6.82
CA ALA EA 352 -43.36 15.37 7.91
C ALA EA 352 -44.07 15.46 9.24
N THR EA 353 -44.83 16.52 9.49
CA THR EA 353 -45.68 16.56 10.67
C THR EA 353 -47.04 15.94 10.40
N THR EA 354 -47.28 15.47 9.18
CA THR EA 354 -48.55 14.91 8.82
C THR EA 354 -48.55 13.39 8.87
N PHE EA 355 -47.36 12.77 8.92
CA PHE EA 355 -47.26 11.33 9.14
C PHE EA 355 -47.88 10.94 10.47
N ALA EA 356 -47.53 11.67 11.53
CA ALA EA 356 -48.00 11.34 12.87
C ALA EA 356 -49.48 11.62 13.05
N HIS EA 357 -50.09 12.43 12.18
CA HIS EA 357 -51.50 12.71 12.24
C HIS EA 357 -52.33 11.69 11.48
N LEU EA 358 -51.76 10.52 11.17
CA LEU EA 358 -52.40 9.58 10.26
C LEU EA 358 -52.20 8.15 10.74
N ASP EA 359 -53.28 7.38 10.75
CA ASP EA 359 -53.21 5.96 11.06
C ASP EA 359 -52.55 5.18 9.94
N ALA EA 360 -53.13 5.23 8.76
CA ALA EA 360 -52.72 4.42 7.62
C ALA EA 360 -52.05 5.31 6.59
N THR EA 361 -50.73 5.31 6.60
CA THR EA 361 -49.98 6.00 5.56
C THR EA 361 -50.01 5.16 4.29
N THR EA 362 -50.29 5.81 3.16
CA THR EA 362 -50.25 5.16 1.85
C THR EA 362 -49.53 6.13 0.91
N VAL EA 363 -48.23 5.99 0.80
CA VAL EA 363 -47.41 6.90 0.01
C VAL EA 363 -47.42 6.50 -1.46
N LEU EA 364 -47.77 7.43 -2.33
CA LEU EA 364 -47.71 7.23 -3.77
C LEU EA 364 -46.46 7.91 -4.29
N SER EA 365 -45.62 7.16 -4.99
CA SER EA 365 -44.32 7.63 -5.46
C SER EA 365 -44.41 8.07 -6.91
N ARG EA 366 -43.34 8.71 -7.38
CA ARG EA 366 -43.31 9.20 -8.76
C ARG EA 366 -42.63 8.21 -9.70
N SER EA 367 -41.50 7.64 -9.27
CA SER EA 367 -40.67 6.83 -10.15
C SER EA 367 -41.35 5.53 -10.56
N ILE EA 368 -42.12 4.93 -9.66
CA ILE EA 368 -42.80 3.67 -9.96
C ILE EA 368 -43.89 3.89 -11.00
N ALA EA 369 -44.58 5.04 -10.93
CA ALA EA 369 -45.62 5.34 -11.89
C ALA EA 369 -45.08 5.61 -13.29
N GLU EA 370 -43.78 5.86 -13.43
CA GLU EA 370 -43.18 6.02 -14.74
C GLU EA 370 -43.16 4.71 -15.52
N LEU EA 371 -43.20 3.57 -14.84
CA LEU EA 371 -43.34 2.29 -15.49
C LEU EA 371 -44.78 1.99 -15.90
N GLY EA 372 -45.74 2.75 -15.40
CA GLY EA 372 -47.13 2.51 -15.69
C GLY EA 372 -47.85 1.64 -14.67
N ILE EA 373 -47.18 1.22 -13.62
CA ILE EA 373 -47.79 0.37 -12.60
C ILE EA 373 -48.76 1.22 -11.80
N TYR EA 374 -50.06 1.06 -12.06
CA TYR EA 374 -51.07 1.87 -11.39
C TYR EA 374 -51.93 0.97 -10.51
N PRO EA 375 -52.12 1.32 -9.23
CA PRO EA 375 -51.60 2.50 -8.55
C PRO EA 375 -50.18 2.33 -8.02
N ALA EA 376 -49.38 3.40 -8.03
CA ALA EA 376 -47.96 3.30 -7.73
C ALA EA 376 -47.69 3.54 -6.23
N VAL EA 377 -48.35 2.73 -5.41
CA VAL EA 377 -48.13 2.80 -3.97
C VAL EA 377 -46.77 2.21 -3.65
N ASP EA 378 -45.93 2.99 -2.98
CA ASP EA 378 -44.67 2.52 -2.44
C ASP EA 378 -44.96 1.42 -1.44
N PRO EA 379 -44.52 0.20 -1.70
CA PRO EA 379 -44.89 -0.92 -0.83
C PRO EA 379 -44.10 -0.90 0.46
N LEU EA 380 -42.93 -0.28 0.43
CA LEU EA 380 -41.96 -0.36 1.51
C LEU EA 380 -41.97 0.88 2.39
N ASP EA 381 -42.98 1.73 2.27
CA ASP EA 381 -43.19 2.79 3.25
C ASP EA 381 -44.66 2.95 3.64
N SER EA 382 -45.60 2.45 2.85
CA SER EA 382 -47.02 2.59 3.15
C SER EA 382 -47.36 1.67 4.32
N THR EA 383 -47.42 2.25 5.52
CA THR EA 383 -47.60 1.49 6.75
C THR EA 383 -48.88 1.96 7.44
N SER EA 384 -49.64 1.01 7.98
CA SER EA 384 -50.84 1.33 8.72
C SER EA 384 -50.68 0.87 10.16
N ARG EA 385 -51.61 1.29 11.01
CA ARG EA 385 -51.71 0.69 12.33
C ARG EA 385 -52.41 -0.66 12.29
N MET EA 386 -53.24 -0.89 11.28
CA MET EA 386 -53.90 -2.17 11.12
C MET EA 386 -52.96 -3.28 10.71
N LEU EA 387 -51.79 -2.94 10.18
CA LEU EA 387 -50.80 -3.96 9.91
C LEU EA 387 -50.19 -4.40 11.23
N ASN EA 388 -50.83 -5.35 11.87
CA ASN EA 388 -50.45 -5.84 13.18
C ASN EA 388 -50.96 -7.26 13.32
N PRO EA 389 -50.10 -8.21 13.70
CA PRO EA 389 -50.48 -9.63 13.66
C PRO EA 389 -51.46 -10.06 14.75
N ASN EA 390 -51.90 -9.17 15.62
CA ASN EA 390 -52.82 -9.54 16.68
C ASN EA 390 -54.21 -8.95 16.46
N VAL EA 391 -54.42 -8.23 15.36
CA VAL EA 391 -55.72 -7.68 15.02
C VAL EA 391 -56.24 -8.29 13.72
N ILE EA 392 -55.40 -8.30 12.68
CA ILE EA 392 -55.75 -8.99 11.44
C ILE EA 392 -55.28 -10.43 11.43
N GLY EA 393 -54.54 -10.86 12.44
CA GLY EA 393 -54.10 -12.24 12.52
C GLY EA 393 -52.81 -12.48 11.77
N ALA EA 394 -52.12 -13.54 12.18
CA ALA EA 394 -50.83 -13.87 11.58
C ALA EA 394 -50.95 -14.60 10.25
N GLU EA 395 -52.17 -14.87 9.78
CA GLU EA 395 -52.33 -15.39 8.43
C GLU EA 395 -52.03 -14.31 7.40
N HIS EA 396 -52.36 -13.05 7.71
CA HIS EA 396 -52.14 -11.93 6.81
C HIS EA 396 -50.80 -11.27 7.02
N TYR EA 397 -50.32 -11.26 8.27
CA TYR EA 397 -49.05 -10.64 8.59
C TYR EA 397 -47.89 -11.40 7.96
N ASN EA 398 -48.02 -12.72 7.85
CA ASN EA 398 -46.97 -13.51 7.20
C ASN EA 398 -46.97 -13.30 5.69
N VAL EA 399 -48.11 -12.90 5.12
CA VAL EA 399 -48.18 -12.64 3.69
C VAL EA 399 -47.50 -11.31 3.36
N ALA EA 400 -47.81 -10.27 4.12
CA ALA EA 400 -47.28 -8.94 3.80
C ALA EA 400 -45.81 -8.83 4.14
N ARG EA 401 -45.36 -9.49 5.21
CA ARG EA 401 -43.95 -9.41 5.58
C ARG EA 401 -43.08 -10.27 4.67
N GLY EA 402 -43.68 -11.18 3.90
CA GLY EA 402 -42.93 -11.84 2.86
C GLY EA 402 -42.75 -10.98 1.63
N VAL EA 403 -43.82 -10.29 1.23
CA VAL EA 403 -43.76 -9.37 0.09
C VAL EA 403 -42.80 -8.22 0.38
N GLN EA 404 -42.89 -7.67 1.59
CA GLN EA 404 -41.98 -6.60 1.97
C GLN EA 404 -40.57 -7.11 2.23
N LYS EA 405 -40.38 -8.41 2.35
CA LYS EA 405 -39.03 -8.95 2.47
C LYS EA 405 -38.34 -8.96 1.11
N VAL EA 406 -38.99 -9.53 0.10
CA VAL EA 406 -38.33 -9.74 -1.18
C VAL EA 406 -38.22 -8.45 -1.97
N LEU EA 407 -39.10 -7.47 -1.72
CA LEU EA 407 -38.89 -6.16 -2.33
C LEU EA 407 -37.72 -5.45 -1.70
N GLN EA 408 -37.56 -5.58 -0.39
CA GLN EA 408 -36.38 -5.05 0.27
C GLN EA 408 -35.13 -5.83 -0.12
N ASP EA 409 -35.29 -7.11 -0.46
CA ASP EA 409 -34.22 -7.80 -1.16
C ASP EA 409 -33.99 -7.20 -2.53
N TYR EA 410 -35.07 -6.87 -3.23
CA TYR EA 410 -34.95 -6.36 -4.59
C TYR EA 410 -34.42 -4.93 -4.61
N LYS EA 411 -34.87 -4.11 -3.67
CA LYS EA 411 -34.39 -2.74 -3.61
C LYS EA 411 -32.98 -2.67 -3.07
N ASN EA 412 -32.52 -3.70 -2.35
CA ASN EA 412 -31.12 -3.78 -1.97
C ASN EA 412 -30.24 -4.13 -3.16
N LEU EA 413 -30.80 -4.80 -4.17
CA LEU EA 413 -30.04 -5.27 -5.31
C LEU EA 413 -30.34 -4.49 -6.58
N GLN EA 414 -30.91 -3.30 -6.45
CA GLN EA 414 -31.03 -2.41 -7.61
C GLN EA 414 -29.68 -1.87 -8.03
N ASP EA 415 -28.76 -1.70 -7.08
CA ASP EA 415 -27.46 -1.10 -7.39
C ASP EA 415 -26.59 -2.03 -8.20
N ILE EA 416 -26.66 -3.34 -7.96
CA ILE EA 416 -25.87 -4.29 -8.73
C ILE EA 416 -26.48 -4.52 -10.10
N ILE EA 417 -27.80 -4.65 -10.18
CA ILE EA 417 -28.47 -5.07 -11.41
C ILE EA 417 -28.36 -4.00 -12.49
N ALA EA 418 -28.20 -2.74 -12.11
CA ALA EA 418 -28.11 -1.70 -13.13
C ALA EA 418 -26.72 -1.65 -13.73
N ILE EA 419 -25.68 -1.87 -12.94
CA ILE EA 419 -24.32 -1.64 -13.42
C ILE EA 419 -23.62 -2.90 -13.93
N LEU EA 420 -24.02 -4.08 -13.48
CA LEU EA 420 -23.36 -5.30 -13.92
C LEU EA 420 -24.29 -6.30 -14.58
N GLY EA 421 -25.59 -6.02 -14.66
CA GLY EA 421 -26.54 -6.96 -15.20
C GLY EA 421 -26.98 -7.98 -14.17
N MET EA 422 -27.98 -8.76 -14.56
CA MET EA 422 -28.48 -9.81 -13.67
C MET EA 422 -27.54 -10.99 -13.55
N ASP EA 423 -26.64 -11.17 -14.52
CA ASP EA 423 -25.94 -12.42 -14.73
C ASP EA 423 -24.73 -12.61 -13.81
N GLU EA 424 -24.71 -11.98 -12.64
CA GLU EA 424 -23.58 -12.13 -11.73
C GLU EA 424 -23.93 -12.79 -10.41
N LEU EA 425 -25.17 -12.74 -9.97
CA LEU EA 425 -25.54 -13.31 -8.69
C LEU EA 425 -25.73 -14.83 -8.80
N SER EA 426 -25.98 -15.46 -7.65
CA SER EA 426 -26.26 -16.88 -7.60
C SER EA 426 -27.72 -17.13 -8.01
N GLU EA 427 -28.13 -18.39 -8.02
CA GLU EA 427 -29.53 -18.69 -8.30
C GLU EA 427 -30.41 -18.70 -7.07
N GLU EA 428 -29.89 -18.29 -5.91
CA GLU EA 428 -30.67 -18.18 -4.70
C GLU EA 428 -31.41 -16.85 -4.61
N ASP EA 429 -30.97 -15.83 -5.34
CA ASP EA 429 -31.60 -14.51 -5.36
C ASP EA 429 -32.06 -14.07 -6.73
N LYS EA 430 -31.44 -14.57 -7.80
CA LYS EA 430 -31.95 -14.29 -9.14
C LYS EA 430 -33.29 -14.97 -9.39
N LEU EA 431 -33.63 -15.99 -8.60
CA LEU EA 431 -35.01 -16.42 -8.54
C LEU EA 431 -35.88 -15.36 -7.88
N THR EA 432 -35.35 -14.70 -6.84
CA THR EA 432 -36.15 -13.71 -6.12
C THR EA 432 -36.29 -12.41 -6.91
N VAL EA 433 -35.35 -12.13 -7.82
CA VAL EA 433 -35.40 -10.90 -8.60
C VAL EA 433 -36.53 -10.97 -9.61
N ALA EA 434 -36.63 -12.09 -10.33
CA ALA EA 434 -37.79 -12.32 -11.18
C ALA EA 434 -39.07 -12.46 -10.35
N ARG EA 435 -38.94 -12.97 -9.12
CA ARG EA 435 -40.10 -13.01 -8.21
C ARG EA 435 -40.55 -11.61 -7.83
N ALA EA 436 -39.61 -10.67 -7.77
CA ALA EA 436 -39.97 -9.28 -7.50
C ALA EA 436 -40.74 -8.67 -8.66
N ARG EA 437 -40.30 -8.94 -9.90
CA ARG EA 437 -41.00 -8.37 -11.05
C ARG EA 437 -42.37 -9.00 -11.23
N LYS EA 438 -42.59 -10.21 -10.72
CA LYS EA 438 -43.94 -10.77 -10.71
C LYS EA 438 -44.83 -9.94 -9.79
N ILE EA 439 -44.43 -9.77 -8.54
CA ILE EA 439 -45.30 -9.10 -7.58
C ILE EA 439 -45.35 -7.61 -7.82
N GLN EA 440 -44.39 -7.06 -8.57
CA GLN EA 440 -44.49 -5.68 -9.00
C GLN EA 440 -45.53 -5.48 -10.09
N ARG EA 441 -45.68 -6.45 -11.00
CA ARG EA 441 -46.73 -6.31 -12.00
C ARG EA 441 -48.10 -6.62 -11.42
N PHE EA 442 -48.18 -7.52 -10.45
CA PHE EA 442 -49.46 -7.93 -9.90
C PHE EA 442 -50.11 -6.85 -9.05
N LEU EA 443 -49.33 -5.92 -8.51
CA LEU EA 443 -49.94 -4.81 -7.78
C LEU EA 443 -50.67 -3.85 -8.70
N SER EA 444 -50.43 -3.90 -10.01
CA SER EA 444 -51.20 -3.11 -10.94
C SER EA 444 -52.65 -3.59 -10.94
N GLN EA 445 -53.56 -2.64 -11.04
CA GLN EA 445 -54.99 -2.94 -10.96
C GLN EA 445 -55.80 -1.82 -11.60
N PRO EA 446 -56.64 -2.15 -12.58
CA PRO EA 446 -57.48 -1.12 -13.19
C PRO EA 446 -58.53 -0.65 -12.22
N PHE EA 447 -58.99 0.58 -12.42
CA PHE EA 447 -59.89 1.24 -11.51
C PHE EA 447 -61.22 1.52 -12.19
N GLN EA 448 -62.31 1.28 -11.45
CA GLN EA 448 -63.66 1.40 -11.96
C GLN EA 448 -64.07 2.83 -12.28
N VAL EA 449 -63.31 3.83 -11.85
CA VAL EA 449 -63.55 5.18 -12.35
C VAL EA 449 -62.53 5.50 -13.44
N ALA EA 450 -61.43 4.75 -13.52
CA ALA EA 450 -60.45 4.96 -14.57
C ALA EA 450 -60.85 4.31 -15.88
N GLU EA 451 -62.04 3.70 -15.96
CA GLU EA 451 -62.52 3.07 -17.17
C GLU EA 451 -62.85 4.07 -18.28
N VAL EA 452 -62.92 5.36 -17.98
CA VAL EA 452 -63.16 6.35 -19.01
C VAL EA 452 -61.89 6.59 -19.84
N PHE EA 453 -60.73 6.63 -19.21
CA PHE EA 453 -59.49 6.89 -19.93
C PHE EA 453 -58.53 5.69 -19.98
N THR EA 454 -59.01 4.49 -19.66
CA THR EA 454 -58.20 3.29 -19.84
C THR EA 454 -58.86 2.21 -20.68
N GLY EA 455 -60.15 2.33 -20.97
CA GLY EA 455 -60.86 1.29 -21.71
C GLY EA 455 -61.27 0.07 -20.91
N THR EA 456 -60.33 -0.53 -20.16
CA THR EA 456 -60.63 -1.70 -19.35
C THR EA 456 -61.41 -1.29 -18.10
N PRO EA 457 -62.36 -2.12 -17.65
CA PRO EA 457 -63.08 -1.81 -16.41
C PRO EA 457 -62.31 -2.28 -15.19
N GLY EA 458 -62.45 -1.53 -14.10
CA GLY EA 458 -61.78 -1.88 -12.88
C GLY EA 458 -62.38 -3.11 -12.23
N LYS EA 459 -61.62 -3.69 -11.31
CA LYS EA 459 -62.01 -4.93 -10.67
C LYS EA 459 -62.19 -4.71 -9.18
N TYR EA 460 -63.26 -5.28 -8.64
CA TYR EA 460 -63.62 -5.16 -7.24
C TYR EA 460 -63.21 -6.45 -6.54
N VAL EA 461 -62.15 -6.39 -5.75
CA VAL EA 461 -61.48 -7.55 -5.20
C VAL EA 461 -61.81 -7.64 -3.71
N ASP EA 462 -62.20 -8.82 -3.27
CA ASP EA 462 -62.51 -9.07 -1.87
C ASP EA 462 -61.22 -9.26 -1.08
N LEU EA 463 -61.35 -9.39 0.25
CA LEU EA 463 -60.18 -9.58 1.08
C LEU EA 463 -59.63 -11.01 0.95
N ALA EA 464 -60.52 -12.00 0.90
CA ALA EA 464 -60.07 -13.39 0.80
C ALA EA 464 -59.56 -13.71 -0.61
N ASP EA 465 -59.91 -12.90 -1.60
CA ASP EA 465 -59.37 -13.10 -2.94
C ASP EA 465 -57.88 -12.78 -2.98
N THR EA 466 -57.46 -11.76 -2.23
CA THR EA 466 -56.08 -11.31 -2.29
C THR EA 466 -55.14 -12.25 -1.55
N ILE EA 467 -55.47 -12.58 -0.31
CA ILE EA 467 -54.54 -13.31 0.56
C ILE EA 467 -54.38 -14.74 0.07
N SER EA 468 -55.45 -15.34 -0.45
CA SER EA 468 -55.31 -16.56 -1.23
C SER EA 468 -54.49 -16.32 -2.47
N GLY EA 469 -54.72 -15.20 -3.16
CA GLY EA 469 -53.99 -14.92 -4.37
C GLY EA 469 -52.54 -14.56 -4.11
N PHE EA 470 -52.25 -13.96 -2.95
CA PHE EA 470 -50.88 -13.58 -2.65
C PHE EA 470 -50.09 -14.65 -1.91
N GLN EA 471 -50.72 -15.71 -1.42
CA GLN EA 471 -49.96 -16.72 -0.69
C GLN EA 471 -49.08 -17.53 -1.63
N GLY EA 472 -49.64 -17.95 -2.76
CA GLY EA 472 -48.90 -18.84 -3.65
C GLY EA 472 -47.79 -18.16 -4.39
N VAL EA 473 -47.93 -16.85 -4.66
CA VAL EA 473 -46.89 -16.12 -5.38
C VAL EA 473 -45.67 -15.97 -4.50
N LEU EA 474 -45.87 -15.96 -3.18
CA LEU EA 474 -44.75 -15.97 -2.25
C LEU EA 474 -43.98 -17.28 -2.31
N THR EA 475 -44.70 -18.41 -2.28
CA THR EA 475 -44.03 -19.70 -2.35
C THR EA 475 -43.50 -19.99 -3.75
N GLY EA 476 -44.19 -19.51 -4.78
CA GLY EA 476 -43.77 -19.79 -6.14
C GLY EA 476 -44.75 -20.70 -6.84
N LYS EA 477 -46.02 -20.59 -6.48
CA LYS EA 477 -47.05 -21.44 -7.09
C LYS EA 477 -47.35 -21.05 -8.53
N TYR EA 478 -46.94 -19.86 -8.96
CA TYR EA 478 -47.23 -19.39 -10.31
C TYR EA 478 -45.99 -18.86 -10.99
N ASP EA 479 -44.83 -19.42 -10.66
CA ASP EA 479 -43.56 -18.95 -11.23
C ASP EA 479 -43.43 -19.33 -12.70
N ASP EA 480 -44.08 -20.43 -13.12
CA ASP EA 480 -44.06 -20.81 -14.52
C ASP EA 480 -44.96 -19.95 -15.37
N LEU EA 481 -45.86 -19.19 -14.76
CA LEU EA 481 -46.56 -18.13 -15.47
C LEU EA 481 -45.62 -16.94 -15.62
N PRO EA 482 -45.67 -16.23 -16.75
CA PRO EA 482 -44.67 -15.20 -17.03
C PRO EA 482 -44.95 -13.92 -16.25
N GLU EA 483 -44.03 -12.97 -16.37
CA GLU EA 483 -44.08 -11.77 -15.54
C GLU EA 483 -45.07 -10.75 -16.08
N MET EA 484 -45.39 -10.81 -17.37
CA MET EA 484 -46.40 -9.92 -17.93
C MET EA 484 -47.81 -10.43 -17.70
N ALA EA 485 -47.97 -11.66 -17.21
CA ALA EA 485 -49.28 -12.20 -16.93
C ALA EA 485 -49.91 -11.57 -15.70
N PHE EA 486 -49.11 -10.95 -14.83
CA PHE EA 486 -49.64 -10.32 -13.65
C PHE EA 486 -50.05 -8.88 -13.88
N TYR EA 487 -49.80 -8.32 -15.05
CA TYR EA 487 -50.11 -6.91 -15.30
C TYR EA 487 -51.61 -6.72 -15.49
N MET EA 488 -52.14 -5.69 -14.83
CA MET EA 488 -53.54 -5.22 -14.86
C MET EA 488 -54.56 -6.36 -14.75
N VAL EA 489 -54.51 -7.05 -13.61
CA VAL EA 489 -55.46 -8.11 -13.35
C VAL EA 489 -56.11 -7.85 -12.00
N GLY EA 490 -57.32 -8.40 -11.82
CA GLY EA 490 -58.04 -8.22 -10.58
C GLY EA 490 -57.88 -9.32 -9.56
N ASP EA 491 -58.15 -10.56 -9.93
CA ASP EA 491 -58.21 -11.68 -9.00
C ASP EA 491 -57.21 -12.76 -9.40
N ILE EA 492 -57.16 -13.83 -8.59
CA ILE EA 492 -56.33 -14.99 -8.90
C ILE EA 492 -56.97 -15.87 -9.97
N LYS EA 493 -58.23 -15.62 -10.32
CA LYS EA 493 -58.79 -16.21 -11.53
C LYS EA 493 -58.12 -15.65 -12.77
N GLU EA 494 -57.84 -14.35 -12.79
CA GLU EA 494 -57.35 -13.68 -13.99
C GLU EA 494 -55.85 -13.81 -14.17
N VAL EA 495 -55.16 -14.58 -13.35
CA VAL EA 495 -53.71 -14.67 -13.52
C VAL EA 495 -53.34 -15.73 -14.56
N LYS EA 496 -54.13 -16.79 -14.71
CA LYS EA 496 -53.82 -17.83 -15.67
C LYS EA 496 -54.46 -17.60 -17.02
N GLU EA 497 -55.58 -16.90 -17.06
CA GLU EA 497 -56.31 -16.73 -18.32
C GLU EA 497 -55.62 -15.73 -19.23
N LYS EA 498 -55.06 -14.67 -18.66
CA LYS EA 498 -54.23 -13.77 -19.45
C LYS EA 498 -52.93 -14.44 -19.85
N ALA EA 499 -52.40 -15.33 -19.00
CA ALA EA 499 -51.25 -16.13 -19.40
C ALA EA 499 -51.61 -17.12 -20.49
N ASP EA 500 -52.88 -17.54 -20.54
CA ASP EA 500 -53.36 -18.30 -21.67
C ASP EA 500 -53.61 -17.42 -22.89
N LYS EA 501 -53.92 -16.14 -22.68
CA LYS EA 501 -54.14 -15.24 -23.82
C LYS EA 501 -52.83 -14.86 -24.48
N MET EA 502 -51.79 -14.65 -23.67
CA MET EA 502 -50.46 -14.29 -24.23
C MET EA 502 -49.97 -15.44 -25.10
N ALA EA 503 -50.12 -16.68 -24.61
CA ALA EA 503 -49.70 -17.89 -25.36
C ALA EA 503 -50.58 -18.07 -26.62
N LYS EA 504 -51.88 -17.84 -26.48
CA LYS EA 504 -52.85 -18.01 -27.60
C LYS EA 504 -52.53 -17.02 -28.72
N ASP EA 505 -52.14 -15.80 -28.36
CA ASP EA 505 -51.83 -14.73 -29.34
C ASP EA 505 -50.65 -15.14 -30.22
N ILE EA 506 -49.64 -15.83 -29.67
CA ILE EA 506 -48.47 -16.22 -30.49
C ILE EA 506 -48.96 -17.11 -31.65
N ALA EA 507 -49.89 -18.03 -31.40
CA ALA EA 507 -50.36 -18.86 -32.49
C ALA EA 507 -51.36 -18.14 -33.37
N SER EA 508 -51.84 -16.97 -32.96
CA SER EA 508 -52.63 -16.08 -33.80
C SER EA 508 -51.76 -15.22 -34.69
N ARG EA 509 -50.44 -15.35 -34.61
CA ARG EA 509 -49.57 -14.65 -35.53
C ARG EA 509 -49.63 -15.25 -36.94
N LYS EA 510 -49.84 -16.56 -37.04
CA LYS EA 510 -49.99 -17.28 -38.29
C LYS EA 510 -51.19 -18.23 -38.24
N GLU EA 511 -52.30 -17.77 -37.67
CA GLU EA 511 -53.47 -18.64 -37.50
C GLU EA 511 -54.27 -18.74 -38.79
N ALA EA 512 -54.80 -17.60 -39.26
CA ALA EA 512 -55.65 -17.58 -40.44
C ALA EA 512 -55.40 -16.28 -41.19
N ASP EA 513 -55.96 -16.21 -42.41
CA ASP EA 513 -55.88 -15.03 -43.23
C ASP EA 513 -57.28 -14.54 -43.55
N ASN EA 514 -57.47 -13.22 -43.51
CA ASN EA 514 -58.75 -12.59 -43.76
C ASN EA 514 -58.78 -12.02 -45.18
N LYS EA 515 -59.90 -12.18 -45.86
CA LYS EA 515 -60.15 -11.45 -47.10
C LYS EA 515 -61.64 -11.19 -47.24
N LYS EA 516 -61.98 -9.98 -47.66
CA LYS EA 516 -63.36 -9.51 -47.73
C LYS EA 516 -63.68 -9.15 -49.18
N VAL EA 517 -64.09 -10.15 -49.94
CA VAL EA 517 -64.50 -9.98 -51.33
C VAL EA 517 -66.02 -10.12 -51.33
N SER EA 518 -66.64 -9.70 -52.44
CA SER EA 518 -68.10 -9.73 -52.65
C SER EA 518 -68.84 -8.92 -51.60
N GLU EA 519 -68.36 -7.69 -51.39
CA GLU EA 519 -69.02 -6.72 -50.52
C GLU EA 519 -69.38 -5.43 -51.22
N GLU EA 520 -68.83 -5.18 -52.42
CA GLU EA 520 -68.97 -3.90 -53.11
C GLU EA 520 -70.37 -3.65 -53.65
N LEU EA 521 -71.23 -4.66 -53.66
CA LEU EA 521 -72.62 -4.52 -54.08
C LEU EA 521 -73.60 -4.67 -52.93
N LYS EA 522 -73.12 -5.02 -51.74
CA LYS EA 522 -73.99 -5.42 -50.64
C LYS EA 522 -74.60 -4.20 -49.94
N ASP EA 523 -73.77 -3.36 -49.35
CA ASP EA 523 -74.26 -2.24 -48.55
C ASP EA 523 -73.57 -0.92 -48.88
N ILE EA 524 -72.57 -0.91 -49.75
CA ILE EA 524 -71.83 0.30 -50.09
C ILE EA 524 -72.44 0.90 -51.35
N PRO EA 525 -72.85 2.18 -51.34
CA PRO EA 525 -73.37 2.80 -52.57
C PRO EA 525 -72.31 2.91 -53.67
N SER EA 526 -71.22 3.59 -53.38
CA SER EA 526 -70.06 3.77 -54.26
C SER EA 526 -68.95 4.37 -53.41
N LEU EA 527 -67.92 4.89 -54.07
CA LEU EA 527 -67.05 5.87 -53.44
C LEU EA 527 -67.40 7.28 -53.85
N ASP EA 528 -67.89 7.48 -55.08
CA ASP EA 528 -68.21 8.82 -55.55
C ASP EA 528 -69.59 9.29 -55.10
N LYS EA 529 -70.54 8.36 -54.94
CA LYS EA 529 -71.81 8.72 -54.33
C LYS EA 529 -71.74 8.81 -52.82
N LEU EA 530 -70.59 8.44 -52.23
CA LEU EA 530 -70.35 8.78 -50.83
C LEU EA 530 -70.16 10.27 -50.65
N VAL EA 531 -69.69 10.97 -51.69
CA VAL EA 531 -69.49 12.40 -51.59
C VAL EA 531 -70.82 13.14 -51.55
N SER EA 532 -71.80 12.67 -52.33
CA SER EA 532 -73.08 13.36 -52.48
C SER EA 532 -74.08 13.01 -51.39
N GLU EA 533 -73.74 12.16 -50.42
CA GLU EA 533 -74.65 11.81 -49.34
C GLU EA 533 -74.30 12.50 -48.03
N ILE EA 534 -73.65 13.66 -48.09
CA ILE EA 534 -73.31 14.43 -46.91
C ILE EA 534 -74.02 15.77 -46.94
N LYS EA 535 -74.74 16.07 -45.86
CA LYS EA 535 -75.31 17.40 -45.68
C LYS EA 535 -74.19 18.39 -45.44
N GLU EA 536 -74.19 19.48 -46.21
CA GLU EA 536 -73.12 20.47 -46.14
C GLU EA 536 -73.52 21.62 -45.23
N VAL EA 537 -72.65 21.94 -44.29
CA VAL EA 537 -72.86 23.08 -43.40
C VAL EA 537 -72.55 24.35 -44.18
N VAL EA 538 -73.49 25.28 -44.19
CA VAL EA 538 -73.30 26.54 -44.92
C VAL EA 538 -72.41 27.45 -44.06
N ILE EA 539 -71.13 27.48 -44.42
CA ILE EA 539 -70.17 28.31 -43.71
C ILE EA 539 -70.39 29.76 -44.13
N GLU EA 540 -70.67 30.62 -43.17
CA GLU EA 540 -71.02 32.01 -43.43
C GLU EA 540 -69.82 32.89 -43.13
N GLU EA 541 -69.45 33.75 -44.09
CA GLU EA 541 -68.43 34.75 -43.86
C GLU EA 541 -69.04 35.94 -43.12
N ASP EA 542 -68.22 36.97 -42.90
CA ASP EA 542 -68.56 38.19 -42.16
C ASP EA 542 -69.08 37.84 -40.76
N ASP EA 543 -68.13 37.35 -39.95
CA ASP EA 543 -68.43 36.86 -38.61
C ASP EA 543 -69.01 37.96 -37.72
N GLY EA 544 -68.55 39.20 -37.88
CA GLY EA 544 -69.24 40.36 -37.36
C GLY EA 544 -69.34 40.44 -35.86
N LEU EA 545 -68.21 40.67 -35.18
CA LEU EA 545 -68.14 40.60 -33.72
C LEU EA 545 -68.84 41.77 -33.02
N GLU EA 546 -69.39 42.72 -33.77
CA GLU EA 546 -70.10 43.87 -33.21
C GLU EA 546 -71.43 43.50 -32.57
N GLU EA 547 -71.91 42.27 -32.76
CA GLU EA 547 -73.06 41.77 -32.03
C GLU EA 547 -72.75 41.65 -30.55
N ASP EA 548 -73.73 42.06 -29.72
CA ASP EA 548 -73.66 42.06 -28.26
C ASP EA 548 -72.44 42.85 -27.75
N PHE EA 549 -72.13 43.94 -28.41
CA PHE EA 549 -70.92 44.70 -28.13
C PHE EA 549 -71.27 46.12 -27.70
N LYS EA 550 -70.41 46.70 -26.87
CA LYS EA 550 -70.64 48.03 -26.32
C LYS EA 550 -69.74 49.08 -26.94
N ALA EA 551 -68.42 48.87 -26.92
CA ALA EA 551 -67.42 49.71 -27.59
C ALA EA 551 -67.46 51.16 -27.10
N GLU EA 552 -67.12 51.32 -25.83
CA GLU EA 552 -67.14 52.64 -25.21
C GLU EA 552 -66.03 53.54 -25.77
N ALA EA 553 -66.11 54.82 -25.40
CA ALA EA 553 -65.22 55.85 -25.92
C ALA EA 553 -63.86 55.77 -25.22
N LEU EA 554 -62.85 55.31 -25.95
CA LEU EA 554 -61.48 55.21 -25.44
C LEU EA 554 -60.59 56.14 -26.24
N SER EA 555 -60.09 57.19 -25.59
CA SER EA 555 -59.29 58.23 -26.21
C SER EA 555 -57.81 58.03 -25.88
N SER EA 556 -56.99 59.03 -26.20
CA SER EA 556 -55.54 58.92 -26.06
C SER EA 556 -55.09 59.02 -24.62
N GLU EA 557 -55.36 60.15 -23.97
CA GLU EA 557 -54.92 60.37 -22.61
C GLU EA 557 -55.75 59.54 -21.64
N THR EA 558 -55.10 59.03 -20.61
CA THR EA 558 -55.82 58.30 -19.58
C THR EA 558 -56.64 59.24 -18.72
N VAL EA 559 -57.80 58.77 -18.31
CA VAL EA 559 -58.69 59.52 -17.43
C VAL EA 559 -58.09 59.51 -16.03
N VAL EA 560 -57.97 60.68 -15.43
CA VAL EA 560 -57.54 60.80 -14.06
C VAL EA 560 -58.70 61.37 -13.26
N LEU EA 561 -58.48 61.53 -11.96
CA LEU EA 561 -59.44 62.18 -11.08
C LEU EA 561 -58.79 63.44 -10.53
N ASN EA 562 -59.52 64.55 -10.54
CA ASN EA 562 -59.01 65.77 -9.93
C ASN EA 562 -59.32 65.74 -8.42
N GLU EA 563 -59.15 66.87 -7.75
CA GLU EA 563 -59.31 66.88 -6.29
C GLU EA 563 -60.77 66.74 -5.87
N GLU EA 564 -61.70 67.23 -6.68
CA GLU EA 564 -63.11 66.98 -6.42
C GLU EA 564 -63.59 65.64 -6.94
N GLY EA 565 -62.79 64.96 -7.76
CA GLY EA 565 -63.15 63.64 -8.22
C GLY EA 565 -63.87 63.58 -9.54
N LYS EA 566 -63.72 64.58 -10.40
CA LYS EA 566 -64.34 64.54 -11.72
C LYS EA 566 -63.35 63.96 -12.73
N SER EA 567 -63.88 63.15 -13.66
CA SER EA 567 -63.07 62.49 -14.67
C SER EA 567 -62.55 63.50 -15.69
N VAL EA 568 -61.35 64.00 -15.46
CA VAL EA 568 -60.70 64.94 -16.36
C VAL EA 568 -59.50 64.21 -16.95
N PRO EA 569 -58.94 64.70 -18.06
CA PRO EA 569 -57.68 64.12 -18.54
C PRO EA 569 -56.52 64.52 -17.63
N LEU EA 570 -55.39 63.84 -17.83
CA LEU EA 570 -54.19 64.13 -17.05
C LEU EA 570 -53.62 65.48 -17.48
N PRO EA 571 -53.41 66.41 -16.54
CA PRO EA 571 -52.79 67.69 -16.92
C PRO EA 571 -51.35 67.51 -17.37
N LYS EA 572 -50.99 68.25 -18.41
CA LYS EA 572 -49.80 67.95 -19.21
C LYS EA 572 -48.54 68.39 -18.48
N LYS EA 573 -48.17 67.60 -17.47
CA LYS EA 573 -46.90 67.71 -16.79
C LYS EA 573 -46.44 66.30 -16.48
N ASN EA 574 -45.15 66.05 -16.66
CA ASN EA 574 -44.62 64.70 -16.56
C ASN EA 574 -43.51 64.59 -15.51
ZN ZN FA . 43.00 -82.63 -44.31
PG ATP GA . -2.13 24.22 7.88
O1G ATP GA . -2.93 24.76 6.72
O2G ATP GA . -2.92 23.40 8.88
O3G ATP GA . -1.17 25.22 8.49
PB ATP GA . -0.43 23.49 5.81
O1B ATP GA . -1.24 22.88 4.69
O2B ATP GA . -0.10 24.95 5.79
O3B ATP GA . -1.16 23.15 7.20
PA ATP GA . 2.29 23.28 6.32
O1A ATP GA . 2.93 23.78 5.06
O2A ATP GA . 2.08 24.21 7.48
O3A ATP GA . 0.89 22.60 5.94
O5' ATP GA . 3.11 21.97 6.80
C5' ATP GA . 2.66 21.29 7.97
C4' ATP GA . 2.92 19.80 7.85
O4' ATP GA . 3.20 19.44 6.51
C3' ATP GA . 4.11 19.37 8.68
O3' ATP GA . 3.66 18.48 9.71
C2' ATP GA . 4.99 18.59 7.75
O2' ATP GA . 5.31 17.34 8.35
C1' ATP GA . 4.14 18.37 6.51
N9 ATP GA . 4.95 18.39 5.28
C8 ATP GA . 4.94 19.33 4.33
N7 ATP GA . 5.80 19.03 3.34
C5 ATP GA . 6.39 17.86 3.65
C6 ATP GA . 7.40 16.98 3.05
N6 ATP GA . 7.97 17.29 1.86
N1 ATP GA . 7.72 15.85 3.70
C2 ATP GA . 7.15 15.52 4.87
N3 ATP GA . 6.23 16.28 5.48
C4 ATP GA . 5.81 17.44 4.93
MG MG HA . -1.48 26.30 6.70
PG ATP IA . -44.12 6.98 14.98
O1G ATP IA . -42.89 7.47 14.28
O2G ATP IA . -45.41 7.28 14.27
O3G ATP IA . -44.15 7.30 16.45
PB ATP IA . -42.75 4.59 15.48
O1B ATP IA . -42.63 4.87 16.96
O2B ATP IA . -41.57 4.84 14.58
O3B ATP IA . -44.01 5.38 14.89
PA ATP IA . -44.25 2.36 16.25
O1A ATP IA . -43.50 1.66 17.35
O2A ATP IA . -45.30 3.38 16.60
O3A ATP IA . -43.19 3.06 15.28
O5' ATP IA . -44.92 1.25 15.30
C5' ATP IA . -45.50 1.64 14.07
C4' ATP IA . -45.84 0.43 13.21
O4' ATP IA . -44.67 -0.35 12.99
C3' ATP IA . -46.86 -0.47 13.88
O3' ATP IA . -48.14 -0.29 13.27
C2' ATP IA . -46.37 -1.89 13.61
O2' ATP IA . -47.19 -2.46 12.59
C1' ATP IA . -44.95 -1.74 13.08
N9 ATP IA . -43.93 -2.33 13.99
C8 ATP IA . -43.16 -1.58 14.79
N7 ATP IA . -42.31 -2.36 15.50
C5 ATP IA . -42.53 -3.63 15.16
C6 ATP IA . -41.96 -4.94 15.54
N6 ATP IA . -40.96 -5.01 16.47
N1 ATP IA . -42.46 -6.03 14.95
C2 ATP IA . -43.44 -5.94 14.04
N3 ATP IA . -44.00 -4.79 13.64
C4 ATP IA . -43.60 -3.61 14.16
MG MG JA . -45.12 5.82 17.43
PG ATP KA . -37.57 29.27 -26.29
O1G ATP KA . -38.22 28.79 -25.02
O2G ATP KA . -36.30 30.05 -26.08
O3G ATP KA . -38.50 29.87 -27.29
PB ATP KA . -38.06 26.67 -27.11
O1B ATP KA . -39.48 27.15 -27.04
O2B ATP KA . -37.58 25.58 -26.18
O3B ATP KA . -37.07 27.93 -26.99
PA ATP KA . -38.79 26.73 -29.73
O1A ATP KA . -38.87 28.23 -29.64
O2A ATP KA . -40.01 25.86 -29.64
O3A ATP KA . -37.75 26.22 -28.61
O5' ATP KA . -37.96 26.36 -31.04
C5' ATP KA . -37.88 25.00 -31.44
C4' ATP KA . -36.57 24.82 -32.18
O4' ATP KA . -36.45 23.46 -32.56
C3' ATP KA . -36.57 25.66 -33.42
O3' ATP KA . -35.38 26.43 -33.44
C2' ATP KA . -36.53 24.69 -34.57
O2' ATP KA . -35.35 24.95 -35.33
C1' ATP KA . -36.41 23.30 -33.96
N9 ATP KA . -37.60 22.54 -34.36
C8 ATP KA . -38.67 22.34 -33.58
N7 ATP KA . -39.61 21.59 -34.22
C5 ATP KA . -39.11 21.32 -35.44
C6 ATP KA . -39.59 20.58 -36.62
N6 ATP KA . -40.80 19.97 -36.62
N1 ATP KA . -38.77 20.53 -37.69
C2 ATP KA . -37.56 21.13 -37.69
N3 ATP KA . -37.08 21.82 -36.66
C4 ATP KA . -37.79 21.94 -35.51
MG MG LA . -39.98 28.96 -26.18
PB ADP MA . -17.87 10.55 22.74
O1B ADP MA . -18.25 10.60 21.29
O2B ADP MA . -19.01 10.77 23.70
O3B ADP MA . -16.61 11.32 23.07
PA ADP MA . -16.82 8.52 24.33
O1A ADP MA . -17.80 8.80 25.44
O2A ADP MA . -15.41 9.07 24.45
O3A ADP MA . -17.45 9.02 22.95
O5' ADP MA . -16.74 6.94 24.08
C5' ADP MA . -17.60 6.33 23.13
C4' ADP MA . -17.46 4.83 23.23
O4' ADP MA . -16.30 4.34 22.54
C3' ADP MA . -17.32 4.40 24.67
O3' ADP MA . -18.53 3.78 25.10
C2' ADP MA . -16.20 3.38 24.68
O2' ADP MA . -16.64 2.15 25.25
C1' ADP MA . -15.83 3.17 23.21
N9 ADP MA . -14.36 3.05 23.11
C8 ADP MA . -13.55 3.87 22.43
N7 ADP MA . -12.26 3.47 22.54
C5 ADP MA . -12.23 2.36 23.29
C6 ADP MA . -11.19 1.44 23.80
N6 ADP MA . -9.89 1.64 23.49
N1 ADP MA . -11.59 0.40 24.56
C2 ADP MA . -12.88 0.20 24.85
N3 ADP MA . -13.88 1.00 24.44
C4 ADP MA . -13.62 2.08 23.67
MG MG NA . -16.64 11.94 24.92
PB ADP OA . -52.60 14.02 -8.70
O1B ADP OA . -51.99 12.64 -8.77
O2B ADP OA . -51.65 15.12 -8.31
O3B ADP OA . -53.92 14.11 -7.99
PA ADP OA . -54.16 13.48 -10.93
O1A ADP OA . -54.56 12.31 -10.08
O2A ADP OA . -55.19 14.46 -11.44
O3A ADP OA . -52.99 14.31 -10.22
O5' ADP OA . -53.41 12.82 -12.18
C5' ADP OA . -52.72 11.62 -11.89
C4' ADP OA . -52.35 10.88 -13.16
O4' ADP OA . -52.08 9.52 -12.83
C3' ADP OA . -53.45 10.88 -14.18
O3' ADP OA . -53.08 11.74 -15.25
C2' ADP OA . -53.54 9.47 -14.69
O2' ADP OA . -53.05 9.45 -16.03
C1' ADP OA . -52.60 8.66 -13.82
N9 ADP OA . -53.35 7.58 -13.15
C8 ADP OA . -53.75 7.60 -11.88
N7 ADP OA . -54.42 6.45 -11.57
C5 ADP OA . -54.43 5.69 -12.68
C6 ADP OA . -54.94 4.37 -13.04
N6 ADP OA . -55.62 3.62 -12.13
N1 ADP OA . -54.74 3.93 -14.30
C2 ADP OA . -54.08 4.66 -15.20
N3 ADP OA . -53.58 5.88 -14.94
C4 ADP OA . -53.72 6.43 -13.71
MG MG PA . -53.37 16.04 -7.46
#